data_8ZDU
#
_entry.id   8ZDU
#
_cell.length_a   1.00
_cell.length_b   1.00
_cell.length_c   1.00
_cell.angle_alpha   90.00
_cell.angle_beta   90.00
_cell.angle_gamma   90.00
#
_symmetry.space_group_name_H-M   'P 1'
#
_entity_poly.entity_id   1
_entity_poly.type   'polypeptide(L)'
_entity_poly.pdbx_seq_one_letter_code
;MSATASTATQPKPLEWLNRLRANPRIPLIVAGSAAVAIVVAMVLWAKTPDYRTLFSNLSDQDGGAIVAQLTQMNIPYRFA
NGSGAIEVPADKVHELRLRLAQQGLPKGGAVGFELLDQEKFGISQFSEQVNYQRALEGELARTIETLGPVKSARVHLAMP
KPSLFVREQKSPSASVTVTLEPGRALDEGQISAVVHLVSSAVAGLPPGNVTLVDQSGHLLTQSNTSGRDLNDAQLKFAND
VESRIQRRIEAILSPIVGNGNVHAQVTAQLDFANKEQTEEHYSPNGDASKATLRSRQLNISEQVGAGYPGGVPGALSNQP
APPNEAPIATPPTNQQNAQNTPQTSTSTNSNSAGPRSTQRNETSNYEVDRTIRHTKMNVGDIERLSVAVVVNYKTLADGK
PLPLTADQMKQIEDLTREAMGFSDKRGDTLNVVNSPFSAVDNTGGELPFWQQQSFIDQLLAAGRWLLVLVVAWILWRKAV
RPQLTRRVEEAKAAQEQAQVRQETEEAVEVRLSKDEQLQQRRANQRLGAEVMSQRIREMSDNDPRVVALVIRQWMSNDHE
;
_entity_poly.pdbx_strand_id   A,B,C,D,E,F,G,H,I,J,K,L,M,N,O,P,Q,R,S,T,U,V,W,X,Y,Z,a,b,c,d,e,f,g,h
#
# COMPACT_ATOMS: atom_id res chain seq x y z
N ASP A 229 51.61 -53.14 -20.45
CA ASP A 229 51.99 -51.75 -20.71
C ASP A 229 53.01 -51.27 -19.66
N LEU A 230 52.51 -50.95 -18.47
CA LEU A 230 53.39 -50.50 -17.39
C LEU A 230 54.30 -51.64 -16.91
N ASN A 231 53.78 -52.87 -16.91
CA ASN A 231 54.57 -54.00 -16.43
C ASN A 231 55.81 -54.22 -17.28
N ASP A 232 55.67 -54.11 -18.61
CA ASP A 232 56.82 -54.25 -19.49
C ASP A 232 57.84 -53.15 -19.24
N ALA A 233 57.38 -51.92 -18.99
CA ALA A 233 58.30 -50.83 -18.68
C ALA A 233 59.06 -51.11 -17.38
N GLN A 234 58.36 -51.59 -16.35
CA GLN A 234 59.04 -51.97 -15.13
C GLN A 234 60.07 -53.05 -15.38
N LEU A 235 59.71 -54.05 -16.20
CA LEU A 235 60.63 -55.13 -16.49
C LEU A 235 61.89 -54.63 -17.21
N LYS A 236 61.73 -53.76 -18.21
CA LYS A 236 62.94 -53.37 -18.94
C LYS A 236 63.77 -52.39 -18.12
N PHE A 237 63.14 -51.57 -17.27
CA PHE A 237 63.92 -50.73 -16.38
C PHE A 237 64.74 -51.56 -15.40
N ALA A 238 64.13 -52.61 -14.84
CA ALA A 238 64.88 -53.52 -13.97
C ALA A 238 66.01 -54.19 -14.74
N ASN A 239 65.76 -54.57 -15.99
CA ASN A 239 66.80 -55.19 -16.80
C ASN A 239 67.97 -54.25 -17.04
N ASP A 240 67.69 -52.97 -17.33
CA ASP A 240 68.77 -52.01 -17.52
C ASP A 240 69.56 -51.78 -16.24
N VAL A 241 68.87 -51.70 -15.09
CA VAL A 241 69.60 -51.54 -13.83
C VAL A 241 70.52 -52.74 -13.58
N GLU A 242 69.99 -53.95 -13.79
CA GLU A 242 70.80 -55.15 -13.59
C GLU A 242 71.99 -55.19 -14.55
N SER A 243 71.76 -54.81 -15.81
CA SER A 243 72.83 -54.80 -16.80
C SER A 243 73.91 -53.79 -16.44
N ARG A 244 73.50 -52.61 -15.93
CA ARG A 244 74.48 -51.62 -15.50
C ARG A 244 75.35 -52.16 -14.36
N ILE A 245 74.71 -52.78 -13.37
CA ILE A 245 75.46 -53.33 -12.25
C ILE A 245 76.41 -54.43 -12.72
N GLN A 246 75.92 -55.31 -13.60
CA GLN A 246 76.76 -56.38 -14.13
C GLN A 246 77.94 -55.84 -14.91
N ARG A 247 77.72 -54.81 -15.73
CA ARG A 247 78.80 -54.22 -16.49
C ARG A 247 79.84 -53.58 -15.57
N ARG A 248 79.39 -52.89 -14.53
CA ARG A 248 80.34 -52.33 -13.57
C ARG A 248 81.18 -53.40 -12.90
N ILE A 249 80.53 -54.50 -12.47
CA ILE A 249 81.25 -55.57 -11.79
C ILE A 249 82.26 -56.22 -12.74
N GLU A 250 81.84 -56.49 -13.98
CA GLU A 250 82.75 -57.11 -14.95
C GLU A 250 83.92 -56.18 -15.26
N ALA A 251 83.67 -54.88 -15.41
CA ALA A 251 84.75 -53.95 -15.70
C ALA A 251 85.74 -53.87 -14.55
N ILE A 252 85.25 -53.84 -13.30
CA ILE A 252 86.18 -53.72 -12.18
C ILE A 252 86.95 -55.01 -11.96
N LEU A 253 86.33 -56.18 -12.20
CA LEU A 253 86.99 -57.44 -11.93
C LEU A 253 87.82 -57.96 -13.11
N SER A 254 87.66 -57.40 -14.31
CA SER A 254 88.36 -57.91 -15.48
C SER A 254 89.88 -57.80 -15.38
N PRO A 255 90.48 -56.67 -15.01
CA PRO A 255 91.95 -56.55 -15.12
C PRO A 255 92.72 -57.57 -14.29
N ILE A 256 92.21 -57.99 -13.14
CA ILE A 256 92.99 -58.83 -12.23
C ILE A 256 92.94 -60.29 -12.67
N VAL A 257 91.74 -60.88 -12.65
CA VAL A 257 91.61 -62.32 -12.89
C VAL A 257 91.86 -62.65 -14.35
N GLY A 258 91.48 -61.77 -15.25
CA GLY A 258 91.63 -62.01 -16.67
C GLY A 258 90.48 -61.45 -17.45
N ASN A 259 90.64 -61.42 -18.77
CA ASN A 259 89.64 -60.82 -19.64
C ASN A 259 88.34 -61.61 -19.61
N GLY A 260 88.41 -62.94 -19.65
CA GLY A 260 87.21 -63.75 -19.70
C GLY A 260 87.18 -64.88 -18.69
N ASN A 261 87.74 -64.65 -17.50
CA ASN A 261 87.77 -65.65 -16.44
C ASN A 261 86.84 -65.28 -15.28
N VAL A 262 85.77 -64.54 -15.57
CA VAL A 262 84.84 -64.12 -14.53
C VAL A 262 83.48 -63.90 -15.15
N HIS A 263 82.44 -64.29 -14.41
CA HIS A 263 81.05 -64.05 -14.80
C HIS A 263 80.25 -63.64 -13.58
N ALA A 264 79.21 -62.84 -13.80
CA ALA A 264 78.38 -62.35 -12.71
C ALA A 264 76.94 -62.23 -13.18
N GLN A 265 76.01 -62.35 -12.23
CA GLN A 265 74.59 -62.16 -12.47
C GLN A 265 73.99 -61.38 -11.32
N VAL A 266 73.10 -60.44 -11.65
CA VAL A 266 72.52 -59.53 -10.67
C VAL A 266 71.00 -59.56 -10.81
N THR A 267 70.31 -59.67 -9.68
CA THR A 267 68.86 -59.57 -9.62
C THR A 267 68.48 -58.49 -8.62
N ALA A 268 67.48 -57.68 -8.96
CA ALA A 268 67.11 -56.53 -8.16
C ALA A 268 65.60 -56.49 -7.94
N GLN A 269 65.21 -55.93 -6.81
CA GLN A 269 63.81 -55.67 -6.48
C GLN A 269 63.58 -54.17 -6.43
N LEU A 270 62.47 -53.72 -7.00
CA LEU A 270 62.18 -52.29 -7.12
C LEU A 270 60.81 -51.98 -6.51
N ASP A 271 60.69 -50.77 -5.97
CA ASP A 271 59.45 -50.31 -5.37
C ASP A 271 58.73 -49.41 -6.36
N PHE A 272 57.52 -49.79 -6.75
CA PHE A 272 56.72 -49.06 -7.73
C PHE A 272 55.45 -48.47 -7.14
N ALA A 273 55.37 -48.37 -5.81
CA ALA A 273 54.19 -47.83 -5.15
C ALA A 273 54.30 -46.31 -5.03
N ASN A 274 53.15 -45.67 -4.85
CA ASN A 274 53.07 -44.22 -4.67
C ASN A 274 52.83 -43.92 -3.21
N LYS A 275 53.71 -43.10 -2.62
CA LYS A 275 53.64 -42.78 -1.19
C LYS A 275 53.74 -41.28 -0.99
N GLU A 276 53.06 -40.80 0.05
CA GLU A 276 53.13 -39.42 0.48
C GLU A 276 53.22 -39.39 2.00
N GLN A 277 53.83 -38.33 2.53
CA GLN A 277 54.01 -38.25 3.98
C GLN A 277 53.96 -36.79 4.41
N THR A 278 53.33 -36.55 5.56
CA THR A 278 53.27 -35.24 6.19
C THR A 278 53.57 -35.41 7.68
N GLU A 279 54.55 -34.65 8.17
CA GLU A 279 54.99 -34.75 9.55
C GLU A 279 54.91 -33.39 10.23
N GLU A 280 54.35 -33.38 11.44
CA GLU A 280 54.26 -32.18 12.27
C GLU A 280 54.89 -32.48 13.62
N HIS A 281 55.75 -31.59 14.10
N HIS A 281 55.74 -31.58 14.10
CA HIS A 281 56.45 -31.78 15.36
CA HIS A 281 56.47 -31.78 15.35
C HIS A 281 56.45 -30.49 16.16
C HIS A 281 56.46 -30.50 16.16
N TYR A 282 56.44 -30.64 17.48
CA TYR A 282 56.44 -29.52 18.41
C TYR A 282 57.55 -29.70 19.43
N SER A 283 58.09 -28.57 19.89
CA SER A 283 59.15 -28.57 20.91
C SER A 283 58.53 -28.52 22.29
N PRO A 284 58.90 -29.44 23.20
CA PRO A 284 58.32 -29.41 24.55
C PRO A 284 58.75 -28.16 25.31
N ASN A 285 57.85 -27.69 26.18
CA ASN A 285 58.09 -26.51 27.00
C ASN A 285 57.79 -26.80 28.47
N GLY A 286 58.13 -28.01 28.92
CA GLY A 286 57.88 -28.38 30.30
C GLY A 286 58.78 -27.68 31.30
N ASP A 287 59.93 -27.18 30.85
CA ASP A 287 60.86 -26.48 31.71
C ASP A 287 60.62 -24.98 31.61
N ALA A 288 60.54 -24.30 32.75
CA ALA A 288 60.28 -22.87 32.77
C ALA A 288 61.43 -22.06 32.17
N SER A 289 62.65 -22.62 32.15
CA SER A 289 63.80 -21.90 31.60
C SER A 289 63.78 -21.87 30.07
N LYS A 290 62.92 -22.67 29.43
CA LYS A 290 62.85 -22.72 27.99
C LYS A 290 61.47 -22.36 27.44
N ALA A 291 60.52 -22.02 28.29
CA ALA A 291 59.18 -21.68 27.84
C ALA A 291 59.14 -20.24 27.33
N THR A 292 58.13 -19.95 26.51
CA THR A 292 57.89 -18.62 25.96
C THR A 292 56.48 -18.21 26.30
N LEU A 293 56.34 -17.23 27.19
CA LEU A 293 55.04 -16.77 27.65
C LEU A 293 54.56 -15.59 26.82
N ARG A 294 53.23 -15.44 26.75
CA ARG A 294 52.61 -14.31 26.07
C ARG A 294 51.79 -13.44 27.02
N SER A 295 51.06 -14.04 27.95
CA SER A 295 50.30 -13.29 28.94
C SER A 295 50.14 -14.15 30.19
N ARG A 296 50.44 -13.58 31.34
CA ARG A 296 50.40 -14.31 32.60
C ARG A 296 49.68 -13.48 33.66
N GLN A 297 48.84 -14.15 34.45
CA GLN A 297 48.14 -13.55 35.57
C GLN A 297 48.41 -14.36 36.83
N LEU A 298 48.80 -13.70 37.91
CA LEU A 298 49.15 -14.38 39.15
C LEU A 298 48.54 -13.63 40.32
N ASN A 299 47.68 -14.29 41.08
CA ASN A 299 47.03 -13.72 42.24
C ASN A 299 47.43 -14.51 43.48
N ILE A 300 47.89 -13.80 44.52
CA ILE A 300 48.34 -14.41 45.76
C ILE A 300 47.65 -13.71 46.93
N SER A 301 47.15 -14.50 47.88
CA SER A 301 46.53 -13.98 49.08
C SER A 301 46.99 -14.80 50.28
N GLU A 302 47.01 -14.17 51.45
CA GLU A 302 47.46 -14.85 52.66
C GLU A 302 46.95 -14.10 53.88
N GLN A 303 46.20 -14.79 54.74
CA GLN A 303 45.74 -14.26 56.01
C GLN A 303 46.38 -15.05 57.13
N VAL A 304 46.81 -14.35 58.18
CA VAL A 304 47.42 -15.01 59.33
C VAL A 304 46.74 -14.54 60.61
N PRO A 355 45.32 -20.19 63.03
CA PRO A 355 44.51 -19.95 61.82
C PRO A 355 45.35 -19.37 60.67
N ARG A 356 45.60 -20.19 59.65
CA ARG A 356 46.38 -19.77 58.49
C ARG A 356 45.59 -20.07 57.22
N SER A 357 45.50 -19.07 56.35
CA SER A 357 44.81 -19.20 55.07
C SER A 357 45.75 -18.80 53.93
N THR A 358 45.73 -19.59 52.86
CA THR A 358 46.58 -19.33 51.70
C THR A 358 45.79 -19.62 50.44
N GLN A 359 45.93 -18.74 49.45
CA GLN A 359 45.26 -18.90 48.16
C GLN A 359 46.18 -18.44 47.06
N ARG A 360 46.25 -19.21 45.97
CA ARG A 360 47.13 -18.90 44.85
C ARG A 360 46.44 -19.27 43.55
N ASN A 361 46.29 -18.29 42.66
CA ASN A 361 45.70 -18.48 41.35
C ASN A 361 46.71 -18.11 40.27
N GLU A 362 46.69 -18.84 39.16
CA GLU A 362 47.67 -18.62 38.11
C GLU A 362 47.07 -19.03 36.76
N THR A 363 47.34 -18.21 35.74
CA THR A 363 46.92 -18.49 34.37
C THR A 363 48.08 -18.14 33.43
N SER A 364 48.31 -19.00 32.44
CA SER A 364 49.43 -18.82 31.53
C SER A 364 49.01 -19.09 30.10
N ASN A 365 49.64 -18.40 29.16
CA ASN A 365 49.48 -18.62 27.74
C ASN A 365 50.86 -18.68 27.09
N TYR A 366 51.06 -19.67 26.22
CA TYR A 366 52.38 -19.98 25.70
C TYR A 366 52.43 -19.81 24.19
N GLU A 367 53.66 -19.62 23.70
CA GLU A 367 53.98 -19.68 22.27
C GLU A 367 54.94 -20.84 22.06
N VAL A 368 54.70 -21.63 21.02
CA VAL A 368 55.41 -22.89 20.80
C VAL A 368 56.07 -22.89 19.43
N ASP A 369 57.16 -23.64 19.33
CA ASP A 369 57.86 -23.84 18.07
C ASP A 369 57.35 -25.11 17.38
N ARG A 370 57.09 -25.02 16.09
CA ARG A 370 56.54 -26.14 15.34
C ARG A 370 57.30 -26.31 14.03
N THR A 371 57.33 -27.54 13.55
CA THR A 371 57.99 -27.90 12.30
C THR A 371 57.07 -28.77 11.47
N ILE A 372 56.94 -28.45 10.18
CA ILE A 372 56.08 -29.16 9.24
C ILE A 372 56.91 -29.59 8.04
N ARG A 373 56.81 -30.87 7.67
N ARG A 373 56.81 -30.87 7.68
CA ARG A 373 57.54 -31.42 6.54
CA ARG A 373 57.54 -31.42 6.54
C ARG A 373 56.59 -32.22 5.65
C ARG A 373 56.59 -32.21 5.65
N HIS A 374 56.74 -32.03 4.34
CA HIS A 374 55.95 -32.74 3.34
C HIS A 374 56.89 -33.47 2.40
N THR A 375 56.62 -34.75 2.14
CA THR A 375 57.51 -35.57 1.32
C THR A 375 56.70 -36.41 0.35
N LYS A 376 57.14 -36.44 -0.90
CA LYS A 376 56.58 -37.31 -1.94
C LYS A 376 57.71 -38.19 -2.47
N MET A 377 57.55 -39.50 -2.31
CA MET A 377 58.61 -40.44 -2.62
C MET A 377 58.73 -40.65 -4.13
N ASN A 378 59.86 -41.22 -4.54
CA ASN A 378 60.15 -41.50 -5.94
C ASN A 378 59.75 -42.92 -6.29
N VAL A 379 59.28 -43.11 -7.51
CA VAL A 379 58.83 -44.41 -7.99
C VAL A 379 59.97 -45.07 -8.75
N GLY A 380 60.37 -46.28 -8.32
CA GLY A 380 61.42 -47.00 -9.01
C GLY A 380 62.72 -47.06 -8.24
N ASP A 381 62.65 -47.20 -6.92
CA ASP A 381 63.83 -47.25 -6.07
C ASP A 381 64.17 -48.70 -5.72
N ILE A 382 65.48 -48.95 -5.57
CA ILE A 382 65.96 -50.29 -5.28
C ILE A 382 65.67 -50.63 -3.81
N GLU A 383 65.26 -51.87 -3.57
CA GLU A 383 64.98 -52.35 -2.23
C GLU A 383 65.96 -53.42 -1.74
N ARG A 384 66.42 -54.31 -2.62
CA ARG A 384 67.31 -55.38 -2.22
C ARG A 384 68.14 -55.81 -3.42
N LEU A 385 69.33 -56.36 -3.14
CA LEU A 385 70.24 -56.81 -4.19
C LEU A 385 70.80 -58.18 -3.82
N SER A 386 70.91 -59.04 -4.83
CA SER A 386 71.52 -60.36 -4.70
C SER A 386 72.48 -60.56 -5.85
N VAL A 387 73.74 -60.85 -5.53
CA VAL A 387 74.80 -60.92 -6.54
C VAL A 387 75.52 -62.26 -6.40
N ALA A 388 75.73 -62.92 -7.54
CA ALA A 388 76.49 -64.17 -7.62
C ALA A 388 77.64 -63.99 -8.60
N VAL A 389 78.84 -64.36 -8.18
CA VAL A 389 80.05 -64.22 -8.98
C VAL A 389 80.75 -65.57 -9.04
N VAL A 390 81.22 -65.95 -10.22
CA VAL A 390 81.97 -67.19 -10.43
C VAL A 390 83.29 -66.83 -11.09
N VAL A 391 84.39 -67.33 -10.52
CA VAL A 391 85.73 -67.06 -11.03
C VAL A 391 86.42 -68.37 -11.39
N ASN A 392 87.34 -68.28 -12.34
CA ASN A 392 88.04 -69.44 -12.88
C ASN A 392 89.30 -69.73 -12.08
N TYR A 393 89.82 -70.94 -12.25
CA TYR A 393 91.07 -71.34 -11.62
C TYR A 393 92.26 -70.68 -12.34
N LYS A 394 93.40 -70.68 -11.67
CA LYS A 394 94.63 -70.11 -12.23
C LYS A 394 95.39 -71.22 -12.94
N THR A 395 95.62 -71.03 -14.24
CA THR A 395 96.34 -72.01 -15.05
C THR A 395 97.74 -71.50 -15.36
N LEU A 396 98.73 -72.35 -15.12
CA LEU A 396 100.12 -71.99 -15.38
C LEU A 396 100.57 -72.48 -16.74
N PRO A 401 95.36 -75.25 -13.61
CA PRO A 401 94.44 -75.95 -12.70
C PRO A 401 94.84 -75.81 -11.23
N LEU A 402 95.16 -74.58 -10.82
CA LEU A 402 95.55 -74.29 -9.45
C LEU A 402 94.54 -73.35 -8.81
N PRO A 403 94.02 -73.67 -7.63
CA PRO A 403 93.06 -72.76 -6.99
C PRO A 403 93.71 -71.47 -6.55
N LEU A 404 92.90 -70.41 -6.52
CA LEU A 404 93.38 -69.10 -6.12
C LEU A 404 93.60 -69.03 -4.61
N THR A 405 94.47 -68.12 -4.21
CA THR A 405 94.78 -67.94 -2.79
C THR A 405 93.61 -67.29 -2.07
N ALA A 406 93.55 -67.49 -0.75
CA ALA A 406 92.47 -66.93 0.05
C ALA A 406 92.50 -65.41 0.05
N ASP A 407 93.71 -64.83 0.06
CA ASP A 407 93.82 -63.37 0.03
C ASP A 407 93.27 -62.81 -1.27
N GLN A 408 93.54 -63.47 -2.39
CA GLN A 408 92.97 -63.05 -3.67
C GLN A 408 91.45 -63.10 -3.65
N MET A 409 90.90 -64.17 -3.05
CA MET A 409 89.45 -64.27 -2.93
C MET A 409 88.88 -63.15 -2.07
N LYS A 410 89.55 -62.83 -0.96
CA LYS A 410 89.10 -61.73 -0.11
C LYS A 410 89.12 -60.41 -0.86
N GLN A 411 90.19 -60.16 -1.62
CA GLN A 411 90.27 -58.93 -2.41
C GLN A 411 89.16 -58.88 -3.46
N ILE A 412 88.87 -60.01 -4.10
CA ILE A 412 87.81 -60.04 -5.11
C ILE A 412 86.46 -59.76 -4.46
N GLU A 413 86.20 -60.36 -3.29
CA GLU A 413 84.95 -60.08 -2.59
C GLU A 413 84.84 -58.61 -2.20
N ASP A 414 85.93 -58.01 -1.72
CA ASP A 414 85.90 -56.60 -1.36
C ASP A 414 85.62 -55.72 -2.58
N LEU A 415 86.27 -56.03 -3.71
CA LEU A 415 86.04 -55.24 -4.92
C LEU A 415 84.60 -55.38 -5.41
N THR A 416 84.05 -56.60 -5.36
CA THR A 416 82.65 -56.79 -5.76
C THR A 416 81.70 -56.05 -4.82
N ARG A 417 82.00 -56.07 -3.51
CA ARG A 417 81.19 -55.35 -2.54
C ARG A 417 81.20 -53.85 -2.83
N GLU A 418 82.37 -53.31 -3.18
CA GLU A 418 82.45 -51.91 -3.56
C GLU A 418 81.68 -51.62 -4.84
N ALA A 419 81.80 -52.51 -5.84
CA ALA A 419 81.18 -52.25 -7.14
C ALA A 419 79.66 -52.31 -7.07
N MET A 420 79.12 -53.24 -6.27
CA MET A 420 77.68 -53.44 -6.25
C MET A 420 76.95 -52.51 -5.30
N GLY A 421 77.66 -51.65 -4.57
CA GLY A 421 77.01 -50.73 -3.66
C GLY A 421 76.31 -51.40 -2.50
N PHE A 422 77.01 -52.36 -1.86
CA PHE A 422 76.43 -53.13 -0.78
C PHE A 422 75.95 -52.23 0.36
N SER A 423 74.76 -52.51 0.87
CA SER A 423 74.19 -51.82 2.02
C SER A 423 73.60 -52.85 2.96
N ASP A 424 74.12 -52.91 4.18
CA ASP A 424 73.63 -53.90 5.14
C ASP A 424 72.20 -53.61 5.57
N LYS A 425 71.84 -52.33 5.68
CA LYS A 425 70.47 -51.96 6.04
C LYS A 425 69.47 -52.39 4.98
N ARG A 426 69.90 -52.44 3.72
CA ARG A 426 69.03 -52.85 2.62
C ARG A 426 68.95 -54.36 2.46
N GLY A 427 69.69 -55.12 3.27
CA GLY A 427 69.66 -56.57 3.19
C GLY A 427 70.24 -57.15 1.91
N ASP A 428 71.32 -56.55 1.40
CA ASP A 428 71.97 -57.07 0.21
C ASP A 428 72.72 -58.36 0.53
N THR A 429 72.90 -59.19 -0.49
CA THR A 429 73.56 -60.47 -0.31
C THR A 429 74.47 -60.75 -1.50
N LEU A 430 75.70 -61.21 -1.20
CA LEU A 430 76.71 -61.48 -2.21
C LEU A 430 77.30 -62.86 -1.98
N ASN A 431 77.55 -63.58 -3.08
CA ASN A 431 78.20 -64.89 -3.00
C ASN A 431 79.18 -65.04 -4.16
N VAL A 432 80.41 -65.44 -3.83
CA VAL A 432 81.48 -65.61 -4.81
C VAL A 432 81.99 -67.05 -4.71
N VAL A 433 82.12 -67.71 -5.86
CA VAL A 433 82.54 -69.09 -5.94
C VAL A 433 83.69 -69.21 -6.93
N ASN A 434 84.73 -69.94 -6.54
CA ASN A 434 85.88 -70.22 -7.40
C ASN A 434 85.83 -71.68 -7.82
N SER A 435 85.80 -71.92 -9.12
CA SER A 435 85.68 -73.26 -9.66
C SER A 435 86.24 -73.27 -11.08
N PRO A 436 86.88 -74.37 -11.49
CA PRO A 436 87.41 -74.43 -12.86
C PRO A 436 86.31 -74.34 -13.89
N PHE A 437 86.60 -73.65 -14.99
CA PHE A 437 85.63 -73.47 -16.06
C PHE A 437 85.56 -74.71 -16.94
N SER A 438 84.42 -74.89 -17.58
CA SER A 438 84.20 -76.02 -18.47
C SER A 438 84.24 -75.60 -19.93
N ASP B 229 40.84 -61.31 -21.91
CA ASP B 229 41.47 -60.01 -22.14
C ASP B 229 42.55 -59.74 -21.10
N LEU B 230 42.14 -59.36 -19.90
CA LEU B 230 43.09 -59.10 -18.83
C LEU B 230 43.78 -60.38 -18.38
N ASN B 231 43.05 -61.50 -18.39
CA ASN B 231 43.62 -62.76 -17.93
C ASN B 231 44.79 -63.19 -18.81
N ASP B 232 44.66 -63.03 -20.13
CA ASP B 232 45.75 -63.36 -21.02
C ASP B 232 46.97 -62.48 -20.77
N ALA B 233 46.75 -61.19 -20.49
CA ALA B 233 47.85 -60.29 -20.18
C ALA B 233 48.56 -60.72 -18.90
N GLN B 234 47.79 -61.10 -17.87
CA GLN B 234 48.41 -61.60 -16.66
C GLN B 234 49.22 -62.85 -16.94
N LEU B 235 48.68 -63.75 -17.77
CA LEU B 235 49.38 -64.99 -18.09
C LEU B 235 50.70 -64.70 -18.81
N LYS B 236 50.69 -63.81 -19.80
CA LYS B 236 51.94 -63.62 -20.54
C LYS B 236 52.95 -62.83 -19.71
N PHE B 237 52.48 -61.93 -18.85
CA PHE B 237 53.42 -61.25 -17.95
C PHE B 237 54.08 -62.24 -16.99
N ALA B 238 53.29 -63.17 -16.45
CA ALA B 238 53.86 -64.22 -15.60
C ALA B 238 54.86 -65.06 -16.39
N ASN B 239 54.53 -65.37 -17.64
CA ASN B 239 55.42 -66.16 -18.47
C ASN B 239 56.75 -65.45 -18.72
N ASP B 240 56.70 -64.14 -18.98
CA ASP B 240 57.93 -63.37 -19.17
C ASP B 240 58.77 -63.32 -17.89
N VAL B 241 58.12 -63.14 -16.73
CA VAL B 241 58.88 -63.14 -15.48
C VAL B 241 59.57 -64.48 -15.27
N GLU B 242 58.82 -65.57 -15.49
CA GLU B 242 59.40 -66.90 -15.32
C GLU B 242 60.54 -67.15 -16.29
N SER B 243 60.38 -66.70 -17.54
CA SER B 243 61.42 -66.88 -18.54
C SER B 243 62.67 -66.08 -18.18
N ARG B 244 62.50 -64.87 -17.65
CA ARG B 244 63.64 -64.08 -17.22
C ARG B 244 64.41 -64.78 -16.10
N ILE B 245 63.68 -65.29 -15.11
CA ILE B 245 64.33 -65.99 -14.00
C ILE B 245 65.05 -67.24 -14.51
N GLN B 246 64.40 -68.00 -15.40
CA GLN B 246 65.02 -69.19 -15.94
C GLN B 246 66.28 -68.87 -16.74
N ARG B 247 66.24 -67.80 -17.53
CA ARG B 247 67.41 -67.40 -18.30
C ARG B 247 68.55 -66.99 -17.39
N ARG B 248 68.25 -66.24 -16.32
CA ARG B 248 69.29 -65.87 -15.37
C ARG B 248 69.92 -67.10 -14.73
N ILE B 249 69.09 -68.06 -14.31
CA ILE B 249 69.61 -69.26 -13.66
C ILE B 249 70.48 -70.06 -14.62
N GLU B 250 70.00 -70.23 -15.86
CA GLU B 250 70.78 -70.98 -16.85
C GLU B 250 72.09 -70.29 -17.17
N ALA B 251 72.08 -68.96 -17.29
CA ALA B 251 73.31 -68.23 -17.58
C ALA B 251 74.31 -68.35 -16.44
N ILE B 252 73.84 -68.26 -15.19
CA ILE B 252 74.79 -68.33 -14.07
C ILE B 252 75.31 -69.75 -13.89
N LEU B 253 74.49 -70.78 -14.13
CA LEU B 253 74.92 -72.14 -13.90
C LEU B 253 75.62 -72.79 -15.09
N SER B 254 75.55 -72.18 -16.28
CA SER B 254 76.14 -72.79 -17.47
C SER B 254 77.66 -72.96 -17.38
N PRO B 255 78.46 -71.97 -17.01
CA PRO B 255 79.91 -72.12 -17.13
C PRO B 255 80.50 -73.27 -16.33
N ILE B 256 79.93 -73.61 -15.17
CA ILE B 256 80.55 -74.60 -14.29
C ILE B 256 80.23 -76.01 -14.75
N VAL B 257 78.94 -76.38 -14.72
CA VAL B 257 78.56 -77.77 -14.98
C VAL B 257 78.73 -78.11 -16.46
N GLY B 258 78.51 -77.15 -17.33
CA GLY B 258 78.60 -77.41 -18.76
C GLY B 258 77.55 -76.62 -19.52
N ASN B 259 77.71 -76.60 -20.84
CA ASN B 259 76.82 -75.82 -21.69
C ASN B 259 75.39 -76.35 -21.65
N GLY B 260 75.22 -77.67 -21.71
CA GLY B 260 73.90 -78.25 -21.76
C GLY B 260 73.67 -79.38 -20.77
N ASN B 261 74.28 -79.26 -19.58
CA ASN B 261 74.13 -80.27 -18.54
C ASN B 261 73.30 -79.76 -17.36
N VAL B 262 72.38 -78.84 -17.62
CA VAL B 262 71.56 -78.27 -16.56
C VAL B 262 70.25 -77.80 -17.17
N HIS B 263 69.16 -78.01 -16.42
CA HIS B 263 67.84 -77.51 -16.79
C HIS B 263 67.14 -76.98 -15.56
N ALA B 264 66.26 -76.00 -15.75
CA ALA B 264 65.54 -75.39 -14.64
C ALA B 264 64.14 -75.00 -15.09
N GLN B 265 63.23 -74.95 -14.13
CA GLN B 265 61.86 -74.51 -14.35
C GLN B 265 61.41 -73.65 -13.19
N VAL B 266 60.71 -72.56 -13.48
CA VAL B 266 60.31 -71.57 -12.49
C VAL B 266 58.82 -71.33 -12.61
N THR B 267 58.13 -71.34 -11.47
CA THR B 267 56.72 -70.97 -11.39
C THR B 267 56.56 -69.85 -10.37
N ALA B 268 55.71 -68.87 -10.69
CA ALA B 268 55.57 -67.68 -9.86
C ALA B 268 54.09 -67.37 -9.62
N GLN B 269 53.82 -66.77 -8.48
CA GLN B 269 52.50 -66.27 -8.13
C GLN B 269 52.54 -64.75 -8.05
N LEU B 270 51.53 -64.09 -8.60
CA LEU B 270 51.50 -62.64 -8.70
C LEU B 270 50.23 -62.09 -8.07
N ASP B 271 50.33 -60.90 -7.50
CA ASP B 271 49.20 -60.21 -6.88
C ASP B 271 48.65 -59.18 -7.85
N PHE B 272 47.37 -59.34 -8.23
CA PHE B 272 46.73 -58.45 -9.19
C PHE B 272 45.59 -57.65 -8.57
N ALA B 273 45.54 -57.56 -7.24
CA ALA B 273 44.49 -56.82 -6.56
C ALA B 273 44.88 -55.35 -6.41
N ASN B 274 43.86 -54.51 -6.21
CA ASN B 274 44.04 -53.08 -6.01
C ASN B 274 43.88 -52.77 -4.54
N LYS B 275 44.89 -52.14 -3.95
CA LYS B 275 44.91 -51.84 -2.52
C LYS B 275 45.28 -50.38 -2.30
N GLU B 276 44.70 -49.80 -1.24
CA GLU B 276 45.04 -48.45 -0.79
C GLU B 276 45.14 -48.48 0.73
N GLN B 277 45.94 -47.56 1.27
CA GLN B 277 46.15 -47.53 2.72
C GLN B 277 46.37 -46.10 3.18
N THR B 278 45.81 -45.77 4.33
CA THR B 278 46.00 -44.48 4.99
C THR B 278 46.27 -44.73 6.47
N GLU B 279 47.38 -44.17 6.96
CA GLU B 279 47.80 -44.37 8.34
C GLU B 279 47.97 -43.03 9.03
N GLU B 280 47.43 -42.94 10.25
CA GLU B 280 47.58 -41.76 11.10
C GLU B 280 48.15 -42.19 12.44
N HIS B 281 49.17 -41.48 12.92
N HIS B 281 49.16 -41.47 12.92
CA HIS B 281 49.84 -41.82 14.16
CA HIS B 281 49.85 -41.83 14.15
C HIS B 281 50.07 -40.56 14.98
C HIS B 281 50.08 -40.57 14.98
N TYR B 282 50.05 -40.74 16.31
CA TYR B 282 50.26 -39.65 17.25
C TYR B 282 51.33 -40.03 18.26
N SER B 283 52.08 -39.03 18.72
CA SER B 283 53.12 -39.25 19.73
C SER B 283 52.54 -39.11 21.12
N PRO B 284 52.74 -40.09 22.01
CA PRO B 284 52.20 -39.98 23.36
C PRO B 284 52.85 -38.86 24.14
N ASN B 285 52.06 -38.24 25.03
CA ASN B 285 52.52 -37.14 25.87
C ASN B 285 52.18 -37.40 27.33
N GLY B 286 52.30 -38.65 27.76
CA GLY B 286 52.00 -38.99 29.14
C GLY B 286 53.03 -38.49 30.14
N ASP B 287 54.24 -38.20 29.68
CA ASP B 287 55.30 -37.69 30.54
C ASP B 287 55.34 -36.17 30.46
N ALA B 288 55.39 -35.51 31.62
CA ALA B 288 55.40 -34.06 31.66
C ALA B 288 56.67 -33.47 31.06
N SER B 289 57.76 -34.23 31.02
CA SER B 289 59.01 -33.72 30.46
C SER B 289 58.99 -33.67 28.94
N LYS B 290 58.00 -34.29 28.30
CA LYS B 290 57.89 -34.30 26.85
C LYS B 290 56.61 -33.68 26.33
N ALA B 291 55.74 -33.19 27.20
CA ALA B 291 54.48 -32.59 26.77
C ALA B 291 54.70 -31.16 26.28
N THR B 292 53.75 -30.69 25.48
CA THR B 292 53.75 -29.33 24.95
C THR B 292 52.44 -28.67 25.31
N LEU B 293 52.49 -27.70 26.22
CA LEU B 293 51.30 -27.02 26.70
C LEU B 293 51.04 -25.75 25.89
N ARG B 294 49.76 -25.36 25.84
CA ARG B 294 49.35 -24.13 25.19
C ARG B 294 48.72 -23.13 26.16
N SER B 295 47.90 -23.61 27.10
CA SER B 295 47.29 -22.75 28.11
C SER B 295 46.99 -23.59 29.34
N ARG B 296 47.40 -23.10 30.50
CA ARG B 296 47.25 -23.83 31.75
C ARG B 296 46.69 -22.91 32.83
N GLN B 297 45.75 -23.43 33.62
CA GLN B 297 45.19 -22.72 34.76
C GLN B 297 45.32 -23.61 36.00
N LEU B 298 45.83 -23.04 37.08
CA LEU B 298 46.07 -23.79 38.31
C LEU B 298 45.61 -22.95 39.50
N ASN B 299 44.65 -23.48 40.26
CA ASN B 299 44.13 -22.80 41.44
C ASN B 299 44.39 -23.68 42.66
N ILE B 300 44.97 -23.08 43.70
CA ILE B 300 45.31 -23.79 44.93
C ILE B 300 44.78 -22.99 46.11
N SER B 301 44.16 -23.70 47.06
CA SER B 301 43.66 -23.09 48.28
C SER B 301 43.96 -24.01 49.46
N GLU B 302 44.11 -23.41 50.64
CA GLU B 302 44.43 -24.18 51.84
C GLU B 302 44.09 -23.36 53.07
N GLN B 303 43.23 -23.93 53.93
CA GLN B 303 42.89 -23.33 55.21
C GLN B 303 43.38 -24.26 56.31
N VAL B 304 43.95 -23.67 57.36
CA VAL B 304 44.43 -24.44 58.50
C VAL B 304 43.86 -23.89 59.80
N PRO B 355 41.46 -29.21 62.14
CA PRO B 355 40.70 -28.81 60.95
C PRO B 355 41.60 -28.38 59.80
N ARG B 356 41.69 -29.21 58.76
CA ARG B 356 42.53 -28.92 57.60
C ARG B 356 41.69 -29.05 56.34
N SER B 357 41.77 -28.04 55.48
CA SER B 357 41.06 -28.02 54.21
C SER B 357 42.05 -27.78 53.07
N THR B 358 41.88 -28.52 51.98
CA THR B 358 42.75 -28.40 50.82
C THR B 358 41.91 -28.53 49.56
N GLN B 359 42.20 -27.67 48.58
CA GLN B 359 41.48 -27.68 47.30
C GLN B 359 42.48 -27.37 46.19
N ARG B 360 42.39 -28.13 45.09
CA ARG B 360 43.29 -27.97 43.96
C ARG B 360 42.54 -28.18 42.67
N ASN B 361 42.57 -27.17 41.79
CA ASN B 361 41.94 -27.23 40.49
C ASN B 361 42.99 -27.04 39.41
N GLU B 362 42.83 -27.73 38.28
CA GLU B 362 43.81 -27.67 37.22
C GLU B 362 43.14 -27.94 35.88
N THR B 363 43.55 -27.17 34.86
CA THR B 363 43.08 -27.35 33.49
C THR B 363 44.26 -27.19 32.55
N SER B 364 44.32 -28.06 31.54
CA SER B 364 45.45 -28.07 30.62
C SER B 364 44.98 -28.24 29.19
N ASN B 365 45.72 -27.65 28.26
CA ASN B 365 45.50 -27.82 26.83
C ASN B 365 46.84 -28.12 26.17
N TYR B 366 46.85 -29.11 25.28
CA TYR B 366 48.09 -29.65 24.74
C TYR B 366 48.15 -29.47 23.23
N GLU B 367 49.40 -29.49 22.72
CA GLU B 367 49.68 -29.60 21.30
C GLU B 367 50.41 -30.91 21.05
N VAL B 368 50.02 -31.62 20.00
CA VAL B 368 50.49 -32.97 19.76
C VAL B 368 51.12 -33.08 18.38
N ASP B 369 52.05 -34.02 18.25
CA ASP B 369 52.70 -34.31 16.98
C ASP B 369 51.96 -35.46 16.28
N ARG B 370 51.70 -35.29 14.99
CA ARG B 370 50.96 -36.29 14.23
C ARG B 370 51.66 -36.56 12.91
N THR B 371 51.45 -37.78 12.41
CA THR B 371 52.03 -38.22 11.14
C THR B 371 50.95 -38.90 10.31
N ILE B 372 50.88 -38.54 9.03
CA ILE B 372 49.89 -39.07 8.10
C ILE B 372 50.62 -39.62 6.88
N ARG B 373 50.27 -40.85 6.48
N ARG B 373 50.28 -40.86 6.49
CA ARG B 373 50.89 -41.51 5.34
CA ARG B 373 50.89 -41.51 5.34
C ARG B 373 49.80 -42.10 4.45
C ARG B 373 49.79 -42.10 4.45
N HIS B 374 49.97 -41.93 3.14
CA HIS B 374 49.05 -42.47 2.14
C HIS B 374 49.84 -43.33 1.18
N THR B 375 49.33 -44.54 0.90
CA THR B 375 50.05 -45.48 0.06
C THR B 375 49.09 -46.14 -0.92
N LYS B 376 49.51 -46.24 -2.17
CA LYS B 376 48.80 -46.97 -3.22
C LYS B 376 49.73 -48.04 -3.77
N MET B 377 49.34 -49.30 -3.63
CA MET B 377 50.21 -50.40 -3.97
C MET B 377 50.27 -50.61 -5.48
N ASN B 378 51.27 -51.37 -5.91
CA ASN B 378 51.49 -51.67 -7.32
C ASN B 378 50.83 -52.99 -7.69
N VAL B 379 50.32 -53.08 -8.91
CA VAL B 379 49.64 -54.27 -9.40
C VAL B 379 50.64 -55.11 -10.19
N GLY B 380 50.81 -56.36 -9.78
CA GLY B 380 51.70 -57.26 -10.49
C GLY B 380 52.98 -57.57 -9.74
N ASP B 381 52.90 -57.72 -8.42
CA ASP B 381 54.05 -57.99 -7.59
C ASP B 381 54.13 -59.48 -7.27
N ILE B 382 55.36 -59.97 -7.14
CA ILE B 382 55.60 -61.39 -6.87
C ILE B 382 55.28 -61.70 -5.41
N GLU B 383 54.64 -62.84 -5.18
CA GLU B 383 54.29 -63.30 -3.84
C GLU B 383 55.07 -64.53 -3.38
N ARG B 384 55.34 -65.47 -4.28
CA ARG B 384 56.03 -66.70 -3.91
C ARG B 384 56.75 -67.25 -5.12
N LEU B 385 57.82 -68.01 -4.87
CA LEU B 385 58.63 -68.60 -5.93
C LEU B 385 58.93 -70.05 -5.60
N SER B 386 58.87 -70.90 -6.62
CA SER B 386 59.23 -72.31 -6.51
C SER B 386 60.14 -72.66 -7.68
N VAL B 387 61.32 -73.19 -7.38
CA VAL B 387 62.35 -73.44 -8.40
C VAL B 387 62.81 -74.89 -8.30
N ALA B 388 62.88 -75.56 -9.45
CA ALA B 388 63.40 -76.91 -9.55
C ALA B 388 64.55 -76.93 -10.54
N VAL B 389 65.67 -77.53 -10.15
CA VAL B 389 66.87 -77.60 -10.96
C VAL B 389 67.32 -79.05 -11.05
N VAL B 390 67.70 -79.49 -12.25
CA VAL B 390 68.21 -80.82 -12.48
C VAL B 390 69.57 -80.71 -13.15
N VAL B 391 70.56 -81.41 -12.60
CA VAL B 391 71.92 -81.38 -13.13
C VAL B 391 72.35 -82.78 -13.51
N ASN B 392 73.27 -82.85 -14.47
CA ASN B 392 73.74 -84.11 -15.04
C ASN B 392 74.94 -84.64 -14.26
N TYR B 393 75.22 -85.93 -14.45
CA TYR B 393 76.39 -86.55 -13.85
C TYR B 393 77.66 -86.11 -14.58
N LYS B 394 78.79 -86.33 -13.91
CA LYS B 394 80.10 -85.99 -14.48
C LYS B 394 80.64 -87.20 -15.22
N THR B 395 80.89 -87.05 -16.51
CA THR B 395 81.40 -88.12 -17.36
C THR B 395 82.87 -87.87 -17.67
N LEU B 396 83.69 -88.89 -17.46
CA LEU B 396 85.13 -88.79 -17.73
C LEU B 396 85.47 -89.31 -19.11
N PRO B 401 79.86 -91.14 -15.95
CA PRO B 401 78.84 -91.68 -15.04
C PRO B 401 79.27 -91.64 -13.57
N LEU B 402 79.81 -90.50 -13.15
CA LEU B 402 80.26 -90.32 -11.78
C LEU B 402 79.45 -89.21 -11.11
N PRO B 403 78.89 -89.45 -9.93
CA PRO B 403 78.12 -88.40 -9.26
C PRO B 403 79.00 -87.26 -8.81
N LEU B 404 78.40 -86.07 -8.75
CA LEU B 404 79.12 -84.86 -8.34
C LEU B 404 79.35 -84.87 -6.84
N THR B 405 80.40 -84.14 -6.43
CA THR B 405 80.74 -84.04 -5.01
C THR B 405 79.70 -83.20 -4.27
N ALA B 406 79.64 -83.42 -2.95
CA ALA B 406 78.67 -82.69 -2.13
C ALA B 406 78.99 -81.20 -2.10
N ASP B 407 80.27 -80.84 -2.10
CA ASP B 407 80.66 -79.43 -2.11
C ASP B 407 80.21 -78.75 -3.40
N GLN B 408 80.33 -79.44 -4.53
CA GLN B 408 79.85 -78.88 -5.79
C GLN B 408 78.34 -78.67 -5.75
N MET B 409 77.60 -79.63 -5.17
CA MET B 409 76.16 -79.46 -5.03
C MET B 409 75.82 -78.27 -4.14
N LYS B 410 76.55 -78.09 -3.04
CA LYS B 410 76.30 -76.95 -2.17
C LYS B 410 76.57 -75.64 -2.89
N GLN B 411 77.66 -75.58 -3.67
CA GLN B 411 77.95 -74.38 -4.43
C GLN B 411 76.86 -74.10 -5.47
N ILE B 412 76.37 -75.15 -6.13
CA ILE B 412 75.31 -74.98 -7.12
C ILE B 412 74.03 -74.46 -6.45
N GLU B 413 73.68 -75.01 -5.29
CA GLU B 413 72.51 -74.53 -4.57
C GLU B 413 72.67 -73.07 -4.15
N ASP B 414 73.86 -72.69 -3.68
CA ASP B 414 74.09 -71.30 -3.30
C ASP B 414 73.96 -70.37 -4.50
N LEU B 415 74.53 -70.76 -5.64
CA LEU B 415 74.44 -69.93 -6.84
C LEU B 415 73.00 -69.79 -7.31
N THR B 416 72.23 -70.89 -7.27
CA THR B 416 70.82 -70.81 -7.66
C THR B 416 70.04 -69.94 -6.70
N ARG B 417 70.33 -70.04 -5.39
CA ARG B 417 69.68 -69.19 -4.40
C ARG B 417 69.96 -67.71 -4.67
N GLU B 418 71.20 -67.39 -5.02
CA GLU B 418 71.54 -66.02 -5.38
C GLU B 418 70.81 -65.58 -6.65
N ALA B 419 70.76 -66.44 -7.66
CA ALA B 419 70.19 -66.05 -8.95
C ALA B 419 68.69 -65.85 -8.87
N MET B 420 67.99 -66.67 -8.07
CA MET B 420 66.53 -66.61 -8.04
C MET B 420 66.00 -65.57 -7.06
N GLY B 421 66.86 -64.87 -6.33
CA GLY B 421 66.40 -63.87 -5.39
C GLY B 421 65.61 -64.43 -4.24
N PHE B 422 66.12 -65.50 -3.63
CA PHE B 422 65.42 -66.17 -2.54
C PHE B 422 65.13 -65.22 -1.38
N SER B 423 63.91 -65.28 -0.86
CA SER B 423 63.48 -64.52 0.30
C SER B 423 62.72 -65.44 1.23
N ASP B 424 63.23 -65.62 2.44
CA ASP B 424 62.58 -66.52 3.40
C ASP B 424 61.24 -65.98 3.84
N LYS B 425 61.12 -64.65 3.98
CA LYS B 425 59.84 -64.05 4.37
C LYS B 425 58.77 -64.27 3.31
N ARG B 426 59.16 -64.38 2.04
CA ARG B 426 58.23 -64.60 0.95
C ARG B 426 57.87 -66.07 0.77
N GLY B 427 58.47 -66.97 1.55
CA GLY B 427 58.17 -68.39 1.45
C GLY B 427 58.63 -69.04 0.16
N ASP B 428 59.79 -68.64 -0.36
CA ASP B 428 60.32 -69.25 -1.56
C ASP B 428 60.83 -70.66 -1.27
N THR B 429 60.85 -71.49 -2.30
CA THR B 429 61.27 -72.88 -2.16
C THR B 429 62.10 -73.30 -3.36
N LEU B 430 63.22 -73.97 -3.09
CA LEU B 430 64.16 -74.40 -4.11
C LEU B 430 64.49 -75.88 -3.91
N ASN B 431 64.60 -76.61 -5.02
CA ASN B 431 64.99 -78.01 -4.97
C ASN B 431 65.92 -78.32 -6.14
N VAL B 432 67.06 -78.94 -5.83
CA VAL B 432 68.07 -79.29 -6.83
C VAL B 432 68.31 -80.80 -6.76
N VAL B 433 68.31 -81.45 -7.92
CA VAL B 433 68.47 -82.89 -8.03
C VAL B 433 69.56 -83.21 -9.03
N ASN B 434 70.46 -84.12 -8.66
CA ASN B 434 71.53 -84.58 -9.54
C ASN B 434 71.21 -86.00 -9.99
N SER B 435 71.12 -86.21 -11.29
CA SER B 435 70.75 -87.50 -11.85
C SER B 435 71.29 -87.58 -13.27
N PRO B 436 71.72 -88.77 -13.71
CA PRO B 436 72.22 -88.91 -15.09
C PRO B 436 71.13 -88.60 -16.10
N PHE B 437 71.54 -87.95 -17.19
CA PHE B 437 70.61 -87.58 -18.25
C PHE B 437 70.30 -88.77 -19.15
N SER B 438 69.13 -88.72 -19.78
CA SER B 438 68.70 -89.79 -20.68
C SER B 438 68.80 -89.35 -22.14
N ASP C 229 28.73 -67.33 -23.35
CA ASP C 229 29.58 -66.17 -23.58
C ASP C 229 30.72 -66.13 -22.55
N LEU C 230 30.38 -65.69 -21.34
CA LEU C 230 31.38 -65.63 -20.27
C LEU C 230 31.83 -67.03 -19.85
N ASN C 231 30.91 -67.99 -19.87
CA ASN C 231 31.25 -69.35 -19.43
C ASN C 231 32.31 -69.97 -20.33
N ASP C 232 32.19 -69.76 -21.65
CA ASP C 232 33.21 -70.28 -22.56
C ASP C 232 34.56 -69.63 -22.31
N ALA C 233 34.57 -68.33 -22.01
CA ALA C 233 35.83 -67.65 -21.70
C ALA C 233 36.46 -68.22 -20.43
N GLN C 234 35.64 -68.48 -19.40
CA GLN C 234 36.17 -69.11 -18.20
C GLN C 234 36.74 -70.48 -18.52
N LEU C 235 36.03 -71.24 -19.35
CA LEU C 235 36.50 -72.58 -19.70
C LEU C 235 37.84 -72.53 -20.43
N LYS C 236 37.99 -71.64 -21.41
CA LYS C 236 39.24 -71.68 -22.16
C LYS C 236 40.39 -71.09 -21.33
N PHE C 237 40.10 -70.13 -20.45
CA PHE C 237 41.16 -69.65 -19.55
C PHE C 237 41.63 -70.76 -18.62
N ALA C 238 40.69 -71.55 -18.08
CA ALA C 238 41.07 -72.69 -17.25
C ALA C 238 41.88 -73.70 -18.07
N ASN C 239 41.48 -73.91 -19.32
CA ASN C 239 42.22 -74.84 -20.18
C ASN C 239 43.65 -74.37 -20.42
N ASP C 240 43.84 -73.08 -20.67
CA ASP C 240 45.19 -72.55 -20.86
C ASP C 240 46.03 -72.66 -19.59
N VAL C 241 45.44 -72.39 -18.42
CA VAL C 241 46.20 -72.55 -17.18
C VAL C 241 46.63 -74.00 -17.00
N GLU C 242 45.69 -74.93 -17.23
CA GLU C 242 46.02 -76.35 -17.08
C GLU C 242 47.09 -76.78 -18.08
N SER C 243 47.00 -76.29 -19.31
CA SER C 243 47.99 -76.63 -20.33
C SER C 243 49.37 -76.08 -19.97
N ARG C 244 49.42 -74.87 -19.42
CA ARG C 244 50.70 -74.30 -18.99
C ARG C 244 51.33 -75.15 -17.89
N ILE C 245 50.52 -75.55 -16.90
CA ILE C 245 51.05 -76.37 -15.82
C ILE C 245 51.52 -77.72 -16.35
N GLN C 246 50.74 -78.34 -17.24
CA GLN C 246 51.12 -79.62 -17.81
C GLN C 246 52.41 -79.50 -18.62
N ARG C 247 52.56 -78.44 -19.39
CA ARG C 247 53.78 -78.25 -20.17
C ARG C 247 54.98 -78.07 -19.27
N ARG C 248 54.84 -77.30 -18.19
CA ARG C 248 55.94 -77.14 -17.24
C ARG C 248 56.33 -78.48 -16.62
N ILE C 249 55.35 -79.27 -16.21
CA ILE C 249 55.65 -80.56 -15.58
C ILE C 249 56.34 -81.49 -16.57
N GLU C 250 55.83 -81.54 -17.81
CA GLU C 250 56.44 -82.41 -18.82
C GLU C 250 57.86 -81.96 -19.14
N ALA C 251 58.09 -80.66 -19.24
CA ALA C 251 59.43 -80.16 -19.54
C ALA C 251 60.40 -80.48 -18.41
N ILE C 252 59.97 -80.32 -17.15
CA ILE C 252 60.90 -80.58 -16.05
C ILE C 252 61.16 -82.07 -15.89
N LEU C 253 60.16 -82.93 -16.14
CA LEU C 253 60.33 -84.36 -15.93
C LEU C 253 60.89 -85.10 -17.14
N SER C 254 60.93 -84.47 -18.32
CA SER C 254 61.38 -85.16 -19.53
C SER C 254 62.84 -85.61 -19.46
N PRO C 255 63.82 -84.77 -19.09
CA PRO C 255 65.22 -85.19 -19.23
C PRO C 255 65.60 -86.45 -18.45
N ILE C 256 64.99 -86.69 -17.29
CA ILE C 256 65.43 -87.79 -16.44
C ILE C 256 64.84 -89.12 -16.91
N VAL C 257 63.51 -89.24 -16.88
CA VAL C 257 62.88 -90.52 -17.15
C VAL C 257 62.97 -90.88 -18.63
N GLY C 258 62.91 -89.88 -19.49
CA GLY C 258 62.95 -90.12 -20.92
C GLY C 258 62.05 -89.14 -21.66
N ASN C 259 62.20 -89.13 -22.98
CA ASN C 259 61.47 -88.19 -23.81
C ASN C 259 59.96 -88.45 -23.75
N GLY C 260 59.56 -89.71 -23.84
CA GLY C 260 58.15 -90.04 -23.88
C GLY C 260 57.72 -91.11 -22.90
N ASN C 261 58.35 -91.15 -21.72
CA ASN C 261 58.04 -92.12 -20.69
C ASN C 261 57.32 -91.49 -19.50
N VAL C 262 56.58 -90.42 -19.73
CA VAL C 262 55.88 -89.72 -18.65
C VAL C 262 54.68 -89.00 -19.23
N HIS C 263 53.58 -89.02 -18.48
CA HIS C 263 52.37 -88.29 -18.82
C HIS C 263 51.79 -87.66 -17.57
N ALA C 264 51.10 -86.54 -17.74
CA ALA C 264 50.52 -85.83 -16.61
C ALA C 264 49.21 -85.17 -17.04
N GLN C 265 48.32 -84.98 -16.06
CA GLN C 265 47.05 -84.30 -16.27
C GLN C 265 46.79 -83.38 -15.08
N VAL C 266 46.30 -82.18 -15.35
CA VAL C 266 46.09 -81.16 -14.33
C VAL C 266 44.67 -80.64 -14.43
N THR C 267 43.99 -80.54 -13.29
CA THR C 267 42.68 -79.92 -13.19
C THR C 267 42.74 -78.82 -12.14
N ALA C 268 42.08 -77.68 -12.43
CA ALA C 268 42.16 -76.51 -11.59
C ALA C 268 40.78 -75.93 -11.33
N GLN C 269 40.62 -75.32 -10.17
CA GLN C 269 39.42 -74.59 -9.80
C GLN C 269 39.75 -73.11 -9.69
N LEU C 270 38.87 -72.27 -10.23
CA LEU C 270 39.10 -70.83 -10.30
C LEU C 270 37.95 -70.07 -9.64
N ASP C 271 38.28 -68.92 -9.06
CA ASP C 271 37.31 -68.06 -8.41
C ASP C 271 36.94 -66.92 -9.36
N PHE C 272 35.66 -66.83 -9.73
CA PHE C 272 35.17 -65.84 -10.67
C PHE C 272 34.20 -64.85 -10.02
N ALA C 273 34.18 -64.77 -8.69
CA ALA C 273 33.29 -63.87 -7.98
C ALA C 273 33.94 -62.49 -7.82
N ASN C 274 33.09 -61.49 -7.60
CA ASN C 274 33.53 -60.11 -7.37
C ASN C 274 33.45 -59.81 -5.89
N LYS C 275 34.57 -59.39 -5.30
CA LYS C 275 34.65 -59.11 -3.87
C LYS C 275 35.29 -57.75 -3.63
N GLU C 276 34.84 -57.10 -2.56
CA GLU C 276 35.41 -55.85 -2.09
C GLU C 276 35.53 -55.90 -0.58
N GLN C 277 36.49 -55.16 -0.03
CA GLN C 277 36.70 -55.20 1.41
C GLN C 277 37.19 -53.84 1.89
N THR C 278 36.70 -53.43 3.06
CA THR C 278 37.13 -52.21 3.73
C THR C 278 37.37 -52.53 5.20
N GLU C 279 38.56 -52.19 5.69
CA GLU C 279 38.96 -52.48 7.06
C GLU C 279 39.38 -51.22 7.77
N GLU C 280 38.88 -51.04 9.00
CA GLU C 280 39.25 -49.93 9.86
C GLU C 280 39.74 -50.49 11.19
N HIS C 281 40.88 -49.97 11.66
N HIS C 281 40.88 -49.97 11.66
CA HIS C 281 41.48 -50.46 12.90
CA HIS C 281 41.49 -50.46 12.89
C HIS C 281 41.95 -49.28 13.73
C HIS C 281 41.96 -49.28 13.73
N TYR C 282 41.91 -49.47 15.06
CA TYR C 282 42.33 -48.46 16.01
C TYR C 282 43.32 -49.06 17.00
N SER C 283 44.24 -48.21 17.47
CA SER C 283 45.23 -48.63 18.46
C SER C 283 44.71 -48.41 19.87
N PRO C 284 44.73 -49.43 20.73
CA PRO C 284 44.22 -49.25 22.10
C PRO C 284 45.08 -48.27 22.88
N ASN C 285 44.43 -47.54 23.79
CA ASN C 285 45.08 -46.55 24.64
C ASN C 285 44.72 -46.76 26.10
N GLY C 286 44.61 -48.03 26.51
CA GLY C 286 44.27 -48.33 27.89
C GLY C 286 45.38 -48.04 28.88
N ASP C 287 46.63 -47.98 28.41
CA ASP C 287 47.76 -47.68 29.27
C ASP C 287 48.06 -46.19 29.21
N ALA C 288 48.26 -45.58 30.38
CA ALA C 288 48.53 -44.15 30.44
C ALA C 288 49.89 -43.78 29.84
N SER C 289 50.82 -44.74 29.77
CA SER C 289 52.14 -44.46 29.21
C SER C 289 52.12 -44.37 27.68
N LYS C 290 51.02 -44.79 27.05
CA LYS C 290 50.90 -44.76 25.60
C LYS C 290 49.74 -43.90 25.10
N ALA C 291 48.99 -43.27 25.99
CA ALA C 291 47.86 -42.46 25.58
C ALA C 291 48.32 -41.08 25.11
N THR C 292 47.47 -40.43 24.33
CA THR C 292 47.72 -39.08 23.82
C THR C 292 46.55 -38.20 24.21
N LEU C 293 46.78 -37.27 25.13
CA LEU C 293 45.75 -36.39 25.65
C LEU C 293 45.71 -35.09 24.86
N ARG C 294 44.54 -34.46 24.83
CA ARG C 294 44.34 -33.16 24.20
C ARG C 294 43.91 -32.10 25.19
N SER C 295 43.03 -32.43 26.13
CA SER C 295 42.60 -31.49 27.17
C SER C 295 42.16 -32.28 28.39
N ARG C 296 42.66 -31.89 29.55
CA ARG C 296 42.39 -32.60 30.79
C ARG C 296 42.02 -31.62 31.89
N GLN C 297 41.01 -31.97 32.69
CA GLN C 297 40.60 -31.19 33.84
C GLN C 297 40.57 -32.10 35.06
N LEU C 298 41.20 -31.66 36.15
CA LEU C 298 41.30 -32.46 37.36
C LEU C 298 41.02 -31.59 38.58
N ASN C 299 39.98 -31.93 39.34
CA ASN C 299 39.60 -31.19 40.53
C ASN C 299 39.72 -32.12 41.74
N ILE C 300 40.40 -31.66 42.78
CA ILE C 300 40.63 -32.43 43.99
C ILE C 300 40.26 -31.58 45.20
N SER C 301 39.52 -32.18 46.14
CA SER C 301 39.15 -31.51 47.37
C SER C 301 39.30 -32.49 48.53
N GLU C 302 39.56 -31.95 49.72
CA GLU C 302 39.76 -32.78 50.90
C GLU C 302 39.57 -31.94 52.15
N GLN C 303 38.64 -32.36 53.01
CA GLN C 303 38.43 -31.74 54.31
C GLN C 303 38.74 -32.75 55.39
N VAL C 304 39.42 -32.30 56.44
CA VAL C 304 39.77 -33.16 57.56
C VAL C 304 39.32 -32.53 58.87
N PRO C 355 36.01 -37.37 61.16
CA PRO C 355 35.33 -36.81 59.99
C PRO C 355 36.28 -36.53 58.84
N ARG C 356 36.21 -37.35 57.78
CA ARG C 356 37.07 -37.20 56.61
C ARG C 356 36.21 -37.14 55.36
N SER C 357 36.47 -36.16 54.52
CA SER C 357 35.76 -35.99 53.26
C SER C 357 36.76 -35.91 52.11
N THR C 358 36.45 -36.60 51.01
CA THR C 358 37.31 -36.61 49.84
C THR C 358 36.45 -36.55 48.59
N GLN C 359 36.87 -35.75 47.62
CA GLN C 359 36.17 -35.60 46.35
C GLN C 359 37.19 -35.47 45.23
N ARG C 360 36.95 -36.17 44.12
CA ARG C 360 37.87 -36.17 42.99
C ARG C 360 37.07 -36.21 41.70
N ASN C 361 37.29 -35.22 40.84
CA ASN C 361 36.63 -35.12 39.54
C ASN C 361 37.70 -35.11 38.45
N GLU C 362 37.40 -35.74 37.32
CA GLU C 362 38.37 -35.85 36.24
C GLU C 362 37.65 -35.96 34.90
N THR C 363 38.16 -35.26 33.89
CA THR C 363 37.67 -35.33 32.53
C THR C 363 38.85 -35.38 31.58
N SER C 364 38.75 -36.22 30.55
CA SER C 364 39.85 -36.42 29.62
C SER C 364 39.33 -36.48 28.19
N ASN C 365 40.16 -36.03 27.26
CA ASN C 365 39.90 -36.12 25.83
C ASN C 365 41.15 -36.65 25.15
N TYR C 366 40.98 -37.61 24.24
CA TYR C 366 42.09 -38.35 23.68
C TYR C 366 42.18 -38.17 22.17
N GLU C 367 43.38 -38.41 21.65
CA GLU C 367 43.63 -38.53 20.22
C GLU C 367 44.11 -39.96 19.95
N VAL C 368 43.58 -40.56 18.89
CA VAL C 368 43.80 -41.98 18.62
C VAL C 368 44.39 -42.17 17.23
N ASP C 369 45.13 -43.27 17.07
CA ASP C 369 45.69 -43.64 15.79
C ASP C 369 44.76 -44.63 15.09
N ARG C 370 44.53 -44.40 13.80
CA ARG C 370 43.60 -45.22 13.04
C ARG C 370 44.22 -45.60 11.70
N THR C 371 43.79 -46.75 11.18
CA THR C 371 44.26 -47.28 9.91
C THR C 371 43.08 -47.73 9.08
N ILE C 372 43.06 -47.33 7.80
CA ILE C 372 41.98 -47.66 6.87
C ILE C 372 42.59 -48.32 5.64
N ARG C 373 42.02 -49.45 5.23
N ARG C 373 42.02 -49.46 5.24
CA ARG C 373 42.49 -50.19 4.07
CA ARG C 373 42.49 -50.19 4.07
C ARG C 373 41.31 -50.56 3.18
C ARG C 373 41.31 -50.55 3.18
N HIS C 374 41.49 -50.39 1.88
CA HIS C 374 40.48 -50.74 0.88
C HIS C 374 41.08 -51.72 -0.11
N THR C 375 40.37 -52.81 -0.40
CA THR C 375 40.89 -53.86 -1.26
C THR C 375 39.82 -54.30 -2.24
N LYS C 376 40.20 -54.46 -3.50
CA LYS C 376 39.35 -55.03 -4.55
C LYS C 376 40.07 -56.24 -5.13
N MET C 377 39.46 -57.41 -5.00
CA MET C 377 40.11 -58.65 -5.37
C MET C 377 40.13 -58.83 -6.89
N ASN C 378 40.96 -59.76 -7.34
CA ASN C 378 41.11 -60.07 -8.75
C ASN C 378 40.22 -61.25 -9.13
N VAL C 379 39.69 -61.21 -10.35
CA VAL C 379 38.80 -62.24 -10.85
C VAL C 379 39.62 -63.25 -11.66
N GLY C 380 39.56 -64.51 -11.28
CA GLY C 380 40.26 -65.55 -12.01
C GLY C 380 41.47 -66.10 -11.28
N ASP C 381 41.37 -66.25 -9.96
CA ASP C 381 42.47 -66.75 -9.15
C ASP C 381 42.28 -68.23 -8.85
N ILE C 382 43.41 -68.94 -8.74
CA ILE C 382 43.38 -70.38 -8.50
C ILE C 382 43.01 -70.65 -7.04
N GLU C 383 42.18 -71.67 -6.82
CA GLU C 383 41.78 -72.07 -5.49
C GLU C 383 42.32 -73.42 -5.06
N ARG C 384 42.40 -74.39 -5.97
CA ARG C 384 42.86 -75.73 -5.63
C ARG C 384 43.46 -76.39 -6.86
N LEU C 385 44.36 -77.32 -6.64
CA LEU C 385 45.05 -78.04 -7.71
C LEU C 385 45.08 -79.53 -7.41
N SER C 386 44.85 -80.34 -8.44
CA SER C 386 44.96 -81.79 -8.36
C SER C 386 45.77 -82.28 -9.54
N VAL C 387 46.85 -83.01 -9.27
CA VAL C 387 47.80 -83.43 -10.30
C VAL C 387 47.98 -84.94 -10.23
N ALA C 388 47.92 -85.60 -11.39
CA ALA C 388 48.18 -87.02 -11.52
C ALA C 388 49.30 -87.23 -12.53
N VAL C 389 50.29 -88.03 -12.16
CA VAL C 389 51.46 -88.30 -12.98
C VAL C 389 51.63 -89.82 -13.10
N VAL C 390 51.91 -90.28 -14.31
CA VAL C 390 52.17 -91.69 -14.57
C VAL C 390 53.53 -91.82 -15.25
N VAL C 391 54.37 -92.70 -14.72
CA VAL C 391 55.71 -92.90 -15.27
C VAL C 391 55.87 -94.36 -15.68
N ASN C 392 56.74 -94.58 -16.66
CA ASN C 392 56.97 -95.89 -17.25
C ASN C 392 58.07 -96.64 -16.49
N TYR C 393 58.10 -97.95 -16.70
CA TYR C 393 59.15 -98.79 -16.13
C TYR C 393 60.47 -98.57 -16.86
N LYS C 394 61.55 -99.01 -16.22
CA LYS C 394 62.89 -98.90 -16.79
C LYS C 394 63.20 -100.19 -17.56
N THR C 395 63.46 -100.05 -18.85
CA THR C 395 63.76 -101.18 -19.72
C THR C 395 65.25 -101.20 -20.05
N LEU C 396 65.87 -102.36 -19.86
CA LEU C 396 67.29 -102.51 -20.15
C LEU C 396 67.52 -103.08 -21.54
N PRO C 401 61.70 -103.90 -18.34
CA PRO C 401 60.62 -104.26 -17.43
C PRO C 401 61.06 -104.33 -15.97
N LEU C 402 61.80 -103.31 -15.53
CA LEU C 402 62.28 -103.23 -14.16
C LEU C 402 61.71 -102.01 -13.47
N PRO C 403 61.12 -102.17 -12.28
CA PRO C 403 60.55 -101.01 -11.59
C PRO C 403 61.64 -100.04 -11.13
N LEU C 404 61.26 -98.77 -11.05
CA LEU C 404 62.20 -97.73 -10.63
C LEU C 404 62.45 -97.80 -9.12
N THR C 405 63.59 -97.28 -8.72
CA THR C 405 63.97 -97.27 -7.31
C THR C 405 63.11 -96.27 -6.54
N ALA C 406 63.01 -96.50 -5.22
CA ALA C 406 62.22 -95.61 -4.38
C ALA C 406 62.80 -94.21 -4.33
N ASP C 407 64.13 -94.09 -4.34
CA ASP C 407 64.76 -92.78 -4.33
C ASP C 407 64.43 -92.00 -5.60
N GLN C 408 64.41 -92.68 -6.75
CA GLN C 408 64.02 -92.02 -7.99
C GLN C 408 62.58 -91.54 -7.93
N MET C 409 61.69 -92.35 -7.36
CA MET C 409 60.31 -91.93 -7.20
C MET C 409 60.19 -90.71 -6.29
N LYS C 410 60.95 -90.70 -5.19
CA LYS C 410 60.93 -89.54 -4.30
C LYS C 410 61.42 -88.29 -5.01
N GLN C 411 62.50 -88.41 -5.79
CA GLN C 411 62.99 -87.27 -6.55
C GLN C 411 61.97 -86.78 -7.56
N ILE C 412 61.28 -87.72 -8.23
CA ILE C 412 60.26 -87.33 -9.21
C ILE C 412 59.12 -86.60 -8.51
N GLU C 413 58.68 -87.10 -7.35
CA GLU C 413 57.62 -86.42 -6.61
C GLU C 413 58.05 -85.03 -6.18
N ASP C 414 59.29 -84.88 -5.72
CA ASP C 414 59.78 -83.57 -5.31
C ASP C 414 59.81 -82.60 -6.50
N LEU C 415 60.29 -83.07 -7.65
CA LEU C 415 60.33 -82.22 -8.84
C LEU C 415 58.94 -81.81 -9.29
N THR C 416 57.99 -82.75 -9.26
CA THR C 416 56.61 -82.42 -9.62
C THR C 416 56.00 -81.42 -8.64
N ARG C 417 56.29 -81.60 -7.34
CA ARG C 417 55.81 -80.66 -6.33
C ARG C 417 56.35 -79.26 -6.58
N GLU C 418 57.64 -79.16 -6.94
CA GLU C 418 58.22 -77.86 -7.29
C GLU C 418 57.57 -77.28 -8.54
N ALA C 419 57.35 -78.11 -9.56
CA ALA C 419 56.85 -77.60 -10.83
C ALA C 419 55.40 -77.12 -10.73
N MET C 420 54.58 -77.82 -9.94
CA MET C 420 53.16 -77.49 -9.89
C MET C 420 52.83 -76.39 -8.89
N GLY C 421 53.82 -75.87 -8.16
CA GLY C 421 53.56 -74.81 -7.20
C GLY C 421 52.68 -75.24 -6.05
N PHE C 422 53.00 -76.39 -5.45
CA PHE C 422 52.19 -76.95 -4.37
C PHE C 422 52.09 -75.97 -3.20
N SER C 423 50.88 -75.84 -2.66
CA SER C 423 50.62 -75.02 -1.48
C SER C 423 49.71 -75.81 -0.55
N ASP C 424 50.19 -76.09 0.65
CA ASP C 424 49.40 -76.87 1.60
C ASP C 424 48.18 -76.10 2.07
N LYS C 425 48.30 -74.79 2.23
CA LYS C 425 47.17 -73.97 2.64
C LYS C 425 46.06 -73.97 1.59
N ARG C 426 46.42 -74.12 0.32
CA ARG C 426 45.44 -74.16 -0.77
C ARG C 426 44.83 -75.53 -0.97
N GLY C 427 45.25 -76.54 -0.20
CA GLY C 427 44.70 -77.87 -0.32
C GLY C 427 45.03 -78.57 -1.63
N ASP C 428 46.23 -78.39 -2.16
CA ASP C 428 46.62 -79.06 -3.38
C ASP C 428 46.88 -80.54 -3.11
N THR C 429 46.74 -81.35 -4.16
CA THR C 429 46.89 -82.79 -4.04
C THR C 429 47.63 -83.33 -5.25
N LEU C 430 48.60 -84.20 -5.01
CA LEU C 430 49.44 -84.79 -6.05
C LEU C 430 49.50 -86.30 -5.88
N ASN C 431 49.46 -87.02 -7.00
CA ASN C 431 49.58 -88.47 -6.97
C ASN C 431 50.44 -88.92 -8.16
N VAL C 432 51.44 -89.75 -7.88
CA VAL C 432 52.36 -90.25 -8.89
C VAL C 432 52.32 -91.77 -8.85
N VAL C 433 52.20 -92.40 -10.02
CA VAL C 433 52.08 -93.85 -10.15
C VAL C 433 53.09 -94.34 -11.17
N ASN C 434 53.81 -95.40 -10.83
CA ASN C 434 54.77 -96.04 -11.73
C ASN C 434 54.19 -97.37 -12.19
N SER C 435 54.06 -97.53 -13.50
CA SER C 435 53.45 -98.73 -14.07
C SER C 435 53.95 -98.89 -15.50
N PRO C 436 54.15 -100.12 -15.96
CA PRO C 436 54.61 -100.32 -17.35
C PRO C 436 53.58 -99.80 -18.35
N PHE C 437 54.09 -99.22 -19.43
CA PHE C 437 53.24 -98.67 -20.47
C PHE C 437 52.71 -99.77 -21.38
N SER C 438 51.57 -99.50 -22.00
CA SER C 438 50.94 -100.45 -22.91
C SER C 438 51.10 -100.01 -24.37
N ASP D 229 15.72 -71.04 -24.74
CA ASP D 229 16.77 -70.05 -24.96
C ASP D 229 17.90 -70.23 -23.94
N LEU D 230 17.67 -69.76 -22.72
CA LEU D 230 18.67 -69.90 -21.66
C LEU D 230 18.86 -71.36 -21.27
N ASN D 231 17.77 -72.15 -21.29
CA ASN D 231 17.86 -73.54 -20.89
C ASN D 231 18.78 -74.33 -21.81
N ASP D 232 18.70 -74.09 -23.12
CA ASP D 232 19.59 -74.76 -24.05
C ASP D 232 21.04 -74.38 -23.81
N ALA D 233 21.29 -73.10 -23.49
CA ALA D 233 22.65 -72.67 -23.18
C ALA D 233 23.17 -73.37 -21.93
N GLN D 234 22.34 -73.49 -20.89
CA GLN D 234 22.75 -74.21 -19.71
C GLN D 234 23.06 -75.67 -20.05
N LEU D 235 22.21 -76.28 -20.89
CA LEU D 235 22.42 -77.67 -21.27
C LEU D 235 23.75 -77.86 -22.01
N LYS D 236 24.06 -76.99 -22.98
CA LYS D 236 25.27 -77.24 -23.74
C LYS D 236 26.51 -76.88 -22.93
N PHE D 237 26.42 -75.90 -22.02
CA PHE D 237 27.54 -75.65 -21.13
C PHE D 237 27.81 -76.84 -20.22
N ALA D 238 26.75 -77.45 -19.68
CA ALA D 238 26.93 -78.66 -18.88
C ALA D 238 27.53 -79.78 -19.72
N ASN D 239 27.10 -79.90 -20.97
CA ASN D 239 27.63 -80.93 -21.85
C ASN D 239 29.13 -80.72 -22.10
N ASP D 240 29.55 -79.48 -22.34
CA ASP D 240 30.96 -79.21 -22.53
C ASP D 240 31.79 -79.49 -21.28
N VAL D 241 31.26 -79.14 -20.10
CA VAL D 241 31.99 -79.45 -18.87
C VAL D 241 32.15 -80.96 -18.71
N GLU D 242 31.07 -81.71 -18.94
CA GLU D 242 31.13 -83.16 -18.82
C GLU D 242 32.09 -83.76 -19.84
N SER D 243 32.08 -83.24 -21.07
CA SER D 243 32.97 -83.74 -22.10
C SER D 243 34.44 -83.46 -21.75
N ARG D 244 34.72 -82.28 -21.18
CA ARG D 244 36.08 -81.97 -20.76
C ARG D 244 36.55 -82.94 -19.68
N ILE D 245 35.69 -83.20 -18.69
CA ILE D 245 36.08 -84.12 -17.62
C ILE D 245 36.29 -85.53 -18.18
N GLN D 246 35.40 -85.97 -19.07
CA GLN D 246 35.53 -87.29 -19.67
C GLN D 246 36.82 -87.40 -20.49
N ARG D 247 37.15 -86.37 -21.25
CA ARG D 247 38.38 -86.38 -22.04
C ARG D 247 39.60 -86.45 -21.15
N ARG D 248 39.61 -85.68 -20.05
CA ARG D 248 40.73 -85.75 -19.12
C ARG D 248 40.88 -87.14 -18.53
N ILE D 249 39.77 -87.75 -18.11
CA ILE D 249 39.84 -89.09 -17.51
C ILE D 249 40.33 -90.11 -18.52
N GLU D 250 39.81 -90.05 -19.75
CA GLU D 250 40.24 -90.99 -20.79
C GLU D 250 41.72 -90.81 -21.12
N ALA D 251 42.18 -89.56 -21.20
CA ALA D 251 43.59 -89.31 -21.50
C ALA D 251 44.50 -89.82 -20.40
N ILE D 252 44.12 -89.62 -19.13
CA ILE D 252 44.98 -90.05 -18.04
C ILE D 252 44.97 -91.58 -17.91
N LEU D 253 43.84 -92.22 -18.16
CA LEU D 253 43.74 -93.67 -17.98
C LEU D 253 44.15 -94.48 -19.21
N SER D 254 44.29 -93.84 -20.37
CA SER D 254 44.60 -94.59 -21.60
C SER D 254 45.95 -95.29 -21.56
N PRO D 255 47.06 -94.65 -21.18
CA PRO D 255 48.36 -95.32 -21.34
C PRO D 255 48.51 -96.64 -20.59
N ILE D 256 47.88 -96.79 -19.43
CA ILE D 256 48.13 -97.97 -18.60
C ILE D 256 47.30 -99.16 -19.08
N VAL D 257 45.96 -99.03 -19.03
CA VAL D 257 45.11 -100.18 -19.32
C VAL D 257 45.11 -100.51 -20.81
N GLY D 258 45.23 -99.51 -21.65
CA GLY D 258 45.21 -99.72 -23.09
C GLY D 258 44.50 -98.58 -23.80
N ASN D 259 44.65 -98.58 -25.12
CA ASN D 259 44.08 -97.49 -25.92
C ASN D 259 42.56 -97.48 -25.86
N GLY D 260 41.93 -98.65 -25.95
CA GLY D 260 40.48 -98.71 -25.98
C GLY D 260 39.88 -99.72 -25.01
N ASN D 261 40.50 -99.88 -23.84
CA ASN D 261 40.02 -100.80 -22.82
C ASN D 261 39.44 -100.07 -21.61
N VAL D 262 38.91 -98.87 -21.82
CA VAL D 262 38.37 -98.08 -20.72
C VAL D 262 37.30 -97.14 -21.28
N HIS D 263 36.23 -96.97 -20.51
CA HIS D 263 35.17 -96.02 -20.83
C HIS D 263 34.72 -95.33 -19.56
N ALA D 264 34.25 -94.09 -19.70
CA ALA D 264 33.82 -93.30 -18.55
C ALA D 264 32.65 -92.41 -18.96
N GLN D 265 31.82 -92.08 -17.97
CA GLN D 265 30.70 -91.18 -18.14
C GLN D 265 30.62 -90.25 -16.94
N VAL D 266 30.35 -88.97 -17.19
CA VAL D 266 30.34 -87.95 -16.15
C VAL D 266 29.04 -87.17 -16.22
N THR D 267 28.40 -86.97 -15.07
CA THR D 267 27.22 -86.13 -14.94
C THR D 267 27.50 -85.07 -13.88
N ALA D 268 27.05 -83.84 -14.15
CA ALA D 268 27.35 -82.71 -13.29
C ALA D 268 26.09 -81.90 -13.00
N GLN D 269 26.08 -81.28 -11.83
CA GLN D 269 25.03 -80.35 -11.44
C GLN D 269 25.62 -78.95 -11.31
N LEU D 270 24.91 -77.96 -11.82
CA LEU D 270 25.39 -76.59 -11.87
C LEU D 270 24.41 -75.65 -11.19
N ASP D 271 24.95 -74.58 -10.60
CA ASP D 271 24.15 -73.56 -9.92
C ASP D 271 23.99 -72.37 -10.85
N PHE D 272 22.74 -72.04 -11.20
CA PHE D 272 22.44 -70.96 -12.11
C PHE D 272 21.67 -69.82 -11.44
N ALA D 273 21.68 -69.77 -10.11
CA ALA D 273 20.98 -68.73 -9.37
C ALA D 273 21.87 -67.49 -9.20
N ASN D 274 21.22 -66.36 -8.95
CA ASN D 274 21.91 -65.10 -8.71
C ASN D 274 21.90 -64.80 -7.23
N LYS D 275 23.08 -64.59 -6.65
CA LYS D 275 23.23 -64.37 -5.21
C LYS D 275 24.10 -63.15 -4.96
N GLU D 276 23.79 -62.44 -3.87
CA GLU D 276 24.59 -61.33 -3.39
C GLU D 276 24.70 -61.43 -1.88
N GLN D 277 25.78 -60.89 -1.33
CA GLN D 277 26.01 -60.98 0.11
C GLN D 277 26.74 -59.75 0.60
N THR D 278 26.34 -59.28 1.78
CA THR D 278 27.00 -58.17 2.47
C THR D 278 27.19 -58.54 3.93
N GLU D 279 28.42 -58.44 4.41
CA GLU D 279 28.77 -58.83 5.76
C GLU D 279 29.43 -57.67 6.50
N GLU D 280 28.98 -57.43 7.73
CA GLU D 280 29.55 -56.43 8.60
C GLU D 280 29.94 -57.09 9.92
N HIS D 281 31.16 -56.79 10.39
N HIS D 281 31.16 -56.79 10.39
CA HIS D 281 31.68 -57.40 11.60
CA HIS D 281 31.69 -57.41 11.59
C HIS D 281 32.36 -56.35 12.45
C HIS D 281 32.37 -56.36 12.45
N TYR D 282 32.30 -56.55 13.77
CA TYR D 282 32.91 -55.64 14.73
C TYR D 282 33.79 -56.42 15.70
N SER D 283 34.84 -55.77 16.18
CA SER D 283 35.76 -56.38 17.15
C SER D 283 35.29 -56.09 18.56
N PRO D 284 35.14 -57.11 19.41
CA PRO D 284 34.68 -56.87 20.78
C PRO D 284 35.71 -56.08 21.58
N ASN D 285 35.21 -55.25 22.50
CA ASN D 285 36.04 -54.42 23.36
C ASN D 285 35.67 -54.59 24.82
N GLY D 286 35.32 -55.82 25.21
CA GLY D 286 34.94 -56.09 26.59
C GLY D 286 36.10 -56.02 27.57
N ASP D 287 37.33 -56.17 27.09
CA ASP D 287 38.52 -56.10 27.93
C ASP D 287 39.09 -54.69 27.90
N ALA D 288 39.40 -54.14 29.08
CA ALA D 288 39.93 -52.78 29.15
C ALA D 288 41.32 -52.68 28.54
N SER D 289 42.06 -53.78 28.44
CA SER D 289 43.40 -53.73 27.87
C SER D 289 43.38 -53.61 26.35
N LYS D 290 42.22 -53.81 25.72
CA LYS D 290 42.10 -53.74 24.27
C LYS D 290 41.12 -52.68 23.81
N ALA D 291 40.50 -51.94 24.71
CA ALA D 291 39.53 -50.92 24.33
C ALA D 291 40.23 -49.64 23.88
N THR D 292 39.51 -48.83 23.12
CA THR D 292 39.99 -47.54 22.62
C THR D 292 39.01 -46.47 23.04
N LEU D 293 39.42 -45.62 23.97
CA LEU D 293 38.56 -44.57 24.51
C LEU D 293 38.76 -43.27 23.74
N ARG D 294 37.72 -42.45 23.74
CA ARG D 294 37.76 -41.13 23.14
C ARG D 294 37.54 -40.01 24.15
N SER D 295 36.62 -40.19 25.09
CA SER D 295 36.38 -39.21 26.15
C SER D 295 35.81 -39.93 27.36
N ARG D 296 36.38 -39.65 28.52
CA ARG D 296 36.00 -40.33 29.76
C ARG D 296 35.84 -39.31 30.88
N GLN D 297 34.79 -39.48 31.68
CA GLN D 297 34.53 -38.67 32.85
C GLN D 297 34.34 -39.58 34.06
N LEU D 298 35.05 -39.28 35.15
CA LEU D 298 35.01 -40.10 36.34
C LEU D 298 34.91 -39.21 37.57
N ASN D 299 33.84 -39.38 38.34
CA ASN D 299 33.60 -38.61 39.55
C ASN D 299 33.57 -39.55 40.74
N ILE D 300 34.34 -39.25 41.78
CA ILE D 300 34.43 -40.06 42.98
C ILE D 300 34.22 -39.18 44.20
N SER D 301 33.40 -39.65 45.14
CA SER D 301 33.17 -38.95 46.39
C SER D 301 33.15 -39.95 47.54
N GLU D 302 33.51 -39.50 48.72
CA GLU D 302 33.57 -40.37 49.89
C GLU D 302 33.55 -39.53 51.16
N GLN D 303 32.56 -39.79 52.02
CA GLN D 303 32.48 -39.16 53.33
C GLN D 303 32.63 -40.23 54.39
N VAL D 304 33.37 -39.92 55.44
CA VAL D 304 33.57 -40.86 56.54
C VAL D 304 33.26 -40.18 57.87
N PRO D 355 29.14 -44.37 60.13
CA PRO D 355 28.56 -43.68 58.97
C PRO D 355 29.55 -43.57 57.81
N ARG D 356 29.31 -44.33 56.75
CA ARG D 356 30.17 -44.32 55.57
C ARG D 356 29.33 -44.09 54.33
N SER D 357 29.76 -43.15 53.50
CA SER D 357 29.08 -42.84 52.25
C SER D 357 30.07 -42.91 51.09
N THR D 358 29.62 -43.52 49.99
CA THR D 358 30.46 -43.66 48.80
C THR D 358 29.61 -43.44 47.57
N GLN D 359 30.17 -42.70 46.60
CA GLN D 359 29.49 -42.41 45.34
C GLN D 359 30.50 -42.45 44.21
N ARG D 360 30.14 -43.08 43.10
CA ARG D 360 31.03 -43.22 41.95
C ARG D 360 30.22 -43.09 40.67
N ASN D 361 30.60 -42.14 39.83
CA ASN D 361 29.97 -41.91 38.54
C ASN D 361 31.01 -42.07 37.43
N GLU D 362 30.58 -42.62 36.30
CA GLU D 362 31.51 -42.87 35.21
C GLU D 362 30.76 -42.84 33.87
N THR D 363 31.39 -42.22 32.87
CA THR D 363 30.88 -42.17 31.51
C THR D 363 32.02 -42.42 30.54
N SER D 364 31.76 -43.22 29.51
CA SER D 364 32.80 -43.60 28.56
C SER D 364 32.25 -43.53 27.14
N ASN D 365 33.15 -43.22 26.20
CA ASN D 365 32.87 -43.24 24.78
C ASN D 365 34.00 -43.98 24.07
N TYR D 366 33.64 -44.88 23.15
CA TYR D 366 34.59 -45.80 22.56
C TYR D 366 34.70 -45.60 21.06
N GLU D 367 35.83 -46.06 20.52
CA GLU D 367 36.04 -46.20 19.08
C GLU D 367 36.24 -47.68 18.78
N VAL D 368 35.61 -48.16 17.72
CA VAL D 368 35.56 -49.59 17.43
C VAL D 368 36.09 -49.86 16.03
N ASP D 369 36.62 -51.07 15.84
CA ASP D 369 37.08 -51.52 14.55
C ASP D 369 35.99 -52.30 13.84
N ARG D 370 35.78 -52.02 12.56
CA ARG D 370 34.72 -52.64 11.80
C ARG D 370 35.25 -53.11 10.45
N THR D 371 34.61 -54.15 9.92
CA THR D 371 34.97 -54.73 8.63
C THR D 371 33.71 -54.95 7.81
N ILE D 372 33.76 -54.53 6.54
CA ILE D 372 32.63 -54.64 5.62
C ILE D 372 33.08 -55.37 4.37
N ARG D 373 32.32 -56.37 3.95
N ARG D 373 32.32 -56.38 3.96
CA ARG D 373 32.63 -57.17 2.77
CA ARG D 373 32.63 -57.17 2.77
C ARG D 373 31.41 -57.30 1.89
C ARG D 373 31.40 -57.29 1.89
N HIS D 374 31.59 -57.15 0.59
CA HIS D 374 30.53 -57.29 -0.40
C HIS D 374 30.94 -58.34 -1.41
N THR D 375 30.04 -59.27 -1.71
CA THR D 375 30.34 -60.39 -2.60
C THR D 375 29.20 -60.62 -3.57
N LYS D 376 29.54 -60.82 -4.84
CA LYS D 376 28.59 -61.20 -5.88
C LYS D 376 29.07 -62.51 -6.49
N MET D 377 28.25 -63.56 -6.37
CA MET D 377 28.67 -64.88 -6.77
C MET D 377 28.63 -65.04 -8.29
N ASN D 378 29.28 -66.09 -8.77
CA ASN D 378 29.36 -66.41 -10.19
C ASN D 378 28.25 -67.39 -10.57
N VAL D 379 27.73 -67.24 -11.78
CA VAL D 379 26.66 -68.08 -12.29
C VAL D 379 27.28 -69.20 -13.12
N GLY D 380 26.99 -70.45 -12.76
CA GLY D 380 27.48 -71.59 -13.52
C GLY D 380 28.59 -72.36 -12.81
N ASP D 381 28.46 -72.51 -11.49
CA ASP D 381 29.46 -73.22 -10.70
C ASP D 381 29.01 -74.64 -10.43
N ILE D 382 29.99 -75.55 -10.34
CA ILE D 382 29.71 -76.96 -10.12
C ILE D 382 29.31 -77.18 -8.66
N GLU D 383 28.31 -78.04 -8.45
CA GLU D 383 27.84 -78.38 -7.11
C GLU D 383 28.13 -79.82 -6.71
N ARG D 384 28.03 -80.77 -7.64
CA ARG D 384 28.24 -82.17 -7.33
C ARG D 384 28.70 -82.91 -8.58
N LEU D 385 29.42 -84.01 -8.37
CA LEU D 385 29.95 -84.80 -9.47
C LEU D 385 29.71 -86.29 -9.19
N SER D 386 29.33 -87.02 -10.23
CA SER D 386 29.17 -88.46 -10.17
C SER D 386 29.86 -89.07 -11.37
N VAL D 387 30.79 -90.00 -11.12
CA VAL D 387 31.64 -90.56 -12.18
C VAL D 387 31.55 -92.08 -12.13
N ALA D 388 31.35 -92.69 -13.30
CA ALA D 388 31.36 -94.14 -13.45
C ALA D 388 32.40 -94.53 -14.48
N VAL D 389 33.24 -95.50 -14.13
CA VAL D 389 34.33 -95.98 -14.98
C VAL D 389 34.22 -97.49 -15.12
N VAL D 390 34.40 -97.98 -16.34
CA VAL D 390 34.38 -99.42 -16.63
C VAL D 390 35.69 -99.77 -17.32
N VAL D 391 36.37 -100.80 -16.82
CA VAL D 391 37.64 -101.23 -17.39
C VAL D 391 37.53 -102.69 -17.83
N ASN D 392 38.35 -103.05 -18.81
CA ASN D 392 38.32 -104.37 -19.43
C ASN D 392 39.26 -105.32 -18.69
N TYR D 393 39.06 -106.61 -18.93
CA TYR D 393 39.94 -107.63 -18.38
C TYR D 393 41.27 -107.65 -19.13
N LYS D 394 42.26 -108.29 -18.50
CA LYS D 394 43.60 -108.42 -19.09
C LYS D 394 43.65 -109.73 -19.88
N THR D 395 43.92 -109.61 -21.18
CA THR D 395 44.00 -110.77 -22.06
C THR D 395 45.46 -111.05 -22.41
N LEU D 396 45.86 -112.31 -22.25
CA LEU D 396 47.23 -112.72 -22.56
C LEU D 396 47.34 -113.28 -23.96
N PRO D 401 41.50 -113.09 -20.70
CA PRO D 401 40.36 -113.26 -19.78
C PRO D 401 40.80 -113.43 -18.33
N LEU D 402 41.73 -112.57 -17.88
CA LEU D 402 42.23 -112.61 -16.52
C LEU D 402 41.88 -111.32 -15.80
N PRO D 403 41.30 -111.39 -14.61
CA PRO D 403 40.96 -110.15 -13.89
C PRO D 403 42.21 -109.41 -13.43
N LEU D 404 42.07 -108.09 -13.33
CA LEU D 404 43.18 -107.25 -12.91
C LEU D 404 43.43 -107.38 -11.40
N THR D 405 44.65 -107.09 -11.00
CA THR D 405 45.04 -107.17 -9.60
C THR D 405 44.39 -106.05 -8.80
N ALA D 406 44.26 -106.28 -7.49
CA ALA D 406 43.65 -105.28 -6.62
C ALA D 406 44.48 -104.00 -6.56
N ASP D 407 45.80 -104.13 -6.58
CA ASP D 407 46.66 -102.95 -6.56
C ASP D 407 46.47 -102.11 -7.82
N GLN D 408 46.31 -102.75 -8.98
CA GLN D 408 46.05 -102.01 -10.20
C GLN D 408 44.71 -101.28 -10.12
N MET D 409 43.70 -101.92 -9.54
CA MET D 409 42.41 -101.25 -9.36
C MET D 409 42.53 -100.06 -8.43
N LYS D 410 43.29 -100.20 -7.34
CA LYS D 410 43.49 -99.07 -6.44
C LYS D 410 44.20 -97.92 -7.13
N GLN D 411 45.22 -98.22 -7.93
CA GLN D 411 45.92 -97.18 -8.67
C GLN D 411 44.99 -96.49 -9.67
N ILE D 412 44.14 -97.27 -10.34
CA ILE D 412 43.19 -96.70 -11.30
C ILE D 412 42.20 -95.78 -10.58
N GLU D 413 41.69 -96.21 -9.42
CA GLU D 413 40.79 -95.36 -8.66
C GLU D 413 41.46 -94.08 -8.21
N ASP D 414 42.72 -94.17 -7.76
CA ASP D 414 43.44 -92.97 -7.34
C ASP D 414 43.64 -92.01 -8.51
N LEU D 415 44.01 -92.54 -9.68
CA LEU D 415 44.21 -91.69 -10.85
C LEU D 415 42.90 -91.02 -11.28
N THR D 416 41.79 -91.77 -11.25
CA THR D 416 40.50 -91.19 -11.59
C THR D 416 40.10 -90.11 -10.59
N ARG D 417 40.36 -90.37 -9.29
CA ARG D 417 40.07 -89.38 -8.26
C ARG D 417 40.85 -88.09 -8.50
N GLU D 418 42.13 -88.23 -8.88
CA GLU D 418 42.93 -87.05 -9.21
C GLU D 418 42.39 -86.33 -10.44
N ALA D 419 42.02 -87.09 -11.47
CA ALA D 419 41.61 -86.48 -12.73
C ALA D 419 40.27 -85.75 -12.61
N MET D 420 39.34 -86.29 -11.82
CA MET D 420 38.01 -85.72 -11.74
C MET D 420 37.89 -84.59 -10.72
N GLY D 421 38.96 -84.26 -9.99
CA GLY D 421 38.91 -83.20 -9.01
C GLY D 421 37.98 -83.48 -7.86
N PHE D 422 38.09 -84.68 -7.29
CA PHE D 422 37.21 -85.10 -6.20
C PHE D 422 37.29 -84.15 -5.01
N SER D 423 36.14 -83.79 -4.46
CA SER D 423 36.04 -82.97 -3.26
C SER D 423 35.00 -83.59 -2.34
N ASP D 424 35.44 -83.98 -1.14
CA ASP D 424 34.53 -84.61 -0.20
C ASP D 424 33.47 -83.65 0.30
N LYS D 425 33.83 -82.38 0.48
CA LYS D 425 32.87 -81.38 0.91
C LYS D 425 31.77 -81.15 -0.12
N ARG D 426 32.08 -81.34 -1.40
CA ARG D 426 31.12 -81.19 -2.47
C ARG D 426 30.25 -82.42 -2.68
N GLY D 427 30.50 -83.49 -1.94
CA GLY D 427 29.72 -84.71 -2.07
C GLY D 427 29.89 -85.43 -3.40
N ASP D 428 31.10 -85.46 -3.94
CA ASP D 428 31.36 -86.18 -5.17
C ASP D 428 31.33 -87.68 -4.93
N THR D 429 31.04 -88.43 -5.99
CA THR D 429 30.92 -89.88 -5.90
C THR D 429 31.54 -90.52 -7.13
N LEU D 430 32.35 -91.56 -6.90
CA LEU D 430 33.04 -92.27 -7.97
C LEU D 430 32.83 -93.77 -7.82
N ASN D 431 32.65 -94.45 -8.95
CA ASN D 431 32.50 -95.91 -8.95
C ASN D 431 33.25 -96.48 -10.15
N VAL D 432 34.09 -97.48 -9.90
CA VAL D 432 34.89 -98.13 -10.93
C VAL D 432 34.58 -99.63 -10.91
N VAL D 433 34.32 -100.19 -12.09
CA VAL D 433 33.94 -101.59 -12.24
C VAL D 433 34.85 -102.23 -13.28
N ASN D 434 35.36 -103.42 -12.97
CA ASN D 434 36.18 -104.21 -13.89
C ASN D 434 35.36 -105.40 -14.36
N SER D 435 35.18 -105.51 -15.67
CA SER D 435 34.37 -106.57 -16.25
C SER D 435 34.82 -106.79 -17.69
N PRO D 436 34.78 -108.03 -18.17
CA PRO D 436 35.19 -108.29 -19.57
C PRO D 436 34.26 -107.57 -20.54
N PHE D 437 34.86 -107.08 -21.63
CA PHE D 437 34.11 -106.37 -22.65
C PHE D 437 33.37 -107.33 -23.57
N SER D 438 32.29 -106.85 -24.17
CA SER D 438 31.50 -107.65 -25.08
C SER D 438 31.73 -107.22 -26.53
N ASP E 229 2.23 -72.27 -26.02
CA ASP E 229 3.44 -71.49 -26.24
C ASP E 229 4.53 -71.89 -25.24
N LEU E 230 4.40 -71.41 -24.01
CA LEU E 230 5.37 -71.75 -22.96
C LEU E 230 5.29 -73.23 -22.60
N ASN E 231 4.08 -73.79 -22.62
CA ASN E 231 3.91 -75.19 -22.24
C ASN E 231 4.67 -76.12 -23.18
N ASP E 232 4.62 -75.84 -24.48
CA ASP E 232 5.36 -76.64 -25.44
C ASP E 232 6.86 -76.55 -25.21
N ALA E 233 7.35 -75.34 -24.87
CA ALA E 233 8.77 -75.17 -24.57
C ALA E 233 9.17 -75.97 -23.34
N GLN E 234 8.34 -75.95 -22.30
CA GLN E 234 8.62 -76.77 -21.13
C GLN E 234 8.65 -78.25 -21.50
N LEU E 235 7.70 -78.68 -22.34
CA LEU E 235 7.65 -80.08 -22.74
C LEU E 235 8.90 -80.49 -23.50
N LYS E 236 9.36 -79.68 -24.46
CA LYS E 236 10.50 -80.13 -25.24
C LYS E 236 11.79 -80.03 -24.43
N PHE E 237 11.89 -79.06 -23.51
CA PHE E 237 13.05 -79.03 -22.63
C PHE E 237 13.10 -80.27 -21.74
N ALA E 238 11.96 -80.67 -21.20
CA ALA E 238 11.92 -81.91 -20.42
C ALA E 238 12.30 -83.11 -21.28
N ASN E 239 11.84 -83.12 -22.53
CA ASN E 239 12.17 -84.22 -23.43
C ASN E 239 13.67 -84.29 -23.70
N ASP E 240 14.31 -83.14 -23.92
CA ASP E 240 15.76 -83.13 -24.13
C ASP E 240 16.52 -83.58 -22.89
N VAL E 241 16.09 -83.16 -21.70
CA VAL E 241 16.75 -83.62 -20.48
C VAL E 241 16.64 -85.13 -20.35
N GLU E 242 15.43 -85.66 -20.58
CA GLU E 242 15.22 -87.11 -20.48
C GLU E 242 16.05 -87.85 -21.52
N SER E 243 16.12 -87.32 -22.74
CA SER E 243 16.91 -87.96 -23.79
C SER E 243 18.39 -87.95 -23.46
N ARG E 244 18.89 -86.86 -22.88
CA ARG E 244 20.29 -86.82 -22.47
C ARG E 244 20.59 -87.86 -21.41
N ILE E 245 19.71 -87.99 -20.41
CA ILE E 245 19.93 -88.98 -19.36
C ILE E 245 19.87 -90.39 -19.94
N GLN E 246 18.91 -90.65 -20.83
CA GLN E 246 18.79 -91.96 -21.45
C GLN E 246 20.03 -92.29 -22.28
N ARG E 247 20.54 -91.32 -23.04
CA ARG E 247 21.73 -91.54 -23.84
C ARG E 247 22.94 -91.84 -22.96
N ARG E 248 23.09 -91.11 -21.86
CA ARG E 248 24.19 -91.39 -20.94
C ARG E 248 24.09 -92.80 -20.37
N ILE E 249 22.89 -93.21 -19.95
CA ILE E 249 22.72 -94.54 -19.37
C ILE E 249 23.02 -95.62 -20.41
N GLU E 250 22.50 -95.44 -21.63
CA GLU E 250 22.74 -96.43 -22.68
C GLU E 250 24.23 -96.52 -23.03
N ALA E 251 24.91 -95.38 -23.10
CA ALA E 251 26.33 -95.39 -23.41
C ALA E 251 27.14 -96.07 -22.33
N ILE E 252 26.81 -95.82 -21.05
CA ILE E 252 27.60 -96.43 -19.98
C ILE E 252 27.30 -97.92 -19.88
N LEU E 253 26.07 -98.35 -20.12
CA LEU E 253 25.71 -99.76 -19.96
C LEU E 253 25.96 -100.61 -21.20
N SER E 254 26.20 -99.98 -22.36
CA SER E 254 26.35 -100.75 -23.60
C SER E 254 27.55 -101.69 -23.59
N PRO E 255 28.77 -101.28 -23.22
CA PRO E 255 29.93 -102.16 -23.41
C PRO E 255 29.84 -103.49 -22.68
N ILE E 256 29.19 -103.55 -21.51
CA ILE E 256 29.22 -104.77 -20.70
C ILE E 256 28.19 -105.78 -21.19
N VAL E 257 26.91 -105.42 -21.12
CA VAL E 257 25.85 -106.37 -21.42
C VAL E 257 25.78 -106.68 -22.91
N GLY E 258 26.09 -105.70 -23.74
CA GLY E 258 26.01 -105.89 -25.18
C GLY E 258 25.51 -104.62 -25.86
N ASN E 259 25.64 -104.62 -27.19
CA ASN E 259 25.27 -103.44 -27.96
C ASN E 259 23.77 -103.15 -27.88
N GLY E 260 22.94 -104.19 -27.98
CA GLY E 260 21.50 -103.97 -28.00
C GLY E 260 20.74 -104.87 -27.04
N ASN E 261 21.34 -105.16 -25.87
CA ASN E 261 20.71 -106.00 -24.86
C ASN E 261 20.29 -105.20 -23.64
N VAL E 262 19.98 -103.92 -23.82
CA VAL E 262 19.59 -103.06 -22.71
C VAL E 262 18.71 -101.94 -23.23
N HIS E 263 17.69 -101.59 -22.45
CA HIS E 263 16.82 -100.46 -22.74
C HIS E 263 16.53 -99.71 -21.45
N ALA E 264 16.29 -98.41 -21.57
CA ALA E 264 16.02 -97.58 -20.41
C ALA E 264 15.03 -96.48 -20.78
N GLN E 265 14.29 -96.02 -19.77
CA GLN E 265 13.35 -94.92 -19.92
C GLN E 265 13.44 -94.02 -18.70
N VAL E 266 13.42 -92.70 -18.93
CA VAL E 266 13.61 -91.71 -17.88
C VAL E 266 12.46 -90.72 -17.92
N THR E 267 11.88 -90.42 -16.76
CA THR E 267 10.89 -89.38 -16.60
C THR E 267 11.35 -88.40 -15.53
N ALA E 268 11.14 -87.11 -15.77
CA ALA E 268 11.65 -86.07 -14.90
C ALA E 268 10.57 -85.05 -14.58
N GLN E 269 10.67 -84.45 -13.40
CA GLN E 269 9.81 -83.36 -12.98
C GLN E 269 10.65 -82.10 -12.84
N LEU E 270 10.12 -80.97 -13.32
CA LEU E 270 10.86 -79.72 -13.36
C LEU E 270 10.07 -78.63 -12.66
N ASP E 271 10.80 -77.69 -12.05
CA ASP E 271 10.20 -76.56 -11.35
C ASP E 271 10.26 -75.33 -12.26
N PHE E 272 9.09 -74.78 -12.58
CA PHE E 272 8.98 -73.63 -13.48
C PHE E 272 8.44 -72.40 -12.78
N ALA E 273 8.47 -72.36 -11.45
CA ALA E 273 7.97 -71.22 -10.69
C ALA E 273 9.08 -70.18 -10.51
N ASN E 274 8.65 -68.95 -10.23
CA ASN E 274 9.56 -67.84 -9.98
C ASN E 274 9.61 -67.57 -8.49
N LYS E 275 10.83 -67.60 -7.92
CA LYS E 275 11.02 -67.42 -6.49
C LYS E 275 12.10 -66.39 -6.23
N GLU E 276 11.93 -65.66 -5.13
CA GLU E 276 12.93 -64.72 -4.64
C GLU E 276 13.03 -64.87 -3.13
N GLN E 277 14.21 -64.54 -2.59
CA GLN E 277 14.43 -64.70 -1.15
C GLN E 277 15.37 -63.63 -0.65
N THR E 278 15.08 -63.12 0.54
CA THR E 278 15.93 -62.16 1.24
C THR E 278 16.07 -62.59 2.69
N GLU E 279 17.30 -62.72 3.16
CA GLU E 279 17.59 -63.19 4.50
C GLU E 279 18.45 -62.18 5.24
N GLU E 280 18.06 -61.88 6.48
CA GLU E 280 18.82 -61.01 7.37
C GLU E 280 19.10 -61.75 8.67
N HIS E 281 20.35 -61.70 9.12
N HIS E 281 20.35 -61.69 9.12
CA HIS E 281 20.77 -62.41 10.32
CA HIS E 281 20.76 -62.42 10.31
C HIS E 281 21.64 -61.52 11.18
C HIS E 281 21.64 -61.52 11.18
N TYR E 282 21.56 -61.73 12.50
CA TYR E 282 22.32 -60.95 13.47
C TYR E 282 23.04 -61.90 14.41
N SER E 283 24.21 -61.47 14.88
CA SER E 283 25.00 -62.26 15.83
C SER E 283 24.61 -61.91 17.26
N PRO E 284 24.29 -62.90 18.09
CA PRO E 284 23.90 -62.60 19.48
C PRO E 284 25.06 -62.02 20.27
N ASN E 285 24.74 -61.13 21.21
CA ASN E 285 25.71 -60.48 22.07
C ASN E 285 25.31 -60.61 23.53
N GLY E 286 24.76 -61.77 23.91
CA GLY E 286 24.36 -61.98 25.29
C GLY E 286 25.51 -62.15 26.26
N ASP E 287 26.69 -62.50 25.76
CA ASP E 287 27.87 -62.67 26.59
C ASP E 287 28.70 -61.39 26.57
N ALA E 288 29.11 -60.93 27.75
CA ALA E 288 29.88 -59.69 27.84
C ALA E 288 31.26 -59.82 27.21
N SER E 289 31.79 -61.04 27.09
CA SER E 289 33.12 -61.23 26.50
C SER E 289 33.10 -61.09 24.98
N LYS E 290 31.91 -61.06 24.36
CA LYS E 290 31.79 -60.94 22.92
C LYS E 290 31.02 -59.70 22.48
N ALA E 291 30.55 -58.88 23.40
CA ALA E 291 29.78 -57.70 23.05
C ALA E 291 30.70 -56.56 22.61
N THR E 292 30.13 -55.62 21.87
CA THR E 292 30.84 -54.44 21.39
C THR E 292 30.07 -53.21 21.84
N LEU E 293 30.64 -52.45 22.78
CA LEU E 293 30.00 -51.29 23.34
C LEU E 293 30.43 -50.03 22.59
N ARG E 294 29.54 -49.02 22.61
CA ARG E 294 29.82 -47.72 22.03
C ARG E 294 29.82 -46.60 23.06
N SER E 295 28.89 -46.64 24.02
CA SER E 295 28.84 -45.64 25.09
C SER E 295 28.17 -46.26 26.30
N ARG E 296 28.79 -46.13 27.46
CA ARG E 296 28.31 -46.74 28.68
C ARG E 296 28.34 -45.73 29.82
N GLN E 297 27.28 -45.72 30.63
CA GLN E 297 27.19 -44.88 31.82
C GLN E 297 26.86 -45.77 33.02
N LEU E 298 27.61 -45.62 34.10
CA LEU E 298 27.44 -46.45 35.28
C LEU E 298 27.52 -45.57 36.53
N ASN E 299 26.43 -45.55 37.31
CA ASN E 299 26.35 -44.78 38.53
C ASN E 299 26.15 -45.72 39.71
N ILE E 300 26.98 -45.58 40.74
CA ILE E 300 26.93 -46.42 41.93
C ILE E 300 26.90 -45.54 43.16
N SER E 301 26.02 -45.86 44.11
CA SER E 301 25.93 -45.15 45.37
C SER E 301 25.74 -46.16 46.50
N GLU E 302 26.20 -45.79 47.69
CA GLU E 302 26.09 -46.68 48.85
C GLU E 302 26.24 -45.87 50.12
N GLN E 303 25.23 -45.96 50.99
CA GLN E 303 25.28 -45.36 52.31
C GLN E 303 25.23 -46.45 53.36
N VAL E 304 26.04 -46.31 54.41
CA VAL E 304 26.07 -47.28 55.49
C VAL E 304 25.90 -46.58 56.83
N PRO E 355 21.11 -49.99 59.07
CA PRO E 355 20.65 -49.19 57.93
C PRO E 355 21.62 -49.22 56.76
N ARG E 356 21.25 -49.92 55.69
CA ARG E 356 22.09 -50.04 54.50
C ARG E 356 21.29 -49.64 53.28
N SER E 357 21.87 -48.78 52.46
CA SER E 357 21.25 -48.32 51.22
C SER E 357 22.19 -48.57 50.04
N THR E 358 21.64 -49.05 48.94
CA THR E 358 22.42 -49.33 47.75
C THR E 358 21.62 -48.94 46.52
N GLN E 359 22.29 -48.30 45.56
CA GLN E 359 21.67 -47.87 44.31
C GLN E 359 22.64 -48.06 43.17
N ARG E 360 22.15 -48.60 42.05
CA ARG E 360 23.00 -48.88 40.89
C ARG E 360 22.22 -48.59 39.62
N ASN E 361 22.76 -47.70 38.79
CA ASN E 361 22.17 -47.34 37.51
C ASN E 361 23.14 -47.67 36.39
N GLU E 362 22.62 -48.11 35.25
CA GLU E 362 23.47 -48.51 34.15
C GLU E 362 22.74 -48.31 32.83
N THR E 363 23.46 -47.81 31.83
CA THR E 363 22.95 -47.64 30.47
C THR E 363 24.02 -48.08 29.49
N SER E 364 23.60 -48.79 28.44
CA SER E 364 24.54 -49.35 27.48
C SER E 364 24.01 -49.16 26.06
N ASN E 365 24.94 -49.00 25.12
CA ASN E 365 24.65 -48.94 23.70
C ASN E 365 25.61 -49.86 22.96
N TYR E 366 25.09 -50.66 22.04
CA TYR E 366 25.84 -51.74 21.43
C TYR E 366 25.97 -51.53 19.92
N GLU E 367 27.00 -52.17 19.36
CA GLU E 367 27.17 -52.33 17.92
C GLU E 367 27.10 -53.81 17.59
N VAL E 368 26.37 -54.16 16.53
CA VAL E 368 26.06 -55.55 16.22
C VAL E 368 26.52 -55.89 14.81
N ASP E 369 26.82 -57.16 14.60
CA ASP E 369 27.18 -57.68 13.30
C ASP E 369 25.95 -58.22 12.59
N ARG E 370 25.78 -57.89 11.32
CA ARG E 370 24.62 -58.29 10.55
C ARG E 370 25.04 -58.83 9.19
N THR E 371 24.22 -59.73 8.65
CA THR E 371 24.46 -60.34 7.35
C THR E 371 23.18 -60.30 6.54
N ILE E 372 23.28 -59.88 5.28
CA ILE E 372 22.14 -59.77 4.37
C ILE E 372 22.45 -60.54 3.10
N ARG E 373 21.51 -61.39 2.68
N ARG E 373 21.51 -61.39 2.69
CA ARG E 373 21.66 -62.20 1.49
CA ARG E 373 21.65 -62.21 1.48
C ARG E 373 20.41 -62.10 0.62
C ARG E 373 20.41 -62.09 0.62
N HIS E 374 20.62 -61.95 -0.68
CA HIS E 374 19.54 -61.89 -1.66
C HIS E 374 19.74 -62.98 -2.70
N THR E 375 18.68 -63.73 -3.00
CA THR E 375 18.77 -64.86 -3.90
C THR E 375 17.59 -64.86 -4.86
N LYS E 376 17.88 -65.09 -6.14
CA LYS E 376 16.87 -65.29 -7.17
C LYS E 376 17.09 -66.64 -7.81
N MET E 377 16.10 -67.52 -7.70
CA MET E 377 16.25 -68.91 -8.12
C MET E 377 16.17 -69.02 -9.64
N ASN E 378 16.62 -70.17 -10.14
CA ASN E 378 16.62 -70.47 -11.57
C ASN E 378 15.36 -71.22 -11.96
N VAL E 379 14.86 -70.96 -13.15
CA VAL E 379 13.66 -71.59 -13.66
C VAL E 379 14.04 -72.78 -14.52
N GLY E 380 13.53 -73.96 -14.18
CA GLY E 380 13.81 -75.16 -14.96
C GLY E 380 14.75 -76.12 -14.28
N ASP E 381 14.63 -76.28 -12.96
CA ASP E 381 15.49 -77.17 -12.19
C ASP E 381 14.78 -78.50 -11.93
N ILE E 382 15.57 -79.56 -11.88
CA ILE E 382 15.04 -80.90 -11.67
C ILE E 382 14.62 -81.07 -10.21
N GLU E 383 13.49 -81.73 -10.00
CA GLU E 383 12.98 -82.00 -8.66
C GLU E 383 13.00 -83.49 -8.29
N ARG E 384 12.73 -84.38 -9.23
CA ARG E 384 12.68 -85.81 -8.94
C ARG E 384 12.98 -86.59 -10.20
N LEU E 385 13.49 -87.81 -10.03
CA LEU E 385 13.86 -88.67 -11.15
C LEU E 385 13.36 -90.09 -10.88
N SER E 386 12.83 -90.72 -11.93
CA SER E 386 12.40 -92.11 -11.89
C SER E 386 12.97 -92.82 -13.11
N VAL E 387 13.72 -93.90 -12.89
CA VAL E 387 14.44 -94.59 -13.96
C VAL E 387 14.07 -96.07 -13.93
N ALA E 388 13.76 -96.62 -15.11
CA ALA E 388 13.49 -98.03 -15.29
C ALA E 388 14.44 -98.59 -16.33
N VAL E 389 15.09 -99.70 -16.01
CA VAL E 389 16.07 -100.35 -16.88
C VAL E 389 15.68 -101.82 -17.04
N VAL E 390 15.75 -102.32 -18.27
CA VAL E 390 15.47 -103.72 -18.58
C VAL E 390 16.69 -104.30 -19.30
N VAL E 391 17.17 -105.43 -18.82
CA VAL E 391 18.34 -106.09 -19.41
C VAL E 391 17.96 -107.48 -19.87
N ASN E 392 18.69 -107.97 -20.87
CA ASN E 392 18.41 -109.25 -21.50
C ASN E 392 19.17 -110.38 -20.80
N TYR E 393 18.74 -111.61 -21.05
CA TYR E 393 19.42 -112.78 -20.53
C TYR E 393 20.71 -113.03 -21.29
N LYS E 394 21.58 -113.85 -20.69
CA LYS E 394 22.86 -114.21 -21.30
C LYS E 394 22.67 -115.48 -22.11
N THR E 395 22.94 -115.41 -23.41
CA THR E 395 22.80 -116.54 -24.31
C THR E 395 24.18 -117.08 -24.68
N LEU E 396 24.35 -118.38 -24.54
CA LEU E 396 25.62 -119.03 -24.87
C LEU E 396 25.61 -119.59 -26.28
N PRO E 401 19.93 -118.39 -22.95
CA PRO E 401 18.80 -118.37 -22.02
C PRO E 401 19.21 -118.64 -20.57
N LEU E 402 20.27 -117.97 -20.13
CA LEU E 402 20.78 -118.12 -18.77
C LEU E 402 20.68 -116.80 -18.03
N PRO E 403 20.11 -116.78 -16.83
CA PRO E 403 20.01 -115.52 -16.09
C PRO E 403 21.37 -115.03 -15.64
N LEU E 404 21.48 -113.71 -15.51
CA LEU E 404 22.72 -113.08 -15.09
C LEU E 404 22.95 -113.29 -13.59
N THR E 405 24.23 -113.23 -13.20
CA THR E 405 24.59 -113.42 -11.80
C THR E 405 24.17 -112.20 -10.98
N ALA E 406 24.01 -112.42 -9.67
CA ALA E 406 23.61 -111.34 -8.78
C ALA E 406 24.65 -110.24 -8.71
N ASP E 407 25.94 -110.61 -8.75
CA ASP E 407 26.99 -109.61 -8.73
C ASP E 407 26.95 -108.72 -9.96
N GLN E 408 26.67 -109.31 -11.13
CA GLN E 408 26.53 -108.51 -12.34
C GLN E 408 25.35 -107.55 -12.23
N MET E 409 24.24 -108.01 -11.65
CA MET E 409 23.09 -107.12 -11.44
C MET E 409 23.45 -105.98 -10.50
N LYS E 410 24.18 -106.27 -9.42
CA LYS E 410 24.59 -105.22 -8.50
C LYS E 410 25.49 -104.21 -9.18
N GLN E 411 26.43 -104.68 -10.00
CA GLN E 411 27.30 -103.77 -10.73
C GLN E 411 26.50 -102.91 -11.71
N ILE E 412 25.52 -103.50 -12.38
CA ILE E 412 24.68 -102.74 -13.32
C ILE E 412 23.89 -101.67 -12.57
N GLU E 413 23.32 -102.03 -11.42
CA GLU E 413 22.58 -101.04 -10.63
C GLU E 413 23.49 -99.91 -10.17
N ASP E 414 24.72 -100.23 -9.74
CA ASP E 414 25.65 -99.20 -9.31
C ASP E 414 26.01 -98.27 -10.47
N LEU E 415 26.26 -98.84 -11.65
CA LEU E 415 26.60 -98.01 -12.80
C LEU E 415 25.43 -97.12 -13.21
N THR E 416 24.20 -97.65 -13.18
CA THR E 416 23.04 -96.83 -13.50
C THR E 416 22.85 -95.73 -12.47
N ARG E 417 23.07 -96.04 -11.18
CA ARG E 417 22.97 -95.03 -10.14
C ARG E 417 23.98 -93.90 -10.36
N GLU E 418 25.21 -94.27 -10.75
CA GLU E 418 26.21 -93.25 -11.08
C GLU E 418 25.80 -92.42 -12.29
N ALA E 419 25.28 -93.08 -13.33
CA ALA E 419 24.98 -92.39 -14.57
C ALA E 419 23.81 -91.43 -14.42
N MET E 420 22.80 -91.81 -13.63
CA MET E 420 21.59 -91.00 -13.53
C MET E 420 21.69 -89.88 -12.49
N GLY E 421 22.81 -89.78 -11.77
CA GLY E 421 22.96 -88.73 -10.78
C GLY E 421 22.01 -88.86 -9.61
N PHE E 422 21.90 -90.07 -9.06
CA PHE E 422 20.97 -90.34 -7.97
C PHE E 422 21.24 -89.44 -6.77
N SER E 423 20.17 -88.89 -6.20
CA SER E 423 20.23 -88.09 -4.99
C SER E 423 19.11 -88.52 -4.06
N ASP E 424 19.48 -89.01 -2.88
CA ASP E 424 18.48 -89.49 -1.93
C ASP E 424 17.62 -88.35 -1.41
N LYS E 425 18.21 -87.17 -1.21
CA LYS E 425 17.45 -86.01 -0.75
C LYS E 425 16.40 -85.58 -1.76
N ARG E 426 16.66 -85.80 -3.05
CA ARG E 426 15.73 -85.45 -4.11
C ARG E 426 14.64 -86.50 -4.33
N GLY E 427 14.70 -87.61 -3.60
CA GLY E 427 13.71 -88.67 -3.75
C GLY E 427 13.74 -89.38 -5.08
N ASP E 428 14.92 -89.61 -5.64
CA ASP E 428 15.03 -90.35 -6.89
C ASP E 428 14.73 -91.83 -6.67
N THR E 429 14.29 -92.49 -7.73
CA THR E 429 13.91 -93.90 -7.66
C THR E 429 14.39 -94.62 -8.91
N LEU E 430 15.00 -95.79 -8.71
CA LEU E 430 15.55 -96.60 -9.80
C LEU E 430 15.07 -98.04 -9.67
N ASN E 431 14.75 -98.66 -10.81
CA ASN E 431 14.35 -100.06 -10.83
C ASN E 431 14.96 -100.73 -12.05
N VAL E 432 15.61 -101.88 -11.82
CA VAL E 432 16.27 -102.65 -12.87
C VAL E 432 15.68 -104.06 -12.87
N VAL E 433 15.32 -104.55 -14.06
CA VAL E 433 14.69 -105.85 -14.22
C VAL E 433 15.45 -106.63 -15.29
N ASN E 434 15.74 -107.89 -14.99
CA ASN E 434 16.39 -108.80 -15.93
C ASN E 434 15.37 -109.82 -16.42
N SER E 435 15.15 -109.88 -17.73
CA SER E 435 14.16 -110.75 -18.31
C SER E 435 14.54 -111.03 -19.76
N PRO E 436 14.28 -112.24 -20.26
CA PRO E 436 14.61 -112.54 -21.67
C PRO E 436 13.83 -111.65 -22.62
N PHE E 437 14.50 -111.25 -23.70
CA PHE E 437 13.88 -110.39 -24.70
C PHE E 437 12.97 -111.20 -25.63
N SER E 438 11.99 -110.51 -26.21
CA SER E 438 11.06 -111.14 -27.12
C SER E 438 11.34 -110.74 -28.57
N ASP F 229 -11.25 -71.00 -27.16
CA ASP F 229 -9.92 -70.45 -27.38
C ASP F 229 -8.92 -71.06 -26.40
N LEU F 230 -8.95 -70.58 -25.15
CA LEU F 230 -8.05 -71.11 -24.13
C LEU F 230 -8.39 -72.56 -23.78
N ASN F 231 -9.69 -72.89 -23.80
CA ASN F 231 -10.10 -74.25 -23.43
C ASN F 231 -9.54 -75.28 -24.40
N ASP F 232 -9.55 -74.97 -25.70
CA ASP F 232 -8.98 -75.88 -26.68
C ASP F 232 -7.48 -76.06 -26.47
N ALA F 233 -6.78 -74.97 -26.12
CA ALA F 233 -5.35 -75.07 -25.83
C ALA F 233 -5.09 -75.96 -24.62
N GLN F 234 -5.89 -75.79 -23.56
CA GLN F 234 -5.75 -76.68 -22.42
C GLN F 234 -6.00 -78.12 -22.81
N LEU F 235 -7.02 -78.36 -23.64
CA LEU F 235 -7.33 -79.72 -24.06
C LEU F 235 -6.18 -80.34 -24.85
N LYS F 236 -5.60 -79.61 -25.80
CA LYS F 236 -4.55 -80.25 -26.60
C LYS F 236 -3.26 -80.40 -25.80
N PHE F 237 -2.99 -79.48 -24.87
CA PHE F 237 -1.83 -79.68 -24.00
C PHE F 237 -1.99 -80.92 -23.14
N ALA F 238 -3.19 -81.12 -22.58
CA ALA F 238 -3.44 -82.34 -21.82
C ALA F 238 -3.29 -83.58 -22.71
N ASN F 239 -3.77 -83.48 -23.95
CA ASN F 239 -3.65 -84.61 -24.87
C ASN F 239 -2.19 -84.94 -25.17
N ASP F 240 -1.35 -83.92 -25.37
CA ASP F 240 0.07 -84.17 -25.60
C ASP F 240 0.75 -84.78 -24.38
N VAL F 241 0.41 -84.31 -23.17
CA VAL F 241 1.00 -84.90 -21.97
C VAL F 241 0.60 -86.37 -21.86
N GLU F 242 -0.68 -86.68 -22.09
CA GLU F 242 -1.15 -88.05 -22.01
C GLU F 242 -0.48 -88.92 -23.07
N SER F 243 -0.32 -88.39 -24.28
CA SER F 243 0.32 -89.14 -25.35
C SER F 243 1.78 -89.42 -25.04
N ARG F 244 2.49 -88.44 -24.44
CA ARG F 244 3.87 -88.65 -24.05
C ARG F 244 3.98 -89.76 -23.01
N ILE F 245 3.11 -89.74 -22.00
CA ILE F 245 3.15 -90.77 -20.97
C ILE F 245 2.83 -92.14 -21.57
N GLN F 246 1.83 -92.20 -22.45
CA GLN F 246 1.47 -93.46 -23.09
C GLN F 246 2.61 -93.99 -23.95
N ARG F 247 3.28 -93.11 -24.69
CA ARG F 247 4.41 -93.55 -25.51
C ARG F 247 5.54 -94.08 -24.66
N ARG F 248 5.84 -93.40 -23.54
CA ARG F 248 6.88 -93.89 -22.64
C ARG F 248 6.53 -95.28 -22.09
N ILE F 249 5.28 -95.46 -21.66
CA ILE F 249 4.86 -96.75 -21.11
C ILE F 249 4.95 -97.84 -22.16
N GLU F 250 4.47 -97.56 -23.37
CA GLU F 250 4.52 -98.55 -24.44
C GLU F 250 5.95 -98.90 -24.81
N ALA F 251 6.84 -97.90 -24.87
CA ALA F 251 8.23 -98.16 -25.20
C ALA F 251 8.91 -99.01 -24.14
N ILE F 252 8.64 -98.73 -22.86
CA ILE F 252 9.31 -99.49 -21.80
C ILE F 252 8.76 -100.90 -21.72
N LEU F 253 7.47 -101.09 -21.96
CA LEU F 253 6.86 -102.42 -21.81
C LEU F 253 6.93 -103.27 -23.07
N SER F 254 7.27 -102.67 -24.22
CA SER F 254 7.28 -103.44 -25.47
C SER F 254 8.28 -104.58 -25.49
N PRO F 255 9.55 -104.40 -25.12
CA PRO F 255 10.53 -105.49 -25.34
C PRO F 255 10.20 -106.79 -24.64
N ILE F 256 9.57 -106.75 -23.46
CA ILE F 256 9.39 -107.97 -22.67
C ILE F 256 8.18 -108.77 -23.17
N VAL F 257 6.99 -108.17 -23.08
CA VAL F 257 5.78 -108.92 -23.37
C VAL F 257 5.64 -109.19 -24.87
N GLY F 258 6.10 -108.26 -25.69
CA GLY F 258 5.98 -108.40 -27.12
C GLY F 258 5.71 -107.06 -27.78
N ASN F 259 5.83 -107.06 -29.11
CA ASN F 259 5.67 -105.81 -29.86
C ASN F 259 4.26 -105.26 -29.75
N GLY F 260 3.25 -106.12 -29.87
CA GLY F 260 1.88 -105.65 -29.86
C GLY F 260 0.97 -106.41 -28.90
N ASN F 261 1.51 -106.82 -27.75
CA ASN F 261 0.75 -107.55 -26.75
C ASN F 261 0.49 -106.71 -25.50
N VAL F 262 0.41 -105.39 -25.66
CA VAL F 262 0.22 -104.50 -24.53
C VAL F 262 -0.45 -103.22 -25.03
N HIS F 263 -1.38 -102.70 -24.22
CA HIS F 263 -2.04 -101.43 -24.49
C HIS F 263 -2.18 -100.67 -23.19
N ALA F 264 -2.18 -99.34 -23.28
CA ALA F 264 -2.27 -98.48 -22.10
C ALA F 264 -3.06 -97.22 -22.45
N GLN F 265 -3.70 -96.65 -21.42
CA GLN F 265 -4.42 -95.40 -21.54
C GLN F 265 -4.14 -94.56 -20.31
N VAL F 266 -3.94 -93.26 -20.52
CA VAL F 266 -3.55 -92.33 -19.45
C VAL F 266 -4.50 -91.14 -19.47
N THR F 267 -5.00 -90.77 -18.29
CA THR F 267 -5.79 -89.56 -18.11
C THR F 267 -5.15 -88.71 -17.03
N ALA F 268 -5.12 -87.40 -17.25
CA ALA F 268 -4.42 -86.48 -16.36
C ALA F 268 -5.29 -85.29 -16.02
N GLN F 269 -5.07 -84.74 -14.83
CA GLN F 269 -5.71 -83.51 -14.38
C GLN F 269 -4.66 -82.42 -14.23
N LEU F 270 -4.97 -81.21 -14.69
CA LEU F 270 -4.02 -80.11 -14.72
C LEU F 270 -4.59 -78.91 -13.99
N ASP F 271 -3.70 -78.14 -13.38
CA ASP F 271 -4.07 -76.92 -12.65
C ASP F 271 -3.80 -75.72 -13.54
N PHE F 272 -4.85 -74.95 -13.84
CA PHE F 272 -4.75 -73.79 -14.72
C PHE F 272 -5.06 -72.49 -14.00
N ALA F 273 -5.01 -72.48 -12.66
CA ALA F 273 -5.28 -71.29 -11.88
C ALA F 273 -4.01 -70.46 -11.70
N ASN F 274 -4.19 -69.18 -11.40
CA ASN F 274 -3.09 -68.26 -11.14
C ASN F 274 -2.97 -68.04 -9.65
N LYS F 275 -1.79 -68.29 -9.10
CA LYS F 275 -1.56 -68.18 -7.66
C LYS F 275 -0.30 -67.37 -7.40
N GLU F 276 -0.32 -66.64 -6.28
CA GLU F 276 0.84 -65.90 -5.79
C GLU F 276 0.92 -66.09 -4.29
N GLN F 277 2.14 -65.99 -3.76
CA GLN F 277 2.34 -66.22 -2.33
C GLN F 277 3.48 -65.34 -1.82
N THR F 278 3.29 -64.81 -0.62
CA THR F 278 4.31 -64.03 0.08
C THR F 278 4.38 -64.51 1.53
N GLU F 279 5.58 -64.87 1.98
CA GLU F 279 5.79 -65.41 3.31
C GLU F 279 6.83 -64.59 4.06
N GLU F 280 6.52 -64.25 5.31
CA GLU F 280 7.42 -63.53 6.19
C GLU F 280 7.57 -64.34 7.48
N HIS F 281 8.81 -64.53 7.92
N HIS F 281 8.82 -64.52 7.92
CA HIS F 281 9.10 -65.33 9.10
CA HIS F 281 9.11 -65.34 9.09
C HIS F 281 10.13 -64.62 9.96
C HIS F 281 10.14 -64.62 9.96
N TYR F 282 10.02 -64.83 11.28
CA TYR F 282 10.93 -64.23 12.25
C TYR F 282 11.47 -65.32 13.17
N SER F 283 12.71 -65.11 13.63
CA SER F 283 13.36 -66.04 14.56
C SER F 283 13.04 -65.66 16.00
N PRO F 284 12.55 -66.58 16.82
CA PRO F 284 12.24 -66.23 18.21
C PRO F 284 13.49 -65.90 19.00
N ASN F 285 13.34 -64.98 19.95
CA ASN F 285 14.43 -64.53 20.81
C ASN F 285 14.04 -64.61 22.28
N GLY F 286 13.28 -65.65 22.65
CA GLY F 286 12.86 -65.81 24.03
C GLY F 286 13.97 -66.20 24.98
N ASP F 287 15.06 -66.76 24.46
CA ASP F 287 16.20 -67.15 25.27
C ASP F 287 17.24 -66.05 25.26
N ALA F 288 17.75 -65.69 26.44
CA ALA F 288 18.73 -64.62 26.55
C ALA F 288 20.05 -64.99 25.90
N SER F 289 20.36 -66.28 25.75
CA SER F 289 21.61 -66.70 25.14
C SER F 289 21.61 -66.53 23.62
N LYS F 290 20.44 -66.27 23.02
CA LYS F 290 20.34 -66.11 21.58
C LYS F 290 19.79 -64.74 21.17
N ALA F 291 19.49 -63.86 22.11
CA ALA F 291 18.95 -62.56 21.79
C ALA F 291 20.06 -61.61 21.35
N THR F 292 19.66 -60.56 20.64
CA THR F 292 20.57 -59.52 20.17
C THR F 292 20.04 -58.18 20.64
N LEU F 293 20.75 -57.56 21.59
CA LEU F 293 20.34 -56.30 22.18
C LEU F 293 20.98 -55.12 21.44
N ARG F 294 20.30 -53.99 21.49
CA ARG F 294 20.80 -52.74 20.92
C ARG F 294 21.02 -51.66 21.97
N SER F 295 20.10 -51.53 22.93
CA SER F 295 20.25 -50.57 24.02
C SER F 295 19.48 -51.08 25.23
N ARG F 296 20.13 -51.08 26.38
CA ARG F 296 19.55 -51.61 27.61
C ARG F 296 19.77 -50.64 28.76
N GLN F 297 18.75 -50.46 29.59
CA GLN F 297 18.82 -49.65 30.79
C GLN F 297 18.34 -50.47 31.97
N LEU F 298 19.13 -50.48 33.05
CA LEU F 298 18.81 -51.29 34.22
C LEU F 298 19.07 -50.46 35.48
N ASN F 299 18.02 -50.25 36.27
CA ASN F 299 18.09 -49.49 37.51
C ASN F 299 17.73 -50.41 38.67
N ILE F 300 18.58 -50.44 39.70
CA ILE F 300 18.38 -51.28 40.87
C ILE F 300 18.54 -50.42 42.12
N SER F 301 17.61 -50.60 43.07
CA SER F 301 17.67 -49.91 44.35
C SER F 301 17.30 -50.89 45.46
N GLU F 302 17.83 -50.63 46.65
CA GLU F 302 17.58 -51.51 47.79
C GLU F 302 17.89 -50.76 49.08
N GLN F 303 16.89 -50.68 49.96
CA GLN F 303 17.05 -50.11 51.29
C GLN F 303 16.81 -51.20 52.32
N VAL F 304 17.65 -51.22 53.36
CA VAL F 304 17.51 -52.21 54.42
C VAL F 304 17.48 -51.51 55.78
N PRO F 355 12.18 -54.02 58.03
CA PRO F 355 11.86 -53.13 56.91
C PRO F 355 12.80 -53.33 55.73
N ARG F 356 12.29 -53.91 54.65
CA ARG F 356 13.09 -54.18 53.45
C ARG F 356 12.36 -53.62 52.24
N SER F 357 13.08 -52.86 51.42
CA SER F 357 12.53 -52.28 50.20
C SER F 357 13.41 -52.66 49.01
N THR F 358 12.77 -53.03 47.91
CA THR F 358 13.47 -53.42 46.70
C THR F 358 12.74 -52.86 45.49
N GLN F 359 13.52 -52.34 44.53
CA GLN F 359 12.96 -51.78 43.30
C GLN F 359 13.89 -52.14 42.14
N ARG F 360 13.29 -52.55 41.02
CA ARG F 360 14.05 -52.96 39.85
C ARG F 360 13.33 -52.51 38.59
N ASN F 361 14.02 -51.72 37.77
CA ASN F 361 13.49 -51.24 36.50
C ASN F 361 14.38 -51.71 35.37
N GLU F 362 13.78 -52.04 34.23
CA GLU F 362 14.53 -52.57 33.10
C GLU F 362 13.82 -52.22 31.80
N THR F 363 14.62 -51.84 30.79
CA THR F 363 14.14 -51.55 29.45
C THR F 363 15.10 -52.16 28.44
N SER F 364 14.55 -52.77 27.39
CA SER F 364 15.36 -53.46 26.41
C SER F 364 14.86 -53.16 25.00
N ASN F 365 15.80 -53.16 24.05
CA ASN F 365 15.50 -53.03 22.63
C ASN F 365 16.28 -54.10 21.88
N TYR F 366 15.61 -54.77 20.94
CA TYR F 366 16.15 -55.95 20.30
C TYR F 366 16.30 -55.76 18.80
N GLU F 367 17.19 -56.56 18.22
CA GLU F 367 17.31 -56.72 16.77
C GLU F 367 16.96 -58.15 16.42
N VAL F 368 16.19 -58.34 15.37
CA VAL F 368 15.61 -59.64 15.04
C VAL F 368 16.00 -60.04 13.62
N ASP F 369 16.05 -61.35 13.39
CA ASP F 369 16.31 -61.90 12.07
C ASP F 369 14.99 -62.19 11.37
N ARG F 370 14.88 -61.81 10.10
CA ARG F 370 13.64 -61.99 9.35
C ARG F 370 13.96 -62.56 7.98
N THR F 371 12.98 -63.28 7.43
CA THR F 371 13.09 -63.91 6.12
C THR F 371 11.82 -63.62 5.33
N ILE F 372 11.99 -63.21 4.07
CA ILE F 372 10.89 -62.87 3.18
C ILE F 372 11.03 -63.68 1.89
N ARG F 373 9.95 -64.32 1.47
N ARG F 373 9.95 -64.33 1.48
CA ARG F 373 9.94 -65.14 0.26
CA ARG F 373 9.93 -65.13 0.26
C ARG F 373 8.72 -64.78 -0.59
C ARG F 373 8.73 -64.77 -0.59
N HIS F 374 8.94 -64.66 -1.89
CA HIS F 374 7.89 -64.37 -2.86
C HIS F 374 7.87 -65.47 -3.91
N THR F 375 6.68 -66.00 -4.21
CA THR F 375 6.56 -67.12 -5.13
C THR F 375 5.39 -66.89 -6.08
N LYS F 376 5.62 -67.15 -7.36
CA LYS F 376 4.59 -67.13 -8.39
C LYS F 376 4.55 -68.49 -9.04
N MET F 377 3.42 -69.19 -8.94
CA MET F 377 3.31 -70.57 -9.38
C MET F 377 3.20 -70.64 -10.90
N ASN F 378 3.42 -71.84 -11.43
CA ASN F 378 3.36 -72.10 -12.86
C ASN F 378 1.97 -72.61 -13.24
N VAL F 379 1.52 -72.24 -14.43
CA VAL F 379 0.21 -72.63 -14.93
C VAL F 379 0.37 -73.86 -15.81
N GLY F 380 -0.35 -74.93 -15.48
CA GLY F 380 -0.30 -76.14 -16.28
C GLY F 380 0.45 -77.28 -15.63
N ASP F 381 0.32 -77.43 -14.31
CA ASP F 381 1.00 -78.47 -13.57
C ASP F 381 0.07 -79.65 -13.32
N ILE F 382 0.66 -80.85 -13.29
CA ILE F 382 -0.12 -82.06 -13.10
C ILE F 382 -0.54 -82.19 -11.64
N GLU F 383 -1.77 -82.63 -11.42
CA GLU F 383 -2.32 -82.83 -10.08
C GLU F 383 -2.55 -84.30 -9.73
N ARG F 384 -3.00 -85.12 -10.68
CA ARG F 384 -3.31 -86.51 -10.41
C ARG F 384 -3.17 -87.31 -11.70
N LEU F 385 -2.88 -88.60 -11.55
CA LEU F 385 -2.70 -89.50 -12.68
C LEU F 385 -3.44 -90.80 -12.43
N SER F 386 -4.08 -91.32 -13.49
CA SER F 386 -4.75 -92.61 -13.46
C SER F 386 -4.33 -93.39 -14.70
N VAL F 387 -3.80 -94.59 -14.50
CA VAL F 387 -3.23 -95.37 -15.59
C VAL F 387 -3.86 -96.77 -15.58
N ALA F 388 -4.28 -97.22 -16.76
CA ALA F 388 -4.81 -98.56 -16.96
C ALA F 388 -3.97 -99.28 -18.03
N VAL F 389 -3.54 -100.49 -17.73
CA VAL F 389 -2.71 -101.29 -18.62
C VAL F 389 -3.36 -102.66 -18.80
N VAL F 390 -3.39 -103.13 -20.03
CA VAL F 390 -3.91 -104.46 -20.36
C VAL F 390 -2.84 -105.24 -21.11
N VAL F 391 -2.57 -106.46 -20.65
CA VAL F 391 -1.55 -107.30 -21.26
C VAL F 391 -2.17 -108.60 -21.74
N ASN F 392 -1.56 -109.19 -22.76
CA ASN F 392 -2.06 -110.39 -23.41
C ASN F 392 -1.52 -111.65 -22.73
N TYR F 393 -2.17 -112.77 -23.00
CA TYR F 393 -1.72 -114.05 -22.50
C TYR F 393 -0.49 -114.52 -23.28
N LYS F 394 0.22 -115.49 -22.70
CA LYS F 394 1.40 -116.07 -23.34
C LYS F 394 0.97 -117.28 -24.16
N THR F 395 1.25 -117.23 -25.46
CA THR F 395 0.89 -118.30 -26.38
C THR F 395 2.14 -119.08 -26.78
N LEU F 396 2.06 -120.40 -26.66
CA LEU F 396 3.19 -121.26 -27.01
C LEU F 396 3.07 -121.78 -28.43
N PRO F 401 -2.26 -119.62 -25.01
CA PRO F 401 -3.36 -119.40 -24.07
C PRO F 401 -2.99 -119.77 -22.63
N LEU F 402 -1.82 -119.33 -22.19
CA LEU F 402 -1.34 -119.59 -20.84
C LEU F 402 -1.19 -118.28 -20.08
N PRO F 403 -1.74 -118.18 -18.87
CA PRO F 403 -1.60 -116.93 -18.11
C PRO F 403 -0.17 -116.70 -17.67
N LEU F 404 0.19 -115.43 -17.52
CA LEU F 404 1.53 -115.05 -17.11
C LEU F 404 1.74 -115.32 -15.62
N THR F 405 2.99 -115.51 -15.24
CA THR F 405 3.34 -115.78 -13.85
C THR F 405 3.15 -114.52 -13.01
N ALA F 406 2.97 -114.73 -11.70
CA ALA F 406 2.77 -113.61 -10.78
C ALA F 406 4.00 -112.72 -10.71
N ASP F 407 5.20 -113.32 -10.77
CA ASP F 407 6.42 -112.53 -10.74
C ASP F 407 6.52 -111.62 -11.97
N GLN F 408 6.13 -112.13 -13.14
CA GLN F 408 6.13 -111.30 -14.34
C GLN F 408 5.15 -110.15 -14.20
N MET F 409 3.97 -110.40 -13.61
CA MET F 409 3.02 -109.32 -13.37
C MET F 409 3.58 -108.28 -12.41
N LYS F 410 4.26 -108.72 -11.35
CA LYS F 410 4.86 -107.78 -10.42
C LYS F 410 5.92 -106.93 -11.10
N GLN F 411 6.76 -107.55 -11.94
CA GLN F 411 7.77 -106.80 -12.66
C GLN F 411 7.14 -105.79 -13.62
N ILE F 412 6.05 -106.19 -14.29
CA ILE F 412 5.36 -105.27 -15.20
C ILE F 412 4.78 -104.09 -14.43
N GLU F 413 4.17 -104.36 -13.27
CA GLU F 413 3.64 -103.27 -12.46
C GLU F 413 4.74 -102.33 -11.99
N ASP F 414 5.88 -102.88 -11.58
CA ASP F 414 6.99 -102.03 -11.15
C ASP F 414 7.50 -101.17 -12.30
N LEU F 415 7.64 -101.76 -13.49
CA LEU F 415 8.11 -100.99 -14.64
C LEU F 415 7.13 -99.89 -15.01
N THR F 416 5.82 -100.19 -14.98
CA THR F 416 4.82 -99.16 -15.27
C THR F 416 4.85 -98.05 -14.22
N ARG F 417 5.02 -98.42 -12.94
CA ARG F 417 5.13 -97.44 -11.88
C ARG F 417 6.31 -96.52 -12.10
N GLU F 418 7.45 -97.08 -12.51
CA GLU F 418 8.61 -96.26 -12.83
C GLU F 418 8.35 -95.35 -14.03
N ALA F 419 7.71 -95.89 -15.08
CA ALA F 419 7.53 -95.12 -16.30
C ALA F 419 6.55 -93.97 -16.12
N MET F 420 5.50 -94.17 -15.32
CA MET F 420 4.46 -93.15 -15.19
C MET F 420 4.78 -92.10 -14.14
N GLY F 421 5.90 -92.22 -13.43
CA GLY F 421 6.26 -91.24 -12.42
C GLY F 421 5.31 -91.21 -11.25
N PHE F 422 4.99 -92.38 -10.71
CA PHE F 422 4.03 -92.50 -9.62
C PHE F 422 4.48 -91.68 -8.41
N SER F 423 3.52 -90.95 -7.81
CA SER F 423 3.75 -90.20 -6.59
C SER F 423 2.57 -90.44 -5.66
N ASP F 424 2.86 -91.00 -4.49
CA ASP F 424 1.79 -91.31 -3.53
C ASP F 424 1.16 -90.04 -2.98
N LYS F 425 1.96 -88.99 -2.78
CA LYS F 425 1.43 -87.73 -2.29
C LYS F 425 0.47 -87.08 -3.28
N ARG F 426 0.67 -87.34 -4.57
CA ARG F 426 -0.19 -86.80 -5.62
C ARG F 426 -1.45 -87.63 -5.84
N GLY F 427 -1.59 -88.75 -5.13
CA GLY F 427 -2.76 -89.59 -5.28
C GLY F 427 -2.88 -90.28 -6.63
N ASP F 428 -1.76 -90.72 -7.20
CA ASP F 428 -1.80 -91.44 -8.46
C ASP F 428 -2.36 -92.84 -8.26
N THR F 429 -2.93 -93.40 -9.33
CA THR F 429 -3.56 -94.71 -9.28
C THR F 429 -3.23 -95.49 -10.54
N LEU F 430 -2.85 -96.76 -10.37
CA LEU F 430 -2.46 -97.63 -11.47
C LEU F 430 -3.19 -98.96 -11.36
N ASN F 431 -3.64 -99.48 -12.51
CA ASN F 431 -4.29 -100.79 -12.54
C ASN F 431 -3.82 -101.55 -13.78
N VAL F 432 -3.39 -102.80 -13.58
CA VAL F 432 -2.90 -103.65 -14.65
C VAL F 432 -3.72 -104.93 -14.66
N VAL F 433 -4.18 -105.33 -15.85
CA VAL F 433 -5.04 -106.50 -16.03
C VAL F 433 -4.44 -107.38 -17.11
N ASN F 434 -4.39 -108.68 -16.84
CA ASN F 434 -3.92 -109.68 -17.81
C ASN F 434 -5.12 -110.48 -18.30
N SER F 435 -5.35 -110.47 -19.60
CA SER F 435 -6.50 -111.15 -20.19
C SER F 435 -6.19 -111.46 -21.65
N PRO F 436 -6.66 -112.59 -22.16
CA PRO F 436 -6.41 -112.91 -23.58
C PRO F 436 -7.02 -111.89 -24.50
N PHE F 437 -6.31 -111.60 -25.59
CA PHE F 437 -6.76 -110.62 -26.57
C PHE F 437 -7.81 -111.23 -27.49
N SER F 438 -8.65 -110.37 -28.05
CA SER F 438 -9.70 -110.80 -28.96
C SER F 438 -9.36 -110.44 -30.41
N ASP G 229 -24.29 -67.27 -28.10
CA ASP G 229 -22.89 -66.96 -28.33
C ASP G 229 -22.01 -67.76 -27.37
N LEU G 230 -21.94 -67.31 -26.12
CA LEU G 230 -21.13 -68.01 -25.12
C LEU G 230 -21.73 -69.38 -24.79
N ASN G 231 -23.07 -69.47 -24.80
CA ASN G 231 -23.73 -70.74 -24.45
C ASN G 231 -23.36 -71.83 -25.44
N ASP G 232 -23.33 -71.50 -26.73
CA ASP G 232 -22.95 -72.49 -27.73
C ASP G 232 -21.50 -72.95 -27.54
N ALA G 233 -20.62 -72.01 -27.18
CA ALA G 233 -19.23 -72.37 -26.92
C ALA G 233 -19.12 -73.30 -25.72
N GLN G 234 -19.87 -73.03 -24.65
CA GLN G 234 -19.89 -73.93 -23.52
C GLN G 234 -20.39 -75.30 -23.93
N LEU G 235 -21.45 -75.34 -24.75
CA LEU G 235 -22.01 -76.62 -25.19
C LEU G 235 -21.00 -77.42 -26.00
N LYS G 236 -20.29 -76.79 -26.95
CA LYS G 236 -19.40 -77.59 -27.77
C LYS G 236 -18.15 -77.99 -27.00
N PHE G 237 -17.70 -77.15 -26.05
CA PHE G 237 -16.58 -77.57 -25.20
C PHE G 237 -16.96 -78.78 -24.35
N ALA G 238 -18.17 -78.78 -23.79
CA ALA G 238 -18.64 -79.94 -23.04
C ALA G 238 -18.73 -81.16 -23.95
N ASN G 239 -19.19 -80.97 -25.18
CA ASN G 239 -19.29 -82.07 -26.13
C ASN G 239 -17.92 -82.66 -26.44
N ASP G 240 -16.91 -81.81 -26.64
CA ASP G 240 -15.55 -82.31 -26.89
C ASP G 240 -14.99 -83.06 -25.69
N VAL G 241 -15.23 -82.55 -24.47
CA VAL G 241 -14.75 -83.26 -23.28
C VAL G 241 -15.40 -84.64 -23.19
N GLU G 242 -16.72 -84.69 -23.41
CA GLU G 242 -17.42 -85.97 -23.34
C GLU G 242 -16.95 -86.92 -24.42
N SER G 243 -16.70 -86.41 -25.63
CA SER G 243 -16.22 -87.25 -26.72
C SER G 243 -14.82 -87.78 -26.43
N ARG G 244 -13.95 -86.97 -25.83
CA ARG G 244 -12.63 -87.43 -25.46
C ARG G 244 -12.71 -88.57 -24.43
N ILE G 245 -13.55 -88.39 -23.41
CA ILE G 245 -13.69 -89.44 -22.40
C ILE G 245 -14.26 -90.71 -23.02
N GLN G 246 -15.26 -90.58 -23.89
CA GLN G 246 -15.86 -91.74 -24.54
C GLN G 246 -14.83 -92.46 -25.42
N ARG G 247 -14.02 -91.70 -26.16
CA ARG G 247 -13.01 -92.32 -27.00
C ARG G 247 -11.97 -93.06 -26.17
N ARG G 248 -11.56 -92.47 -25.05
CA ARG G 248 -10.62 -93.17 -24.17
C ARG G 248 -11.20 -94.47 -23.64
N ILE G 249 -12.46 -94.43 -23.19
CA ILE G 249 -13.09 -95.63 -22.65
C ILE G 249 -13.22 -96.70 -23.72
N GLU G 250 -13.66 -96.31 -24.92
CA GLU G 250 -13.80 -97.28 -26.01
C GLU G 250 -12.46 -97.89 -26.40
N ALA G 251 -11.41 -97.06 -26.46
CA ALA G 251 -10.09 -97.56 -26.81
C ALA G 251 -9.56 -98.53 -25.76
N ILE G 252 -9.76 -98.23 -24.48
CA ILE G 252 -9.23 -99.12 -23.45
C ILE G 252 -10.04 -100.41 -23.37
N LEU G 253 -11.35 -100.36 -23.60
CA LEU G 253 -12.18 -101.55 -23.46
C LEU G 253 -12.28 -102.38 -24.74
N SER G 254 -11.85 -101.84 -25.89
CA SER G 254 -11.99 -102.57 -27.15
C SER G 254 -11.22 -103.88 -27.20
N PRO G 255 -9.93 -103.94 -26.84
CA PRO G 255 -9.17 -105.18 -27.09
C PRO G 255 -9.73 -106.42 -26.40
N ILE G 256 -10.32 -106.28 -25.22
CA ILE G 256 -10.72 -107.45 -24.44
C ILE G 256 -12.05 -108.01 -24.93
N VAL G 257 -13.11 -107.21 -24.82
CA VAL G 257 -14.45 -107.72 -25.11
C VAL G 257 -14.65 -107.92 -26.61
N GLY G 258 -14.03 -107.09 -27.42
CA GLY G 258 -14.19 -107.18 -28.86
C GLY G 258 -14.21 -105.80 -29.49
N ASN G 259 -14.11 -105.79 -30.82
CA ASN G 259 -14.05 -104.54 -31.55
C ASN G 259 -15.33 -103.74 -31.42
N GLY G 260 -16.48 -104.39 -31.53
CA GLY G 260 -17.75 -103.69 -31.50
C GLY G 260 -18.76 -104.28 -30.54
N ASN G 261 -18.30 -104.80 -29.41
CA ASN G 261 -19.17 -105.40 -28.40
C ASN G 261 -19.26 -104.55 -27.14
N VAL G 262 -19.10 -103.23 -27.28
CA VAL G 262 -19.12 -102.33 -26.13
C VAL G 262 -19.54 -100.95 -26.60
N HIS G 263 -20.36 -100.28 -25.78
CA HIS G 263 -20.77 -98.91 -26.02
C HIS G 263 -20.75 -98.16 -24.70
N ALA G 264 -20.51 -96.85 -24.77
CA ALA G 264 -20.45 -96.01 -23.58
C ALA G 264 -20.99 -94.63 -23.90
N GLN G 265 -21.50 -93.97 -22.86
CA GLN G 265 -21.98 -92.60 -22.95
C GLN G 265 -21.54 -91.84 -21.71
N VAL G 266 -21.11 -90.60 -21.90
CA VAL G 266 -20.55 -89.78 -20.83
C VAL G 266 -21.27 -88.43 -20.81
N THR G 267 -21.68 -88.00 -19.62
CA THR G 267 -22.23 -86.67 -19.41
C THR G 267 -21.44 -85.96 -18.32
N ALA G 268 -21.17 -84.67 -18.52
CA ALA G 268 -20.30 -83.92 -17.64
C ALA G 268 -20.95 -82.59 -17.26
N GLN G 269 -20.62 -82.12 -16.07
CA GLN G 269 -21.01 -80.79 -15.59
C GLN G 269 -19.77 -79.93 -15.44
N LEU G 270 -19.87 -78.68 -15.88
CA LEU G 270 -18.74 -77.77 -15.90
C LEU G 270 -19.08 -76.49 -15.14
N ASP G 271 -18.04 -75.90 -14.53
CA ASP G 271 -18.18 -74.65 -13.78
C ASP G 271 -17.71 -73.50 -14.66
N PHE G 272 -18.60 -72.56 -14.93
CA PHE G 272 -18.30 -71.42 -15.79
C PHE G 272 -18.35 -70.09 -15.04
N ALA G 273 -18.30 -70.12 -13.71
CA ALA G 273 -18.33 -68.91 -12.91
C ALA G 273 -16.93 -68.33 -12.73
N ASN G 274 -16.87 -67.05 -12.41
CA ASN G 274 -15.62 -66.34 -12.15
C ASN G 274 -15.45 -66.17 -10.66
N LYS G 275 -14.33 -66.64 -10.12
CA LYS G 275 -14.06 -66.60 -8.69
C LYS G 275 -12.67 -66.04 -8.43
N GLU G 276 -12.55 -65.34 -7.30
CA GLU G 276 -11.28 -64.83 -6.81
C GLU G 276 -11.21 -65.07 -5.31
N GLN G 277 -9.99 -65.20 -4.80
CA GLN G 277 -9.82 -65.49 -3.37
C GLN G 277 -8.54 -64.84 -2.87
N THR G 278 -8.62 -64.30 -1.66
CA THR G 278 -7.46 -63.74 -0.96
C THR G 278 -7.46 -64.24 0.48
N GLU G 279 -6.36 -64.82 0.91
CA GLU G 279 -6.24 -65.41 2.23
C GLU G 279 -5.06 -64.81 2.98
N GLU G 280 -5.30 -64.44 4.24
CA GLU G 280 -4.26 -63.93 5.12
C GLU G 280 -4.25 -64.77 6.39
N HIS G 281 -3.05 -65.18 6.82
N HIS G 281 -3.05 -65.18 6.82
CA HIS G 281 -2.90 -66.04 7.99
CA HIS G 281 -2.90 -66.05 7.97
C HIS G 281 -1.75 -65.55 8.84
C HIS G 281 -1.75 -65.56 8.84
N TYR G 282 -1.88 -65.75 10.16
CA TYR G 282 -0.88 -65.35 11.12
C TYR G 282 -0.53 -66.53 12.02
N SER G 283 0.73 -66.56 12.47
CA SER G 283 1.20 -67.61 13.38
C SER G 283 0.97 -67.21 14.82
N PRO G 284 0.33 -68.03 15.64
CA PRO G 284 0.09 -67.67 17.04
C PRO G 284 1.39 -67.58 17.81
N ASN G 285 1.42 -66.66 18.79
CA ASN G 285 2.58 -66.43 19.64
C ASN G 285 2.20 -66.47 21.11
N GLY G 286 1.27 -67.36 21.47
CA GLY G 286 0.84 -67.46 22.85
C GLY G 286 1.87 -68.06 23.78
N ASP G 287 2.83 -68.81 23.24
CA ASP G 287 3.89 -69.41 24.03
C ASP G 287 5.12 -68.51 24.03
N ALA G 288 5.68 -68.27 25.21
CA ALA G 288 6.85 -67.41 25.31
C ALA G 288 8.09 -68.00 24.64
N SER G 289 8.14 -69.32 24.47
CA SER G 289 9.29 -69.94 23.84
C SER G 289 9.30 -69.75 22.32
N LYS G 290 8.20 -69.28 21.74
CA LYS G 290 8.12 -69.08 20.31
C LYS G 290 7.82 -67.63 19.93
N ALA G 291 7.70 -66.73 20.88
CA ALA G 291 7.40 -65.34 20.59
C ALA G 291 8.67 -64.59 20.15
N THR G 292 8.46 -63.48 19.46
CA THR G 292 9.53 -62.61 18.99
C THR G 292 9.27 -61.21 19.49
N LEU G 293 10.08 -60.75 20.44
CA LEU G 293 9.91 -59.44 21.06
C LEU G 293 10.75 -58.39 20.33
N ARG G 294 10.29 -57.15 20.40
CA ARG G 294 11.01 -56.01 19.85
C ARG G 294 11.43 -55.00 20.91
N SER G 295 10.56 -54.73 21.89
CA SER G 295 10.89 -53.82 22.99
C SER G 295 10.06 -54.21 24.20
N ARG G 296 10.70 -54.34 25.34
CA ARG G 296 10.05 -54.78 26.57
C ARG G 296 10.46 -53.90 27.73
N GLN G 297 9.49 -53.54 28.57
CA GLN G 297 9.72 -52.77 29.78
C GLN G 297 9.11 -53.52 30.96
N LEU G 298 9.89 -53.70 32.03
CA LEU G 298 9.44 -54.45 33.19
C LEU G 298 9.85 -53.70 34.46
N ASN G 299 8.86 -53.32 35.27
CA ASN G 299 9.10 -52.62 36.52
C ASN G 299 8.58 -53.47 37.67
N ILE G 300 9.42 -53.66 38.69
CA ILE G 300 9.08 -54.47 39.84
C ILE G 300 9.40 -53.69 41.11
N SER G 301 8.47 -53.71 42.07
CA SER G 301 8.66 -53.06 43.35
C SER G 301 8.13 -53.97 44.46
N GLU G 302 8.72 -53.84 45.64
CA GLU G 302 8.31 -54.67 46.77
C GLU G 302 8.77 -54.01 48.07
N GLN G 303 7.80 -53.77 48.96
CA GLN G 303 8.10 -53.27 50.30
C GLN G 303 7.67 -54.31 51.31
N VAL G 304 8.49 -54.50 52.34
CA VAL G 304 8.19 -55.46 53.39
C VAL G 304 8.30 -54.80 54.76
N PRO G 355 2.64 -56.34 57.04
CA PRO G 355 2.48 -55.38 55.93
C PRO G 355 3.36 -55.72 54.74
N ARG G 356 2.74 -56.20 53.66
CA ARG G 356 3.46 -56.58 52.44
C ARG G 356 2.83 -55.87 51.25
N SER G 357 3.68 -55.25 50.44
CA SER G 357 3.24 -54.55 49.23
C SER G 357 4.02 -55.07 48.02
N THR G 358 3.31 -55.29 46.92
CA THR G 358 3.92 -55.79 45.70
C THR G 358 3.30 -55.09 44.51
N GLN G 359 4.15 -54.70 43.55
CA GLN G 359 3.69 -54.03 42.33
C GLN G 359 4.51 -54.52 41.16
N ARG G 360 3.85 -54.81 40.04
CA ARG G 360 4.52 -55.32 38.85
C ARG G 360 3.87 -54.72 37.61
N ASN G 361 4.68 -54.06 36.79
CA ASN G 361 4.24 -53.47 35.54
C ASN G 361 5.02 -54.08 34.38
N GLU G 362 4.35 -54.26 33.25
CA GLU G 362 4.99 -54.91 32.11
C GLU G 362 4.35 -54.41 30.81
N THR G 363 5.19 -54.17 29.81
CA THR G 363 4.76 -53.77 28.48
C THR G 363 5.57 -54.53 27.45
N SER G 364 4.92 -55.01 26.39
CA SER G 364 5.58 -55.82 25.39
C SER G 364 5.13 -55.41 24.00
N ASN G 365 6.04 -55.56 23.03
CA ASN G 365 5.76 -55.36 21.62
C ASN G 365 6.33 -56.52 20.84
N TYR G 366 5.53 -57.05 19.90
CA TYR G 366 5.85 -58.30 19.24
C TYR G 366 6.01 -58.11 17.74
N GLU G 367 6.74 -59.05 17.13
CA GLU G 367 6.81 -59.20 15.68
C GLU G 367 6.21 -60.55 15.32
N VAL G 368 5.39 -60.57 14.27
CA VAL G 368 4.60 -61.74 13.92
C VAL G 368 4.88 -62.18 12.49
N ASP G 369 4.69 -63.47 12.24
CA ASP G 369 4.82 -64.03 10.91
C ASP G 369 3.47 -64.08 10.22
N ARG G 370 3.43 -63.65 8.97
CA ARG G 370 2.18 -63.59 8.23
C ARG G 370 2.36 -64.18 6.84
N THR G 371 1.26 -64.70 6.30
CA THR G 371 1.24 -65.31 4.97
C THR G 371 0.05 -64.80 4.20
N ILE G 372 0.27 -64.40 2.95
CA ILE G 372 -0.76 -63.85 2.07
C ILE G 372 -0.77 -64.64 0.78
N ARG G 373 -1.96 -65.07 0.35
N ARG G 373 -1.96 -65.08 0.36
CA ARG G 373 -2.13 -65.85 -0.87
CA ARG G 373 -2.13 -65.85 -0.87
C ARG G 373 -3.26 -65.27 -1.70
C ARG G 373 -3.27 -65.26 -1.70
N HIS G 374 -3.05 -65.16 -3.00
CA HIS G 374 -4.05 -64.67 -3.94
C HIS G 374 -4.26 -65.72 -5.01
N THR G 375 -5.53 -66.02 -5.30
CA THR G 375 -5.86 -67.09 -6.24
C THR G 375 -6.98 -66.62 -7.17
N LYS G 376 -6.81 -66.90 -8.46
CA LYS G 376 -7.85 -66.68 -9.47
C LYS G 376 -8.13 -68.01 -10.15
N MET G 377 -9.37 -68.48 -10.04
CA MET G 377 -9.72 -69.81 -10.50
C MET G 377 -9.87 -69.83 -12.03
N ASN G 378 -9.88 -71.04 -12.57
CA ASN G 378 -10.00 -71.27 -14.00
C ASN G 378 -11.46 -71.51 -14.38
N VAL G 379 -11.84 -71.04 -15.55
CA VAL G 379 -13.21 -71.18 -16.05
C VAL G 379 -13.29 -72.39 -16.95
N GLY G 380 -14.18 -73.32 -16.62
CA GLY G 380 -14.37 -74.51 -17.45
C GLY G 380 -13.83 -75.78 -16.82
N ASP G 381 -13.98 -75.92 -15.50
CA ASP G 381 -13.48 -77.09 -14.79
C ASP G 381 -14.61 -78.09 -14.54
N ILE G 382 -14.26 -79.37 -14.54
CA ILE G 382 -15.24 -80.43 -14.36
C ILE G 382 -15.66 -80.49 -12.89
N GLU G 383 -16.95 -80.71 -12.67
CA GLU G 383 -17.51 -80.84 -11.33
C GLU G 383 -18.01 -82.24 -10.99
N ARG G 384 -18.61 -82.94 -11.95
CA ARG G 384 -19.17 -84.26 -11.70
C ARG G 384 -19.18 -85.04 -13.00
N LEU G 385 -19.14 -86.37 -12.87
CA LEU G 385 -19.12 -87.27 -14.02
C LEU G 385 -20.10 -88.43 -13.78
N SER G 386 -20.83 -88.78 -14.84
CA SER G 386 -21.73 -89.93 -14.82
C SER G 386 -21.47 -90.75 -16.08
N VAL G 387 -21.16 -92.03 -15.90
CA VAL G 387 -20.75 -92.90 -17.02
C VAL G 387 -21.63 -94.15 -17.02
N ALA G 388 -22.13 -94.50 -18.20
CA ALA G 388 -22.90 -95.72 -18.41
C ALA G 388 -22.22 -96.56 -19.50
N VAL G 389 -22.02 -97.83 -19.22
CA VAL G 389 -21.36 -98.75 -20.14
C VAL G 389 -22.24 -99.98 -20.33
N VAL G 390 -22.37 -100.42 -21.57
CA VAL G 390 -23.14 -101.61 -21.92
C VAL G 390 -22.22 -102.57 -22.68
N VAL G 391 -22.18 -103.82 -22.25
CA VAL G 391 -21.33 -104.83 -22.89
C VAL G 391 -22.19 -105.98 -23.38
N ASN G 392 -21.71 -106.66 -24.41
CA ASN G 392 -22.43 -107.73 -25.07
C ASN G 392 -22.12 -109.08 -24.42
N TYR G 393 -22.97 -110.06 -24.70
CA TYR G 393 -22.75 -111.42 -24.23
C TYR G 393 -21.64 -112.08 -25.03
N LYS G 394 -21.11 -113.18 -24.48
CA LYS G 394 -20.07 -113.95 -25.13
C LYS G 394 -20.71 -115.05 -25.97
N THR G 395 -20.44 -115.02 -27.27
CA THR G 395 -21.00 -116.00 -28.21
C THR G 395 -19.91 -116.99 -28.63
N LEU G 396 -20.22 -118.28 -28.53
CA LEU G 396 -19.28 -119.32 -28.91
C LEU G 396 -19.51 -119.78 -30.34
N PRO G 401 -24.32 -116.74 -26.82
CA PRO G 401 -25.36 -116.35 -25.86
C PRO G 401 -25.05 -116.80 -24.43
N LEU G 402 -23.81 -116.58 -24.00
CA LEU G 402 -23.38 -116.95 -22.66
C LEU G 402 -22.98 -115.72 -21.88
N PRO G 403 -23.49 -115.53 -20.67
CA PRO G 403 -23.12 -114.34 -19.89
C PRO G 403 -21.66 -114.39 -19.46
N LEU G 404 -21.08 -113.20 -19.29
CA LEU G 404 -19.68 -113.09 -18.89
C LEU G 404 -19.52 -113.41 -17.41
N THR G 405 -18.32 -113.83 -17.05
CA THR G 405 -18.01 -114.18 -15.67
C THR G 405 -17.96 -112.93 -14.80
N ALA G 406 -18.16 -113.12 -13.50
CA ALA G 406 -18.15 -112.01 -12.56
C ALA G 406 -16.76 -111.35 -12.49
N ASP G 407 -15.70 -112.16 -12.58
CA ASP G 407 -14.35 -111.60 -12.55
C ASP G 407 -14.09 -110.71 -13.76
N GLN G 408 -14.59 -111.12 -14.94
CA GLN G 408 -14.46 -110.28 -16.12
C GLN G 408 -15.20 -108.97 -15.95
N MET G 409 -16.40 -109.02 -15.36
CA MET G 409 -17.14 -107.79 -15.09
C MET G 409 -16.39 -106.88 -14.12
N LYS G 410 -15.79 -107.46 -13.08
CA LYS G 410 -15.02 -106.66 -12.14
C LYS G 410 -13.83 -106.01 -12.81
N GLN G 411 -13.13 -106.76 -13.67
CA GLN G 411 -12.00 -106.18 -14.40
C GLN G 411 -12.45 -105.07 -15.33
N ILE G 412 -13.59 -105.24 -16.00
CA ILE G 412 -14.12 -104.20 -16.89
C ILE G 412 -14.46 -102.95 -16.09
N GLU G 413 -15.10 -103.12 -14.93
CA GLU G 413 -15.42 -101.96 -14.09
C GLU G 413 -14.16 -101.25 -13.63
N ASP G 414 -13.13 -102.01 -13.24
CA ASP G 414 -11.88 -101.39 -12.81
C ASP G 414 -11.23 -100.61 -13.95
N LEU G 415 -11.22 -101.19 -15.15
CA LEU G 415 -10.62 -100.49 -16.29
C LEU G 415 -11.39 -99.23 -16.64
N THR G 416 -12.73 -99.29 -16.59
CA THR G 416 -13.52 -98.09 -16.85
C THR G 416 -13.29 -97.03 -15.79
N ARG G 417 -13.17 -97.45 -14.52
CA ARG G 417 -12.88 -96.51 -13.44
C ARG G 417 -11.55 -95.82 -13.66
N GLU G 418 -10.54 -96.58 -14.10
CA GLU G 418 -9.24 -95.98 -14.42
C GLU G 418 -9.35 -95.02 -15.60
N ALA G 419 -10.09 -95.41 -16.64
CA ALA G 419 -10.13 -94.60 -17.86
C ALA G 419 -10.88 -93.29 -17.64
N MET G 420 -11.94 -93.31 -16.83
CA MET G 420 -12.78 -92.13 -16.68
C MET G 420 -12.27 -91.17 -15.61
N GLY G 421 -11.18 -91.50 -14.92
CA GLY G 421 -10.64 -90.62 -13.90
C GLY G 421 -11.56 -90.43 -12.72
N PHE G 422 -12.09 -91.54 -12.20
CA PHE G 422 -13.04 -91.49 -11.09
C PHE G 422 -12.44 -90.80 -9.87
N SER G 423 -13.24 -89.92 -9.25
CA SER G 423 -12.87 -89.23 -8.02
C SER G 423 -14.05 -89.28 -7.08
N ASP G 424 -13.86 -89.90 -5.92
CA ASP G 424 -14.96 -90.03 -4.96
C ASP G 424 -15.34 -88.67 -4.38
N LYS G 425 -14.36 -87.79 -4.17
CA LYS G 425 -14.65 -86.46 -3.65
C LYS G 425 -15.49 -85.63 -4.62
N ARG G 426 -15.35 -85.89 -5.92
CA ARG G 426 -16.10 -85.19 -6.95
C ARG G 426 -17.50 -85.78 -7.17
N GLY G 427 -17.84 -86.86 -6.48
CA GLY G 427 -19.14 -87.48 -6.62
C GLY G 427 -19.40 -88.11 -7.98
N ASP G 428 -18.39 -88.73 -8.57
CA ASP G 428 -18.57 -89.42 -9.84
C ASP G 428 -19.38 -90.69 -9.66
N THR G 429 -20.04 -91.11 -10.73
CA THR G 429 -20.90 -92.30 -10.69
C THR G 429 -20.73 -93.10 -11.97
N LEU G 430 -20.58 -94.41 -11.82
CA LEU G 430 -20.38 -95.33 -12.94
C LEU G 430 -21.34 -96.50 -12.84
N ASN G 431 -21.87 -96.92 -13.99
CA ASN G 431 -22.76 -98.08 -14.04
C ASN G 431 -22.45 -98.89 -15.29
N VAL G 432 -22.25 -100.20 -15.11
CA VAL G 432 -21.93 -101.11 -16.20
C VAL G 432 -22.98 -102.21 -16.22
N VAL G 433 -23.51 -102.50 -17.42
CA VAL G 433 -24.57 -103.49 -17.60
C VAL G 433 -24.16 -104.45 -18.71
N ASN G 434 -24.34 -105.74 -18.46
CA ASN G 434 -24.07 -106.79 -19.44
C ASN G 434 -25.40 -107.35 -19.93
N SER G 435 -25.63 -107.28 -21.23
CA SER G 435 -26.90 -107.71 -21.81
C SER G 435 -26.66 -108.06 -23.28
N PRO G 436 -27.34 -109.08 -23.80
CA PRO G 436 -27.17 -109.42 -25.23
C PRO G 436 -27.58 -108.28 -26.13
N PHE G 437 -26.84 -108.11 -27.22
CA PHE G 437 -27.12 -107.05 -28.18
C PHE G 437 -28.26 -107.44 -29.10
N SER G 438 -28.95 -106.42 -29.63
CA SER G 438 -30.06 -106.64 -30.54
C SER G 438 -29.66 -106.32 -31.98
N ASP H 229 -36.45 -61.20 -28.83
CA ASP H 229 -35.01 -61.15 -29.07
C ASP H 229 -34.28 -62.12 -28.14
N LEU H 230 -34.11 -61.71 -26.88
CA LEU H 230 -33.45 -62.56 -25.90
C LEU H 230 -34.28 -63.80 -25.58
N ASN H 231 -35.61 -63.66 -25.57
CA ASN H 231 -36.48 -64.78 -25.23
C ASN H 231 -36.34 -65.91 -26.25
N ASP H 232 -36.26 -65.56 -27.53
CA ASP H 232 -36.07 -66.59 -28.55
C ASP H 232 -34.73 -67.30 -28.39
N ALA H 233 -33.69 -66.54 -28.03
CA ALA H 233 -32.38 -67.17 -27.79
C ALA H 233 -32.44 -68.12 -26.60
N GLN H 234 -33.12 -67.73 -25.52
CA GLN H 234 -33.29 -68.64 -24.40
C GLN H 234 -34.04 -69.89 -24.83
N LEU H 235 -35.09 -69.71 -25.64
CA LEU H 235 -35.88 -70.86 -26.09
C LEU H 235 -35.04 -71.82 -26.92
N LYS H 236 -34.24 -71.31 -27.87
CA LYS H 236 -33.51 -72.25 -28.71
C LYS H 236 -32.35 -72.88 -27.96
N PHE H 237 -31.75 -72.16 -27.01
CA PHE H 237 -30.72 -72.79 -26.18
C PHE H 237 -31.31 -73.92 -25.35
N ALA H 238 -32.49 -73.70 -24.77
CA ALA H 238 -33.16 -74.78 -24.04
C ALA H 238 -33.48 -75.95 -24.96
N ASN H 239 -33.90 -75.65 -26.19
CA ASN H 239 -34.21 -76.70 -27.14
C ASN H 239 -32.97 -77.53 -27.48
N ASP H 240 -31.82 -76.87 -27.68
CA ASP H 240 -30.60 -77.61 -27.96
C ASP H 240 -30.16 -78.46 -26.77
N VAL H 241 -30.29 -77.94 -25.55
CA VAL H 241 -29.94 -78.75 -24.38
C VAL H 241 -30.83 -79.99 -24.30
N GLU H 242 -32.14 -79.80 -24.50
CA GLU H 242 -33.07 -80.92 -24.44
C GLU H 242 -32.77 -81.93 -25.54
N SER H 243 -32.45 -81.45 -26.74
CA SER H 243 -32.14 -82.34 -27.86
C SER H 243 -30.87 -83.13 -27.59
N ARG H 244 -29.86 -82.49 -26.99
CA ARG H 244 -28.64 -83.21 -26.64
C ARG H 244 -28.91 -84.31 -25.63
N ILE H 245 -29.71 -84.01 -24.60
CA ILE H 245 -30.02 -85.03 -23.60
C ILE H 245 -30.82 -86.17 -24.24
N GLN H 246 -31.78 -85.84 -25.09
CA GLN H 246 -32.59 -86.85 -25.75
C GLN H 246 -31.73 -87.74 -26.65
N ARG H 247 -30.80 -87.13 -27.39
CA ARG H 247 -29.92 -87.90 -28.25
C ARG H 247 -29.03 -88.85 -27.44
N ARG H 248 -28.50 -88.36 -26.32
CA ARG H 248 -27.69 -89.23 -25.47
C ARG H 248 -28.50 -90.41 -24.94
N ILE H 249 -29.73 -90.14 -24.49
CA ILE H 249 -30.57 -91.22 -23.95
C ILE H 249 -30.90 -92.23 -25.04
N GLU H 250 -31.27 -91.75 -26.23
CA GLU H 250 -31.59 -92.66 -27.33
C GLU H 250 -30.38 -93.49 -27.74
N ALA H 251 -29.21 -92.87 -27.80
CA ALA H 251 -28.00 -93.60 -28.18
C ALA H 251 -27.66 -94.67 -27.16
N ILE H 252 -27.78 -94.35 -25.86
CA ILE H 252 -27.42 -95.34 -24.85
C ILE H 252 -28.44 -96.47 -24.79
N LEU H 253 -29.72 -96.17 -25.00
CA LEU H 253 -30.76 -97.19 -24.87
C LEU H 253 -31.02 -97.97 -26.16
N SER H 254 -30.51 -97.50 -27.30
CA SER H 254 -30.80 -98.17 -28.57
C SER H 254 -30.28 -99.60 -28.65
N PRO H 255 -29.01 -99.90 -28.31
CA PRO H 255 -28.49 -101.25 -28.59
C PRO H 255 -29.26 -102.38 -27.91
N ILE H 256 -29.82 -102.15 -26.72
CA ILE H 256 -30.41 -103.25 -25.95
C ILE H 256 -31.83 -103.54 -26.44
N VAL H 257 -32.73 -102.56 -26.30
CA VAL H 257 -34.13 -102.82 -26.58
C VAL H 257 -34.38 -102.96 -28.08
N GLY H 258 -33.63 -102.24 -28.89
CA GLY H 258 -33.81 -102.27 -30.32
C GLY H 258 -33.59 -100.90 -30.94
N ASN H 259 -33.50 -100.89 -32.27
CA ASN H 259 -33.21 -99.65 -32.98
C ASN H 259 -34.34 -98.63 -32.82
N GLY H 260 -35.58 -99.07 -32.93
CA GLY H 260 -36.69 -98.13 -32.87
C GLY H 260 -37.80 -98.55 -31.91
N ASN H 261 -37.43 -99.17 -30.78
CA ASN H 261 -38.38 -99.62 -29.78
C ASN H 261 -38.30 -98.78 -28.51
N VAL H 262 -37.90 -97.52 -28.63
CA VAL H 262 -37.75 -96.66 -27.47
C VAL H 262 -37.92 -95.21 -27.91
N HIS H 263 -38.58 -94.42 -27.06
CA HIS H 263 -38.75 -92.98 -27.27
C HIS H 263 -38.58 -92.27 -25.95
N ALA H 264 -38.11 -91.03 -26.00
CA ALA H 264 -37.87 -90.24 -24.80
C ALA H 264 -38.16 -88.77 -25.09
N GLN H 265 -38.53 -88.05 -24.03
CA GLN H 265 -38.76 -86.61 -24.10
C GLN H 265 -38.17 -85.97 -22.85
N VAL H 266 -37.52 -84.82 -23.03
CA VAL H 266 -36.82 -84.14 -21.95
C VAL H 266 -37.27 -82.69 -21.90
N THR H 267 -37.58 -82.20 -20.70
CA THR H 267 -37.88 -80.80 -20.46
C THR H 267 -36.96 -80.28 -19.37
N ALA H 268 -36.47 -79.05 -19.56
CA ALA H 268 -35.46 -78.48 -18.67
C ALA H 268 -35.85 -77.06 -18.27
N GLN H 269 -35.43 -76.68 -17.07
CA GLN H 269 -35.57 -75.32 -16.57
C GLN H 269 -34.20 -74.70 -16.42
N LEU H 270 -34.06 -73.44 -16.84
CA LEU H 270 -32.78 -72.75 -16.86
C LEU H 270 -32.87 -71.44 -16.08
N ASP H 271 -31.76 -71.07 -15.47
CA ASP H 271 -31.65 -69.83 -14.70
C ASP H 271 -30.98 -68.77 -15.57
N PHE H 272 -31.69 -67.66 -15.81
CA PHE H 272 -31.20 -66.59 -16.66
C PHE H 272 -30.99 -65.29 -15.89
N ALA H 273 -30.93 -65.35 -14.56
CA ALA H 273 -30.74 -64.16 -13.74
C ALA H 273 -29.25 -63.86 -13.57
N ASN H 274 -28.96 -62.61 -13.23
CA ASN H 274 -27.60 -62.16 -12.98
C ASN H 274 -27.39 -62.04 -11.48
N LYS H 275 -26.36 -62.73 -10.97
CA LYS H 275 -26.08 -62.76 -9.54
C LYS H 275 -24.61 -62.46 -9.29
N GLU H 276 -24.35 -61.81 -8.15
CA GLU H 276 -23.00 -61.55 -7.67
C GLU H 276 -22.96 -61.83 -6.17
N GLN H 277 -21.78 -62.18 -5.68
CA GLN H 277 -21.66 -62.52 -4.26
C GLN H 277 -20.27 -62.13 -3.76
N THR H 278 -20.24 -61.60 -2.54
CA THR H 278 -18.99 -61.28 -1.84
C THR H 278 -19.08 -61.80 -0.41
N GLU H 279 -18.08 -62.58 -0.01
CA GLU H 279 -18.07 -63.20 1.30
C GLU H 279 -16.79 -62.83 2.04
N GLU H 280 -16.94 -62.45 3.31
CA GLU H 280 -15.83 -62.15 4.19
C GLU H 280 -15.95 -63.00 5.45
N HIS H 281 -14.85 -63.64 5.85
N HIS H 281 -14.85 -63.63 5.85
CA HIS H 281 -14.86 -64.53 7.00
CA HIS H 281 -14.85 -64.53 6.99
C HIS H 281 -13.62 -64.26 7.85
C HIS H 281 -13.62 -64.28 7.85
N TYR H 282 -13.78 -64.48 9.17
CA TYR H 282 -12.71 -64.28 10.13
C TYR H 282 -12.58 -65.52 11.00
N SER H 283 -11.34 -65.78 11.44
CA SER H 283 -11.06 -66.91 12.32
C SER H 283 -11.18 -66.49 13.77
N PRO H 284 -11.97 -67.21 14.59
CA PRO H 284 -12.11 -66.83 15.99
C PRO H 284 -10.81 -66.99 16.75
N ASN H 285 -10.61 -66.11 17.74
CA ASN H 285 -9.42 -66.12 18.58
C ASN H 285 -9.79 -66.11 20.06
N GLY H 286 -10.86 -66.82 20.41
CA GLY H 286 -11.29 -66.87 21.80
C GLY H 286 -10.38 -67.67 22.71
N ASP H 287 -9.58 -68.56 22.14
CA ASP H 287 -8.64 -69.37 22.91
C ASP H 287 -7.27 -68.70 22.90
N ALA H 288 -6.65 -68.59 24.08
CA ALA H 288 -5.35 -67.96 24.19
C ALA H 288 -4.25 -68.75 23.49
N SER H 289 -4.44 -70.05 23.30
CA SER H 289 -3.42 -70.87 22.65
C SER H 289 -3.40 -70.66 21.13
N LYS H 290 -4.39 -69.98 20.57
CA LYS H 290 -4.45 -69.74 19.14
C LYS H 290 -4.48 -68.25 18.78
N ALA H 291 -4.44 -67.36 19.76
CA ALA H 291 -4.47 -65.93 19.49
C ALA H 291 -3.10 -65.42 19.05
N THR H 292 -3.11 -64.29 18.37
CA THR H 292 -1.90 -63.63 17.91
C THR H 292 -1.89 -62.19 18.43
N LEU H 293 -1.00 -61.92 19.38
CA LEU H 293 -0.92 -60.61 20.01
C LEU H 293 0.09 -59.72 19.29
N ARG H 294 -0.14 -58.41 19.39
CA ARG H 294 0.78 -57.42 18.85
C ARG H 294 1.37 -56.52 19.92
N SER H 295 0.59 -56.11 20.91
CA SER H 295 1.09 -55.30 22.02
C SER H 295 0.20 -55.55 23.23
N ARG H 296 0.83 -55.82 24.37
CA ARG H 296 0.12 -56.15 25.59
C ARG H 296 0.69 -55.37 26.77
N GLN H 297 -0.19 -54.86 27.62
CA GLN H 297 0.20 -54.17 28.85
C GLN H 297 -0.54 -54.81 30.02
N LEU H 298 0.21 -55.15 31.07
CA LEU H 298 -0.36 -55.83 32.23
C LEU H 298 0.20 -55.19 33.50
N ASN H 299 -0.70 -54.65 34.33
CA ASN H 299 -0.33 -54.01 35.59
C ASN H 299 -0.98 -54.78 36.73
N ILE H 300 -0.19 -55.15 37.74
CA ILE H 300 -0.65 -55.90 38.89
C ILE H 300 -0.18 -55.21 40.16
N SER H 301 -1.09 -55.08 41.13
CA SER H 301 -0.78 -54.50 42.42
C SER H 301 -1.45 -55.32 43.52
N GLU H 302 -0.84 -55.31 44.70
CA GLU H 302 -1.38 -56.07 45.82
C GLU H 302 -0.81 -55.54 47.12
N GLN H 303 -1.69 -55.13 48.03
CA GLN H 303 -1.31 -54.72 49.37
C GLN H 303 -1.91 -55.68 50.37
N VAL H 304 -1.13 -56.04 51.39
CA VAL H 304 -1.59 -56.94 52.43
C VAL H 304 -1.35 -56.33 53.80
N PRO H 355 -7.17 -56.85 56.13
CA PRO H 355 -7.15 -55.87 55.04
C PRO H 355 -6.37 -56.35 53.83
N ARG H 356 -7.07 -56.68 52.75
CA ARG H 356 -6.45 -57.16 51.52
C ARG H 356 -6.93 -56.33 50.35
N SER H 357 -6.01 -55.86 49.53
CA SER H 357 -6.32 -55.07 48.34
C SER H 357 -5.66 -55.71 47.12
N THR H 358 -6.41 -55.77 46.02
CA THR H 358 -5.91 -56.35 44.79
C THR H 358 -6.41 -55.52 43.61
N GLN H 359 -5.52 -55.29 42.65
CA GLN H 359 -5.85 -54.52 41.45
C GLN H 359 -5.13 -55.13 40.26
N ARG H 360 -5.85 -55.26 39.14
CA ARG H 360 -5.31 -55.88 37.94
C ARG H 360 -5.84 -55.15 36.72
N ASN H 361 -4.93 -54.64 35.89
CA ASN H 361 -5.26 -53.95 34.66
C ASN H 361 -4.63 -54.68 33.48
N GLU H 362 -5.33 -54.72 32.35
CA GLU H 362 -4.83 -55.44 31.20
C GLU H 362 -5.38 -54.82 29.92
N THR H 363 -4.53 -54.71 28.90
CA THR H 363 -4.89 -54.23 27.58
C THR H 363 -4.23 -55.10 26.53
N SER H 364 -4.97 -55.43 25.48
CA SER H 364 -4.48 -56.34 24.46
C SER H 364 -4.86 -55.82 23.08
N ASN H 365 -3.99 -56.12 22.10
CA ASN H 365 -4.25 -55.84 20.69
C ASN H 365 -3.92 -57.09 19.89
N TYR H 366 -4.80 -57.44 18.95
CA TYR H 366 -4.73 -58.72 18.27
C TYR H 366 -4.54 -58.53 16.77
N GLU H 367 -4.01 -59.58 16.14
CA GLU H 367 -3.98 -59.72 14.68
C GLU H 367 -4.82 -60.92 14.30
N VAL H 368 -5.64 -60.77 13.26
CA VAL H 368 -6.63 -61.78 12.91
C VAL H 368 -6.45 -62.23 11.48
N ASP H 369 -6.87 -63.46 11.20
CA ASP H 369 -6.85 -64.01 9.86
C ASP H 369 -8.20 -63.80 9.19
N ARG H 370 -8.18 -63.36 7.94
CA ARG H 370 -9.41 -63.05 7.22
C ARG H 370 -9.35 -63.65 5.82
N THR H 371 -10.53 -63.94 5.28
CA THR H 371 -10.67 -64.52 3.95
C THR H 371 -11.76 -63.78 3.20
N ILE H 372 -11.47 -63.41 1.95
CA ILE H 372 -12.40 -62.66 1.10
C ILE H 372 -12.57 -63.42 -0.21
N ARG H 373 -13.82 -63.62 -0.62
N ARG H 373 -13.82 -63.62 -0.61
CA ARG H 373 -14.14 -64.32 -1.85
CA ARG H 373 -14.14 -64.32 -1.85
C ARG H 373 -15.16 -63.53 -2.66
C ARG H 373 -15.15 -63.52 -2.66
N HIS H 374 -14.93 -63.45 -3.96
CA HIS H 374 -15.84 -62.76 -4.89
C HIS H 374 -16.26 -63.75 -5.97
N THR H 375 -17.56 -63.80 -6.25
CA THR H 375 -18.09 -64.77 -7.20
C THR H 375 -19.11 -64.10 -8.11
N LYS H 376 -19.01 -64.37 -9.40
CA LYS H 376 -20.00 -63.95 -10.40
C LYS H 376 -20.53 -65.19 -11.10
N MET H 377 -21.82 -65.43 -10.97
CA MET H 377 -22.43 -66.67 -11.45
C MET H 377 -22.58 -66.63 -12.97
N ASN H 378 -22.82 -67.82 -13.54
CA ASN H 378 -22.99 -67.99 -14.97
C ASN H 378 -24.47 -67.96 -15.34
N VAL H 379 -24.78 -67.40 -16.50
CA VAL H 379 -26.15 -67.28 -16.97
C VAL H 379 -26.45 -68.44 -17.90
N GLY H 380 -27.50 -69.21 -17.57
CA GLY H 380 -27.91 -70.32 -18.41
C GLY H 380 -27.60 -71.68 -17.81
N ASP H 381 -27.76 -71.81 -16.49
CA ASP H 381 -27.49 -73.06 -15.80
C ASP H 381 -28.78 -73.83 -15.56
N ILE H 382 -28.65 -75.17 -15.58
CA ILE H 382 -29.82 -76.03 -15.40
C ILE H 382 -30.23 -76.04 -13.93
N GLU H 383 -31.54 -76.02 -13.70
CA GLU H 383 -32.10 -76.06 -12.35
C GLU H 383 -32.84 -77.36 -12.03
N ARG H 384 -33.56 -77.92 -13.00
CA ARG H 384 -34.35 -79.13 -12.76
C ARG H 384 -34.52 -79.87 -14.06
N LEU H 385 -34.72 -81.19 -13.96
CA LEU H 385 -34.89 -82.05 -15.12
C LEU H 385 -36.05 -83.01 -14.89
N SER H 386 -36.85 -83.22 -15.94
CA SER H 386 -37.93 -84.19 -15.93
C SER H 386 -37.85 -85.01 -17.20
N VAL H 387 -37.78 -86.33 -17.05
CA VAL H 387 -37.55 -87.24 -18.18
C VAL H 387 -38.63 -88.31 -18.19
N ALA H 388 -39.20 -88.54 -19.38
CA ALA H 388 -40.18 -89.60 -19.60
C ALA H 388 -39.67 -90.52 -20.70
N VAL H 389 -39.71 -91.83 -20.45
CA VAL H 389 -39.24 -92.82 -21.38
C VAL H 389 -40.33 -93.86 -21.59
N VAL H 390 -40.55 -94.25 -22.84
CA VAL H 390 -41.53 -95.28 -23.19
C VAL H 390 -40.81 -96.37 -23.98
N VAL H 391 -40.99 -97.63 -23.57
CA VAL H 391 -40.35 -98.75 -24.23
C VAL H 391 -41.41 -99.72 -24.73
N ASN H 392 -41.07 -100.46 -25.78
CA ASN H 392 -41.98 -101.37 -26.45
C ASN H 392 -41.90 -102.77 -25.82
N TYR H 393 -42.93 -103.56 -26.10
CA TYR H 393 -42.96 -104.95 -25.65
C TYR H 393 -41.99 -105.80 -26.48
N LYS H 394 -41.68 -106.98 -25.95
CA LYS H 394 -40.79 -107.92 -26.63
C LYS H 394 -41.63 -108.86 -27.48
N THR H 395 -41.38 -108.86 -28.78
CA THR H 395 -42.11 -109.71 -29.72
C THR H 395 -41.22 -110.87 -30.18
N LEU H 396 -41.77 -112.08 -30.10
CA LEU H 396 -41.04 -113.27 -30.50
C LEU H 396 -41.36 -113.66 -31.93
N PRO H 401 -45.50 -109.85 -28.31
CA PRO H 401 -46.43 -109.29 -27.33
C PRO H 401 -46.20 -109.83 -25.91
N LEU H 402 -44.94 -109.83 -25.49
CA LEU H 402 -44.57 -110.31 -24.17
C LEU H 402 -43.94 -109.17 -23.37
N PRO H 403 -44.40 -108.91 -22.15
CA PRO H 403 -43.81 -107.84 -21.35
C PRO H 403 -42.38 -108.16 -20.94
N LEU H 404 -41.60 -107.09 -20.77
CA LEU H 404 -40.20 -107.24 -20.38
C LEU H 404 -40.09 -107.61 -18.91
N THR H 405 -38.97 -108.26 -18.57
CA THR H 405 -38.73 -108.68 -17.20
C THR H 405 -38.44 -107.47 -16.32
N ALA H 406 -38.66 -107.65 -15.01
CA ALA H 406 -38.43 -106.57 -14.06
C ALA H 406 -36.96 -106.18 -13.99
N ASP H 407 -36.06 -107.17 -14.10
CA ASP H 407 -34.63 -106.87 -14.09
C ASP H 407 -34.24 -106.02 -15.29
N GLN H 408 -34.80 -106.31 -16.46
CA GLN H 408 -34.52 -105.49 -17.64
C GLN H 408 -35.01 -104.06 -17.43
N MET H 409 -36.19 -103.90 -16.83
CA MET H 409 -36.69 -102.57 -16.53
C MET H 409 -35.77 -101.83 -15.56
N LYS H 410 -35.29 -102.52 -14.53
CA LYS H 410 -34.38 -101.89 -13.59
C LYS H 410 -33.08 -101.46 -14.27
N GLN H 411 -32.55 -102.31 -15.15
CA GLN H 411 -31.34 -101.94 -15.88
C GLN H 411 -31.59 -100.74 -16.79
N ILE H 412 -32.75 -100.69 -17.44
CA ILE H 412 -33.08 -99.56 -18.31
C ILE H 412 -33.19 -98.28 -17.49
N GLU H 413 -33.83 -98.34 -16.32
CA GLU H 413 -33.92 -97.17 -15.47
C GLU H 413 -32.55 -96.71 -15.00
N ASP H 414 -31.68 -97.65 -14.64
CA ASP H 414 -30.34 -97.27 -14.21
C ASP H 414 -29.56 -96.61 -15.35
N LEU H 415 -29.66 -97.16 -16.56
CA LEU H 415 -28.96 -96.57 -17.70
C LEU H 415 -29.49 -95.18 -18.02
N THR H 416 -30.81 -94.99 -17.95
CA THR H 416 -31.39 -93.66 -18.19
C THR H 416 -30.95 -92.68 -17.11
N ARG H 417 -30.90 -93.13 -15.85
CA ARG H 417 -30.43 -92.29 -14.76
C ARG H 417 -29.00 -91.85 -14.99
N GLU H 418 -28.14 -92.77 -15.45
CA GLU H 418 -26.77 -92.41 -15.78
C GLU H 418 -26.71 -91.42 -16.94
N ALA H 419 -27.51 -91.65 -17.98
CA ALA H 419 -27.42 -90.83 -19.18
C ALA H 419 -27.92 -89.41 -18.94
N MET H 420 -28.96 -89.25 -18.12
CA MET H 420 -29.56 -87.94 -17.93
C MET H 420 -28.88 -87.11 -16.86
N GLY H 421 -27.85 -87.64 -16.18
CA GLY H 421 -27.16 -86.89 -15.16
C GLY H 421 -28.02 -86.56 -13.96
N PHE H 422 -28.74 -87.57 -13.45
CA PHE H 422 -29.65 -87.37 -12.33
C PHE H 422 -28.92 -86.82 -11.11
N SER H 423 -29.53 -85.82 -10.47
CA SER H 423 -29.04 -85.23 -9.23
C SER H 423 -30.20 -85.07 -8.27
N ASP H 424 -30.12 -85.74 -7.13
CA ASP H 424 -31.21 -85.68 -6.16
C ASP H 424 -31.33 -84.28 -5.55
N LYS H 425 -30.21 -83.60 -5.34
CA LYS H 425 -30.24 -82.25 -4.80
C LYS H 425 -30.92 -81.28 -5.75
N ARG H 426 -30.84 -81.53 -7.05
CA ARG H 426 -31.47 -80.68 -8.05
C ARG H 426 -32.94 -81.00 -8.27
N GLY H 427 -33.48 -82.02 -7.59
CA GLY H 427 -34.88 -82.39 -7.73
C GLY H 427 -35.25 -82.94 -9.09
N ASP H 428 -34.38 -83.73 -9.70
CA ASP H 428 -34.69 -84.34 -10.99
C ASP H 428 -35.72 -85.45 -10.81
N THR H 429 -36.46 -85.73 -11.88
CA THR H 429 -37.51 -86.73 -11.84
C THR H 429 -37.51 -87.53 -13.14
N LEU H 430 -37.60 -88.85 -13.01
CA LEU H 430 -37.57 -89.76 -14.15
C LEU H 430 -38.74 -90.74 -14.05
N ASN H 431 -39.36 -91.03 -15.20
CA ASN H 431 -40.43 -92.01 -15.26
C ASN H 431 -40.29 -92.85 -16.53
N VAL H 432 -40.34 -94.17 -16.37
CA VAL H 432 -40.19 -95.11 -17.48
C VAL H 432 -41.43 -96.00 -17.51
N VAL H 433 -42.01 -96.17 -18.70
CA VAL H 433 -43.24 -96.94 -18.88
C VAL H 433 -43.02 -97.94 -20.01
N ASN H 434 -43.43 -99.19 -19.78
CA ASN H 434 -43.36 -100.25 -20.78
C ASN H 434 -44.78 -100.54 -21.26
N SER H 435 -45.01 -100.40 -22.56
CA SER H 435 -46.34 -100.60 -23.13
C SER H 435 -46.18 -100.96 -24.61
N PRO H 436 -47.04 -101.81 -25.14
CA PRO H 436 -46.95 -102.17 -26.57
C PRO H 436 -47.16 -100.95 -27.45
N PHE H 437 -46.41 -100.90 -28.55
CA PHE H 437 -46.50 -99.79 -29.48
C PHE H 437 -47.70 -99.95 -30.40
N SER H 438 -48.19 -98.82 -30.90
CA SER H 438 -49.33 -98.82 -31.80
C SER H 438 -48.90 -98.55 -33.24
N ASP I 229 -47.29 -53.01 -29.31
CA ASP I 229 -45.87 -53.22 -29.57
C ASP I 229 -45.32 -54.31 -28.66
N LEU I 230 -45.07 -53.97 -27.40
CA LEU I 230 -44.56 -54.94 -26.44
C LEU I 230 -45.60 -56.01 -26.13
N ASN I 231 -46.89 -55.63 -26.10
CA ASN I 231 -47.94 -56.57 -25.77
C ASN I 231 -48.02 -57.70 -26.80
N ASP I 232 -47.89 -57.36 -28.09
CA ASP I 232 -47.90 -58.38 -29.12
C ASP I 232 -46.71 -59.33 -28.98
N ALA I 233 -45.54 -58.79 -28.63
CA ALA I 233 -44.38 -59.62 -28.41
C ALA I 233 -44.59 -60.59 -27.24
N GLN I 234 -45.18 -60.09 -26.15
CA GLN I 234 -45.50 -60.97 -25.04
C GLN I 234 -46.47 -62.06 -25.47
N LEU I 235 -47.48 -61.68 -26.27
CA LEU I 235 -48.47 -62.65 -26.73
C LEU I 235 -47.82 -63.74 -27.59
N LYS I 236 -46.95 -63.36 -28.53
CA LYS I 236 -46.43 -64.40 -29.40
C LYS I 236 -45.38 -65.25 -28.68
N PHE I 237 -44.65 -64.67 -27.72
CA PHE I 237 -43.75 -65.49 -26.91
C PHE I 237 -44.53 -66.51 -26.09
N ALA I 238 -45.65 -66.09 -25.49
CA ALA I 238 -46.48 -67.03 -24.77
C ALA I 238 -47.03 -68.10 -25.71
N ASN I 239 -47.41 -67.72 -26.92
CA ASN I 239 -47.91 -68.68 -27.89
C ASN I 239 -46.84 -69.71 -28.26
N ASP I 240 -45.60 -69.27 -28.46
CA ASP I 240 -44.52 -70.22 -28.76
C ASP I 240 -44.25 -71.16 -27.60
N VAL I 241 -44.26 -70.65 -26.36
CA VAL I 241 -44.05 -71.53 -25.21
C VAL I 241 -45.15 -72.58 -25.14
N GLU I 242 -46.41 -72.15 -25.32
CA GLU I 242 -47.53 -73.09 -25.27
C GLU I 242 -47.44 -74.11 -26.39
N SER I 243 -47.05 -73.67 -27.59
CA SER I 243 -46.91 -74.59 -28.72
C SER I 243 -45.80 -75.60 -28.48
N ARG I 244 -44.69 -75.17 -27.88
CA ARG I 244 -43.61 -76.10 -27.56
C ARG I 244 -44.08 -77.16 -26.57
N ILE I 245 -44.79 -76.74 -25.52
CA ILE I 245 -45.28 -77.70 -24.53
C ILE I 245 -46.27 -78.66 -25.17
N GLN I 246 -47.18 -78.14 -26.01
CA GLN I 246 -48.15 -78.98 -26.68
C GLN I 246 -47.48 -80.00 -27.60
N ARG I 247 -46.45 -79.56 -28.34
CA ARG I 247 -45.75 -80.46 -29.23
C ARG I 247 -45.04 -81.56 -28.44
N ARG I 248 -44.41 -81.20 -27.32
CA ARG I 248 -43.77 -82.21 -26.49
C ARG I 248 -44.78 -83.24 -25.98
N ILE I 249 -45.93 -82.76 -25.50
CA ILE I 249 -46.95 -83.67 -24.97
C ILE I 249 -47.47 -84.60 -26.07
N GLU I 250 -47.76 -84.03 -27.25
CA GLU I 250 -48.26 -84.84 -28.35
C GLU I 250 -47.22 -85.87 -28.80
N ALA I 251 -45.95 -85.48 -28.86
CA ALA I 251 -44.90 -86.40 -29.26
C ALA I 251 -44.74 -87.54 -28.26
N ILE I 252 -44.80 -87.23 -26.96
CA ILE I 252 -44.61 -88.29 -25.97
C ILE I 252 -45.83 -89.21 -25.91
N LEU I 253 -47.03 -88.67 -26.10
CA LEU I 253 -48.24 -89.49 -25.98
C LEU I 253 -48.65 -90.18 -27.27
N SER I 254 -48.07 -89.81 -28.41
CA SER I 254 -48.49 -90.38 -29.69
C SER I 254 -48.24 -91.88 -29.80
N PRO I 255 -47.05 -92.41 -29.48
CA PRO I 255 -46.79 -93.84 -29.79
C PRO I 255 -47.74 -94.82 -29.12
N ILE I 256 -48.23 -94.52 -27.91
CA ILE I 256 -49.01 -95.50 -27.16
C ILE I 256 -50.46 -95.51 -27.63
N VAL I 257 -51.17 -94.39 -27.47
CA VAL I 257 -52.61 -94.37 -27.74
C VAL I 257 -52.88 -94.44 -29.23
N GLY I 258 -52.02 -93.86 -30.04
CA GLY I 258 -52.22 -93.82 -31.47
C GLY I 258 -51.75 -92.51 -32.06
N ASN I 259 -51.68 -92.49 -33.39
CA ASN I 259 -51.17 -91.32 -34.09
C ASN I 259 -52.09 -90.11 -33.90
N GLY I 260 -53.40 -90.31 -34.00
CA GLY I 260 -54.33 -89.20 -33.92
C GLY I 260 -55.47 -89.42 -32.95
N ASN I 261 -55.21 -90.12 -31.84
CA ASN I 261 -56.22 -90.40 -30.83
C ASN I 261 -55.97 -89.61 -29.54
N VAL I 262 -55.35 -88.45 -29.65
CA VAL I 262 -55.04 -87.65 -28.48
C VAL I 262 -54.94 -86.18 -28.89
N HIS I 263 -55.45 -85.30 -28.03
CA HIS I 263 -55.34 -83.86 -28.22
C HIS I 263 -55.04 -83.21 -26.88
N ALA I 264 -54.35 -82.08 -26.92
CA ALA I 264 -53.96 -81.36 -25.71
C ALA I 264 -53.97 -79.86 -25.97
N GLN I 265 -54.19 -79.10 -24.90
CA GLN I 265 -54.16 -77.64 -24.94
C GLN I 265 -53.45 -77.14 -23.69
N VAL I 266 -52.61 -76.13 -23.86
CA VAL I 266 -51.77 -75.61 -22.78
C VAL I 266 -51.96 -74.10 -22.70
N THR I 267 -52.17 -73.58 -21.49
CA THR I 267 -52.20 -72.15 -21.23
C THR I 267 -51.19 -71.82 -20.15
N ALA I 268 -50.48 -70.71 -20.32
CA ALA I 268 -49.38 -70.35 -19.43
C ALA I 268 -49.50 -68.89 -19.00
N GLN I 269 -49.01 -68.60 -17.81
CA GLN I 269 -48.90 -67.26 -17.28
C GLN I 269 -47.42 -66.90 -17.14
N LEU I 270 -47.07 -65.68 -17.54
CA LEU I 270 -45.69 -65.24 -17.57
C LEU I 270 -45.52 -63.95 -16.76
N ASP I 271 -44.35 -63.80 -16.17
CA ASP I 271 -44.01 -62.61 -15.38
C ASP I 271 -43.17 -61.68 -16.23
N PHE I 272 -43.67 -60.46 -16.46
CA PHE I 272 -43.00 -59.47 -17.29
C PHE I 272 -42.55 -58.25 -16.51
N ALA I 273 -42.49 -58.34 -15.18
CA ALA I 273 -42.08 -57.23 -14.34
C ALA I 273 -40.56 -57.20 -14.18
N ASN I 274 -40.04 -56.03 -13.83
CA ASN I 274 -38.62 -55.83 -13.59
C ASN I 274 -38.37 -55.78 -12.09
N LYS I 275 -37.48 -56.65 -11.60
CA LYS I 275 -37.20 -56.77 -10.18
C LYS I 275 -35.70 -56.74 -9.94
N GLU I 276 -35.31 -56.17 -8.79
CA GLU I 276 -33.94 -56.18 -8.33
C GLU I 276 -33.94 -56.47 -6.84
N GLN I 277 -32.84 -57.05 -6.36
CA GLN I 277 -32.76 -57.43 -4.95
C GLN I 277 -31.33 -57.31 -4.46
N THR I 278 -31.17 -56.82 -3.23
CA THR I 278 -29.89 -56.74 -2.55
C THR I 278 -30.05 -57.25 -1.13
N GLU I 279 -29.22 -58.21 -0.75
CA GLU I 279 -29.31 -58.86 0.56
C GLU I 279 -27.97 -58.74 1.29
N GLU I 280 -28.04 -58.36 2.56
CA GLU I 280 -26.88 -58.28 3.43
C GLU I 280 -27.15 -59.11 4.68
N HIS I 281 -26.18 -59.95 5.06
N HIS I 281 -26.17 -59.94 5.06
CA HIS I 281 -26.33 -60.84 6.20
CA HIS I 281 -26.33 -60.85 6.18
C HIS I 281 -25.07 -60.82 7.03
C HIS I 281 -25.07 -60.84 7.03
N TYR I 282 -25.25 -61.02 8.34
CA TYR I 282 -24.15 -61.04 9.30
C TYR I 282 -24.23 -62.30 10.15
N SER I 283 -23.06 -62.79 10.57
CA SER I 283 -22.99 -63.98 11.43
C SER I 283 -23.02 -63.56 12.89
N PRO I 284 -23.91 -64.14 13.70
CA PRO I 284 -23.98 -63.76 15.11
C PRO I 284 -22.72 -64.18 15.85
N ASN I 285 -22.35 -63.36 16.85
CA ASN I 285 -21.17 -63.61 17.68
C ASN I 285 -21.52 -63.55 19.16
N GLY I 286 -22.70 -64.06 19.51
CA GLY I 286 -23.12 -64.05 20.91
C GLY I 286 -22.36 -65.01 21.79
N ASP I 287 -21.74 -66.03 21.20
CA ASP I 287 -20.96 -67.01 21.95
C ASP I 287 -19.49 -66.61 21.93
N ALA I 288 -18.85 -66.63 23.11
CA ALA I 288 -17.45 -66.25 23.20
C ALA I 288 -16.52 -67.22 22.48
N SER I 289 -16.95 -68.46 22.27
CA SER I 289 -16.11 -69.44 21.59
C SER I 289 -16.06 -69.21 20.08
N LYS I 290 -16.92 -68.34 19.55
CA LYS I 290 -16.95 -68.07 18.12
C LYS I 290 -16.71 -66.61 17.79
N ALA I 291 -16.49 -65.76 18.77
CA ALA I 291 -16.27 -64.34 18.53
C ALA I 291 -14.83 -64.09 18.08
N THR I 292 -14.63 -62.95 17.42
CA THR I 292 -13.32 -62.51 16.95
C THR I 292 -13.05 -61.12 17.50
N LEU I 293 -12.11 -61.02 18.43
CA LEU I 293 -11.80 -59.76 19.09
C LEU I 293 -10.65 -59.06 18.37
N ARG I 294 -10.63 -57.73 18.49
CA ARG I 294 -9.56 -56.90 17.95
C ARG I 294 -8.79 -56.16 19.03
N SER I 295 -9.48 -55.64 20.04
CA SER I 295 -8.83 -54.94 21.15
C SER I 295 -9.73 -55.05 22.37
N ARG I 296 -9.15 -55.44 23.50
CA ARG I 296 -9.91 -55.67 24.72
C ARG I 296 -9.19 -55.03 25.90
N GLN I 297 -9.96 -54.38 26.78
CA GLN I 297 -9.44 -53.79 28.01
C GLN I 297 -10.26 -54.31 29.18
N LEU I 298 -9.59 -54.79 30.22
CA LEU I 298 -10.25 -55.38 31.37
C LEU I 298 -9.58 -54.87 32.65
N ASN I 299 -10.36 -54.19 33.49
CA ASN I 299 -9.87 -53.66 34.75
C ASN I 299 -10.64 -54.31 35.89
N ILE I 300 -9.91 -54.84 36.88
CA ILE I 300 -10.50 -55.51 38.03
C ILE I 300 -9.89 -54.93 39.30
N SER I 301 -10.75 -54.66 40.29
CA SER I 301 -10.32 -54.16 41.58
C SER I 301 -11.13 -54.87 42.68
N GLU I 302 -10.52 -54.99 43.85
CA GLU I 302 -11.17 -55.67 44.97
C GLU I 302 -10.49 -55.27 46.27
N GLN I 303 -11.29 -54.72 47.20
CA GLN I 303 -10.83 -54.40 48.53
C GLN I 303 -11.58 -55.26 49.53
N VAL I 304 -10.86 -55.78 50.53
CA VAL I 304 -11.47 -56.60 51.56
C VAL I 304 -11.11 -56.07 52.94
N PRO I 355 -16.91 -55.56 55.33
CA PRO I 355 -16.73 -54.57 54.26
C PRO I 355 -16.05 -55.17 53.03
N ARG I 356 -16.82 -55.34 51.95
CA ARG I 356 -16.30 -55.90 50.71
C ARG I 356 -16.65 -54.99 49.56
N SER I 357 -15.65 -54.67 48.74
CA SER I 357 -15.83 -53.83 47.57
C SER I 357 -15.31 -54.55 46.32
N THR I 358 -16.06 -54.45 45.24
CA THR I 358 -15.69 -55.09 43.98
C THR I 358 -16.04 -54.17 42.83
N GLN I 359 -15.13 -54.07 41.86
CA GLN I 359 -15.32 -53.24 40.68
C GLN I 359 -14.75 -53.97 39.47
N ARG I 360 -15.49 -53.94 38.36
CA ARG I 360 -15.08 -54.62 37.14
C ARG I 360 -15.48 -53.79 35.93
N ASN I 361 -14.49 -53.44 35.11
CA ASN I 361 -14.71 -52.67 33.89
C ASN I 361 -14.22 -53.49 32.69
N GLU I 362 -14.93 -53.37 31.57
CA GLU I 362 -14.59 -54.16 30.40
C GLU I 362 -15.03 -53.43 29.14
N THR I 363 -14.17 -53.46 28.11
CA THR I 363 -14.46 -52.89 26.80
C THR I 363 -13.98 -53.86 25.73
N SER I 364 -14.78 -54.02 24.69
CA SER I 364 -14.47 -54.99 23.64
C SER I 364 -14.77 -54.39 22.27
N ASN I 365 -13.98 -54.82 21.28
CA ASN I 365 -14.19 -54.48 19.89
C ASN I 365 -14.10 -55.75 19.05
N TYR I 366 -15.04 -55.92 18.12
CA TYR I 366 -15.21 -57.18 17.42
C TYR I 366 -15.01 -57.00 15.92
N GLU I 367 -14.68 -58.11 15.27
CA GLU I 367 -14.69 -58.23 13.81
C GLU I 367 -15.75 -59.26 13.42
N VAL I 368 -16.52 -58.94 12.40
CA VAL I 368 -17.70 -59.73 12.04
C VAL I 368 -17.61 -60.20 10.60
N ASP I 369 -18.25 -61.33 10.31
CA ASP I 369 -18.34 -61.85 8.96
C ASP I 369 -19.64 -61.38 8.31
N ARG I 370 -19.55 -60.92 7.07
CA ARG I 370 -20.70 -60.39 6.36
C ARG I 370 -20.76 -60.96 4.96
N THR I 371 -21.99 -61.04 4.43
CA THR I 371 -22.25 -61.55 3.09
C THR I 371 -23.19 -60.61 2.37
N ILE I 372 -22.85 -60.27 1.12
CA ILE I 372 -23.63 -59.35 0.29
C ILE I 372 -23.95 -60.04 -1.03
N ARG I 373 -25.22 -60.00 -1.43
N ARG I 373 -25.22 -60.01 -1.42
CA ARG I 373 -25.67 -60.62 -2.66
CA ARG I 373 -25.68 -60.62 -2.66
C ARG I 373 -26.54 -59.64 -3.45
C ARG I 373 -26.53 -59.63 -3.45
N HIS I 374 -26.32 -59.57 -4.75
CA HIS I 374 -27.09 -58.72 -5.65
C HIS I 374 -27.69 -59.59 -6.75
N THR I 375 -28.98 -59.40 -7.01
CA THR I 375 -29.69 -60.24 -7.97
C THR I 375 -30.58 -59.37 -8.85
N LYS I 376 -30.54 -59.65 -10.15
CA LYS I 376 -31.44 -59.03 -11.13
C LYS I 376 -32.20 -60.14 -11.84
N MET I 377 -33.52 -60.14 -11.71
CA MET I 377 -34.34 -61.24 -12.20
C MET I 377 -34.50 -61.16 -13.72
N ASN I 378 -34.96 -62.26 -14.30
CA ASN I 378 -35.17 -62.37 -15.73
C ASN I 378 -36.62 -62.07 -16.07
N VAL I 379 -36.83 -61.45 -17.22
CA VAL I 379 -38.17 -61.06 -17.68
C VAL I 379 -38.69 -62.14 -18.62
N GLY I 380 -39.86 -62.70 -18.29
CA GLY I 380 -40.47 -63.71 -19.14
C GLY I 380 -40.40 -65.11 -18.57
N ASP I 381 -40.57 -65.24 -17.25
CA ASP I 381 -40.52 -66.53 -16.58
C ASP I 381 -41.94 -67.06 -16.34
N ILE I 382 -42.06 -68.39 -16.38
CA ILE I 382 -43.36 -69.03 -16.20
C ILE I 382 -43.75 -68.99 -14.72
N GLU I 383 -45.04 -68.74 -14.47
CA GLU I 383 -45.58 -68.70 -13.12
C GLU I 383 -46.54 -69.84 -12.81
N ARG I 384 -47.37 -70.25 -13.77
CA ARG I 384 -48.36 -71.29 -13.54
C ARG I 384 -48.67 -71.97 -14.86
N LEU I 385 -49.11 -73.23 -14.77
CA LEU I 385 -49.43 -74.03 -15.95
C LEU I 385 -50.75 -74.76 -15.72
N SER I 386 -51.58 -74.80 -16.76
CA SER I 386 -52.83 -75.56 -16.75
C SER I 386 -52.90 -76.36 -18.04
N VAL I 387 -53.07 -77.68 -17.91
CA VAL I 387 -53.02 -78.58 -19.05
C VAL I 387 -54.29 -79.44 -19.07
N ALA I 388 -54.90 -79.55 -20.25
CA ALA I 388 -56.07 -80.40 -20.47
C ALA I 388 -55.74 -81.38 -21.60
N VAL I 389 -56.02 -82.65 -21.37
CA VAL I 389 -55.74 -83.71 -22.32
C VAL I 389 -57.00 -84.53 -22.52
N VAL I 390 -57.31 -84.85 -23.78
CA VAL I 390 -58.45 -85.68 -24.13
C VAL I 390 -57.96 -86.87 -24.95
N VAL I 391 -58.37 -88.07 -24.56
CA VAL I 391 -57.94 -89.28 -25.24
C VAL I 391 -59.17 -90.04 -25.74
N ASN I 392 -58.98 -90.81 -26.81
CA ASN I 392 -60.05 -91.53 -27.48
C ASN I 392 -60.22 -92.92 -26.87
N TYR I 393 -61.38 -93.52 -27.15
CA TYR I 393 -61.66 -94.88 -26.73
C TYR I 393 -60.87 -95.88 -27.58
N LYS I 394 -60.76 -97.10 -27.07
CA LYS I 394 -60.07 -98.18 -27.78
C LYS I 394 -61.09 -98.94 -28.63
N THR I 395 -60.86 -98.96 -29.94
CA THR I 395 -61.73 -99.64 -30.88
C THR I 395 -61.09 -100.93 -31.36
N LEU I 396 -61.83 -102.03 -31.29
CA LEU I 396 -61.33 -103.33 -31.73
C LEU I 396 -61.74 -103.62 -33.16
N PRO I 401 -65.08 -99.19 -29.42
CA PRO I 401 -65.88 -98.48 -28.43
C PRO I 401 -65.74 -99.07 -27.02
N LEU I 402 -64.50 -99.33 -26.61
CA LEU I 402 -64.21 -99.88 -25.30
C LEU I 402 -63.37 -98.89 -24.50
N PRO I 403 -63.77 -98.58 -23.27
CA PRO I 403 -62.98 -97.64 -22.46
C PRO I 403 -61.64 -98.21 -22.08
N LEU I 404 -60.67 -97.32 -21.90
CA LEU I 404 -59.32 -97.73 -21.53
C LEU I 404 -59.26 -98.15 -20.06
N THR I 405 -58.28 -98.98 -19.75
CA THR I 405 -58.09 -99.47 -18.38
C THR I 405 -57.58 -98.34 -17.49
N ALA I 406 -57.83 -98.51 -16.18
CA ALA I 406 -57.39 -97.50 -15.22
C ALA I 406 -55.88 -97.39 -15.16
N ASP I 407 -55.18 -98.52 -15.30
CA ASP I 407 -53.71 -98.49 -15.30
C ASP I 407 -53.17 -97.70 -16.49
N GLN I 408 -53.79 -97.87 -17.66
CA GLN I 408 -53.39 -97.10 -18.83
C GLN I 408 -53.61 -95.60 -18.60
N MET I 409 -54.72 -95.24 -17.97
CA MET I 409 -54.97 -93.84 -17.65
C MET I 409 -53.94 -93.30 -16.68
N LYS I 410 -53.57 -94.09 -15.66
CA LYS I 410 -52.54 -93.65 -14.72
C LYS I 410 -51.21 -93.44 -15.41
N GLN I 411 -50.84 -94.37 -16.31
CA GLN I 411 -49.59 -94.21 -17.06
C GLN I 411 -49.63 -92.97 -17.94
N ILE I 412 -50.77 -92.71 -18.58
CA ILE I 412 -50.90 -91.51 -19.43
C ILE I 412 -50.76 -90.25 -18.58
N GLU I 413 -51.39 -90.22 -17.41
CA GLU I 413 -51.27 -89.06 -16.54
C GLU I 413 -49.83 -88.86 -16.08
N ASP I 414 -49.13 -89.96 -15.74
CA ASP I 414 -47.73 -89.84 -15.33
C ASP I 414 -46.87 -89.30 -16.47
N LEU I 415 -47.07 -89.81 -17.68
CA LEU I 415 -46.29 -89.33 -18.82
C LEU I 415 -46.57 -87.86 -19.11
N THR I 416 -47.82 -87.44 -19.03
CA THR I 416 -48.15 -86.04 -19.23
C THR I 416 -47.53 -85.16 -18.15
N ARG I 417 -47.55 -85.64 -16.89
CA ARG I 417 -46.92 -84.91 -15.80
C ARG I 417 -45.43 -84.74 -16.04
N GLU I 418 -44.77 -85.79 -16.52
CA GLU I 418 -43.36 -85.68 -16.86
C GLU I 418 -43.12 -84.70 -18.01
N ALA I 419 -43.97 -84.76 -19.04
CA ALA I 419 -43.75 -83.95 -20.23
C ALA I 419 -43.97 -82.47 -19.96
N MET I 420 -44.95 -82.14 -19.13
CA MET I 420 -45.31 -80.75 -18.91
C MET I 420 -44.47 -80.07 -17.83
N GLY I 421 -43.56 -80.79 -17.18
CA GLY I 421 -42.72 -80.19 -16.15
C GLY I 421 -43.50 -79.74 -14.94
N PHE I 422 -44.38 -80.60 -14.44
CA PHE I 422 -45.24 -80.25 -13.31
C PHE I 422 -44.41 -79.87 -12.08
N SER I 423 -44.82 -78.79 -11.42
CA SER I 423 -44.21 -78.33 -10.18
C SER I 423 -45.32 -77.97 -9.20
N ASP I 424 -45.35 -78.66 -8.07
CA ASP I 424 -46.40 -78.42 -7.09
C ASP I 424 -46.26 -77.03 -6.46
N LYS I 425 -45.03 -76.58 -6.25
CA LYS I 425 -44.82 -75.25 -5.69
C LYS I 425 -45.31 -74.15 -6.61
N ARG I 426 -45.29 -74.39 -7.92
CA ARG I 426 -45.76 -73.43 -8.90
C ARG I 426 -47.27 -73.47 -9.10
N GLY I 427 -47.97 -74.39 -8.43
CA GLY I 427 -49.41 -74.49 -8.56
C GLY I 427 -49.90 -74.93 -9.93
N ASP I 428 -49.19 -75.85 -10.56
CA ASP I 428 -49.61 -76.38 -11.85
C ASP I 428 -50.84 -77.29 -11.68
N THR I 429 -51.62 -77.41 -12.74
CA THR I 429 -52.84 -78.21 -12.71
C THR I 429 -52.99 -78.96 -14.01
N LEU I 430 -53.33 -80.25 -13.91
CA LEU I 430 -53.48 -81.13 -15.06
C LEU I 430 -54.81 -81.88 -14.97
N ASN I 431 -55.47 -82.04 -16.11
CA ASN I 431 -56.72 -82.81 -16.17
C ASN I 431 -56.73 -83.63 -17.46
N VAL I 432 -57.02 -84.92 -17.32
CA VAL I 432 -57.07 -85.85 -18.44
C VAL I 432 -58.44 -86.51 -18.46
N VAL I 433 -59.06 -86.53 -19.65
CA VAL I 433 -60.40 -87.07 -19.83
C VAL I 433 -60.38 -88.07 -20.98
N ASN I 434 -61.01 -89.23 -20.76
CA ASN I 434 -61.15 -90.26 -21.78
C ASN I 434 -62.61 -90.29 -22.24
N SER I 435 -62.82 -90.09 -23.54
CA SER I 435 -64.16 -90.03 -24.10
C SER I 435 -64.08 -90.38 -25.58
N PRO I 436 -65.10 -91.06 -26.11
CA PRO I 436 -65.07 -91.40 -27.55
C PRO I 436 -65.07 -90.15 -28.41
N PHE I 437 -64.33 -90.22 -29.51
CA PHE I 437 -64.22 -89.10 -30.43
C PHE I 437 -65.46 -89.01 -31.33
N SER I 438 -65.73 -87.81 -31.82
CA SER I 438 -66.86 -87.57 -32.70
C SER I 438 -66.40 -87.36 -34.15
N ASP J 229 -56.46 -42.96 -29.53
CA ASP J 229 -55.10 -43.42 -29.81
C ASP J 229 -54.75 -44.63 -28.93
N LEU J 230 -54.43 -44.34 -27.66
CA LEU J 230 -54.10 -45.42 -26.72
C LEU J 230 -55.32 -46.28 -26.42
N ASN J 231 -56.50 -45.66 -26.37
CA ASN J 231 -57.71 -46.41 -26.04
C ASN J 231 -58.01 -47.48 -27.09
N ASP J 232 -57.83 -47.15 -28.37
CA ASP J 232 -58.03 -48.14 -29.42
C ASP J 232 -57.04 -49.28 -29.31
N ALA J 233 -55.79 -48.97 -28.96
CA ALA J 233 -54.79 -50.02 -28.77
C ALA J 233 -55.17 -50.94 -27.61
N GLN J 234 -55.64 -50.36 -26.50
CA GLN J 234 -56.11 -51.20 -25.41
C GLN J 234 -57.27 -52.08 -25.85
N LEU J 235 -58.20 -51.51 -26.62
CA LEU J 235 -59.35 -52.28 -27.08
C LEU J 235 -58.93 -53.44 -27.97
N LYS J 236 -58.01 -53.22 -28.92
CA LYS J 236 -57.69 -54.32 -29.81
C LYS J 236 -56.82 -55.35 -29.11
N PHE J 237 -55.98 -54.94 -28.16
CA PHE J 237 -55.24 -55.92 -27.37
C PHE J 237 -56.18 -56.80 -26.55
N ALA J 238 -57.20 -56.19 -25.94
CA ALA J 238 -58.19 -56.98 -25.22
C ALA J 238 -58.92 -57.92 -26.16
N ASN J 239 -59.24 -57.45 -27.37
CA ASN J 239 -59.91 -58.29 -28.35
C ASN J 239 -59.06 -59.49 -28.74
N ASP J 240 -57.76 -59.28 -28.96
CA ASP J 240 -56.87 -60.40 -29.29
C ASP J 240 -56.77 -61.39 -28.14
N VAL J 241 -56.68 -60.91 -26.89
CA VAL J 241 -56.62 -61.82 -25.76
C VAL J 241 -57.89 -62.67 -25.69
N GLU J 242 -59.05 -62.01 -25.85
CA GLU J 242 -60.32 -62.73 -25.80
C GLU J 242 -60.43 -63.74 -26.94
N SER J 243 -59.98 -63.35 -28.13
CA SER J 243 -60.02 -64.26 -29.28
C SER J 243 -59.11 -65.47 -29.07
N ARG J 244 -57.93 -65.26 -28.47
CA ARG J 244 -57.04 -66.37 -28.18
C ARG J 244 -57.68 -67.34 -27.20
N ILE J 245 -58.30 -66.82 -26.14
CA ILE J 245 -58.95 -67.69 -25.16
C ILE J 245 -60.11 -68.44 -25.80
N GLN J 246 -60.91 -67.75 -26.62
CA GLN J 246 -62.03 -68.39 -27.29
C GLN J 246 -61.56 -69.49 -28.24
N ARG J 247 -60.48 -69.23 -28.98
CA ARG J 247 -59.95 -70.23 -29.89
C ARG J 247 -59.45 -71.46 -29.13
N ARG J 248 -58.76 -71.23 -28.01
CA ARG J 248 -58.30 -72.37 -27.20
C ARG J 248 -59.48 -73.19 -26.69
N ILE J 249 -60.53 -72.53 -26.19
CA ILE J 249 -61.69 -73.25 -25.67
C ILE J 249 -62.38 -74.03 -26.77
N GLU J 250 -62.57 -73.41 -27.94
CA GLU J 250 -63.21 -74.10 -29.05
C GLU J 250 -62.39 -75.29 -29.52
N ALA J 251 -61.07 -75.13 -29.60
CA ALA J 251 -60.22 -76.23 -30.03
C ALA J 251 -60.26 -77.39 -29.05
N ILE J 252 -60.24 -77.10 -27.74
CA ILE J 252 -60.24 -78.19 -26.77
C ILE J 252 -61.60 -78.88 -26.71
N LEU J 253 -62.69 -78.13 -26.87
CA LEU J 253 -64.02 -78.71 -26.75
C LEU J 253 -64.57 -79.30 -28.05
N SER J 254 -63.94 -79.01 -29.19
CA SER J 254 -64.47 -79.48 -30.47
C SER J 254 -64.50 -81.00 -30.61
N PRO J 255 -63.42 -81.75 -30.31
CA PRO J 255 -63.42 -83.18 -30.64
C PRO J 255 -64.54 -83.98 -29.97
N ILE J 256 -64.95 -83.62 -28.76
CA ILE J 256 -65.89 -84.45 -28.01
C ILE J 256 -67.33 -84.20 -28.47
N VAL J 257 -67.81 -82.97 -28.28
CA VAL J 257 -69.22 -82.68 -28.53
C VAL J 257 -69.53 -82.68 -30.02
N GLY J 258 -68.58 -82.25 -30.83
CA GLY J 258 -68.79 -82.16 -32.26
C GLY J 258 -68.09 -80.94 -32.84
N ASN J 259 -68.03 -80.91 -34.17
CA ASN J 259 -67.32 -79.83 -34.85
C ASN J 259 -68.00 -78.48 -34.63
N GLY J 260 -69.32 -78.44 -34.72
CA GLY J 260 -70.03 -77.17 -34.61
C GLY J 260 -71.19 -77.20 -33.63
N ASN J 261 -71.05 -77.95 -32.53
CA ASN J 261 -72.09 -78.06 -31.51
C ASN J 261 -71.69 -77.36 -30.22
N VAL J 262 -70.86 -76.32 -30.31
CA VAL J 262 -70.40 -75.61 -29.13
C VAL J 262 -70.03 -74.18 -29.53
N HIS J 263 -70.37 -73.24 -28.65
CA HIS J 263 -70.00 -71.85 -28.81
C HIS J 263 -69.57 -71.28 -27.47
N ALA J 264 -68.68 -70.29 -27.51
CA ALA J 264 -68.16 -69.68 -26.29
C ALA J 264 -67.90 -68.20 -26.53
N GLN J 265 -67.97 -67.43 -25.44
CA GLN J 265 -67.66 -66.01 -25.46
C GLN J 265 -66.88 -65.67 -24.21
N VAL J 266 -65.85 -64.82 -24.37
CA VAL J 266 -64.94 -64.47 -23.29
C VAL J 266 -64.84 -62.96 -23.19
N THR J 267 -64.94 -62.44 -21.97
CA THR J 267 -64.71 -61.03 -21.69
C THR J 267 -63.64 -60.91 -20.61
N ALA J 268 -62.74 -59.94 -20.77
CA ALA J 268 -61.59 -59.79 -19.90
C ALA J 268 -61.44 -58.35 -19.44
N GLN J 269 -60.89 -58.19 -18.25
CA GLN J 269 -60.53 -56.89 -17.71
C GLN J 269 -59.01 -56.80 -17.58
N LEU J 270 -58.45 -55.66 -17.96
CA LEU J 270 -57.01 -55.48 -18.00
C LEU J 270 -56.60 -54.27 -17.18
N ASP J 271 -55.41 -54.33 -16.59
CA ASP J 271 -54.86 -53.25 -15.79
C ASP J 271 -53.87 -52.47 -16.64
N PHE J 272 -54.14 -51.17 -16.84
CA PHE J 272 -53.30 -50.31 -17.67
C PHE J 272 -52.64 -49.20 -16.87
N ALA J 273 -52.58 -49.33 -15.55
CA ALA J 273 -51.97 -48.32 -14.70
C ALA J 273 -50.46 -48.58 -14.56
N ASN J 274 -49.73 -47.52 -14.19
CA ASN J 274 -48.30 -47.60 -13.96
C ASN J 274 -48.03 -47.63 -12.47
N LYS J 275 -47.31 -48.65 -12.01
CA LYS J 275 -47.04 -48.83 -10.58
C LYS J 275 -45.57 -49.10 -10.37
N GLU J 276 -45.07 -48.62 -9.22
CA GLU J 276 -43.71 -48.88 -8.77
C GLU J 276 -43.75 -49.20 -7.28
N GLN J 277 -42.77 -49.98 -6.83
CA GLN J 277 -42.75 -50.39 -5.42
C GLN J 277 -41.31 -50.54 -4.95
N THR J 278 -41.07 -50.11 -3.72
CA THR J 278 -39.79 -50.27 -3.05
C THR J 278 -40.02 -50.78 -1.63
N GLU J 279 -39.37 -51.88 -1.28
CA GLU J 279 -39.56 -52.52 0.01
C GLU J 279 -38.23 -52.66 0.73
N GLU J 280 -38.21 -52.29 2.01
CA GLU J 280 -37.04 -52.44 2.87
C GLU J 280 -37.45 -53.24 4.10
N HIS J 281 -36.64 -54.24 4.46
N HIS J 281 -36.64 -54.23 4.46
CA HIS J 281 -36.95 -55.11 5.59
CA HIS J 281 -36.95 -55.12 5.57
C HIS J 281 -35.69 -55.33 6.41
C HIS J 281 -35.70 -55.35 6.41
N TYR J 282 -35.90 -55.52 7.72
CA TYR J 282 -34.81 -55.76 8.66
C TYR J 282 -35.11 -56.99 9.49
N SER J 283 -34.05 -57.70 9.89
CA SER J 283 -34.18 -58.89 10.73
C SER J 283 -34.13 -58.51 12.19
N PRO J 284 -35.10 -58.93 13.01
CA PRO J 284 -35.09 -58.56 14.43
C PRO J 284 -33.91 -59.21 15.15
N ASN J 285 -33.39 -58.50 16.15
CA ASN J 285 -32.27 -58.96 16.96
C ASN J 285 -32.60 -58.87 18.44
N GLY J 286 -33.84 -59.17 18.81
CA GLY J 286 -34.24 -59.10 20.20
C GLY J 286 -33.66 -60.21 21.06
N ASP J 287 -33.24 -61.32 20.45
CA ASP J 287 -32.65 -62.43 21.17
C ASP J 287 -31.12 -62.30 21.15
N ALA J 288 -30.49 -62.46 22.31
CA ALA J 288 -29.05 -62.34 22.40
C ALA J 288 -28.32 -63.45 21.65
N SER J 289 -28.97 -64.59 21.43
CA SER J 289 -28.32 -65.70 20.72
C SER J 289 -28.25 -65.45 19.22
N LYS J 290 -28.94 -64.44 18.70
CA LYS J 290 -28.93 -64.13 17.28
C LYS J 290 -28.43 -62.73 16.97
N ALA J 291 -28.04 -61.95 17.96
CA ALA J 291 -27.57 -60.60 17.74
C ALA J 291 -26.12 -60.60 17.27
N THR J 292 -25.72 -59.51 16.63
CA THR J 292 -24.36 -59.31 16.15
C THR J 292 -23.85 -58.00 16.72
N LEU J 293 -22.89 -58.09 17.64
CA LEU J 293 -22.34 -56.93 18.31
C LEU J 293 -21.09 -56.43 17.59
N ARG J 294 -20.83 -55.13 17.73
CA ARG J 294 -19.62 -54.51 17.19
C ARG J 294 -18.73 -53.93 18.27
N SER J 295 -19.30 -53.30 19.30
CA SER J 295 -18.52 -52.77 20.41
C SER J 295 -19.42 -52.72 21.64
N ARG J 296 -18.92 -53.24 22.75
CA ARG J 296 -19.68 -53.34 23.99
C ARG J 296 -18.84 -52.86 25.17
N GLN J 297 -19.47 -52.10 26.06
CA GLN J 297 -18.85 -51.64 27.29
C GLN J 297 -19.74 -52.02 28.47
N LEU J 298 -19.15 -52.63 29.49
CA LEU J 298 -19.90 -53.11 30.64
C LEU J 298 -19.14 -52.75 31.91
N ASN J 299 -19.77 -51.96 32.78
CA ASN J 299 -19.18 -51.55 34.05
C ASN J 299 -20.05 -52.07 35.18
N ILE J 300 -19.42 -52.74 36.16
CA ILE J 300 -20.11 -53.31 37.30
C ILE J 300 -19.40 -52.88 38.57
N SER J 301 -20.18 -52.47 39.57
CA SER J 301 -19.66 -52.08 40.87
C SER J 301 -20.56 -52.65 41.96
N GLU J 302 -19.98 -52.90 43.13
CA GLU J 302 -20.74 -53.47 44.24
C GLU J 302 -19.98 -53.22 45.54
N GLN J 303 -20.66 -52.55 46.49
CA GLN J 303 -20.13 -52.35 47.82
C GLN J 303 -21.02 -53.07 48.82
N VAL J 304 -20.39 -53.73 49.80
CA VAL J 304 -21.14 -54.44 50.83
C VAL J 304 -20.68 -54.01 52.21
N PRO J 355 -26.26 -52.49 54.68
CA PRO J 355 -25.91 -51.54 53.62
C PRO J 355 -25.37 -52.22 52.37
N ARG J 356 -26.16 -52.24 51.30
CA ARG J 356 -25.77 -52.87 50.04
C ARG J 356 -25.95 -51.88 48.91
N SER J 357 -24.92 -51.73 48.08
CA SER J 357 -24.95 -50.85 46.93
C SER J 357 -24.58 -51.64 45.67
N THR J 358 -25.31 -51.39 44.59
CA THR J 358 -25.08 -52.06 43.32
C THR J 358 -25.26 -51.07 42.19
N GLN J 359 -24.37 -51.12 41.21
CA GLN J 359 -24.42 -50.25 40.04
C GLN J 359 -23.99 -51.04 38.81
N ARG J 360 -24.73 -50.87 37.71
CA ARG J 360 -24.45 -51.59 36.48
C ARG J 360 -24.71 -50.67 35.29
N ASN J 361 -23.69 -50.50 34.46
CA ASN J 361 -23.77 -49.69 33.25
C ASN J 361 -23.45 -50.56 32.04
N GLU J 362 -24.14 -50.30 30.93
CA GLU J 362 -23.95 -51.11 29.74
C GLU J 362 -24.26 -50.28 28.50
N THR J 363 -23.44 -50.45 27.46
CA THR J 363 -23.63 -49.82 26.17
C THR J 363 -23.34 -50.84 25.08
N SER J 364 -24.17 -50.84 24.03
CA SER J 364 -24.05 -51.82 22.97
C SER J 364 -24.24 -51.16 21.62
N ASN J 365 -23.57 -51.71 20.61
CA ASN J 365 -23.73 -51.31 19.22
C ASN J 365 -23.87 -52.56 18.37
N TYR J 366 -24.83 -52.54 17.45
CA TYR J 366 -25.24 -53.73 16.73
C TYR J 366 -25.02 -53.57 15.23
N GLU J 367 -24.91 -54.71 14.55
CA GLU J 367 -24.96 -54.81 13.10
C GLU J 367 -26.18 -55.62 12.71
N VAL J 368 -26.90 -55.14 11.69
CA VAL J 368 -28.20 -55.71 11.34
C VAL J 368 -28.21 -56.15 9.89
N ASP J 369 -29.05 -57.13 9.59
CA ASP J 369 -29.26 -57.60 8.24
C ASP J 369 -30.45 -56.89 7.61
N ARG J 370 -30.29 -56.44 6.38
CA ARG J 370 -31.33 -55.70 5.69
C ARG J 370 -31.52 -56.22 4.28
N THR J 371 -32.73 -56.06 3.76
CA THR J 371 -33.09 -56.50 2.42
C THR J 371 -33.86 -55.39 1.72
N ILE J 372 -33.47 -55.09 0.48
CA ILE J 372 -34.08 -54.04 -0.33
C ILE J 372 -34.53 -54.63 -1.65
N ARG J 373 -35.78 -54.36 -2.04
N ARG J 373 -35.78 -54.36 -2.03
CA ARG J 373 -36.35 -54.85 -3.28
CA ARG J 373 -36.35 -54.85 -3.28
C ARG J 373 -37.02 -53.72 -4.03
C ARG J 373 -37.01 -53.72 -4.03
N HIS J 374 -36.81 -53.68 -5.34
CA HIS J 374 -37.42 -52.69 -6.22
C HIS J 374 -38.17 -53.41 -7.32
N THR J 375 -39.42 -52.99 -7.56
CA THR J 375 -40.27 -53.66 -8.53
C THR J 375 -41.00 -52.63 -9.38
N LYS J 376 -41.03 -52.88 -10.69
CA LYS J 376 -41.80 -52.10 -11.65
C LYS J 376 -42.76 -53.04 -12.36
N MET J 377 -44.05 -52.80 -12.21
CA MET J 377 -45.07 -53.72 -12.71
C MET J 377 -45.22 -53.58 -14.22
N ASN J 378 -45.87 -54.57 -14.82
CA ASN J 378 -46.13 -54.63 -16.25
C ASN J 378 -47.50 -54.05 -16.57
N VAL J 379 -47.60 -53.38 -17.71
CA VAL J 379 -48.85 -52.75 -18.14
C VAL J 379 -49.57 -53.70 -19.09
N GLY J 380 -50.81 -54.05 -18.76
CA GLY J 380 -51.60 -54.91 -19.61
C GLY J 380 -51.79 -56.31 -19.06
N ASP J 381 -51.98 -56.42 -17.75
CA ASP J 381 -52.16 -57.71 -17.09
C ASP J 381 -53.64 -57.97 -16.84
N ILE J 382 -54.00 -59.26 -16.90
CA ILE J 382 -55.39 -59.66 -16.72
C ILE J 382 -55.76 -59.58 -15.24
N GLU J 383 -56.98 -59.09 -14.96
CA GLU J 383 -57.48 -58.98 -13.61
C GLU J 383 -58.64 -59.93 -13.30
N ARG J 384 -59.54 -60.16 -14.26
CA ARG J 384 -60.69 -61.02 -14.04
C ARG J 384 -61.15 -61.60 -15.36
N LEU J 385 -61.80 -62.76 -15.28
CA LEU J 385 -62.29 -63.47 -16.47
C LEU J 385 -63.71 -63.95 -16.23
N SER J 386 -64.54 -63.83 -17.26
CA SER J 386 -65.91 -64.34 -17.26
C SER J 386 -66.14 -65.09 -18.55
N VAL J 387 -66.55 -66.35 -18.44
CA VAL J 387 -66.67 -67.24 -19.60
C VAL J 387 -68.07 -67.85 -19.61
N ALA J 388 -68.71 -67.82 -20.78
CA ALA J 388 -70.01 -68.44 -21.01
C ALA J 388 -69.88 -69.44 -22.15
N VAL J 389 -70.38 -70.65 -21.94
CA VAL J 389 -70.31 -71.73 -22.91
C VAL J 389 -71.71 -72.30 -23.11
N VAL J 390 -72.08 -72.54 -24.36
CA VAL J 390 -73.35 -73.14 -24.72
C VAL J 390 -73.10 -74.38 -25.56
N VAL J 391 -73.71 -75.50 -25.18
CA VAL J 391 -73.52 -76.75 -25.89
C VAL J 391 -74.87 -77.26 -26.39
N ASN J 392 -74.83 -78.03 -27.46
CA ASN J 392 -76.02 -78.53 -28.13
C ASN J 392 -76.44 -79.88 -27.55
N TYR J 393 -77.69 -80.25 -27.82
CA TYR J 393 -78.21 -81.54 -27.41
C TYR J 393 -77.63 -82.66 -28.29
N LYS J 394 -77.74 -83.88 -27.80
CA LYS J 394 -77.27 -85.06 -28.54
C LYS J 394 -78.40 -85.60 -29.38
N THR J 395 -78.19 -85.65 -30.69
CA THR J 395 -79.19 -86.14 -31.64
C THR J 395 -78.80 -87.52 -32.15
N LEU J 396 -79.73 -88.46 -32.09
CA LEU J 396 -79.47 -89.82 -32.55
C LEU J 396 -79.95 -90.01 -33.98
N PRO J 401 -82.39 -85.11 -30.13
CA PRO J 401 -83.04 -84.28 -29.12
C PRO J 401 -82.98 -84.91 -27.72
N LEU J 402 -81.82 -85.40 -27.33
CA LEU J 402 -81.61 -86.02 -26.04
C LEU J 402 -80.61 -85.21 -25.22
N PRO J 403 -80.93 -84.85 -23.98
CA PRO J 403 -79.98 -84.08 -23.18
C PRO J 403 -78.76 -84.91 -22.82
N LEU J 404 -77.63 -84.21 -22.63
CA LEU J 404 -76.38 -84.86 -22.29
C LEU J 404 -76.38 -85.31 -20.83
N THR J 405 -75.57 -86.32 -20.54
CA THR J 405 -75.47 -86.85 -19.19
C THR J 405 -74.75 -85.86 -18.28
N ALA J 406 -75.01 -85.99 -16.97
CA ALA J 406 -74.39 -85.10 -16.00
C ALA J 406 -72.87 -85.28 -15.96
N ASP J 407 -72.39 -86.51 -16.12
CA ASP J 407 -70.95 -86.74 -16.14
C ASP J 407 -70.29 -86.05 -17.33
N GLN J 408 -70.94 -86.08 -18.49
CA GLN J 408 -70.41 -85.37 -19.65
C GLN J 408 -70.35 -83.86 -19.39
N MET J 409 -71.39 -83.32 -18.75
CA MET J 409 -71.37 -81.90 -18.40
C MET J 409 -70.23 -81.58 -17.44
N LYS J 410 -70.01 -82.44 -16.44
CA LYS J 410 -68.92 -82.21 -15.51
C LYS J 410 -67.57 -82.25 -16.21
N GLN J 411 -67.38 -83.19 -17.13
CA GLN J 411 -66.14 -83.26 -17.88
C GLN J 411 -65.95 -82.02 -18.75
N ILE J 412 -67.03 -81.53 -19.37
CA ILE J 412 -66.94 -80.33 -20.20
C ILE J 412 -66.57 -79.12 -19.34
N GLU J 413 -67.18 -79.00 -18.16
CA GLU J 413 -66.83 -77.90 -17.26
C GLU J 413 -65.37 -77.98 -16.83
N ASP J 414 -64.89 -79.18 -16.51
CA ASP J 414 -63.49 -79.33 -16.11
C ASP J 414 -62.55 -78.95 -17.26
N LEU J 415 -62.86 -79.38 -18.48
CA LEU J 415 -62.01 -79.04 -19.62
C LEU J 415 -62.02 -77.54 -19.88
N THR J 416 -63.18 -76.89 -19.77
CA THR J 416 -63.24 -75.45 -19.95
C THR J 416 -62.46 -74.72 -18.86
N ARG J 417 -62.56 -75.21 -17.62
CA ARG J 417 -61.80 -74.62 -16.52
C ARG J 417 -60.30 -74.72 -16.77
N GLU J 418 -59.85 -75.87 -17.28
CA GLU J 418 -58.44 -76.02 -17.64
C GLU J 418 -58.05 -75.09 -18.77
N ALA J 419 -58.90 -74.97 -19.80
CA ALA J 419 -58.54 -74.19 -20.98
C ALA J 419 -58.49 -72.70 -20.68
N MET J 420 -59.39 -72.21 -19.83
CA MET J 420 -59.48 -70.77 -19.59
C MET J 420 -58.51 -70.27 -18.51
N GLY J 421 -57.75 -71.17 -17.88
CA GLY J 421 -56.81 -70.75 -16.85
C GLY J 421 -57.47 -70.19 -15.62
N PHE J 422 -58.49 -70.88 -15.12
CA PHE J 422 -59.27 -70.41 -13.98
C PHE J 422 -58.36 -70.19 -12.76
N SER J 423 -58.58 -69.07 -12.07
CA SER J 423 -57.88 -68.75 -10.84
C SER J 423 -58.90 -68.21 -9.84
N ASP J 424 -59.04 -68.91 -8.72
CA ASP J 424 -60.01 -68.49 -7.71
C ASP J 424 -59.62 -67.18 -7.07
N LYS J 425 -58.32 -66.95 -6.86
CA LYS J 425 -57.86 -65.69 -6.29
C LYS J 425 -58.16 -64.51 -7.19
N ARG J 426 -58.20 -64.73 -8.50
CA ARG J 426 -58.49 -63.67 -9.46
C ARG J 426 -59.99 -63.43 -9.64
N GLY J 427 -60.83 -64.21 -8.98
CA GLY J 427 -62.27 -64.05 -9.09
C GLY J 427 -62.85 -64.37 -10.46
N ASP J 428 -62.33 -65.41 -11.11
CA ASP J 428 -62.85 -65.81 -12.40
C ASP J 428 -64.21 -66.49 -12.23
N THR J 429 -65.02 -66.45 -13.29
CA THR J 429 -66.37 -67.01 -13.25
C THR J 429 -66.67 -67.71 -14.57
N LEU J 430 -67.23 -68.91 -14.48
CA LEU J 430 -67.55 -69.73 -15.64
C LEU J 430 -68.98 -70.23 -15.54
N ASN J 431 -69.69 -70.24 -16.68
CA ASN J 431 -71.05 -70.76 -16.73
C ASN J 431 -71.23 -71.55 -18.03
N VAL J 432 -71.74 -72.77 -17.91
CA VAL J 432 -71.97 -73.66 -19.05
C VAL J 432 -73.44 -74.05 -19.07
N VAL J 433 -74.07 -73.94 -20.24
CA VAL J 433 -75.49 -74.22 -20.42
C VAL J 433 -75.66 -75.18 -21.57
N ASN J 434 -76.48 -76.21 -21.37
CA ASN J 434 -76.82 -77.19 -22.40
C ASN J 434 -78.26 -76.94 -22.85
N SER J 435 -78.44 -76.69 -24.14
CA SER J 435 -79.75 -76.37 -24.68
C SER J 435 -79.76 -76.71 -26.17
N PRO J 436 -80.89 -77.17 -26.70
CA PRO J 436 -80.94 -77.48 -28.14
C PRO J 436 -80.72 -76.24 -28.98
N PHE J 437 -80.02 -76.43 -30.10
CA PHE J 437 -79.71 -75.32 -31.00
C PHE J 437 -80.92 -75.01 -31.88
N SER J 438 -80.96 -73.76 -32.35
CA SER J 438 -82.05 -73.32 -33.21
C SER J 438 -81.57 -73.16 -34.66
N ASP K 229 -63.64 -31.41 -29.49
CA ASP K 229 -62.39 -32.11 -29.79
C ASP K 229 -62.26 -33.36 -28.93
N LEU K 230 -61.87 -33.17 -27.66
CA LEU K 230 -61.74 -34.30 -26.74
C LEU K 230 -63.10 -34.93 -26.44
N ASN K 231 -64.15 -34.12 -26.37
CA ASN K 231 -65.47 -34.64 -26.03
C ASN K 231 -65.96 -35.61 -27.09
N ASP K 232 -65.74 -35.30 -28.37
CA ASP K 232 -66.13 -36.21 -29.43
C ASP K 232 -65.36 -37.52 -29.35
N ALA K 233 -64.07 -37.45 -29.01
CA ALA K 233 -63.28 -38.67 -28.85
C ALA K 233 -63.82 -39.52 -27.70
N GLN K 234 -64.16 -38.89 -26.58
CA GLN K 234 -64.76 -39.64 -25.49
C GLN K 234 -66.07 -40.28 -25.93
N LEU K 235 -66.88 -39.54 -26.68
CA LEU K 235 -68.15 -40.08 -27.14
C LEU K 235 -67.96 -41.29 -28.05
N LYS K 236 -67.03 -41.22 -29.01
CA LYS K 236 -66.93 -42.35 -29.92
C LYS K 236 -66.25 -43.53 -29.25
N PHE K 237 -65.34 -43.29 -28.30
CA PHE K 237 -64.78 -44.41 -27.54
C PHE K 237 -65.86 -45.12 -26.72
N ALA K 238 -66.74 -44.34 -26.08
CA ALA K 238 -67.86 -44.95 -25.36
C ALA K 238 -68.76 -45.73 -26.32
N ASN K 239 -68.99 -45.18 -27.51
CA ASN K 239 -69.82 -45.87 -28.49
C ASN K 239 -69.21 -47.20 -28.92
N ASP K 240 -67.89 -47.22 -29.14
CA ASP K 240 -67.23 -48.48 -29.50
C ASP K 240 -67.29 -49.50 -28.37
N VAL K 241 -67.11 -49.06 -27.12
CA VAL K 241 -67.21 -50.00 -26.00
C VAL K 241 -68.61 -50.58 -25.93
N GLU K 242 -69.63 -49.72 -26.06
CA GLU K 242 -71.01 -50.19 -26.01
C GLU K 242 -71.31 -51.14 -27.16
N SER K 243 -70.80 -50.83 -28.35
CA SER K 243 -71.03 -51.70 -29.51
C SER K 243 -70.36 -53.05 -29.33
N ARG K 244 -69.15 -53.07 -28.75
CA ARG K 244 -68.47 -54.34 -28.48
C ARG K 244 -69.28 -55.19 -27.51
N ILE K 245 -69.78 -54.58 -26.43
CA ILE K 245 -70.56 -55.34 -25.46
C ILE K 245 -71.85 -55.85 -26.10
N GLN K 246 -72.52 -55.01 -26.90
CA GLN K 246 -73.74 -55.42 -27.56
C GLN K 246 -73.48 -56.58 -28.54
N ARG K 247 -72.39 -56.51 -29.29
CA ARG K 247 -72.06 -57.58 -30.22
C ARG K 247 -71.78 -58.88 -29.49
N ARG K 248 -71.05 -58.81 -28.37
CA ARG K 248 -70.81 -60.02 -27.59
C ARG K 248 -72.10 -60.63 -27.07
N ILE K 249 -73.01 -59.79 -26.55
CA ILE K 249 -74.27 -60.30 -26.02
C ILE K 249 -75.10 -60.92 -27.13
N GLU K 250 -75.19 -60.26 -28.28
CA GLU K 250 -75.97 -60.79 -29.40
C GLU K 250 -75.38 -62.11 -29.90
N ALA K 251 -74.05 -62.19 -29.99
CA ALA K 251 -73.41 -63.42 -30.45
C ALA K 251 -73.65 -64.57 -29.48
N ILE K 252 -73.57 -64.31 -28.17
CA ILE K 252 -73.76 -65.40 -27.22
C ILE K 252 -75.23 -65.83 -27.15
N LEU K 253 -76.17 -64.89 -27.29
CA LEU K 253 -77.58 -65.23 -27.16
C LEU K 253 -78.23 -65.67 -28.46
N SER K 254 -77.58 -65.48 -29.61
CA SER K 254 -78.20 -65.83 -30.89
C SER K 254 -78.50 -67.31 -31.04
N PRO K 255 -77.57 -68.25 -30.78
CA PRO K 255 -77.85 -69.66 -31.13
C PRO K 255 -79.07 -70.25 -30.46
N ILE K 256 -79.40 -69.84 -29.24
CA ILE K 256 -80.48 -70.50 -28.49
C ILE K 256 -81.85 -69.98 -28.92
N VAL K 257 -82.09 -68.69 -28.70
CA VAL K 257 -83.43 -68.15 -28.93
C VAL K 257 -83.75 -68.05 -30.42
N GLY K 258 -82.74 -67.78 -31.23
CA GLY K 258 -82.94 -67.64 -32.66
C GLY K 258 -82.04 -66.55 -33.23
N ASN K 259 -81.99 -66.53 -34.56
CA ASN K 259 -81.11 -65.58 -35.24
C ASN K 259 -81.52 -64.13 -34.99
N GLY K 260 -82.81 -63.85 -35.06
CA GLY K 260 -83.28 -62.47 -34.92
C GLY K 260 -84.41 -62.30 -33.92
N ASN K 261 -84.40 -63.10 -32.84
CA ASN K 261 -85.43 -63.03 -31.81
C ASN K 261 -84.90 -62.43 -30.51
N VAL K 262 -83.90 -61.56 -30.60
CA VAL K 262 -83.29 -60.97 -29.42
C VAL K 262 -82.69 -59.62 -29.79
N HIS K 263 -82.84 -58.65 -28.89
CA HIS K 263 -82.23 -57.34 -29.04
C HIS K 263 -81.68 -56.89 -27.70
N ALA K 264 -80.63 -56.08 -27.73
CA ALA K 264 -80.00 -55.60 -26.51
C ALA K 264 -79.47 -54.19 -26.73
N GLN K 265 -79.39 -53.43 -25.63
CA GLN K 265 -78.83 -52.09 -25.63
C GLN K 265 -77.98 -51.91 -24.38
N VAL K 266 -76.82 -51.27 -24.54
CA VAL K 266 -75.84 -51.12 -23.47
C VAL K 266 -75.46 -49.65 -23.35
N THR K 267 -75.46 -49.14 -22.12
CA THR K 267 -74.98 -47.80 -21.82
C THR K 267 -73.89 -47.90 -20.75
N ALA K 268 -72.83 -47.10 -20.91
CA ALA K 268 -71.67 -47.19 -20.05
C ALA K 268 -71.25 -45.80 -19.57
N GLN K 269 -70.67 -45.77 -18.38
CA GLN K 269 -70.07 -44.56 -17.82
C GLN K 269 -68.56 -44.77 -17.71
N LEU K 270 -67.80 -43.73 -18.08
CA LEU K 270 -66.35 -43.82 -18.14
C LEU K 270 -65.73 -42.70 -17.30
N ASP K 271 -64.56 -43.00 -16.73
CA ASP K 271 -63.81 -42.05 -15.93
C ASP K 271 -62.70 -41.44 -16.78
N PHE K 272 -62.74 -40.12 -16.95
CA PHE K 272 -61.77 -39.41 -17.78
C PHE K 272 -60.90 -38.46 -16.97
N ALA K 273 -60.86 -38.62 -15.65
CA ALA K 273 -60.05 -37.77 -14.79
C ALA K 273 -58.63 -38.29 -14.67
N ASN K 274 -57.72 -37.40 -14.30
CA ASN K 274 -56.32 -37.73 -14.09
C ASN K 274 -56.04 -37.83 -12.60
N LYS K 275 -55.52 -38.98 -12.16
CA LYS K 275 -55.27 -39.23 -10.75
C LYS K 275 -53.86 -39.75 -10.55
N GLU K 276 -53.28 -39.40 -9.40
CA GLU K 276 -51.99 -39.92 -8.98
C GLU K 276 -52.07 -40.25 -7.49
N GLN K 277 -51.24 -41.20 -7.06
CA GLN K 277 -51.29 -41.63 -5.67
C GLN K 277 -49.89 -42.05 -5.21
N THR K 278 -49.57 -41.69 -3.98
CA THR K 278 -48.32 -42.10 -3.33
C THR K 278 -48.64 -42.57 -1.91
N GLU K 279 -48.20 -43.78 -1.59
CA GLU K 279 -48.49 -44.40 -0.30
C GLU K 279 -47.20 -44.79 0.40
N GLU K 280 -47.10 -44.46 1.68
CA GLU K 280 -45.97 -44.84 2.52
C GLU K 280 -46.51 -45.57 3.75
N HIS K 281 -45.90 -46.70 4.08
N HIS K 281 -45.90 -46.70 4.08
CA HIS K 281 -46.34 -47.53 5.20
CA HIS K 281 -46.35 -47.53 5.19
C HIS K 281 -45.14 -47.99 6.00
C HIS K 281 -45.15 -48.00 6.00
N TYR K 282 -45.36 -48.15 7.31
CA TYR K 282 -44.33 -48.61 8.23
C TYR K 282 -44.85 -49.78 9.05
N SER K 283 -43.93 -50.68 9.42
CA SER K 283 -44.27 -51.83 10.24
C SER K 283 -44.13 -51.49 11.72
N PRO K 284 -45.16 -51.74 12.53
CA PRO K 284 -45.06 -51.41 13.96
C PRO K 284 -44.02 -52.28 14.66
N ASN K 285 -43.37 -51.70 15.66
CA ASN K 285 -42.34 -52.37 16.45
C ASN K 285 -42.62 -52.24 17.94
N GLY K 286 -43.90 -52.31 18.32
CA GLY K 286 -44.28 -52.21 19.72
C GLY K 286 -43.90 -53.41 20.55
N ASP K 287 -43.70 -54.56 19.92
CA ASP K 287 -43.30 -55.77 20.62
C ASP K 287 -41.79 -55.93 20.57
N ALA K 288 -41.19 -56.22 21.72
CA ALA K 288 -39.74 -56.36 21.80
C ALA K 288 -39.23 -57.57 21.02
N SER K 289 -40.08 -58.58 20.79
CA SER K 289 -39.66 -59.76 20.06
C SER K 289 -39.55 -59.52 18.56
N LYS K 290 -40.06 -58.39 18.07
CA LYS K 290 -40.00 -58.07 16.65
C LYS K 290 -39.26 -56.78 16.35
N ALA K 291 -38.73 -56.10 17.36
CA ALA K 291 -38.01 -54.85 17.14
C ALA K 291 -36.59 -55.11 16.66
N THR K 292 -36.01 -54.09 16.03
CA THR K 292 -34.64 -54.14 15.54
C THR K 292 -33.89 -52.95 16.12
N LEU K 293 -32.96 -53.24 17.03
CA LEU K 293 -32.20 -52.20 17.71
C LEU K 293 -30.89 -51.92 16.98
N ARG K 294 -30.39 -50.70 17.14
CA ARG K 294 -29.10 -50.30 16.60
C ARG K 294 -28.10 -49.91 17.67
N SER K 295 -28.54 -49.21 18.71
CA SER K 295 -27.67 -48.85 19.83
C SER K 295 -28.52 -48.66 21.07
N ARG K 296 -28.11 -49.28 22.17
CA ARG K 296 -28.87 -49.26 23.41
C ARG K 296 -27.95 -48.96 24.58
N GLN K 297 -28.42 -48.11 25.50
CA GLN K 297 -27.72 -47.80 26.73
C GLN K 297 -28.65 -48.02 27.91
N LEU K 298 -28.17 -48.76 28.91
CA LEU K 298 -28.98 -49.11 30.06
C LEU K 298 -28.16 -48.92 31.34
N ASN K 299 -28.62 -48.04 32.22
CA ASN K 299 -27.96 -47.77 33.48
C ASN K 299 -28.89 -48.13 34.63
N ILE K 300 -28.38 -48.92 35.58
CA ILE K 300 -29.16 -49.38 36.72
C ILE K 300 -28.37 -49.11 37.99
N SER K 301 -29.05 -48.58 39.01
CA SER K 301 -28.46 -48.33 40.31
C SER K 301 -29.45 -48.73 41.40
N GLU K 302 -28.91 -49.11 42.55
CA GLU K 302 -29.74 -49.55 43.67
C GLU K 302 -28.94 -49.46 44.96
N GLN K 303 -29.48 -48.70 45.93
CA GLN K 303 -28.90 -48.62 47.26
C GLN K 303 -29.91 -49.18 48.25
N VAL K 304 -29.41 -49.95 49.22
CA VAL K 304 -30.26 -50.54 50.24
C VAL K 304 -29.71 -50.22 51.63
N PRO K 355 -34.90 -47.75 54.19
CA PRO K 355 -34.38 -46.86 53.14
C PRO K 355 -33.99 -47.62 51.87
N ARG K 356 -34.78 -47.47 50.81
CA ARG K 356 -34.52 -48.13 49.54
C ARG K 356 -34.53 -47.10 48.42
N SER K 357 -33.50 -47.15 47.59
CA SER K 357 -33.38 -46.25 46.45
C SER K 357 -33.17 -47.06 45.17
N THR K 358 -33.86 -46.66 44.10
CA THR K 358 -33.77 -47.35 42.82
C THR K 358 -33.77 -46.32 41.71
N GLN K 359 -32.91 -46.52 40.72
CA GLN K 359 -32.81 -45.63 39.56
C GLN K 359 -32.55 -46.47 38.32
N ARG K 360 -33.25 -46.15 37.23
CA ARG K 360 -33.12 -46.88 35.98
C ARG K 360 -33.22 -45.91 34.81
N ASN K 361 -32.19 -45.91 33.97
CA ASN K 361 -32.15 -45.08 32.78
C ASN K 361 -31.99 -45.96 31.55
N GLU K 362 -32.63 -45.58 30.45
CA GLU K 362 -32.62 -46.38 29.25
C GLU K 362 -32.78 -45.49 28.02
N THR K 363 -32.01 -45.80 26.97
CA THR K 363 -32.09 -45.11 25.69
C THR K 363 -32.01 -46.15 24.58
N SER K 364 -32.83 -45.98 23.55
CA SER K 364 -32.90 -46.95 22.47
C SER K 364 -32.98 -46.24 21.13
N ASN K 365 -32.42 -46.89 20.10
CA ASN K 365 -32.52 -46.44 18.72
C ASN K 365 -32.90 -47.62 17.85
N TYR K 366 -33.86 -47.41 16.94
CA TYR K 366 -34.47 -48.50 16.21
C TYR K 366 -34.24 -48.36 14.71
N GLU K 367 -34.35 -49.49 14.02
CA GLU K 367 -34.43 -49.54 12.56
C GLU K 367 -35.78 -50.11 12.18
N VAL K 368 -36.42 -49.50 11.18
CA VAL K 368 -37.80 -49.81 10.83
C VAL K 368 -37.90 -50.22 9.37
N ASP K 369 -38.91 -51.02 9.07
CA ASP K 369 -39.22 -51.43 7.71
C ASP K 369 -40.27 -50.50 7.11
N ARG K 370 -40.03 -50.07 5.88
CA ARG K 370 -40.93 -49.12 5.22
C ARG K 370 -41.22 -49.59 3.80
N THR K 371 -42.39 -49.20 3.31
CA THR K 371 -42.84 -49.54 1.96
C THR K 371 -43.39 -48.29 1.29
N ILE K 372 -42.97 -48.05 0.05
CA ILE K 372 -43.38 -46.89 -0.74
C ILE K 372 -43.95 -47.37 -2.06
N ARG K 373 -45.13 -46.87 -2.43
N ARG K 373 -45.13 -46.87 -2.42
CA ARG K 373 -45.79 -47.23 -3.67
CA ARG K 373 -45.79 -47.23 -3.67
C ARG K 373 -46.26 -45.98 -4.40
C ARG K 373 -46.25 -45.97 -4.40
N HIS K 374 -46.04 -45.95 -5.71
CA HIS K 374 -46.47 -44.85 -6.56
C HIS K 374 -47.36 -45.40 -7.66
N THR K 375 -48.51 -44.75 -7.89
CA THR K 375 -49.48 -45.24 -8.85
C THR K 375 -50.02 -44.09 -9.68
N LYS K 376 -50.10 -44.30 -10.99
CA LYS K 376 -50.73 -43.37 -11.93
C LYS K 376 -51.85 -44.12 -12.64
N MET K 377 -53.08 -43.65 -12.47
CA MET K 377 -54.24 -44.35 -12.97
C MET K 377 -54.39 -44.16 -14.48
N ASN K 378 -55.22 -45.02 -15.08
CA ASN K 378 -55.48 -44.99 -16.51
C ASN K 378 -56.73 -44.17 -16.81
N VAL K 379 -56.72 -43.47 -17.93
CA VAL K 379 -57.83 -42.62 -18.34
C VAL K 379 -58.73 -43.41 -19.29
N GLY K 380 -60.01 -43.53 -18.95
CA GLY K 380 -60.95 -44.21 -19.81
C GLY K 380 -61.39 -45.56 -19.28
N ASP K 381 -61.58 -45.66 -17.96
CA ASP K 381 -61.99 -46.91 -17.33
C ASP K 381 -63.48 -46.91 -17.06
N ILE K 382 -64.08 -48.10 -17.14
CA ILE K 382 -65.51 -48.24 -16.94
C ILE K 382 -65.85 -48.12 -15.46
N GLU K 383 -66.95 -47.42 -15.16
CA GLU K 383 -67.42 -47.25 -13.80
C GLU K 383 -68.73 -47.98 -13.49
N ARG K 384 -69.66 -48.03 -14.44
CA ARG K 384 -70.95 -48.65 -14.22
C ARG K 384 -71.52 -49.13 -15.54
N LEU K 385 -72.37 -50.15 -15.48
CA LEU K 385 -72.99 -50.73 -16.66
C LEU K 385 -74.47 -50.95 -16.42
N SER K 386 -75.28 -50.65 -17.44
CA SER K 386 -76.72 -50.91 -17.42
C SER K 386 -77.10 -51.59 -18.72
N VAL K 387 -77.73 -52.75 -18.63
CA VAL K 387 -78.02 -53.58 -19.80
C VAL K 387 -79.51 -53.92 -19.80
N ALA K 388 -80.14 -53.76 -20.97
CA ALA K 388 -81.53 -54.14 -21.19
C ALA K 388 -81.60 -55.11 -22.35
N VAL K 389 -82.31 -56.22 -22.14
CA VAL K 389 -82.44 -57.27 -23.13
C VAL K 389 -83.93 -57.57 -23.33
N VAL K 390 -84.34 -57.73 -24.58
CA VAL K 390 -85.72 -58.07 -24.92
C VAL K 390 -85.69 -59.32 -25.79
N VAL K 391 -86.50 -60.31 -25.42
CA VAL K 391 -86.55 -61.58 -26.15
C VAL K 391 -87.97 -61.82 -26.64
N ASN K 392 -88.08 -62.57 -27.73
CA ASN K 392 -89.35 -62.83 -28.39
C ASN K 392 -90.01 -64.09 -27.82
N TYR K 393 -91.30 -64.22 -28.09
CA TYR K 393 -92.05 -65.41 -27.69
C TYR K 393 -91.69 -66.59 -28.59
N LYS K 394 -92.02 -67.79 -28.12
CA LYS K 394 -91.78 -69.02 -28.88
C LYS K 394 -93.01 -69.32 -29.72
N THR K 395 -92.82 -69.38 -31.03
CA THR K 395 -93.90 -69.67 -31.97
C THR K 395 -93.75 -71.09 -32.51
N LEU K 396 -94.85 -71.84 -32.45
CA LEU K 396 -94.87 -73.22 -32.94
C LEU K 396 -95.37 -73.30 -34.36
N PRO K 401 -96.84 -68.10 -30.41
CA PRO K 401 -97.32 -67.19 -29.38
C PRO K 401 -97.37 -67.84 -27.99
N LEU K 402 -96.29 -68.54 -27.62
CA LEU K 402 -96.20 -69.20 -26.34
C LEU K 402 -95.06 -68.61 -25.53
N PRO K 403 -95.30 -68.22 -24.28
CA PRO K 403 -94.22 -67.65 -23.47
C PRO K 403 -93.16 -68.70 -23.14
N LEU K 404 -91.93 -68.22 -22.96
CA LEU K 404 -90.81 -69.09 -22.64
C LEU K 404 -90.89 -69.56 -21.19
N THR K 405 -90.26 -70.70 -20.93
CA THR K 405 -90.25 -71.26 -19.58
C THR K 405 -89.35 -70.43 -18.67
N ALA K 406 -89.62 -70.55 -17.36
CA ALA K 406 -88.84 -69.80 -16.38
C ALA K 406 -87.38 -70.24 -16.37
N ASP K 407 -87.13 -71.53 -16.55
CA ASP K 407 -85.76 -72.03 -16.59
C ASP K 407 -84.99 -71.46 -17.77
N GLN K 408 -85.64 -71.34 -18.93
CA GLN K 408 -85.00 -70.72 -20.08
C GLN K 408 -84.68 -69.26 -19.81
N MET K 409 -85.58 -68.54 -19.14
CA MET K 409 -85.30 -67.16 -18.77
C MET K 409 -84.12 -67.07 -17.82
N LYS K 410 -84.05 -67.97 -16.84
CA LYS K 410 -82.92 -67.96 -15.91
C LYS K 410 -81.61 -68.23 -16.63
N GLN K 411 -81.61 -69.18 -17.57
CA GLN K 411 -80.41 -69.46 -18.34
C GLN K 411 -80.00 -68.25 -19.19
N ILE K 412 -80.98 -67.58 -19.79
CA ILE K 412 -80.68 -66.39 -20.59
C ILE K 412 -80.09 -65.29 -19.72
N GLU K 413 -80.65 -65.07 -18.53
CA GLU K 413 -80.10 -64.07 -17.63
C GLU K 413 -78.68 -64.42 -17.21
N ASP K 414 -78.42 -65.71 -16.92
CA ASP K 414 -77.07 -66.11 -16.54
C ASP K 414 -76.09 -65.88 -17.69
N LEU K 415 -76.48 -66.24 -18.91
CA LEU K 415 -75.61 -66.03 -20.06
C LEU K 415 -75.33 -64.55 -20.30
N THR K 416 -76.35 -63.71 -20.17
CA THR K 416 -76.15 -62.27 -20.32
C THR K 416 -75.24 -61.72 -19.23
N ARG K 417 -75.41 -62.20 -17.99
CA ARG K 417 -74.55 -61.79 -16.89
C ARG K 417 -73.10 -62.15 -17.17
N GLU K 418 -72.87 -63.36 -17.70
CA GLU K 418 -71.51 -63.75 -18.08
C GLU K 418 -70.96 -62.88 -19.20
N ALA K 419 -71.79 -62.59 -20.21
CA ALA K 419 -71.31 -61.88 -21.38
C ALA K 419 -70.98 -60.42 -21.07
N MET K 420 -71.77 -59.79 -20.20
CA MET K 420 -71.59 -58.37 -19.93
C MET K 420 -70.55 -58.07 -18.86
N GLY K 421 -69.94 -59.11 -18.25
CA GLY K 421 -68.95 -58.89 -17.23
C GLY K 421 -69.48 -58.22 -15.98
N PHE K 422 -70.61 -58.73 -15.48
CA PHE K 422 -71.26 -58.15 -14.32
C PHE K 422 -70.33 -58.12 -13.11
N SER K 423 -70.32 -56.99 -12.40
CA SER K 423 -69.56 -56.83 -11.17
C SER K 423 -70.46 -56.13 -10.15
N ASP K 424 -70.72 -56.80 -9.04
CA ASP K 424 -71.59 -56.24 -8.02
C ASP K 424 -70.97 -55.02 -7.36
N LYS K 425 -69.64 -55.04 -7.17
CA LYS K 425 -68.95 -53.90 -6.58
C LYS K 425 -69.03 -52.66 -7.45
N ARG K 426 -69.12 -52.86 -8.77
CA ARG K 426 -69.24 -51.75 -9.71
C ARG K 426 -70.66 -51.23 -9.87
N GLY K 427 -71.63 -51.86 -9.21
CA GLY K 427 -73.02 -51.43 -9.30
C GLY K 427 -73.65 -51.63 -10.66
N ASP K 428 -73.33 -52.72 -11.34
CA ASP K 428 -73.94 -53.01 -12.63
C ASP K 428 -75.40 -53.43 -12.46
N THR K 429 -76.19 -53.22 -13.50
CA THR K 429 -77.61 -53.52 -13.45
C THR K 429 -78.05 -54.12 -14.78
N LEU K 430 -78.83 -55.21 -14.70
CA LEU K 430 -79.30 -55.94 -15.87
C LEU K 430 -80.80 -56.16 -15.76
N ASN K 431 -81.50 -56.04 -16.89
CA ASN K 431 -82.93 -56.31 -16.93
C ASN K 431 -83.27 -57.02 -18.24
N VAL K 432 -84.00 -58.12 -18.13
CA VAL K 432 -84.39 -58.93 -19.28
C VAL K 432 -85.91 -59.05 -19.29
N VAL K 433 -86.52 -58.81 -20.45
CA VAL K 433 -87.96 -58.82 -20.61
C VAL K 433 -88.33 -59.72 -21.79
N ASN K 434 -89.32 -60.58 -21.59
CA ASN K 434 -89.84 -61.45 -22.63
C ASN K 434 -91.22 -60.95 -23.05
N SER K 435 -91.37 -60.64 -24.34
CA SER K 435 -92.60 -60.08 -24.86
C SER K 435 -92.68 -60.38 -26.35
N PRO K 436 -93.88 -60.64 -26.87
CA PRO K 436 -94.00 -60.91 -28.32
C PRO K 436 -93.56 -59.71 -29.14
N PHE K 437 -92.91 -60.00 -30.27
CA PHE K 437 -92.43 -58.96 -31.16
C PHE K 437 -93.55 -58.41 -32.02
N SER K 438 -93.39 -57.16 -32.47
CA SER K 438 -94.38 -56.51 -33.31
C SER K 438 -93.89 -56.43 -34.76
N ASP L 229 -68.58 -18.74 -29.17
CA ASP L 229 -67.48 -19.65 -29.50
C ASP L 229 -67.58 -20.93 -28.66
N LEU L 230 -67.15 -20.83 -27.40
CA LEU L 230 -67.22 -21.98 -26.50
C LEU L 230 -68.66 -22.36 -26.19
N ASN L 231 -69.55 -21.37 -26.09
CA ASN L 231 -70.94 -21.64 -25.75
C ASN L 231 -71.61 -22.49 -26.81
N ASP L 232 -71.35 -22.20 -28.09
CA ASP L 232 -71.91 -23.00 -29.16
C ASP L 232 -71.39 -24.44 -29.11
N ALA L 233 -70.10 -24.61 -28.78
CA ALA L 233 -69.54 -25.95 -28.65
C ALA L 233 -70.22 -26.72 -27.51
N GLN L 234 -70.43 -26.06 -26.38
CA GLN L 234 -71.15 -26.70 -25.29
C GLN L 234 -72.55 -27.09 -25.72
N LEU L 235 -73.24 -26.19 -26.46
CA LEU L 235 -74.59 -26.48 -26.91
C LEU L 235 -74.63 -27.69 -27.84
N LYS L 236 -73.71 -27.77 -28.80
CA LYS L 236 -73.81 -28.89 -29.74
C LYS L 236 -73.36 -30.19 -29.09
N PHE L 237 -72.42 -30.13 -28.15
CA PHE L 237 -72.07 -31.35 -27.41
C PHE L 237 -73.25 -31.86 -26.59
N ALA L 238 -73.97 -30.95 -25.93
CA ALA L 238 -75.17 -31.36 -25.21
C ALA L 238 -76.21 -31.93 -26.16
N ASN L 239 -76.34 -31.34 -27.34
CA ASN L 239 -77.29 -31.84 -28.32
C ASN L 239 -76.93 -33.25 -28.78
N ASP L 240 -75.65 -33.52 -29.02
CA ASP L 240 -75.23 -34.87 -29.41
C ASP L 240 -75.47 -35.87 -28.29
N VAL L 241 -75.19 -35.50 -27.04
CA VAL L 241 -75.45 -36.42 -25.93
C VAL L 241 -76.94 -36.75 -25.85
N GLU L 242 -77.79 -35.71 -25.95
CA GLU L 242 -79.23 -35.93 -25.90
C GLU L 242 -79.71 -36.78 -27.05
N SER L 243 -79.17 -36.55 -28.25
CA SER L 243 -79.56 -37.34 -29.42
C SER L 243 -79.14 -38.79 -29.27
N ARG L 244 -77.95 -39.04 -28.70
CA ARG L 244 -77.52 -40.41 -28.46
C ARG L 244 -78.46 -41.12 -27.49
N ILE L 245 -78.82 -40.45 -26.40
CA ILE L 245 -79.72 -41.07 -25.43
C ILE L 245 -81.09 -41.33 -26.06
N GLN L 246 -81.59 -40.37 -26.83
CA GLN L 246 -82.88 -40.54 -27.49
C GLN L 246 -82.85 -41.70 -28.49
N ARG L 247 -81.77 -41.82 -29.25
CA ARG L 247 -81.65 -42.92 -30.20
C ARG L 247 -81.61 -44.26 -29.49
N ARG L 248 -80.87 -44.35 -28.39
CA ARG L 248 -80.84 -45.59 -27.62
C ARG L 248 -82.23 -45.96 -27.11
N ILE L 249 -82.95 -44.98 -26.56
CA ILE L 249 -84.29 -45.26 -26.02
C ILE L 249 -85.22 -45.70 -27.13
N GLU L 250 -85.20 -45.01 -28.27
CA GLU L 250 -86.07 -45.39 -29.39
C GLU L 250 -85.74 -46.77 -29.91
N ALA L 251 -84.45 -47.10 -30.02
CA ALA L 251 -84.06 -48.41 -30.50
C ALA L 251 -84.50 -49.51 -29.55
N ILE L 252 -84.35 -49.30 -28.24
CA ILE L 252 -84.72 -50.35 -27.30
C ILE L 252 -86.25 -50.50 -27.22
N LEU L 253 -87.00 -49.40 -27.34
CA LEU L 253 -88.45 -49.48 -27.19
C LEU L 253 -89.18 -49.78 -28.49
N SER L 254 -88.51 -49.70 -29.64
CA SER L 254 -89.20 -49.89 -30.92
C SER L 254 -89.77 -51.30 -31.10
N PRO L 255 -89.03 -52.39 -30.86
CA PRO L 255 -89.56 -53.72 -31.22
C PRO L 255 -90.87 -54.09 -30.55
N ILE L 256 -91.11 -53.64 -29.32
CA ILE L 256 -92.27 -54.11 -28.56
C ILE L 256 -93.53 -53.34 -28.97
N VAL L 257 -93.54 -52.03 -28.73
CA VAL L 257 -94.75 -51.25 -28.94
C VAL L 257 -95.06 -51.08 -30.42
N GLY L 258 -94.03 -50.99 -31.24
CA GLY L 258 -94.21 -50.78 -32.66
C GLY L 258 -93.14 -49.86 -33.23
N ASN L 259 -93.09 -49.82 -34.56
CA ASN L 259 -92.05 -49.05 -35.23
C ASN L 259 -92.20 -47.55 -34.95
N GLY L 260 -93.41 -47.03 -35.00
CA GLY L 260 -93.62 -45.60 -34.83
C GLY L 260 -94.70 -45.25 -33.82
N ASN L 261 -94.82 -46.04 -32.76
CA ASN L 261 -95.81 -45.81 -31.71
C ASN L 261 -95.16 -45.33 -30.41
N VAL L 262 -94.02 -44.66 -30.50
CA VAL L 262 -93.31 -44.21 -29.31
C VAL L 262 -92.47 -42.99 -29.68
N HIS L 263 -92.43 -42.03 -28.76
CA HIS L 263 -91.59 -40.85 -28.90
C HIS L 263 -90.96 -40.53 -27.55
N ALA L 264 -89.77 -39.92 -27.58
CA ALA L 264 -89.06 -39.58 -26.36
C ALA L 264 -88.29 -38.29 -26.57
N GLN L 265 -88.06 -37.58 -25.46
CA GLN L 265 -87.26 -36.36 -25.44
C GLN L 265 -86.37 -36.37 -24.21
N VAL L 266 -85.12 -35.94 -24.37
CA VAL L 266 -84.12 -35.99 -23.31
C VAL L 266 -83.49 -34.62 -23.17
N THR L 267 -83.38 -34.13 -21.94
CA THR L 267 -82.66 -32.92 -21.62
C THR L 267 -81.59 -33.23 -20.56
N ALA L 268 -80.41 -32.64 -20.73
CA ALA L 268 -79.27 -32.95 -19.88
C ALA L 268 -78.60 -31.68 -19.39
N GLN L 269 -78.01 -31.77 -18.20
CA GLN L 269 -77.20 -30.70 -17.64
C GLN L 269 -75.75 -31.17 -17.54
N LEU L 270 -74.82 -30.30 -17.91
CA LEU L 270 -73.42 -30.64 -17.99
C LEU L 270 -72.59 -29.68 -17.14
N ASP L 271 -71.49 -30.19 -16.59
CA ASP L 271 -70.57 -29.41 -15.78
C ASP L 271 -69.37 -29.00 -16.63
N PHE L 272 -69.17 -27.69 -16.79
CA PHE L 272 -68.09 -27.16 -17.61
C PHE L 272 -67.05 -26.39 -16.80
N ALA L 273 -67.04 -26.58 -15.48
CA ALA L 273 -66.08 -25.89 -14.62
C ALA L 273 -64.77 -26.67 -14.53
N ASN L 274 -63.71 -25.98 -14.15
CA ASN L 274 -62.39 -26.56 -13.97
C ASN L 274 -62.13 -26.73 -12.49
N LYS L 275 -61.82 -27.96 -12.07
CA LYS L 275 -61.61 -28.28 -10.66
C LYS L 275 -60.32 -29.07 -10.49
N GLU L 276 -59.67 -28.84 -9.34
CA GLU L 276 -58.49 -29.59 -8.94
C GLU L 276 -58.63 -29.93 -7.47
N GLN L 277 -57.98 -31.02 -7.06
CA GLN L 277 -58.09 -31.46 -5.67
C GLN L 277 -56.79 -32.13 -5.24
N THR L 278 -56.39 -31.86 -4.00
CA THR L 278 -55.24 -32.51 -3.37
C THR L 278 -55.63 -32.94 -1.96
N GLU L 279 -55.41 -34.22 -1.66
CA GLU L 279 -55.79 -34.79 -0.38
C GLU L 279 -54.58 -35.43 0.29
N GLU L 280 -54.42 -35.14 1.58
CA GLU L 280 -53.37 -35.72 2.41
C GLU L 280 -54.02 -36.37 3.63
N HIS L 281 -53.62 -37.60 3.93
N HIS L 281 -53.61 -37.60 3.93
CA HIS L 281 -54.21 -38.34 5.04
CA HIS L 281 -54.20 -38.35 5.03
C HIS L 281 -53.10 -39.04 5.82
C HIS L 281 -53.10 -39.05 5.82
N TYR L 282 -53.33 -39.19 7.13
CA TYR L 282 -52.39 -39.84 8.03
C TYR L 282 -53.11 -40.90 8.84
N SER L 283 -52.36 -41.96 9.18
CA SER L 283 -52.89 -43.05 10.00
C SER L 283 -52.69 -42.77 11.47
N PRO L 284 -53.73 -42.83 12.30
CA PRO L 284 -53.56 -42.56 13.73
C PRO L 284 -52.69 -43.61 14.40
N ASN L 285 -51.95 -43.17 15.41
CA ASN L 285 -51.05 -44.03 16.17
C ASN L 285 -51.29 -43.88 17.66
N GLY L 286 -52.55 -43.73 18.05
CA GLY L 286 -52.88 -43.57 19.46
C GLY L 286 -52.72 -44.84 20.27
N ASP L 287 -52.74 -46.00 19.62
CA ASP L 287 -52.57 -47.27 20.29
C ASP L 287 -51.11 -47.71 20.23
N ALA L 288 -50.56 -48.12 21.37
CA ALA L 288 -49.16 -48.53 21.42
C ALA L 288 -48.90 -49.81 20.62
N SER L 289 -49.92 -50.63 20.38
CA SER L 289 -49.72 -51.86 19.63
C SER L 289 -49.59 -51.60 18.13
N LYS L 290 -49.88 -50.40 17.66
CA LYS L 290 -49.78 -50.06 16.25
C LYS L 290 -48.82 -48.93 15.96
N ALA L 291 -48.16 -48.37 16.97
CA ALA L 291 -47.25 -47.27 16.77
C ALA L 291 -45.89 -47.77 16.27
N THR L 292 -45.14 -46.88 15.64
CA THR L 292 -43.81 -47.16 15.13
C THR L 292 -42.84 -46.15 15.72
N LEU L 293 -41.97 -46.61 16.62
CA LEU L 293 -41.03 -45.74 17.31
C LEU L 293 -39.69 -45.70 16.56
N ARG L 294 -38.98 -44.58 16.73
CA ARG L 294 -37.64 -44.42 16.18
C ARG L 294 -36.58 -44.24 17.25
N SER L 295 -36.87 -43.49 18.31
CA SER L 295 -35.94 -43.30 19.42
C SER L 295 -36.74 -42.99 20.67
N ARG L 296 -36.43 -43.69 21.75
CA ARG L 296 -37.17 -43.56 23.00
C ARG L 296 -36.21 -43.46 24.17
N GLN L 297 -36.49 -42.55 25.11
CA GLN L 297 -35.73 -42.39 26.33
C GLN L 297 -36.68 -42.47 27.52
N LEU L 298 -36.34 -43.28 28.51
CA LEU L 298 -37.19 -43.50 29.66
C LEU L 298 -36.34 -43.49 30.93
N ASN L 299 -36.62 -42.56 31.83
CA ASN L 299 -35.91 -42.43 33.09
C ASN L 299 -36.88 -42.64 34.24
N ILE L 300 -36.51 -43.52 35.17
CA ILE L 300 -37.35 -43.86 36.32
C ILE L 300 -36.51 -43.75 37.58
N SER L 301 -37.08 -43.12 38.62
CA SER L 301 -36.44 -43.01 39.91
C SER L 301 -37.46 -43.24 41.01
N GLU L 302 -36.99 -43.74 42.15
CA GLU L 302 -37.88 -44.03 43.27
C GLU L 302 -37.07 -44.12 44.55
N GLN L 303 -37.45 -43.29 45.53
CA GLN L 303 -36.86 -43.34 46.86
C GLN L 303 -37.94 -43.72 47.86
N VAL L 304 -37.58 -44.60 48.80
CA VAL L 304 -38.51 -45.03 49.83
C VAL L 304 -37.90 -44.85 51.21
N PRO L 355 -42.52 -41.51 53.88
CA PRO L 355 -41.87 -40.71 52.83
C PRO L 355 -41.63 -41.50 51.55
N ARG L 356 -42.39 -41.19 50.51
CA ARG L 356 -42.27 -41.88 49.22
C ARG L 356 -42.10 -40.84 48.12
N SER L 357 -41.11 -41.05 47.27
CA SER L 357 -40.83 -40.18 46.14
C SER L 357 -40.79 -40.99 44.85
N THR L 358 -41.41 -40.46 43.80
CA THR L 358 -41.45 -41.13 42.51
C THR L 358 -41.28 -40.09 41.41
N GLN L 359 -40.47 -40.44 40.40
CA GLN L 359 -40.23 -39.56 39.26
C GLN L 359 -40.13 -40.40 38.00
N ARG L 360 -40.77 -39.94 36.93
CA ARG L 360 -40.80 -40.67 35.66
C ARG L 360 -40.73 -39.68 34.51
N ASN L 361 -39.72 -39.84 33.66
CA ASN L 361 -39.53 -39.02 32.48
C ASN L 361 -39.56 -39.90 31.24
N GLU L 362 -40.13 -39.37 30.15
CA GLU L 362 -40.27 -40.15 28.93
C GLU L 362 -40.28 -39.23 27.72
N THR L 363 -39.58 -39.65 26.66
CA THR L 363 -39.55 -38.94 25.39
C THR L 363 -39.67 -39.95 24.26
N SER L 364 -40.46 -39.62 23.25
CA SER L 364 -40.72 -40.54 22.15
C SER L 364 -40.68 -39.80 20.82
N ASN L 365 -40.26 -40.52 19.78
CA ASN L 365 -40.28 -40.04 18.41
C ASN L 365 -40.88 -41.12 17.53
N TYR L 366 -41.79 -40.72 16.63
CA TYR L 366 -42.60 -41.66 15.89
C TYR L 366 -42.37 -41.54 14.39
N GLU L 367 -42.69 -42.62 13.68
CA GLU L 367 -42.79 -42.63 12.23
C GLU L 367 -44.23 -42.94 11.85
N VAL L 368 -44.74 -42.20 10.87
CA VAL L 368 -46.16 -42.24 10.54
C VAL L 368 -46.35 -42.61 9.07
N ASP L 369 -47.50 -43.21 8.77
CA ASP L 369 -47.88 -43.53 7.41
C ASP L 369 -48.74 -42.42 6.84
N ARG L 370 -48.45 -42.01 5.61
CA ARG L 370 -49.17 -40.90 4.98
C ARG L 370 -49.55 -41.29 3.55
N THR L 371 -50.64 -40.68 3.08
CA THR L 371 -51.15 -40.91 1.73
C THR L 371 -51.47 -39.57 1.09
N ILE L 372 -51.03 -39.40 -0.16
CA ILE L 372 -51.23 -38.16 -0.92
C ILE L 372 -51.88 -38.50 -2.24
N ARG L 373 -52.96 -37.79 -2.59
N ARG L 373 -52.96 -37.79 -2.58
CA ARG L 373 -53.68 -38.00 -3.82
CA ARG L 373 -53.68 -38.00 -3.82
C ARG L 373 -53.92 -36.68 -4.53
C ARG L 373 -53.92 -36.67 -4.53
N HIS L 374 -53.72 -36.67 -5.84
CA HIS L 374 -53.95 -35.49 -6.67
C HIS L 374 -54.93 -35.85 -7.77
N THR L 375 -55.94 -35.00 -7.97
CA THR L 375 -57.00 -35.28 -8.93
C THR L 375 -57.32 -34.05 -9.74
N LYS L 376 -57.46 -34.22 -11.05
CA LYS L 376 -57.92 -33.17 -11.96
C LYS L 376 -59.15 -33.69 -12.68
N MET L 377 -60.27 -33.00 -12.48
CA MET L 377 -61.55 -33.48 -12.98
C MET L 377 -61.67 -33.23 -14.48
N ASN L 378 -62.66 -33.90 -15.09
CA ASN L 378 -62.93 -33.81 -16.51
C ASN L 378 -64.01 -32.77 -16.78
N VAL L 379 -63.88 -32.07 -17.89
CA VAL L 379 -64.82 -31.02 -18.27
C VAL L 379 -65.85 -31.61 -19.23
N GLY L 380 -67.12 -31.50 -18.87
CA GLY L 380 -68.19 -31.98 -19.73
C GLY L 380 -68.86 -33.24 -19.21
N ASP L 381 -69.05 -33.33 -17.90
CA ASP L 381 -69.68 -34.49 -17.28
C ASP L 381 -71.15 -34.22 -16.99
N ILE L 382 -71.95 -35.28 -17.08
CA ILE L 382 -73.39 -35.17 -16.87
C ILE L 382 -73.68 -35.00 -15.37
N GLU L 383 -74.64 -34.13 -15.06
CA GLU L 383 -75.05 -33.90 -13.68
C GLU L 383 -76.46 -34.38 -13.37
N ARG L 384 -77.40 -34.24 -14.31
CA ARG L 384 -78.78 -34.63 -14.08
C ARG L 384 -79.43 -34.96 -15.40
N LEU L 385 -80.46 -35.81 -15.35
CA LEU L 385 -81.19 -36.25 -16.54
C LEU L 385 -82.68 -36.20 -16.27
N SER L 386 -83.43 -35.75 -17.28
CA SER L 386 -84.89 -35.73 -17.25
C SER L 386 -85.40 -36.31 -18.56
N VAL L 387 -86.23 -37.34 -18.47
CA VAL L 387 -86.69 -38.08 -19.65
C VAL L 387 -88.20 -38.14 -19.64
N ALA L 388 -88.81 -37.85 -20.79
CA ALA L 388 -90.25 -37.96 -21.00
C ALA L 388 -90.51 -38.89 -22.17
N VAL L 389 -91.40 -39.85 -21.98
CA VAL L 389 -91.74 -40.84 -22.99
C VAL L 389 -93.25 -40.87 -23.16
N VAL L 390 -93.71 -40.92 -24.41
CA VAL L 390 -95.12 -41.00 -24.75
C VAL L 390 -95.33 -42.21 -25.63
N VAL L 391 -96.30 -43.05 -25.27
CA VAL L 391 -96.59 -44.27 -26.02
C VAL L 391 -98.04 -44.24 -26.49
N ASN L 392 -98.30 -44.93 -27.59
CA ASN L 392 -99.60 -44.96 -28.24
C ASN L 392 -100.47 -46.07 -27.68
N TYR L 393 -101.78 -45.97 -27.93
CA TYR L 393 -102.71 -47.01 -27.55
C TYR L 393 -102.58 -48.21 -28.47
N LYS L 394 -103.13 -49.34 -28.01
CA LYS L 394 -103.11 -50.58 -28.79
C LYS L 394 -104.39 -50.65 -29.62
N THR L 395 -104.22 -50.72 -30.94
CA THR L 395 -105.34 -50.78 -31.87
C THR L 395 -105.47 -52.19 -32.43
N LEU L 396 -106.69 -52.74 -32.37
CA LEU L 396 -106.95 -54.08 -32.88
C LEU L 396 -107.48 -54.04 -34.30
N PRO L 401 -107.93 -48.74 -30.25
CA PRO L 401 -108.24 -47.76 -29.19
C PRO L 401 -108.39 -48.42 -27.82
N LEU L 402 -107.45 -49.30 -27.48
CA LEU L 402 -107.48 -50.00 -26.20
C LEU L 402 -106.24 -49.64 -25.39
N PRO L 403 -106.38 -49.23 -24.14
CA PRO L 403 -105.21 -48.89 -23.34
C PRO L 403 -104.36 -50.11 -23.03
N LEU L 404 -103.07 -49.87 -22.86
CA LEU L 404 -102.12 -50.94 -22.57
C LEU L 404 -102.27 -51.41 -21.12
N THR L 405 -101.86 -52.65 -20.89
CA THR L 405 -101.93 -53.23 -19.55
C THR L 405 -100.89 -52.60 -18.64
N ALA L 406 -101.16 -52.68 -17.33
CA ALA L 406 -100.25 -52.11 -16.35
C ALA L 406 -98.90 -52.81 -16.36
N ASP L 407 -98.89 -54.13 -16.57
CA ASP L 407 -97.64 -54.86 -16.63
C ASP L 407 -96.78 -54.41 -17.81
N GLN L 408 -97.43 -54.16 -18.96
CA GLN L 408 -96.69 -53.65 -20.11
C GLN L 408 -96.09 -52.28 -19.81
N MET L 409 -96.84 -51.43 -19.13
CA MET L 409 -96.31 -50.11 -18.74
C MET L 409 -95.13 -50.25 -17.80
N LYS L 410 -95.21 -51.17 -16.83
CA LYS L 410 -94.10 -51.39 -15.92
C LYS L 410 -92.85 -51.88 -16.66
N GLN L 411 -93.04 -52.80 -17.61
CA GLN L 411 -91.92 -53.28 -18.40
C GLN L 411 -91.31 -52.16 -19.24
N ILE L 412 -92.16 -51.30 -19.82
CA ILE L 412 -91.65 -50.18 -20.61
C ILE L 412 -90.85 -49.22 -19.73
N GLU L 413 -91.36 -48.92 -18.53
CA GLU L 413 -90.62 -48.05 -17.61
C GLU L 413 -89.29 -48.66 -17.22
N ASP L 414 -89.27 -49.97 -16.95
CA ASP L 414 -88.01 -50.63 -16.60
C ASP L 414 -87.01 -50.56 -17.75
N LEU L 415 -87.47 -50.81 -18.97
CA LEU L 415 -86.58 -50.76 -20.13
C LEU L 415 -86.04 -49.35 -20.35
N THR L 416 -86.90 -48.34 -20.19
CA THR L 416 -86.43 -46.95 -20.33
C THR L 416 -85.44 -46.60 -19.24
N ARG L 417 -85.68 -47.07 -18.01
CA ARG L 417 -84.75 -46.83 -16.91
C ARG L 417 -83.39 -47.45 -17.21
N GLU L 418 -83.39 -48.66 -17.77
CA GLU L 418 -82.13 -49.29 -18.16
C GLU L 418 -81.44 -48.52 -19.28
N ALA L 419 -82.21 -48.07 -20.28
CA ALA L 419 -81.62 -47.44 -21.45
C ALA L 419 -81.03 -46.07 -21.11
N MET L 420 -81.67 -45.32 -20.22
CA MET L 420 -81.24 -43.95 -19.94
C MET L 420 -80.15 -43.88 -18.87
N GLY L 421 -79.74 -45.01 -18.29
CA GLY L 421 -78.70 -45.00 -17.28
C GLY L 421 -79.10 -44.28 -16.01
N PHE L 422 -80.29 -44.57 -15.50
CA PHE L 422 -80.83 -43.90 -14.32
C PHE L 422 -79.90 -44.06 -13.12
N SER L 423 -79.67 -42.97 -12.40
CA SER L 423 -78.88 -42.96 -11.18
C SER L 423 -79.62 -42.14 -10.14
N ASP L 424 -79.99 -42.77 -9.03
CA ASP L 424 -80.74 -42.07 -7.99
C ASP L 424 -79.89 -41.00 -7.32
N LYS L 425 -78.59 -41.27 -7.15
CA LYS L 425 -77.71 -40.28 -6.55
C LYS L 425 -77.57 -39.04 -7.41
N ARG L 426 -77.71 -39.18 -8.72
CA ARG L 426 -77.61 -38.06 -9.64
C ARG L 426 -78.93 -37.29 -9.78
N GLY L 427 -79.99 -37.75 -9.11
CA GLY L 427 -81.27 -37.06 -9.18
C GLY L 427 -81.94 -37.12 -10.54
N ASP L 428 -81.83 -38.24 -11.24
CA ASP L 428 -82.50 -38.39 -12.53
C ASP L 428 -84.01 -38.54 -12.34
N THR L 429 -84.76 -38.17 -13.37
CA THR L 429 -86.21 -38.21 -13.31
C THR L 429 -86.77 -38.70 -14.64
N LEU L 430 -87.73 -39.62 -14.57
CA LEU L 430 -88.34 -40.23 -15.74
C LEU L 430 -89.85 -40.18 -15.62
N ASN L 431 -90.52 -39.90 -16.74
CA ASN L 431 -91.98 -39.91 -16.77
C ASN L 431 -92.45 -40.52 -18.08
N VAL L 432 -93.37 -41.48 -17.98
CA VAL L 432 -93.92 -42.19 -19.14
C VAL L 432 -95.43 -42.02 -19.12
N VAL L 433 -96.00 -41.66 -20.28
CA VAL L 433 -97.43 -41.41 -20.42
C VAL L 433 -97.95 -42.20 -21.60
N ASN L 434 -99.10 -42.87 -21.40
CA ASN L 434 -99.77 -43.61 -22.45
C ASN L 434 -101.03 -42.86 -22.85
N SER L 435 -101.14 -42.50 -24.13
CA SER L 435 -102.25 -41.72 -24.62
C SER L 435 -102.40 -41.98 -26.12
N PRO L 436 -103.63 -42.00 -26.64
CA PRO L 436 -103.82 -42.21 -28.08
C PRO L 436 -103.17 -41.10 -28.89
N PHE L 437 -102.59 -41.48 -30.03
CA PHE L 437 -101.93 -40.53 -30.91
C PHE L 437 -102.95 -39.77 -31.75
N SER L 438 -102.56 -38.58 -32.18
CA SER L 438 -103.42 -37.74 -33.00
C SER L 438 -102.95 -37.71 -34.45
N ASP M 229 -71.12 -5.40 -28.60
CA ASP M 229 -70.22 -6.48 -28.96
C ASP M 229 -70.53 -7.74 -28.14
N LEU M 230 -70.08 -7.73 -26.88
CA LEU M 230 -70.35 -8.87 -26.00
C LEU M 230 -71.84 -8.99 -25.67
N ASN M 231 -72.53 -7.85 -25.55
CA ASN M 231 -73.93 -7.87 -25.19
C ASN M 231 -74.77 -8.57 -26.26
N ASP M 232 -74.46 -8.31 -27.54
CA ASP M 232 -75.18 -8.97 -28.62
C ASP M 232 -74.92 -10.48 -28.59
N ALA M 233 -73.70 -10.89 -28.29
CA ALA M 233 -73.39 -12.32 -28.18
C ALA M 233 -74.17 -12.96 -27.05
N GLN M 234 -74.25 -12.29 -25.90
CA GLN M 234 -75.07 -12.82 -24.81
C GLN M 234 -76.52 -12.93 -25.23
N LEU M 235 -77.03 -11.92 -25.94
CA LEU M 235 -78.42 -11.95 -26.38
C LEU M 235 -78.69 -13.11 -27.33
N LYS M 236 -77.81 -13.34 -28.31
CA LYS M 236 -78.13 -14.40 -29.26
C LYS M 236 -77.91 -15.77 -28.64
N PHE M 237 -76.96 -15.91 -27.70
CA PHE M 237 -76.84 -17.18 -26.99
C PHE M 237 -78.08 -17.48 -26.17
N ALA M 238 -78.61 -16.47 -25.48
CA ALA M 238 -79.86 -16.65 -24.75
C ALA M 238 -81.00 -17.03 -25.70
N ASN M 239 -81.04 -16.38 -26.87
CA ASN M 239 -82.08 -16.69 -27.85
C ASN M 239 -81.98 -18.14 -28.33
N ASP M 240 -80.77 -18.63 -28.59
CA ASP M 240 -80.61 -20.02 -29.00
C ASP M 240 -81.02 -21.00 -27.90
N VAL M 241 -80.66 -20.69 -26.64
CA VAL M 241 -81.08 -21.57 -25.55
C VAL M 241 -82.60 -21.62 -25.45
N GLU M 242 -83.25 -20.45 -25.53
CA GLU M 242 -84.71 -20.40 -25.46
C GLU M 242 -85.34 -21.13 -26.62
N SER M 243 -84.78 -20.98 -27.82
CA SER M 243 -85.32 -21.67 -29.00
C SER M 243 -85.17 -23.17 -28.87
N ARG M 244 -84.05 -23.65 -28.33
CA ARG M 244 -83.87 -25.08 -28.12
C ARG M 244 -84.91 -25.62 -27.15
N ILE M 245 -85.13 -24.91 -26.04
CA ILE M 245 -86.12 -25.37 -25.07
C ILE M 245 -87.52 -25.37 -25.69
N GLN M 246 -87.85 -24.32 -26.44
CA GLN M 246 -89.15 -24.24 -27.08
C GLN M 246 -89.34 -25.37 -28.09
N ARG M 247 -88.31 -25.68 -28.87
CA ARG M 247 -88.40 -26.76 -29.84
C ARG M 247 -88.60 -28.10 -29.15
N ARG M 248 -87.88 -28.34 -28.06
CA ARG M 248 -88.07 -29.58 -27.31
C ARG M 248 -89.49 -29.69 -26.78
N ILE M 249 -90.02 -28.61 -26.21
CA ILE M 249 -91.38 -28.65 -25.66
C ILE M 249 -92.40 -28.89 -26.77
N GLU M 250 -92.26 -28.20 -27.90
CA GLU M 250 -93.19 -28.38 -29.01
C GLU M 250 -93.12 -29.81 -29.56
N ALA M 251 -91.91 -30.36 -29.69
CA ALA M 251 -91.77 -31.72 -30.20
C ALA M 251 -92.40 -32.73 -29.26
N ILE M 252 -92.20 -32.56 -27.94
CA ILE M 252 -92.76 -33.55 -27.02
C ILE M 252 -94.27 -33.42 -26.92
N LEU M 253 -94.82 -32.21 -27.01
CA LEU M 253 -96.26 -32.01 -26.85
C LEU M 253 -97.04 -32.15 -28.14
N SER M 254 -96.38 -32.17 -29.30
CA SER M 254 -97.10 -32.22 -30.58
C SER M 254 -97.92 -33.50 -30.76
N PRO M 255 -97.40 -34.71 -30.55
CA PRO M 255 -98.16 -35.91 -30.93
C PRO M 255 -99.51 -36.04 -30.24
N ILE M 256 -99.66 -35.59 -29.00
CA ILE M 256 -100.88 -35.85 -28.24
C ILE M 256 -101.97 -34.85 -28.62
N VAL M 257 -101.74 -33.57 -28.37
CA VAL M 257 -102.79 -32.58 -28.54
C VAL M 257 -103.08 -32.33 -30.02
N GLY M 258 -102.05 -32.41 -30.85
CA GLY M 258 -102.21 -32.15 -32.27
C GLY M 258 -100.99 -31.43 -32.83
N ASN M 259 -100.95 -31.37 -34.16
CA ASN M 259 -99.79 -30.79 -34.83
C ASN M 259 -99.66 -29.30 -34.53
N GLY M 260 -100.77 -28.56 -34.56
CA GLY M 260 -100.71 -27.13 -34.37
C GLY M 260 -101.69 -26.60 -33.34
N ASN M 261 -101.95 -27.37 -32.28
CA ASN M 261 -102.87 -26.98 -31.22
C ASN M 261 -102.13 -26.66 -29.92
N VAL M 262 -100.89 -26.21 -30.01
CA VAL M 262 -100.09 -25.91 -28.83
C VAL M 262 -99.05 -24.86 -29.18
N HIS M 263 -98.82 -23.94 -28.25
CA HIS M 263 -97.78 -22.93 -28.38
C HIS M 263 -97.09 -22.75 -27.04
N ALA M 264 -95.82 -22.37 -27.07
CA ALA M 264 -95.04 -22.19 -25.86
C ALA M 264 -94.04 -21.06 -26.05
N GLN M 265 -93.68 -20.42 -24.94
CA GLN M 265 -92.67 -19.37 -24.91
C GLN M 265 -91.79 -19.56 -23.69
N VAL M 266 -90.49 -19.37 -23.86
CA VAL M 266 -89.51 -19.62 -22.81
C VAL M 266 -88.62 -18.38 -22.66
N THR M 267 -88.41 -17.95 -21.42
CA THR M 267 -87.47 -16.89 -21.09
C THR M 267 -86.49 -17.41 -20.06
N ALA M 268 -85.22 -17.04 -20.22
CA ALA M 268 -84.15 -17.57 -19.39
C ALA M 268 -83.24 -16.45 -18.90
N GLN M 269 -82.67 -16.66 -17.72
CA GLN M 269 -81.68 -15.78 -17.14
C GLN M 269 -80.33 -16.51 -17.08
N LEU M 270 -79.27 -15.81 -17.44
CA LEU M 270 -77.94 -16.40 -17.54
C LEU M 270 -76.95 -15.62 -16.69
N ASP M 271 -75.95 -16.34 -16.16
CA ASP M 271 -74.91 -15.75 -15.35
C ASP M 271 -73.67 -15.55 -16.21
N PHE M 272 -73.22 -14.30 -16.35
CA PHE M 272 -72.07 -13.96 -17.18
C PHE M 272 -70.90 -13.40 -16.37
N ALA M 273 -70.91 -13.62 -15.05
CA ALA M 273 -69.83 -13.14 -14.20
C ALA M 273 -68.69 -14.15 -14.13
N ASN M 274 -67.52 -13.65 -13.76
CA ASN M 274 -66.33 -14.48 -13.60
C ASN M 274 -66.09 -14.71 -12.12
N LYS M 275 -66.00 -15.99 -11.73
CA LYS M 275 -65.84 -16.37 -10.33
C LYS M 275 -64.71 -17.38 -10.19
N GLU M 276 -64.03 -17.30 -9.05
CA GLU M 276 -63.00 -18.26 -8.67
C GLU M 276 -63.17 -18.59 -7.20
N GLN M 277 -62.73 -19.79 -6.81
CA GLN M 277 -62.90 -20.22 -5.43
C GLN M 277 -61.76 -21.13 -5.03
N THR M 278 -61.30 -20.97 -3.79
CA THR M 278 -60.28 -21.81 -3.19
C THR M 278 -60.73 -22.19 -1.78
N GLU M 279 -60.74 -23.49 -1.50
CA GLU M 279 -61.21 -24.00 -0.22
C GLU M 279 -60.13 -24.86 0.43
N GLU M 280 -59.90 -24.63 1.72
CA GLU M 280 -58.98 -25.42 2.52
C GLU M 280 -59.72 -25.95 3.74
N HIS M 281 -59.55 -27.24 4.02
N HIS M 281 -59.54 -27.24 4.02
CA HIS M 281 -60.24 -27.88 5.12
CA HIS M 281 -60.25 -27.89 5.11
C HIS M 281 -59.28 -28.78 5.88
C HIS M 281 -59.29 -28.79 5.88
N TYR M 282 -59.53 -28.91 7.19
CA TYR M 282 -58.71 -29.73 8.07
C TYR M 282 -59.60 -30.66 8.87
N SER M 283 -59.06 -31.85 9.19
CA SER M 283 -59.78 -32.83 9.99
C SER M 283 -59.51 -32.62 11.46
N PRO M 284 -60.54 -32.51 12.30
CA PRO M 284 -60.31 -32.30 13.74
C PRO M 284 -59.65 -33.49 14.38
N ASN M 285 -58.81 -33.22 15.38
CA ASN M 285 -58.08 -34.24 16.12
C ASN M 285 -58.27 -34.09 17.62
N GLY M 286 -59.49 -33.70 18.03
CA GLY M 286 -59.77 -33.52 19.44
C GLY M 286 -59.84 -34.81 20.24
N ASP M 287 -60.07 -35.93 19.56
CA ASP M 287 -60.14 -37.23 20.22
C ASP M 287 -58.78 -37.92 20.13
N ALA M 288 -58.30 -38.45 21.25
CA ALA M 288 -57.00 -39.10 21.28
C ALA M 288 -56.98 -40.39 20.46
N SER M 289 -58.14 -41.01 20.22
CA SER M 289 -58.18 -42.24 19.45
C SER M 289 -58.01 -41.99 17.95
N LYS M 290 -58.08 -40.74 17.50
CA LYS M 290 -57.94 -40.40 16.10
C LYS M 290 -56.79 -39.46 15.82
N ALA M 291 -56.04 -39.05 16.82
CA ALA M 291 -54.93 -38.13 16.63
C ALA M 291 -53.70 -38.87 16.10
N THR M 292 -52.80 -38.11 15.48
CA THR M 292 -51.54 -38.63 14.95
C THR M 292 -50.40 -37.82 15.54
N LEU M 293 -49.62 -38.45 16.42
CA LEU M 293 -48.53 -37.78 17.11
C LEU M 293 -47.22 -37.96 16.35
N ARG M 294 -46.31 -37.01 16.53
CA ARG M 294 -44.98 -37.08 15.96
C ARG M 294 -43.89 -37.11 17.02
N SER M 295 -44.02 -36.34 18.09
CA SER M 295 -43.07 -36.35 19.19
C SER M 295 -43.78 -35.91 20.46
N ARG M 296 -43.60 -36.68 21.53
CA ARG M 296 -44.29 -36.43 22.79
C ARG M 296 -43.30 -36.53 23.95
N GLN M 297 -43.42 -35.59 24.90
CA GLN M 297 -42.63 -35.61 26.12
C GLN M 297 -43.56 -35.53 27.32
N LEU M 298 -43.36 -36.41 28.29
CA LEU M 298 -44.23 -36.49 29.45
C LEU M 298 -43.38 -36.66 30.70
N ASN M 299 -43.48 -35.70 31.63
CA ASN M 299 -42.74 -35.73 32.88
C ASN M 299 -43.73 -35.78 34.03
N ILE M 300 -43.52 -36.73 34.95
CA ILE M 300 -44.39 -36.93 36.10
C ILE M 300 -43.54 -37.00 37.36
N SER M 301 -43.97 -36.30 38.41
CA SER M 301 -43.31 -36.31 39.69
C SER M 301 -44.35 -36.38 40.80
N GLU M 302 -43.97 -36.97 41.93
CA GLU M 302 -44.88 -37.12 43.05
C GLU M 302 -44.09 -37.37 44.33
N GLN M 303 -44.29 -36.51 45.33
CA GLN M 303 -43.72 -36.69 46.64
C GLN M 303 -44.84 -36.88 47.65
N VAL M 304 -44.63 -37.82 48.58
CA VAL M 304 -45.62 -38.10 49.61
C VAL M 304 -44.97 -38.05 50.99
N PRO M 355 -48.89 -33.98 53.75
CA PRO M 355 -48.11 -33.30 52.72
C PRO M 355 -48.03 -34.09 51.42
N ARG M 356 -48.73 -33.63 50.39
CA ARG M 356 -48.75 -34.30 49.09
C ARG M 356 -48.41 -33.30 48.01
N SER M 357 -47.47 -33.67 47.14
CA SER M 357 -47.05 -32.84 46.02
C SER M 357 -47.17 -33.63 44.72
N THR M 358 -47.69 -32.97 43.68
CA THR M 358 -47.86 -33.60 42.38
C THR M 358 -47.52 -32.59 41.30
N GLN M 359 -46.80 -33.06 40.28
CA GLN M 359 -46.41 -32.22 39.15
C GLN M 359 -46.48 -33.05 37.87
N ARG M 360 -47.04 -32.46 36.81
CA ARG M 360 -47.20 -33.15 35.54
C ARG M 360 -46.97 -32.17 34.40
N ASN M 361 -46.01 -32.50 33.53
CA ASN M 361 -45.69 -31.70 32.36
C ASN M 361 -45.89 -32.53 31.11
N GLU M 362 -46.36 -31.90 30.04
CA GLU M 362 -46.65 -32.62 28.81
C GLU M 362 -46.51 -31.69 27.61
N THR M 363 -45.91 -32.21 26.54
CA THR M 363 -45.76 -31.49 25.28
C THR M 363 -46.07 -32.45 24.14
N SER M 364 -46.79 -31.96 23.14
CA SER M 364 -47.23 -32.80 22.03
C SER M 364 -47.07 -32.06 20.71
N ASN M 365 -46.79 -32.83 19.65
CA ASN M 365 -46.74 -32.33 18.29
C ASN M 365 -47.55 -33.26 17.40
N TYR M 366 -48.37 -32.69 16.52
CA TYR M 366 -49.35 -33.45 15.78
C TYR M 366 -49.11 -33.34 14.28
N GLU M 367 -49.63 -34.34 13.56
CA GLU M 367 -49.74 -34.31 12.10
C GLU M 367 -51.22 -34.34 11.73
N VAL M 368 -51.60 -33.51 10.77
CA VAL M 368 -53.01 -33.29 10.46
C VAL M 368 -53.27 -33.57 8.99
N ASP M 369 -54.51 -33.95 8.70
CA ASP M 369 -54.96 -34.18 7.33
C ASP M 369 -55.61 -32.92 6.79
N ARG M 370 -55.26 -32.55 5.56
CA ARG M 370 -55.76 -31.33 4.96
C ARG M 370 -56.23 -31.60 3.53
N THR M 371 -57.19 -30.80 3.08
CA THR M 371 -57.75 -30.91 1.74
C THR M 371 -57.83 -29.52 1.12
N ILE M 372 -57.37 -29.40 -0.13
CA ILE M 372 -57.35 -28.14 -0.87
C ILE M 372 -58.06 -28.34 -2.19
N ARG M 373 -58.99 -27.43 -2.51
N ARG M 373 -59.00 -27.44 -2.50
CA ARG M 373 -59.76 -27.50 -3.74
CA ARG M 373 -59.77 -27.49 -3.74
C ARG M 373 -59.76 -26.13 -4.42
C ARG M 373 -59.75 -26.13 -4.42
N HIS M 374 -59.57 -26.13 -5.73
CA HIS M 374 -59.58 -24.92 -6.55
C HIS M 374 -60.63 -25.08 -7.64
N THR M 375 -61.46 -24.05 -7.81
CA THR M 375 -62.57 -24.12 -8.76
C THR M 375 -62.67 -22.83 -9.55
N LYS M 376 -62.84 -22.95 -10.86
CA LYS M 376 -63.11 -21.82 -11.75
C LYS M 376 -64.43 -22.09 -12.46
N MET M 377 -65.41 -21.21 -12.24
CA MET M 377 -66.76 -21.43 -12.73
C MET M 377 -66.85 -21.15 -14.23
N ASN M 378 -67.94 -21.63 -14.82
CA ASN M 378 -68.20 -21.46 -16.25
C ASN M 378 -69.08 -20.23 -16.48
N VAL M 379 -68.83 -19.54 -17.59
CA VAL M 379 -69.57 -18.34 -17.94
C VAL M 379 -70.69 -18.71 -18.89
N GLY M 380 -71.93 -18.37 -18.52
CA GLY M 380 -73.08 -18.65 -19.37
C GLY M 380 -73.96 -19.78 -18.86
N ASP M 381 -74.15 -19.85 -17.55
CA ASP M 381 -74.97 -20.88 -16.94
C ASP M 381 -76.36 -20.36 -16.63
N ILE M 382 -77.34 -21.25 -16.72
CA ILE M 382 -78.73 -20.88 -16.49
C ILE M 382 -78.98 -20.69 -14.99
N GLU M 383 -79.75 -19.66 -14.65
CA GLU M 383 -80.11 -19.38 -13.27
C GLU M 383 -81.58 -19.60 -12.95
N ARG M 384 -82.48 -19.28 -13.88
CA ARG M 384 -83.91 -19.40 -13.63
C ARG M 384 -84.63 -19.59 -14.95
N LEU M 385 -85.79 -20.25 -14.89
CA LEU M 385 -86.60 -20.53 -16.08
C LEU M 385 -88.06 -20.21 -15.80
N SER M 386 -88.72 -19.60 -16.79
CA SER M 386 -90.15 -19.32 -16.74
C SER M 386 -90.77 -19.77 -18.05
N VAL M 387 -91.78 -20.64 -17.97
CA VAL M 387 -92.37 -21.26 -19.16
C VAL M 387 -93.87 -21.05 -19.13
N ALA M 388 -94.42 -20.63 -20.27
CA ALA M 388 -95.86 -20.47 -20.46
C ALA M 388 -96.30 -21.31 -21.64
N VAL M 389 -97.35 -22.11 -21.45
CA VAL M 389 -97.88 -23.00 -22.47
C VAL M 389 -99.36 -22.74 -22.63
N VAL M 390 -99.83 -22.68 -23.87
CA VAL M 390 -101.24 -22.50 -24.19
C VAL M 390 -101.68 -23.65 -25.09
N VAL M 391 -102.78 -24.30 -24.73
CA VAL M 391 -103.30 -25.43 -25.49
C VAL M 391 -104.72 -25.12 -25.95
N ASN M 392 -105.11 -25.74 -27.05
CA ASN M 392 -106.40 -25.51 -27.69
C ASN M 392 -107.46 -26.47 -27.14
N TYR M 393 -108.71 -26.11 -27.37
CA TYR M 393 -109.82 -26.97 -26.99
C TYR M 393 -109.93 -28.17 -27.93
N LYS M 394 -110.67 -29.19 -27.49
CA LYS M 394 -110.89 -30.39 -28.28
C LYS M 394 -112.16 -30.22 -29.10
N THR M 395 -112.03 -30.29 -30.42
CA THR M 395 -113.15 -30.14 -31.34
C THR M 395 -113.54 -31.48 -31.91
N LEU M 396 -114.83 -31.80 -31.85
CA LEU M 396 -115.34 -33.06 -32.37
C LEU M 396 -115.86 -32.90 -33.79
N PRO M 401 -115.30 -27.67 -29.65
CA PRO M 401 -115.41 -26.68 -28.58
C PRO M 401 -115.67 -27.32 -27.21
N LEU M 402 -114.91 -28.37 -26.89
CA LEU M 402 -115.05 -29.08 -25.63
C LEU M 402 -113.75 -28.96 -24.83
N PRO M 403 -113.81 -28.55 -23.57
CA PRO M 403 -112.59 -28.45 -22.78
C PRO M 403 -111.97 -29.81 -22.50
N LEU M 404 -110.65 -29.81 -22.34
CA LEU M 404 -109.91 -31.04 -22.08
C LEU M 404 -110.13 -31.50 -20.64
N THR M 405 -109.95 -32.80 -20.43
CA THR M 405 -110.13 -33.38 -19.10
C THR M 405 -108.98 -32.96 -18.19
N ALA M 406 -109.24 -33.01 -16.88
CA ALA M 406 -108.23 -32.63 -15.90
C ALA M 406 -107.03 -33.57 -15.94
N ASP M 407 -107.27 -34.86 -16.17
CA ASP M 407 -106.17 -35.82 -16.25
C ASP M 407 -105.26 -35.51 -17.44
N GLN M 408 -105.85 -35.13 -18.58
CA GLN M 408 -105.05 -34.73 -19.73
C GLN M 408 -104.21 -33.51 -19.42
N MET M 409 -104.79 -32.53 -18.71
CA MET M 409 -104.03 -31.36 -18.31
C MET M 409 -102.87 -31.72 -17.38
N LYS M 410 -103.11 -32.62 -16.43
CA LYS M 410 -102.05 -33.06 -15.54
C LYS M 410 -100.93 -33.75 -16.30
N GLN M 411 -101.29 -34.61 -17.26
CA GLN M 411 -100.28 -35.27 -18.08
C GLN M 411 -99.49 -34.27 -18.90
N ILE M 412 -100.16 -33.25 -19.45
CA ILE M 412 -99.47 -32.22 -20.24
C ILE M 412 -98.50 -31.45 -19.35
N GLU M 413 -98.94 -31.09 -18.14
CA GLU M 413 -98.04 -30.39 -17.22
C GLU M 413 -96.84 -31.24 -16.85
N ASP M 414 -97.05 -32.53 -16.61
CA ASP M 414 -95.93 -33.41 -16.28
C ASP M 414 -94.95 -33.52 -17.44
N LEU M 415 -95.46 -33.65 -18.67
CA LEU M 415 -94.59 -33.74 -19.83
C LEU M 415 -93.81 -32.45 -20.03
N THR M 416 -94.46 -31.29 -19.85
CA THR M 416 -93.75 -30.02 -19.97
C THR M 416 -92.69 -29.87 -18.89
N ARG M 417 -93.00 -30.31 -17.66
CA ARG M 417 -92.03 -30.26 -16.58
C ARG M 417 -90.82 -31.12 -16.90
N GLU M 418 -91.04 -32.31 -17.47
CA GLU M 418 -89.92 -33.15 -17.90
C GLU M 418 -89.12 -32.49 -19.01
N ALA M 419 -89.80 -31.89 -19.99
CA ALA M 419 -89.11 -31.35 -21.16
C ALA M 419 -88.28 -30.12 -20.81
N MET M 420 -88.77 -29.28 -19.90
CA MET M 420 -88.09 -28.03 -19.60
C MET M 420 -86.99 -28.17 -18.54
N GLY M 421 -86.79 -29.37 -17.98
CA GLY M 421 -85.76 -29.56 -16.99
C GLY M 421 -86.00 -28.79 -15.71
N PHE M 422 -87.23 -28.88 -15.19
CA PHE M 422 -87.62 -28.15 -13.99
C PHE M 422 -86.73 -28.50 -12.81
N SER M 423 -86.29 -27.47 -12.07
CA SER M 423 -85.51 -27.63 -10.85
C SER M 423 -86.07 -26.71 -9.79
N ASP M 424 -86.55 -27.28 -8.69
CA ASP M 424 -87.14 -26.47 -7.63
C ASP M 424 -86.11 -25.59 -6.95
N LYS M 425 -84.87 -26.09 -6.80
CA LYS M 425 -83.81 -25.30 -6.20
C LYS M 425 -83.46 -24.08 -7.04
N ARG M 426 -83.63 -24.17 -8.36
CA ARG M 426 -83.35 -23.07 -9.26
C ARG M 426 -84.50 -22.08 -9.37
N GLY M 427 -85.62 -22.33 -8.70
CA GLY M 427 -86.76 -21.43 -8.74
C GLY M 427 -87.44 -21.33 -10.09
N ASP M 428 -87.55 -22.45 -10.81
CA ASP M 428 -88.24 -22.45 -12.09
C ASP M 428 -89.75 -22.33 -11.88
N THR M 429 -90.42 -21.81 -12.90
CA THR M 429 -91.86 -21.58 -12.82
C THR M 429 -92.51 -21.94 -14.15
N LEU M 430 -93.62 -22.68 -14.08
CA LEU M 430 -94.34 -23.15 -15.26
C LEU M 430 -95.83 -22.82 -15.11
N ASN M 431 -96.45 -22.41 -16.22
CA ASN M 431 -97.88 -22.14 -16.23
C ASN M 431 -98.47 -22.64 -17.55
N VAL M 432 -99.55 -23.42 -17.45
CA VAL M 432 -100.23 -23.99 -18.62
C VAL M 432 -101.69 -23.55 -18.58
N VAL M 433 -102.18 -23.07 -19.72
CA VAL M 433 -103.54 -22.55 -19.84
C VAL M 433 -104.22 -23.22 -21.03
N ASN M 434 -105.46 -23.67 -20.83
CA ASN M 434 -106.27 -24.27 -21.88
C ASN M 434 -107.37 -23.28 -22.25
N SER M 435 -107.42 -22.90 -23.52
CA SER M 435 -108.38 -21.91 -23.99
C SER M 435 -108.59 -22.11 -25.49
N PRO M 436 -109.80 -21.90 -25.99
CA PRO M 436 -110.04 -22.05 -27.44
C PRO M 436 -109.21 -21.07 -28.24
N PHE M 437 -108.73 -21.53 -29.39
CA PHE M 437 -107.91 -20.70 -30.26
C PHE M 437 -108.78 -19.75 -31.08
N SER M 438 -108.18 -18.63 -31.49
CA SER M 438 -108.89 -17.64 -32.29
C SER M 438 -108.42 -17.68 -33.75
N ASP N 229 -71.18 8.18 -27.80
CA ASP N 229 -70.49 6.95 -28.18
C ASP N 229 -71.01 5.76 -27.37
N LEU N 230 -70.57 5.66 -26.12
CA LEU N 230 -71.03 4.58 -25.25
C LEU N 230 -72.51 4.72 -24.91
N ASN N 231 -72.97 5.97 -24.76
CA ASN N 231 -74.36 6.20 -24.39
C ASN N 231 -75.32 5.69 -25.46
N ASP N 232 -74.98 5.91 -26.73
CA ASP N 232 -75.81 5.39 -27.82
C ASP N 232 -75.85 3.88 -27.82
N ALA N 233 -74.70 3.25 -27.53
CA ALA N 233 -74.66 1.79 -27.45
C ALA N 233 -75.54 1.27 -26.32
N GLN N 234 -75.49 1.93 -25.16
CA GLN N 234 -76.38 1.54 -24.07
C GLN N 234 -77.83 1.70 -24.48
N LEU N 235 -78.15 2.80 -25.16
CA LEU N 235 -79.53 3.04 -25.58
C LEU N 235 -80.02 1.95 -26.55
N LYS N 236 -79.20 1.58 -27.54
CA LYS N 236 -79.72 0.61 -28.50
C LYS N 236 -79.75 -0.78 -27.90
N PHE N 237 -78.83 -1.11 -26.99
CA PHE N 237 -78.93 -2.38 -26.30
C PHE N 237 -80.21 -2.47 -25.46
N ALA N 238 -80.54 -1.38 -24.75
CA ALA N 238 -81.80 -1.36 -24.01
C ALA N 238 -82.99 -1.50 -24.95
N ASN N 239 -82.92 -0.84 -26.11
CA ASN N 239 -84.00 -0.94 -27.08
C ASN N 239 -84.18 -2.37 -27.58
N ASP N 240 -83.08 -3.06 -27.87
CA ASP N 240 -83.18 -4.46 -28.30
C ASP N 240 -83.75 -5.35 -27.21
N VAL N 241 -83.33 -5.15 -25.95
CA VAL N 241 -83.90 -5.96 -24.86
C VAL N 241 -85.40 -5.73 -24.75
N GLU N 242 -85.82 -4.46 -24.81
CA GLU N 242 -87.25 -4.14 -24.71
C GLU N 242 -88.02 -4.74 -25.88
N SER N 243 -87.44 -4.67 -27.09
CA SER N 243 -88.11 -5.22 -28.26
C SER N 243 -88.24 -6.73 -28.17
N ARG N 244 -87.22 -7.41 -27.64
CA ARG N 244 -87.30 -8.85 -27.45
C ARG N 244 -88.41 -9.21 -26.48
N ILE N 245 -88.49 -8.50 -25.36
CA ILE N 245 -89.54 -8.78 -24.38
C ILE N 245 -90.92 -8.51 -24.98
N GLN N 246 -91.06 -7.40 -25.71
CA GLN N 246 -92.33 -7.07 -26.34
C GLN N 246 -92.74 -8.14 -27.37
N ARG N 247 -91.78 -8.61 -28.16
CA ARG N 247 -92.07 -9.64 -29.15
C ARG N 247 -92.51 -10.93 -28.48
N ARG N 248 -91.83 -11.31 -27.39
CA ARG N 248 -92.25 -12.52 -26.67
C ARG N 248 -93.66 -12.39 -26.12
N ILE N 249 -93.98 -11.23 -25.53
CA ILE N 249 -95.32 -11.03 -24.96
C ILE N 249 -96.37 -11.07 -26.06
N GLU N 250 -96.12 -10.39 -27.18
CA GLU N 250 -97.07 -10.38 -28.28
C GLU N 250 -97.28 -11.78 -28.86
N ALA N 251 -96.19 -12.54 -29.00
CA ALA N 251 -96.30 -13.89 -29.54
C ALA N 251 -97.09 -14.79 -28.61
N ILE N 252 -96.86 -14.68 -27.29
CA ILE N 252 -97.57 -15.57 -26.37
C ILE N 252 -99.04 -15.18 -26.26
N LEU N 253 -99.35 -13.88 -26.32
CA LEU N 253 -100.74 -13.43 -26.14
C LEU N 253 -101.55 -13.39 -27.42
N SER N 254 -100.91 -13.52 -28.59
CA SER N 254 -101.64 -13.41 -29.86
C SER N 254 -102.68 -14.51 -30.06
N PRO N 255 -102.38 -15.80 -29.86
CA PRO N 255 -103.35 -16.84 -30.26
C PRO N 255 -104.71 -16.74 -29.56
N ILE N 256 -104.75 -16.28 -28.31
CA ILE N 256 -106.00 -16.33 -27.54
C ILE N 256 -106.89 -15.15 -27.89
N VAL N 257 -106.42 -13.93 -27.61
CA VAL N 257 -107.28 -12.76 -27.76
C VAL N 257 -107.52 -12.44 -29.23
N GLY N 258 -106.54 -12.69 -30.07
CA GLY N 258 -106.66 -12.37 -31.48
C GLY N 258 -105.34 -11.89 -32.05
N ASN N 259 -105.30 -11.82 -33.38
CA ASN N 259 -104.06 -11.45 -34.06
C ASN N 259 -103.65 -10.01 -33.74
N GLY N 260 -104.61 -9.08 -33.74
CA GLY N 260 -104.28 -7.68 -33.52
C GLY N 260 -105.15 -7.00 -32.47
N ASN N 261 -105.53 -7.73 -31.43
CA ASN N 261 -106.35 -7.20 -30.35
C ASN N 261 -105.56 -7.04 -29.05
N VAL N 262 -104.25 -6.82 -29.15
CA VAL N 262 -103.41 -6.69 -27.97
C VAL N 262 -102.20 -5.85 -28.33
N HIS N 263 -101.79 -4.99 -27.39
CA HIS N 263 -100.59 -4.19 -27.51
C HIS N 263 -99.87 -4.16 -26.18
N ALA N 264 -98.55 -4.03 -26.22
CA ALA N 264 -97.73 -4.01 -25.01
C ALA N 264 -96.55 -3.08 -25.20
N GLN N 265 -96.06 -2.54 -24.08
CA GLN N 265 -94.88 -1.69 -24.05
C GLN N 265 -94.04 -2.06 -22.84
N VAL N 266 -92.73 -2.10 -23.03
CA VAL N 266 -91.79 -2.54 -22.00
C VAL N 266 -90.70 -1.50 -21.84
N THR N 267 -90.40 -1.14 -20.59
CA THR N 267 -89.28 -0.27 -20.26
C THR N 267 -88.39 -0.97 -19.25
N ALA N 268 -87.08 -0.84 -19.42
CA ALA N 268 -86.12 -1.58 -18.62
C ALA N 268 -85.02 -0.65 -18.11
N GLN N 269 -84.48 -0.98 -16.94
CA GLN N 269 -83.34 -0.29 -16.37
C GLN N 269 -82.16 -1.27 -16.33
N LEU N 270 -80.98 -0.76 -16.70
CA LEU N 270 -79.79 -1.59 -16.82
C LEU N 270 -78.66 -1.02 -15.97
N ASP N 271 -77.81 -1.91 -15.47
CA ASP N 271 -76.66 -1.54 -14.66
C ASP N 271 -75.41 -1.56 -15.53
N PHE N 272 -74.75 -0.41 -15.65
CA PHE N 272 -73.57 -0.26 -16.50
C PHE N 272 -72.31 0.05 -15.69
N ALA N 273 -72.34 -0.18 -14.38
CA ALA N 273 -71.19 0.09 -13.53
C ALA N 273 -70.25 -1.12 -13.49
N ASN N 274 -69.00 -0.85 -13.12
CA ASN N 274 -67.98 -1.88 -12.99
C ASN N 274 -67.77 -2.19 -11.52
N LYS N 275 -67.92 -3.46 -11.15
CA LYS N 275 -67.82 -3.88 -9.76
C LYS N 275 -66.89 -5.08 -9.65
N GLU N 276 -66.19 -5.16 -8.51
CA GLU N 276 -65.35 -6.29 -8.16
C GLU N 276 -65.57 -6.61 -6.69
N GLN N 277 -65.36 -7.88 -6.34
CA GLN N 277 -65.59 -8.30 -4.96
C GLN N 277 -64.62 -9.40 -4.58
N THR N 278 -64.14 -9.35 -3.35
CA THR N 278 -63.27 -10.37 -2.77
C THR N 278 -63.77 -10.69 -1.37
N GLU N 279 -64.02 -11.97 -1.10
CA GLU N 279 -64.57 -12.42 0.17
C GLU N 279 -63.66 -13.47 0.79
N GLU N 280 -63.38 -13.30 2.08
CA GLU N 280 -62.60 -14.26 2.86
C GLU N 280 -63.41 -14.67 4.08
N HIS N 281 -63.48 -15.98 4.34
N HIS N 281 -63.48 -15.97 4.34
CA HIS N 281 -64.28 -16.50 5.44
CA HIS N 281 -64.28 -16.51 5.43
C HIS N 281 -63.49 -17.56 6.17
C HIS N 281 -63.50 -17.58 6.17
N TYR N 282 -63.74 -17.67 7.48
CA TYR N 282 -63.08 -18.65 8.34
C TYR N 282 -64.11 -19.41 9.14
N SER N 283 -63.80 -20.68 9.43
CA SER N 283 -64.67 -21.54 10.23
C SER N 283 -64.36 -21.40 11.70
N PRO N 284 -65.35 -21.12 12.55
CA PRO N 284 -65.06 -20.98 13.99
C PRO N 284 -64.62 -22.29 14.60
N ASN N 285 -63.74 -22.18 15.60
CA ASN N 285 -63.21 -23.34 16.32
C ASN N 285 -63.35 -23.17 17.82
N GLY N 286 -64.47 -22.58 18.25
CA GLY N 286 -64.70 -22.37 19.67
C GLY N 286 -65.00 -23.65 20.44
N ASP N 287 -65.44 -24.69 19.76
CA ASP N 287 -65.73 -25.97 20.39
C ASP N 287 -64.53 -26.88 20.27
N ALA N 288 -64.14 -27.52 21.38
CA ALA N 288 -62.99 -28.40 21.38
C ALA N 288 -63.21 -29.66 20.54
N SER N 289 -64.46 -30.05 20.31
CA SER N 289 -64.74 -31.24 19.52
C SER N 289 -64.54 -31.00 18.02
N LYS N 290 -64.39 -29.74 17.60
CA LYS N 290 -64.20 -29.42 16.19
C LYS N 290 -62.89 -28.70 15.91
N ALA N 291 -62.06 -28.45 16.92
CA ALA N 291 -60.81 -27.75 16.72
C ALA N 291 -59.74 -28.68 16.17
N THR N 292 -58.72 -28.09 15.55
CA THR N 292 -57.59 -28.82 14.99
C THR N 292 -56.31 -28.24 15.58
N LEU N 293 -55.66 -29.01 16.44
CA LEU N 293 -54.45 -28.57 17.13
C LEU N 293 -53.20 -28.98 16.35
N ARG N 294 -52.14 -28.21 16.53
CA ARG N 294 -50.85 -28.51 15.95
C ARG N 294 -49.76 -28.77 16.99
N SER N 295 -49.75 -28.00 18.08
CA SER N 295 -48.80 -28.20 19.17
C SER N 295 -49.41 -27.67 20.45
N ARG N 296 -49.37 -28.47 21.50
CA ARG N 296 -49.99 -28.12 22.78
C ARG N 296 -49.02 -28.42 23.92
N GLN N 297 -48.96 -27.50 24.89
CA GLN N 297 -48.17 -27.67 26.09
C GLN N 297 -49.06 -27.45 27.30
N LEU N 298 -49.02 -28.37 28.26
CA LEU N 298 -49.88 -28.31 29.43
C LEU N 298 -49.06 -28.65 30.67
N ASN N 299 -48.98 -27.71 31.61
CA ASN N 299 -48.24 -27.89 32.85
C ASN N 299 -49.21 -27.78 34.02
N ILE N 300 -49.17 -28.77 34.92
CA ILE N 300 -50.05 -28.81 36.08
C ILE N 300 -49.22 -29.07 37.32
N SER N 301 -49.51 -28.31 38.39
CA SER N 301 -48.84 -28.49 39.66
C SER N 301 -49.87 -28.37 40.79
N GLU N 302 -49.59 -29.04 41.90
CA GLU N 302 -50.51 -29.04 43.03
C GLU N 302 -49.76 -29.46 44.29
N GLN N 303 -49.79 -28.59 45.31
CA GLN N 303 -49.25 -28.89 46.61
C GLN N 303 -50.37 -28.90 47.63
N VAL N 304 -50.33 -29.87 48.54
CA VAL N 304 -51.35 -29.99 49.58
C VAL N 304 -50.69 -30.09 50.95
N PRO N 355 -53.77 -25.41 53.83
CA PRO N 355 -52.88 -24.86 52.80
C PRO N 355 -52.96 -25.64 51.48
N ARG N 356 -53.58 -25.03 50.47
CA ARG N 356 -53.74 -25.67 49.16
C ARG N 356 -53.22 -24.73 48.09
N SER N 357 -52.38 -25.25 47.20
CA SER N 357 -51.83 -24.50 46.09
C SER N 357 -52.10 -25.22 44.78
N THR N 358 -52.50 -24.47 43.76
CA THR N 358 -52.80 -25.02 42.45
C THR N 358 -52.29 -24.08 41.38
N GLN N 359 -51.68 -24.66 40.34
CA GLN N 359 -51.15 -23.88 39.22
C GLN N 359 -51.38 -24.65 37.94
N ARG N 360 -51.83 -23.96 36.89
CA ARG N 360 -52.13 -24.58 35.61
C ARG N 360 -51.73 -23.64 34.48
N ASN N 361 -50.86 -24.13 33.60
CA ASN N 361 -50.40 -23.38 32.44
C ASN N 361 -50.77 -24.15 31.17
N GLU N 362 -51.12 -23.42 30.12
CA GLU N 362 -51.55 -24.04 28.88
C GLU N 362 -51.25 -23.14 27.70
N THR N 363 -50.77 -23.74 26.61
CA THR N 363 -50.51 -23.05 25.36
C THR N 363 -51.00 -23.90 24.21
N SER N 364 -51.63 -23.27 23.22
CA SER N 364 -52.22 -24.00 22.11
C SER N 364 -51.94 -23.28 20.80
N ASN N 365 -51.82 -24.07 19.73
CA ASN N 365 -51.69 -23.56 18.37
C ASN N 365 -52.65 -24.32 17.47
N TYR N 366 -53.37 -23.58 16.62
CA TYR N 366 -54.48 -24.15 15.87
C TYR N 366 -54.24 -24.06 14.37
N GLU N 367 -54.94 -24.93 13.64
CA GLU N 367 -55.06 -24.86 12.19
C GLU N 367 -56.52 -24.61 11.84
N VAL N 368 -56.75 -23.70 10.90
CA VAL N 368 -58.09 -23.22 10.60
C VAL N 368 -58.42 -23.44 9.13
N ASP N 369 -59.72 -23.58 8.85
CA ASP N 369 -60.21 -23.68 7.49
C ASP N 369 -60.62 -22.32 6.97
N ARG N 370 -60.22 -22.00 5.75
CA ARG N 370 -60.50 -20.70 5.17
C ARG N 370 -61.01 -20.86 3.75
N THR N 371 -61.82 -19.88 3.32
CA THR N 371 -62.40 -19.87 1.98
C THR N 371 -62.23 -18.47 1.38
N ILE N 372 -61.77 -18.42 0.13
CA ILE N 372 -61.53 -17.18 -0.59
C ILE N 372 -62.28 -17.22 -1.90
N ARG N 373 -63.03 -16.15 -2.20
N ARG N 373 -63.03 -16.15 -2.19
CA ARG N 373 -63.81 -16.05 -3.42
CA ARG N 373 -63.82 -16.04 -3.42
C ARG N 373 -63.56 -14.70 -4.08
C ARG N 373 -63.56 -14.69 -4.08
N HIS N 374 -63.40 -14.71 -5.39
CA HIS N 374 -63.20 -13.51 -6.19
C HIS N 374 -64.26 -13.44 -7.27
N THR N 375 -64.90 -12.29 -7.42
CA THR N 375 -66.01 -12.14 -8.35
C THR N 375 -65.87 -10.84 -9.12
N LYS N 376 -66.08 -10.90 -10.43
CA LYS N 376 -66.15 -9.73 -11.30
C LYS N 376 -67.50 -9.73 -11.99
N MET N 377 -68.29 -8.70 -11.75
CA MET N 377 -69.67 -8.66 -12.22
C MET N 377 -69.72 -8.33 -13.72
N ASN N 378 -70.88 -8.60 -14.31
CA ASN N 378 -71.12 -8.36 -15.72
C ASN N 378 -71.76 -6.99 -15.93
N VAL N 379 -71.40 -6.35 -17.03
CA VAL N 379 -71.92 -5.01 -17.36
C VAL N 379 -73.10 -5.16 -18.30
N GLY N 380 -74.25 -4.61 -17.90
CA GLY N 380 -75.43 -4.66 -18.75
C GLY N 380 -76.50 -5.60 -18.24
N ASP N 381 -76.69 -5.66 -16.93
CA ASP N 381 -77.67 -6.55 -16.32
C ASP N 381 -78.95 -5.78 -15.99
N ILE N 382 -80.08 -6.47 -16.08
CA ILE N 382 -81.38 -5.86 -15.83
C ILE N 382 -81.57 -5.66 -14.33
N GLU N 383 -82.14 -4.51 -13.96
CA GLU N 383 -82.43 -4.20 -12.57
C GLU N 383 -83.91 -4.15 -12.23
N ARG N 384 -84.74 -3.64 -13.14
CA ARG N 384 -86.17 -3.51 -12.88
C ARG N 384 -86.92 -3.55 -14.20
N LEU N 385 -88.18 -3.98 -14.14
CA LEU N 385 -89.04 -4.08 -15.32
C LEU N 385 -90.42 -3.51 -15.01
N SER N 386 -90.96 -2.78 -15.98
CA SER N 386 -92.31 -2.24 -15.91
C SER N 386 -93.01 -2.55 -17.22
N VAL N 387 -94.16 -3.22 -17.14
CA VAL N 387 -94.87 -3.71 -18.33
C VAL N 387 -96.32 -3.22 -18.28
N ALA N 388 -96.79 -2.69 -19.41
CA ALA N 388 -98.17 -2.27 -19.58
C ALA N 388 -98.77 -3.00 -20.77
N VAL N 389 -99.95 -3.58 -20.58
CA VAL N 389 -100.64 -4.35 -21.60
C VAL N 389 -102.06 -3.82 -21.74
N VAL N 390 -102.51 -3.66 -22.98
CA VAL N 390 -103.87 -3.21 -23.27
C VAL N 390 -104.52 -4.24 -24.19
N VAL N 391 -105.72 -4.69 -23.82
CA VAL N 391 -106.44 -5.70 -24.60
C VAL N 391 -107.79 -5.13 -25.03
N ASN N 392 -108.29 -5.64 -26.14
CA ASN N 392 -109.52 -5.17 -26.75
C ASN N 392 -110.73 -5.93 -26.20
N TYR N 393 -111.91 -5.35 -26.41
CA TYR N 393 -113.16 -5.99 -26.03
C TYR N 393 -113.49 -7.13 -26.99
N LYS N 394 -114.39 -8.00 -26.55
CA LYS N 394 -114.84 -9.14 -27.37
C LYS N 394 -116.06 -8.71 -28.16
N THR N 395 -115.96 -8.80 -29.49
CA THR N 395 -117.04 -8.42 -30.39
C THR N 395 -117.68 -9.67 -30.98
N LEU N 396 -119.00 -9.73 -30.90
CA LEU N 396 -119.74 -10.88 -31.44
C LEU N 396 -120.24 -10.60 -32.85
N PRO N 401 -118.69 -5.63 -28.64
CA PRO N 401 -118.60 -4.66 -27.55
C PRO N 401 -118.97 -5.27 -26.19
N LEU N 402 -118.41 -6.43 -25.90
CA LEU N 402 -118.66 -7.13 -24.64
C LEU N 402 -117.36 -7.27 -23.86
N PRO N 403 -117.34 -6.88 -22.59
CA PRO N 403 -116.10 -7.00 -21.81
C PRO N 403 -115.74 -8.46 -21.56
N LEU N 404 -114.44 -8.71 -21.42
CA LEU N 404 -113.94 -10.06 -21.18
C LEU N 404 -114.22 -10.50 -19.75
N THR N 405 -114.29 -11.81 -19.56
CA THR N 405 -114.55 -12.37 -18.24
C THR N 405 -113.33 -12.18 -17.33
N ALA N 406 -113.59 -12.21 -16.02
CA ALA N 406 -112.52 -12.04 -15.05
C ALA N 406 -111.51 -13.18 -15.12
N ASP N 407 -111.99 -14.41 -15.37
CA ASP N 407 -111.08 -15.54 -15.48
C ASP N 407 -110.14 -15.38 -16.68
N GLN N 408 -110.66 -14.88 -17.80
CA GLN N 408 -109.81 -14.62 -18.95
C GLN N 408 -108.76 -13.57 -18.64
N MET N 409 -109.14 -12.52 -17.90
CA MET N 409 -108.17 -11.51 -17.50
C MET N 409 -107.10 -12.10 -16.59
N LYS N 410 -107.49 -12.96 -15.65
CA LYS N 410 -106.51 -13.59 -14.78
C LYS N 410 -105.55 -14.46 -15.57
N GLN N 411 -106.07 -15.22 -16.53
CA GLN N 411 -105.20 -16.05 -17.37
C GLN N 411 -104.24 -15.19 -18.19
N ILE N 412 -104.74 -14.06 -18.72
CA ILE N 412 -103.87 -13.17 -19.49
C ILE N 412 -102.77 -12.59 -18.60
N GLU N 413 -103.12 -12.18 -17.38
CA GLU N 413 -102.11 -11.66 -16.47
C GLU N 413 -101.07 -12.73 -16.13
N ASP N 414 -101.52 -13.97 -15.90
CA ASP N 414 -100.57 -15.05 -15.60
C ASP N 414 -99.63 -15.31 -16.78
N LEU N 415 -100.18 -15.32 -17.99
CA LEU N 415 -99.35 -15.55 -19.17
C LEU N 415 -98.34 -14.42 -19.36
N THR N 416 -98.77 -13.17 -19.16
CA THR N 416 -97.84 -12.05 -19.27
C THR N 416 -96.76 -12.11 -18.20
N ARG N 417 -97.14 -12.51 -16.97
CA ARG N 417 -96.17 -12.65 -15.89
C ARG N 417 -95.13 -13.72 -16.25
N GLU N 418 -95.57 -14.82 -16.84
CA GLU N 418 -94.63 -15.85 -17.28
C GLU N 418 -93.73 -15.33 -18.40
N ALA N 419 -94.30 -14.61 -19.36
CA ALA N 419 -93.53 -14.19 -20.53
C ALA N 419 -92.49 -13.13 -20.17
N MET N 420 -92.81 -12.23 -19.24
CA MET N 420 -91.91 -11.13 -18.93
C MET N 420 -90.85 -11.49 -17.89
N GLY N 421 -90.86 -12.71 -17.35
CA GLY N 421 -89.88 -13.11 -16.37
C GLY N 421 -89.96 -12.34 -15.08
N PHE N 422 -91.18 -12.20 -14.54
CA PHE N 422 -91.41 -11.43 -13.33
C PHE N 422 -90.58 -11.96 -12.16
N SER N 423 -89.97 -11.04 -11.42
CA SER N 423 -89.22 -11.37 -10.22
C SER N 423 -89.59 -10.37 -9.13
N ASP N 424 -90.15 -10.87 -8.04
CA ASP N 424 -90.58 -9.98 -6.96
C ASP N 424 -89.39 -9.31 -6.28
N LYS N 425 -88.27 -10.03 -6.15
CA LYS N 425 -87.08 -9.46 -5.54
C LYS N 425 -86.52 -8.31 -6.37
N ARG N 426 -86.72 -8.35 -7.69
CA ARG N 426 -86.25 -7.30 -8.58
C ARG N 426 -87.20 -6.10 -8.65
N GLY N 427 -88.34 -6.18 -7.98
CA GLY N 427 -89.29 -5.08 -7.99
C GLY N 427 -89.96 -4.83 -9.33
N ASP N 428 -90.27 -5.90 -10.06
CA ASP N 428 -90.97 -5.75 -11.33
C ASP N 428 -92.42 -5.36 -11.11
N THR N 429 -93.01 -4.70 -12.11
CA THR N 429 -94.38 -4.23 -12.01
C THR N 429 -95.10 -4.43 -13.33
N LEU N 430 -96.32 -4.95 -13.26
CA LEU N 430 -97.12 -5.26 -14.44
C LEU N 430 -98.53 -4.68 -14.27
N ASN N 431 -99.07 -4.14 -15.36
CA ASN N 431 -100.43 -3.62 -15.35
C ASN N 431 -101.11 -3.97 -16.67
N VAL N 432 -102.31 -4.54 -16.57
CA VAL N 432 -103.09 -4.96 -17.73
C VAL N 432 -104.44 -4.26 -17.67
N VAL N 433 -104.85 -3.68 -18.80
CA VAL N 433 -106.10 -2.92 -18.90
C VAL N 433 -106.90 -3.43 -20.09
N ASN N 434 -108.19 -3.65 -19.87
CA ASN N 434 -109.12 -4.07 -20.93
C ASN N 434 -110.02 -2.90 -21.27
N SER N 435 -110.01 -2.49 -22.53
CA SER N 435 -110.78 -1.33 -22.97
C SER N 435 -111.04 -1.47 -24.47
N PRO N 436 -112.20 -1.02 -24.95
CA PRO N 436 -112.47 -1.11 -26.40
C PRO N 436 -111.49 -0.27 -27.20
N PHE N 437 -111.10 -0.80 -28.36
CA PHE N 437 -110.15 -0.12 -29.23
C PHE N 437 -110.85 0.99 -30.02
N SER N 438 -110.06 1.99 -30.43
CA SER N 438 -110.58 3.10 -31.20
C SER N 438 -110.14 3.00 -32.67
N ASP O 229 -68.74 21.52 -26.78
CA ASP O 229 -68.29 20.19 -27.19
C ASP O 229 -69.02 19.11 -26.40
N LEU O 230 -68.58 18.91 -25.15
CA LEU O 230 -69.23 17.91 -24.29
C LEU O 230 -70.65 18.32 -23.93
N ASN O 231 -70.88 19.62 -23.76
CA ASN O 231 -72.20 20.10 -23.36
C ASN O 231 -73.25 19.78 -24.43
N ASP O 232 -72.90 19.97 -25.71
CA ASP O 232 -73.81 19.63 -26.79
C ASP O 232 -74.11 18.14 -26.81
N ALA O 233 -73.11 17.31 -26.55
CA ALA O 233 -73.34 15.87 -26.49
C ALA O 233 -74.28 15.51 -25.35
N GLN O 234 -74.10 16.12 -24.18
CA GLN O 234 -75.03 15.88 -23.10
C GLN O 234 -76.44 16.30 -23.48
N LEU O 235 -76.55 17.46 -24.14
CA LEU O 235 -77.87 17.95 -24.54
C LEU O 235 -78.56 16.99 -25.52
N LYS O 236 -77.84 16.50 -26.53
CA LYS O 236 -78.53 15.66 -27.50
C LYS O 236 -78.81 14.28 -26.92
N PHE O 237 -77.96 13.78 -26.02
CA PHE O 237 -78.28 12.52 -25.35
C PHE O 237 -79.54 12.66 -24.50
N ALA O 238 -79.66 13.77 -23.77
CA ALA O 238 -80.89 14.01 -23.01
C ALA O 238 -82.09 14.11 -23.93
N ASN O 239 -81.92 14.76 -25.09
CA ASN O 239 -83.01 14.88 -26.04
C ASN O 239 -83.46 13.52 -26.57
N ASP O 240 -82.50 12.64 -26.88
CA ASP O 240 -82.86 11.29 -27.33
C ASP O 240 -83.57 10.50 -26.24
N VAL O 241 -83.12 10.60 -24.99
CA VAL O 241 -83.80 9.90 -23.91
C VAL O 241 -85.24 10.39 -23.78
N GLU O 242 -85.42 11.72 -23.80
CA GLU O 242 -86.76 12.28 -23.69
C GLU O 242 -87.63 11.87 -24.86
N SER O 243 -87.08 11.86 -26.07
CA SER O 243 -87.84 11.45 -27.24
C SER O 243 -88.24 9.99 -27.17
N ARG O 244 -87.35 9.12 -26.67
CA ARG O 244 -87.69 7.72 -26.50
C ARG O 244 -88.85 7.55 -25.52
N ILE O 245 -88.79 8.25 -24.38
CA ILE O 245 -89.86 8.14 -23.40
C ILE O 245 -91.18 8.66 -23.98
N GLN O 246 -91.12 9.80 -24.69
CA GLN O 246 -92.32 10.36 -25.30
C GLN O 246 -92.91 9.41 -26.33
N ARG O 247 -92.07 8.79 -27.15
CA ARG O 247 -92.56 7.85 -28.14
C ARG O 247 -93.21 6.63 -27.49
N ARG O 248 -92.61 6.12 -26.42
CA ARG O 248 -93.23 5.00 -25.71
C ARG O 248 -94.59 5.39 -25.14
N ILE O 249 -94.68 6.56 -24.53
CA ILE O 249 -95.95 7.00 -23.94
C ILE O 249 -97.01 7.17 -25.02
N GLU O 250 -96.64 7.81 -26.14
CA GLU O 250 -97.60 8.01 -27.23
C GLU O 250 -98.05 6.69 -27.82
N ALA O 251 -97.13 5.74 -28.00
CA ALA O 251 -97.49 4.44 -28.55
C ALA O 251 -98.43 3.69 -27.62
N ILE O 252 -98.17 3.72 -26.31
CA ILE O 252 -99.02 2.97 -25.39
C ILE O 252 -100.39 3.63 -25.26
N LEU O 253 -100.47 4.96 -25.29
CA LEU O 253 -101.72 5.65 -25.08
C LEU O 253 -102.54 5.85 -26.36
N SER O 254 -101.94 5.64 -27.54
CA SER O 254 -102.66 5.90 -28.79
C SER O 254 -103.88 5.00 -29.00
N PRO O 255 -103.82 3.68 -28.83
CA PRO O 255 -104.97 2.84 -29.22
C PRO O 255 -106.28 3.18 -28.51
N ILE O 256 -106.22 3.62 -27.25
CA ILE O 256 -107.44 3.78 -26.46
C ILE O 256 -108.11 5.10 -26.79
N VAL O 257 -107.44 6.22 -26.50
CA VAL O 257 -108.06 7.53 -26.62
C VAL O 257 -108.25 7.92 -28.08
N GLY O 258 -107.35 7.50 -28.94
CA GLY O 258 -107.42 7.86 -30.34
C GLY O 258 -106.03 8.10 -30.92
N ASN O 259 -105.99 8.19 -32.25
CA ASN O 259 -104.72 8.35 -32.94
C ASN O 259 -104.05 9.68 -32.60
N GLY O 260 -104.81 10.76 -32.57
CA GLY O 260 -104.25 12.07 -32.34
C GLY O 260 -104.95 12.89 -31.27
N ASN O 261 -105.45 12.21 -30.23
CA ASN O 261 -106.16 12.87 -29.13
C ASN O 261 -105.34 12.86 -27.84
N VAL O 262 -104.01 12.83 -27.96
CA VAL O 262 -103.15 12.79 -26.79
C VAL O 262 -101.80 13.41 -27.14
N HIS O 263 -101.25 14.15 -26.19
CA HIS O 263 -99.91 14.72 -26.32
C HIS O 263 -99.19 14.59 -25.00
N ALA O 264 -97.86 14.49 -25.05
CA ALA O 264 -97.04 14.34 -23.85
C ALA O 264 -95.71 15.04 -24.04
N GLN O 265 -95.13 15.46 -22.92
CA GLN O 265 -93.81 16.08 -22.90
C GLN O 265 -93.04 15.54 -21.70
N VAL O 266 -91.76 15.26 -21.91
CA VAL O 266 -90.92 14.64 -20.89
C VAL O 266 -89.64 15.47 -20.73
N THR O 267 -89.28 15.75 -19.48
CA THR O 267 -88.02 16.39 -19.15
C THR O 267 -87.26 15.51 -18.16
N ALA O 268 -85.95 15.41 -18.35
CA ALA O 268 -85.13 14.50 -17.57
C ALA O 268 -83.88 15.20 -17.06
N GLN O 269 -83.40 14.76 -15.91
CA GLN O 269 -82.14 15.21 -15.33
C GLN O 269 -81.15 14.05 -15.32
N LEU O 270 -79.91 14.33 -15.70
CA LEU O 270 -78.89 13.30 -15.85
C LEU O 270 -77.67 13.64 -15.01
N ASP O 271 -76.99 12.60 -14.53
CA ASP O 271 -75.78 12.74 -13.72
C ASP O 271 -74.57 12.51 -14.62
N PHE O 272 -73.71 13.53 -14.73
CA PHE O 272 -72.53 13.46 -15.58
C PHE O 272 -71.23 13.53 -14.79
N ALA O 273 -71.29 13.28 -13.48
CA ALA O 273 -70.09 13.32 -12.64
C ALA O 273 -69.39 11.97 -12.64
N ASN O 274 -68.12 11.99 -12.28
CA ASN O 274 -67.29 10.78 -12.18
C ASN O 274 -67.13 10.42 -10.71
N LYS O 275 -67.51 9.20 -10.36
CA LYS O 275 -67.47 8.73 -8.98
C LYS O 275 -66.78 7.38 -8.89
N GLU O 276 -66.09 7.16 -7.77
CA GLU O 276 -65.47 5.89 -7.45
C GLU O 276 -65.73 5.59 -5.98
N GLN O 277 -65.75 4.29 -5.65
CA GLN O 277 -66.05 3.90 -4.27
C GLN O 277 -65.29 2.63 -3.92
N THR O 278 -64.79 2.58 -2.69
CA THR O 278 -64.13 1.40 -2.14
C THR O 278 -64.66 1.16 -0.74
N GLU O 279 -65.14 -0.06 -0.49
CA GLU O 279 -65.74 -0.42 0.78
C GLU O 279 -65.04 -1.63 1.38
N GLU O 280 -64.72 -1.54 2.67
CA GLU O 280 -64.12 -2.64 3.42
C GLU O 280 -64.99 -2.91 4.64
N HIS O 281 -65.30 -4.18 4.88
N HIS O 281 -65.29 -4.19 4.88
CA HIS O 281 -66.15 -4.58 5.99
CA HIS O 281 -66.16 -4.59 5.98
C HIS O 281 -65.56 -5.79 6.69
C HIS O 281 -65.58 -5.79 6.69
N TYR O 282 -65.82 -5.87 8.00
CA TYR O 282 -65.34 -6.95 8.84
C TYR O 282 -66.50 -7.54 9.63
N SER O 283 -66.41 -8.84 9.90
CA SER O 283 -67.42 -9.54 10.70
C SER O 283 -67.07 -9.49 12.17
N PRO O 284 -67.98 -9.05 13.04
CA PRO O 284 -67.66 -8.98 14.47
C PRO O 284 -67.47 -10.37 15.06
N ASN O 285 -66.57 -10.44 16.05
CA ASN O 285 -66.25 -11.68 16.74
C ASN O 285 -66.35 -11.51 18.25
N GLY O 286 -67.34 -10.74 18.70
CA GLY O 286 -67.52 -10.52 20.12
C GLY O 286 -68.04 -11.73 20.88
N ASP O 287 -68.66 -12.67 20.19
CA ASP O 287 -69.18 -13.88 20.80
C ASP O 287 -68.16 -15.01 20.65
N ALA O 288 -67.89 -15.71 21.75
CA ALA O 288 -66.91 -16.79 21.72
C ALA O 288 -67.37 -17.97 20.87
N SER O 289 -68.67 -18.12 20.64
CA SER O 289 -69.17 -19.22 19.84
C SER O 289 -68.95 -19.00 18.34
N LYS O 290 -68.57 -17.80 17.94
CA LYS O 290 -68.34 -17.48 16.54
C LYS O 290 -66.93 -17.00 16.25
N ALA O 291 -66.06 -16.93 17.25
CA ALA O 291 -64.70 -16.46 17.04
C ALA O 291 -63.83 -17.57 16.46
N THR O 292 -62.73 -17.16 15.84
CA THR O 292 -61.75 -18.07 15.26
C THR O 292 -60.38 -17.75 15.85
N LEU O 293 -59.87 -18.65 16.68
CA LEU O 293 -58.60 -18.44 17.36
C LEU O 293 -57.45 -19.06 16.56
N ARG O 294 -56.26 -18.50 16.74
CA ARG O 294 -55.05 -19.02 16.14
C ARG O 294 -54.02 -19.48 17.17
N SER O 295 -53.86 -18.75 18.26
CA SER O 295 -52.95 -19.15 19.34
C SER O 295 -53.44 -18.53 20.64
N ARG O 296 -53.53 -19.35 21.68
CA ARG O 296 -54.06 -18.91 22.96
C ARG O 296 -53.16 -19.40 24.09
N GLN O 297 -52.92 -18.53 25.07
CA GLN O 297 -52.16 -18.87 26.26
C GLN O 297 -52.99 -18.49 27.49
N LEU O 298 -53.12 -19.43 28.43
CA LEU O 298 -53.93 -19.24 29.61
C LEU O 298 -53.18 -19.74 30.84
N ASN O 299 -52.91 -18.85 31.79
CA ASN O 299 -52.21 -19.18 33.02
C ASN O 299 -53.13 -18.92 34.20
N ILE O 300 -53.27 -19.91 35.08
CA ILE O 300 -54.14 -19.82 36.25
C ILE O 300 -53.34 -20.24 37.48
N SER O 301 -53.48 -19.47 38.56
CA SER O 301 -52.84 -19.77 39.83
C SER O 301 -53.84 -19.50 40.96
N GLU O 302 -53.66 -20.23 42.06
CA GLU O 302 -54.55 -20.07 43.21
C GLU O 302 -53.89 -20.64 44.45
N GLN O 303 -53.76 -19.80 45.48
CA GLN O 303 -53.26 -20.22 46.77
C GLN O 303 -54.35 -20.05 47.80
N VAL O 304 -54.48 -21.02 48.70
CA VAL O 304 -55.50 -20.96 49.75
C VAL O 304 -54.85 -21.21 51.11
N PRO O 355 -56.99 -16.09 54.10
CA PRO O 355 -56.04 -15.70 53.06
C PRO O 355 -56.26 -16.43 51.74
N ARG O 356 -56.78 -15.71 50.74
CA ARG O 356 -57.06 -16.28 49.42
C ARG O 356 -56.39 -15.43 48.36
N SER O 357 -55.67 -16.08 47.46
CA SER O 357 -54.99 -15.41 46.35
C SER O 357 -55.41 -16.06 45.03
N THR O 358 -55.67 -15.23 44.03
CA THR O 358 -56.08 -15.70 42.72
C THR O 358 -55.41 -14.84 41.65
N GLN O 359 -54.93 -15.51 40.60
CA GLN O 359 -54.28 -14.82 39.48
C GLN O 359 -54.66 -15.51 38.19
N ARG O 360 -54.99 -14.73 37.16
CA ARG O 360 -55.40 -15.26 35.87
C ARG O 360 -54.86 -14.40 34.76
N ASN O 361 -54.10 -15.01 33.85
CA ASN O 361 -53.52 -14.34 32.70
C ASN O 361 -54.03 -15.01 31.43
N GLU O 362 -54.25 -14.21 30.39
CA GLU O 362 -54.81 -14.72 29.15
C GLU O 362 -54.35 -13.86 27.97
N THR O 363 -54.01 -14.53 26.87
CA THR O 363 -53.63 -13.88 25.63
C THR O 363 -54.28 -14.61 24.47
N SER O 364 -54.80 -13.86 23.50
CA SER O 364 -55.51 -14.45 22.38
C SER O 364 -55.12 -13.77 21.08
N ASN O 365 -55.16 -14.54 20.00
CA ASN O 365 -54.95 -14.04 18.65
C ASN O 365 -56.04 -14.60 17.75
N TYR O 366 -56.63 -13.73 16.92
CA TYR O 366 -57.83 -14.07 16.17
C TYR O 366 -57.58 -14.00 14.67
N GLU O 367 -58.44 -14.71 13.94
CA GLU O 367 -58.55 -14.60 12.49
C GLU O 367 -59.94 -14.08 12.16
N VAL O 368 -60.02 -13.13 11.24
CA VAL O 368 -61.26 -12.41 10.97
C VAL O 368 -61.63 -12.53 9.50
N ASP O 369 -62.93 -12.43 9.23
CA ASP O 369 -63.45 -12.43 7.87
C ASP O 369 -63.62 -10.99 7.38
N ARG O 370 -63.17 -10.73 6.16
CA ARG O 370 -63.22 -9.39 5.60
C ARG O 370 -63.77 -9.43 4.18
N THR O 371 -64.38 -8.32 3.78
CA THR O 371 -64.96 -8.17 2.45
C THR O 371 -64.54 -6.82 1.87
N ILE O 372 -64.10 -6.84 0.62
CA ILE O 372 -63.64 -5.64 -0.09
C ILE O 372 -64.40 -5.52 -1.39
N ARG O 373 -64.94 -4.34 -1.66
N ARG O 373 -64.95 -4.33 -1.65
CA ARG O 373 -65.70 -4.07 -2.87
CA ARG O 373 -65.69 -4.06 -2.87
C ARG O 373 -65.22 -2.77 -3.52
C ARG O 373 -65.21 -2.77 -3.51
N HIS O 374 -65.07 -2.79 -4.83
CA HIS O 374 -64.66 -1.63 -5.61
C HIS O 374 -65.70 -1.36 -6.67
N THR O 375 -66.12 -0.09 -6.80
CA THR O 375 -67.19 0.27 -7.72
C THR O 375 -66.83 1.54 -8.46
N LYS O 376 -67.05 1.53 -9.77
CA LYS O 376 -66.92 2.71 -10.62
C LYS O 376 -68.25 2.96 -11.30
N MET O 377 -68.84 4.13 -11.03
CA MET O 377 -70.19 4.42 -11.49
C MET O 377 -70.19 4.77 -12.98
N ASN O 378 -71.39 4.74 -13.56
CA ASN O 378 -71.60 5.04 -14.97
C ASN O 378 -71.98 6.51 -15.14
N VAL O 379 -71.52 7.11 -16.23
CA VAL O 379 -71.78 8.51 -16.54
C VAL O 379 -72.98 8.59 -17.46
N GLY O 380 -74.00 9.33 -17.05
CA GLY O 380 -75.18 9.53 -17.88
C GLY O 380 -76.41 8.78 -17.38
N ASP O 381 -76.59 8.73 -16.06
CA ASP O 381 -77.71 8.03 -15.46
C ASP O 381 -78.82 9.02 -15.09
N ILE O 382 -80.06 8.53 -15.18
CA ILE O 382 -81.22 9.37 -14.91
C ILE O 382 -81.36 9.57 -13.40
N GLU O 383 -81.71 10.80 -13.00
CA GLU O 383 -81.92 11.15 -11.60
C GLU O 383 -83.36 11.46 -11.25
N ARG O 384 -84.11 12.12 -12.14
CA ARG O 384 -85.47 12.50 -11.86
C ARG O 384 -86.24 12.63 -13.17
N LEU O 385 -87.55 12.44 -13.10
CA LEU O 385 -88.42 12.51 -14.27
C LEU O 385 -89.67 13.32 -13.94
N SER O 386 -90.08 14.16 -14.89
CA SER O 386 -91.32 14.93 -14.80
C SER O 386 -92.08 14.77 -16.10
N VAL O 387 -93.33 14.33 -16.02
CA VAL O 387 -94.12 14.00 -17.21
C VAL O 387 -95.45 14.74 -17.13
N ALA O 388 -95.83 15.37 -18.24
CA ALA O 388 -97.11 16.04 -18.39
C ALA O 388 -97.85 15.45 -19.58
N VAL O 389 -99.11 15.09 -19.39
CA VAL O 389 -99.93 14.48 -20.41
C VAL O 389 -101.24 15.26 -20.52
N VAL O 390 -101.67 15.52 -21.75
CA VAL O 390 -102.93 16.21 -22.03
C VAL O 390 -103.76 15.34 -22.95
N VAL O 391 -105.01 15.11 -22.57
CA VAL O 391 -105.92 14.27 -23.36
C VAL O 391 -107.14 15.08 -23.76
N ASN O 392 -107.74 14.68 -24.87
CA ASN O 392 -108.87 15.38 -25.47
C ASN O 392 -110.20 14.85 -24.91
N TYR O 393 -111.25 15.64 -25.10
CA TYR O 393 -112.58 15.22 -24.71
C TYR O 393 -113.13 14.18 -25.69
N LYS O 394 -114.18 13.48 -25.25
CA LYS O 394 -114.82 12.46 -26.07
C LYS O 394 -115.96 13.12 -26.85
N THR O 395 -115.88 13.04 -28.18
CA THR O 395 -116.89 13.62 -29.06
C THR O 395 -117.75 12.52 -29.66
N LEU O 396 -119.06 12.69 -29.57
CA LEU O 396 -120.00 11.72 -30.11
C LEU O 396 -120.45 12.10 -31.51
N PRO O 401 -117.99 16.63 -27.24
CA PRO O 401 -117.72 17.56 -26.14
C PRO O 401 -118.16 17.00 -24.78
N LEU O 402 -117.83 15.74 -24.52
CA LEU O 402 -118.19 15.09 -23.27
C LEU O 402 -116.93 14.70 -22.51
N PRO O 403 -116.82 15.06 -21.23
CA PRO O 403 -115.62 14.69 -20.47
C PRO O 403 -115.54 13.19 -20.25
N LEU O 404 -114.30 12.71 -20.13
CA LEU O 404 -114.06 11.29 -19.92
C LEU O 404 -114.40 10.88 -18.49
N THR O 405 -114.70 9.60 -18.32
CA THR O 405 -115.04 9.07 -17.00
C THR O 405 -113.81 9.02 -16.11
N ALA O 406 -114.05 9.01 -14.79
CA ALA O 406 -112.96 8.98 -13.83
C ALA O 406 -112.18 7.67 -13.93
N ASP O 407 -112.88 6.55 -14.19
CA ASP O 407 -112.19 5.28 -14.34
C ASP O 407 -111.25 5.28 -15.54
N GLN O 408 -111.68 5.89 -16.65
CA GLN O 408 -110.80 6.01 -17.81
C GLN O 408 -109.57 6.84 -17.49
N MET O 409 -109.75 7.93 -16.74
CA MET O 409 -108.61 8.75 -16.32
C MET O 409 -107.66 7.95 -15.44
N LYS O 410 -108.20 7.16 -14.51
CA LYS O 410 -107.34 6.35 -13.66
C LYS O 410 -106.56 5.32 -14.47
N GLN O 411 -107.22 4.68 -15.45
CA GLN O 411 -106.52 3.73 -16.31
C GLN O 411 -105.43 4.42 -17.12
N ILE O 412 -105.71 5.62 -17.63
CA ILE O 412 -104.71 6.36 -18.40
C ILE O 412 -103.51 6.71 -17.52
N GLU O 413 -103.77 7.15 -16.29
CA GLU O 413 -102.66 7.46 -15.37
C GLU O 413 -101.84 6.22 -15.06
N ASP O 414 -102.51 5.08 -14.85
CA ASP O 414 -101.76 3.85 -14.57
C ASP O 414 -100.90 3.44 -15.77
N LEU O 415 -101.45 3.54 -16.98
CA LEU O 415 -100.69 3.19 -18.17
C LEU O 415 -99.49 4.12 -18.36
N THR O 416 -99.69 5.41 -18.13
CA THR O 416 -98.57 6.36 -18.23
C THR O 416 -97.51 6.08 -17.18
N ARG O 417 -97.94 5.74 -15.95
CA ARG O 417 -97.00 5.39 -14.89
C ARG O 417 -96.18 4.17 -15.27
N GLU O 418 -96.83 3.17 -15.87
CA GLU O 418 -96.09 2.00 -16.35
C GLU O 418 -95.12 2.36 -17.47
N ALA O 419 -95.56 3.20 -18.41
CA ALA O 419 -94.74 3.49 -19.58
C ALA O 419 -93.51 4.33 -19.22
N MET O 420 -93.65 5.26 -18.27
CA MET O 420 -92.56 6.17 -17.96
C MET O 420 -91.58 5.61 -16.94
N GLY O 421 -91.82 4.40 -16.42
CA GLY O 421 -90.91 3.81 -15.45
C GLY O 421 -90.84 4.57 -14.15
N PHE O 422 -92.01 4.90 -13.60
CA PHE O 422 -92.08 5.69 -12.37
C PHE O 422 -91.36 5.00 -11.22
N SER O 423 -90.58 5.78 -10.47
CA SER O 423 -89.89 5.30 -9.28
C SER O 423 -90.06 6.33 -8.18
N ASP O 424 -90.69 5.92 -7.08
CA ASP O 424 -90.94 6.86 -5.98
C ASP O 424 -89.64 7.27 -5.31
N LYS O 425 -88.68 6.36 -5.20
CA LYS O 425 -87.39 6.70 -4.61
C LYS O 425 -86.64 7.74 -5.42
N ARG O 426 -86.85 7.77 -6.74
CA ARG O 426 -86.20 8.72 -7.62
C ARG O 426 -86.92 10.07 -7.66
N GLY O 427 -88.05 10.20 -6.97
CA GLY O 427 -88.79 11.45 -6.95
C GLY O 427 -89.41 11.84 -8.28
N ASP O 428 -89.93 10.86 -9.03
CA ASP O 428 -90.59 11.16 -10.29
C ASP O 428 -91.94 11.81 -10.04
N THR O 429 -92.41 12.57 -11.02
CA THR O 429 -93.66 13.30 -10.90
C THR O 429 -94.42 13.23 -12.22
N LEU O 430 -95.72 12.95 -12.14
CA LEU O 430 -96.58 12.81 -13.31
C LEU O 430 -97.85 13.64 -13.12
N ASN O 431 -98.30 14.29 -14.19
CA ASN O 431 -99.54 15.06 -14.16
C ASN O 431 -100.28 14.85 -15.47
N VAL O 432 -101.57 14.50 -15.37
CA VAL O 432 -102.43 14.25 -16.53
C VAL O 432 -103.63 15.19 -16.44
N VAL O 433 -103.94 15.86 -17.55
CA VAL O 433 -105.02 16.83 -17.62
C VAL O 433 -105.91 16.50 -18.81
N ASN O 434 -107.23 16.51 -18.58
CA ASN O 434 -108.21 16.29 -19.63
C ASN O 434 -108.90 17.61 -19.94
N SER O 435 -108.82 18.04 -21.20
CA SER O 435 -109.37 19.32 -21.61
C SER O 435 -109.66 19.26 -23.11
N PRO O 436 -110.72 19.92 -23.57
CA PRO O 436 -111.02 19.91 -25.02
C PRO O 436 -109.91 20.56 -25.81
N PHE O 437 -109.64 20.00 -26.99
CA PHE O 437 -108.59 20.51 -27.86
C PHE O 437 -109.08 21.74 -28.62
N SER O 438 -108.13 22.57 -29.02
CA SER O 438 -108.44 23.79 -29.77
C SER O 438 -108.04 23.63 -31.24
N ASP P 229 -63.90 34.18 -25.59
CA ASP P 229 -63.70 32.79 -26.03
C ASP P 229 -64.60 31.85 -25.24
N LEU P 230 -64.21 31.54 -24.00
CA LEU P 230 -65.02 30.67 -23.15
C LEU P 230 -66.34 31.33 -22.77
N ASN P 231 -66.33 32.65 -22.57
CA ASN P 231 -67.53 33.35 -22.15
C ASN P 231 -68.63 33.25 -23.21
N ASP P 232 -68.25 33.39 -24.49
CA ASP P 232 -69.23 33.25 -25.56
C ASP P 232 -69.80 31.83 -25.61
N ALA P 233 -68.95 30.83 -25.37
CA ALA P 233 -69.45 29.45 -25.33
C ALA P 233 -70.43 29.25 -24.19
N GLN P 234 -70.13 29.79 -23.01
CA GLN P 234 -71.07 29.71 -21.91
C GLN P 234 -72.38 30.40 -22.27
N LEU P 235 -72.31 31.56 -22.92
CA LEU P 235 -73.50 32.30 -23.29
C LEU P 235 -74.36 31.49 -24.27
N LYS P 236 -73.75 30.90 -25.30
CA LYS P 236 -74.60 30.21 -26.27
C LYS P 236 -75.13 28.90 -25.71
N PHE P 237 -74.37 28.23 -24.83
CA PHE P 237 -74.90 27.04 -24.18
C PHE P 237 -76.11 27.40 -23.31
N ALA P 238 -76.03 28.50 -22.56
CA ALA P 238 -77.18 28.95 -21.78
C ALA P 238 -78.35 29.28 -22.69
N ASN P 239 -78.07 29.91 -23.84
CA ASN P 239 -79.13 30.25 -24.78
C ASN P 239 -79.82 28.99 -25.32
N ASP P 240 -79.05 27.96 -25.65
CA ASP P 240 -79.66 26.71 -26.12
C ASP P 240 -80.49 26.04 -25.04
N VAL P 241 -80.01 26.04 -23.79
CA VAL P 241 -80.80 25.45 -22.71
C VAL P 241 -82.12 26.20 -22.55
N GLU P 242 -82.06 27.53 -22.56
CA GLU P 242 -83.27 28.33 -22.42
C GLU P 242 -84.22 28.11 -23.58
N SER P 243 -83.68 28.00 -24.80
CA SER P 243 -84.52 27.77 -25.97
C SER P 243 -85.18 26.40 -25.91
N ARG P 244 -84.46 25.38 -25.43
CA ARG P 244 -85.05 24.06 -25.29
C ARG P 244 -86.21 24.09 -24.29
N ILE P 245 -86.00 24.75 -23.15
CA ILE P 245 -87.08 24.82 -22.15
C ILE P 245 -88.27 25.58 -22.71
N GLN P 246 -88.02 26.70 -23.40
CA GLN P 246 -89.10 27.49 -23.98
C GLN P 246 -89.87 26.67 -25.03
N ARG P 247 -89.16 25.92 -25.86
CA ARG P 247 -89.83 25.10 -26.87
C ARG P 247 -90.69 24.03 -26.22
N ARG P 248 -90.18 23.39 -25.17
CA ARG P 248 -90.98 22.39 -24.47
C ARG P 248 -92.25 23.01 -23.88
N ILE P 249 -92.11 24.17 -23.25
CA ILE P 249 -93.28 24.82 -22.64
C ILE P 249 -94.30 25.21 -23.70
N GLU P 250 -93.83 25.77 -24.81
CA GLU P 250 -94.73 26.17 -25.89
C GLU P 250 -95.43 24.97 -26.49
N ALA P 251 -94.71 23.87 -26.70
CA ALA P 251 -95.30 22.67 -27.26
C ALA P 251 -96.35 22.08 -26.34
N ILE P 252 -96.08 22.04 -25.03
CA ILE P 252 -97.05 21.44 -24.11
C ILE P 252 -98.27 22.34 -23.95
N LEU P 253 -98.10 23.66 -23.96
CA LEU P 253 -99.22 24.57 -23.73
C LEU P 253 -99.99 24.94 -24.99
N SER P 254 -99.45 24.64 -26.18
CA SER P 254 -100.12 25.04 -27.42
C SER P 254 -101.49 24.40 -27.62
N PRO P 255 -101.66 23.08 -27.48
CA PRO P 255 -102.96 22.47 -27.87
C PRO P 255 -104.16 23.03 -27.13
N ILE P 256 -104.02 23.42 -25.87
CA ILE P 256 -105.19 23.80 -25.07
C ILE P 256 -105.61 25.24 -25.36
N VAL P 257 -104.72 26.19 -25.06
CA VAL P 257 -105.11 27.60 -25.15
C VAL P 257 -105.24 28.04 -26.61
N GLY P 258 -104.43 27.48 -27.48
CA GLY P 258 -104.46 27.87 -28.88
C GLY P 258 -103.06 27.86 -29.47
N ASN P 259 -103.01 27.97 -30.80
CA ASN P 259 -101.73 27.90 -31.50
C ASN P 259 -100.83 29.07 -31.15
N GLY P 260 -101.39 30.29 -31.09
CA GLY P 260 -100.58 31.46 -30.85
C GLY P 260 -101.12 32.38 -29.76
N ASN P 261 -101.73 31.79 -28.72
CA ASN P 261 -102.29 32.54 -27.61
C ASN P 261 -101.47 32.36 -26.33
N VAL P 262 -100.17 32.10 -26.46
CA VAL P 262 -99.32 31.88 -25.30
C VAL P 262 -97.89 32.24 -25.67
N HIS P 263 -97.19 32.86 -24.71
CA HIS P 263 -95.78 33.18 -24.85
C HIS P 263 -95.08 32.90 -23.53
N ALA P 264 -93.79 32.55 -23.61
CA ALA P 264 -93.02 32.23 -22.42
C ALA P 264 -91.57 32.69 -22.62
N GLN P 265 -90.91 32.97 -21.50
CA GLN P 265 -89.51 33.34 -21.48
C GLN P 265 -88.84 32.65 -20.30
N VAL P 266 -87.62 32.15 -20.53
CA VAL P 266 -86.89 31.36 -19.53
C VAL P 266 -85.50 31.94 -19.37
N THR P 267 -85.07 32.12 -18.13
CA THR P 267 -83.72 32.52 -17.80
C THR P 267 -83.12 31.50 -16.83
N ALA P 268 -81.85 31.17 -17.04
CA ALA P 268 -81.20 30.10 -16.28
C ALA P 268 -79.84 30.56 -15.78
N GLN P 269 -79.44 30.01 -14.64
CA GLN P 269 -78.12 30.22 -14.08
C GLN P 269 -77.36 28.89 -14.10
N LEU P 270 -76.09 28.94 -14.48
CA LEU P 270 -75.28 27.75 -14.66
C LEU P 270 -74.00 27.85 -13.83
N ASP P 271 -73.52 26.70 -13.37
CA ASP P 271 -72.30 26.61 -12.58
C ASP P 271 -71.16 26.17 -13.49
N PHE P 272 -70.13 27.01 -13.60
CA PHE P 272 -68.99 26.75 -14.47
C PHE P 272 -67.69 26.57 -13.69
N ALA P 273 -67.78 26.31 -12.39
CA ALA P 273 -66.60 26.12 -11.56
C ALA P 273 -66.15 24.65 -11.59
N ASN P 274 -64.89 24.44 -11.24
CA ASN P 274 -64.30 23.10 -11.17
C ASN P 274 -64.20 22.68 -9.72
N LYS P 275 -64.78 21.55 -9.38
CA LYS P 275 -64.83 21.06 -8.00
C LYS P 275 -64.38 19.60 -7.95
N GLU P 276 -63.74 19.25 -6.83
CA GLU P 276 -63.36 17.87 -6.54
C GLU P 276 -63.65 17.60 -5.07
N GLN P 277 -63.91 16.33 -4.76
CA GLN P 277 -64.26 15.97 -3.39
C GLN P 277 -63.74 14.58 -3.07
N THR P 278 -63.25 14.42 -1.85
CA THR P 278 -62.81 13.13 -1.32
C THR P 278 -63.36 12.95 0.08
N GLU P 279 -64.06 11.85 0.32
CA GLU P 279 -64.70 11.58 1.59
C GLU P 279 -64.22 10.26 2.16
N GLU P 280 -63.88 10.26 3.45
CA GLU P 280 -63.49 9.06 4.18
C GLU P 280 -64.38 8.92 5.40
N HIS P 281 -64.91 7.73 5.63
N HIS P 281 -64.90 7.72 5.63
CA HIS P 281 -65.82 7.47 6.74
CA HIS P 281 -65.83 7.47 6.73
C HIS P 281 -65.45 6.17 7.42
C HIS P 281 -65.46 6.17 7.42
N TYR P 282 -65.70 6.12 8.73
CA TYR P 282 -65.43 4.94 9.54
C TYR P 282 -66.66 4.57 10.34
N SER P 283 -66.81 3.26 10.59
CA SER P 283 -67.93 2.75 11.39
C SER P 283 -67.56 2.70 12.86
N PRO P 284 -68.36 3.30 13.74
CA PRO P 284 -68.03 3.27 15.17
C PRO P 284 -68.08 1.88 15.74
N ASN P 285 -67.20 1.61 16.71
CA ASN P 285 -67.11 0.32 17.38
C ASN P 285 -67.16 0.48 18.89
N GLY P 286 -67.99 1.41 19.37
CA GLY P 286 -68.11 1.64 20.80
C GLY P 286 -68.82 0.53 21.54
N ASP P 287 -69.63 -0.26 20.84
CA ASP P 287 -70.35 -1.37 21.44
C ASP P 287 -69.56 -2.66 21.27
N ALA P 288 -69.41 -3.42 22.35
CA ALA P 288 -68.65 -4.66 22.29
C ALA P 288 -69.31 -5.73 21.43
N SER P 289 -70.63 -5.63 21.21
CA SER P 289 -71.33 -6.61 20.40
C SER P 289 -71.08 -6.41 18.90
N LYS P 290 -70.49 -5.28 18.51
CA LYS P 290 -70.23 -4.99 17.11
C LYS P 290 -68.75 -4.77 16.82
N ALA P 291 -67.87 -4.88 17.80
CA ALA P 291 -66.45 -4.66 17.59
C ALA P 291 -65.80 -5.91 16.98
N THR P 292 -64.65 -5.69 16.36
CA THR P 292 -63.86 -6.76 15.75
C THR P 292 -62.45 -6.69 16.32
N LEU P 293 -62.11 -7.69 17.14
CA LEU P 293 -60.81 -7.73 17.80
C LEU P 293 -59.80 -8.53 16.98
N ARG P 294 -58.53 -8.20 17.16
CA ARG P 294 -57.44 -8.93 16.53
C ARG P 294 -56.51 -9.59 17.54
N SER P 295 -56.21 -8.91 18.64
CA SER P 295 -55.38 -9.49 19.70
C SER P 295 -55.73 -8.82 21.01
N ARG P 296 -55.96 -9.62 22.04
CA ARG P 296 -56.39 -9.12 23.34
C ARG P 296 -55.59 -9.78 24.45
N GLN P 297 -55.18 -8.98 25.44
CA GLN P 297 -54.48 -9.47 26.62
C GLN P 297 -55.22 -8.98 27.86
N LEU P 298 -55.50 -9.89 28.78
CA LEU P 298 -56.26 -9.57 29.98
C LEU P 298 -55.60 -10.23 31.19
N ASN P 299 -55.16 -9.42 32.15
CA ASN P 299 -54.53 -9.89 33.37
C ASN P 299 -55.38 -9.49 34.56
N ILE P 300 -55.68 -10.46 35.43
CA ILE P 300 -56.50 -10.23 36.61
C ILE P 300 -55.79 -10.80 37.82
N SER P 301 -55.77 -10.03 38.92
CA SER P 301 -55.19 -10.47 40.17
C SER P 301 -56.10 -10.04 41.32
N GLU P 302 -56.05 -10.81 42.41
CA GLU P 302 -56.90 -10.53 43.57
C GLU P 302 -56.33 -11.22 44.79
N GLN P 303 -56.04 -10.44 45.83
CA GLN P 303 -55.61 -10.97 47.11
C GLN P 303 -56.65 -10.61 48.16
N VAL P 304 -56.95 -11.56 49.04
CA VAL P 304 -57.92 -11.34 50.10
C VAL P 304 -57.32 -11.71 51.45
N PRO P 355 -58.46 -6.36 54.55
CA PRO P 355 -57.46 -6.13 53.50
C PRO P 355 -57.83 -6.77 52.18
N ARG P 356 -58.21 -5.96 51.19
CA ARG P 356 -58.60 -6.45 49.87
C ARG P 356 -57.80 -5.71 48.81
N SER P 357 -57.22 -6.46 47.89
CA SER P 357 -56.44 -5.91 46.79
C SER P 357 -56.98 -6.45 45.46
N THR P 358 -57.10 -5.57 44.48
CA THR P 358 -57.60 -5.93 43.16
C THR P 358 -56.80 -5.20 42.10
N GLN P 359 -56.45 -5.92 41.03
CA GLN P 359 -55.70 -5.35 39.92
C GLN P 359 -56.22 -5.94 38.62
N ARG P 360 -56.40 -5.08 37.61
CA ARG P 360 -56.92 -5.51 36.32
C ARG P 360 -56.23 -4.73 35.21
N ASN P 361 -55.61 -5.47 34.29
CA ASN P 361 -54.92 -4.89 33.14
C ASN P 361 -55.56 -5.43 31.86
N GLU P 362 -55.65 -4.59 30.84
CA GLU P 362 -56.30 -4.98 29.60
C GLU P 362 -55.70 -4.19 28.43
N THR P 363 -55.50 -4.89 27.31
CA THR P 363 -55.02 -4.28 26.07
C THR P 363 -55.80 -4.88 24.91
N SER P 364 -56.18 -4.03 23.96
CA SER P 364 -57.01 -4.45 22.85
C SER P 364 -56.51 -3.83 21.55
N ASN P 365 -56.70 -4.57 20.45
CA ASN P 365 -56.42 -4.09 19.11
C ASN P 365 -57.61 -4.42 18.22
N TYR P 366 -58.02 -3.45 17.41
CA TYR P 366 -59.28 -3.55 16.67
C TYR P 366 -59.04 -3.50 15.17
N GLU P 367 -60.01 -4.03 14.44
CA GLU P 367 -60.11 -3.88 12.99
C GLU P 367 -61.40 -3.10 12.69
N VAL P 368 -61.30 -2.14 11.78
CA VAL P 368 -62.38 -1.20 11.54
C VAL P 368 -62.79 -1.22 10.07
N ASP P 369 -64.05 -0.88 9.82
CA ASP P 369 -64.58 -0.76 8.47
C ASP P 369 -64.48 0.69 8.00
N ARG P 370 -64.01 0.88 6.78
CA ARG P 370 -63.81 2.23 6.24
C ARG P 370 -64.37 2.30 4.83
N THR P 371 -64.77 3.52 4.45
CA THR P 371 -65.34 3.79 3.13
C THR P 371 -64.69 5.05 2.57
N ILE P 372 -64.26 4.97 1.31
CA ILE P 372 -63.59 6.08 0.62
C ILE P 372 -64.33 6.36 -0.68
N ARG P 373 -64.65 7.63 -0.92
N ARG P 373 -64.66 7.63 -0.91
CA ARG P 373 -65.35 8.05 -2.12
CA ARG P 373 -65.36 8.06 -2.12
C ARG P 373 -64.65 9.24 -2.75
C ARG P 373 -64.65 9.25 -2.75
N HIS P 374 -64.52 9.22 -4.06
CA HIS P 374 -63.91 10.30 -4.83
C HIS P 374 -64.90 10.78 -5.88
N THR P 375 -65.08 12.09 -5.97
CA THR P 375 -66.08 12.67 -6.87
C THR P 375 -65.50 13.86 -7.61
N LYS P 376 -65.73 13.92 -8.91
CA LYS P 376 -65.38 15.07 -9.75
C LYS P 376 -66.66 15.57 -10.40
N MET P 377 -67.03 16.81 -10.11
CA MET P 377 -68.30 17.36 -10.54
C MET P 377 -68.26 17.73 -12.03
N ASN P 378 -69.44 17.93 -12.59
CA ASN P 378 -69.61 18.29 -14.00
C ASN P 378 -69.71 19.81 -14.15
N VAL P 379 -69.16 20.33 -15.23
CA VAL P 379 -69.16 21.76 -15.51
C VAL P 379 -70.34 22.08 -16.42
N GLY P 380 -71.21 22.99 -15.98
CA GLY P 380 -72.33 23.40 -16.79
C GLY P 380 -73.68 22.88 -16.29
N ASP P 381 -73.85 22.85 -14.97
CA ASP P 381 -75.08 22.35 -14.36
C ASP P 381 -75.98 23.51 -13.97
N ILE P 382 -77.30 23.27 -14.06
CA ILE P 382 -78.27 24.31 -13.75
C ILE P 382 -78.36 24.51 -12.24
N GLU P 383 -78.47 25.77 -11.82
CA GLU P 383 -78.60 26.12 -10.41
C GLU P 383 -79.97 26.68 -10.04
N ARG P 384 -80.59 27.48 -10.91
CA ARG P 384 -81.86 28.11 -10.61
C ARG P 384 -82.60 28.39 -11.90
N LEU P 385 -83.93 28.44 -11.82
CA LEU P 385 -84.78 28.69 -12.97
C LEU P 385 -85.86 29.71 -12.62
N SER P 386 -86.11 30.62 -13.55
CA SER P 386 -87.18 31.61 -13.43
C SER P 386 -87.97 31.62 -14.73
N VAL P 387 -89.28 31.41 -14.63
CA VAL P 387 -90.14 31.25 -15.82
C VAL P 387 -91.30 32.22 -15.71
N ALA P 388 -91.57 32.92 -16.81
CA ALA P 388 -92.71 33.83 -16.93
C ALA P 388 -93.55 33.39 -18.13
N VAL P 389 -94.86 33.26 -17.92
CA VAL P 389 -95.80 32.83 -18.95
C VAL P 389 -96.93 33.85 -19.03
N VAL P 390 -97.31 34.21 -20.25
CA VAL P 390 -98.43 35.12 -20.49
C VAL P 390 -99.42 34.42 -21.42
N VAL P 391 -100.69 34.42 -21.03
CA VAL P 391 -101.74 33.77 -21.82
C VAL P 391 -102.79 34.80 -22.19
N ASN P 392 -103.47 34.54 -23.30
CA ASN P 392 -104.46 35.45 -23.87
C ASN P 392 -105.85 35.15 -23.31
N TYR P 393 -106.74 36.12 -23.47
CA TYR P 393 -108.14 35.95 -23.07
C TYR P 393 -108.87 35.04 -24.06
N LYS P 394 -110.02 34.54 -23.62
CA LYS P 394 -110.85 33.67 -24.45
C LYS P 394 -111.86 34.54 -25.20
N THR P 395 -111.81 34.48 -26.53
CA THR P 395 -112.70 35.24 -27.39
C THR P 395 -113.75 34.33 -28.00
N LEU P 396 -115.01 34.73 -27.89
CA LEU P 396 -116.12 33.95 -28.43
C LEU P 396 -116.50 34.45 -29.82
N PRO P 401 -113.21 38.37 -25.52
CA PRO P 401 -112.77 39.21 -24.40
C PRO P 401 -113.29 38.72 -23.05
N LEU P 402 -113.19 37.42 -22.81
CA LEU P 402 -113.66 36.82 -21.57
C LEU P 402 -112.48 36.20 -20.82
N PRO P 403 -112.30 36.50 -19.54
CA PRO P 403 -111.18 35.91 -18.80
C PRO P 403 -111.36 34.41 -18.61
N LEU P 404 -110.23 33.72 -18.51
CA LEU P 404 -110.25 32.28 -18.32
C LEU P 404 -110.65 31.91 -16.89
N THR P 405 -111.18 30.70 -16.74
CA THR P 405 -111.60 30.22 -15.43
C THR P 405 -110.39 29.93 -14.55
N ALA P 406 -110.62 29.95 -13.24
CA ALA P 406 -109.54 29.69 -12.29
C ALA P 406 -109.01 28.26 -12.42
N ASP P 407 -109.90 27.31 -12.68
CA ASP P 407 -109.46 25.92 -12.86
C ASP P 407 -108.55 25.78 -14.07
N GLN P 408 -108.87 26.47 -15.17
CA GLN P 408 -108.00 26.45 -16.34
C GLN P 408 -106.64 27.04 -16.02
N MET P 409 -106.61 28.13 -15.25
CA MET P 409 -105.33 28.71 -14.84
C MET P 409 -104.52 27.74 -13.98
N LYS P 410 -105.19 27.04 -13.05
CA LYS P 410 -104.49 26.08 -12.22
C LYS P 410 -103.92 24.94 -13.06
N GLN P 411 -104.69 24.45 -14.04
CA GLN P 411 -104.20 23.40 -14.92
C GLN P 411 -103.00 23.90 -15.74
N ILE P 412 -103.06 25.14 -16.22
CA ILE P 412 -101.95 25.70 -17.00
C ILE P 412 -100.69 25.80 -16.12
N GLU P 413 -100.86 26.27 -14.88
CA GLU P 413 -99.71 26.35 -13.98
C GLU P 413 -99.13 24.98 -13.70
N ASP P 414 -99.98 23.97 -13.49
CA ASP P 414 -99.48 22.62 -13.25
C ASP P 414 -98.72 22.08 -14.46
N LEU P 415 -99.25 22.30 -15.66
CA LEU P 415 -98.57 21.84 -16.86
C LEU P 415 -97.23 22.54 -17.05
N THR P 416 -97.19 23.85 -16.80
CA THR P 416 -95.92 24.57 -16.90
C THR P 416 -94.91 24.08 -15.87
N ARG P 417 -95.39 23.81 -14.64
CA ARG P 417 -94.52 23.27 -13.60
C ARG P 417 -93.93 21.93 -14.01
N GLU P 418 -94.76 21.07 -14.62
CA GLU P 418 -94.26 19.79 -15.12
C GLU P 418 -93.25 20.00 -16.25
N ALA P 419 -93.53 20.91 -17.17
CA ALA P 419 -92.68 21.08 -18.34
C ALA P 419 -91.32 21.67 -17.98
N MET P 420 -91.29 22.59 -17.02
CA MET P 420 -90.04 23.29 -16.71
C MET P 420 -89.17 22.53 -15.71
N GLY P 421 -89.61 21.38 -15.20
CA GLY P 421 -88.82 20.62 -14.26
C GLY P 421 -88.60 21.33 -12.94
N PHE P 422 -89.69 21.87 -12.37
CA PHE P 422 -89.60 22.63 -11.13
C PHE P 422 -89.01 21.79 -10.00
N SER P 423 -88.09 22.40 -9.25
CA SER P 423 -87.48 21.78 -8.08
C SER P 423 -87.46 22.81 -6.96
N ASP P 424 -88.14 22.51 -5.86
CA ASP P 424 -88.21 23.45 -4.74
C ASP P 424 -86.85 23.62 -4.08
N LYS P 425 -86.06 22.54 -4.00
CA LYS P 425 -84.73 22.63 -3.42
C LYS P 425 -83.81 23.52 -4.23
N ARG P 426 -84.03 23.60 -5.54
CA ARG P 426 -83.23 24.45 -6.41
C ARG P 426 -83.69 25.91 -6.42
N GLY P 427 -84.76 26.23 -5.72
CA GLY P 427 -85.26 27.59 -5.67
C GLY P 427 -85.82 28.11 -6.99
N ASP P 428 -86.51 27.25 -7.74
CA ASP P 428 -87.11 27.69 -8.99
C ASP P 428 -88.33 28.57 -8.71
N THR P 429 -88.66 29.42 -9.68
CA THR P 429 -89.76 30.36 -9.53
C THR P 429 -90.53 30.47 -10.84
N LEU P 430 -91.85 30.42 -10.75
CA LEU P 430 -92.74 30.47 -11.91
C LEU P 430 -93.82 31.51 -11.69
N ASN P 431 -94.15 32.24 -12.75
CA ASN P 431 -95.23 33.22 -12.69
C ASN P 431 -96.02 33.18 -14.00
N VAL P 432 -97.35 33.08 -13.88
CA VAL P 432 -98.24 33.01 -15.03
C VAL P 432 -99.26 34.14 -14.91
N VAL P 433 -99.44 34.87 -16.01
CA VAL P 433 -100.34 36.03 -16.05
C VAL P 433 -101.28 35.89 -17.23
N ASN P 434 -102.57 36.14 -16.99
CA ASN P 434 -103.59 36.11 -18.03
C ASN P 434 -104.02 37.55 -18.31
N SER P 435 -103.89 37.97 -19.56
CA SER P 435 -104.20 39.34 -19.95
C SER P 435 -104.51 39.36 -21.45
N PRO P 436 -105.43 40.21 -21.88
CA PRO P 436 -105.74 40.27 -23.32
C PRO P 436 -104.53 40.73 -24.12
N PHE P 437 -104.39 40.14 -25.31
CA PHE P 437 -103.27 40.48 -26.19
C PHE P 437 -103.53 41.78 -26.93
N SER P 438 -102.44 42.45 -27.32
CA SER P 438 -102.54 43.70 -28.05
C SER P 438 -102.19 43.51 -29.53
N ASP Q 229 -56.81 45.70 -24.26
CA ASP Q 229 -56.88 44.32 -24.73
C ASP Q 229 -57.93 43.54 -23.94
N LEU Q 230 -57.59 43.15 -22.72
CA LEU Q 230 -58.53 42.42 -21.87
C LEU Q 230 -59.70 43.30 -21.46
N ASN Q 231 -59.44 44.60 -21.24
CA ASN Q 231 -60.51 45.50 -20.80
C ASN Q 231 -61.60 45.61 -21.84
N ASP Q 232 -61.22 45.70 -23.12
CA ASP Q 232 -62.23 45.77 -24.18
C ASP Q 232 -63.05 44.48 -24.24
N ALA Q 233 -62.40 43.33 -24.03
CA ALA Q 233 -63.12 42.07 -24.01
C ALA Q 233 -64.12 42.03 -22.86
N GLN Q 234 -63.72 42.49 -21.68
CA GLN Q 234 -64.65 42.57 -20.57
C GLN Q 234 -65.82 43.49 -20.90
N LEU Q 235 -65.52 44.63 -21.53
CA LEU Q 235 -66.58 45.57 -21.88
C LEU Q 235 -67.58 44.96 -22.86
N LYS Q 236 -67.10 44.28 -23.90
CA LYS Q 236 -68.07 43.78 -24.88
C LYS Q 236 -68.82 42.57 -24.33
N PHE Q 237 -68.19 41.77 -23.47
CA PHE Q 237 -68.93 40.69 -22.83
C PHE Q 237 -70.04 41.24 -21.94
N ALA Q 238 -69.74 42.29 -21.17
CA ALA Q 238 -70.79 42.93 -20.37
C ALA Q 238 -71.89 43.49 -21.26
N ASN Q 239 -71.51 44.07 -22.40
CA ASN Q 239 -72.50 44.61 -23.32
C ASN Q 239 -73.41 43.52 -23.87
N ASP Q 240 -72.85 42.36 -24.23
CA ASP Q 240 -73.67 41.26 -24.72
C ASP Q 240 -74.60 40.73 -23.63
N VAL Q 241 -74.12 40.62 -22.39
CA VAL Q 241 -75.00 40.17 -21.31
C VAL Q 241 -76.16 41.14 -21.12
N GLU Q 242 -75.85 42.44 -21.11
CA GLU Q 242 -76.90 43.45 -20.94
C GLU Q 242 -77.88 43.42 -22.10
N SER Q 243 -77.38 43.24 -23.32
CA SER Q 243 -78.26 43.19 -24.49
C SER Q 243 -79.16 41.96 -24.44
N ARG Q 244 -78.64 40.82 -23.99
CA ARG Q 244 -79.46 39.62 -23.85
C ARG Q 244 -80.58 39.84 -22.84
N ILE Q 245 -80.25 40.44 -21.69
CA ILE Q 245 -81.28 40.68 -20.68
C ILE Q 245 -82.32 41.67 -21.21
N GLN Q 246 -81.87 42.73 -21.89
CA GLN Q 246 -82.79 43.71 -22.45
C GLN Q 246 -83.71 43.07 -23.50
N ARG Q 247 -83.17 42.21 -24.35
CA ARG Q 247 -83.98 41.54 -25.36
C ARG Q 247 -85.01 40.63 -24.72
N ARG Q 248 -84.61 39.89 -23.69
CA ARG Q 248 -85.58 39.05 -22.99
C ARG Q 248 -86.71 39.87 -22.38
N ILE Q 249 -86.36 40.98 -21.73
CA ILE Q 249 -87.38 41.82 -21.09
C ILE Q 249 -88.32 42.41 -22.14
N GLU Q 250 -87.76 42.91 -23.24
CA GLU Q 250 -88.59 43.48 -24.30
C GLU Q 250 -89.52 42.42 -24.92
N ALA Q 251 -88.99 41.22 -25.15
CA ALA Q 251 -89.81 40.16 -25.72
C ALA Q 251 -90.94 39.75 -24.79
N ILE Q 252 -90.66 39.65 -23.49
CA ILE Q 252 -91.72 39.22 -22.57
C ILE Q 252 -92.76 40.32 -22.38
N LEU Q 253 -92.34 41.59 -22.38
CA LEU Q 253 -93.27 42.68 -22.11
C LEU Q 253 -93.97 43.20 -23.36
N SER Q 254 -93.52 42.84 -24.56
CA SER Q 254 -94.11 43.37 -25.79
C SER Q 254 -95.57 42.99 -25.98
N PRO Q 255 -95.99 41.73 -25.85
CA PRO Q 255 -97.37 41.38 -26.24
C PRO Q 255 -98.45 42.13 -25.48
N ILE Q 256 -98.22 42.47 -24.21
CA ILE Q 256 -99.30 43.03 -23.39
C ILE Q 256 -99.45 44.53 -23.65
N VAL Q 257 -98.41 45.31 -23.35
CA VAL Q 257 -98.53 46.76 -23.42
C VAL Q 257 -98.60 47.25 -24.86
N GLY Q 258 -97.90 46.57 -25.76
CA GLY Q 258 -97.86 46.97 -27.15
C GLY Q 258 -96.50 46.73 -27.75
N ASN Q 259 -96.45 46.85 -29.08
CA ASN Q 259 -95.22 46.55 -29.80
C ASN Q 259 -94.10 47.54 -29.44
N GLY Q 260 -94.44 48.82 -29.36
CA GLY Q 260 -93.42 49.83 -29.11
C GLY Q 260 -93.77 50.81 -28.00
N ASN Q 261 -94.47 50.33 -26.96
CA ASN Q 261 -94.87 51.15 -25.83
C ASN Q 261 -94.09 50.80 -24.57
N VAL Q 262 -92.86 50.31 -24.72
CA VAL Q 262 -92.06 49.91 -23.57
C VAL Q 262 -90.59 50.01 -23.95
N HIS Q 263 -89.77 50.48 -22.99
CA HIS Q 263 -88.33 50.54 -23.14
C HIS Q 263 -87.68 50.10 -21.84
N ALA Q 264 -86.48 49.54 -21.94
CA ALA Q 264 -85.76 49.05 -20.77
C ALA Q 264 -84.27 49.24 -20.97
N GLN Q 265 -83.55 49.39 -19.85
CA GLN Q 265 -82.10 49.50 -19.85
C GLN Q 265 -81.55 48.67 -18.69
N VAL Q 266 -80.46 47.96 -18.94
CA VAL Q 266 -79.88 47.04 -17.97
C VAL Q 266 -78.40 47.35 -17.82
N THR Q 267 -77.94 47.43 -16.57
CA THR Q 267 -76.52 47.57 -16.26
C THR Q 267 -76.12 46.44 -15.31
N ALA Q 268 -74.93 45.87 -15.54
CA ALA Q 268 -74.49 44.70 -14.81
C ALA Q 268 -73.06 44.90 -14.31
N GLN Q 269 -72.75 44.26 -13.19
CA GLN Q 269 -71.40 44.21 -12.64
C GLN Q 269 -70.90 42.77 -12.69
N LEU Q 270 -69.65 42.60 -13.09
CA LEU Q 270 -69.06 41.29 -13.30
C LEU Q 270 -67.79 41.13 -12.48
N ASP Q 271 -67.53 39.90 -12.05
CA ASP Q 271 -66.34 39.58 -11.27
C ASP Q 271 -65.30 38.96 -12.20
N PHE Q 272 -64.13 39.60 -12.31
CA PHE Q 272 -63.06 39.15 -13.20
C PHE Q 272 -61.82 38.71 -12.44
N ALA Q 273 -61.94 38.46 -11.14
CA ALA Q 273 -60.81 38.03 -10.33
C ALA Q 273 -60.64 36.52 -10.38
N ASN Q 274 -59.43 36.07 -10.06
CA ASN Q 274 -59.10 34.65 -10.01
C ASN Q 274 -59.06 34.19 -8.57
N LYS Q 275 -59.85 33.17 -8.24
CA LYS Q 275 -59.95 32.69 -6.87
C LYS Q 275 -59.79 31.17 -6.84
N GLU Q 276 -59.21 30.68 -5.74
CA GLU Q 276 -59.09 29.26 -5.48
C GLU Q 276 -59.42 29.01 -4.01
N GLN Q 277 -59.89 27.81 -3.71
CA GLN Q 277 -60.28 27.49 -2.34
C GLN Q 277 -60.03 26.02 -2.05
N THR Q 278 -59.57 25.75 -0.84
CA THR Q 278 -59.36 24.39 -0.34
C THR Q 278 -59.92 24.31 1.07
N GLU Q 279 -60.80 23.33 1.30
CA GLU Q 279 -61.47 23.17 2.57
C GLU Q 279 -61.25 21.77 3.11
N GLU Q 280 -60.89 21.69 4.40
CA GLU Q 280 -60.73 20.42 5.10
C GLU Q 280 -61.61 20.43 6.34
N HIS Q 281 -62.35 19.35 6.55
N HIS Q 281 -62.34 19.35 6.55
CA HIS Q 281 -63.28 19.25 7.67
CA HIS Q 281 -63.28 19.25 7.66
C HIS Q 281 -63.15 17.89 8.32
C HIS Q 281 -63.16 17.89 8.32
N TYR Q 282 -63.39 17.86 9.64
CA TYR Q 282 -63.33 16.63 10.43
C TYR Q 282 -64.60 16.47 11.24
N SER Q 283 -64.99 15.22 11.47
CA SER Q 283 -66.17 14.91 12.27
C SER Q 283 -65.80 14.78 13.73
N PRO Q 284 -66.48 15.49 14.64
CA PRO Q 284 -66.14 15.39 16.06
C PRO Q 284 -66.43 14.00 16.61
N ASN Q 285 -65.62 13.57 17.57
CA ASN Q 285 -65.76 12.26 18.21
C ASN Q 285 -65.76 12.40 19.73
N GLY Q 286 -66.40 13.47 20.23
CA GLY Q 286 -66.46 13.69 21.67
C GLY Q 286 -67.37 12.72 22.40
N ASP Q 287 -68.30 12.09 21.70
CA ASP Q 287 -69.21 11.13 22.29
C ASP Q 287 -68.67 9.72 22.09
N ALA Q 288 -68.65 8.92 23.16
CA ALA Q 288 -68.13 7.56 23.07
C ALA Q 288 -68.99 6.66 22.20
N SER Q 289 -70.27 6.99 22.00
CA SER Q 289 -71.14 6.17 21.18
C SER Q 289 -70.87 6.35 19.69
N LYS Q 290 -70.09 7.36 19.30
CA LYS Q 290 -69.79 7.62 17.91
C LYS Q 290 -68.30 7.57 17.60
N ALA Q 291 -67.45 7.29 18.57
CA ALA Q 291 -66.02 7.24 18.34
C ALA Q 291 -65.61 5.92 17.71
N THR Q 292 -64.45 5.92 17.07
CA THR Q 292 -63.87 4.75 16.44
C THR Q 292 -62.47 4.54 16.99
N LEU Q 293 -62.30 3.49 17.79
CA LEU Q 293 -61.03 3.20 18.44
C LEU Q 293 -60.20 2.24 17.59
N ARG Q 294 -58.88 2.33 17.75
CA ARG Q 294 -57.95 1.43 17.10
C ARG Q 294 -57.15 0.59 18.09
N SER Q 295 -56.71 1.18 19.20
CA SER Q 295 -55.99 0.44 20.23
C SER Q 295 -56.21 1.15 21.56
N ARG Q 296 -56.57 0.38 22.58
CA ARG Q 296 -56.89 0.92 23.89
C ARG Q 296 -56.20 0.11 24.98
N GLN Q 297 -55.65 0.80 25.98
CA GLN Q 297 -55.04 0.18 27.14
C GLN Q 297 -55.67 0.77 28.40
N LEU Q 298 -56.10 -0.09 29.31
CA LEU Q 298 -56.78 0.34 30.53
C LEU Q 298 -56.23 -0.45 31.72
N ASN Q 299 -55.65 0.26 32.69
CA ASN Q 299 -55.10 -0.35 33.88
C ASN Q 299 -55.84 0.18 35.10
N ILE Q 300 -56.31 -0.73 35.96
CA ILE Q 300 -57.08 -0.38 37.15
C ILE Q 300 -56.47 -1.09 38.34
N SER Q 301 -56.30 -0.37 39.45
CA SER Q 301 -55.80 -0.92 40.69
C SER Q 301 -56.60 -0.36 41.86
N GLU Q 302 -56.68 -1.13 42.93
CA GLU Q 302 -57.45 -0.72 44.10
C GLU Q 302 -57.01 -1.53 45.31
N GLN Q 303 -56.56 -0.82 46.36
CA GLN Q 303 -56.24 -1.44 47.63
C GLN Q 303 -57.18 -0.92 48.69
N VAL Q 304 -57.64 -1.82 49.56
CA VAL Q 304 -58.54 -1.45 50.64
C VAL Q 304 -58.01 -1.94 51.97
N PRO Q 355 -58.13 3.47 55.17
CA PRO Q 355 -57.11 3.54 54.11
C PRO Q 355 -57.61 2.99 52.78
N ARG Q 356 -57.84 3.89 51.82
CA ARG Q 356 -58.32 3.50 50.49
C ARG Q 356 -57.41 4.09 49.43
N SER Q 357 -56.98 3.25 48.50
CA SER Q 357 -56.14 3.68 47.39
C SER Q 357 -56.77 3.27 46.06
N THR Q 358 -56.73 4.18 45.09
CA THR Q 358 -57.31 3.93 43.78
C THR Q 358 -56.39 4.53 42.72
N GLN Q 359 -56.19 3.78 41.64
CA GLN Q 359 -55.36 4.22 40.52
C GLN Q 359 -55.99 3.76 39.22
N ARG Q 360 -56.02 4.64 38.23
CA ARG Q 360 -56.63 4.35 36.94
C ARG Q 360 -55.81 4.99 35.83
N ASN Q 361 -55.35 4.18 34.89
CA ASN Q 361 -54.58 4.64 33.74
C ASN Q 361 -55.32 4.26 32.46
N GLU Q 362 -55.26 5.12 31.45
CA GLU Q 362 -55.98 4.87 30.22
C GLU Q 362 -55.27 5.56 29.05
N THR Q 363 -55.19 4.85 27.92
CA THR Q 363 -54.62 5.38 26.69
C THR Q 363 -55.51 4.96 25.53
N SER Q 364 -55.74 5.89 24.60
CA SER Q 364 -56.64 5.63 23.48
C SER Q 364 -56.04 6.18 22.19
N ASN Q 365 -56.38 5.51 21.09
CA ASN Q 365 -56.03 5.95 19.75
C ASN Q 365 -57.27 5.86 18.86
N TYR Q 366 -57.51 6.90 18.07
CA TYR Q 366 -58.76 7.05 17.35
C TYR Q 366 -58.54 7.07 15.85
N GLU Q 367 -59.59 6.74 15.12
CA GLU Q 367 -59.69 6.95 13.67
C GLU Q 367 -60.81 7.94 13.40
N VAL Q 368 -60.55 8.89 12.50
CA VAL Q 368 -61.45 10.01 12.29
C VAL Q 368 -61.86 10.08 10.83
N ASP Q 369 -63.04 10.65 10.60
CA ASP Q 369 -63.54 10.89 9.26
C ASP Q 369 -63.19 12.31 8.81
N ARG Q 370 -62.70 12.43 7.59
CA ARG Q 370 -62.27 13.72 7.07
C ARG Q 370 -62.82 13.93 5.66
N THR Q 371 -63.00 15.20 5.31
CA THR Q 371 -63.50 15.60 4.00
C THR Q 371 -62.64 16.72 3.45
N ILE Q 372 -62.25 16.60 2.18
CA ILE Q 372 -61.40 17.57 1.50
C ILE Q 372 -62.09 18.01 0.22
N ARG Q 373 -62.17 19.32 0.00
N ARG Q 373 -62.17 19.32 0.01
CA ARG Q 373 -62.80 19.88 -1.18
CA ARG Q 373 -62.80 19.89 -1.18
C ARG Q 373 -61.90 20.94 -1.80
C ARG Q 373 -61.88 20.94 -1.80
N HIS Q 374 -61.78 20.92 -3.12
CA HIS Q 374 -60.99 21.88 -3.88
C HIS Q 374 -61.89 22.54 -4.90
N THR Q 375 -61.83 23.88 -4.98
CA THR Q 375 -62.71 24.64 -5.86
C THR Q 375 -61.93 25.72 -6.58
N LYS Q 376 -62.17 25.84 -7.88
CA LYS Q 376 -61.62 26.92 -8.70
C LYS Q 376 -62.78 27.66 -9.33
N MET Q 377 -62.92 28.95 -9.02
CA MET Q 377 -64.07 29.72 -9.43
C MET Q 377 -63.98 30.11 -10.90
N ASN Q 378 -65.11 30.52 -11.45
CA ASN Q 378 -65.22 30.93 -12.85
C ASN Q 378 -65.05 32.44 -12.97
N VAL Q 379 -64.43 32.88 -14.06
CA VAL Q 379 -64.16 34.29 -14.31
C VAL Q 379 -65.27 34.83 -15.20
N GLY Q 380 -65.95 35.88 -14.74
CA GLY Q 380 -67.00 36.51 -15.53
C GLY Q 380 -68.40 36.23 -15.02
N ASP Q 381 -68.57 36.21 -13.70
CA ASP Q 381 -69.86 35.93 -13.08
C ASP Q 381 -70.53 37.24 -12.66
N ILE Q 382 -71.87 37.24 -12.73
CA ILE Q 382 -72.64 38.42 -12.40
C ILE Q 382 -72.67 38.62 -10.88
N GLU Q 383 -72.55 39.86 -10.45
CA GLU Q 383 -72.60 40.21 -9.03
C GLU Q 383 -73.84 41.00 -8.63
N ARG Q 384 -74.30 41.92 -9.48
CA ARG Q 384 -75.44 42.76 -9.15
C ARG Q 384 -76.13 43.20 -10.44
N LEU Q 385 -77.42 43.49 -10.33
CA LEU Q 385 -78.22 43.91 -11.48
C LEU Q 385 -79.09 45.10 -11.09
N SER Q 386 -79.19 46.07 -12.01
CA SER Q 386 -80.06 47.23 -11.86
C SER Q 386 -80.84 47.40 -13.14
N VAL Q 387 -82.18 47.43 -13.04
CA VAL Q 387 -83.05 47.46 -14.21
C VAL Q 387 -84.02 48.61 -14.08
N ALA Q 388 -84.16 49.38 -15.16
CA ALA Q 388 -85.13 50.47 -15.25
C ALA Q 388 -86.03 50.23 -16.45
N VAL Q 389 -87.35 50.34 -16.23
CA VAL Q 389 -88.35 50.10 -17.25
C VAL Q 389 -89.29 51.30 -17.30
N VAL Q 390 -89.61 51.74 -18.51
CA VAL Q 390 -90.54 52.85 -18.73
C VAL Q 390 -91.65 52.36 -19.65
N VAL Q 391 -92.90 52.59 -19.24
CA VAL Q 391 -94.05 52.15 -20.03
C VAL Q 391 -94.91 53.37 -20.37
N ASN Q 392 -95.63 53.25 -21.48
CA ASN Q 392 -96.44 54.33 -22.02
C ASN Q 392 -97.86 54.29 -21.45
N TYR Q 393 -98.56 55.41 -21.58
CA TYR Q 393 -99.96 55.49 -21.17
C TYR Q 393 -100.85 54.74 -22.16
N LYS Q 394 -102.07 54.45 -21.72
CA LYS Q 394 -103.06 53.77 -22.55
C LYS Q 394 -103.89 54.81 -23.28
N THR Q 395 -103.87 54.77 -24.60
CA THR Q 395 -104.60 55.70 -25.44
C THR Q 395 -105.82 55.01 -26.05
N LEU Q 396 -106.98 55.63 -25.92
CA LEU Q 396 -108.21 55.08 -26.46
C LEU Q 396 -108.51 55.65 -27.83
N PRO Q 401 -104.53 58.83 -23.51
CA PRO Q 401 -103.92 59.55 -22.39
C PRO Q 401 -104.52 59.16 -21.04
N LEU Q 402 -104.65 57.85 -20.82
CA LEU Q 402 -105.21 57.32 -19.58
C LEU Q 402 -104.16 56.48 -18.87
N PRO Q 403 -103.91 56.73 -17.58
CA PRO Q 403 -102.91 55.93 -16.86
C PRO Q 403 -103.37 54.49 -16.69
N LEU Q 404 -102.38 53.59 -16.61
CA LEU Q 404 -102.66 52.18 -16.45
C LEU Q 404 -103.11 51.87 -15.02
N THR Q 405 -103.84 50.77 -14.88
CA THR Q 405 -104.33 50.36 -13.57
C THR Q 405 -103.20 49.83 -12.72
N ALA Q 406 -103.40 49.87 -11.40
CA ALA Q 406 -102.38 49.40 -10.47
C ALA Q 406 -102.12 47.91 -10.62
N ASP Q 407 -103.17 47.13 -10.90
CA ASP Q 407 -102.99 45.69 -11.10
C ASP Q 407 -102.13 45.41 -12.32
N GLN Q 408 -102.34 46.17 -13.40
CA GLN Q 408 -101.50 46.01 -14.59
C GLN Q 408 -100.04 46.33 -14.27
N MET Q 409 -99.81 47.38 -13.49
CA MET Q 409 -98.45 47.71 -13.08
C MET Q 409 -97.82 46.61 -12.25
N LYS Q 410 -98.60 46.02 -11.33
CA LYS Q 410 -98.08 44.93 -10.52
C LYS Q 410 -97.73 43.72 -11.39
N GLN Q 411 -98.59 43.40 -12.36
CA GLN Q 411 -98.30 42.30 -13.26
C GLN Q 411 -97.04 42.57 -14.09
N ILE Q 412 -96.87 43.82 -14.55
CA ILE Q 412 -95.68 44.17 -15.33
C ILE Q 412 -94.43 44.03 -14.47
N GLU Q 413 -94.49 44.50 -13.22
CA GLU Q 413 -93.34 44.35 -12.33
C GLU Q 413 -93.01 42.89 -12.08
N ASP Q 414 -94.04 42.06 -11.88
CA ASP Q 414 -93.79 40.64 -11.66
C ASP Q 414 -93.15 39.99 -12.89
N LEU Q 415 -93.65 40.32 -14.08
CA LEU Q 415 -93.08 39.76 -15.30
C LEU Q 415 -91.63 40.20 -15.50
N THR Q 416 -91.33 41.48 -15.22
CA THR Q 416 -89.97 41.96 -15.33
C THR Q 416 -89.06 41.27 -14.32
N ARG Q 417 -89.57 41.07 -13.09
CA ARG Q 417 -88.80 40.37 -12.06
C ARG Q 417 -88.47 38.95 -12.50
N GLU Q 418 -89.45 38.27 -13.11
CA GLU Q 418 -89.19 36.94 -13.64
C GLU Q 418 -88.17 36.96 -14.78
N ALA Q 419 -88.29 37.94 -15.68
CA ALA Q 419 -87.44 37.96 -16.86
C ALA Q 419 -85.99 38.29 -16.51
N MET Q 420 -85.77 39.17 -15.53
CA MET Q 420 -84.42 39.62 -15.23
C MET Q 420 -83.69 38.70 -14.25
N GLY Q 421 -84.34 37.65 -13.76
CA GLY Q 421 -83.69 36.73 -12.84
C GLY Q 421 -83.34 37.37 -11.51
N PHE Q 422 -84.29 38.08 -10.92
CA PHE Q 422 -84.06 38.80 -9.67
C PHE Q 422 -83.61 37.85 -8.56
N SER Q 423 -82.60 38.26 -7.81
CA SER Q 423 -82.10 37.52 -6.65
C SER Q 423 -81.88 38.51 -5.52
N ASP Q 424 -82.60 38.32 -4.42
CA ASP Q 424 -82.48 39.24 -3.29
C ASP Q 424 -81.11 39.15 -2.64
N LYS Q 425 -80.53 37.94 -2.59
CA LYS Q 425 -79.20 37.77 -2.01
C LYS Q 425 -78.13 38.51 -2.82
N ARG Q 426 -78.35 38.65 -4.13
CA ARG Q 426 -77.41 39.34 -5.00
C ARG Q 426 -77.59 40.86 -4.98
N GLY Q 427 -78.59 41.36 -4.26
CA GLY Q 427 -78.83 42.79 -4.19
C GLY Q 427 -79.30 43.43 -5.49
N ASP Q 428 -80.13 42.72 -6.25
CA ASP Q 428 -80.67 43.29 -7.48
C ASP Q 428 -81.70 44.36 -7.18
N THR Q 429 -81.87 45.28 -8.12
CA THR Q 429 -82.78 46.40 -7.95
C THR Q 429 -83.53 46.67 -9.24
N LEU Q 430 -84.84 46.86 -9.14
CA LEU Q 430 -85.71 47.09 -10.29
C LEU Q 430 -86.59 48.30 -10.03
N ASN Q 431 -86.79 49.12 -11.08
CA ASN Q 431 -87.68 50.27 -10.99
C ASN Q 431 -88.47 50.40 -12.29
N VAL Q 432 -89.79 50.53 -12.16
CA VAL Q 432 -90.69 50.65 -13.30
C VAL Q 432 -91.48 51.95 -13.15
N VAL Q 433 -91.55 52.72 -14.24
CA VAL Q 433 -92.21 54.02 -14.25
C VAL Q 433 -93.17 54.06 -15.42
N ASN Q 434 -94.39 54.54 -15.16
CA ASN Q 434 -95.42 54.73 -16.18
C ASN Q 434 -95.58 56.22 -16.44
N SER Q 435 -95.37 56.64 -17.69
CA SER Q 435 -95.43 58.04 -18.05
C SER Q 435 -95.75 58.15 -19.54
N PRO Q 436 -96.51 59.15 -19.95
CA PRO Q 436 -96.81 59.31 -21.39
C PRO Q 436 -95.56 59.54 -22.19
N PHE Q 437 -95.52 58.96 -23.39
CA PHE Q 437 -94.38 59.10 -24.28
C PHE Q 437 -94.40 60.45 -24.99
N SER Q 438 -93.21 60.90 -25.39
CA SER Q 438 -93.08 62.16 -26.10
C SER Q 438 -92.79 61.94 -27.59
N ASP R 229 -47.73 55.73 -22.85
CA ASP R 229 -48.04 54.38 -23.33
C ASP R 229 -49.22 53.80 -22.55
N LEU R 230 -48.94 53.33 -21.33
CA LEU R 230 -49.99 52.76 -20.49
C LEU R 230 -50.99 53.85 -20.05
N ASN R 231 -50.49 55.07 -19.81
CA ASN R 231 -51.36 56.14 -19.34
C ASN R 231 -52.44 56.47 -20.37
N ASP R 232 -52.06 56.51 -21.65
CA ASP R 232 -53.04 56.77 -22.70
C ASP R 232 -54.07 55.67 -22.77
N ALA R 233 -53.65 54.41 -22.59
CA ALA R 233 -54.60 53.30 -22.58
C ALA R 233 -55.58 53.43 -21.41
N GLN R 234 -55.08 53.78 -20.23
CA GLN R 234 -55.97 54.01 -19.11
C GLN R 234 -56.95 55.13 -19.41
N LEU R 235 -56.46 56.21 -20.02
CA LEU R 235 -57.33 57.33 -20.35
C LEU R 235 -58.44 56.94 -21.33
N LYS R 236 -58.09 56.19 -22.39
CA LYS R 236 -59.15 55.90 -23.35
C LYS R 236 -60.10 54.83 -22.82
N PHE R 237 -59.62 53.92 -21.97
CA PHE R 237 -60.54 52.98 -21.34
C PHE R 237 -61.53 53.71 -20.43
N ALA R 238 -61.03 54.67 -19.65
CA ALA R 238 -61.94 55.48 -18.83
C ALA R 238 -62.92 56.25 -19.70
N ASN R 239 -62.46 56.77 -20.83
CA ASN R 239 -63.34 57.50 -21.73
C ASN R 239 -64.44 56.60 -22.29
N ASP R 240 -64.10 55.37 -22.67
CA ASP R 240 -65.12 54.44 -23.16
C ASP R 240 -66.12 54.07 -22.08
N VAL R 241 -65.65 53.85 -20.84
CA VAL R 241 -66.59 53.55 -19.75
C VAL R 241 -67.55 54.72 -19.54
N GLU R 242 -67.01 55.94 -19.51
CA GLU R 242 -67.85 57.11 -19.31
C GLU R 242 -68.85 57.29 -20.46
N SER R 243 -68.39 57.05 -21.69
CA SER R 243 -69.27 57.17 -22.85
C SER R 243 -70.39 56.13 -22.81
N ARG R 244 -70.07 54.90 -22.38
CA ARG R 244 -71.10 53.87 -22.25
C ARG R 244 -72.15 54.28 -21.23
N ILE R 245 -71.71 54.78 -20.07
CA ILE R 245 -72.66 55.20 -19.04
C ILE R 245 -73.51 56.36 -19.54
N GLN R 246 -72.89 57.33 -20.21
CA GLN R 246 -73.63 58.47 -20.75
C GLN R 246 -74.65 58.03 -21.79
N ARG R 247 -74.27 57.10 -22.66
CA ARG R 247 -75.20 56.62 -23.67
C ARG R 247 -76.38 55.89 -23.04
N ARG R 248 -76.12 55.08 -22.02
CA ARG R 248 -77.21 54.41 -21.32
C ARG R 248 -78.17 55.41 -20.68
N ILE R 249 -77.62 56.44 -20.02
CA ILE R 249 -78.46 57.44 -19.36
C ILE R 249 -79.29 58.20 -20.38
N GLU R 250 -78.66 58.61 -21.49
CA GLU R 250 -79.39 59.34 -22.53
C GLU R 250 -80.48 58.48 -23.15
N ALA R 251 -80.19 57.20 -23.40
CA ALA R 251 -81.19 56.32 -23.99
C ALA R 251 -82.37 56.11 -23.05
N ILE R 252 -82.11 55.94 -21.75
CA ILE R 252 -83.22 55.69 -20.83
C ILE R 252 -84.03 56.96 -20.60
N LEU R 253 -83.39 58.14 -20.58
CA LEU R 253 -84.11 59.38 -20.29
C LEU R 253 -84.71 60.03 -21.52
N SER R 254 -84.34 59.61 -22.73
CA SER R 254 -84.83 60.27 -23.95
C SER R 254 -86.34 60.17 -24.13
N PRO R 255 -86.98 59.00 -24.01
CA PRO R 255 -88.40 58.91 -24.39
C PRO R 255 -89.33 59.83 -23.60
N ILE R 256 -89.03 60.11 -22.33
CA ILE R 256 -89.97 60.84 -21.49
C ILE R 256 -89.85 62.34 -21.73
N VAL R 257 -88.68 62.91 -21.43
CA VAL R 257 -88.53 64.37 -21.47
C VAL R 257 -88.52 64.88 -22.90
N GLY R 258 -87.98 64.10 -23.82
CA GLY R 258 -87.88 64.52 -25.20
C GLY R 258 -86.60 64.03 -25.83
N ASN R 259 -86.53 64.16 -27.15
CA ASN R 259 -85.38 63.66 -27.90
C ASN R 259 -84.11 64.43 -27.53
N GLY R 260 -84.18 65.75 -27.43
CA GLY R 260 -83.01 66.55 -27.18
C GLY R 260 -83.17 67.56 -26.05
N ASN R 261 -83.93 67.19 -25.01
CA ASN R 261 -84.16 68.05 -23.86
C ASN R 261 -83.45 67.54 -22.61
N VAL R 262 -82.33 66.84 -22.79
CA VAL R 262 -81.60 66.29 -21.66
C VAL R 262 -80.14 66.12 -22.05
N HIS R 263 -79.25 66.41 -21.10
CA HIS R 263 -77.82 66.21 -21.26
C HIS R 263 -77.25 65.64 -19.98
N ALA R 264 -76.18 64.87 -20.10
CA ALA R 264 -75.54 64.25 -18.94
C ALA R 264 -74.04 64.17 -19.16
N GLN R 265 -73.30 64.16 -18.05
CA GLN R 265 -71.85 63.99 -18.06
C GLN R 265 -71.46 63.06 -16.93
N VAL R 266 -70.51 62.16 -17.20
CA VAL R 266 -70.11 61.14 -16.25
C VAL R 266 -68.59 61.17 -16.11
N THR R 267 -68.11 61.14 -14.87
CA THR R 267 -66.69 61.02 -14.57
C THR R 267 -66.49 59.82 -13.65
N ALA R 268 -65.43 59.05 -13.90
CA ALA R 268 -65.19 57.80 -13.19
C ALA R 268 -63.75 57.72 -12.71
N GLN R 269 -63.56 57.03 -11.60
CA GLN R 269 -62.24 56.71 -11.07
C GLN R 269 -62.01 55.22 -11.15
N LEU R 270 -60.81 54.83 -11.57
CA LEU R 270 -60.48 53.42 -11.80
C LEU R 270 -59.25 53.04 -11.00
N ASP R 271 -59.21 51.76 -10.59
CA ASP R 271 -58.09 51.22 -9.84
C ASP R 271 -57.20 50.43 -10.79
N PHE R 272 -55.94 50.85 -10.90
CA PHE R 272 -54.97 50.23 -11.81
C PHE R 272 -53.82 49.56 -11.07
N ALA R 273 -53.97 49.30 -9.77
CA ALA R 273 -52.92 48.67 -8.98
C ALA R 273 -53.04 47.15 -9.07
N ASN R 274 -51.93 46.48 -8.76
CA ASN R 274 -51.86 45.02 -8.75
C ASN R 274 -51.89 44.54 -7.31
N LYS R 275 -52.85 43.68 -6.98
CA LYS R 275 -53.03 43.19 -5.62
C LYS R 275 -53.15 41.67 -5.62
N GLU R 276 -52.65 41.07 -4.54
CA GLU R 276 -52.79 39.64 -4.29
C GLU R 276 -53.15 39.44 -2.83
N GLN R 277 -53.83 38.33 -2.54
CA GLN R 277 -54.26 38.08 -1.17
C GLN R 277 -54.28 36.58 -0.91
N THR R 278 -53.85 36.20 0.30
CA THR R 278 -53.90 34.82 0.77
C THR R 278 -54.46 34.82 2.19
N GLU R 279 -55.50 34.02 2.41
CA GLU R 279 -56.18 33.96 3.69
C GLU R 279 -56.21 32.53 4.21
N GLU R 280 -55.86 32.37 5.49
CA GLU R 280 -55.91 31.08 6.17
C GLU R 280 -56.78 31.23 7.42
N HIS R 281 -57.69 30.29 7.62
N HIS R 281 -57.69 30.29 7.62
CA HIS R 281 -58.61 30.34 8.75
CA HIS R 281 -58.63 30.34 8.74
C HIS R 281 -58.74 28.97 9.38
C HIS R 281 -58.75 28.97 9.38
N TYR R 282 -58.97 28.96 10.70
CA TYR R 282 -59.12 27.74 11.47
C TYR R 282 -60.39 27.81 12.29
N SER R 283 -61.00 26.63 12.51
CA SER R 283 -62.21 26.53 13.32
C SER R 283 -61.85 26.30 14.78
N PRO R 284 -62.39 27.11 15.70
CA PRO R 284 -62.06 26.92 17.12
C PRO R 284 -62.60 25.60 17.64
N ASN R 285 -61.87 25.01 18.59
CA ASN R 285 -62.23 23.75 19.22
C ASN R 285 -62.20 23.86 20.73
N GLY R 286 -62.63 25.01 21.26
CA GLY R 286 -62.64 25.21 22.70
C GLY R 286 -63.69 24.41 23.43
N ASP R 287 -64.73 23.98 22.73
CA ASP R 287 -65.80 23.19 23.32
C ASP R 287 -65.53 21.71 23.08
N ALA R 288 -65.65 20.90 24.14
CA ALA R 288 -65.38 19.47 24.03
C ALA R 288 -66.39 18.76 23.15
N SER R 289 -67.59 19.33 22.98
CA SER R 289 -68.62 18.68 22.15
C SER R 289 -68.33 18.84 20.66
N LYS R 290 -67.38 19.70 20.28
CA LYS R 290 -67.05 19.91 18.89
C LYS R 290 -65.59 19.61 18.56
N ALA R 291 -64.80 19.16 19.52
CA ALA R 291 -63.41 18.86 19.27
C ALA R 291 -63.26 17.49 18.61
N THR R 292 -62.12 17.30 17.96
CA THR R 292 -61.77 16.04 17.30
C THR R 292 -60.43 15.58 17.83
N LEU R 293 -60.45 14.50 18.61
CA LEU R 293 -59.24 13.96 19.24
C LEU R 293 -58.61 12.88 18.37
N ARG R 294 -57.29 12.73 18.52
CA ARG R 294 -56.55 11.68 17.84
C ARG R 294 -55.90 10.70 18.80
N SER R 295 -55.36 11.18 19.92
CA SER R 295 -54.77 10.31 20.93
C SER R 295 -54.84 11.01 22.28
N ARG R 296 -55.34 10.31 23.29
CA ARG R 296 -55.53 10.89 24.61
C ARG R 296 -55.00 9.94 25.68
N GLN R 297 -54.32 10.50 26.68
CA GLN R 297 -53.82 9.75 27.82
C GLN R 297 -54.32 10.42 29.10
N LEU R 298 -54.89 9.65 30.01
CA LEU R 298 -55.46 10.17 31.23
C LEU R 298 -55.07 9.28 32.40
N ASN R 299 -54.36 9.84 33.37
CA ASN R 299 -53.92 9.12 34.56
C ASN R 299 -54.53 9.77 35.79
N ILE R 300 -55.16 8.95 36.64
CA ILE R 300 -55.83 9.41 37.84
C ILE R 300 -55.35 8.57 39.02
N SER R 301 -55.04 9.24 40.14
CA SER R 301 -54.64 8.57 41.36
C SER R 301 -55.31 9.25 42.55
N GLU R 302 -55.53 8.49 43.61
CA GLU R 302 -56.20 9.02 44.80
C GLU R 302 -55.90 8.13 45.99
N GLN R 303 -55.33 8.72 47.04
CA GLN R 303 -55.10 8.02 48.30
C GLN R 303 -55.92 8.69 49.38
N VAL R 304 -56.53 7.87 50.24
CA VAL R 304 -57.35 8.39 51.33
C VAL R 304 -56.89 7.77 52.66
N PRO R 355 -55.99 13.08 55.93
CA PRO R 355 -54.98 12.97 54.87
C PRO R 355 -55.59 12.54 53.53
N ARG R 356 -55.66 13.48 52.58
CA ARG R 356 -56.23 13.21 51.26
C ARG R 356 -55.23 13.64 50.20
N SER R 357 -54.97 12.76 49.24
CA SER R 357 -54.06 13.04 48.13
C SER R 357 -54.78 12.78 46.81
N THR R 358 -54.59 13.69 45.85
CA THR R 358 -55.21 13.57 44.54
C THR R 358 -54.21 14.01 43.48
N GLN R 359 -54.16 13.25 42.39
CA GLN R 359 -53.28 13.55 41.27
C GLN R 359 -53.98 13.24 39.97
N ARG R 360 -53.87 14.13 38.99
CA ARG R 360 -54.53 13.97 37.70
C ARG R 360 -53.62 14.48 36.59
N ASN R 361 -53.32 13.61 35.63
CA ASN R 361 -52.50 13.95 34.48
C ASN R 361 -53.30 13.72 33.21
N GLU R 362 -53.09 14.58 32.21
CA GLU R 362 -53.86 14.50 30.98
C GLU R 362 -53.04 15.05 29.82
N THR R 363 -53.11 14.36 28.68
CA THR R 363 -52.46 14.80 27.44
C THR R 363 -53.43 14.57 26.29
N SER R 364 -53.49 15.54 25.37
CA SER R 364 -54.44 15.48 24.27
C SER R 364 -53.77 15.92 22.98
N ASN R 365 -54.22 15.35 21.87
CA ASN R 365 -53.81 15.74 20.53
C ASN R 365 -55.05 15.88 19.66
N TYR R 366 -55.10 16.97 18.89
CA TYR R 366 -56.31 17.35 18.19
C TYR R 366 -56.10 17.37 16.68
N GLU R 367 -57.22 17.25 15.96
CA GLU R 367 -57.28 17.48 14.52
C GLU R 367 -58.21 18.68 14.28
N VAL R 368 -57.78 19.57 13.39
CA VAL R 368 -58.47 20.85 13.21
C VAL R 368 -58.87 21.02 11.75
N ASP R 369 -59.93 21.80 11.54
CA ASP R 369 -60.40 22.15 10.21
C ASP R 369 -59.79 23.48 9.78
N ARG R 370 -59.30 23.55 8.56
CA ARG R 370 -58.64 24.74 8.05
C ARG R 370 -59.15 25.07 6.66
N THR R 371 -59.11 26.36 6.33
CA THR R 371 -59.55 26.87 5.03
C THR R 371 -58.50 27.82 4.49
N ILE R 372 -58.14 27.65 3.21
CA ILE R 372 -57.14 28.46 2.54
C ILE R 372 -57.75 29.04 1.27
N ARG R 373 -57.59 30.35 1.07
N ARG R 373 -57.59 30.35 1.08
CA ARG R 373 -58.12 31.04 -0.09
CA ARG R 373 -58.12 31.04 -0.09
C ARG R 373 -57.04 31.92 -0.71
C ARG R 373 -57.03 31.92 -0.71
N HIS R 374 -56.95 31.90 -2.03
CA HIS R 374 -56.00 32.71 -2.78
C HIS R 374 -56.77 33.55 -3.79
N THR R 375 -56.47 34.85 -3.84
CA THR R 375 -57.21 35.77 -4.70
C THR R 375 -56.23 36.70 -5.41
N LYS R 376 -56.46 36.89 -6.71
CA LYS R 376 -55.74 37.87 -7.52
C LYS R 376 -56.76 38.82 -8.13
N MET R 377 -56.65 40.10 -7.79
CA MET R 377 -57.65 41.08 -8.17
C MET R 377 -57.50 41.47 -9.64
N ASN R 378 -58.54 42.10 -10.17
CA ASN R 378 -58.58 42.54 -11.56
C ASN R 378 -58.14 43.99 -11.66
N VAL R 379 -57.46 44.32 -12.75
CA VAL R 379 -56.95 45.67 -12.98
C VAL R 379 -57.95 46.43 -13.85
N GLY R 380 -58.42 47.57 -13.36
CA GLY R 380 -59.34 48.39 -14.13
C GLY R 380 -60.77 48.37 -13.61
N ASP R 381 -60.93 48.35 -12.29
CA ASP R 381 -62.24 48.31 -11.66
C ASP R 381 -62.66 49.71 -11.21
N ILE R 382 -63.97 49.95 -11.27
CA ILE R 382 -64.51 51.26 -10.90
C ILE R 382 -64.49 51.42 -9.38
N GLU R 383 -64.14 52.62 -8.93
CA GLU R 383 -64.11 52.93 -7.51
C GLU R 383 -65.17 53.94 -7.08
N ARG R 384 -65.48 54.94 -7.91
CA ARG R 384 -66.44 55.97 -7.56
C ARG R 384 -67.05 56.54 -8.82
N LEU R 385 -68.27 57.07 -8.70
CA LEU R 385 -68.98 57.65 -9.83
C LEU R 385 -69.61 58.97 -9.41
N SER R 386 -69.55 59.95 -10.31
CA SER R 386 -70.19 61.25 -10.13
C SER R 386 -70.94 61.59 -11.41
N VAL R 387 -72.23 61.86 -11.29
CA VAL R 387 -73.10 62.06 -12.45
C VAL R 387 -73.85 63.38 -12.28
N ALA R 388 -73.86 64.17 -13.35
CA ALA R 388 -74.60 65.43 -13.42
C ALA R 388 -75.56 65.37 -14.60
N VAL R 389 -76.82 65.71 -14.36
CA VAL R 389 -77.86 65.68 -15.37
C VAL R 389 -78.56 67.03 -15.40
N VAL R 390 -78.81 67.56 -16.59
CA VAL R 390 -79.53 68.81 -16.78
C VAL R 390 -80.71 68.55 -17.70
N VAL R 391 -81.91 68.99 -17.28
CA VAL R 391 -83.12 68.80 -18.05
C VAL R 391 -83.74 70.14 -18.37
N ASN R 392 -84.48 70.18 -19.47
CA ASN R 392 -85.09 71.40 -19.98
C ASN R 392 -86.48 71.61 -19.39
N TYR R 393 -86.97 72.84 -19.50
CA TYR R 393 -88.32 73.17 -19.07
C TYR R 393 -89.35 72.62 -20.06
N LYS R 394 -90.60 72.55 -19.60
CA LYS R 394 -91.70 72.07 -20.44
C LYS R 394 -92.33 73.26 -21.14
N THR R 395 -92.33 73.23 -22.47
CA THR R 395 -92.90 74.30 -23.28
C THR R 395 -94.22 73.85 -23.88
N LEU R 396 -95.24 74.67 -23.73
CA LEU R 396 -96.57 74.36 -24.27
C LEU R 396 -96.77 75.01 -25.62
N PRO R 401 -92.22 77.33 -21.31
CA PRO R 401 -91.49 77.92 -20.18
C PRO R 401 -92.14 77.61 -18.83
N LEU R 402 -92.52 76.34 -18.62
CA LEU R 402 -93.14 75.90 -17.39
C LEU R 402 -92.26 74.87 -16.70
N PRO R 403 -91.95 75.04 -15.41
CA PRO R 403 -91.12 74.07 -14.72
C PRO R 403 -91.81 72.73 -14.56
N LEU R 404 -91.01 71.67 -14.51
CA LEU R 404 -91.55 70.33 -14.37
C LEU R 404 -92.03 70.08 -12.94
N THR R 405 -92.95 69.13 -12.81
CA THR R 405 -93.50 68.79 -11.50
C THR R 405 -92.46 68.05 -10.67
N ALA R 406 -92.65 68.10 -9.34
CA ALA R 406 -91.72 67.43 -8.43
C ALA R 406 -91.74 65.93 -8.62
N ASP R 407 -92.92 65.36 -8.89
CA ASP R 407 -93.01 63.91 -9.11
C ASP R 407 -92.22 63.50 -10.35
N GLN R 408 -92.30 64.30 -11.42
CA GLN R 408 -91.51 64.02 -12.61
C GLN R 408 -90.02 64.06 -12.32
N MET R 409 -89.59 65.04 -11.51
CA MET R 409 -88.18 65.10 -11.12
C MET R 409 -87.77 63.89 -10.31
N LYS R 410 -88.63 63.44 -9.39
CA LYS R 410 -88.31 62.25 -8.61
C LYS R 410 -88.20 61.02 -9.50
N GLN R 411 -89.11 60.88 -10.46
CA GLN R 411 -89.03 59.75 -11.39
C GLN R 411 -87.76 59.81 -12.23
N ILE R 412 -87.37 61.02 -12.67
CA ILE R 412 -86.14 61.15 -13.46
C ILE R 412 -84.93 60.78 -12.62
N GLU R 413 -84.89 61.23 -11.36
CA GLU R 413 -83.77 60.86 -10.49
C GLU R 413 -83.71 59.36 -10.26
N ASP R 414 -84.87 58.71 -10.06
CA ASP R 414 -84.89 57.27 -9.87
C ASP R 414 -84.39 56.54 -11.11
N LEU R 415 -84.83 56.98 -12.29
CA LEU R 415 -84.39 56.34 -13.53
C LEU R 415 -82.88 56.53 -13.74
N THR R 416 -82.36 57.72 -13.45
CA THR R 416 -80.92 57.94 -13.57
C THR R 416 -80.14 57.09 -12.57
N ARG R 417 -80.67 56.96 -11.34
CA ARG R 417 -80.03 56.12 -10.34
C ARG R 417 -79.98 54.67 -10.80
N GLU R 418 -81.07 54.18 -11.41
CA GLU R 418 -81.06 52.83 -11.96
C GLU R 418 -80.07 52.69 -13.11
N ALA R 419 -80.01 53.69 -14.00
CA ALA R 419 -79.18 53.58 -15.19
C ALA R 419 -77.70 53.62 -14.85
N MET R 420 -77.31 54.44 -13.86
CA MET R 420 -75.90 54.63 -13.56
C MET R 420 -75.34 53.59 -12.61
N GLY R 421 -76.16 52.64 -12.13
CA GLY R 421 -75.68 51.62 -11.23
C GLY R 421 -75.20 52.15 -9.90
N PHE R 422 -76.01 53.02 -9.29
CA PHE R 422 -75.64 53.66 -8.03
C PHE R 422 -75.36 52.62 -6.94
N SER R 423 -74.28 52.83 -6.20
CA SER R 423 -73.91 52.00 -5.06
C SER R 423 -73.51 52.91 -3.91
N ASP R 424 -74.24 52.83 -2.80
CA ASP R 424 -73.94 53.69 -1.66
C ASP R 424 -72.60 53.34 -1.03
N LYS R 425 -72.26 52.05 -1.00
CA LYS R 425 -70.98 51.63 -0.45
C LYS R 425 -69.81 52.17 -1.26
N ARG R 426 -70.00 52.37 -2.56
CA ARG R 426 -68.96 52.90 -3.43
C ARG R 426 -68.87 54.42 -3.39
N GLY R 427 -69.74 55.08 -2.65
CA GLY R 427 -69.72 56.53 -2.55
C GLY R 427 -70.07 57.26 -3.83
N ASP R 428 -71.03 56.74 -4.59
CA ASP R 428 -71.46 57.41 -5.81
C ASP R 428 -72.27 58.65 -5.48
N THR R 429 -72.29 59.60 -6.41
CA THR R 429 -72.98 60.86 -6.20
C THR R 429 -73.67 61.29 -7.49
N LEU R 430 -74.93 61.72 -7.36
CA LEU R 430 -75.75 62.12 -8.50
C LEU R 430 -76.39 63.47 -8.21
N ASN R 431 -76.45 64.32 -9.24
CA ASN R 431 -77.11 65.62 -9.12
C ASN R 431 -77.88 65.91 -10.41
N VAL R 432 -79.15 66.28 -10.26
CA VAL R 432 -80.03 66.58 -11.39
C VAL R 432 -80.56 68.00 -11.21
N VAL R 433 -80.49 68.79 -12.28
CA VAL R 433 -80.91 70.18 -12.27
C VAL R 433 -81.87 70.43 -13.43
N ASN R 434 -82.97 71.12 -13.14
CA ASN R 434 -83.95 71.51 -14.15
C ASN R 434 -83.84 73.01 -14.39
N SER R 435 -83.58 73.40 -15.63
CA SER R 435 -83.38 74.80 -15.97
C SER R 435 -83.69 74.98 -17.45
N PRO R 436 -84.26 76.12 -17.84
CA PRO R 436 -84.53 76.35 -19.27
C PRO R 436 -83.26 76.37 -20.09
N PHE R 437 -83.35 75.82 -21.29
CA PHE R 437 -82.20 75.75 -22.19
C PHE R 437 -81.98 77.09 -22.89
N SER R 438 -80.75 77.33 -23.29
CA SER R 438 -80.39 78.56 -23.98
C SER R 438 -80.16 78.31 -25.48
N ASP S 229 -36.95 63.90 -21.40
CA ASP S 229 -37.52 62.64 -21.89
C ASP S 229 -38.77 62.26 -21.10
N LEU S 230 -38.57 61.74 -19.90
CA LEU S 230 -39.70 61.36 -19.05
C LEU S 230 -40.47 62.59 -18.58
N ASN S 231 -39.76 63.69 -18.33
CA ASN S 231 -40.41 64.90 -17.84
C ASN S 231 -41.42 65.44 -18.85
N ASP S 232 -41.05 65.43 -20.13
CA ASP S 232 -41.97 65.89 -21.16
C ASP S 232 -43.20 64.99 -21.24
N ALA S 233 -43.02 63.68 -21.08
CA ALA S 233 -44.15 62.76 -21.07
C ALA S 233 -45.08 63.04 -19.89
N GLN S 234 -44.51 63.28 -18.71
CA GLN S 234 -45.33 63.64 -17.58
C GLN S 234 -46.10 64.93 -17.85
N LEU S 235 -45.42 65.92 -18.45
CA LEU S 235 -46.07 67.19 -18.75
C LEU S 235 -47.24 67.01 -19.72
N LYS S 236 -47.05 66.24 -20.79
CA LYS S 236 -48.15 66.15 -21.75
C LYS S 236 -49.28 65.27 -21.22
N PHE S 237 -48.96 64.27 -20.40
CA PHE S 237 -50.04 63.50 -19.77
C PHE S 237 -50.86 64.38 -18.83
N ALA S 238 -50.19 65.24 -18.05
CA ALA S 238 -50.92 66.18 -17.20
C ALA S 238 -51.77 67.12 -18.05
N ASN S 239 -51.23 67.57 -19.18
CA ASN S 239 -51.96 68.46 -20.06
C ASN S 239 -53.22 67.80 -20.61
N ASP S 240 -53.11 66.53 -21.02
CA ASP S 240 -54.29 65.81 -21.51
C ASP S 240 -55.33 65.61 -20.42
N VAL S 241 -54.90 65.28 -19.19
CA VAL S 241 -55.86 65.15 -18.10
C VAL S 241 -56.59 66.46 -17.85
N GLU S 242 -55.83 67.56 -17.81
CA GLU S 242 -56.45 68.86 -17.59
C GLU S 242 -57.40 69.24 -18.72
N SER S 243 -57.02 68.94 -19.96
CA SER S 243 -57.87 69.25 -21.10
C SER S 243 -59.15 68.43 -21.06
N ARG S 244 -59.06 67.16 -20.66
CA ARG S 244 -60.26 66.33 -20.53
C ARG S 244 -61.22 66.90 -19.49
N ILE S 245 -60.68 67.29 -18.33
CA ILE S 245 -61.53 67.86 -17.29
C ILE S 245 -62.15 69.17 -17.76
N GLN S 246 -61.37 70.02 -18.42
CA GLN S 246 -61.89 71.28 -18.93
C GLN S 246 -62.99 71.06 -19.96
N ARG S 247 -62.79 70.09 -20.86
CA ARG S 247 -63.81 69.80 -21.86
C ARG S 247 -65.09 69.30 -21.22
N ARG S 248 -64.98 68.42 -20.22
CA ARG S 248 -66.16 67.95 -19.52
C ARG S 248 -66.91 69.11 -18.85
N ILE S 249 -66.17 70.00 -18.18
CA ILE S 249 -66.82 71.13 -17.50
C ILE S 249 -67.51 72.04 -18.50
N GLU S 250 -66.82 72.35 -19.61
CA GLU S 250 -67.41 73.22 -20.62
C GLU S 250 -68.65 72.59 -21.25
N ALA S 251 -68.60 71.28 -21.52
CA ALA S 251 -69.75 70.61 -22.11
C ALA S 251 -70.93 70.60 -21.16
N ILE S 252 -70.70 70.36 -19.86
CA ILE S 252 -71.83 70.30 -18.93
C ILE S 252 -72.39 71.70 -18.68
N LEU S 253 -71.55 72.73 -18.65
CA LEU S 253 -72.03 74.07 -18.33
C LEU S 253 -72.51 74.86 -19.54
N SER S 254 -72.23 74.39 -20.76
CA SER S 254 -72.61 75.16 -21.96
C SER S 254 -74.11 75.33 -22.12
N PRO S 255 -74.96 74.30 -22.02
CA PRO S 255 -76.37 74.48 -22.38
C PRO S 255 -77.10 75.54 -21.57
N ILE S 256 -76.75 75.73 -20.30
CA ILE S 256 -77.53 76.62 -19.43
C ILE S 256 -77.15 78.07 -19.65
N VAL S 257 -75.89 78.41 -19.35
CA VAL S 257 -75.47 79.82 -19.37
C VAL S 257 -75.39 80.34 -20.80
N GLY S 258 -75.01 79.49 -21.73
CA GLY S 258 -74.84 79.90 -23.11
C GLY S 258 -73.67 79.21 -23.76
N ASN S 259 -73.60 79.34 -25.09
CA ASN S 259 -72.56 78.66 -25.85
C ASN S 259 -71.16 79.17 -25.49
N GLY S 260 -71.00 80.49 -25.37
CA GLY S 260 -69.70 81.05 -25.12
C GLY S 260 -69.66 82.05 -23.97
N ASN S 261 -70.46 81.81 -22.93
CA ASN S 261 -70.52 82.68 -21.77
C ASN S 261 -69.90 82.03 -20.53
N VAL S 262 -68.94 81.14 -20.73
CA VAL S 262 -68.32 80.43 -19.62
C VAL S 262 -66.91 80.02 -20.03
N HIS S 263 -65.97 80.13 -19.09
CA HIS S 263 -64.60 79.67 -19.27
C HIS S 263 -64.13 78.99 -18.00
N ALA S 264 -63.22 78.03 -18.15
CA ALA S 264 -62.70 77.28 -17.01
C ALA S 264 -61.24 76.93 -17.25
N GLN S 265 -60.51 76.76 -16.15
CA GLN S 265 -59.12 76.34 -16.18
C GLN S 265 -58.88 75.33 -15.07
N VAL S 266 -58.12 74.28 -15.36
CA VAL S 266 -57.90 73.18 -14.43
C VAL S 266 -56.40 72.94 -14.31
N THR S 267 -55.92 72.80 -13.08
CA THR S 267 -54.55 72.41 -12.80
C THR S 267 -54.56 71.18 -11.90
N ALA S 268 -53.66 70.24 -12.18
CA ALA S 268 -53.65 68.96 -11.49
C ALA S 268 -52.24 68.60 -11.03
N GLN S 269 -52.17 67.87 -9.93
CA GLN S 269 -50.93 67.32 -9.42
C GLN S 269 -50.97 65.80 -9.53
N LEU S 270 -49.87 65.20 -9.96
CA LEU S 270 -49.80 63.77 -10.23
C LEU S 270 -48.66 63.14 -9.45
N ASP S 271 -48.85 61.88 -9.06
CA ASP S 271 -47.84 61.12 -8.33
C ASP S 271 -47.11 60.21 -9.30
N PHE S 272 -45.79 60.39 -9.42
CA PHE S 272 -44.97 59.62 -10.35
C PHE S 272 -43.96 58.74 -9.64
N ALA S 273 -44.14 58.49 -8.34
CA ALA S 273 -43.22 57.66 -7.58
C ALA S 273 -43.61 56.19 -7.68
N ASN S 274 -42.64 55.33 -7.40
CA ASN S 274 -42.84 53.88 -7.41
C ASN S 274 -42.94 53.40 -5.98
N LYS S 275 -44.03 52.71 -5.65
CA LYS S 275 -44.30 52.25 -4.30
C LYS S 275 -44.68 50.77 -4.32
N GLU S 276 -44.30 50.07 -3.25
CA GLU S 276 -44.69 48.68 -3.03
C GLU S 276 -45.07 48.53 -1.56
N GLN S 277 -45.94 47.56 -1.28
CA GLN S 277 -46.40 47.36 0.09
C GLN S 277 -46.68 45.89 0.33
N THR S 278 -46.33 45.42 1.52
CA THR S 278 -46.62 44.06 1.98
C THR S 278 -47.16 44.14 3.40
N GLU S 279 -48.33 43.53 3.62
CA GLU S 279 -48.99 43.58 4.91
C GLU S 279 -49.27 42.16 5.41
N GLU S 280 -48.95 41.92 6.68
CA GLU S 280 -49.24 40.65 7.34
C GLU S 280 -50.03 40.94 8.60
N HIS S 281 -51.12 40.18 8.80
N HIS S 281 -51.11 40.17 8.81
CA HIS S 281 -52.00 40.38 9.94
CA HIS S 281 -52.00 40.39 9.93
C HIS S 281 -52.36 39.04 10.56
C HIS S 281 -52.37 39.04 10.56
N TYR S 282 -52.57 39.05 11.88
CA TYR S 282 -52.94 37.86 12.63
C TYR S 282 -54.18 38.14 13.47
N SER S 283 -54.99 37.10 13.67
CA SER S 283 -56.19 37.20 14.50
C SER S 283 -55.87 36.90 15.95
N PRO S 284 -56.23 37.76 16.89
CA PRO S 284 -55.93 37.49 18.30
C PRO S 284 -56.70 36.29 18.81
N ASN S 285 -56.08 35.56 19.74
CA ASN S 285 -56.66 34.37 20.35
C ASN S 285 -56.59 34.45 21.87
N GLY S 286 -56.80 35.65 22.42
CA GLY S 286 -56.75 35.82 23.86
C GLY S 286 -57.94 35.22 24.59
N ASP S 287 -59.04 35.00 23.90
CA ASP S 287 -60.23 34.40 24.49
C ASP S 287 -60.24 32.90 24.23
N ALA S 288 -60.49 32.11 25.27
CA ALA S 288 -60.50 30.67 25.14
C ALA S 288 -61.63 30.16 24.26
N SER S 289 -62.70 30.94 24.11
CA SER S 289 -63.83 30.51 23.29
C SER S 289 -63.54 30.64 21.79
N LYS S 290 -62.46 31.31 21.42
CA LYS S 290 -62.10 31.49 20.02
C LYS S 290 -60.73 30.93 19.67
N ALA S 291 -60.02 30.33 20.61
CA ALA S 291 -58.71 29.78 20.35
C ALA S 291 -58.82 28.42 19.66
N THR S 292 -57.73 28.03 18.99
CA THR S 292 -57.63 26.75 18.31
C THR S 292 -56.40 26.03 18.82
N LEU S 293 -56.60 24.96 19.58
CA LEU S 293 -55.51 24.22 20.19
C LEU S 293 -55.09 23.05 19.29
N ARG S 294 -53.82 22.65 19.42
CA ARG S 294 -53.29 21.50 18.72
C ARG S 294 -52.83 20.40 19.66
N SER S 295 -52.19 20.75 20.77
CA SER S 295 -51.76 19.77 21.77
C SER S 295 -51.70 20.45 23.12
N ARG S 296 -52.30 19.83 24.13
CA ARG S 296 -52.38 20.41 25.46
C ARG S 296 -52.01 19.36 26.51
N GLN S 297 -51.23 19.78 27.51
CA GLN S 297 -50.88 18.93 28.64
C GLN S 297 -51.23 19.67 29.93
N LEU S 298 -51.92 18.98 30.83
CA LEU S 298 -52.38 19.59 32.07
C LEU S 298 -52.13 18.61 33.22
N ASN S 299 -51.32 19.03 34.20
CA ASN S 299 -51.02 18.21 35.36
C ASN S 299 -51.50 18.94 36.61
N ILE S 300 -52.25 18.23 37.45
CA ILE S 300 -52.81 18.79 38.67
C ILE S 300 -52.49 17.85 39.83
N SER S 301 -52.05 18.44 40.95
CA SER S 301 -51.77 17.69 42.16
C SER S 301 -52.29 18.46 43.37
N GLU S 302 -52.63 17.73 44.42
CA GLU S 302 -53.17 18.35 45.63
C GLU S 302 -53.04 17.39 46.80
N GLN S 303 -52.36 17.85 47.85
CA GLN S 303 -52.24 17.10 49.09
C GLN S 303 -52.93 17.90 50.20
N VAL S 304 -53.67 17.19 51.05
CA VAL S 304 -54.36 17.83 52.17
C VAL S 304 -54.01 17.12 53.47
N PRO S 355 -52.13 22.10 56.82
CA PRO S 355 -51.17 21.84 55.74
C PRO S 355 -51.84 21.55 54.41
N ARG S 356 -51.76 22.50 53.47
CA ARG S 356 -52.37 22.36 52.15
C ARG S 356 -51.32 22.63 51.09
N SER S 357 -51.24 21.73 50.11
CA SER S 357 -50.32 21.85 49.00
C SER S 357 -51.08 21.75 47.68
N THR S 358 -50.73 22.62 46.73
CA THR S 358 -51.38 22.65 45.43
C THR S 358 -50.33 22.91 44.36
N GLN S 359 -50.43 22.18 43.25
CA GLN S 359 -49.50 22.34 42.13
C GLN S 359 -50.28 22.17 40.83
N ARG S 360 -50.01 23.05 39.86
CA ARG S 360 -50.70 23.03 38.58
C ARG S 360 -49.73 23.39 37.48
N ASN S 361 -49.60 22.50 36.50
CA ASN S 361 -48.74 22.70 35.34
C ASN S 361 -49.58 22.65 34.07
N GLU S 362 -49.23 23.46 33.09
CA GLU S 362 -50.01 23.54 31.87
C GLU S 362 -49.11 23.96 30.71
N THR S 363 -49.32 23.32 29.55
CA THR S 363 -48.62 23.65 28.32
C THR S 363 -49.62 23.62 27.17
N SER S 364 -49.51 24.60 26.27
CA SER S 364 -50.46 24.73 25.18
C SER S 364 -49.74 25.07 23.89
N ASN S 365 -50.30 24.60 22.77
CA ASN S 365 -49.83 24.94 21.44
C ASN S 365 -51.03 25.33 20.59
N TYR S 366 -50.90 26.41 19.83
CA TYR S 366 -52.02 27.03 19.15
C TYR S 366 -51.82 27.03 17.64
N GLU S 367 -52.95 27.12 16.93
CA GLU S 367 -52.98 27.40 15.50
C GLU S 367 -53.67 28.74 15.28
N VAL S 368 -53.10 29.56 14.41
CA VAL S 368 -53.54 30.94 14.25
C VAL S 368 -53.92 31.21 12.80
N ASP S 369 -54.82 32.18 12.62
CA ASP S 369 -55.23 32.62 11.30
C ASP S 369 -54.40 33.83 10.89
N ARG S 370 -53.91 33.82 9.65
CA ARG S 370 -53.05 34.89 9.16
C ARG S 370 -53.51 35.33 7.78
N THR S 371 -53.23 36.59 7.47
CA THR S 371 -53.58 37.19 6.18
C THR S 371 -52.39 37.95 5.64
N ILE S 372 -52.08 37.74 4.36
CA ILE S 372 -50.95 38.37 3.68
C ILE S 372 -51.45 39.07 2.43
N ARG S 373 -51.06 40.33 2.25
N ARG S 373 -51.06 40.34 2.26
CA ARG S 373 -51.46 41.13 1.11
CA ARG S 373 -51.46 41.13 1.11
C ARG S 373 -50.25 41.81 0.49
C ARG S 373 -50.24 41.80 0.49
N HIS S 374 -50.18 41.79 -0.83
CA HIS S 374 -49.10 42.44 -1.58
C HIS S 374 -49.71 43.41 -2.56
N THR S 375 -49.18 44.64 -2.60
CA THR S 375 -49.74 45.69 -3.44
C THR S 375 -48.64 46.45 -4.15
N LYS S 376 -48.83 46.70 -5.44
CA LYS S 376 -47.95 47.53 -6.24
C LYS S 376 -48.78 48.67 -6.82
N MET S 377 -48.44 49.91 -6.47
CA MET S 377 -49.25 51.05 -6.82
C MET S 377 -49.04 51.43 -8.29
N ASN S 378 -49.95 52.25 -8.80
CA ASN S 378 -49.92 52.72 -10.17
C ASN S 378 -49.22 54.07 -10.26
N VAL S 379 -48.50 54.29 -11.35
CA VAL S 379 -47.77 55.53 -11.57
C VAL S 379 -48.62 56.46 -12.42
N GLY S 380 -48.87 57.66 -11.91
CA GLY S 380 -49.62 58.65 -12.65
C GLY S 380 -51.03 58.88 -12.11
N ASP S 381 -51.17 58.87 -10.78
CA ASP S 381 -52.46 59.05 -10.14
C ASP S 381 -52.61 60.50 -9.67
N ILE S 382 -53.86 60.98 -9.70
CA ILE S 382 -54.15 62.36 -9.31
C ILE S 382 -54.09 62.49 -7.79
N GLU S 383 -53.52 63.59 -7.32
CA GLU S 383 -53.42 63.88 -5.90
C GLU S 383 -54.28 65.06 -5.44
N ARG S 384 -54.40 66.10 -6.25
CA ARG S 384 -55.16 67.29 -5.87
C ARG S 384 -55.66 67.98 -7.12
N LEU S 385 -56.76 68.72 -6.97
CA LEU S 385 -57.37 69.44 -8.08
C LEU S 385 -57.75 70.84 -7.64
N SER S 386 -57.51 71.81 -8.52
CA SER S 386 -57.90 73.20 -8.32
C SER S 386 -58.59 73.69 -9.58
N VAL S 387 -59.81 74.19 -9.43
CA VAL S 387 -60.65 74.57 -10.58
C VAL S 387 -61.13 76.00 -10.39
N ALA S 388 -61.01 76.81 -11.45
CA ALA S 388 -61.51 78.17 -11.48
C ALA S 388 -62.47 78.32 -12.65
N VAL S 389 -63.65 78.87 -12.39
CA VAL S 389 -64.69 79.05 -13.39
C VAL S 389 -65.12 80.51 -13.38
N VAL S 390 -65.29 81.09 -14.57
CA VAL S 390 -65.77 82.45 -14.73
C VAL S 390 -66.99 82.44 -15.64
N VAL S 391 -68.07 83.08 -15.20
CA VAL S 391 -69.32 83.12 -15.96
C VAL S 391 -69.68 84.56 -16.25
N ASN S 392 -70.42 84.75 -17.34
CA ASN S 392 -70.80 86.08 -17.83
C ASN S 392 -72.12 86.53 -17.21
N TYR S 393 -72.37 87.83 -17.30
CA TYR S 393 -73.63 88.38 -16.85
C TYR S 393 -74.76 88.05 -17.83
N LYS S 394 -75.99 88.20 -17.36
CA LYS S 394 -77.17 87.94 -18.18
C LYS S 394 -77.58 89.24 -18.86
N THR S 395 -77.60 89.24 -20.19
CA THR S 395 -77.97 90.41 -20.98
C THR S 395 -79.35 90.22 -21.57
N LEU S 396 -80.21 91.21 -21.39
CA LEU S 396 -81.58 91.16 -21.92
C LEU S 396 -81.67 91.85 -23.26
N PRO S 401 -76.73 93.23 -18.97
CA PRO S 401 -75.89 93.65 -17.84
C PRO S 401 -76.58 93.44 -16.49
N LEU S 402 -77.17 92.26 -16.30
CA LEU S 402 -77.86 91.92 -15.06
C LEU S 402 -77.17 90.74 -14.40
N PRO S 403 -76.82 90.83 -13.11
CA PRO S 403 -76.17 89.70 -12.45
C PRO S 403 -77.11 88.52 -12.30
N LEU S 404 -76.51 87.33 -12.28
CA LEU S 404 -77.28 86.09 -12.15
C LEU S 404 -77.78 85.92 -10.72
N THR S 405 -78.87 85.15 -10.59
CA THR S 405 -79.46 84.89 -9.28
C THR S 405 -78.56 83.96 -8.47
N ALA S 406 -78.73 84.02 -7.14
CA ALA S 406 -77.92 83.19 -6.26
C ALA S 406 -78.22 81.71 -6.46
N ASP S 407 -79.48 81.37 -6.73
CA ASP S 407 -79.84 79.97 -6.97
C ASP S 407 -79.16 79.45 -8.23
N GLN S 408 -79.10 80.26 -9.28
CA GLN S 408 -78.39 79.85 -10.49
C GLN S 408 -76.91 79.62 -10.21
N MET S 409 -76.30 80.50 -9.40
CA MET S 409 -74.90 80.30 -9.02
C MET S 409 -74.71 79.01 -8.24
N LYS S 410 -75.62 78.71 -7.31
CA LYS S 410 -75.52 77.47 -6.55
C LYS S 410 -75.64 76.26 -7.46
N GLN S 411 -76.57 76.31 -8.42
CA GLN S 411 -76.71 75.20 -9.36
C GLN S 411 -75.45 75.04 -10.21
N ILE S 412 -74.87 76.15 -10.65
CA ILE S 412 -73.64 76.09 -11.45
C ILE S 412 -72.50 75.48 -10.63
N GLU S 413 -72.37 75.89 -9.36
CA GLU S 413 -71.34 75.31 -8.51
C GLU S 413 -71.55 73.81 -8.31
N ASP S 414 -72.80 73.40 -8.10
CA ASP S 414 -73.08 71.97 -7.93
C ASP S 414 -72.74 71.19 -9.19
N LEU S 415 -73.10 71.72 -10.36
CA LEU S 415 -72.79 71.03 -11.61
C LEU S 415 -71.28 70.94 -11.83
N THR S 416 -70.54 72.02 -11.53
CA THR S 416 -69.09 71.97 -11.67
C THR S 416 -68.48 70.98 -10.70
N ARG S 417 -69.01 70.92 -9.46
CA ARG S 417 -68.53 69.96 -8.48
C ARG S 417 -68.74 68.53 -8.96
N GLU S 418 -69.90 68.26 -9.57
CA GLU S 418 -70.15 66.95 -10.14
C GLU S 418 -69.20 66.65 -11.30
N ALA S 419 -68.98 67.63 -12.18
CA ALA S 419 -68.19 67.39 -13.38
C ALA S 419 -66.73 67.16 -13.06
N MET S 420 -66.19 67.87 -12.06
CA MET S 420 -64.76 67.80 -11.78
C MET S 420 -64.40 66.64 -10.85
N GLY S 421 -65.37 65.87 -10.37
CA GLY S 421 -65.07 64.76 -9.49
C GLY S 421 -64.49 65.17 -8.16
N PHE S 422 -65.12 66.16 -7.52
CA PHE S 422 -64.63 66.70 -6.26
C PHE S 422 -64.54 65.61 -5.19
N SER S 423 -63.43 65.60 -4.46
CA SER S 423 -63.21 64.70 -3.34
C SER S 423 -62.63 65.50 -2.18
N ASP S 424 -63.36 65.53 -1.07
CA ASP S 424 -62.90 66.31 0.09
C ASP S 424 -61.64 65.70 0.70
N LYS S 425 -61.54 64.37 0.70
CA LYS S 425 -60.34 63.72 1.23
C LYS S 425 -59.11 64.05 0.41
N ARG S 426 -59.27 64.31 -0.88
CA ARG S 426 -58.16 64.65 -1.76
C ARG S 426 -57.78 66.13 -1.70
N GLY S 427 -58.52 66.93 -0.93
CA GLY S 427 -58.23 68.35 -0.81
C GLY S 427 -58.46 69.15 -2.08
N ASP S 428 -59.51 68.83 -2.84
CA ASP S 428 -59.82 69.58 -4.04
C ASP S 428 -60.38 70.96 -3.67
N THR S 429 -60.23 71.91 -4.59
CA THR S 429 -60.68 73.27 -4.36
C THR S 429 -61.29 73.83 -5.63
N LEU S 430 -62.45 74.48 -5.48
CA LEU S 430 -63.20 75.04 -6.60
C LEU S 430 -63.58 76.48 -6.29
N ASN S 431 -63.49 77.34 -7.30
CA ASN S 431 -63.90 78.74 -7.16
C ASN S 431 -64.61 79.19 -8.43
N VAL S 432 -65.79 79.78 -8.26
CA VAL S 432 -66.61 80.26 -9.37
C VAL S 432 -66.88 81.75 -9.16
N VAL S 433 -66.68 82.53 -10.23
CA VAL S 433 -66.83 83.98 -10.18
C VAL S 433 -67.73 84.42 -11.32
N ASN S 434 -68.69 85.29 -11.02
CA ASN S 434 -69.59 85.87 -12.01
C ASN S 434 -69.22 87.33 -12.22
N SER S 435 -68.90 87.69 -13.46
CA SER S 435 -68.45 89.03 -13.78
C SER S 435 -68.74 89.30 -15.26
N PRO S 436 -69.09 90.52 -15.62
CA PRO S 436 -69.33 90.83 -17.04
C PRO S 436 -68.09 90.63 -17.87
N PHE S 437 -68.29 90.12 -19.09
CA PHE S 437 -67.18 89.87 -20.00
C PHE S 437 -66.73 91.15 -20.68
N SER S 438 -65.47 91.17 -21.10
CA SER S 438 -64.90 92.32 -21.77
C SER S 438 -64.73 92.06 -23.27
N ASP T 229 -24.85 69.92 -19.95
CA ASP T 229 -25.64 68.81 -20.46
C ASP T 229 -26.93 68.66 -19.66
N LEU T 230 -26.82 68.07 -18.47
CA LEU T 230 -27.99 67.90 -17.61
C LEU T 230 -28.52 69.24 -17.11
N ASN T 231 -27.62 70.19 -16.85
CA ASN T 231 -28.04 71.49 -16.33
C ASN T 231 -28.94 72.23 -17.32
N ASP T 232 -28.58 72.17 -18.61
CA ASP T 232 -29.43 72.81 -19.63
C ASP T 232 -30.79 72.14 -19.70
N ALA T 233 -30.84 70.82 -19.56
CA ALA T 233 -32.13 70.12 -19.56
C ALA T 233 -32.98 70.54 -18.36
N GLN T 234 -32.36 70.66 -17.18
CA GLN T 234 -33.10 71.15 -16.03
C GLN T 234 -33.62 72.56 -16.28
N LEU T 235 -32.78 73.41 -16.87
CA LEU T 235 -33.20 74.78 -17.14
C LEU T 235 -34.38 74.84 -18.10
N LYS T 236 -34.35 74.07 -19.19
CA LYS T 236 -35.45 74.20 -20.13
C LYS T 236 -36.72 73.54 -19.60
N PHE T 237 -36.58 72.47 -18.80
CA PHE T 237 -37.78 71.91 -18.17
C PHE T 237 -38.41 72.91 -17.21
N ALA T 238 -37.59 73.61 -16.42
CA ALA T 238 -38.13 74.65 -15.55
C ALA T 238 -38.80 75.76 -16.37
N ASN T 239 -38.18 76.12 -17.50
CA ASN T 239 -38.77 77.14 -18.35
C ASN T 239 -40.13 76.72 -18.90
N ASP T 240 -40.25 75.47 -19.33
CA ASP T 240 -41.54 74.98 -19.82
C ASP T 240 -42.60 74.95 -18.72
N VAL T 241 -42.22 74.54 -17.50
CA VAL T 241 -43.19 74.56 -16.40
C VAL T 241 -43.66 75.98 -16.13
N GLU T 242 -42.72 76.93 -16.08
CA GLU T 242 -43.07 78.32 -15.82
C GLU T 242 -43.95 78.87 -16.94
N SER T 243 -43.64 78.53 -18.18
CA SER T 243 -44.44 79.00 -19.31
C SER T 243 -45.85 78.44 -19.27
N ARG T 244 -45.99 77.16 -18.89
CA ARG T 244 -47.31 76.56 -18.76
C ARG T 244 -48.13 77.28 -17.70
N ILE T 245 -47.52 77.55 -16.54
CA ILE T 245 -48.25 78.24 -15.48
C ILE T 245 -48.63 79.65 -15.92
N GLN T 246 -47.71 80.36 -16.58
CA GLN T 246 -47.99 81.70 -17.06
C GLN T 246 -49.12 81.70 -18.08
N ARG T 247 -49.12 80.73 -19.00
CA ARG T 247 -50.18 80.65 -19.99
C ARG T 247 -51.52 80.38 -19.34
N ARG T 248 -51.56 79.48 -18.36
CA ARG T 248 -52.81 79.22 -17.65
C ARG T 248 -53.32 80.48 -16.95
N ILE T 249 -52.44 81.21 -16.28
CA ILE T 249 -52.85 82.42 -15.57
C ILE T 249 -53.37 83.47 -16.55
N GLU T 250 -52.65 83.67 -17.66
CA GLU T 250 -53.08 84.65 -18.66
C GLU T 250 -54.42 84.26 -19.27
N ALA T 251 -54.61 82.98 -19.57
CA ALA T 251 -55.87 82.54 -20.15
C ALA T 251 -57.03 82.73 -19.19
N ILE T 252 -56.83 82.42 -17.90
CA ILE T 252 -57.94 82.55 -16.95
C ILE T 252 -58.24 84.02 -16.67
N LEU T 253 -57.22 84.89 -16.64
CA LEU T 253 -57.44 86.28 -16.29
C LEU T 253 -57.79 87.17 -17.49
N SER T 254 -57.61 86.68 -18.72
CA SER T 254 -57.85 87.51 -19.90
C SER T 254 -59.30 87.97 -20.04
N PRO T 255 -60.32 87.10 -19.94
CA PRO T 255 -61.68 87.55 -20.28
C PRO T 255 -62.20 88.71 -19.44
N ILE T 256 -61.81 88.82 -18.17
CA ILE T 256 -62.41 89.81 -17.28
C ILE T 256 -61.76 91.17 -17.48
N VAL T 257 -60.46 91.27 -17.20
CA VAL T 257 -59.80 92.58 -17.21
C VAL T 257 -59.63 93.11 -18.63
N GLY T 258 -59.41 92.22 -19.58
CA GLY T 258 -59.19 92.62 -20.95
C GLY T 258 -58.17 91.73 -21.63
N ASN T 259 -58.08 91.88 -22.95
CA ASN T 259 -57.19 91.02 -23.73
C ASN T 259 -55.73 91.27 -23.39
N GLY T 260 -55.34 92.53 -23.25
CA GLY T 260 -53.94 92.85 -23.00
C GLY T 260 -53.71 93.79 -21.84
N ASN T 261 -54.54 93.69 -20.79
CA ASN T 261 -54.43 94.53 -19.61
C ASN T 261 -53.92 93.76 -18.40
N VAL T 262 -53.14 92.71 -18.62
CA VAL T 262 -52.64 91.88 -17.53
C VAL T 262 -51.34 91.23 -17.97
N HIS T 263 -50.39 91.14 -17.03
CA HIS T 263 -49.13 90.45 -17.24
C HIS T 263 -48.78 89.66 -15.99
N ALA T 264 -48.06 88.56 -16.16
CA ALA T 264 -47.67 87.71 -15.04
C ALA T 264 -46.31 87.11 -15.31
N GLN T 265 -45.61 86.79 -14.22
CA GLN T 265 -44.31 86.12 -14.27
C GLN T 265 -44.26 85.07 -13.17
N VAL T 266 -43.71 83.91 -13.49
CA VAL T 266 -43.68 82.77 -12.58
C VAL T 266 -42.25 82.25 -12.49
N THR T 267 -41.79 82.00 -11.26
CA THR T 267 -40.51 81.36 -11.01
C THR T 267 -40.74 80.15 -10.12
N ALA T 268 -40.03 79.05 -10.43
CA ALA T 268 -40.25 77.78 -9.76
C ALA T 268 -38.92 77.18 -9.32
N GLN T 269 -38.97 76.42 -8.24
CA GLN T 269 -37.85 75.64 -7.75
C GLN T 269 -38.18 74.16 -7.88
N LEU T 270 -37.20 73.38 -8.34
CA LEU T 270 -37.41 71.96 -8.62
C LEU T 270 -36.38 71.12 -7.87
N ASP T 271 -36.80 69.91 -7.50
CA ASP T 271 -35.94 68.96 -6.79
C ASP T 271 -35.41 67.95 -7.79
N PHE T 272 -34.07 67.88 -7.93
CA PHE T 272 -33.41 67.00 -8.87
C PHE T 272 -32.57 65.94 -8.19
N ALA T 273 -32.78 65.70 -6.89
CA ALA T 273 -32.02 64.71 -6.15
C ALA T 273 -32.68 63.34 -6.27
N ASN T 274 -31.87 62.30 -6.02
CA ASN T 274 -32.34 60.92 -6.04
C ASN T 274 -32.51 60.44 -4.62
N LYS T 275 -33.71 59.96 -4.29
CA LYS T 275 -34.03 59.52 -2.94
C LYS T 275 -34.70 58.14 -2.98
N GLU T 276 -34.43 57.36 -1.93
CA GLU T 276 -35.07 56.08 -1.72
C GLU T 276 -35.45 55.95 -0.25
N GLN T 277 -36.49 55.17 0.02
CA GLN T 277 -36.95 55.03 1.40
C GLN T 277 -37.51 53.63 1.62
N THR T 278 -37.22 53.08 2.80
CA THR T 278 -37.76 51.79 3.23
C THR T 278 -38.27 51.93 4.67
N GLU T 279 -39.51 51.55 4.89
CA GLU T 279 -40.15 51.69 6.19
C GLU T 279 -40.68 50.35 6.67
N GLU T 280 -40.40 50.03 7.93
CA GLU T 280 -40.90 48.83 8.58
C GLU T 280 -41.63 49.23 9.85
N HIS T 281 -42.82 48.68 10.06
N HIS T 281 -42.82 48.67 10.06
CA HIS T 281 -43.65 49.02 11.21
CA HIS T 281 -43.65 49.02 11.20
C HIS T 281 -44.24 47.75 11.80
C HIS T 281 -44.25 47.76 11.80
N TYR T 282 -44.44 47.78 13.13
CA TYR T 282 -45.01 46.67 13.86
C TYR T 282 -46.16 47.16 14.73
N SER T 283 -47.14 46.27 14.93
CA SER T 283 -48.30 46.59 15.77
C SER T 283 -48.02 46.19 17.21
N PRO T 284 -48.22 47.10 18.17
CA PRO T 284 -47.96 46.75 19.57
C PRO T 284 -48.93 45.70 20.07
N ASN T 285 -48.44 44.86 20.98
CA ASN T 285 -49.23 43.79 21.58
C ASN T 285 -49.13 43.82 23.10
N GLY T 286 -49.11 45.03 23.67
CA GLY T 286 -49.02 45.16 25.11
C GLY T 286 -50.29 44.77 25.85
N ASP T 287 -51.43 44.77 25.16
CA ASP T 287 -52.69 44.39 25.76
C ASP T 287 -52.97 42.92 25.48
N ALA T 288 -53.36 42.18 26.52
CA ALA T 288 -53.62 40.76 26.36
C ALA T 288 -54.85 40.47 25.49
N SER T 289 -55.77 41.44 25.36
CA SER T 289 -56.96 41.24 24.55
C SER T 289 -56.67 41.34 23.05
N LYS T 290 -55.47 41.82 22.67
CA LYS T 290 -55.11 41.96 21.28
C LYS T 290 -53.87 41.15 20.90
N ALA T 291 -53.27 40.41 21.82
CA ALA T 291 -52.09 39.64 21.53
C ALA T 291 -52.44 38.34 20.83
N THR T 292 -51.46 37.77 20.14
CA THR T 292 -51.60 36.49 19.43
C THR T 292 -50.51 35.56 19.92
N LEU T 293 -50.89 34.53 20.67
CA LEU T 293 -49.95 33.59 21.25
C LEU T 293 -49.76 32.38 20.33
N ARG T 294 -48.60 31.76 20.44
CA ARG T 294 -48.29 30.54 19.71
C ARG T 294 -48.01 29.36 20.63
N SER T 295 -47.32 29.57 21.74
CA SER T 295 -47.07 28.51 22.71
C SER T 295 -46.86 29.15 24.08
N ARG T 296 -47.56 28.63 25.08
CA ARG T 296 -47.52 29.18 26.42
C ARG T 296 -47.34 28.07 27.45
N GLN T 297 -46.49 28.32 28.45
CA GLN T 297 -46.29 27.40 29.56
C GLN T 297 -46.48 28.16 30.86
N LEU T 298 -47.29 27.60 31.76
CA LEU T 298 -47.61 28.26 33.02
C LEU T 298 -47.54 27.24 34.15
N ASN T 299 -46.66 27.48 35.12
CA ASN T 299 -46.49 26.60 36.27
C ASN T 299 -46.83 27.38 37.53
N ILE T 300 -47.68 26.81 38.38
CA ILE T 300 -48.12 27.44 39.61
C ILE T 300 -47.96 26.45 40.75
N SER T 301 -47.41 26.92 41.88
CA SER T 301 -47.26 26.10 43.07
C SER T 301 -47.62 26.94 44.29
N GLU T 302 -48.09 26.27 45.34
CA GLU T 302 -48.50 26.95 46.56
C GLU T 302 -48.52 25.97 47.72
N GLN T 303 -47.76 26.28 48.77
CA GLN T 303 -47.78 25.50 50.00
C GLN T 303 -48.29 26.38 51.12
N VAL T 304 -49.14 25.82 51.98
CA VAL T 304 -49.69 26.55 53.11
C VAL T 304 -49.48 25.76 54.40
N PRO T 355 -46.67 30.26 57.79
CA PRO T 355 -45.79 29.84 56.70
C PRO T 355 -46.52 29.71 55.37
N ARG T 356 -46.27 30.64 54.45
CA ARG T 356 -46.91 30.64 53.14
C ARG T 356 -45.85 30.73 52.06
N SER T 357 -45.94 29.85 51.08
CA SER T 357 -45.01 29.82 49.95
C SER T 357 -45.79 29.88 48.64
N THR T 358 -45.30 30.70 47.70
CA THR T 358 -45.94 30.86 46.41
C THR T 358 -44.88 30.94 45.33
N GLN T 359 -45.11 30.26 44.21
CA GLN T 359 -44.19 30.26 43.08
C GLN T 359 -44.99 30.27 41.79
N ARG T 360 -44.57 31.09 40.83
CA ARG T 360 -45.27 31.23 39.56
C ARG T 360 -44.25 31.42 38.45
N ASN T 361 -44.30 30.53 37.45
CA ASN T 361 -43.43 30.59 36.29
C ASN T 361 -44.29 30.72 35.03
N GLU T 362 -43.80 31.48 34.05
CA GLU T 362 -44.56 31.72 32.84
C GLU T 362 -43.62 31.98 31.68
N THR T 363 -43.94 31.41 30.52
CA THR T 363 -43.21 31.63 29.28
C THR T 363 -44.21 31.81 28.14
N SER T 364 -43.93 32.76 27.26
CA SER T 364 -44.85 33.08 26.18
C SER T 364 -44.09 33.31 24.89
N ASN T 365 -44.74 32.98 23.77
CA ASN T 365 -44.23 33.24 22.43
C ASN T 365 -45.34 33.86 21.61
N TYR T 366 -45.03 34.91 20.86
CA TYR T 366 -46.02 35.73 20.21
C TYR T 366 -45.85 35.73 18.70
N GLU T 367 -46.94 36.04 18.00
CA GLU T 367 -46.92 36.34 16.57
C GLU T 367 -47.37 37.79 16.39
N VAL T 368 -46.67 38.50 15.52
CA VAL T 368 -46.85 39.95 15.39
C VAL T 368 -47.18 40.30 13.95
N ASP T 369 -47.89 41.42 13.79
CA ASP T 369 -48.22 41.95 12.49
C ASP T 369 -47.19 43.00 12.08
N ARG T 370 -46.74 42.92 10.84
CA ARG T 370 -45.69 43.82 10.35
C ARG T 370 -46.08 44.37 8.98
N THR T 371 -45.57 45.56 8.69
CA THR T 371 -45.82 46.24 7.42
C THR T 371 -44.51 46.78 6.87
N ILE T 372 -44.26 46.54 5.59
CA ILE T 372 -43.04 46.96 4.91
C ILE T 372 -43.42 47.76 3.67
N ARG T 373 -42.81 48.93 3.51
N ARG T 373 -42.81 48.93 3.52
CA ARG T 373 -43.07 49.81 2.38
CA ARG T 373 -43.07 49.81 2.38
C ARG T 373 -41.76 50.26 1.76
C ARG T 373 -41.75 50.26 1.76
N HIS T 374 -41.69 50.26 0.44
CA HIS T 374 -40.53 50.71 -0.32
C HIS T 374 -40.96 51.80 -1.28
N THR T 375 -40.22 52.91 -1.31
CA THR T 375 -40.59 54.06 -2.11
C THR T 375 -39.37 54.61 -2.83
N LYS T 376 -39.52 54.91 -4.11
CA LYS T 376 -38.50 55.59 -4.91
C LYS T 376 -39.13 56.87 -5.47
N MET T 377 -38.56 58.01 -5.10
CA MET T 377 -39.14 59.30 -5.42
C MET T 377 -38.89 59.66 -6.89
N ASN T 378 -39.64 60.64 -7.37
CA ASN T 378 -39.54 61.11 -8.74
C ASN T 378 -38.61 62.32 -8.82
N VAL T 379 -37.87 62.42 -9.91
CA VAL T 379 -36.92 63.50 -10.12
C VAL T 379 -37.59 64.60 -10.94
N GLY T 380 -37.62 65.81 -10.41
CA GLY T 380 -38.19 66.93 -11.13
C GLY T 380 -39.51 67.41 -10.56
N ASP T 381 -39.65 67.40 -9.24
CA ASP T 381 -40.88 67.81 -8.58
C ASP T 381 -40.77 69.25 -8.08
N ILE T 382 -41.90 69.94 -8.09
CA ILE T 382 -41.93 71.34 -7.68
C ILE T 382 -41.83 71.44 -6.16
N GLU T 383 -41.06 72.41 -5.68
CA GLU T 383 -40.90 72.65 -4.25
C GLU T 383 -41.53 73.95 -3.77
N ARG T 384 -41.46 75.02 -4.56
CA ARG T 384 -41.98 76.32 -4.15
C ARG T 384 -42.36 77.12 -5.38
N LEU T 385 -43.30 78.03 -5.21
CA LEU T 385 -43.79 78.88 -6.30
C LEU T 385 -43.89 80.32 -5.83
N SER T 386 -43.50 81.24 -6.70
CA SER T 386 -43.63 82.68 -6.47
C SER T 386 -44.22 83.31 -7.71
N VAL T 387 -45.34 84.02 -7.55
CA VAL T 387 -46.09 84.56 -8.68
C VAL T 387 -46.31 86.05 -8.46
N ALA T 388 -46.04 86.85 -9.51
CA ALA T 388 -46.29 88.28 -9.51
C ALA T 388 -47.22 88.61 -10.67
N VAL T 389 -48.27 89.38 -10.39
CA VAL T 389 -49.27 89.76 -11.37
C VAL T 389 -49.44 91.28 -11.33
N VAL T 390 -49.51 91.89 -12.51
CA VAL T 390 -49.73 93.32 -12.65
C VAL T 390 -50.94 93.54 -13.54
N VAL T 391 -51.88 94.36 -13.07
CA VAL T 391 -53.10 94.64 -13.82
C VAL T 391 -53.21 96.13 -14.08
N ASN T 392 -53.89 96.48 -15.15
CA ASN T 392 -54.03 97.85 -15.62
C ASN T 392 -55.25 98.52 -14.98
N TYR T 393 -55.27 99.85 -15.05
CA TYR T 393 -56.39 100.63 -14.57
C TYR T 393 -57.57 100.51 -15.54
N LYS T 394 -58.75 100.88 -15.06
CA LYS T 394 -59.96 100.85 -15.87
C LYS T 394 -60.14 102.22 -16.52
N THR T 395 -60.17 102.25 -17.85
CA THR T 395 -60.33 103.48 -18.61
C THR T 395 -61.73 103.55 -19.20
N LEU T 396 -62.39 104.68 -18.99
CA LEU T 396 -63.75 104.89 -19.50
C LEU T 396 -63.73 105.61 -20.83
N PRO T 401 -58.57 105.99 -16.58
CA PRO T 401 -57.67 106.23 -15.45
C PRO T 401 -58.36 106.13 -14.09
N LEU T 402 -59.16 105.07 -13.92
CA LEU T 402 -59.88 104.84 -12.68
C LEU T 402 -59.42 103.53 -12.04
N PRO T 403 -59.05 103.54 -10.76
CA PRO T 403 -58.61 102.30 -10.12
C PRO T 403 -59.75 101.31 -9.98
N LEU T 404 -59.38 100.03 -9.98
CA LEU T 404 -60.36 98.95 -9.86
C LEU T 404 -60.87 98.85 -8.43
N THR T 405 -62.07 98.30 -8.30
CA THR T 405 -62.69 98.12 -6.98
C THR T 405 -61.97 97.03 -6.20
N ALA T 406 -62.10 97.10 -4.87
CA ALA T 406 -61.46 96.11 -4.01
C ALA T 406 -62.03 94.72 -4.23
N ASP T 407 -63.34 94.62 -4.49
CA ASP T 407 -63.94 93.32 -4.75
C ASP T 407 -63.39 92.69 -6.02
N GLN T 408 -63.17 93.51 -7.06
CA GLN T 408 -62.56 93.00 -8.28
C GLN T 408 -61.15 92.50 -8.03
N MET T 409 -60.39 93.22 -7.21
CA MET T 409 -59.04 92.77 -6.86
C MET T 409 -59.08 91.45 -6.09
N LYS T 410 -60.02 91.32 -5.16
CA LYS T 410 -60.15 90.07 -4.42
C LYS T 410 -60.49 88.91 -5.35
N GLN T 411 -61.41 89.13 -6.29
CA GLN T 411 -61.76 88.09 -7.25
C GLN T 411 -60.56 87.72 -8.12
N ILE T 412 -59.78 88.72 -8.54
CA ILE T 412 -58.60 88.44 -9.36
C ILE T 412 -57.58 87.62 -8.56
N GLU T 413 -57.37 87.97 -7.29
CA GLU T 413 -56.45 87.20 -6.46
C GLU T 413 -56.93 85.77 -6.28
N ASP T 414 -58.24 85.58 -6.07
CA ASP T 414 -58.77 84.24 -5.91
C ASP T 414 -58.58 83.42 -7.19
N LEU T 415 -58.85 84.03 -8.35
CA LEU T 415 -58.68 83.33 -9.61
C LEU T 415 -57.22 82.95 -9.85
N THR T 416 -56.29 83.87 -9.55
CA THR T 416 -54.88 83.57 -9.70
C THR T 416 -54.45 82.46 -8.75
N ARG T 417 -54.96 82.48 -7.51
CA ARG T 417 -54.65 81.43 -6.55
C ARG T 417 -55.13 80.07 -7.05
N GLU T 418 -56.34 80.03 -7.65
CA GLU T 418 -56.83 78.79 -8.24
C GLU T 418 -55.96 78.35 -9.41
N ALA T 419 -55.57 79.29 -10.28
CA ALA T 419 -54.85 78.94 -11.49
C ALA T 419 -53.45 78.44 -11.19
N MET T 420 -52.77 79.02 -10.19
CA MET T 420 -51.39 78.67 -9.93
C MET T 420 -51.22 77.46 -9.02
N GLY T 421 -52.32 76.87 -8.54
CA GLY T 421 -52.23 75.70 -7.69
C GLY T 421 -51.57 75.98 -6.36
N PHE T 422 -52.00 77.05 -5.70
CA PHE T 422 -51.40 77.47 -4.43
C PHE T 422 -51.50 76.37 -3.38
N SER T 423 -50.41 76.16 -2.66
CA SER T 423 -50.35 75.21 -1.56
C SER T 423 -49.62 75.86 -0.39
N ASP T 424 -50.32 76.01 0.73
CA ASP T 424 -49.71 76.66 1.89
C ASP T 424 -48.59 75.83 2.47
N LYS T 425 -48.72 74.51 2.45
CA LYS T 425 -47.67 73.64 2.96
C LYS T 425 -46.39 73.74 2.13
N ARG T 426 -46.53 74.05 0.84
CA ARG T 426 -45.37 74.21 -0.04
C ARG T 426 -44.74 75.59 0.04
N GLY T 427 -45.32 76.49 0.82
CA GLY T 427 -44.76 77.83 0.96
C GLY T 427 -44.85 78.68 -0.29
N ASP T 428 -45.94 78.58 -1.04
CA ASP T 428 -46.12 79.40 -2.22
C ASP T 428 -46.43 80.83 -1.83
N THR T 429 -46.12 81.76 -2.74
CA THR T 429 -46.30 83.18 -2.48
C THR T 429 -46.82 83.87 -3.73
N LEU T 430 -47.84 84.72 -3.56
CA LEU T 430 -48.47 85.42 -4.66
C LEU T 430 -48.59 86.91 -4.32
N ASN T 431 -48.35 87.76 -5.32
CA ASN T 431 -48.49 89.19 -5.15
C ASN T 431 -49.13 89.79 -6.41
N VAL T 432 -50.18 90.59 -6.21
CA VAL T 432 -50.91 91.22 -7.31
C VAL T 432 -50.89 92.73 -7.07
N VAL T 433 -50.56 93.49 -8.12
CA VAL T 433 -50.45 94.94 -8.06
C VAL T 433 -51.27 95.56 -9.18
N ASN T 434 -52.05 96.58 -8.85
CA ASN T 434 -52.84 97.33 -9.82
C ASN T 434 -52.20 98.70 -10.01
N SER T 435 -51.84 99.01 -11.25
CA SER T 435 -51.15 100.26 -11.55
C SER T 435 -51.39 100.59 -13.02
N PRO T 436 -51.52 101.88 -13.36
CA PRO T 436 -51.73 102.24 -14.78
C PRO T 436 -50.54 101.83 -15.63
N PHE T 437 -50.83 101.39 -16.85
CA PHE T 437 -49.81 100.96 -17.78
C PHE T 437 -49.14 102.15 -18.44
N SER T 438 -47.90 101.94 -18.88
CA SER T 438 -47.13 102.99 -19.54
C SER T 438 -47.03 102.72 -21.05
N ASP U 229 -11.84 73.63 -18.56
CA ASP U 229 -12.82 72.68 -19.08
C ASP U 229 -14.11 72.76 -18.27
N LEU U 230 -14.10 72.14 -17.08
CA LEU U 230 -15.27 72.17 -16.21
C LEU U 230 -15.54 73.57 -15.69
N ASN U 231 -14.48 74.34 -15.43
CA ASN U 231 -14.65 75.68 -14.88
C ASN U 231 -15.41 76.58 -15.85
N ASP U 232 -15.09 76.49 -17.14
CA ASP U 232 -15.80 77.28 -18.14
C ASP U 232 -17.27 76.89 -18.20
N ALA U 233 -17.56 75.59 -18.08
CA ALA U 233 -18.95 75.14 -18.08
C ALA U 233 -19.70 75.69 -16.86
N GLN U 234 -19.06 75.67 -15.69
CA GLN U 234 -19.69 76.27 -14.52
C GLN U 234 -19.94 77.75 -14.74
N LEU U 235 -18.97 78.45 -15.33
CA LEU U 235 -19.12 79.87 -15.57
C LEU U 235 -20.29 80.17 -16.52
N LYS U 236 -20.41 79.41 -17.62
CA LYS U 236 -21.48 79.77 -18.55
C LYS U 236 -22.84 79.33 -18.01
N PHE U 237 -22.90 78.25 -17.23
CA PHE U 237 -24.16 77.91 -16.59
C PHE U 237 -24.60 78.99 -15.61
N ALA U 238 -23.66 79.51 -14.82
CA ALA U 238 -23.98 80.62 -13.92
C ALA U 238 -24.44 81.84 -14.72
N ASN U 239 -23.80 82.10 -15.85
CA ASN U 239 -24.18 83.23 -16.68
C ASN U 239 -25.60 83.07 -17.22
N ASP U 240 -25.96 81.87 -17.67
CA ASP U 240 -27.32 81.63 -18.15
C ASP U 240 -28.35 81.79 -17.03
N VAL U 241 -28.04 81.29 -15.83
CA VAL U 241 -28.98 81.46 -14.71
C VAL U 241 -29.18 82.94 -14.41
N GLU U 242 -28.08 83.70 -14.36
CA GLU U 242 -28.17 85.12 -14.08
C GLU U 242 -28.95 85.86 -15.17
N SER U 243 -28.72 85.48 -16.43
CA SER U 243 -29.42 86.11 -17.54
C SER U 243 -30.92 85.81 -17.49
N ARG U 244 -31.28 84.57 -17.13
CA ARG U 244 -32.70 84.23 -16.99
C ARG U 244 -33.36 85.07 -15.91
N ILE U 245 -32.70 85.20 -14.75
CA ILE U 245 -33.28 85.99 -13.67
C ILE U 245 -33.40 87.46 -14.09
N GLN U 246 -32.37 87.99 -14.75
CA GLN U 246 -32.41 89.37 -15.20
C GLN U 246 -33.53 89.60 -16.21
N ARG U 247 -33.71 88.67 -17.14
CA ARG U 247 -34.78 88.78 -18.12
C ARG U 247 -36.14 88.75 -17.46
N ARG U 248 -36.33 87.87 -16.49
CA ARG U 248 -37.60 87.83 -15.77
C ARG U 248 -37.87 89.15 -15.05
N ILE U 249 -36.86 89.69 -14.37
CA ILE U 249 -37.04 90.95 -13.64
C ILE U 249 -37.36 92.09 -14.60
N GLU U 250 -36.63 92.17 -15.72
CA GLU U 250 -36.88 93.23 -16.69
C GLU U 250 -38.28 93.11 -17.30
N ALA U 251 -38.70 91.88 -17.61
CA ALA U 251 -40.03 91.68 -18.18
C ALA U 251 -41.13 92.07 -17.20
N ILE U 252 -40.97 91.71 -15.92
CA ILE U 252 -42.03 92.03 -14.96
C ILE U 252 -42.05 93.52 -14.65
N LEU U 253 -40.90 94.18 -14.62
CA LEU U 253 -40.85 95.59 -14.25
C LEU U 253 -41.04 96.55 -15.43
N SER U 254 -40.97 96.06 -16.67
CA SER U 254 -41.06 96.94 -17.83
C SER U 254 -42.40 97.65 -17.95
N PRO U 255 -43.56 96.99 -17.85
CA PRO U 255 -44.82 97.68 -18.16
C PRO U 255 -45.12 98.91 -17.30
N ILE U 256 -44.70 98.91 -16.04
CA ILE U 256 -45.10 99.98 -15.12
C ILE U 256 -44.21 101.21 -15.31
N VAL U 257 -42.91 101.07 -15.04
CA VAL U 257 -42.02 102.22 -15.03
C VAL U 257 -41.77 102.73 -16.45
N GLY U 258 -41.73 101.84 -17.41
CA GLY U 258 -41.45 102.22 -18.79
C GLY U 258 -40.62 101.17 -19.49
N ASN U 259 -40.53 101.32 -20.81
CA ASN U 259 -39.82 100.34 -21.62
C ASN U 259 -38.33 100.30 -21.29
N GLY U 260 -37.70 101.47 -21.13
CA GLY U 260 -36.28 101.51 -20.90
C GLY U 260 -35.86 102.39 -19.72
N ASN U 261 -36.69 102.42 -18.67
CA ASN U 261 -36.41 103.21 -17.48
C ASN U 261 -36.05 102.34 -16.28
N VAL U 262 -35.47 101.16 -16.53
CA VAL U 262 -35.12 100.24 -15.46
C VAL U 262 -33.97 99.37 -15.92
N HIS U 263 -33.04 99.10 -15.00
CA HIS U 263 -31.93 98.18 -15.24
C HIS U 263 -31.71 97.34 -14.00
N ALA U 264 -31.21 96.12 -14.20
CA ALA U 264 -30.98 95.19 -13.10
C ALA U 264 -29.75 94.34 -13.39
N GLN U 265 -29.11 93.89 -12.31
CA GLN U 265 -27.96 93.00 -12.39
C GLN U 265 -28.09 91.94 -11.31
N VAL U 266 -27.76 90.69 -11.66
CA VAL U 266 -27.93 89.56 -10.77
C VAL U 266 -26.62 88.78 -10.70
N THR U 267 -26.20 88.44 -9.48
CA THR U 267 -25.06 87.58 -9.25
C THR U 267 -25.50 86.40 -8.38
N ALA U 268 -25.00 85.20 -8.71
CA ALA U 268 -25.44 83.98 -8.06
C ALA U 268 -24.24 83.13 -7.65
N GLN U 269 -24.43 82.38 -6.58
CA GLN U 269 -23.46 81.40 -6.12
C GLN U 269 -24.05 80.00 -6.26
N LEU U 270 -23.24 79.07 -6.75
CA LEU U 270 -23.70 77.72 -7.05
C LEU U 270 -22.84 76.69 -6.32
N ASP U 271 -23.46 75.58 -5.96
CA ASP U 271 -22.79 74.47 -5.28
C ASP U 271 -22.45 73.40 -6.30
N PHE U 272 -21.17 73.10 -6.46
CA PHE U 272 -20.69 72.12 -7.43
C PHE U 272 -20.04 70.91 -6.77
N ALA U 273 -20.28 70.70 -5.47
CA ALA U 273 -19.71 69.57 -4.76
C ALA U 273 -20.61 68.33 -4.89
N ASN U 274 -20.01 67.18 -4.66
CA ASN U 274 -20.71 65.90 -4.70
C ASN U 274 -20.96 65.42 -3.29
N LYS U 275 -22.22 65.17 -2.95
CA LYS U 275 -22.61 64.78 -1.60
C LYS U 275 -23.51 63.55 -1.66
N GLU U 276 -23.39 62.71 -0.62
CA GLU U 276 -24.24 61.56 -0.42
C GLU U 276 -24.62 61.48 1.05
N GLN U 277 -25.78 60.89 1.32
CA GLN U 277 -26.26 60.82 2.70
C GLN U 277 -27.06 59.54 2.91
N THR U 278 -26.87 58.93 4.07
CA THR U 278 -27.62 57.75 4.50
C THR U 278 -28.08 57.95 5.94
N GLU U 279 -29.37 57.81 6.18
CA GLU U 279 -29.96 58.04 7.48
C GLU U 279 -30.72 56.81 7.95
N GLU U 280 -30.50 56.42 9.20
CA GLU U 280 -31.20 55.32 9.84
C GLU U 280 -31.83 55.83 11.13
N HIS U 281 -33.10 55.50 11.34
N HIS U 281 -33.11 55.49 11.33
CA HIS U 281 -33.84 55.96 12.50
CA HIS U 281 -33.85 55.97 12.49
C HIS U 281 -34.65 54.82 13.09
C HIS U 281 -34.66 54.83 13.09
N TYR U 282 -34.83 54.86 14.41
CA TYR U 282 -35.58 53.85 15.14
C TYR U 282 -36.63 54.53 16.02
N SER U 283 -37.75 53.84 16.22
CA SER U 283 -38.83 54.34 17.08
C SER U 283 -38.61 53.88 18.51
N PRO U 284 -38.63 54.78 19.49
CA PRO U 284 -38.42 54.38 20.88
C PRO U 284 -39.56 53.51 21.38
N ASN U 285 -39.23 52.57 22.27
CA ASN U 285 -40.18 51.66 22.86
C ASN U 285 -40.08 51.65 24.38
N GLY U 286 -39.82 52.82 24.97
CA GLY U 286 -39.70 52.92 26.41
C GLY U 286 -41.01 52.75 27.16
N ASP U 287 -42.14 52.96 26.49
CA ASP U 287 -43.45 52.81 27.09
C ASP U 287 -43.99 51.42 26.79
N ALA U 288 -44.49 50.75 27.82
CA ALA U 288 -45.02 49.39 27.64
C ALA U 288 -46.28 49.37 26.79
N SER U 289 -47.01 50.48 26.69
CA SER U 289 -48.22 50.51 25.89
C SER U 289 -47.93 50.58 24.39
N LYS U 290 -46.68 50.84 24.00
CA LYS U 290 -46.30 50.94 22.60
C LYS U 290 -45.24 49.93 22.19
N ALA U 291 -44.78 49.08 23.10
CA ALA U 291 -43.75 48.11 22.78
C ALA U 291 -44.35 46.90 22.06
N THR U 292 -43.50 46.17 21.35
CA THR U 292 -43.88 44.96 20.63
C THR U 292 -42.96 43.84 21.09
N LEU U 293 -43.52 42.88 21.83
CA LEU U 293 -42.77 41.77 22.38
C LEU U 293 -42.81 40.57 21.44
N ARG U 294 -41.77 39.74 21.52
CA ARG U 294 -41.70 38.50 20.77
C ARG U 294 -41.65 37.27 21.67
N SER U 295 -40.91 37.33 22.78
CA SER U 295 -40.85 36.22 23.73
C SER U 295 -40.51 36.79 25.10
N ARG U 296 -41.28 36.39 26.11
CA ARG U 296 -41.13 36.91 27.46
C ARG U 296 -41.16 35.76 28.46
N GLN U 297 -40.27 35.83 29.45
CA GLN U 297 -40.22 34.88 30.55
C GLN U 297 -40.26 35.64 31.87
N LEU U 298 -41.14 35.22 32.77
CA LEU U 298 -41.33 35.90 34.04
C LEU U 298 -41.44 34.87 35.15
N ASN U 299 -40.51 34.92 36.11
CA ASN U 299 -40.50 34.02 37.25
C ASN U 299 -40.68 34.81 38.53
N ILE U 300 -41.61 34.40 39.37
CA ILE U 300 -41.92 35.07 40.62
C ILE U 300 -41.94 34.05 41.75
N SER U 301 -41.29 34.39 42.87
CA SER U 301 -41.28 33.54 44.05
C SER U 301 -41.48 34.40 45.29
N GLU U 302 -42.04 33.82 46.33
CA GLU U 302 -42.31 34.55 47.57
C GLU U 302 -42.50 33.56 48.71
N GLN U 303 -41.69 33.71 49.76
CA GLN U 303 -41.84 32.93 50.97
C GLN U 303 -42.18 33.86 52.12
N VAL U 304 -43.09 33.44 52.97
CA VAL U 304 -43.50 34.25 54.12
C VAL U 304 -43.41 33.41 55.40
N PRO U 355 -39.81 37.26 58.83
CA PRO U 355 -39.02 36.71 57.72
C PRO U 355 -39.79 36.74 56.39
N ARG U 356 -39.38 37.62 55.49
CA ARG U 356 -40.01 37.76 54.18
C ARG U 356 -38.96 37.67 53.09
N SER U 357 -39.22 36.83 52.10
CA SER U 357 -38.33 36.67 50.96
C SER U 357 -39.10 36.89 49.66
N THR U 358 -38.48 37.62 48.73
CA THR U 358 -39.09 37.91 47.44
C THR U 358 -38.03 37.83 46.36
N GLN U 359 -38.40 37.21 45.23
CA GLN U 359 -37.51 37.07 44.09
C GLN U 359 -38.30 37.24 42.81
N ARG U 360 -37.75 38.00 41.86
CA ARG U 360 -38.43 38.28 40.60
C ARG U 360 -37.40 38.30 39.47
N ASN U 361 -37.62 37.46 38.47
CA ASN U 361 -36.77 37.38 37.29
C ASN U 361 -37.60 37.68 36.05
N GLU U 362 -36.98 38.36 35.08
CA GLU U 362 -37.70 38.74 33.88
C GLU U 362 -36.73 38.86 32.71
N THR U 363 -37.17 38.37 31.54
CA THR U 363 -36.42 38.47 30.30
C THR U 363 -37.38 38.85 29.18
N SER U 364 -36.94 39.76 28.31
CA SER U 364 -37.80 40.26 27.24
C SER U 364 -37.02 40.36 25.94
N ASN U 365 -37.73 40.17 24.83
CA ASN U 365 -37.20 40.36 23.49
C ASN U 365 -38.19 41.18 22.69
N TYR U 366 -37.69 42.18 21.96
CA TYR U 366 -38.53 43.18 21.33
C TYR U 366 -38.36 43.16 19.81
N GLU U 367 -39.38 43.68 19.14
CA GLU U 367 -39.34 44.00 17.71
C GLU U 367 -39.50 45.51 17.56
N VAL U 368 -38.69 46.10 16.69
CA VAL U 368 -38.61 47.55 16.58
C VAL U 368 -38.89 47.99 15.16
N ASP U 369 -39.39 49.22 15.02
CA ASP U 369 -39.62 49.83 13.73
C ASP U 369 -38.42 50.68 13.33
N ARG U 370 -37.99 50.54 12.08
CA ARG U 370 -36.82 51.24 11.59
C ARG U 370 -37.10 51.87 10.24
N THR U 371 -36.39 52.96 9.95
CA THR U 371 -36.52 53.69 8.70
C THR U 371 -35.14 54.00 8.15
N ILE U 372 -34.96 53.73 6.85
CA ILE U 372 -33.69 53.94 6.16
C ILE U 372 -33.92 54.81 4.95
N ARG U 373 -33.10 55.85 4.79
N ARG U 373 -33.11 55.86 4.80
CA ARG U 373 -33.21 56.78 3.68
CA ARG U 373 -33.21 56.78 3.68
C ARG U 373 -31.85 57.00 3.05
C ARG U 373 -31.84 57.00 3.05
N HIS U 374 -31.80 57.01 1.73
CA HIS U 374 -30.58 57.25 0.96
C HIS U 374 -30.81 58.42 0.03
N THR U 375 -29.88 59.37 0.01
CA THR U 375 -30.04 60.59 -0.78
C THR U 375 -28.74 60.92 -1.50
N LYS U 376 -28.86 61.27 -2.77
CA LYS U 376 -27.74 61.76 -3.58
C LYS U 376 -28.12 63.14 -4.10
N MET U 377 -27.35 64.16 -3.72
CA MET U 377 -27.70 65.53 -4.02
C MET U 377 -27.39 65.86 -5.49
N ASN U 378 -27.96 66.97 -5.94
CA ASN U 378 -27.78 67.45 -7.31
C ASN U 378 -26.64 68.47 -7.38
N VAL U 379 -25.92 68.45 -8.48
CA VAL U 379 -24.78 69.34 -8.69
C VAL U 379 -25.25 70.56 -9.48
N GLY U 380 -25.04 71.74 -8.93
CA GLY U 380 -25.41 72.97 -9.62
C GLY U 380 -26.63 73.66 -9.03
N ASP U 381 -26.74 73.66 -7.71
CA ASP U 381 -27.87 74.28 -7.03
C ASP U 381 -27.49 75.65 -6.51
N ILE U 382 -28.48 76.56 -6.49
CA ILE U 382 -28.25 77.92 -6.06
C ILE U 382 -28.12 77.97 -4.54
N GLU U 383 -27.18 78.78 -4.05
CA GLU U 383 -26.97 78.97 -2.62
C GLU U 383 -27.34 80.34 -2.11
N ARG U 384 -27.09 81.39 -2.89
CA ARG U 384 -27.36 82.76 -2.45
C ARG U 384 -27.60 83.64 -3.67
N LEU U 385 -28.36 84.71 -3.47
CA LEU U 385 -28.70 85.64 -4.54
C LEU U 385 -28.52 87.08 -4.05
N SER U 386 -27.97 87.93 -4.91
CA SER U 386 -27.84 89.35 -4.66
C SER U 386 -28.32 90.10 -5.88
N VAL U 387 -29.28 91.00 -5.69
CA VAL U 387 -29.94 91.70 -6.81
C VAL U 387 -29.87 93.19 -6.56
N ALA U 388 -29.48 93.94 -7.60
CA ALA U 388 -29.46 95.39 -7.58
C ALA U 388 -30.32 95.91 -8.72
N VAL U 389 -31.21 96.86 -8.41
CA VAL U 389 -32.14 97.44 -9.38
C VAL U 389 -32.02 98.94 -9.31
N VAL U 390 -31.99 99.59 -10.48
CA VAL U 390 -31.95 101.03 -10.59
C VAL U 390 -33.11 101.49 -11.46
N VAL U 391 -33.87 102.46 -10.97
CA VAL U 391 -35.03 102.97 -11.70
C VAL U 391 -34.86 104.47 -11.93
N ASN U 392 -35.50 104.95 -13.00
CA ASN U 392 -35.38 106.33 -13.44
C ASN U 392 -36.45 107.20 -12.78
N TYR U 393 -36.21 108.51 -12.82
CA TYR U 393 -37.19 109.47 -12.32
C TYR U 393 -38.37 109.59 -13.28
N LYS U 394 -39.46 110.16 -12.77
CA LYS U 394 -40.67 110.37 -13.57
C LYS U 394 -40.59 111.76 -14.20
N THR U 395 -40.63 111.81 -15.52
CA THR U 395 -40.57 113.06 -16.27
C THR U 395 -41.94 113.39 -16.83
N LEU U 396 -42.37 114.63 -16.60
CA LEU U 396 -43.67 115.08 -17.09
C LEU U 396 -43.54 115.82 -18.41
N PRO U 401 -38.37 115.18 -14.21
CA PRO U 401 -37.41 115.23 -13.10
C PRO U 401 -38.10 115.22 -11.73
N LEU U 402 -39.09 114.33 -11.56
CA LEU U 402 -39.82 114.22 -10.32
C LEU U 402 -39.60 112.84 -9.71
N PRO U 403 -39.23 112.76 -8.43
CA PRO U 403 -39.02 111.45 -7.82
C PRO U 403 -40.31 110.68 -7.68
N LEU U 404 -40.18 109.35 -7.70
CA LEU U 404 -41.34 108.48 -7.59
C LEU U 404 -41.85 108.43 -6.15
N THR U 405 -43.13 108.11 -6.01
CA THR U 405 -43.76 108.03 -4.69
C THR U 405 -43.25 106.81 -3.94
N ALA U 406 -43.35 106.88 -2.60
CA ALA U 406 -42.90 105.78 -1.76
C ALA U 406 -43.71 104.51 -2.00
N ASP U 407 -45.01 104.66 -2.24
CA ASP U 407 -45.85 103.49 -2.52
C ASP U 407 -45.43 102.80 -3.81
N GLN U 408 -45.07 103.58 -4.84
CA GLN U 408 -44.59 102.99 -6.08
C GLN U 408 -43.28 102.24 -5.84
N MET U 409 -42.39 102.79 -5.03
CA MET U 409 -41.16 102.10 -4.70
C MET U 409 -41.42 100.80 -3.95
N LYS U 410 -42.37 100.82 -3.01
CA LYS U 410 -42.71 99.60 -2.29
C LYS U 410 -43.28 98.53 -3.23
N GLN U 411 -44.14 98.94 -4.16
CA GLN U 411 -44.68 98.00 -5.13
C GLN U 411 -43.58 97.43 -6.02
N ILE U 412 -42.63 98.27 -6.43
CA ILE U 412 -41.52 97.80 -7.27
C ILE U 412 -40.67 96.80 -6.50
N GLU U 413 -40.38 97.08 -5.23
CA GLU U 413 -39.61 96.14 -4.42
C GLU U 413 -40.35 94.82 -4.25
N ASP U 414 -41.66 94.88 -4.03
CA ASP U 414 -42.43 93.64 -3.89
C ASP U 414 -42.42 92.83 -5.18
N LEU U 415 -42.57 93.50 -6.32
CA LEU U 415 -42.56 92.79 -7.60
C LEU U 415 -41.18 92.17 -7.87
N THR U 416 -40.10 92.90 -7.55
CA THR U 416 -38.77 92.34 -7.73
C THR U 416 -38.54 91.15 -6.80
N ARG U 417 -39.03 91.25 -5.55
CA ARG U 417 -38.91 90.15 -4.61
C ARG U 417 -39.63 88.90 -5.14
N GLU U 418 -40.82 89.10 -5.71
CA GLU U 418 -41.54 87.98 -6.32
C GLU U 418 -40.78 87.40 -7.51
N ALA U 419 -40.24 88.27 -8.37
CA ALA U 419 -39.61 87.81 -9.59
C ALA U 419 -38.30 87.06 -9.32
N MET U 420 -37.53 87.49 -8.32
CA MET U 420 -36.23 86.90 -8.08
C MET U 420 -36.28 85.66 -7.19
N GLY U 421 -37.46 85.26 -6.71
CA GLY U 421 -37.58 84.09 -5.87
C GLY U 421 -36.87 84.22 -4.54
N PHE U 422 -37.09 85.34 -3.86
CA PHE U 422 -36.42 85.62 -2.60
C PHE U 422 -36.70 84.54 -1.56
N SER U 423 -35.66 84.11 -0.86
CA SER U 423 -35.77 83.15 0.23
C SER U 423 -34.92 83.65 1.39
N ASP U 424 -35.56 83.89 2.52
CA ASP U 424 -34.84 84.41 3.68
C ASP U 424 -33.88 83.37 4.24
N LYS U 425 -34.25 82.10 4.20
CA LYS U 425 -33.37 81.04 4.68
C LYS U 425 -32.11 80.92 3.84
N ARG U 426 -32.19 81.27 2.56
CA ARG U 426 -31.04 81.24 1.66
C ARG U 426 -30.17 82.48 1.76
N GLY U 427 -30.56 83.46 2.56
CA GLY U 427 -29.77 84.67 2.72
C GLY U 427 -29.72 85.55 1.48
N ASP U 428 -30.82 85.65 0.74
CA ASP U 428 -30.86 86.51 -0.43
C ASP U 428 -30.89 87.97 -0.01
N THR U 429 -30.42 88.84 -0.90
CA THR U 429 -30.33 90.27 -0.62
C THR U 429 -30.73 91.06 -1.86
N LEU U 430 -31.57 92.08 -1.66
CA LEU U 430 -32.08 92.91 -2.74
C LEU U 430 -31.92 94.38 -2.38
N ASN U 431 -31.55 95.19 -3.37
CA ASN U 431 -31.42 96.63 -3.17
C ASN U 431 -31.95 97.35 -4.41
N VAL U 432 -32.83 98.32 -4.19
CA VAL U 432 -33.44 99.10 -5.27
C VAL U 432 -33.15 100.58 -5.01
N VAL U 433 -32.69 101.28 -6.06
CA VAL U 433 -32.31 102.68 -5.97
C VAL U 433 -33.02 103.45 -7.07
N ASN U 434 -33.60 104.59 -6.71
CA ASN U 434 -34.25 105.50 -7.66
C ASN U 434 -33.37 106.73 -7.84
N SER U 435 -32.96 106.99 -9.08
CA SER U 435 -32.07 108.10 -9.37
C SER U 435 -32.26 108.50 -10.84
N PRO U 436 -32.15 109.78 -11.15
CA PRO U 436 -32.31 110.21 -12.56
C PRO U 436 -31.22 109.60 -13.43
N PHE U 437 -31.60 109.25 -14.66
CA PHE U 437 -30.68 108.65 -15.60
C PHE U 437 -29.80 109.71 -16.26
N SER U 438 -28.63 109.29 -16.71
CA SER U 438 -27.69 110.19 -17.37
C SER U 438 -27.66 109.94 -18.88
N ASP V 229 1.65 74.86 -17.28
CA ASP V 229 0.50 74.11 -17.80
C ASP V 229 -0.74 74.41 -16.97
N LEU V 230 -0.83 73.79 -15.80
CA LEU V 230 -1.97 74.01 -14.91
C LEU V 230 -1.98 75.43 -14.36
N ASN V 231 -0.79 75.99 -14.10
CA ASN V 231 -0.71 77.33 -13.53
C ASN V 231 -1.29 78.37 -14.48
N ASP V 232 -1.01 78.25 -15.78
CA ASP V 232 -1.58 79.17 -16.75
C ASP V 232 -3.10 79.06 -16.80
N ALA V 233 -3.62 77.82 -16.70
CA ALA V 233 -5.07 77.64 -16.68
C ALA V 233 -5.69 78.29 -15.45
N GLN V 234 -5.06 78.14 -14.29
CA GLN V 234 -5.55 78.82 -13.10
C GLN V 234 -5.53 80.33 -13.29
N LEU V 235 -4.45 80.84 -13.89
CA LEU V 235 -4.35 82.28 -14.11
C LEU V 235 -5.45 82.80 -15.03
N LYS V 236 -5.72 82.11 -16.14
CA LYS V 236 -6.71 82.65 -17.05
C LYS V 236 -8.12 82.47 -16.50
N PHE V 237 -8.37 81.40 -15.74
CA PHE V 237 -9.67 81.28 -15.08
C PHE V 237 -9.89 82.41 -14.08
N ALA V 238 -8.87 82.73 -13.30
CA ALA V 238 -8.98 83.87 -12.38
C ALA V 238 -9.21 85.17 -13.15
N ASN V 239 -8.54 85.33 -14.29
CA ASN V 239 -8.71 86.53 -15.10
C ASN V 239 -10.15 86.64 -15.62
N ASP V 240 -10.72 85.53 -16.08
CA ASP V 240 -12.11 85.56 -16.55
C ASP V 240 -13.09 85.87 -15.42
N VAL V 241 -12.87 85.31 -14.23
CA VAL V 241 -13.74 85.63 -13.10
C VAL V 241 -13.67 87.11 -12.77
N GLU V 242 -12.45 87.65 -12.72
CA GLU V 242 -12.27 89.08 -12.42
C GLU V 242 -12.91 89.95 -13.49
N SER V 243 -12.76 89.56 -14.76
CA SER V 243 -13.36 90.33 -15.85
C SER V 243 -14.87 90.30 -15.79
N ARG V 244 -15.46 89.15 -15.44
CA ARG V 244 -16.91 89.07 -15.29
C ARG V 244 -17.40 89.99 -14.18
N ILE V 245 -16.71 89.98 -13.03
CA ILE V 245 -17.13 90.85 -11.93
C ILE V 245 -16.98 92.31 -12.33
N GLN V 246 -15.87 92.67 -12.99
CA GLN V 246 -15.67 94.04 -13.42
C GLN V 246 -16.74 94.48 -14.42
N ARG V 247 -17.09 93.61 -15.36
CA ARG V 247 -18.13 93.94 -16.32
C ARG V 247 -19.48 94.15 -15.65
N ARG V 248 -19.81 93.30 -14.68
CA ARG V 248 -21.06 93.48 -13.95
C ARG V 248 -21.08 94.81 -13.21
N ILE V 249 -19.98 95.15 -12.54
CA ILE V 249 -19.92 96.40 -11.78
C ILE V 249 -20.05 97.60 -12.72
N GLU V 250 -19.32 97.56 -13.84
CA GLU V 250 -19.38 98.67 -14.80
C GLU V 250 -20.78 98.82 -15.39
N ALA V 251 -21.43 97.70 -15.71
CA ALA V 251 -22.77 97.76 -16.27
C ALA V 251 -23.77 98.32 -15.27
N ILE V 252 -23.67 97.91 -14.00
CA ILE V 252 -24.64 98.40 -13.02
C ILE V 252 -24.38 99.87 -12.69
N LEU V 253 -23.13 100.31 -12.66
CA LEU V 253 -22.82 101.68 -12.27
C LEU V 253 -22.84 102.67 -13.43
N SER V 254 -22.87 102.20 -14.68
CA SER V 254 -22.82 103.11 -15.82
C SER V 254 -24.01 104.06 -15.91
N PRO V 255 -25.27 103.61 -15.81
CA PRO V 255 -26.38 104.53 -16.10
C PRO V 255 -26.44 105.76 -15.22
N ILE V 256 -26.01 105.67 -13.96
CA ILE V 256 -26.21 106.79 -13.02
C ILE V 256 -25.11 107.83 -13.20
N VAL V 257 -23.86 107.45 -12.95
CA VAL V 257 -22.77 108.43 -12.94
C VAL V 257 -22.45 108.91 -14.35
N GLY V 258 -22.58 108.04 -15.33
CA GLY V 258 -22.25 108.39 -16.69
C GLY V 258 -21.63 107.21 -17.42
N ASN V 259 -21.52 107.37 -18.74
CA ASN V 259 -21.01 106.28 -19.58
C ASN V 259 -19.55 105.96 -19.26
N GLY V 260 -18.72 107.00 -19.10
CA GLY V 260 -17.30 106.78 -18.88
C GLY V 260 -16.73 107.54 -17.70
N ASN V 261 -17.53 107.70 -16.63
CA ASN V 261 -17.10 108.41 -15.44
C ASN V 261 -16.89 107.46 -14.26
N VAL V 262 -16.54 106.21 -14.53
CA VAL V 262 -16.35 105.22 -13.48
C VAL V 262 -15.38 104.16 -13.97
N HIS V 263 -14.51 103.71 -13.06
CA HIS V 263 -13.59 102.61 -13.33
C HIS V 263 -13.52 101.72 -12.11
N ALA V 264 -13.25 100.43 -12.33
CA ALA V 264 -13.18 99.47 -11.25
C ALA V 264 -12.12 98.41 -11.57
N GLN V 265 -11.57 97.83 -10.50
CA GLN V 265 -10.61 96.74 -10.61
C GLN V 265 -10.91 95.71 -9.55
N VAL V 266 -10.83 94.43 -9.92
CA VAL V 266 -11.19 93.32 -9.04
C VAL V 266 -10.05 92.33 -9.00
N THR V 267 -9.68 91.89 -7.79
CA THR V 267 -8.72 90.82 -7.59
C THR V 267 -9.35 89.73 -6.74
N ALA V 268 -9.09 88.48 -7.09
CA ALA V 268 -9.74 87.35 -6.45
C ALA V 268 -8.72 86.28 -6.07
N GLN V 269 -9.02 85.55 -5.01
CA GLN V 269 -8.24 84.41 -4.57
C GLN V 269 -9.08 83.15 -4.73
N LEU V 270 -8.46 82.08 -5.24
CA LEU V 270 -9.16 80.85 -5.56
C LEU V 270 -8.50 79.67 -4.86
N ASP V 271 -9.31 78.68 -4.51
CA ASP V 271 -8.84 77.47 -3.85
C ASP V 271 -8.72 76.36 -4.89
N PHE V 272 -7.50 75.83 -5.07
CA PHE V 272 -7.23 74.80 -6.06
C PHE V 272 -6.81 73.49 -5.43
N ALA V 273 -7.07 73.30 -4.13
CA ALA V 273 -6.71 72.07 -3.44
C ALA V 273 -7.82 71.03 -3.58
N ASN V 274 -7.43 69.77 -3.38
CA ASN V 274 -8.36 68.64 -3.43
C ASN V 274 -8.68 68.21 -2.02
N LYS V 275 -9.97 68.17 -1.67
CA LYS V 275 -10.41 67.83 -0.33
C LYS V 275 -11.51 66.78 -0.39
N GLU V 276 -11.53 65.93 0.64
CA GLU V 276 -12.58 64.94 0.83
C GLU V 276 -12.96 64.92 2.30
N GLN V 277 -14.21 64.54 2.58
CA GLN V 277 -14.68 64.53 3.96
C GLN V 277 -15.68 63.42 4.16
N THR V 278 -15.60 62.77 5.31
CA THR V 278 -16.56 61.75 5.73
C THR V 278 -16.95 62.00 7.18
N GLU V 279 -18.25 62.09 7.43
CA GLU V 279 -18.77 62.40 8.75
C GLU V 279 -19.75 61.32 9.20
N GLU V 280 -19.58 60.87 10.45
CA GLU V 280 -20.48 59.90 11.07
C GLU V 280 -20.99 60.49 12.38
N HIS V 281 -22.30 60.40 12.60
N HIS V 281 -22.30 60.39 12.60
CA HIS V 281 -22.93 60.97 13.78
CA HIS V 281 -22.92 60.98 13.77
C HIS V 281 -23.93 59.99 14.36
C HIS V 281 -23.93 60.00 14.36
N TYR V 282 -24.08 60.04 15.68
CA TYR V 282 -25.00 59.17 16.41
C TYR V 282 -25.89 60.01 17.31
N SER V 283 -27.12 59.53 17.51
CA SER V 283 -28.07 60.21 18.39
C SER V 283 -27.94 59.70 19.81
N PRO V 284 -27.77 60.57 20.81
CA PRO V 284 -27.63 60.11 22.19
C PRO V 284 -28.92 59.46 22.69
N ASN V 285 -28.75 58.46 23.56
CA ASN V 285 -29.85 57.72 24.15
C ASN V 285 -29.73 57.67 25.67
N GLY V 286 -29.26 58.77 26.27
CA GLY V 286 -29.11 58.81 27.71
C GLY V 286 -30.41 58.87 28.47
N ASP V 287 -31.49 59.30 27.82
CA ASP V 287 -32.81 59.38 28.44
C ASP V 287 -33.60 58.12 28.12
N ALA V 288 -34.22 57.53 29.15
CA ALA V 288 -34.98 56.30 28.96
C ALA V 288 -36.23 56.51 28.11
N SER V 289 -36.74 57.75 28.04
CA SER V 289 -37.94 58.01 27.26
C SER V 289 -37.65 58.05 25.76
N LYS V 290 -36.37 58.09 25.36
CA LYS V 290 -36.00 58.13 23.96
C LYS V 290 -35.14 56.96 23.52
N ALA V 291 -34.84 56.02 24.41
CA ALA V 291 -34.01 54.88 24.06
C ALA V 291 -34.82 53.81 23.33
N THR V 292 -34.12 52.97 22.60
CA THR V 292 -34.72 51.85 21.87
C THR V 292 -34.03 50.57 22.29
N LEU V 293 -34.75 49.72 23.02
CA LEU V 293 -34.21 48.49 23.55
C LEU V 293 -34.48 47.32 22.59
N ARG V 294 -33.60 46.32 22.65
CA ARG V 294 -33.76 45.10 21.88
C ARG V 294 -33.93 43.86 22.76
N SER V 295 -33.18 43.77 23.85
CA SER V 295 -33.32 42.65 24.79
C SER V 295 -32.87 43.13 26.17
N ARG V 296 -33.69 42.86 27.17
CA ARG V 296 -33.44 43.32 28.53
C ARG V 296 -33.66 42.18 29.52
N GLN V 297 -32.76 42.06 30.50
CA GLN V 297 -32.88 41.10 31.58
C GLN V 297 -32.77 41.83 32.91
N LEU V 298 -33.69 41.56 33.81
CA LEU V 298 -33.75 42.25 35.10
C LEU V 298 -34.04 41.23 36.20
N ASN V 299 -33.11 41.10 37.15
CA ASN V 299 -33.24 40.19 38.27
C ASN V 299 -33.26 40.98 39.56
N ILE V 300 -34.26 40.73 40.41
CA ILE V 300 -34.42 41.42 41.68
C ILE V 300 -34.61 40.40 42.78
N SER V 301 -33.91 40.61 43.91
CA SER V 301 -34.04 39.75 45.07
C SER V 301 -34.06 40.61 46.33
N GLU V 302 -34.72 40.11 47.36
CA GLU V 302 -34.83 40.86 48.62
C GLU V 302 -35.20 39.90 49.74
N GLN V 303 -34.36 39.87 50.78
CA GLN V 303 -34.63 39.12 51.99
C GLN V 303 -34.78 40.08 53.15
N VAL V 304 -35.76 39.82 54.01
CA VAL V 304 -36.00 40.67 55.18
C VAL V 304 -36.05 39.81 56.44
N PRO V 355 -31.77 42.88 59.88
CA PRO V 355 -31.12 42.21 58.76
C PRO V 355 -31.87 42.39 57.44
N ARG V 356 -31.31 43.21 56.55
CA ARG V 356 -31.93 43.48 55.25
C ARG V 356 -30.92 43.22 54.15
N SER V 357 -31.34 42.47 53.14
CA SER V 357 -30.50 42.15 51.99
C SER V 357 -31.23 42.54 50.70
N THR V 358 -30.49 43.15 49.78
CA THR V 358 -31.06 43.58 48.50
C THR V 358 -30.04 43.33 47.40
N GLN V 359 -30.52 42.81 46.27
CA GLN V 359 -29.69 42.53 45.11
C GLN V 359 -30.44 42.86 43.85
N ARG V 360 -29.77 43.52 42.90
CA ARG V 360 -30.39 43.94 41.65
C ARG V 360 -29.40 43.80 40.52
N ASN V 361 -29.78 43.02 39.50
CA ASN V 361 -28.97 42.81 38.32
C ASN V 361 -29.73 43.27 37.09
N GLU V 362 -29.02 43.84 36.12
CA GLU V 362 -29.67 44.38 34.94
C GLU V 362 -28.71 44.33 33.75
N THR V 363 -29.23 43.96 32.59
CA THR V 363 -28.49 43.95 31.34
C THR V 363 -29.37 44.51 30.23
N SER V 364 -28.78 45.33 29.37
CA SER V 364 -29.54 46.01 28.33
C SER V 364 -28.77 45.98 27.02
N ASN V 365 -29.52 45.95 25.91
CA ASN V 365 -28.97 46.06 24.57
C ASN V 365 -29.80 47.07 23.79
N TYR V 366 -29.13 47.97 23.07
CA TYR V 366 -29.78 49.11 22.47
C TYR V 366 -29.64 49.09 20.95
N GLU V 367 -30.56 49.80 20.30
CA GLU V 367 -30.47 50.13 18.87
C GLU V 367 -30.36 51.64 18.74
N VAL V 368 -29.45 52.10 17.88
CA VAL V 368 -29.11 53.51 17.79
C VAL V 368 -29.32 54.02 16.37
N ASP V 369 -29.59 55.31 16.27
CA ASP V 369 -29.72 55.99 14.99
C ASP V 369 -28.38 56.60 14.58
N ARG V 370 -27.99 56.41 13.33
CA ARG V 370 -26.72 56.89 12.84
C ARG V 370 -26.89 57.59 11.49
N THR V 371 -26.01 58.53 11.22
CA THR V 371 -26.02 59.30 9.98
C THR V 371 -24.61 59.35 9.41
N ILE V 372 -24.48 59.08 8.11
CA ILE V 372 -23.20 59.06 7.41
C ILE V 372 -23.28 59.99 6.21
N ARG V 373 -22.29 60.87 6.06
N ARG V 373 -22.29 60.87 6.07
CA ARG V 373 -22.24 61.82 4.96
CA ARG V 373 -22.23 61.82 4.96
C ARG V 373 -20.86 61.80 4.32
C ARG V 373 -20.86 61.80 4.32
N HIS V 374 -20.82 61.82 3.00
CA HIS V 374 -19.59 61.85 2.23
C HIS V 374 -19.62 63.07 1.31
N THR V 375 -18.52 63.83 1.29
CA THR V 375 -18.47 65.06 0.53
C THR V 375 -17.13 65.16 -0.20
N LYS V 376 -17.20 65.55 -1.47
CA LYS V 376 -16.01 65.84 -2.28
C LYS V 376 -16.14 67.27 -2.78
N MET V 377 -15.20 68.12 -2.40
CA MET V 377 -15.29 69.55 -2.67
C MET V 377 -14.94 69.84 -4.13
N ASN V 378 -15.30 71.05 -4.56
CA ASN V 378 -15.05 71.51 -5.92
C ASN V 378 -13.75 72.30 -5.99
N VAL V 379 -13.05 72.17 -7.10
CA VAL V 379 -11.77 72.84 -7.31
C VAL V 379 -12.01 74.13 -8.08
N GLY V 380 -11.59 75.25 -7.51
CA GLY V 380 -11.73 76.54 -8.18
C GLY V 380 -12.79 77.43 -7.57
N ASP V 381 -12.91 77.42 -6.24
CA ASP V 381 -13.90 78.23 -5.54
C ASP V 381 -13.26 79.51 -5.00
N ILE V 382 -14.06 80.57 -4.96
CA ILE V 382 -13.59 81.87 -4.51
C ILE V 382 -13.43 81.86 -2.99
N GLU V 383 -12.37 82.48 -2.50
CA GLU V 383 -12.11 82.60 -1.07
C GLU V 383 -12.21 84.02 -0.54
N ARG V 384 -11.78 85.01 -1.30
CA ARG V 384 -11.80 86.39 -0.84
C ARG V 384 -11.88 87.32 -2.04
N LEU V 385 -12.42 88.51 -1.81
CA LEU V 385 -12.60 89.50 -2.87
C LEU V 385 -12.17 90.88 -2.35
N SER V 386 -11.47 91.62 -3.21
CA SER V 386 -11.07 93.00 -2.93
C SER V 386 -11.42 93.85 -4.14
N VAL V 387 -12.21 94.91 -3.93
CA VAL V 387 -12.74 95.72 -5.02
C VAL V 387 -12.39 97.19 -4.75
N ALA V 388 -11.89 97.87 -5.78
CA ALA V 388 -11.60 99.29 -5.74
C ALA V 388 -12.36 99.98 -6.87
N VAL V 389 -13.07 101.05 -6.53
CA VAL V 389 -13.88 101.81 -7.48
C VAL V 389 -13.49 103.28 -7.39
N VAL V 390 -13.35 103.92 -8.55
CA VAL V 390 -13.03 105.34 -8.64
C VAL V 390 -14.11 106.02 -9.49
N VAL V 391 -14.68 107.10 -8.97
CA VAL V 391 -15.73 107.82 -9.68
C VAL V 391 -15.29 109.26 -9.89
N ASN V 392 -15.83 109.87 -10.94
CA ASN V 392 -15.47 111.22 -11.36
C ASN V 392 -16.35 112.26 -10.67
N TYR V 393 -15.89 113.51 -10.70
CA TYR V 393 -16.66 114.62 -10.17
C TYR V 393 -17.81 114.97 -11.12
N LYS V 394 -18.78 115.72 -10.58
CA LYS V 394 -19.93 116.16 -11.37
C LYS V 394 -19.62 117.52 -11.97
N THR V 395 -19.65 117.60 -13.30
CA THR V 395 -19.37 118.83 -14.02
C THR V 395 -20.67 119.43 -14.57
N LEU V 396 -20.86 120.71 -14.31
CA LEU V 396 -22.06 121.40 -14.77
C LEU V 396 -21.81 122.12 -16.09
N PRO V 401 -16.81 120.47 -11.96
CA PRO V 401 -15.85 120.33 -10.86
C PRO V 401 -16.51 120.44 -9.49
N LEU V 402 -17.63 119.73 -9.32
CA LEU V 402 -18.38 119.73 -8.07
C LEU V 402 -18.40 118.33 -7.48
N PRO V 403 -18.03 118.15 -6.21
CA PRO V 403 -18.06 116.82 -5.62
C PRO V 403 -19.47 116.29 -5.47
N LEU V 404 -19.59 114.97 -5.52
CA LEU V 404 -20.88 114.31 -5.41
C LEU V 404 -21.38 114.34 -3.96
N THR V 405 -22.70 114.25 -3.81
CA THR V 405 -23.31 114.27 -2.49
C THR V 405 -23.03 112.96 -1.76
N ALA V 406 -23.11 113.03 -0.42
CA ALA V 406 -22.86 111.84 0.40
C ALA V 406 -23.89 110.75 0.15
N ASP V 407 -25.15 111.14 -0.07
CA ASP V 407 -26.18 110.15 -0.36
C ASP V 407 -25.90 109.41 -1.66
N GLN V 408 -25.44 110.14 -2.68
CA GLN V 408 -25.07 109.49 -3.94
C GLN V 408 -23.92 108.50 -3.73
N MET V 409 -22.93 108.88 -2.92
CA MET V 409 -21.83 107.96 -2.61
C MET V 409 -22.34 106.72 -1.89
N LYS V 410 -23.26 106.90 -0.93
CA LYS V 410 -23.81 105.75 -0.23
C LYS V 410 -24.56 104.82 -1.17
N GLN V 411 -25.34 105.40 -2.08
CA GLN V 411 -26.06 104.58 -3.06
C GLN V 411 -25.09 103.84 -3.97
N ILE V 412 -24.01 104.50 -4.39
CA ILE V 412 -23.02 103.86 -5.25
C ILE V 412 -22.35 102.70 -4.50
N GLU V 413 -22.00 102.90 -3.23
CA GLU V 413 -21.41 101.82 -2.45
C GLU V 413 -22.38 100.66 -2.29
N ASP V 414 -23.66 100.95 -2.05
CA ASP V 414 -24.64 99.87 -1.92
C ASP V 414 -24.78 99.09 -3.23
N LEU V 415 -24.82 99.79 -4.35
CA LEU V 415 -24.94 99.11 -5.64
C LEU V 415 -23.72 98.27 -5.94
N THR V 416 -22.52 98.77 -5.63
CA THR V 416 -21.31 97.98 -5.83
C THR V 416 -21.29 96.77 -4.92
N ARG V 417 -21.74 96.92 -3.67
CA ARG V 417 -21.81 95.80 -2.74
C ARG V 417 -22.75 94.73 -3.27
N GLU V 418 -23.90 95.14 -3.84
CA GLU V 418 -24.82 94.17 -4.45
C GLU V 418 -24.19 93.50 -5.66
N ALA V 419 -23.50 94.27 -6.51
CA ALA V 419 -22.98 93.72 -7.75
C ALA V 419 -21.84 92.74 -7.51
N MET V 420 -20.99 93.01 -6.51
CA MET V 420 -19.81 92.18 -6.29
C MET V 420 -20.08 90.95 -5.42
N GLY V 421 -21.31 90.78 -4.93
CA GLY V 421 -21.63 89.62 -4.11
C GLY V 421 -20.90 89.60 -2.79
N PHE V 422 -20.90 90.74 -2.09
CA PHE V 422 -20.18 90.86 -0.83
C PHE V 422 -20.65 89.83 0.19
N SER V 423 -19.69 89.21 0.87
CA SER V 423 -19.96 88.26 1.95
C SER V 423 -19.02 88.58 3.11
N ASP V 424 -19.61 88.92 4.25
CA ASP V 424 -18.79 89.28 5.42
C ASP V 424 -18.02 88.07 5.95
N LYS V 425 -18.63 86.89 5.89
CA LYS V 425 -17.95 85.68 6.34
C LYS V 425 -16.74 85.36 5.49
N ARG V 426 -16.77 85.73 4.21
CA ARG V 426 -15.66 85.50 3.30
C ARG V 426 -14.56 86.56 3.40
N GLY V 427 -14.76 87.57 4.23
CA GLY V 427 -13.77 88.63 4.39
C GLY V 427 -13.57 89.49 3.16
N ASP V 428 -14.63 89.81 2.44
CA ASP V 428 -14.53 90.68 1.28
C ASP V 428 -14.28 92.12 1.72
N THR V 429 -13.67 92.90 0.84
CA THR V 429 -13.34 94.29 1.14
C THR V 429 -13.59 95.16 -0.07
N LEU V 430 -14.23 96.31 0.15
CA LEU V 430 -14.59 97.24 -0.91
C LEU V 430 -14.16 98.65 -0.53
N ASN V 431 -13.64 99.39 -1.51
CA ASN V 431 -13.26 100.78 -1.30
C ASN V 431 -13.65 101.60 -2.52
N VAL V 432 -14.34 102.72 -2.27
CA VAL V 432 -14.81 103.61 -3.33
C VAL V 432 -14.25 105.01 -3.05
N VAL V 433 -13.69 105.63 -4.09
CA VAL V 433 -13.06 106.94 -3.99
C VAL V 433 -13.62 107.85 -5.07
N ASN V 434 -13.98 109.07 -4.69
CA ASN V 434 -14.46 110.09 -5.62
C ASN V 434 -13.38 111.15 -5.79
N SER V 435 -12.94 111.36 -7.02
CA SER V 435 -11.86 112.28 -7.31
C SER V 435 -11.99 112.74 -8.77
N PRO V 436 -11.65 113.99 -9.06
CA PRO V 436 -11.73 114.46 -10.46
C PRO V 436 -10.78 113.68 -11.36
N PHE V 437 -11.24 113.42 -12.58
CA PHE V 437 -10.45 112.68 -13.55
C PHE V 437 -9.40 113.58 -14.20
N SER V 438 -8.34 112.95 -14.67
CA SER V 438 -7.25 113.68 -15.32
C SER V 438 -7.28 113.45 -16.84
N ASP W 229 15.14 73.59 -16.15
CA ASP W 229 13.87 73.08 -16.66
C ASP W 229 12.71 73.58 -15.81
N LEU W 230 12.52 72.96 -14.65
CA LEU W 230 11.44 73.37 -13.75
C LEU W 230 11.71 74.77 -13.18
N ASN W 231 12.98 75.09 -12.92
CA ASN W 231 13.31 76.38 -12.33
C ASN W 231 12.91 77.53 -13.25
N ASP W 232 13.16 77.38 -14.56
CA ASP W 232 12.76 78.41 -15.51
C ASP W 232 11.24 78.57 -15.54
N ALA W 233 10.51 77.46 -15.45
CA ALA W 233 9.05 77.54 -15.42
C ALA W 233 8.57 78.28 -14.17
N GLN W 234 9.17 77.98 -13.02
CA GLN W 234 8.82 78.73 -11.82
C GLN W 234 9.12 80.20 -11.99
N LEU W 235 10.27 80.53 -12.59
CA LEU W 235 10.63 81.92 -12.78
C LEU W 235 9.63 82.65 -13.68
N LYS W 236 9.24 82.03 -14.80
CA LYS W 236 8.35 82.78 -15.69
C LYS W 236 6.93 82.84 -15.13
N PHE W 237 6.51 81.82 -14.38
CA PHE W 237 5.21 81.93 -13.71
C PHE W 237 5.20 83.06 -12.69
N ALA W 238 6.28 83.18 -11.91
CA ALA W 238 6.38 84.30 -10.98
C ALA W 238 6.38 85.64 -11.73
N ASN W 239 7.08 85.68 -12.87
CA ASN W 239 7.11 86.91 -13.66
C ASN W 239 5.72 87.29 -14.16
N ASP W 240 4.94 86.32 -14.63
CA ASP W 240 3.57 86.60 -15.08
C ASP W 240 2.69 87.07 -13.93
N VAL W 241 2.82 86.45 -12.75
CA VAL W 241 2.01 86.91 -11.61
C VAL W 241 2.37 88.35 -11.26
N GLU W 242 3.67 88.67 -11.21
CA GLU W 242 4.10 90.02 -10.89
C GLU W 242 3.62 91.01 -11.94
N SER W 243 3.69 90.63 -13.22
CA SER W 243 3.24 91.51 -14.29
C SER W 243 1.73 91.76 -14.21
N ARG W 244 0.95 90.73 -13.87
CA ARG W 244 -0.49 90.90 -13.71
C ARG W 244 -0.79 91.89 -12.58
N ILE W 245 -0.11 91.74 -11.44
CA ILE W 245 -0.35 92.64 -10.32
C ILE W 245 0.06 94.07 -10.69
N GLN W 246 1.20 94.22 -11.37
CA GLN W 246 1.67 95.54 -11.78
C GLN W 246 0.68 96.19 -12.75
N ARG W 247 0.16 95.41 -13.70
CA ARG W 247 -0.81 95.95 -14.65
C ARG W 247 -2.08 96.39 -13.95
N ARG W 248 -2.56 95.58 -13.00
CA ARG W 248 -3.75 95.98 -12.25
C ARG W 248 -3.52 97.28 -11.48
N ILE W 249 -2.37 97.41 -10.82
CA ILE W 249 -2.08 98.62 -10.05
C ILE W 249 -1.98 99.82 -10.96
N GLU W 250 -1.29 99.68 -12.10
CA GLU W 250 -1.16 100.79 -13.03
C GLU W 250 -2.51 101.20 -13.60
N ALA W 251 -3.36 100.22 -13.94
CA ALA W 251 -4.67 100.53 -14.48
C ALA W 251 -5.54 101.25 -13.46
N ILE W 252 -5.51 100.81 -12.20
CA ILE W 252 -6.36 101.45 -11.20
C ILE W 252 -5.84 102.85 -10.85
N LEU W 253 -4.53 103.05 -10.83
CA LEU W 253 -3.97 104.34 -10.42
C LEU W 253 -3.82 105.34 -11.56
N SER W 254 -3.94 104.90 -12.82
CA SER W 254 -3.74 105.80 -13.95
C SER W 254 -4.74 106.95 -14.01
N PRO W 255 -6.05 106.74 -13.90
CA PRO W 255 -6.99 107.85 -14.16
C PRO W 255 -6.81 109.06 -13.26
N ILE W 256 -6.39 108.87 -12.00
CA ILE W 256 -6.37 109.99 -11.05
C ILE W 256 -5.10 110.81 -11.23
N VAL W 257 -3.94 110.21 -11.00
CA VAL W 257 -2.68 110.97 -10.98
C VAL W 257 -2.29 111.41 -12.39
N GLY W 258 -2.59 110.59 -13.38
CA GLY W 258 -2.22 110.90 -14.75
C GLY W 258 -1.83 109.65 -15.50
N ASN W 259 -1.71 109.80 -16.82
CA ASN W 259 -1.41 108.66 -17.68
C ASN W 259 -0.04 108.08 -17.39
N GLY W 260 0.97 108.93 -17.22
CA GLY W 260 2.32 108.46 -17.02
C GLY W 260 3.04 109.08 -15.83
N ASN W 261 2.30 109.36 -14.76
CA ASN W 261 2.86 109.96 -13.55
C ASN W 261 2.91 108.97 -12.39
N VAL W 262 3.03 107.68 -12.69
CA VAL W 262 3.03 106.66 -11.65
C VAL W 262 3.78 105.44 -12.17
N HIS W 263 4.57 104.82 -11.29
CA HIS W 263 5.27 103.59 -11.58
C HIS W 263 5.19 102.68 -10.37
N ALA W 264 5.21 101.37 -10.62
CA ALA W 264 5.11 100.38 -9.55
C ALA W 264 5.96 99.16 -9.90
N GLN W 265 6.41 98.46 -8.85
CA GLN W 265 7.16 97.23 -8.99
C GLN W 265 6.67 96.25 -7.94
N VAL W 266 6.53 94.98 -8.33
CA VAL W 266 5.97 93.94 -7.46
C VAL W 266 6.92 92.75 -7.45
N THR W 267 7.20 92.24 -6.26
CA THR W 267 7.96 91.00 -6.08
C THR W 267 7.15 90.04 -5.24
N ALA W 268 7.16 88.76 -5.62
CA ALA W 268 6.33 87.76 -4.99
C ALA W 268 7.14 86.51 -4.64
N GLN W 269 6.72 85.84 -3.58
CA GLN W 269 7.29 84.56 -3.17
C GLN W 269 6.23 83.47 -3.34
N LEU W 270 6.64 82.33 -3.87
CA LEU W 270 5.72 81.25 -4.20
C LEU W 270 6.17 79.96 -3.53
N ASP W 271 5.19 79.13 -3.18
CA ASP W 271 5.43 77.83 -2.55
C ASP W 271 5.34 76.74 -3.61
N PHE W 272 6.43 76.01 -3.81
CA PHE W 272 6.51 74.96 -4.82
C PHE W 272 6.69 73.58 -4.21
N ALA W 273 6.41 73.41 -2.92
CA ALA W 273 6.54 72.13 -2.25
C ALA W 273 5.27 71.31 -2.39
N ASN W 274 5.42 69.99 -2.22
CA ASN W 274 4.30 69.06 -2.27
C ASN W 274 3.92 68.66 -0.86
N LYS W 275 2.65 68.86 -0.50
CA LYS W 275 2.17 68.59 0.85
C LYS W 275 0.89 67.76 0.78
N GLU W 276 0.72 66.91 1.79
CA GLU W 276 -0.49 66.13 1.98
C GLU W 276 -0.85 66.14 3.46
N GLN W 277 -2.15 66.00 3.75
CA GLN W 277 -2.60 66.05 5.14
C GLN W 277 -3.79 65.13 5.33
N THR W 278 -3.82 64.46 6.47
CA THR W 278 -4.94 63.61 6.88
C THR W 278 -5.27 63.92 8.34
N GLU W 279 -6.53 64.23 8.61
CA GLU W 279 -6.97 64.62 9.94
C GLU W 279 -8.12 63.73 10.39
N GLU W 280 -8.03 63.24 11.62
CA GLU W 280 -9.07 62.43 12.25
C GLU W 280 -9.46 63.09 13.57
N HIS W 281 -10.76 63.23 13.80
N HIS W 281 -10.77 63.22 13.80
CA HIS W 281 -11.26 63.89 15.00
CA HIS W 281 -11.27 63.90 14.99
C HIS W 281 -12.42 63.09 15.58
C HIS W 281 -12.43 63.10 15.57
N TYR W 282 -12.55 63.15 16.90
CA TYR W 282 -13.61 62.45 17.62
C TYR W 282 -14.31 63.42 18.55
N SER W 283 -15.61 63.17 18.76
CA SER W 283 -16.42 63.99 19.67
C SER W 283 -16.37 63.44 21.08
N PRO W 284 -16.04 64.26 22.08
CA PRO W 284 -15.97 63.74 23.45
C PRO W 284 -17.34 63.33 23.96
N ASN W 285 -17.35 62.31 24.81
CA ASN W 285 -18.57 61.77 25.40
C ASN W 285 -18.45 61.67 26.92
N GLY W 286 -17.78 62.65 27.53
CA GLY W 286 -17.61 62.64 28.97
C GLY W 286 -18.88 62.93 29.75
N ASP W 287 -19.87 63.56 29.12
CA ASP W 287 -21.13 63.86 29.76
C ASP W 287 -22.15 62.78 29.43
N ALA W 288 -22.85 62.29 30.45
CA ALA W 288 -23.82 61.22 30.25
C ALA W 288 -25.01 61.68 29.43
N SER W 289 -25.30 62.98 29.38
CA SER W 289 -26.43 63.49 28.61
C SER W 289 -26.16 63.50 27.11
N LYS W 290 -24.90 63.30 26.70
CA LYS W 290 -24.54 63.31 25.29
C LYS W 290 -23.92 61.99 24.83
N ALA W 291 -23.78 61.00 25.70
CA ALA W 291 -23.17 59.74 25.32
C ALA W 291 -24.18 58.86 24.59
N THR W 292 -23.65 57.90 23.83
CA THR W 292 -24.45 56.93 23.09
C THR W 292 -24.00 55.54 23.49
N LEU W 293 -24.86 54.82 24.21
CA LEU W 293 -24.54 53.49 24.72
C LEU W 293 -25.03 52.42 23.74
N ARG W 294 -24.35 51.28 23.78
CA ARG W 294 -24.74 50.11 22.99
C ARG W 294 -25.13 48.92 23.85
N SER W 295 -24.39 48.67 24.93
CA SER W 295 -24.73 47.58 25.86
C SER W 295 -24.18 47.94 27.23
N ARG W 296 -25.03 47.81 28.25
CA ARG W 296 -24.68 48.19 29.61
C ARG W 296 -25.10 47.10 30.58
N GLN W 297 -24.23 46.80 31.55
CA GLN W 297 -24.51 45.86 32.61
C GLN W 297 -24.25 46.53 33.95
N LEU W 298 -25.22 46.42 34.86
CA LEU W 298 -25.12 47.08 36.16
C LEU W 298 -25.59 46.11 37.25
N ASN W 299 -24.69 45.80 38.18
CA ASN W 299 -24.98 44.90 39.29
C ASN W 299 -24.83 45.67 40.60
N ILE W 300 -25.86 45.59 41.46
CA ILE W 300 -25.87 46.28 42.73
C ILE W 300 -26.24 45.29 43.83
N SER W 301 -25.51 45.34 44.94
CA SER W 301 -25.78 44.50 46.10
C SER W 301 -25.63 45.34 47.37
N GLU W 302 -26.35 44.95 48.40
CA GLU W 302 -26.32 45.68 49.67
C GLU W 302 -26.84 44.79 50.78
N GLN W 303 -26.02 44.59 51.81
CA GLN W 303 -26.40 43.88 53.01
C GLN W 303 -26.36 44.83 54.19
N VAL W 304 -27.37 44.74 55.06
CA VAL W 304 -27.44 45.59 56.24
C VAL W 304 -27.64 44.74 57.49
N PRO W 355 -22.84 46.91 60.93
CA PRO W 355 -22.32 46.15 59.78
C PRO W 355 -23.04 46.50 58.48
N ARG W 356 -22.35 47.20 57.59
CA ARG W 356 -22.93 47.62 56.30
C ARG W 356 -21.99 47.20 55.19
N SER W 357 -22.55 46.55 54.17
CA SER W 357 -21.79 46.11 53.01
C SER W 357 -22.45 46.64 51.73
N THR W 358 -21.63 47.13 50.81
CA THR W 358 -22.10 47.66 49.55
C THR W 358 -21.17 47.24 48.43
N GLN W 359 -21.75 46.85 47.30
CA GLN W 359 -20.98 46.44 46.13
C GLN W 359 -21.69 46.94 44.88
N ARG W 360 -20.91 47.47 43.93
CA ARG W 360 -21.45 48.02 42.70
C ARG W 360 -20.51 47.72 41.55
N ASN W 361 -21.04 47.04 40.53
CA ASN W 361 -20.29 46.70 39.33
C ASN W 361 -20.97 47.32 38.12
N GLU W 362 -20.18 47.77 37.15
CA GLU W 362 -20.73 48.44 35.98
C GLU W 362 -19.79 48.24 34.79
N THR W 363 -20.40 47.99 33.62
CA THR W 363 -19.68 47.85 32.36
C THR W 363 -20.45 48.59 31.28
N SER W 364 -19.74 49.31 30.42
CA SER W 364 -20.37 50.12 29.40
C SER W 364 -19.62 49.99 28.08
N ASN W 365 -20.37 50.11 26.98
CA ASN W 365 -19.83 50.15 25.63
C ASN W 365 -20.48 51.30 24.88
N TYR W 366 -19.65 52.07 24.16
CA TYR W 366 -20.09 53.32 23.59
C TYR W 366 -19.97 53.31 22.07
N GLU W 367 -20.74 54.19 21.44
CA GLU W 367 -20.61 54.52 20.02
C GLU W 367 -20.22 55.98 19.91
N VAL W 368 -19.27 56.28 19.04
CA VAL W 368 -18.66 57.61 18.97
C VAL W 368 -18.80 58.17 17.57
N ASP W 369 -18.82 59.50 17.48
CA ASP W 369 -18.84 60.21 16.22
C ASP W 369 -17.42 60.57 15.80
N ARG W 370 -17.09 60.34 14.54
CA ARG W 370 -15.74 60.59 14.04
C ARG W 370 -15.81 61.32 12.71
N THR W 371 -14.76 62.10 12.44
CA THR W 371 -14.65 62.87 11.21
C THR W 371 -13.25 62.67 10.63
N ILE W 372 -13.19 62.41 9.32
CA ILE W 372 -11.94 62.17 8.60
C ILE W 372 -11.87 63.12 7.42
N ARG W 373 -10.73 63.80 7.27
N ARG W 373 -10.74 63.81 7.28
CA ARG W 373 -10.52 64.74 6.19
CA ARG W 373 -10.51 64.75 6.19
C ARG W 373 -9.17 64.49 5.53
C ARG W 373 -9.17 64.48 5.53
N HIS W 374 -9.15 64.52 4.21
CA HIS W 374 -7.94 64.34 3.42
C HIS W 374 -7.75 65.55 2.52
N THR W 375 -6.53 66.10 2.50
CA THR W 375 -6.26 67.32 1.76
C THR W 375 -4.94 67.19 1.01
N LYS W 376 -4.94 67.60 -0.25
CA LYS W 376 -3.74 67.69 -1.07
C LYS W 376 -3.59 69.13 -1.55
N MET W 377 -2.51 69.79 -1.16
CA MET W 377 -2.34 71.21 -1.41
C MET W 377 -1.96 71.46 -2.87
N ASN W 378 -2.10 72.72 -3.28
CA ASN W 378 -1.79 73.15 -4.64
C ASN W 378 -0.36 73.68 -4.71
N VAL W 379 0.29 73.46 -5.83
CA VAL W 379 1.67 73.89 -6.04
C VAL W 379 1.66 75.21 -6.79
N GLY W 380 2.29 76.23 -6.21
CA GLY W 380 2.37 77.53 -6.86
C GLY W 380 1.51 78.59 -6.22
N ASP W 381 1.41 78.58 -4.89
CA ASP W 381 0.59 79.53 -4.16
C ASP W 381 1.45 80.66 -3.61
N ILE W 382 0.85 81.86 -3.55
CA ILE W 382 1.57 83.03 -3.08
C ILE W 382 1.73 82.98 -1.56
N GLU W 383 2.90 83.38 -1.08
CA GLU W 383 3.19 83.42 0.35
C GLU W 383 3.34 84.83 0.91
N ARG W 384 3.95 85.74 0.15
CA ARG W 384 4.19 87.09 0.64
C ARG W 384 4.26 88.05 -0.55
N LEU W 385 3.94 89.31 -0.30
CA LEU W 385 3.95 90.34 -1.33
C LEU W 385 4.63 91.59 -0.81
N SER W 386 5.44 92.22 -1.66
CA SER W 386 6.08 93.49 -1.37
C SER W 386 5.88 94.42 -2.56
N VAL W 387 5.31 95.59 -2.32
CA VAL W 387 4.94 96.51 -3.39
C VAL W 387 5.54 97.88 -3.10
N ALA W 388 6.15 98.47 -4.13
CA ALA W 388 6.69 99.82 -4.07
C ALA W 388 6.05 100.67 -5.17
N VAL W 389 5.56 101.84 -4.82
CA VAL W 389 4.90 102.74 -5.74
C VAL W 389 5.55 104.12 -5.64
N VAL W 390 5.79 104.74 -6.78
CA VAL W 390 6.35 106.09 -6.85
C VAL W 390 5.42 106.96 -7.68
N VAL W 391 5.06 108.12 -7.14
CA VAL W 391 4.16 109.04 -7.82
C VAL W 391 4.84 110.37 -8.02
N ASN W 392 4.41 111.09 -9.05
CA ASN W 392 5.01 112.35 -9.46
C ASN W 392 4.34 113.52 -8.74
N TYR W 393 5.02 114.67 -8.75
CA TYR W 393 4.47 115.89 -8.20
C TYR W 393 3.40 116.46 -9.12
N LYS W 394 2.59 117.36 -8.57
CA LYS W 394 1.53 118.03 -9.33
C LYS W 394 2.08 119.32 -9.92
N THR W 395 2.04 119.42 -11.24
CA THR W 395 2.55 120.60 -11.95
C THR W 395 1.38 121.43 -12.47
N LEU W 396 1.41 122.72 -12.19
CA LEU W 396 0.36 123.63 -12.63
C LEU W 396 0.73 124.31 -13.93
N PRO W 401 5.39 121.70 -9.90
CA PRO W 401 6.31 121.37 -8.81
C PRO W 401 5.68 121.57 -7.43
N LEU W 402 4.46 121.09 -7.25
CA LEU W 402 3.74 121.19 -5.99
C LEU W 402 3.48 119.81 -5.43
N PRO W 403 3.80 119.55 -4.17
CA PRO W 403 3.55 118.23 -3.59
C PRO W 403 2.06 117.97 -3.44
N LEU W 404 1.70 116.69 -3.51
CA LEU W 404 0.30 116.28 -3.39
C LEU W 404 -0.16 116.37 -1.94
N THR W 405 -1.47 116.53 -1.77
CA THR W 405 -2.06 116.63 -0.44
C THR W 405 -2.01 115.28 0.27
N ALA W 406 -2.06 115.33 1.60
CA ALA W 406 -2.01 114.12 2.40
C ALA W 406 -3.23 113.24 2.15
N ASP W 407 -4.41 113.85 1.95
CA ASP W 407 -5.61 113.07 1.66
C ASP W 407 -5.48 112.31 0.34
N GLN W 408 -4.89 112.95 -0.67
CA GLN W 408 -4.67 112.27 -1.94
C GLN W 408 -3.72 111.10 -1.77
N MET W 409 -2.68 111.27 -0.96
CA MET W 409 -1.76 110.16 -0.68
C MET W 409 -2.47 109.02 0.03
N LYS W 410 -3.33 109.33 1.00
CA LYS W 410 -4.08 108.30 1.70
C LYS W 410 -5.00 107.54 0.74
N GLN W 411 -5.67 108.27 -0.15
CA GLN W 411 -6.53 107.63 -1.13
C GLN W 411 -5.73 106.73 -2.07
N ILE W 412 -4.55 107.19 -2.49
CA ILE W 412 -3.70 106.38 -3.36
C ILE W 412 -3.25 105.11 -2.64
N GLU W 413 -2.86 105.23 -1.38
CA GLU W 413 -2.46 104.05 -0.62
C GLU W 413 -3.63 103.07 -0.47
N ASP W 414 -4.82 103.58 -0.20
CA ASP W 414 -5.99 102.70 -0.08
C ASP W 414 -6.27 101.99 -1.39
N LEU W 415 -6.21 102.71 -2.51
CA LEU W 415 -6.46 102.08 -3.81
C LEU W 415 -5.41 101.03 -4.13
N THR W 416 -4.14 101.31 -3.83
CA THR W 416 -3.09 100.32 -4.05
C THR W 416 -3.29 99.09 -3.17
N ARG W 417 -3.69 99.31 -1.90
CA ARG W 417 -3.97 98.21 -1.00
C ARG W 417 -5.09 97.33 -1.53
N GLU W 418 -6.14 97.95 -2.07
CA GLU W 418 -7.22 97.19 -2.69
C GLU W 418 -6.74 96.42 -3.92
N ALA W 419 -5.93 97.07 -4.76
CA ALA W 419 -5.53 96.46 -6.02
C ALA W 419 -4.58 95.28 -5.81
N MET W 420 -3.70 95.38 -4.82
CA MET W 420 -2.69 94.34 -4.63
C MET W 420 -3.18 93.18 -3.77
N GLY W 421 -4.40 93.21 -3.27
CA GLY W 421 -4.92 92.13 -2.46
C GLY W 421 -4.20 91.95 -1.15
N PHE W 422 -3.99 93.05 -0.43
CA PHE W 422 -3.24 93.03 0.82
C PHE W 422 -3.87 92.08 1.83
N SER W 423 -3.04 91.27 2.49
CA SER W 423 -3.48 90.38 3.56
C SER W 423 -2.49 90.50 4.71
N ASP W 424 -2.98 90.92 5.86
CA ASP W 424 -2.10 91.10 7.02
C ASP W 424 -1.57 89.77 7.52
N LYS W 425 -2.38 88.71 7.46
CA LYS W 425 -1.93 87.39 7.88
C LYS W 425 -0.80 86.86 7.00
N ARG W 426 -0.78 87.27 5.73
CA ARG W 426 0.27 86.84 4.81
C ARG W 426 1.54 87.68 4.91
N GLY W 427 1.53 88.71 5.76
CA GLY W 427 2.71 89.56 5.92
C GLY W 427 3.05 90.40 4.70
N ASP W 428 2.05 90.91 4.00
CA ASP W 428 2.30 91.78 2.86
C ASP W 428 2.81 93.14 3.32
N THR W 429 3.54 93.81 2.44
CA THR W 429 4.14 95.10 2.76
C THR W 429 4.04 96.03 1.56
N LEU W 430 3.61 97.27 1.81
CA LEU W 430 3.42 98.27 0.76
C LEU W 430 4.11 99.57 1.16
N ASN W 431 4.74 100.22 0.18
CA ASN W 431 5.37 101.51 0.42
C ASN W 431 5.12 102.42 -0.79
N VAL W 432 4.65 103.64 -0.52
CA VAL W 432 4.35 104.62 -1.55
C VAL W 432 5.15 105.89 -1.26
N VAL W 433 5.81 106.41 -2.30
CA VAL W 433 6.67 107.58 -2.18
C VAL W 433 6.27 108.60 -3.24
N ASN W 434 6.15 109.86 -2.84
CA ASN W 434 5.85 110.96 -3.74
C ASN W 434 7.11 111.81 -3.91
N SER W 435 7.57 111.95 -5.15
CA SER W 435 8.80 112.67 -5.44
C SER W 435 8.74 113.17 -6.88
N PRO W 436 9.29 114.34 -7.16
CA PRO W 436 9.29 114.84 -8.55
C PRO W 436 10.07 113.92 -9.47
N PHE W 437 9.56 113.77 -10.69
CA PHE W 437 10.19 112.91 -11.69
C PHE W 437 11.38 113.61 -12.33
N SER W 438 12.31 112.81 -12.83
CA SER W 438 13.51 113.34 -13.48
C SER W 438 13.42 113.14 -15.00
N ASP X 229 28.18 69.86 -15.20
CA ASP X 229 26.83 69.59 -15.71
C ASP X 229 25.79 70.29 -14.84
N LEU X 230 25.51 69.69 -13.68
CA LEU X 230 24.53 70.28 -12.76
C LEU X 230 25.05 71.59 -12.17
N ASN X 231 26.36 71.67 -11.93
CA ASN X 231 26.93 72.87 -11.32
C ASN X 231 26.74 74.08 -12.22
N ASP X 232 26.94 73.91 -13.53
CA ASP X 232 26.72 75.02 -14.46
C ASP X 232 25.27 75.46 -14.47
N ALA X 233 24.35 74.49 -14.39
CA ALA X 233 22.93 74.84 -14.34
C ALA X 233 22.60 75.62 -13.07
N GLN X 234 23.15 75.22 -11.93
CA GLN X 234 22.96 75.98 -10.72
C GLN X 234 23.51 77.38 -10.86
N LEU X 235 24.70 77.51 -11.47
CA LEU X 235 25.31 78.82 -11.65
C LEU X 235 24.45 79.73 -12.53
N LYS X 236 23.93 79.22 -13.65
CA LYS X 236 23.19 80.12 -14.52
C LYS X 236 21.82 80.44 -13.94
N PHE X 237 21.22 79.50 -13.20
CA PHE X 237 19.96 79.83 -12.52
C PHE X 237 20.18 80.92 -11.47
N ALA X 238 21.26 80.84 -10.71
CA ALA X 238 21.59 81.90 -9.76
C ALA X 238 21.82 83.22 -10.49
N ASN X 239 22.49 83.17 -11.64
CA ASN X 239 22.75 84.38 -12.41
C ASN X 239 21.44 85.02 -12.89
N ASP X 240 20.50 84.20 -13.36
CA ASP X 240 19.20 84.74 -13.79
C ASP X 240 18.43 85.35 -12.62
N VAL X 241 18.44 84.69 -11.46
CA VAL X 241 17.76 85.27 -10.30
C VAL X 241 18.37 86.62 -9.93
N GLU X 242 19.70 86.68 -9.90
CA GLU X 242 20.37 87.93 -9.56
C GLU X 242 20.09 89.02 -10.59
N SER X 243 20.06 88.65 -11.87
CA SER X 243 19.77 89.62 -12.92
C SER X 243 18.34 90.13 -12.82
N ARG X 244 17.39 89.26 -12.48
CA ARG X 244 16.01 89.69 -12.30
C ARG X 244 15.90 90.69 -11.15
N ILE X 245 16.56 90.40 -10.03
CA ILE X 245 16.50 91.31 -8.89
C ILE X 245 17.15 92.64 -9.25
N GLN X 246 18.30 92.60 -9.93
CA GLN X 246 18.99 93.82 -10.33
C GLN X 246 18.13 94.65 -11.28
N ARG X 247 17.46 94.00 -12.23
CA ARG X 247 16.61 94.72 -13.16
C ARG X 247 15.44 95.37 -12.44
N ARG X 248 14.84 94.66 -11.49
CA ARG X 248 13.74 95.25 -10.72
C ARG X 248 14.22 96.47 -9.94
N ILE X 249 15.37 96.37 -9.29
CA ILE X 249 15.89 97.49 -8.51
C ILE X 249 16.19 98.68 -9.40
N GLU X 250 16.84 98.43 -10.55
CA GLU X 250 17.16 99.52 -11.47
C GLU X 250 15.90 100.18 -12.01
N ALA X 251 14.89 99.38 -12.35
CA ALA X 251 13.65 99.94 -12.87
C ALA X 251 12.93 100.78 -11.83
N ILE X 252 12.90 100.33 -10.57
CA ILE X 252 12.19 101.10 -9.56
C ILE X 252 12.96 102.36 -9.19
N LEU X 253 14.29 102.32 -9.19
CA LEU X 253 15.07 103.47 -8.76
C LEU X 253 15.39 104.45 -9.89
N SER X 254 15.17 104.06 -11.15
CA SER X 254 15.53 104.93 -12.28
C SER X 254 14.77 106.25 -12.31
N PRO X 255 13.42 106.28 -12.18
CA PRO X 255 12.71 107.54 -12.41
C PRO X 255 13.12 108.69 -11.49
N ILE X 256 13.50 108.40 -10.25
CA ILE X 256 13.74 109.47 -9.28
C ILE X 256 15.13 110.07 -9.46
N VAL X 257 16.17 109.25 -9.26
CA VAL X 257 17.53 109.77 -9.24
C VAL X 257 17.99 110.15 -10.65
N GLY X 258 17.53 109.42 -11.65
CA GLY X 258 17.94 109.68 -13.01
C GLY X 258 18.09 108.39 -13.79
N ASN X 259 18.23 108.54 -15.11
CA ASN X 259 18.31 107.38 -15.98
C ASN X 259 19.56 106.55 -15.72
N GLY X 260 20.70 107.20 -15.55
CA GLY X 260 21.95 106.49 -15.38
C GLY X 260 22.77 106.95 -14.19
N ASN X 261 22.11 107.34 -13.10
CA ASN X 261 22.78 107.81 -11.90
C ASN X 261 22.66 106.81 -10.75
N VAL X 262 22.53 105.52 -11.07
CA VAL X 262 22.36 104.50 -10.05
C VAL X 262 22.88 103.17 -10.60
N HIS X 263 23.54 102.41 -9.73
CA HIS X 263 24.00 101.07 -10.05
C HIS X 263 23.76 100.17 -8.86
N ALA X 264 23.55 98.88 -9.12
CA ALA X 264 23.29 97.91 -8.07
C ALA X 264 23.89 96.56 -8.45
N GLN X 265 24.21 95.78 -7.42
CA GLN X 265 24.72 94.43 -7.58
C GLN X 265 24.08 93.53 -6.54
N VAL X 266 23.69 92.32 -6.95
CA VAL X 266 22.97 91.39 -6.09
C VAL X 266 23.68 90.04 -6.11
N THR X 267 23.88 89.47 -4.93
CA THR X 267 24.40 88.11 -4.78
C THR X 267 23.43 87.29 -3.94
N ALA X 268 23.22 86.04 -4.34
CA ALA X 268 22.22 85.20 -3.71
C ALA X 268 22.80 83.82 -3.39
N GLN X 269 22.27 83.21 -2.34
CA GLN X 269 22.59 81.84 -1.96
C GLN X 269 21.35 80.98 -2.13
N LEU X 270 21.54 79.79 -2.69
CA LEU X 270 20.44 78.90 -3.02
C LEU X 270 20.64 77.54 -2.37
N ASP X 271 19.53 76.89 -2.03
CA ASP X 271 19.54 75.56 -1.42
C ASP X 271 19.24 74.53 -2.50
N PHE X 272 20.18 73.61 -2.72
CA PHE X 272 20.06 72.59 -3.75
C PHE X 272 19.98 71.18 -3.16
N ALA X 273 19.69 71.05 -1.87
CA ALA X 273 19.60 69.75 -1.22
C ALA X 273 18.19 69.18 -1.36
N ASN X 274 18.10 67.86 -1.21
CA ASN X 274 16.83 67.15 -1.26
C ASN X 274 16.40 66.80 0.15
N LYS X 275 15.19 67.22 0.53
CA LYS X 275 14.67 67.01 1.87
C LYS X 275 13.27 66.43 1.81
N GLU X 276 12.95 65.61 2.81
CA GLU X 276 11.62 65.06 3.00
C GLU X 276 11.28 65.12 4.48
N GLN X 277 9.99 65.20 4.79
CA GLN X 277 9.57 65.32 6.18
C GLN X 277 8.22 64.63 6.37
N THR X 278 8.09 63.95 7.51
CA THR X 278 6.84 63.32 7.92
C THR X 278 6.58 63.65 9.39
N GLU X 279 5.41 64.19 9.68
CA GLU X 279 5.05 64.62 11.02
C GLU X 279 3.77 63.95 11.47
N GLU X 280 3.78 63.43 12.69
CA GLU X 280 2.61 62.83 13.32
C GLU X 280 2.36 63.51 14.65
N HIS X 281 1.10 63.88 14.90
N HIS X 281 1.10 63.88 14.90
CA HIS X 281 0.74 64.60 16.12
CA HIS X 281 0.74 64.61 16.11
C HIS X 281 -0.54 64.02 16.70
C HIS X 281 -0.54 64.03 16.70
N TYR X 282 -0.64 64.07 18.03
CA TYR X 282 -1.79 63.57 18.75
C TYR X 282 -2.31 64.64 19.70
N SER X 283 -3.63 64.63 19.93
CA SER X 283 -4.26 65.56 20.85
C SER X 283 -4.30 64.99 22.25
N PRO X 284 -3.82 65.71 23.26
CA PRO X 284 -3.83 65.18 24.63
C PRO X 284 -5.24 65.01 25.14
N ASN X 285 -5.43 63.99 25.98
CA ASN X 285 -6.73 63.67 26.58
C ASN X 285 -6.61 63.53 28.09
N GLY X 286 -5.77 64.36 28.71
CA GLY X 286 -5.59 64.30 30.15
C GLY X 286 -6.77 64.79 30.95
N ASP X 287 -7.64 65.60 30.34
CA ASP X 287 -8.82 66.12 30.99
C ASP X 287 -10.02 65.25 30.66
N ALA X 288 -10.78 64.87 31.69
CA ALA X 288 -11.94 64.01 31.48
C ALA X 288 -13.05 64.69 30.68
N SER X 289 -13.08 66.03 30.66
CA SER X 289 -14.11 66.73 29.91
C SER X 289 -13.85 66.72 28.41
N LYS X 290 -12.66 66.31 27.98
CA LYS X 290 -12.32 66.27 26.57
C LYS X 290 -11.95 64.88 26.07
N ALA X 291 -11.99 63.87 26.93
CA ALA X 291 -11.62 62.52 26.53
C ALA X 291 -12.78 61.84 25.79
N THR X 292 -12.44 60.82 25.01
CA THR X 292 -13.41 60.03 24.26
C THR X 292 -13.22 58.57 24.64
N LEU X 293 -14.19 58.01 25.36
CA LEU X 293 -14.12 56.64 25.84
C LEU X 293 -14.80 55.69 24.86
N ARG X 294 -14.35 54.45 24.86
CA ARG X 294 -14.95 53.39 24.06
C ARG X 294 -15.54 52.26 24.91
N SER X 295 -14.85 51.87 25.98
CA SER X 295 -15.37 50.84 26.89
C SER X 295 -14.76 51.08 28.27
N ARG X 296 -15.60 51.08 29.29
CA ARG X 296 -15.18 51.36 30.65
C ARG X 296 -15.78 50.35 31.61
N GLN X 297 -14.97 49.89 32.56
CA GLN X 297 -15.41 48.98 33.61
C GLN X 297 -15.02 49.58 34.96
N LEU X 298 -15.98 49.64 35.89
CA LEU X 298 -15.75 50.25 37.19
C LEU X 298 -16.37 49.35 38.27
N ASN X 299 -15.54 48.87 39.19
CA ASN X 299 -15.98 48.02 40.28
C ASN X 299 -15.69 48.73 41.60
N ILE X 300 -16.70 48.81 42.47
CA ILE X 300 -16.57 49.47 43.76
C ILE X 300 -17.10 48.55 44.84
N SER X 301 -16.36 48.45 45.95
CA SER X 301 -16.77 47.65 47.09
C SER X 301 -16.46 48.43 48.37
N GLU X 302 -17.24 48.16 49.41
CA GLU X 302 -17.05 48.85 50.69
C GLU X 302 -17.72 48.04 51.80
N GLN X 303 -16.93 47.69 52.81
CA GLN X 303 -17.45 47.03 54.00
C GLN X 303 -17.22 47.94 55.20
N VAL X 304 -18.22 48.02 56.08
CA VAL X 304 -18.11 48.85 57.27
C VAL X 304 -18.45 48.03 58.51
N PRO X 355 -13.30 49.23 61.92
CA PRO X 355 -12.95 48.41 60.76
C PRO X 355 -13.60 48.90 59.47
N ARG X 356 -12.80 49.49 58.58
CA ARG X 356 -13.30 50.02 57.31
C ARG X 356 -12.47 49.45 56.17
N SER X 357 -13.14 48.93 55.16
CA SER X 357 -12.50 48.38 53.97
C SER X 357 -13.05 49.05 52.72
N THR X 358 -12.17 49.39 51.79
CA THR X 358 -12.55 50.03 50.55
C THR X 358 -11.72 49.47 49.41
N GLN X 359 -12.38 49.21 48.28
CA GLN X 359 -11.71 48.68 47.09
C GLN X 359 -12.32 49.32 45.86
N ARG X 360 -11.47 49.72 44.91
CA ARG X 360 -11.92 50.38 43.70
C ARG X 360 -11.06 49.92 42.53
N ASN X 361 -11.70 49.38 41.50
CA ASN X 361 -11.04 48.93 40.29
C ASN X 361 -11.61 49.69 39.10
N GLU X 362 -10.75 50.00 38.13
CA GLU X 362 -11.18 50.78 36.98
C GLU X 362 -10.32 50.43 35.77
N THR X 363 -10.97 50.31 34.60
CA THR X 363 -10.30 50.08 33.33
C THR X 363 -10.93 50.96 32.27
N SER X 364 -10.10 51.55 31.42
CA SER X 364 -10.59 52.48 30.41
C SER X 364 -9.89 52.24 29.08
N ASN X 365 -10.62 52.51 28.00
CA ASN X 365 -10.09 52.47 26.65
C ASN X 365 -10.52 53.73 25.92
N TYR X 366 -9.58 54.35 25.20
CA TYR X 366 -9.78 55.68 24.65
C TYR X 366 -9.67 55.67 23.13
N GLU X 367 -10.29 56.68 22.52
CA GLU X 367 -10.11 57.00 21.11
C GLU X 367 -9.46 58.38 21.02
N VAL X 368 -8.48 58.51 20.14
CA VAL X 368 -7.65 59.71 20.09
C VAL X 368 -7.68 60.31 18.69
N ASP X 369 -7.46 61.62 18.63
CA ASP X 369 -7.36 62.34 17.37
C ASP X 369 -5.91 62.45 16.95
N ARG X 370 -5.64 62.18 15.68
CA ARG X 370 -4.27 62.19 15.17
C ARG X 370 -4.22 62.94 13.85
N THR X 371 -3.05 63.52 13.57
CA THR X 371 -2.80 64.28 12.36
C THR X 371 -1.48 63.84 11.75
N ILE X 372 -1.47 63.60 10.44
CA ILE X 372 -0.30 63.14 9.71
C ILE X 372 -0.06 64.09 8.54
N ARG X 373 1.18 64.55 8.38
N ARG X 373 1.18 64.56 8.39
CA ARG X 373 1.55 65.46 7.31
CA ARG X 373 1.55 65.46 7.31
C ARG X 373 2.82 64.97 6.63
C ARG X 373 2.83 64.97 6.63
N HIS X 374 2.84 65.02 5.31
CA HIS X 374 4.00 64.64 4.51
C HIS X 374 4.39 65.81 3.63
N THR X 375 5.68 66.12 3.60
CA THR X 375 6.17 67.29 2.87
C THR X 375 7.44 66.93 2.11
N LYS X 376 7.49 67.36 0.85
CA LYS X 376 8.69 67.24 0.01
C LYS X 376 9.08 68.64 -0.44
N MET X 377 10.27 69.08 -0.06
CA MET X 377 10.69 70.45 -0.29
C MET X 377 11.10 70.65 -1.75
N ASN X 378 11.20 71.92 -2.14
CA ASN X 378 11.57 72.31 -3.49
C ASN X 378 13.07 72.58 -3.57
N VAL X 379 13.66 72.25 -4.70
CA VAL X 379 15.09 72.43 -4.93
C VAL X 379 15.31 73.74 -5.65
N GLY X 380 16.12 74.62 -5.06
CA GLY X 380 16.44 75.90 -5.69
C GLY X 380 15.78 77.08 -5.03
N ASP X 381 15.70 77.07 -3.70
CA ASP X 381 15.07 78.15 -2.95
C ASP X 381 16.13 79.10 -2.39
N ILE X 382 15.77 80.37 -2.30
CA ILE X 382 16.69 81.40 -1.82
C ILE X 382 16.85 81.28 -0.31
N GLU X 383 18.08 81.46 0.17
CA GLU X 383 18.39 81.42 1.59
C GLU X 383 18.80 82.76 2.17
N ARG X 384 19.55 83.57 1.42
CA ARG X 384 20.04 84.84 1.92
C ARG X 384 20.28 85.77 0.75
N LEU X 385 20.20 87.08 1.02
CA LEU X 385 20.38 88.11 0.01
C LEU X 385 21.28 89.21 0.55
N SER X 386 22.19 89.69 -0.31
CA SER X 386 23.06 90.82 0.00
C SER X 386 23.02 91.78 -1.18
N VAL X 387 22.67 93.04 -0.91
CA VAL X 387 22.46 94.03 -1.97
C VAL X 387 23.30 95.27 -1.67
N ALA X 388 24.00 95.75 -2.69
CA ALA X 388 24.79 96.98 -2.62
C ALA X 388 24.30 97.94 -3.70
N VAL X 389 24.04 99.18 -3.32
CA VAL X 389 23.54 100.21 -4.22
C VAL X 389 24.43 101.44 -4.10
N VAL X 390 24.78 102.02 -5.24
CA VAL X 390 25.58 103.24 -5.30
C VAL X 390 24.80 104.29 -6.10
N VAL X 391 24.67 105.48 -5.54
CA VAL X 391 23.94 106.57 -6.19
C VAL X 391 24.86 107.76 -6.38
N ASN X 392 24.56 108.56 -7.40
CA ASN X 392 25.38 109.70 -7.79
C ASN X 392 24.94 110.96 -7.05
N TYR X 393 25.82 111.96 -7.05
CA TYR X 393 25.50 113.25 -6.47
C TYR X 393 24.54 114.02 -7.37
N LYS X 394 23.92 115.05 -6.80
CA LYS X 394 22.99 115.91 -7.53
C LYS X 394 23.76 117.09 -8.11
N THR X 395 23.73 117.22 -9.43
CA THR X 395 24.43 118.29 -10.13
C THR X 395 23.43 119.33 -10.62
N LEU X 396 23.71 120.60 -10.32
CA LEU X 396 22.83 121.69 -10.73
C LEU X 396 23.31 122.31 -12.03
N PRO X 401 27.45 118.83 -8.09
CA PRO X 401 28.30 118.31 -7.02
C PRO X 401 27.74 118.60 -5.63
N LEU X 402 26.45 118.34 -5.45
CA LEU X 402 25.78 118.56 -4.18
C LEU X 402 25.26 117.24 -3.63
N PRO X 403 25.56 116.91 -2.37
CA PRO X 403 25.07 115.64 -1.82
C PRO X 403 23.55 115.65 -1.65
N LEU X 404 22.96 114.45 -1.74
CA LEU X 404 21.52 114.31 -1.60
C LEU X 404 21.09 114.46 -0.14
N THR X 405 19.84 114.85 0.04
CA THR X 405 19.29 115.04 1.38
C THR X 405 19.10 113.69 2.06
N ALA X 406 19.07 113.73 3.40
CA ALA X 406 18.90 112.51 4.18
C ALA X 406 17.53 111.87 3.93
N ASP X 407 16.49 112.68 3.75
CA ASP X 407 15.17 112.15 3.47
C ASP X 407 15.14 111.41 2.14
N GLN X 408 15.82 111.95 1.12
CA GLN X 408 15.92 111.26 -0.16
C GLN X 408 16.63 109.92 -0.01
N MET X 409 17.70 109.89 0.79
CA MET X 409 18.40 108.63 1.04
C MET X 409 17.50 107.62 1.74
N LYS X 410 16.72 108.08 2.72
CA LYS X 410 15.81 107.18 3.41
C LYS X 410 14.75 106.63 2.46
N GLN X 411 14.21 107.48 1.59
CA GLN X 411 13.24 107.01 0.61
C GLN X 411 13.86 106.00 -0.35
N ILE X 412 15.10 106.25 -0.78
CA ILE X 412 15.78 105.31 -1.68
C ILE X 412 15.99 103.97 -0.99
N GLU X 413 16.41 104.00 0.28
CA GLU X 413 16.59 102.74 1.01
C GLU X 413 15.28 101.99 1.16
N ASP X 414 14.19 102.71 1.45
CA ASP X 414 12.88 102.06 1.58
C ASP X 414 12.46 101.43 0.25
N LEU X 415 12.65 102.14 -0.85
CA LEU X 415 12.27 101.60 -2.16
C LEU X 415 13.11 100.38 -2.51
N THR X 416 14.41 100.42 -2.22
CA THR X 416 15.26 99.25 -2.47
C THR X 416 14.85 98.07 -1.60
N ARG X 417 14.50 98.34 -0.33
CA ARG X 417 14.04 97.28 0.56
C ARG X 417 12.77 96.63 0.02
N GLU X 418 11.84 97.45 -0.49
CA GLU X 418 10.64 96.91 -1.11
C GLU X 418 10.96 96.09 -2.35
N ALA X 419 11.87 96.59 -3.20
CA ALA X 419 12.14 95.93 -4.47
C ALA X 419 12.85 94.60 -4.28
N MET X 420 13.75 94.51 -3.30
CA MET X 420 14.56 93.32 -3.14
C MET X 420 13.87 92.24 -2.30
N GLY X 421 12.67 92.50 -1.78
CA GLY X 421 11.98 91.51 -0.99
C GLY X 421 12.68 91.18 0.31
N PHE X 422 13.09 92.21 1.05
CA PHE X 422 13.83 92.02 2.29
C PHE X 422 13.03 91.20 3.29
N SER X 423 13.71 90.24 3.93
CA SER X 423 13.14 89.41 4.99
C SER X 423 14.14 89.34 6.13
N ASP X 424 13.74 89.82 7.30
CA ASP X 424 14.65 89.82 8.45
C ASP X 424 14.94 88.40 8.92
N LYS X 425 13.94 87.51 8.85
CA LYS X 425 14.15 86.13 9.25
C LYS X 425 15.15 85.41 8.35
N ARG X 426 15.24 85.83 7.08
CA ARG X 426 16.18 85.24 6.14
C ARG X 426 17.57 85.83 6.24
N GLY X 427 17.78 86.83 7.10
CA GLY X 427 19.08 87.44 7.26
C GLY X 427 19.57 88.22 6.06
N ASP X 428 18.67 88.92 5.37
CA ASP X 428 19.07 89.75 4.24
C ASP X 428 19.82 90.99 4.72
N THR X 429 20.65 91.53 3.84
CA THR X 429 21.48 92.69 4.17
C THR X 429 21.53 93.64 2.98
N LEU X 430 21.35 94.93 3.26
CA LEU X 430 21.34 95.97 2.23
C LEU X 430 22.26 97.11 2.64
N ASN X 431 22.98 97.66 1.67
CA ASN X 431 23.85 98.81 1.91
C ASN X 431 23.75 99.76 0.72
N VAL X 432 23.51 101.04 1.02
CA VAL X 432 23.38 102.08 0.00
C VAL X 432 24.41 103.17 0.30
N VAL X 433 25.14 103.59 -0.73
CA VAL X 433 26.20 104.58 -0.61
C VAL X 433 25.98 105.66 -1.65
N ASN X 434 26.11 106.92 -1.22
CA ASN X 434 26.00 108.07 -2.11
C ASN X 434 27.39 108.68 -2.28
N SER X 435 27.85 108.76 -3.52
CA SER X 435 29.19 109.25 -3.81
C SER X 435 29.22 109.76 -5.25
N PRO X 436 29.97 110.83 -5.52
CA PRO X 436 30.05 111.34 -6.90
C PRO X 436 30.63 110.31 -7.85
N PHE X 437 30.09 110.28 -9.06
CA PHE X 437 30.55 109.34 -10.07
C PHE X 437 31.83 109.82 -10.72
N SER X 438 32.61 108.87 -11.24
CA SER X 438 33.87 109.18 -11.91
C SER X 438 33.73 109.04 -13.43
N ASP Y 229 40.33 63.79 -14.47
CA ASP Y 229 38.96 63.78 -14.97
C ASP Y 229 38.07 64.64 -14.07
N LEU Y 230 37.68 64.09 -12.92
CA LEU Y 230 36.84 64.83 -11.98
C LEU Y 230 37.60 66.01 -11.38
N ASN Y 231 38.91 65.85 -11.15
CA ASN Y 231 39.69 66.92 -10.53
C ASN Y 231 39.72 68.16 -11.41
N ASP Y 232 39.87 67.97 -12.73
CA ASP Y 232 39.85 69.11 -13.63
C ASP Y 232 38.50 69.81 -13.62
N ALA Y 233 37.41 69.03 -13.55
CA ALA Y 233 36.08 69.63 -13.47
C ALA Y 233 35.92 70.44 -12.19
N GLN Y 234 36.40 69.92 -11.06
CA GLN Y 234 36.36 70.69 -9.83
C GLN Y 234 37.16 71.97 -9.96
N LEU Y 235 38.34 71.88 -10.59
CA LEU Y 235 39.18 73.06 -10.75
C LEU Y 235 38.50 74.13 -11.61
N LYS Y 236 37.88 73.74 -12.73
CA LYS Y 236 37.31 74.78 -13.57
C LYS Y 236 36.02 75.33 -12.97
N PHE Y 237 35.27 74.51 -12.23
CA PHE Y 237 34.10 75.04 -11.53
C PHE Y 237 34.52 76.06 -10.48
N ALA Y 238 35.58 75.76 -9.73
CA ALA Y 238 36.10 76.74 -8.77
C ALA Y 238 36.56 78.01 -9.48
N ASN Y 239 37.21 77.86 -10.63
CA ASN Y 239 37.67 79.00 -11.39
C ASN Y 239 36.49 79.88 -11.84
N ASP Y 240 35.41 79.27 -12.32
CA ASP Y 240 34.24 80.04 -12.72
C ASP Y 240 33.59 80.75 -11.54
N VAL Y 241 33.51 80.09 -10.38
CA VAL Y 241 32.95 80.76 -9.20
C VAL Y 241 33.80 81.97 -8.82
N GLU Y 242 35.13 81.79 -8.81
CA GLU Y 242 36.02 82.88 -8.46
C GLU Y 242 35.92 84.03 -9.47
N SER Y 243 35.81 83.69 -10.75
CA SER Y 243 35.70 84.71 -11.79
C SER Y 243 34.39 85.47 -11.66
N ARG Y 244 33.30 84.78 -11.32
CA ARG Y 244 32.02 85.47 -11.12
C ARG Y 244 32.10 86.44 -9.95
N ILE Y 245 32.71 86.01 -8.84
CA ILE Y 245 32.83 86.90 -7.69
C ILE Y 245 33.71 88.10 -8.03
N GLN Y 246 34.82 87.86 -8.73
CA GLN Y 246 35.72 88.94 -9.12
C GLN Y 246 35.02 89.93 -10.05
N ARG Y 247 34.24 89.42 -11.00
CA ARG Y 247 33.52 90.30 -11.91
C ARG Y 247 32.50 91.15 -11.17
N ARG Y 248 31.77 90.55 -10.22
CA ARG Y 248 30.82 91.31 -9.43
C ARG Y 248 31.51 92.41 -8.63
N ILE Y 249 32.65 92.09 -8.00
CA ILE Y 249 33.36 93.08 -7.20
C ILE Y 249 33.87 94.21 -8.08
N GLU Y 250 34.45 93.87 -9.24
CA GLU Y 250 34.95 94.90 -10.15
C GLU Y 250 33.83 95.79 -10.67
N ALA Y 251 32.69 95.19 -11.01
CA ALA Y 251 31.56 95.97 -11.51
C ALA Y 251 31.02 96.91 -10.44
N ILE Y 252 30.93 96.45 -9.19
CA ILE Y 252 30.38 97.32 -8.15
C ILE Y 252 31.36 98.42 -7.78
N LEU Y 253 32.66 98.13 -7.79
CA LEU Y 253 33.65 99.11 -7.36
C LEU Y 253 34.12 100.04 -8.48
N SER Y 254 33.83 99.71 -9.74
CA SER Y 254 34.33 100.52 -10.85
C SER Y 254 33.82 101.96 -10.85
N PRO Y 255 32.51 102.23 -10.71
CA PRO Y 255 32.03 103.61 -10.92
C PRO Y 255 32.66 104.65 -9.98
N ILE Y 256 33.00 104.27 -8.75
CA ILE Y 256 33.43 105.27 -7.76
C ILE Y 256 34.92 105.60 -7.95
N VAL Y 257 35.78 104.60 -7.78
CA VAL Y 257 37.22 104.86 -7.77
C VAL Y 257 37.72 105.18 -9.18
N GLY Y 258 37.14 104.57 -10.18
CA GLY Y 258 37.57 104.77 -11.55
C GLY Y 258 37.47 103.49 -12.35
N ASN Y 259 37.62 103.63 -13.66
CA ASN Y 259 37.48 102.49 -14.56
C ASN Y 259 38.56 101.45 -14.32
N GLY Y 260 39.80 101.88 -14.15
CA GLY Y 260 40.90 100.94 -14.01
C GLY Y 260 41.81 101.22 -12.83
N ASN Y 261 41.24 101.71 -11.72
CA ASN Y 261 41.99 102.03 -10.52
C ASN Y 261 41.70 101.05 -9.39
N VAL Y 262 41.34 99.81 -9.73
CA VAL Y 262 41.00 98.82 -8.72
C VAL Y 262 41.25 97.43 -9.29
N HIS Y 263 41.77 96.54 -8.44
CA HIS Y 263 41.98 95.14 -8.79
C HIS Y 263 41.59 94.28 -7.61
N ALA Y 264 41.15 93.06 -7.89
CA ALA Y 264 40.71 92.13 -6.85
C ALA Y 264 41.06 90.71 -7.26
N GLN Y 265 41.25 89.86 -6.24
CA GLN Y 265 41.49 88.43 -6.44
C GLN Y 265 40.70 87.66 -5.40
N VAL Y 266 40.10 86.55 -5.82
CA VAL Y 266 39.23 85.75 -4.97
C VAL Y 266 39.68 84.30 -5.02
N THR Y 267 39.78 83.67 -3.85
CA THR Y 267 40.05 82.25 -3.73
C THR Y 267 38.96 81.61 -2.89
N ALA Y 268 38.51 80.42 -3.30
CA ALA Y 268 37.37 79.76 -2.68
C ALA Y 268 37.70 78.29 -2.39
N GLN Y 269 37.08 77.78 -1.34
CA GLN Y 269 37.15 76.37 -0.98
C GLN Y 269 35.77 75.74 -1.15
N LEU Y 270 35.73 74.55 -1.73
CA LEU Y 270 34.48 73.88 -2.06
C LEU Y 270 34.44 72.49 -1.44
N ASP Y 271 33.24 72.06 -1.09
CA ASP Y 271 33.01 70.74 -0.50
C ASP Y 271 32.52 69.79 -1.59
N PHE Y 272 33.27 68.72 -1.84
CA PHE Y 272 32.95 67.75 -2.88
C PHE Y 272 32.62 66.38 -2.32
N ALA Y 273 32.33 66.28 -1.02
CA ALA Y 273 32.01 65.01 -0.39
C ALA Y 273 30.52 64.71 -0.52
N ASN Y 274 30.18 63.43 -0.39
CA ASN Y 274 28.80 62.96 -0.44
C ASN Y 274 28.33 62.67 0.97
N LYS Y 275 27.22 63.30 1.37
CA LYS Y 275 26.69 63.16 2.72
C LYS Y 275 25.20 62.85 2.67
N GLU Y 276 24.76 62.08 3.66
CA GLU Y 276 23.34 61.78 3.86
C GLU Y 276 23.04 61.87 5.35
N GLN Y 277 21.78 62.18 5.66
CA GLN Y 277 21.41 62.35 7.07
C GLN Y 277 19.96 61.92 7.26
N THR Y 278 19.71 61.25 8.39
CA THR Y 278 18.37 60.86 8.81
C THR Y 278 18.19 61.21 10.28
N GLU Y 279 17.14 61.95 10.59
CA GLU Y 279 16.89 62.41 11.95
C GLU Y 279 15.49 61.97 12.40
N GLU Y 280 15.42 61.44 13.62
CA GLU Y 280 14.17 61.05 14.25
C GLU Y 280 14.07 61.74 15.60
N HIS Y 281 12.90 62.34 15.87
N HIS Y 281 12.90 62.33 15.87
CA HIS Y 281 12.70 63.08 17.10
CA HIS Y 281 12.69 63.09 17.09
C HIS Y 281 11.33 62.74 17.68
C HIS Y 281 11.33 62.75 17.68
N TYR Y 282 11.25 62.79 19.02
CA TYR Y 282 10.03 62.49 19.75
C TYR Y 282 9.73 63.62 20.72
N SER Y 283 8.43 63.85 20.96
CA SER Y 283 7.99 64.87 21.91
C SER Y 283 7.86 64.28 23.30
N PRO Y 284 8.48 64.89 24.32
CA PRO Y 284 8.38 64.34 25.67
C PRO Y 284 6.96 64.43 26.20
N ASN Y 285 6.59 63.44 27.03
CA ASN Y 285 5.28 63.35 27.64
C ASN Y 285 5.38 63.17 29.14
N GLY Y 286 6.36 63.82 29.76
CA GLY Y 286 6.54 63.70 31.20
C GLY Y 286 5.47 64.40 32.02
N ASP Y 287 4.77 65.36 31.43
CA ASP Y 287 3.70 66.08 32.12
C ASP Y 287 2.37 65.43 31.79
N ALA Y 288 1.55 65.19 32.81
CA ALA Y 288 0.26 64.56 32.61
C ALA Y 288 -0.71 65.44 31.83
N SER Y 289 -0.50 66.76 31.83
CA SER Y 289 -1.40 67.66 31.11
C SER Y 289 -1.15 67.63 29.60
N LYS Y 290 -0.07 67.01 29.15
CA LYS Y 290 0.25 66.93 27.73
C LYS Y 290 0.36 65.50 27.21
N ALA Y 291 0.15 64.51 28.05
CA ALA Y 291 0.25 63.12 27.63
C ALA Y 291 -1.02 62.67 26.89
N THR Y 292 -0.88 61.63 26.10
CA THR Y 292 -1.98 61.04 25.35
C THR Y 292 -2.06 59.56 25.70
N LEU Y 293 -3.10 59.18 26.43
CA LEU Y 293 -3.28 57.81 26.88
C LEU Y 293 -4.14 57.02 25.89
N ARG Y 294 -3.92 55.70 25.87
CA ARG Y 294 -4.71 54.79 25.06
C ARG Y 294 -5.48 53.78 25.90
N SER Y 295 -4.88 53.25 26.96
CA SER Y 295 -5.56 52.32 27.86
C SER Y 295 -4.91 52.41 29.23
N ARG Y 296 -5.73 52.55 30.26
CA ARG Y 296 -5.25 52.73 31.62
C ARG Y 296 -6.01 51.82 32.57
N GLN Y 297 -5.29 51.20 33.51
CA GLN Y 297 -5.88 50.38 34.55
C GLN Y 297 -5.37 50.87 35.90
N LEU Y 298 -6.30 51.09 36.84
CA LEU Y 298 -5.96 51.62 38.15
C LEU Y 298 -6.72 50.84 39.22
N ASN Y 299 -5.98 50.20 40.12
CA ASN Y 299 -6.55 49.42 41.21
C ASN Y 299 -6.13 50.04 42.54
N ILE Y 300 -7.09 50.30 43.42
CA ILE Y 300 -6.85 50.90 44.72
C ILE Y 300 -7.52 50.07 45.79
N SER Y 301 -6.80 49.82 46.89
CA SER Y 301 -7.34 49.09 48.02
C SER Y 301 -6.87 49.77 49.31
N GLU Y 302 -7.68 49.63 50.36
CA GLU Y 302 -7.36 50.25 51.64
C GLU Y 302 -8.15 49.57 52.75
N GLN Y 303 -7.43 49.04 53.74
CA GLN Y 303 -8.04 48.48 54.93
C GLN Y 303 -7.64 49.32 56.14
N VAL Y 304 -8.59 49.56 57.03
CA VAL Y 304 -8.34 50.32 58.24
C VAL Y 304 -8.81 49.56 59.47
N PRO Y 355 -3.49 49.74 62.83
CA PRO Y 355 -3.31 48.89 61.65
C PRO Y 355 -3.87 49.52 60.38
N ARG Y 356 -2.99 49.98 59.49
CA ARG Y 356 -3.39 50.60 58.23
C ARG Y 356 -2.70 49.91 57.08
N SER Y 357 -3.46 49.55 56.06
CA SER Y 357 -2.93 48.90 54.86
C SER Y 357 -3.37 49.69 53.62
N THR Y 358 -2.45 49.87 52.69
CA THR Y 358 -2.71 50.60 51.46
C THR Y 358 -2.01 49.91 50.31
N GLN Y 359 -2.72 49.80 49.18
CA GLN Y 359 -2.17 49.17 47.98
C GLN Y 359 -2.67 49.93 46.76
N ARG Y 360 -1.77 50.19 45.81
CA ARG Y 360 -2.09 50.94 44.61
C ARG Y 360 -1.35 50.36 43.43
N ASN Y 361 -2.09 49.96 42.40
CA ASN Y 361 -1.54 49.42 41.17
C ASN Y 361 -1.96 50.29 40.00
N GLU Y 362 -1.07 50.45 39.02
CA GLU Y 362 -1.36 51.31 37.89
C GLU Y 362 -0.59 50.84 36.66
N THR Y 363 -1.25 50.86 35.51
CA THR Y 363 -0.65 50.53 34.23
C THR Y 363 -1.13 51.53 33.19
N SER Y 364 -0.22 51.97 32.33
CA SER Y 364 -0.52 53.00 31.35
C SER Y 364 0.10 52.65 30.00
N ASN Y 365 -0.58 53.06 28.93
CA ASN Y 365 -0.08 52.95 27.57
C ASN Y 365 -0.28 54.30 26.87
N TYR Y 366 0.75 54.74 26.15
CA TYR Y 366 0.79 56.09 25.63
C TYR Y 366 0.88 56.08 24.10
N GLU Y 367 0.45 57.21 23.52
CA GLU Y 367 0.68 57.52 22.11
C GLU Y 367 1.57 58.75 22.03
N VAL Y 368 2.55 58.72 21.14
CA VAL Y 368 3.58 59.74 21.09
C VAL Y 368 3.65 60.36 19.71
N ASP Y 369 4.10 61.62 19.66
CA ASP Y 369 4.32 62.32 18.42
C ASP Y 369 5.77 62.18 17.98
N ARG Y 370 5.97 61.88 16.70
CA ARG Y 370 7.31 61.65 16.17
C ARG Y 370 7.50 62.41 14.87
N THR Y 371 8.75 62.76 14.59
CA THR Y 371 9.12 63.49 13.38
C THR Y 371 10.33 62.82 12.75
N ILE Y 372 10.28 62.60 11.44
CA ILE Y 372 11.34 61.96 10.68
C ILE Y 372 11.73 62.86 9.52
N ARG Y 373 13.04 63.10 9.36
N ARG Y 373 13.04 63.10 9.37
CA ARG Y 373 13.56 63.93 8.30
CA ARG Y 373 13.57 63.94 8.30
C ARG Y 373 14.72 63.23 7.60
C ARG Y 373 14.71 63.22 7.60
N HIS Y 374 14.72 63.31 6.27
CA HIS Y 374 15.78 62.73 5.45
C HIS Y 374 16.38 63.83 4.58
N THR Y 375 17.71 63.91 4.55
CA THR Y 375 18.39 64.97 3.83
C THR Y 375 19.56 64.40 3.04
N LYS Y 376 19.70 64.83 1.79
CA LYS Y 376 20.84 64.52 0.94
C LYS Y 376 21.48 65.82 0.50
N MET Y 377 22.73 66.03 0.88
CA MET Y 377 23.39 67.31 0.66
C MET Y 377 23.82 67.45 -0.80
N ASN Y 378 24.14 68.70 -1.17
CA ASN Y 378 24.56 69.04 -2.52
C ASN Y 378 26.08 69.03 -2.61
N VAL Y 379 26.59 68.61 -3.76
CA VAL Y 379 28.03 68.53 -4.00
C VAL Y 379 28.48 69.80 -4.71
N GLY Y 380 29.44 70.50 -4.12
CA GLY Y 380 29.98 71.70 -4.73
C GLY Y 380 29.56 72.98 -4.04
N ASP Y 381 29.48 72.96 -2.71
CA ASP Y 381 29.08 74.12 -1.93
C ASP Y 381 30.30 74.85 -1.38
N ILE Y 382 30.16 76.17 -1.26
CA ILE Y 382 31.27 77.00 -0.78
C ILE Y 382 31.42 76.83 0.73
N GLU Y 383 32.66 76.77 1.19
CA GLU Y 383 32.97 76.65 2.61
C GLU Y 383 33.63 77.88 3.21
N ARG Y 384 34.51 78.55 2.46
CA ARG Y 384 35.22 79.71 2.98
C ARG Y 384 35.62 80.60 1.82
N LEU Y 385 35.78 81.90 2.11
CA LEU Y 385 36.14 82.89 1.11
C LEU Y 385 37.24 83.80 1.65
N SER Y 386 38.21 84.12 0.79
CA SER Y 386 39.26 85.07 1.11
C SER Y 386 39.39 86.05 -0.05
N VAL Y 387 39.29 87.34 0.24
CA VAL Y 387 39.25 88.38 -0.80
C VAL Y 387 40.31 89.43 -0.49
N ALA Y 388 41.07 89.79 -1.52
CA ALA Y 388 42.07 90.86 -1.43
C ALA Y 388 41.76 91.90 -2.50
N VAL Y 389 41.73 93.17 -2.09
CA VAL Y 389 41.42 94.28 -2.97
C VAL Y 389 42.52 95.32 -2.85
N VAL Y 390 42.96 95.86 -3.98
CA VAL Y 390 43.97 96.91 -4.03
C VAL Y 390 43.40 98.09 -4.81
N VAL Y 391 43.48 99.29 -4.22
CA VAL Y 391 42.96 100.49 -4.85
C VAL Y 391 44.08 101.50 -5.03
N ASN Y 392 43.92 102.36 -6.03
CA ASN Y 392 44.92 103.34 -6.42
C ASN Y 392 44.72 104.65 -5.65
N TYR Y 393 45.78 105.46 -5.65
CA TYR Y 393 45.71 106.79 -5.04
C TYR Y 393 44.90 107.73 -5.93
N LYS Y 394 44.48 108.85 -5.32
CA LYS Y 394 43.72 109.87 -6.03
C LYS Y 394 44.69 110.90 -6.60
N THR Y 395 44.68 111.06 -7.92
CA THR Y 395 45.54 112.00 -8.61
C THR Y 395 44.74 113.21 -9.07
N LEU Y 396 45.25 114.40 -8.75
CA LEU Y 396 44.59 115.64 -9.14
C LEU Y 396 45.16 116.19 -10.44
N PRO Y 401 48.63 111.94 -6.61
CA PRO Y 401 49.38 111.26 -5.55
C PRO Y 401 48.89 111.62 -4.15
N LEU Y 402 47.58 111.59 -3.96
CA LEU Y 402 46.98 111.92 -2.67
C LEU Y 402 46.23 110.70 -2.14
N PRO Y 403 46.47 110.29 -0.89
CA PRO Y 403 45.76 109.13 -0.35
C PRO Y 403 44.28 109.42 -0.17
N LEU Y 404 43.49 108.35 -0.26
CA LEU Y 404 42.04 108.46 -0.11
C LEU Y 404 41.66 108.66 1.35
N THR Y 405 40.49 109.28 1.56
CA THR Y 405 40.01 109.54 2.91
C THR Y 405 39.58 108.23 3.58
N ALA Y 406 39.56 108.25 4.91
CA ALA Y 406 39.18 107.07 5.67
C ALA Y 406 37.72 106.70 5.43
N ASP Y 407 36.85 107.70 5.28
CA ASP Y 407 35.44 107.42 5.01
C ASP Y 407 35.28 106.71 3.66
N GLN Y 408 36.04 107.14 2.65
CA GLN Y 408 35.98 106.46 1.36
C GLN Y 408 36.44 105.02 1.47
N MET Y 409 37.50 104.77 2.26
CA MET Y 409 37.95 103.41 2.48
C MET Y 409 36.88 102.57 3.18
N LYS Y 410 36.22 103.14 4.18
CA LYS Y 410 35.16 102.41 4.86
C LYS Y 410 34.01 102.07 3.91
N GLN Y 411 33.63 103.03 3.06
CA GLN Y 411 32.58 102.77 2.09
C GLN Y 411 33.00 101.68 1.10
N ILE Y 412 34.25 101.70 0.67
CA ILE Y 412 34.74 100.67 -0.26
C ILE Y 412 34.72 99.30 0.41
N GLU Y 413 35.14 99.22 1.67
CA GLU Y 413 35.10 97.95 2.39
C GLU Y 413 33.67 97.45 2.54
N ASP Y 414 32.74 98.35 2.85
CA ASP Y 414 31.34 97.94 2.99
C ASP Y 414 30.79 97.43 1.66
N LEU Y 415 31.10 98.11 0.56
CA LEU Y 415 30.62 97.67 -0.75
C LEU Y 415 31.21 96.32 -1.13
N THR Y 416 32.50 96.11 -0.85
CA THR Y 416 33.12 94.82 -1.14
C THR Y 416 32.50 93.72 -0.28
N ARG Y 417 32.23 94.02 1.00
CA ARG Y 417 31.59 93.06 1.88
C ARG Y 417 30.22 92.66 1.35
N GLU Y 418 29.45 93.64 0.86
CA GLU Y 418 28.16 93.34 0.25
C GLU Y 418 28.32 92.50 -1.01
N ALA Y 419 29.29 92.83 -1.86
CA ALA Y 419 29.43 92.16 -3.14
C ALA Y 419 29.89 90.72 -2.99
N MET Y 420 30.76 90.45 -2.02
CA MET Y 420 31.34 89.13 -1.89
C MET Y 420 30.49 88.18 -1.05
N GLY Y 421 29.35 88.64 -0.52
CA GLY Y 421 28.50 87.78 0.27
C GLY Y 421 29.13 87.30 1.56
N PHE Y 422 29.74 88.23 2.30
CA PHE Y 422 30.43 87.90 3.53
C PHE Y 422 29.51 87.21 4.53
N SER Y 423 30.01 86.14 5.15
CA SER Y 423 29.31 85.42 6.20
C SER Y 423 30.29 85.13 7.33
N ASP Y 424 30.00 85.66 8.51
CA ASP Y 424 30.90 85.47 9.64
C ASP Y 424 30.92 84.01 10.09
N LYS Y 425 29.79 83.32 10.02
CA LYS Y 425 29.74 81.92 10.39
C LYS Y 425 30.59 81.06 9.47
N ARG Y 426 30.74 81.46 8.21
CA ARG Y 426 31.54 80.73 7.25
C ARG Y 426 33.02 81.06 7.34
N GLY Y 427 33.42 81.98 8.21
CA GLY Y 427 34.82 82.35 8.37
C GLY Y 427 35.42 83.05 7.17
N ASP Y 428 34.67 83.92 6.51
CA ASP Y 428 35.19 84.67 5.38
C ASP Y 428 36.16 85.74 5.87
N THR Y 429 37.08 86.14 4.99
CA THR Y 429 38.09 87.12 5.33
C THR Y 429 38.31 88.06 4.16
N LEU Y 430 38.37 89.36 4.45
CA LEU Y 430 38.54 90.40 3.44
C LEU Y 430 39.65 91.35 3.86
N ASN Y 431 40.46 91.77 2.88
CA ASN Y 431 41.52 92.74 3.13
C ASN Y 431 41.59 93.72 1.96
N VAL Y 432 41.60 95.01 2.28
CA VAL Y 432 41.65 96.08 1.28
C VAL Y 432 42.85 96.96 1.58
N VAL Y 433 43.64 97.25 0.55
CA VAL Y 433 44.87 98.02 0.67
C VAL Y 433 44.85 99.15 -0.35
N ASN Y 434 45.19 100.36 0.10
CA ASN Y 434 45.30 101.53 -0.77
C ASN Y 434 46.78 101.87 -0.95
N SER Y 435 47.23 101.88 -2.19
CA SER Y 435 48.63 102.13 -2.50
C SER Y 435 48.74 102.66 -3.92
N PRO Y 436 49.67 103.57 -4.19
CA PRO Y 436 49.83 104.09 -5.56
C PRO Y 436 50.21 102.98 -6.53
N PHE Y 437 49.66 103.07 -7.74
CA PHE Y 437 49.93 102.08 -8.77
C PHE Y 437 51.27 102.33 -9.43
N SER Y 438 51.85 101.26 -9.97
CA SER Y 438 53.14 101.36 -10.65
C SER Y 438 52.98 101.26 -12.17
N ASP Z 229 51.18 55.60 -13.99
CA ASP Z 229 49.82 55.85 -14.47
C ASP Z 229 49.10 56.83 -13.55
N LEU Z 230 48.64 56.35 -12.40
CA LEU Z 230 47.96 57.21 -11.44
C LEU Z 230 48.92 58.22 -10.83
N ASN Z 231 50.18 57.83 -10.62
CA ASN Z 231 51.15 58.71 -9.99
C ASN Z 231 51.39 59.95 -10.85
N ASP Z 232 51.50 59.76 -12.17
CA ASP Z 232 51.69 60.90 -13.06
C ASP Z 232 50.48 61.84 -13.03
N ALA Z 233 49.27 61.27 -12.95
CA ALA Z 233 48.08 62.09 -12.84
C ALA Z 233 48.08 62.90 -11.55
N GLN Z 234 48.46 62.28 -10.44
CA GLN Z 234 48.57 63.02 -9.19
C GLN Z 234 49.60 64.13 -9.32
N LEU Z 235 50.73 63.85 -9.96
CA LEU Z 235 51.77 64.85 -10.12
C LEU Z 235 51.28 66.05 -10.94
N LYS Z 236 50.59 65.79 -12.07
CA LYS Z 236 50.22 66.93 -12.89
C LYS Z 236 49.05 67.69 -12.26
N PHE Z 237 48.17 67.01 -11.53
CA PHE Z 237 47.14 67.74 -10.80
C PHE Z 237 47.74 68.65 -9.74
N ALA Z 238 48.74 68.15 -9.00
CA ALA Z 238 49.43 69.00 -8.04
C ALA Z 238 50.12 70.17 -8.73
N ASN Z 239 50.71 69.92 -9.90
CA ASN Z 239 51.36 70.99 -10.64
C ASN Z 239 50.37 72.07 -11.07
N ASP Z 240 49.18 71.66 -11.54
CA ASP Z 240 48.17 72.65 -11.91
C ASP Z 240 47.68 73.45 -10.71
N VAL Z 241 47.48 72.80 -9.56
CA VAL Z 241 47.06 73.53 -8.37
C VAL Z 241 48.12 74.56 -7.98
N GLU Z 242 49.39 74.14 -7.98
CA GLU Z 242 50.48 75.05 -7.63
C GLU Z 242 50.58 76.21 -8.62
N SER Z 243 50.41 75.92 -9.91
CA SER Z 243 50.47 76.96 -10.93
C SER Z 243 49.32 77.95 -10.77
N ARG Z 244 48.13 77.46 -10.43
CA ARG Z 244 46.99 78.36 -10.20
C ARG Z 244 47.27 79.29 -9.02
N ILE Z 245 47.79 78.74 -7.92
CA ILE Z 245 48.08 79.57 -6.76
C ILE Z 245 49.16 80.59 -7.09
N GLN Z 246 50.21 80.16 -7.81
CA GLN Z 246 51.28 81.07 -8.19
C GLN Z 246 50.77 82.19 -9.10
N ARG Z 247 49.90 81.85 -10.05
CA ARG Z 247 49.35 82.86 -10.94
C ARG Z 247 48.50 83.87 -10.17
N ARG Z 248 47.69 83.38 -9.22
CA ARG Z 248 46.90 84.30 -8.40
C ARG Z 248 47.79 85.25 -7.60
N ILE Z 249 48.85 84.70 -6.99
CA ILE Z 249 49.74 85.53 -6.18
C ILE Z 249 50.44 86.58 -7.05
N GLU Z 250 50.94 86.15 -8.22
CA GLU Z 250 51.62 87.08 -9.12
C GLU Z 250 50.67 88.17 -9.62
N ALA Z 251 49.43 87.80 -9.95
CA ALA Z 251 48.46 88.78 -10.42
C ALA Z 251 48.12 89.79 -9.33
N ILE Z 252 47.94 89.33 -8.09
CA ILE Z 252 47.57 90.26 -7.03
C ILE Z 252 48.75 91.16 -6.65
N LEU Z 253 49.98 90.64 -6.68
CA LEU Z 253 51.12 91.42 -6.25
C LEU Z 253 51.75 92.25 -7.36
N SER Z 254 51.39 92.02 -8.63
CA SER Z 254 52.03 92.74 -9.73
C SER Z 254 51.78 94.24 -9.71
N PRO Z 255 50.55 94.75 -9.54
CA PRO Z 255 50.33 96.20 -9.72
C PRO Z 255 51.14 97.08 -8.78
N ILE Z 256 51.41 96.64 -7.55
CA ILE Z 256 52.04 97.51 -6.56
C ILE Z 256 53.55 97.57 -6.76
N VAL Z 257 54.23 96.43 -6.61
CA VAL Z 257 55.69 96.43 -6.62
C VAL Z 257 56.22 96.67 -8.03
N GLY Z 258 55.52 96.19 -9.03
CA GLY Z 258 55.98 96.33 -10.40
C GLY Z 258 55.64 95.10 -11.22
N ASN Z 259 55.79 95.25 -12.53
CA ASN Z 259 55.43 94.16 -13.45
C ASN Z 259 56.32 92.93 -13.24
N GLY Z 260 57.62 93.13 -13.08
CA GLY Z 260 58.53 92.00 -12.97
C GLY Z 260 59.49 92.09 -11.79
N ASN Z 261 59.02 92.66 -10.67
CA ASN Z 261 59.83 92.81 -9.47
C ASN Z 261 59.37 91.88 -8.35
N VAL Z 262 58.79 90.74 -8.70
CA VAL Z 262 58.28 89.81 -7.71
C VAL Z 262 58.28 88.41 -8.30
N HIS Z 263 58.63 87.42 -7.48
CA HIS Z 263 58.58 86.02 -7.85
C HIS Z 263 58.05 85.21 -6.68
N ALA Z 264 57.38 84.10 -6.97
CA ALA Z 264 56.80 83.25 -5.94
C ALA Z 264 56.87 81.80 -6.37
N GLN Z 265 56.91 80.91 -5.38
CA GLN Z 265 56.89 79.47 -5.59
C GLN Z 265 55.99 78.83 -4.56
N VAL Z 266 55.20 77.86 -4.99
CA VAL Z 266 54.19 77.22 -4.14
C VAL Z 266 54.37 75.71 -4.21
N THR Z 267 54.37 75.05 -3.06
CA THR Z 267 54.38 73.61 -2.96
C THR Z 267 53.19 73.15 -2.12
N ALA Z 268 52.53 72.08 -2.54
CA ALA Z 268 51.30 71.63 -1.92
C ALA Z 268 51.36 70.13 -1.65
N GLN Z 269 50.66 69.71 -0.60
CA GLN Z 269 50.46 68.31 -0.27
C GLN Z 269 49.00 67.95 -0.43
N LEU Z 270 48.74 66.79 -1.03
CA LEU Z 270 47.38 66.37 -1.36
C LEU Z 270 47.09 65.00 -0.75
N ASP Z 271 45.83 64.79 -0.39
CA ASP Z 271 45.38 63.52 0.17
C ASP Z 271 44.71 62.70 -0.92
N PHE Z 272 45.26 61.51 -1.19
CA PHE Z 272 44.76 60.64 -2.25
C PHE Z 272 44.18 59.33 -1.70
N ALA Z 273 43.89 59.27 -0.40
CA ALA Z 273 43.35 58.07 0.21
C ALA Z 273 41.83 58.05 0.09
N ASN Z 274 41.26 56.84 0.21
CA ASN Z 274 39.82 56.63 0.17
C ASN Z 274 39.31 56.41 1.58
N LYS Z 275 38.34 57.23 2.00
CA LYS Z 275 37.81 57.18 3.36
C LYS Z 275 36.29 57.14 3.32
N GLU Z 276 35.72 56.44 4.31
CA GLU Z 276 34.28 56.41 4.52
C GLU Z 276 34.01 56.52 6.01
N GLN Z 277 32.84 57.05 6.35
CA GLN Z 277 32.51 57.26 7.76
C GLN Z 277 31.01 57.10 7.97
N THR Z 278 30.65 56.47 9.08
CA THR Z 278 29.26 56.32 9.51
C THR Z 278 29.17 56.67 11.00
N GLU Z 279 28.27 57.58 11.33
CA GLU Z 279 28.11 58.06 12.69
C GLU Z 279 26.68 57.88 13.16
N GLU Z 280 26.52 57.35 14.37
CA GLU Z 280 25.22 57.17 15.01
C GLU Z 280 25.26 57.86 16.37
N HIS Z 281 24.23 58.65 16.67
N HIS Z 281 24.22 58.65 16.66
CA HIS Z 281 24.17 59.40 17.91
CA HIS Z 281 24.17 59.41 17.90
C HIS Z 281 22.78 59.30 18.50
C HIS Z 281 22.78 59.31 18.51
N TYR Z 282 22.72 59.33 19.84
CA TYR Z 282 21.47 59.26 20.58
C TYR Z 282 21.39 60.41 21.57
N SER Z 283 20.16 60.86 21.83
CA SER Z 283 19.92 61.93 22.80
C SER Z 283 19.70 61.35 24.18
N PRO Z 284 20.42 61.82 25.20
CA PRO Z 284 20.24 61.27 26.55
C PRO Z 284 18.87 61.61 27.10
N ASN Z 285 18.33 60.69 27.92
CA ASN Z 285 17.03 60.84 28.54
C ASN Z 285 17.11 60.60 30.04
N GLY Z 286 18.20 61.06 30.66
CA GLY Z 286 18.37 60.88 32.09
C GLY Z 286 17.45 61.74 32.94
N ASP Z 287 16.93 62.83 32.37
CA ASP Z 287 16.02 63.72 33.08
C ASP Z 287 14.59 63.34 32.76
N ALA Z 288 13.75 63.23 33.79
CA ALA Z 288 12.35 62.85 33.59
C ALA Z 288 11.56 63.91 32.84
N SER Z 289 12.01 65.17 32.86
CA SER Z 289 11.29 66.23 32.16
C SER Z 289 11.51 66.18 30.65
N LYS Z 290 12.46 65.37 30.17
CA LYS Z 290 12.75 65.27 28.75
C LYS Z 290 12.58 63.86 28.21
N ALA Z 291 12.20 62.90 29.04
CA ALA Z 291 12.04 61.52 28.59
C ALA Z 291 10.71 61.34 27.86
N THR Z 292 10.65 60.29 27.05
CA THR Z 292 9.44 59.93 26.31
C THR Z 292 9.10 58.48 26.63
N LEU Z 293 8.00 58.28 27.37
CA LEU Z 293 7.60 56.96 27.81
C LEU Z 293 6.60 56.36 26.82
N ARG Z 294 6.57 55.03 26.77
CA ARG Z 294 5.62 54.28 25.96
C ARG Z 294 4.68 53.42 26.79
N SER Z 295 5.19 52.77 27.83
CA SER Z 295 4.36 51.96 28.73
C SER Z 295 5.03 51.91 30.09
N ARG Z 296 4.26 52.18 31.13
CA ARG Z 296 4.78 52.25 32.49
C ARG Z 296 3.87 51.48 33.44
N GLN Z 297 4.48 50.72 34.35
CA GLN Z 297 3.76 50.00 35.39
C GLN Z 297 4.35 50.37 36.75
N LEU Z 298 3.50 50.73 37.70
CA LEU Z 298 3.93 51.17 39.01
C LEU Z 298 3.06 50.52 40.08
N ASN Z 299 3.68 49.74 40.96
CA ASN Z 299 2.98 49.07 42.05
C ASN Z 299 3.53 49.57 43.37
N ILE Z 300 2.63 49.99 44.27
CA ILE Z 300 3.00 50.51 45.58
C ILE Z 300 2.19 49.79 46.65
N SER Z 301 2.86 49.40 47.73
CA SER Z 301 2.21 48.76 48.86
C SER Z 301 2.80 49.32 50.15
N GLU Z 302 1.99 49.31 51.21
CA GLU Z 302 2.43 49.85 52.49
C GLU Z 302 1.54 49.30 53.60
N GLN Z 303 2.17 48.64 54.58
CA GLN Z 303 1.47 48.17 55.77
C GLN Z 303 2.03 48.89 56.98
N VAL Z 304 1.14 49.29 57.89
CA VAL Z 304 1.55 49.99 59.10
C VAL Z 304 0.96 49.30 60.33
N PRO Z 355 6.24 48.44 63.62
CA PRO Z 355 6.27 47.59 62.43
C PRO Z 355 5.81 48.34 61.18
N ARG Z 356 6.76 48.63 60.28
CA ARG Z 356 6.46 49.34 59.04
C ARG Z 356 7.01 48.57 57.87
N SER Z 357 6.18 48.36 56.86
CA SER Z 357 6.58 47.66 55.64
C SER Z 357 6.27 48.52 54.42
N THR Z 358 7.21 48.55 53.48
CA THR Z 358 7.06 49.34 52.27
C THR Z 358 7.62 48.56 51.09
N GLN Z 359 6.89 48.58 49.97
CA GLN Z 359 7.30 47.90 48.75
C GLN Z 359 6.95 48.76 47.55
N ARG Z 360 7.87 48.86 46.60
CA ARG Z 360 7.67 49.69 45.41
C ARG Z 360 8.30 49.00 44.21
N ASN Z 361 7.47 48.76 43.19
CA ASN Z 361 7.91 48.14 41.94
C ASN Z 361 7.64 49.09 40.79
N GLU Z 362 8.53 49.10 39.80
CA GLU Z 362 8.40 50.03 38.69
C GLU Z 362 9.06 49.44 37.45
N THR Z 363 8.39 49.61 36.30
CA THR Z 363 8.92 49.20 35.00
C THR Z 363 8.62 50.29 33.99
N SER Z 364 9.59 50.57 33.12
CA SER Z 364 9.46 51.65 32.16
C SER Z 364 10.01 51.22 30.81
N ASN Z 365 9.41 51.77 29.75
CA ASN Z 365 9.86 51.59 28.38
C ASN Z 365 9.91 52.95 27.70
N TYR Z 366 10.99 53.22 26.98
CA TYR Z 366 11.27 54.55 26.47
C TYR Z 366 11.34 54.56 24.95
N GLU Z 367 11.13 55.74 24.39
CA GLU Z 367 11.39 56.03 22.98
C GLU Z 367 12.49 57.09 22.91
N VAL Z 368 13.44 56.89 22.01
CA VAL Z 368 14.65 57.70 21.96
C VAL Z 368 14.81 58.33 20.59
N ASP Z 369 15.48 59.48 20.56
CA ASP Z 369 15.81 60.16 19.32
C ASP Z 369 17.20 59.75 18.86
N ARG Z 370 17.34 59.44 17.57
CA ARG Z 370 18.61 58.99 17.03
C ARG Z 370 18.91 59.72 15.73
N THR Z 371 20.20 59.85 15.44
CA THR Z 371 20.69 60.51 14.24
C THR Z 371 21.76 59.65 13.59
N ILE Z 372 21.65 59.47 12.27
CA ILE Z 372 22.57 58.65 11.49
C ILE Z 372 23.11 59.48 10.34
N ARG Z 373 24.43 59.48 10.17
N ARG Z 373 24.44 59.49 10.18
CA ARG Z 373 25.10 60.24 9.11
CA ARG Z 373 25.10 60.23 9.11
C ARG Z 373 26.09 59.34 8.38
C ARG Z 373 26.09 59.33 8.38
N HIS Z 374 26.11 59.44 7.06
CA HIS Z 374 27.03 58.69 6.22
C HIS Z 374 27.81 59.67 5.36
N THR Z 375 29.13 59.51 5.31
CA THR Z 375 29.99 60.44 4.60
C THR Z 375 31.03 59.68 3.79
N LYS Z 376 31.23 60.11 2.54
CA LYS Z 376 32.29 59.60 1.67
C LYS Z 376 33.15 60.78 1.25
N MET Z 377 34.42 60.75 1.61
CA MET Z 377 35.30 61.88 1.41
C MET Z 377 35.74 61.98 -0.06
N ASN Z 378 36.28 63.14 -0.41
CA ASN Z 378 36.74 63.42 -1.76
C ASN Z 378 38.23 63.14 -1.88
N VAL Z 379 38.65 62.66 -3.04
CA VAL Z 379 40.05 62.32 -3.29
C VAL Z 379 40.71 63.49 -3.99
N GLY Z 380 41.80 64.00 -3.40
CA GLY Z 380 42.54 65.09 -4.00
C GLY Z 380 42.36 66.41 -3.28
N ASP Z 381 42.30 66.38 -1.95
CA ASP Z 381 42.11 67.59 -1.15
C ASP Z 381 43.46 68.07 -0.60
N ILE Z 382 43.57 69.39 -0.46
CA ILE Z 382 44.81 69.99 0.02
C ILE Z 382 44.93 69.78 1.52
N GLU Z 383 46.16 69.48 1.97
CA GLU Z 383 46.45 69.28 3.38
C GLU Z 383 47.33 70.37 3.99
N ARG Z 384 48.31 70.88 3.24
CA ARG Z 384 49.23 71.88 3.77
C ARG Z 384 49.77 72.70 2.62
N LEU Z 385 50.17 73.94 2.93
CA LEU Z 385 50.69 74.87 1.93
C LEU Z 385 51.94 75.55 2.48
N SER Z 386 52.94 75.71 1.61
CA SER Z 386 54.16 76.44 1.93
C SER Z 386 54.45 77.39 0.78
N VAL Z 387 54.58 78.68 1.09
CA VAL Z 387 54.73 79.72 0.07
C VAL Z 387 55.96 80.55 0.38
N ALA Z 388 56.78 80.80 -0.65
CA ALA Z 388 57.95 81.66 -0.56
C ALA Z 388 57.82 82.76 -1.60
N VAL Z 389 58.04 84.00 -1.18
CA VAL Z 389 57.92 85.17 -2.03
C VAL Z 389 59.20 85.99 -1.91
N VAL Z 390 59.72 86.46 -3.04
CA VAL Z 390 60.89 87.31 -3.09
C VAL Z 390 60.54 88.59 -3.84
N VAL Z 391 60.86 89.74 -3.24
CA VAL Z 391 60.55 91.02 -3.84
C VAL Z 391 61.84 91.82 -4.02
N ASN Z 392 61.83 92.71 -5.00
CA ASN Z 392 62.99 93.49 -5.39
C ASN Z 392 63.05 94.80 -4.60
N TYR Z 393 64.23 95.42 -4.60
CA TYR Z 393 64.41 96.71 -3.97
C TYR Z 393 63.78 97.81 -4.83
N LYS Z 394 63.57 98.98 -4.20
CA LYS Z 394 63.00 100.13 -4.89
C LYS Z 394 64.14 100.97 -5.45
N THR Z 395 64.15 101.15 -6.76
CA THR Z 395 65.17 101.93 -7.45
C THR Z 395 64.60 103.27 -7.89
N LEU Z 396 65.31 104.35 -7.56
CA LEU Z 396 64.89 105.70 -7.92
C LEU Z 396 65.53 106.15 -9.21
N PRO Z 401 68.21 101.28 -5.49
CA PRO Z 401 68.83 100.45 -4.46
C PRO Z 401 68.44 100.87 -3.04
N LEU Z 402 67.14 101.09 -2.83
CA LEU Z 402 66.61 101.49 -1.54
C LEU Z 402 65.66 100.41 -1.01
N PRO Z 403 65.84 99.96 0.22
CA PRO Z 403 64.93 98.94 0.76
C PRO Z 403 63.53 99.47 0.96
N LEU Z 404 62.55 98.58 0.86
CA LEU Z 404 61.15 98.95 1.03
C LEU Z 404 60.84 99.19 2.51
N THR Z 405 59.81 100.00 2.73
CA THR Z 405 59.37 100.32 4.09
C THR Z 405 58.72 99.10 4.75
N ALA Z 406 58.74 99.11 6.09
CA ALA Z 406 58.14 98.00 6.83
C ALA Z 406 56.64 97.90 6.60
N ASP Z 407 55.96 99.04 6.48
CA ASP Z 407 54.53 99.03 6.22
C ASP Z 407 54.21 98.40 4.86
N GLN Z 408 55.03 98.70 3.85
CA GLN Z 408 54.85 98.07 2.55
C GLN Z 408 55.04 96.56 2.63
N MET Z 409 56.03 96.11 3.40
CA MET Z 409 56.23 94.68 3.59
C MET Z 409 55.04 94.04 4.29
N LYS Z 410 54.50 94.71 5.31
CA LYS Z 410 53.33 94.17 6.00
C LYS Z 410 52.14 94.06 5.06
N GLN Z 411 51.93 95.09 4.23
CA GLN Z 411 50.83 95.04 3.26
C GLN Z 411 51.04 93.91 2.26
N ILE Z 412 52.28 93.70 1.80
CA ILE Z 412 52.56 92.62 0.86
C ILE Z 412 52.29 91.27 1.51
N GLU Z 413 52.70 91.09 2.76
CA GLU Z 413 52.44 89.84 3.46
C GLU Z 413 50.94 89.61 3.62
N ASP Z 414 50.19 90.66 3.96
CA ASP Z 414 48.74 90.51 4.10
C ASP Z 414 48.09 90.12 2.77
N LEU Z 415 48.51 90.76 1.68
CA LEU Z 415 47.95 90.44 0.37
C LEU Z 415 48.28 89.01 -0.03
N THR Z 416 49.51 88.57 0.22
CA THR Z 416 49.88 87.19 -0.09
C THR Z 416 49.09 86.19 0.76
N ARG Z 417 48.88 86.53 2.05
CA ARG Z 417 48.08 85.68 2.92
C ARG Z 417 46.65 85.55 2.40
N GLU Z 418 46.08 86.66 1.93
CA GLU Z 418 44.75 86.61 1.34
C GLU Z 418 44.73 85.77 0.06
N ALA Z 419 45.75 85.95 -0.80
CA ALA Z 419 45.75 85.29 -2.09
C ALA Z 419 45.94 83.78 -1.96
N MET Z 420 46.76 83.34 -1.01
CA MET Z 420 47.08 81.92 -0.91
C MET Z 420 46.07 81.14 -0.08
N GLY Z 421 45.05 81.78 0.48
CA GLY Z 421 44.05 81.08 1.27
C GLY Z 421 44.61 80.48 2.54
N PHE Z 422 45.38 81.27 3.29
CA PHE Z 422 46.02 80.78 4.50
C PHE Z 422 45.00 80.26 5.51
N SER Z 423 45.30 79.11 6.10
CA SER Z 423 44.48 78.51 7.15
C SER Z 423 45.40 78.03 8.26
N ASP Z 424 45.23 78.58 9.45
CA ASP Z 424 46.09 78.21 10.57
C ASP Z 424 45.86 76.76 11.00
N LYS Z 425 44.61 76.30 10.93
CA LYS Z 425 44.31 74.92 11.28
C LYS Z 425 44.97 73.93 10.34
N ARG Z 426 45.19 74.33 9.08
CA ARG Z 426 45.84 73.48 8.09
C ARG Z 426 47.36 73.53 8.17
N GLY Z 427 47.91 74.35 9.06
CA GLY Z 427 49.36 74.45 9.20
C GLY Z 427 50.07 75.04 8.00
N ASP Z 428 49.48 76.04 7.37
CA ASP Z 428 50.12 76.71 6.25
C ASP Z 428 51.28 77.58 6.73
N THR Z 429 52.24 77.83 5.85
CA THR Z 429 53.42 78.60 6.19
C THR Z 429 53.80 79.50 5.03
N LEU Z 430 54.10 80.76 5.35
CA LEU Z 430 54.44 81.77 4.35
C LEU Z 430 55.72 82.49 4.77
N ASN Z 431 56.58 82.78 3.79
CA ASN Z 431 57.80 83.53 4.04
C ASN Z 431 58.04 84.50 2.89
N VAL Z 432 58.28 85.77 3.22
CA VAL Z 432 58.52 86.82 2.24
C VAL Z 432 59.87 87.46 2.54
N VAL Z 433 60.69 87.62 1.50
CA VAL Z 433 62.04 88.16 1.62
C VAL Z 433 62.21 89.28 0.62
N ASN Z 434 62.77 90.40 1.08
CA ASN Z 434 63.08 91.55 0.23
C ASN Z 434 64.60 91.62 0.04
N SER Z 435 65.03 91.57 -1.21
CA SER Z 435 66.45 91.56 -1.53
C SER Z 435 66.64 92.09 -2.95
N PRO Z 436 67.73 92.81 -3.21
CA PRO Z 436 67.95 93.32 -4.58
C PRO Z 436 68.12 92.18 -5.57
N PHE Z 437 67.58 92.39 -6.77
CA PHE Z 437 67.65 91.38 -7.82
C PHE Z 437 69.03 91.39 -8.49
N SER Z 438 69.40 90.25 -9.06
CA SER Z 438 70.67 90.11 -9.75
C SER Z 438 70.47 90.08 -11.27
N ASP AA 229 60.34 45.55 -13.77
CA ASP AA 229 59.05 46.06 -14.23
C ASP AA 229 58.53 47.14 -13.28
N LEU AA 230 58.01 46.72 -12.14
CA LEU AA 230 57.50 47.68 -11.15
C LEU AA 230 58.64 48.49 -10.54
N ASN AA 231 59.80 47.86 -10.35
CA ASN AA 231 60.92 48.55 -9.73
C ASN AA 231 61.39 49.73 -10.57
N ASP AA 232 61.44 49.56 -11.89
CA ASP AA 232 61.82 50.66 -12.77
C ASP AA 232 60.80 51.79 -12.70
N ALA AA 233 59.52 51.46 -12.61
CA ALA AA 233 58.49 52.48 -12.49
C ALA AA 233 58.64 53.26 -11.18
N GLN AA 234 58.92 52.55 -10.08
CA GLN AA 234 59.18 53.25 -8.83
C GLN AA 234 60.39 54.16 -8.95
N LEU AA 235 61.45 53.67 -9.60
CA LEU AA 235 62.65 54.48 -9.76
C LEU AA 235 62.39 55.75 -10.56
N LYS AA 236 61.65 55.64 -11.68
CA LYS AA 236 61.48 56.85 -12.48
C LYS AA 236 60.49 57.80 -11.83
N PHE AA 237 59.50 57.28 -11.09
CA PHE AA 237 58.62 58.18 -10.34
C PHE AA 237 59.40 58.94 -9.27
N ALA AA 238 60.29 58.25 -8.56
CA ALA AA 238 61.13 58.94 -7.59
C ALA AA 238 62.01 59.98 -8.27
N ASN AA 239 62.54 59.65 -9.45
CA ASN AA 239 63.37 60.59 -10.19
C ASN AA 239 62.59 61.84 -10.58
N ASP AA 240 61.35 61.67 -11.05
CA ASP AA 240 60.52 62.83 -11.39
C ASP AA 240 60.20 63.68 -10.17
N VAL AA 241 59.90 63.05 -9.03
CA VAL AA 241 59.63 63.83 -7.82
C VAL AA 241 60.87 64.64 -7.43
N GLU AA 242 62.03 64.00 -7.46
CA GLU AA 242 63.27 64.69 -7.10
C GLU AA 242 63.57 65.83 -8.07
N SER AA 243 63.34 65.59 -9.37
CA SER AA 243 63.57 66.63 -10.37
C SER AA 243 62.63 67.81 -10.18
N ARG AA 244 61.37 67.55 -9.84
CA ARG AA 244 60.43 68.62 -9.58
C ARG AA 244 60.88 69.47 -8.39
N ILE AA 245 61.30 68.82 -7.30
CA ILE AA 245 61.75 69.56 -6.13
C ILE AA 245 63.00 70.37 -6.47
N GLN AA 246 63.94 69.77 -7.20
CA GLN AA 246 65.16 70.47 -7.58
C GLN AA 246 64.85 71.68 -8.46
N ARG AA 247 63.92 71.52 -9.41
CA ARG AA 247 63.56 72.63 -10.27
C ARG AA 247 62.91 73.77 -9.48
N ARG AA 248 62.04 73.42 -8.53
CA ARG AA 248 61.43 74.45 -7.69
C ARG AA 248 62.49 75.20 -6.89
N ILE AA 249 63.44 74.47 -6.29
CA ILE AA 249 64.48 75.11 -5.49
C ILE AA 249 65.35 76.01 -6.35
N GLU AA 250 65.75 75.53 -7.53
CA GLU AA 250 66.57 76.34 -8.42
C GLU AA 250 65.83 77.58 -8.89
N ALA AA 251 64.55 77.45 -9.21
CA ALA AA 251 63.78 78.61 -9.65
C ALA AA 251 63.63 79.64 -8.55
N ILE AA 252 63.39 79.20 -7.31
CA ILE AA 252 63.20 80.17 -6.23
C ILE AA 252 64.52 80.83 -5.85
N LEU AA 253 65.63 80.09 -5.91
CA LEU AA 253 66.92 80.64 -5.48
C LEU AA 253 67.67 81.37 -6.59
N SER AA 254 67.26 81.23 -7.85
CA SER AA 254 68.01 81.84 -8.95
C SER AA 254 68.04 83.36 -8.90
N PRO AA 255 66.92 84.08 -8.71
CA PRO AA 255 66.97 85.54 -8.86
C PRO AA 255 67.94 86.25 -7.92
N ILE AA 256 68.13 85.74 -6.71
CA ILE AA 256 68.92 86.47 -5.71
C ILE AA 256 70.41 86.25 -5.93
N VAL AA 257 70.86 85.01 -5.80
CA VAL AA 257 72.30 84.74 -5.83
C VAL AA 257 72.87 84.90 -7.24
N GLY AA 258 72.08 84.58 -8.24
CA GLY AA 258 72.54 84.66 -9.61
C GLY AA 258 71.98 83.53 -10.45
N ASN AA 259 72.14 83.66 -11.76
CA ASN AA 259 71.58 82.67 -12.68
C ASN AA 259 72.22 81.30 -12.51
N GLY AA 260 73.54 81.25 -12.36
CA GLY AA 260 74.24 79.98 -12.28
C GLY AA 260 75.20 79.87 -11.11
N ASN AA 261 74.86 80.50 -9.98
CA ASN AA 261 75.70 80.47 -8.79
C ASN AA 261 75.09 79.62 -7.67
N VAL AA 262 74.30 78.61 -8.04
CA VAL AA 262 73.64 77.78 -7.05
C VAL AA 262 73.37 76.41 -7.67
N HIS AA 263 73.56 75.36 -6.86
CA HIS AA 263 73.23 74.00 -7.25
C HIS AA 263 72.58 73.29 -6.09
N ALA AA 264 71.72 72.31 -6.39
CA ALA AA 264 71.01 71.58 -5.36
C ALA AA 264 70.80 70.14 -5.82
N GLN AA 265 70.69 69.24 -4.84
CA GLN AA 265 70.40 67.83 -5.08
C GLN AA 265 69.41 67.35 -4.04
N VAL AA 266 68.44 66.55 -4.48
CA VAL AA 266 67.35 66.08 -3.63
C VAL AA 266 67.26 64.57 -3.72
N THR AA 267 67.14 63.91 -2.58
CA THR AA 267 66.88 62.48 -2.51
C THR AA 267 65.64 62.24 -1.66
N ALA AA 268 64.79 61.31 -2.09
CA ALA AA 268 63.51 61.07 -1.45
C ALA AA 268 63.29 59.59 -1.21
N GLN AA 269 62.54 59.29 -0.16
CA GLN AA 269 62.10 57.93 0.15
C GLN AA 269 60.59 57.85 0.00
N LEU AA 270 60.12 56.77 -0.61
CA LEU AA 270 58.71 56.61 -0.92
C LEU AA 270 58.17 55.31 -0.34
N ASP AA 271 56.90 55.32 0.03
CA ASP AA 271 56.22 54.16 0.59
C ASP AA 271 55.40 53.49 -0.51
N PHE AA 272 55.72 52.23 -0.81
CA PHE AA 272 55.05 51.48 -1.87
C PHE AA 272 54.28 50.28 -1.34
N ALA AA 273 53.97 50.26 -0.04
CA ALA AA 273 53.23 49.17 0.56
C ALA AA 273 51.73 49.42 0.46
N ASN AA 274 50.95 48.34 0.57
CA ASN AA 274 49.50 48.40 0.55
C ASN AA 274 48.97 48.26 1.96
N LYS AA 275 48.17 49.23 2.41
CA LYS AA 275 47.65 49.23 3.77
C LYS AA 275 46.16 49.49 3.75
N GLU AA 276 45.48 48.89 4.73
CA GLU AA 276 44.05 49.11 4.96
C GLU AA 276 43.82 49.25 6.45
N GLN AA 277 42.77 49.98 6.82
CA GLN AA 277 42.50 50.22 8.23
C GLN AA 277 40.99 50.33 8.46
N THR AA 278 40.54 49.76 9.57
CA THR AA 278 39.16 49.86 10.02
C THR AA 278 39.14 50.19 11.50
N GLU AA 279 38.42 51.25 11.86
CA GLU AA 279 38.38 51.72 13.23
C GLU AA 279 36.93 51.79 13.71
N GLU AA 280 36.69 51.27 14.92
CA GLU AA 280 35.39 51.34 15.57
C GLU AA 280 35.56 51.98 16.94
N HIS AA 281 34.70 52.94 17.26
N HIS AA 281 34.69 52.93 17.26
CA HIS AA 281 34.79 53.67 18.52
CA HIS AA 281 34.79 53.68 18.51
C HIS AA 281 33.40 53.80 19.13
C HIS AA 281 33.41 53.82 19.13
N TYR AA 282 33.37 53.83 20.47
CA TYR AA 282 32.13 53.97 21.22
C TYR AA 282 32.27 55.09 22.23
N SER AA 283 31.14 55.76 22.51
CA SER AA 283 31.11 56.85 23.50
C SER AA 283 30.80 56.29 24.88
N PRO AA 284 31.61 56.60 25.89
CA PRO AA 284 31.35 56.07 27.24
C PRO AA 284 30.06 56.64 27.81
N ASN AA 285 29.38 55.83 28.62
CA ASN AA 285 28.13 56.20 29.26
C ASN AA 285 28.18 55.93 30.76
N GLY AA 286 29.34 56.17 31.37
CA GLY AA 286 29.49 55.94 32.80
C GLY AA 286 28.76 56.94 33.66
N ASP AA 287 28.43 58.11 33.12
CA ASP AA 287 27.71 59.14 33.85
C ASP AA 287 26.22 59.04 33.54
N ALA AA 288 25.39 59.06 34.59
CA ALA AA 288 23.95 58.94 34.40
C ALA AA 288 23.36 60.15 33.67
N SER AA 289 24.02 61.29 33.70
CA SER AA 289 23.50 62.48 33.03
C SER AA 289 23.70 62.42 31.52
N LYS AA 290 24.48 61.47 31.02
CA LYS AA 290 24.73 61.33 29.59
C LYS AA 290 24.31 59.98 29.03
N ALA AA 291 23.75 59.10 29.84
CA ALA AA 291 23.35 57.79 29.38
C ALA AA 291 22.00 57.86 28.67
N THR AA 292 21.74 56.86 27.84
CA THR AA 292 20.49 56.73 27.11
C THR AA 292 19.89 55.36 27.41
N LEU AA 293 18.78 55.36 28.16
CA LEU AA 293 18.13 54.13 28.58
C LEU AA 293 17.04 53.73 27.59
N ARG AA 294 16.77 52.43 27.53
CA ARG AA 294 15.69 51.89 26.72
C ARG AA 294 14.62 51.19 27.55
N SER AA 295 15.01 50.44 28.57
CA SER AA 295 14.05 49.78 29.46
C SER AA 295 14.71 49.59 30.82
N ARG AA 296 14.02 49.98 31.88
CA ARG AA 296 14.55 49.92 33.23
C ARG AA 296 13.52 49.32 34.18
N GLN AA 297 13.99 48.44 35.07
CA GLN AA 297 13.17 47.85 36.11
C GLN AA 297 13.83 48.08 37.46
N LEU AA 298 13.06 48.57 38.43
CA LEU AA 298 13.59 48.90 39.74
C LEU AA 298 12.62 48.41 40.81
N ASN AA 299 13.09 47.51 41.67
CA ASN AA 299 12.29 46.96 42.76
C ASN AA 299 12.94 47.33 44.08
N ILE AA 300 12.14 47.89 45.00
CA ILE AA 300 12.61 48.32 46.31
C ILE AA 300 11.70 47.74 47.38
N SER AA 301 12.29 47.21 48.44
CA SER AA 301 11.55 46.67 49.57
C SER AA 301 12.24 47.10 50.87
N GLU AA 302 11.46 47.21 51.93
CA GLU AA 302 12.00 47.65 53.22
C GLU AA 302 11.03 47.25 54.33
N GLN AA 303 11.54 46.47 55.29
CA GLN AA 303 10.78 46.11 56.48
C GLN AA 303 11.47 46.70 57.69
N VAL AA 304 10.67 47.25 58.62
CA VAL AA 304 11.22 47.82 59.84
C VAL AA 304 10.52 47.24 61.06
N PRO AA 355 15.59 45.38 64.28
CA PRO AA 355 15.44 44.55 63.07
C PRO AA 355 15.13 45.39 61.84
N ARG AA 356 16.09 45.53 60.93
CA ARG AA 356 15.93 46.31 59.71
C ARG AA 356 16.32 45.45 58.52
N SER AA 357 15.45 45.42 57.51
CA SER AA 357 15.69 44.68 56.28
C SER AA 357 15.54 45.61 55.08
N THR AA 358 16.46 45.49 54.13
CA THR AA 358 16.45 46.31 52.93
C THR AA 358 16.84 45.46 51.73
N GLN AA 359 16.12 45.64 50.62
CA GLN AA 359 16.40 44.91 49.39
C GLN AA 359 16.19 45.84 48.21
N ARG AA 360 17.11 45.79 47.24
CA ARG AA 360 17.05 46.65 46.07
C ARG AA 360 17.52 45.88 44.85
N ASN AA 361 16.66 45.81 43.83
CA ASN AA 361 16.97 45.15 42.57
C ASN AA 361 16.87 46.16 41.44
N GLU AA 362 17.74 46.03 40.44
CA GLU AA 362 17.76 46.98 39.34
C GLU AA 362 18.29 46.30 38.08
N THR AA 363 17.66 46.60 36.95
CA THR AA 363 18.09 46.13 35.64
C THR AA 363 17.99 47.27 34.65
N SER AA 364 18.99 47.39 33.78
CA SER AA 364 19.05 48.48 32.83
C SER AA 364 19.48 47.99 31.46
N ASN AA 365 18.99 48.66 30.42
CA ASN AA 365 19.40 48.43 29.05
C ASN AA 365 19.67 49.77 28.39
N TYR AA 366 20.79 49.84 27.66
CA TYR AA 366 21.30 51.11 27.17
C TYR AA 366 21.36 51.12 25.64
N GLU AA 367 21.36 52.34 25.10
CA GLU AA 367 21.66 52.61 23.70
C GLU AA 367 22.93 53.45 23.63
N VAL AA 368 23.81 53.09 22.71
CA VAL AA 368 25.15 53.68 22.67
C VAL AA 368 25.41 54.28 21.30
N ASP AA 369 26.28 55.28 21.27
CA ASP AA 369 26.72 55.91 20.04
C ASP AA 369 28.01 55.27 19.56
N ARG AA 370 28.08 54.97 18.27
CA ARG AA 370 29.23 54.30 17.70
C ARG AA 370 29.66 54.98 16.41
N THR AA 371 30.95 54.87 16.11
CA THR AA 371 31.54 55.47 14.91
C THR AA 371 32.42 54.43 14.23
N ILE AA 372 32.27 54.29 12.91
CA ILE AA 372 33.02 53.34 12.11
C ILE AA 372 33.69 54.07 10.96
N ARG AA 373 35.00 53.84 10.77
N ARG AA 373 34.99 53.84 10.78
CA ARG AA 373 35.77 54.47 9.73
CA ARG AA 373 35.77 54.47 9.73
C ARG AA 373 36.58 53.43 8.97
C ARG AA 373 36.57 53.42 8.97
N HIS AA 374 36.60 53.54 7.65
CA HIS AA 374 37.37 52.65 6.78
C HIS AA 374 38.30 53.49 5.93
N THR AA 375 39.57 53.09 5.86
CA THR AA 375 40.58 53.86 5.15
C THR AA 375 41.45 52.94 4.32
N LYS AA 376 41.71 53.34 3.08
CA LYS AA 376 42.65 52.66 2.19
C LYS AA 376 43.71 53.68 1.77
N MET AA 377 44.96 53.40 2.12
CA MET AA 377 46.03 54.36 1.92
C MET AA 377 46.46 54.40 0.45
N ASN AA 378 47.19 55.45 0.11
CA ASN AA 378 47.70 55.67 -1.24
C ASN AA 378 49.11 55.12 -1.38
N VAL AA 379 49.42 54.59 -2.55
CA VAL AA 379 50.73 54.01 -2.83
C VAL AA 379 51.60 55.05 -3.52
N GLY AA 380 52.76 55.34 -2.93
CA GLY AA 380 53.68 56.29 -3.53
C GLY AA 380 53.76 57.62 -2.79
N ASP AA 381 53.70 57.57 -1.46
CA ASP AA 381 53.75 58.77 -0.64
C ASP AA 381 55.15 58.99 -0.09
N ILE AA 382 55.51 60.26 0.06
CA ILE AA 382 56.84 60.63 0.54
C ILE AA 382 56.94 60.36 2.04
N GLU AA 383 58.10 59.84 2.46
CA GLU AA 383 58.36 59.57 3.87
C GLU AA 383 59.43 60.46 4.48
N ARG AA 384 60.48 60.79 3.73
CA ARG AA 384 61.57 61.60 4.26
C ARG AA 384 62.25 62.33 3.11
N LEU AA 385 62.86 63.47 3.44
CA LEU AA 385 63.54 64.31 2.45
C LEU AA 385 64.90 64.74 2.99
N SER AA 386 65.90 64.73 2.12
CA SER AA 386 67.24 65.22 2.43
C SER AA 386 67.69 66.13 1.30
N VAL AA 387 68.05 67.36 1.62
CA VAL AA 387 68.37 68.37 0.62
C VAL AA 387 69.75 68.96 0.93
N ALA AA 388 70.58 69.07 -0.11
CA ALA AA 388 71.89 69.70 -0.03
C ALA AA 388 71.96 70.83 -1.05
N VAL AA 389 72.40 72.00 -0.61
CA VAL AA 389 72.49 73.19 -1.44
C VAL AA 389 73.90 73.76 -1.32
N VAL AA 390 74.48 74.14 -2.45
CA VAL AA 390 75.80 74.76 -2.50
C VAL AA 390 75.68 76.10 -3.23
N VAL AA 391 76.20 77.16 -2.61
CA VAL AA 391 76.13 78.49 -3.19
C VAL AA 391 77.54 79.03 -3.38
N ASN AA 392 77.68 79.94 -4.35
CA ASN AA 392 78.96 80.50 -4.73
C ASN AA 392 79.26 81.76 -3.92
N TYR AA 393 80.54 82.15 -3.93
CA TYR AA 393 80.96 83.38 -3.28
C TYR AA 393 80.53 84.59 -4.11
N LYS AA 394 80.55 85.75 -3.47
CA LYS AA 394 80.20 87.01 -4.13
C LYS AA 394 81.46 87.64 -4.69
N THR AA 395 81.48 87.84 -6.01
CA THR AA 395 82.63 88.44 -6.69
C THR AA 395 82.31 89.87 -7.10
N LEU AA 396 83.22 90.78 -6.76
CA LEU AA 396 83.03 92.19 -7.10
C LEU AA 396 83.75 92.54 -8.39
N PRO AA 401 85.52 87.20 -4.78
CA PRO AA 401 85.99 86.25 -3.77
C PRO AA 401 85.68 86.71 -2.34
N LEU AA 402 84.46 87.16 -2.11
CA LEU AA 402 84.02 87.63 -0.80
C LEU AA 402 82.90 86.74 -0.28
N PRO AA 403 82.99 86.23 0.94
CA PRO AA 403 81.92 85.39 1.47
C PRO AA 403 80.65 86.18 1.70
N LEU AA 404 79.52 85.47 1.60
CA LEU AA 404 78.22 86.09 1.79
C LEU AA 404 77.96 86.36 3.27
N THR AA 405 77.10 87.34 3.53
CA THR AA 405 76.75 87.71 4.90
C THR AA 405 75.89 86.62 5.54
N ALA AA 406 75.91 86.60 6.88
CA ALA AA 406 75.14 85.60 7.61
C ALA AA 406 73.64 85.79 7.40
N ASP AA 407 73.18 87.04 7.30
CA ASP AA 407 71.76 87.29 7.06
C ASP AA 407 71.33 86.74 5.70
N GLN AA 408 72.18 86.91 4.68
CA GLN AA 408 71.87 86.34 3.37
C GLN AA 408 71.78 84.82 3.43
N MET AA 409 72.69 84.18 4.18
CA MET AA 409 72.63 82.74 4.35
C MET AA 409 71.34 82.32 5.05
N LYS AA 410 70.94 83.06 6.09
CA LYS AA 410 69.70 82.73 6.78
C LYS AA 410 68.50 82.87 5.86
N GLN AA 411 68.47 83.92 5.04
CA GLN AA 411 67.38 84.09 4.09
C GLN AA 411 67.36 82.95 3.07
N ILE AA 412 68.53 82.54 2.59
CA ILE AA 412 68.61 81.44 1.63
C ILE AA 412 68.10 80.14 2.26
N GLU AA 413 68.49 79.87 3.51
CA GLU AA 413 68.00 78.68 4.19
C GLU AA 413 66.49 78.72 4.36
N ASP AA 414 65.95 79.88 4.73
CA ASP AA 414 64.49 80.00 4.89
C ASP AA 414 63.78 79.77 3.56
N LEU AA 415 64.30 80.33 2.47
CA LEU AA 415 63.67 80.15 1.17
C LEU AA 415 63.74 78.68 0.74
N THR AA 416 64.87 78.02 0.97
CA THR AA 416 64.97 76.61 0.63
C THR AA 416 64.02 75.76 1.47
N ARG AA 417 63.89 76.09 2.77
CA ARG AA 417 62.96 75.39 3.64
C ARG AA 417 61.53 75.54 3.14
N GLU AA 418 61.16 76.74 2.69
CA GLU AA 418 59.83 76.95 2.11
C GLU AA 418 59.65 76.15 0.82
N ALA AA 419 60.67 76.15 -0.04
CA ALA AA 419 60.54 75.52 -1.35
C ALA AA 419 60.46 74.01 -1.25
N MET AA 420 61.19 73.40 -0.31
CA MET AA 420 61.25 71.95 -0.23
C MET AA 420 60.12 71.35 0.60
N GLY AA 421 59.25 72.16 1.18
CA GLY AA 421 58.14 71.64 1.97
C GLY AA 421 58.59 70.93 3.22
N PHE AA 422 59.49 71.54 3.97
CA PHE AA 422 60.06 70.93 5.17
C PHE AA 422 58.95 70.59 6.18
N SER AA 423 59.05 69.39 6.75
CA SER AA 423 58.15 68.93 7.80
C SER AA 423 58.97 68.27 8.89
N ASP AA 424 58.91 68.82 10.09
CA ASP AA 424 59.70 68.28 11.20
C ASP AA 424 59.22 66.91 11.61
N LYS AA 425 57.90 66.67 11.54
CA LYS AA 425 57.36 65.36 11.88
C LYS AA 425 57.83 64.29 10.91
N ARG AA 426 58.09 64.66 9.66
CA ARG AA 426 58.57 63.72 8.65
C ARG AA 426 60.07 63.49 8.71
N GLY AA 427 60.78 64.18 9.60
CA GLY AA 427 62.21 64.01 9.73
C GLY AA 427 63.02 64.49 8.53
N ASP AA 428 62.61 65.60 7.92
CA ASP AA 428 63.35 66.15 6.80
C ASP AA 428 64.65 66.79 7.29
N THR AA 429 65.63 66.86 6.40
CA THR AA 429 66.95 67.40 6.74
C THR AA 429 67.47 68.23 5.59
N LEU AA 430 68.00 69.42 5.92
CA LEU AA 430 68.51 70.37 4.93
C LEU AA 430 69.90 70.84 5.35
N ASN AA 431 70.79 70.98 4.36
CA ASN AA 431 72.13 71.49 4.61
C ASN AA 431 72.53 72.42 3.46
N VAL AA 432 73.00 73.61 3.82
CA VAL AA 432 73.42 74.62 2.85
C VAL AA 432 74.87 75.00 3.14
N VAL AA 433 75.69 75.02 2.09
CA VAL AA 433 77.12 75.31 2.21
C VAL AA 433 77.48 76.40 1.22
N ASN AA 434 78.25 77.39 1.69
CA ASN AA 434 78.75 78.48 0.85
C ASN AA 434 80.25 78.27 0.64
N SER AA 435 80.66 78.17 -0.61
CA SER AA 435 82.05 77.90 -0.95
C SER AA 435 82.31 78.41 -2.36
N PRO AA 436 83.52 78.93 -2.63
CA PRO AA 436 83.82 79.40 -3.99
C PRO AA 436 83.76 78.27 -5.00
N PHE AA 437 83.27 78.60 -6.19
CA PHE AA 437 83.14 77.61 -7.25
C PHE AA 437 84.49 77.39 -7.94
N SER AA 438 84.63 76.21 -8.53
CA SER AA 438 85.85 75.86 -9.24
C SER AA 438 85.64 75.89 -10.75
N ASP BA 229 67.52 34.00 -13.82
CA ASP BA 229 66.34 34.74 -14.25
C ASP BA 229 66.04 35.88 -13.28
N LEU BA 230 65.44 35.55 -12.14
CA LEU BA 230 65.13 36.57 -11.13
C LEU BA 230 66.41 37.14 -10.52
N ASN BA 231 67.44 36.31 -10.36
CA ASN BA 231 68.68 36.78 -9.73
C ASN BA 231 69.34 37.86 -10.57
N ASP BA 232 69.35 37.71 -11.89
CA ASP BA 232 69.92 38.74 -12.75
C ASP BA 232 69.13 40.03 -12.66
N ALA BA 233 67.80 39.94 -12.56
CA ALA BA 233 66.98 41.13 -12.40
C ALA BA 233 67.29 41.84 -11.08
N GLN BA 234 67.44 41.07 -10.00
CA GLN BA 234 67.83 41.69 -8.74
C GLN BA 234 69.19 42.36 -8.86
N LEU BA 235 70.13 41.71 -9.54
CA LEU BA 235 71.46 42.29 -9.70
C LEU BA 235 71.42 43.60 -10.48
N LYS BA 236 70.67 43.65 -11.59
CA LYS BA 236 70.72 44.88 -12.37
C LYS BA 236 69.92 45.98 -11.69
N PHE BA 237 68.86 45.64 -10.95
CA PHE BA 237 68.16 46.66 -10.18
C PHE BA 237 69.07 47.26 -9.10
N ALA BA 238 69.83 46.40 -8.41
CA ALA BA 238 70.81 46.91 -7.44
C ALA BA 238 71.85 47.78 -8.12
N ASN BA 239 72.29 47.38 -9.31
CA ASN BA 239 73.27 48.17 -10.04
C ASN BA 239 72.74 49.55 -10.41
N ASP BA 240 71.48 49.62 -10.86
CA ASP BA 240 70.88 50.91 -11.18
C ASP BA 240 70.73 51.79 -9.94
N VAL BA 241 70.33 51.21 -8.80
CA VAL BA 241 70.22 52.00 -7.58
C VAL BA 241 71.58 52.56 -7.19
N GLU BA 242 72.62 51.71 -7.24
CA GLU BA 242 73.96 52.16 -6.89
C GLU BA 242 74.45 53.24 -7.85
N SER BA 243 74.17 53.08 -9.14
CA SER BA 243 74.58 54.07 -10.13
C SER BA 243 73.87 55.39 -9.92
N ARG BA 244 72.58 55.36 -9.56
CA ARG BA 244 71.86 56.60 -9.27
C ARG BA 244 72.47 57.32 -8.08
N ILE BA 245 72.78 56.58 -7.01
CA ILE BA 245 73.36 57.21 -5.83
C ILE BA 245 74.74 57.78 -6.17
N GLN BA 246 75.55 57.03 -6.92
CA GLN BA 246 76.86 57.51 -7.31
C GLN BA 246 76.77 58.77 -8.17
N ARG BA 247 75.83 58.81 -9.10
CA ARG BA 247 75.66 59.98 -9.94
C ARG BA 247 75.24 61.19 -9.12
N ARG BA 248 74.33 60.99 -8.17
CA ARG BA 248 73.94 62.11 -7.31
C ARG BA 248 75.11 62.63 -6.51
N ILE BA 249 75.92 61.73 -5.93
CA ILE BA 249 77.06 62.16 -5.13
C ILE BA 249 78.07 62.90 -5.99
N GLU BA 250 78.37 62.38 -7.18
CA GLU BA 250 79.33 63.03 -8.07
C GLU BA 250 78.82 64.40 -8.51
N ALA BA 251 77.53 64.51 -8.82
CA ALA BA 251 76.97 65.79 -9.24
C ALA BA 251 77.03 66.82 -8.12
N ILE BA 252 76.72 66.40 -6.88
CA ILE BA 252 76.72 67.37 -5.79
C ILE BA 252 78.15 67.78 -5.41
N LEU BA 253 79.11 66.85 -5.49
CA LEU BA 253 80.47 67.15 -5.07
C LEU BA 253 81.34 67.74 -6.17
N SER BA 254 80.90 67.70 -7.43
CA SER BA 254 81.73 68.19 -8.54
C SER BA 254 82.04 69.68 -8.46
N PRO BA 255 81.08 70.59 -8.25
CA PRO BA 255 81.39 72.02 -8.38
C PRO BA 255 82.47 72.51 -7.44
N ILE BA 256 82.59 71.96 -6.23
CA ILE BA 256 83.50 72.52 -5.23
C ILE BA 256 84.94 72.04 -5.47
N VAL BA 257 85.15 70.73 -5.37
CA VAL BA 257 86.51 70.20 -5.42
C VAL BA 257 87.09 70.28 -6.84
N GLY BA 258 86.25 70.13 -7.84
CA GLY BA 258 86.69 70.14 -9.21
C GLY BA 258 85.93 69.15 -10.05
N ASN BA 259 86.11 69.27 -11.37
CA ASN BA 259 85.37 68.42 -12.30
C ASN BA 259 85.75 66.95 -12.15
N GLY BA 260 87.03 66.66 -12.02
CA GLY BA 260 87.49 65.29 -11.97
C GLY BA 260 88.43 64.98 -10.81
N ASN BA 261 88.21 65.64 -9.67
CA ASN BA 261 89.05 65.44 -8.49
C ASN BA 261 88.30 64.70 -7.38
N VAL BA 262 87.34 63.85 -7.75
CA VAL BA 262 86.54 63.13 -6.77
C VAL BA 262 86.02 61.85 -7.40
N HIS BA 263 86.02 60.77 -6.61
CA HIS BA 263 85.46 59.50 -7.02
C HIS BA 263 84.69 58.90 -5.86
N ALA BA 264 83.67 58.11 -6.17
CA ALA BA 264 82.84 57.49 -5.14
C ALA BA 264 82.37 56.12 -5.62
N GLN BA 265 82.11 55.24 -4.65
CA GLN BA 265 81.57 53.91 -4.91
C GLN BA 265 80.51 53.60 -3.87
N VAL BA 266 79.41 52.99 -4.30
CA VAL BA 266 78.26 52.73 -3.45
C VAL BA 266 77.88 51.26 -3.57
N THR BA 267 77.67 50.61 -2.43
CA THR BA 267 77.15 49.25 -2.38
C THR BA 267 75.89 49.23 -1.51
N ALA BA 268 74.88 48.47 -1.95
CA ALA BA 268 73.59 48.47 -1.30
C ALA BA 268 73.10 47.04 -1.08
N GLN BA 269 72.32 46.87 -0.02
CA GLN BA 269 71.64 45.61 0.27
C GLN BA 269 70.14 45.82 0.14
N LEU BA 270 69.47 44.84 -0.48
CA LEU BA 270 68.05 44.95 -0.78
C LEU BA 270 67.30 43.75 -0.21
N ASP BA 271 66.04 43.99 0.18
CA ASP BA 271 65.17 42.96 0.72
C ASP BA 271 64.24 42.47 -0.38
N PHE BA 272 64.32 41.17 -0.70
CA PHE BA 272 63.52 40.58 -1.76
C PHE BA 272 62.53 39.54 -1.24
N ALA BA 273 62.25 39.56 0.06
CA ALA BA 273 61.33 38.60 0.66
C ALA BA 273 59.89 39.13 0.58
N ASN BA 274 58.94 38.21 0.68
CA ASN BA 274 57.52 38.53 0.68
C ASN BA 274 56.99 38.46 2.09
N LYS BA 275 56.38 39.55 2.57
CA LYS BA 275 55.88 39.64 3.93
C LYS BA 275 54.46 40.15 3.94
N GLU BA 276 53.68 39.67 4.91
CA GLU BA 276 52.33 40.15 5.16
C GLU BA 276 52.15 40.30 6.67
N GLN BA 277 51.24 41.20 7.05
CA GLN BA 277 51.04 41.46 8.48
C GLN BA 277 49.58 41.84 8.72
N THR BA 278 49.04 41.35 9.83
CA THR BA 278 47.70 41.69 10.29
C THR BA 278 47.77 41.99 11.78
N GLU BA 279 47.25 43.15 12.17
CA GLU BA 279 47.30 43.61 13.55
C GLU BA 279 45.90 43.93 14.05
N GLU BA 280 45.58 43.45 15.25
CA GLU BA 280 44.32 43.73 15.92
C GLU BA 280 44.63 44.31 17.29
N HIS BA 281 43.95 45.40 17.64
N HIS BA 281 43.95 45.40 17.64
CA HIS BA 281 44.18 46.09 18.91
CA HIS BA 281 44.19 46.09 18.90
C HIS BA 281 42.85 46.46 19.54
C HIS BA 281 42.86 46.47 19.54
N TYR BA 282 42.84 46.48 20.88
CA TYR BA 282 41.65 46.82 21.64
C TYR BA 282 42.00 47.88 22.67
N SER BA 283 41.02 48.75 22.98
CA SER BA 283 41.20 49.79 23.98
C SER BA 283 40.81 49.27 25.36
N PRO BA 284 41.67 49.42 26.37
CA PRO BA 284 41.32 48.92 27.70
C PRO BA 284 40.17 49.71 28.30
N ASN BA 285 39.35 49.02 29.10
CA ASN BA 285 38.19 49.60 29.77
C ASN BA 285 38.21 49.30 31.26
N GLY BA 286 39.40 49.31 31.86
CA GLY BA 286 39.52 49.04 33.28
C GLY BA 286 38.99 50.14 34.18
N ASP BA 287 38.89 51.36 33.66
CA ASP BA 287 38.38 52.49 34.41
C ASP BA 287 36.88 52.66 34.12
N ALA BA 288 36.09 52.82 35.17
CA ALA BA 288 34.65 52.97 35.00
C ALA BA 288 34.27 54.27 34.30
N SER BA 289 35.14 55.28 34.34
CA SER BA 289 34.84 56.55 33.69
C SER BA 289 35.00 56.49 32.18
N LYS BA 290 35.60 55.41 31.65
CA LYS BA 290 35.80 55.27 30.22
C LYS BA 290 35.14 54.03 29.65
N ALA BA 291 34.44 53.24 30.45
CA ALA BA 291 33.80 52.02 29.97
C ALA BA 291 32.47 52.36 29.28
N THR BA 292 32.02 51.44 28.44
CA THR BA 292 30.76 51.56 27.72
C THR BA 292 29.93 50.32 28.01
N LEU BA 293 28.85 50.49 28.77
CA LEU BA 293 27.99 49.40 29.18
C LEU BA 293 26.83 49.22 28.20
N ARG BA 294 26.33 48.00 28.12
CA ARG BA 294 25.16 47.68 27.32
C ARG BA 294 23.99 47.17 28.15
N SER BA 295 24.24 46.34 29.16
CA SER BA 295 23.19 45.87 30.05
C SER BA 295 23.82 45.52 31.39
N ARG BA 296 23.21 46.01 32.46
CA ARG BA 296 23.74 45.84 33.81
C ARG BA 296 22.63 45.42 34.76
N GLN BA 297 22.94 44.46 35.64
CA GLN BA 297 22.03 44.01 36.67
C GLN BA 297 22.74 44.08 38.02
N LEU BA 298 22.08 44.70 39.00
CA LEU BA 298 22.67 44.90 40.31
C LEU BA 298 21.64 44.57 41.39
N ASN BA 299 21.94 43.59 42.23
CA ASN BA 299 21.08 43.18 43.32
C ASN BA 299 21.78 43.40 44.64
N ILE BA 300 21.11 44.07 45.58
CA ILE BA 300 21.66 44.39 46.88
C ILE BA 300 20.66 43.97 47.95
N SER BA 301 21.16 43.32 49.01
CA SER BA 301 20.35 42.92 50.14
C SER BA 301 21.12 43.18 51.43
N GLU BA 302 20.38 43.43 52.50
CA GLU BA 302 21.00 43.73 53.79
C GLU BA 302 19.99 43.49 54.91
N GLN BA 303 20.35 42.62 55.85
CA GLN BA 303 19.55 42.38 57.04
C GLN BA 303 20.36 42.81 58.26
N VAL BA 304 19.68 43.47 59.20
CA VAL BA 304 20.34 43.93 60.42
C VAL BA 304 19.55 43.45 61.64
N PRO BA 355 24.23 40.64 64.77
CA PRO BA 355 23.92 39.88 63.55
C PRO BA 355 23.75 40.79 62.33
N ARG BA 356 24.72 40.76 61.42
CA ARG BA 356 24.68 41.57 60.21
C ARG BA 356 24.89 40.68 59.00
N SER BA 357 24.03 40.83 58.01
CA SER BA 357 24.12 40.08 56.76
C SER BA 357 24.14 41.04 55.57
N THR BA 358 25.01 40.76 54.61
CA THR BA 358 25.14 41.60 53.42
C THR BA 358 25.35 40.71 52.21
N GLN BA 359 24.68 41.03 51.12
CA GLN BA 359 24.79 40.29 49.86
C GLN BA 359 24.75 41.27 48.70
N ARG BA 360 25.64 41.07 47.72
CA ARG BA 360 25.72 41.95 46.57
C ARG BA 360 26.03 41.12 45.33
N ASN BA 361 25.17 41.23 44.32
CA ASN BA 361 25.35 40.55 43.05
C ASN BA 361 25.40 41.57 41.93
N GLU BA 362 26.23 41.31 40.92
CA GLU BA 362 26.42 42.25 39.84
C GLU BA 362 26.81 41.51 38.56
N THR BA 363 26.23 41.95 37.44
CA THR BA 363 26.55 41.42 36.12
C THR BA 363 26.65 42.58 35.14
N SER BA 364 27.65 42.52 34.26
CA SER BA 364 27.89 43.62 33.33
C SER BA 364 28.22 43.06 31.95
N ASN BA 365 27.84 43.84 30.93
CA ASN BA 365 28.19 43.55 29.54
C ASN BA 365 28.71 44.83 28.90
N TYR BA 366 29.81 44.71 28.16
CA TYR BA 366 30.54 45.88 27.68
C TYR BA 366 30.58 45.91 26.16
N GLU BA 367 30.80 47.12 25.64
CA GLU BA 367 31.13 47.34 24.23
C GLU BA 367 32.52 47.94 24.16
N VAL BA 368 33.33 47.44 23.23
CA VAL BA 368 34.75 47.78 23.17
C VAL BA 368 35.11 48.35 21.81
N ASP BA 369 36.15 49.18 21.79
CA ASP BA 369 36.68 49.74 20.57
C ASP BA 369 37.83 48.88 20.06
N ARG BA 370 37.82 48.59 18.76
CA ARG BA 370 38.83 47.72 18.17
C ARG BA 370 39.36 48.35 16.88
N THR BA 371 40.61 48.01 16.56
CA THR BA 371 41.28 48.50 15.36
C THR BA 371 41.96 47.34 14.66
N ILE BA 372 41.77 47.25 13.34
CA ILE BA 372 42.33 46.18 12.51
C ILE BA 372 43.12 46.82 11.37
N ARG BA 373 44.34 46.35 11.17
N ARG BA 373 44.34 46.35 11.18
CA ARG BA 373 45.21 46.84 10.12
CA ARG BA 373 45.21 46.84 10.12
C ARG BA 373 45.82 45.69 9.34
C ARG BA 373 45.81 45.68 9.34
N HIS BA 374 45.84 45.81 8.02
CA HIS BA 374 46.42 44.81 7.13
C HIS BA 374 47.49 45.48 6.28
N THR BA 375 48.66 44.85 6.18
CA THR BA 375 49.78 45.45 5.47
C THR BA 375 50.47 44.39 4.62
N LYS BA 376 50.78 44.76 3.38
CA LYS BA 376 51.58 43.94 2.47
C LYS BA 376 52.80 44.75 2.05
N MET BA 377 53.98 44.25 2.38
CA MET BA 377 55.21 45.00 2.18
C MET BA 377 55.63 44.98 0.71
N ASN BA 378 56.54 45.89 0.37
CA ASN BA 378 57.05 46.03 -0.98
C ASN BA 378 58.34 45.25 -1.14
N VAL BA 379 58.53 44.68 -2.33
CA VAL BA 379 59.71 43.87 -2.63
C VAL BA 379 60.75 44.76 -3.31
N GLY BA 380 61.95 44.82 -2.74
CA GLY BA 380 63.03 45.60 -3.33
C GLY BA 380 63.35 46.87 -2.57
N ASP BA 381 63.30 46.81 -1.24
CA ASP BA 381 63.58 47.97 -0.40
C ASP BA 381 65.00 47.92 0.13
N ILE BA 382 65.59 49.10 0.30
CA ILE BA 382 66.96 49.21 0.76
C ILE BA 382 67.03 48.91 2.26
N GLU BA 383 68.07 48.17 2.66
CA GLU BA 383 68.30 47.83 4.06
C GLU BA 383 69.52 48.50 4.67
N ARG BA 384 70.60 48.66 3.91
CA ARG BA 384 71.83 49.23 4.44
C ARG BA 384 72.61 49.86 3.30
N LEU BA 385 73.43 50.86 3.63
CA LEU BA 385 74.24 51.57 2.65
C LEU BA 385 75.66 51.75 3.18
N SER BA 386 76.64 51.56 2.29
CA SER BA 386 78.05 51.80 2.59
C SER BA 386 78.64 52.62 1.47
N VAL BA 387 79.24 53.76 1.81
CA VAL BA 387 79.72 54.71 0.82
C VAL BA 387 81.18 55.04 1.12
N ALA BA 388 82.01 55.01 0.07
CA ALA BA 388 83.42 55.39 0.15
C ALA BA 388 83.68 56.50 -0.85
N VAL BA 389 84.33 57.57 -0.40
CA VAL BA 389 84.63 58.73 -1.22
C VAL BA 389 86.12 59.03 -1.11
N VAL BA 390 86.75 59.33 -2.24
CA VAL BA 390 88.16 59.70 -2.29
C VAL BA 390 88.28 61.04 -3.00
N VAL BA 391 88.99 61.97 -2.37
CA VAL BA 391 89.16 63.32 -2.93
C VAL BA 391 90.64 63.60 -3.12
N ASN BA 392 90.94 64.47 -4.08
CA ASN BA 392 92.30 64.80 -4.47
C ASN BA 392 92.84 65.97 -3.65
N TYR BA 393 94.15 66.12 -3.66
CA TYR BA 393 94.80 67.24 -3.01
C TYR BA 393 94.60 68.53 -3.81
N LYS BA 394 94.83 69.65 -3.15
CA LYS BA 394 94.70 70.97 -3.79
C LYS BA 394 96.06 71.36 -4.36
N THR BA 395 96.11 71.58 -5.67
CA THR BA 395 97.33 71.96 -6.36
C THR BA 395 97.27 73.43 -6.74
N LEU BA 396 98.33 74.16 -6.40
CA LEU BA 396 98.42 75.59 -6.71
C LEU BA 396 99.17 75.83 -8.01
N PRO BA 401 99.97 70.19 -4.50
CA PRO BA 401 100.27 69.16 -3.51
C PRO BA 401 100.06 69.63 -2.07
N LEU BA 402 98.93 70.30 -1.82
CA LEU BA 402 98.62 70.81 -0.50
C LEU BA 402 97.34 70.14 0.02
N PRO BA 403 97.37 69.60 1.24
CA PRO BA 403 96.17 68.95 1.76
C PRO BA 403 95.05 69.96 2.03
N LEU BA 404 93.81 69.48 1.93
CA LEU BA 404 92.65 70.31 2.14
C LEU BA 404 92.46 70.60 3.63
N THR BA 405 91.79 71.72 3.91
CA THR BA 405 91.53 72.11 5.29
C THR BA 405 90.50 71.20 5.93
N ALA BA 406 90.52 71.15 7.26
CA ALA BA 406 89.59 70.30 7.99
C ALA BA 406 88.15 70.75 7.80
N ASP BA 407 87.92 72.06 7.73
CA ASP BA 407 86.57 72.58 7.51
C ASP BA 407 86.03 72.15 6.15
N GLN BA 408 86.88 72.17 5.12
CA GLN BA 408 86.47 71.70 3.81
C GLN BA 408 86.11 70.22 3.85
N MET BA 409 86.89 69.42 4.57
CA MET BA 409 86.56 68.00 4.72
C MET BA 409 85.23 67.80 5.43
N LYS BA 410 84.98 68.59 6.48
CA LYS BA 410 83.71 68.48 7.19
C LYS BA 410 82.54 68.85 6.28
N GLN BA 411 82.69 69.91 5.48
CA GLN BA 411 81.65 70.29 4.55
C GLN BA 411 81.41 69.19 3.50
N ILE BA 412 82.49 68.58 3.01
CA ILE BA 412 82.35 67.50 2.03
C ILE BA 412 81.62 66.31 2.65
N GLU BA 413 81.97 65.95 3.88
CA GLU BA 413 81.27 64.85 4.55
C GLU BA 413 79.80 65.17 4.75
N ASP BA 414 79.48 66.41 5.14
CA ASP BA 414 78.08 66.79 5.31
C ASP BA 414 77.32 66.70 3.99
N LEU BA 415 77.92 67.19 2.91
CA LEU BA 415 77.26 67.14 1.61
C LEU BA 415 77.04 65.69 1.15
N THR BA 416 78.04 64.83 1.36
CA THR BA 416 77.88 63.43 1.00
C THR BA 416 76.80 62.76 1.84
N ARG BA 417 76.74 63.09 3.14
CA ARG BA 417 75.70 62.56 4.01
C ARG BA 417 74.32 62.96 3.53
N GLU BA 418 74.18 64.23 3.11
CA GLU BA 418 72.91 64.68 2.55
C GLU BA 418 72.58 63.95 1.25
N ALA BA 419 73.57 63.78 0.37
CA ALA BA 419 73.31 63.21 -0.94
C ALA BA 419 72.95 61.73 -0.86
N MET BA 420 73.58 60.99 0.06
CA MET BA 420 73.37 59.55 0.11
C MET BA 420 72.16 59.14 0.95
N GLY BA 421 71.44 60.11 1.55
CA GLY BA 421 70.28 59.78 2.35
C GLY BA 421 70.59 58.96 3.58
N PHE BA 422 71.61 59.39 4.33
CA PHE BA 422 72.05 58.68 5.52
C PHE BA 422 70.92 58.51 6.53
N SER BA 423 70.80 57.31 7.08
CA SER BA 423 69.84 57.01 8.13
C SER BA 423 70.55 56.19 9.21
N ASP BA 424 70.60 56.73 10.42
CA ASP BA 424 71.28 56.03 11.50
C ASP BA 424 70.56 54.75 11.90
N LYS BA 425 69.22 54.76 11.85
CA LYS BA 425 68.45 53.57 12.17
C LYS BA 425 68.70 52.44 11.18
N ARG BA 426 69.02 52.79 9.93
CA ARG BA 426 69.31 51.80 8.90
C ARG BA 426 70.74 51.29 8.94
N GLY BA 427 71.57 51.83 9.83
CA GLY BA 427 72.96 51.40 9.94
C GLY BA 427 73.82 51.74 8.74
N ASP BA 428 73.61 52.91 8.15
CA ASP BA 428 74.45 53.34 7.03
C ASP BA 428 75.84 53.72 7.51
N THR BA 429 76.81 53.63 6.61
CA THR BA 429 78.19 53.91 6.94
C THR BA 429 78.86 54.66 5.80
N LEU BA 430 79.60 55.72 6.14
CA LEU BA 430 80.26 56.58 5.16
C LEU BA 430 81.72 56.77 5.56
N ASN BA 431 82.61 56.77 4.57
CA ASN BA 431 84.02 57.03 4.81
C ASN BA 431 84.58 57.89 3.67
N VAL BA 432 85.26 58.96 4.04
CA VAL BA 432 85.85 59.90 3.08
C VAL BA 432 87.34 60.01 3.37
N VAL BA 433 88.15 59.89 2.30
CA VAL BA 433 89.59 59.91 2.41
C VAL BA 433 90.15 60.94 1.43
N ASN BA 434 91.09 61.76 1.91
CA ASN BA 434 91.78 62.74 1.08
C ASN BA 434 93.21 62.27 0.85
N SER BA 435 93.59 62.12 -0.41
CA SER BA 435 94.90 61.61 -0.77
C SER BA 435 95.24 62.09 -2.18
N PRO BA 436 96.51 62.39 -2.45
CA PRO BA 436 96.88 62.83 -3.81
C PRO BA 436 96.60 61.74 -4.83
N PHE BA 437 96.17 62.17 -6.01
CA PHE BA 437 95.86 61.25 -7.09
C PHE BA 437 97.12 60.79 -7.80
N SER BA 438 97.05 59.61 -8.41
CA SER BA 438 98.18 59.05 -9.14
C SER BA 438 97.96 59.13 -10.65
N ASP CA 229 72.46 21.33 -14.13
CA ASP CA 229 71.43 22.28 -14.54
C ASP CA 229 71.36 23.45 -13.55
N LEU CA 230 70.72 23.21 -12.40
CA LEU CA 230 70.62 24.24 -11.38
C LEU CA 230 71.98 24.57 -10.77
N ASN CA 231 72.84 23.57 -10.63
CA ASN CA 231 74.15 23.78 -10.02
C ASN CA 231 74.99 24.75 -10.84
N ASP CA 232 74.96 24.61 -12.17
CA ASP CA 232 75.70 25.52 -13.03
C ASP CA 232 75.16 26.94 -12.90
N ALA CA 233 73.83 27.10 -12.79
CA ALA CA 233 73.25 28.42 -12.60
C ALA CA 233 73.70 29.03 -11.28
N GLN CA 234 73.71 28.24 -10.21
CA GLN CA 234 74.22 28.74 -8.94
C GLN CA 234 75.67 29.17 -9.07
N LEU CA 235 76.48 28.37 -9.77
CA LEU CA 235 77.89 28.69 -9.93
C LEU CA 235 78.08 29.99 -10.69
N LYS CA 236 77.35 30.20 -11.79
CA LYS CA 236 77.61 31.42 -12.55
C LYS CA 236 77.03 32.63 -11.85
N PHE CA 237 75.94 32.48 -11.10
CA PHE CA 237 75.45 33.60 -10.30
C PHE CA 237 76.46 34.00 -9.23
N ALA CA 238 77.05 33.01 -8.57
CA ALA CA 238 78.11 33.32 -7.60
C ALA CA 238 79.30 33.99 -8.27
N ASN CA 239 79.64 33.54 -9.48
CA ASN CA 239 80.75 34.14 -10.21
C ASN CA 239 80.46 35.60 -10.55
N ASP CA 240 79.24 35.91 -10.98
CA ASP CA 240 78.88 37.30 -11.27
C ASP CA 240 78.91 38.16 -10.02
N VAL CA 241 78.41 37.65 -8.89
CA VAL CA 241 78.46 38.43 -7.65
C VAL CA 241 79.91 38.73 -7.27
N GLU CA 242 80.77 37.70 -7.35
CA GLU CA 242 82.18 37.90 -7.01
C GLU CA 242 82.85 38.87 -7.96
N SER CA 243 82.53 38.79 -9.25
CA SER CA 243 83.11 39.71 -10.23
C SER CA 243 82.66 41.14 -9.98
N ARG CA 244 81.39 41.34 -9.61
CA ARG CA 244 80.90 42.67 -9.29
C ARG CA 244 81.65 43.25 -8.09
N ILE CA 245 81.82 42.45 -7.04
CA ILE CA 245 82.52 42.94 -5.86
C ILE CA 245 83.98 43.26 -6.20
N GLN CA 246 84.62 42.39 -6.98
CA GLN CA 246 86.01 42.62 -7.38
C GLN CA 246 86.14 43.90 -8.22
N ARG CA 247 85.21 44.11 -9.14
CA ARG CA 247 85.25 45.32 -9.96
C ARG CA 247 85.08 46.57 -9.12
N ARG CA 248 84.15 46.53 -8.16
CA ARG CA 248 83.97 47.68 -7.27
C ARG CA 248 85.24 47.96 -6.47
N ILE CA 249 85.87 46.92 -5.93
CA ILE CA 249 87.08 47.12 -5.13
C ILE CA 249 88.20 47.69 -5.99
N GLU CA 250 88.38 47.13 -7.20
CA GLU CA 250 89.42 47.62 -8.09
C GLU CA 250 89.18 49.07 -8.50
N ALA CA 251 87.92 49.41 -8.79
CA ALA CA 251 87.61 50.78 -9.18
C ALA CA 251 87.87 51.76 -8.04
N ILE CA 252 87.50 51.39 -6.81
CA ILE CA 252 87.69 52.33 -5.70
C ILE CA 252 89.17 52.45 -5.34
N LEU CA 253 89.94 51.36 -5.45
CA LEU CA 253 91.34 51.40 -5.04
C LEU CA 253 92.29 51.85 -6.14
N SER CA 254 91.84 51.91 -7.40
CA SER CA 254 92.74 52.25 -8.50
C SER CA 254 93.31 53.66 -8.41
N PRO CA 255 92.53 54.72 -8.17
CA PRO CA 255 93.10 56.08 -8.28
C PRO CA 255 94.27 56.36 -7.35
N ILE CA 256 94.29 55.76 -6.15
CA ILE CA 256 95.29 56.13 -5.16
C ILE CA 256 96.61 55.40 -5.42
N VAL CA 257 96.60 54.07 -5.34
CA VAL CA 257 97.83 53.30 -5.42
C VAL CA 257 98.40 53.30 -6.84
N GLY CA 258 97.53 53.32 -7.83
CA GLY CA 258 97.97 53.28 -9.21
C GLY CA 258 97.02 52.45 -10.06
N ASN CA 259 97.21 52.57 -11.37
CA ASN CA 259 96.31 51.89 -12.31
C ASN CA 259 96.42 50.36 -12.19
N GLY CA 260 97.63 49.84 -12.08
CA GLY CA 260 97.82 48.40 -12.05
C GLY CA 260 98.70 47.92 -10.91
N ASN CA 261 98.63 48.58 -9.75
CA ASN CA 261 99.42 48.22 -8.59
C ASN CA 261 98.56 47.60 -7.48
N VAL CA 262 97.46 46.96 -7.85
CA VAL CA 262 96.55 46.37 -6.87
C VAL CA 262 95.81 45.22 -7.52
N HIS CA 263 95.61 44.15 -6.75
CA HIS CA 263 94.82 43.00 -7.17
C HIS CA 263 93.97 42.54 -6.01
N ALA CA 264 92.81 41.95 -6.32
CA ALA CA 264 91.90 41.48 -5.29
C ALA CA 264 91.19 40.22 -5.78
N GLN CA 265 90.77 39.39 -4.82
CA GLN CA 265 90.00 38.19 -5.09
C GLN CA 265 88.91 38.06 -4.04
N VAL CA 266 87.72 37.67 -4.47
CA VAL CA 266 86.54 37.60 -3.61
C VAL CA 266 85.91 36.23 -3.75
N THR CA 267 85.58 35.60 -2.62
CA THR CA 267 84.82 34.36 -2.58
C THR CA 267 83.59 34.56 -1.70
N ALA CA 268 82.46 34.01 -2.14
CA ALA CA 268 81.19 34.23 -1.47
C ALA CA 268 80.45 32.92 -1.27
N GLN CA 269 79.66 32.87 -0.20
CA GLN CA 269 78.77 31.75 0.08
C GLN CA 269 77.33 32.22 -0.03
N LEU CA 270 76.49 31.41 -0.65
CA LEU CA 270 75.11 31.77 -0.94
C LEU CA 270 74.16 30.73 -0.37
N ASP CA 271 72.98 31.18 0.03
CA ASP CA 271 71.93 30.32 0.57
C ASP CA 271 70.91 30.02 -0.52
N PHE CA 272 70.75 28.75 -0.87
CA PHE CA 272 69.84 28.33 -1.93
C PHE CA 272 68.69 27.47 -1.41
N ALA CA 273 68.43 27.51 -0.10
CA ALA CA 273 67.34 26.74 0.49
C ALA CA 273 66.04 27.52 0.44
N ASN CA 274 64.93 26.79 0.54
CA ASN CA 274 63.60 27.37 0.55
C ASN CA 274 63.08 27.36 1.97
N LYS CA 275 62.68 28.54 2.47
CA LYS CA 275 62.22 28.69 3.85
C LYS CA 275 60.91 29.47 3.88
N GLU CA 276 60.08 29.11 4.86
CA GLU CA 276 58.83 29.82 5.13
C GLU CA 276 58.70 29.98 6.64
N GLN CA 277 57.98 31.02 7.05
CA GLN CA 277 57.83 31.29 8.48
C GLN CA 277 56.48 31.92 8.75
N THR CA 278 55.87 31.52 9.85
CA THR CA 278 54.61 32.09 10.34
C THR CA 278 54.74 32.35 11.83
N GLU CA 279 54.46 33.58 12.24
CA GLU CA 279 54.60 33.99 13.63
C GLU CA 279 53.29 34.56 14.15
N GLU CA 280 52.90 34.12 15.35
CA GLU CA 280 51.72 34.62 16.03
C GLU CA 280 52.12 35.11 17.42
N HIS CA 281 51.68 36.30 17.79
N HIS CA 281 51.66 36.30 17.79
CA HIS CA 281 52.05 36.90 19.07
CA HIS CA 281 52.04 36.91 19.06
C HIS CA 281 50.81 37.51 19.72
C HIS CA 281 50.81 37.52 19.72
N TYR CA 282 50.80 37.50 21.05
CA TYR CA 282 49.71 38.05 21.84
C TYR CA 282 50.26 39.00 22.88
N SER CA 283 49.46 40.03 23.21
CA SER CA 283 49.83 41.00 24.23
C SER CA 283 49.36 40.55 25.60
N PRO CA 284 50.25 40.51 26.60
CA PRO CA 284 49.82 40.07 27.94
C PRO CA 284 48.84 41.04 28.56
N ASN CA 285 47.93 40.49 29.36
CA ASN CA 285 46.90 41.27 30.05
C ASN CA 285 46.88 40.94 31.54
N GLY CA 286 48.05 40.73 32.12
CA GLY CA 286 48.13 40.40 33.54
C GLY CA 286 47.82 41.57 34.46
N ASP CA 287 47.94 42.80 33.96
CA ASP CA 287 47.64 43.98 34.73
C ASP CA 287 46.21 44.44 34.46
N ALA CA 288 45.46 44.72 35.53
CA ALA CA 288 44.07 45.14 35.38
C ALA CA 288 43.93 46.50 34.70
N SER CA 289 44.98 47.33 34.75
CA SER CA 289 44.90 48.64 34.12
C SER CA 289 45.04 48.57 32.60
N LYS CA 290 45.42 47.43 32.06
CA LYS CA 290 45.58 47.26 30.62
C LYS CA 290 44.70 46.18 30.04
N ALA CA 291 43.87 45.51 30.84
CA ALA CA 291 43.02 44.46 30.35
C ALA CA 291 41.77 45.03 29.67
N THR CA 292 41.15 44.22 28.83
CA THR CA 292 39.93 44.57 28.12
C THR CA 292 38.88 43.51 28.41
N LEU CA 293 37.87 43.87 29.18
CA LEU CA 293 36.82 42.93 29.59
C LEU CA 293 35.64 43.00 28.62
N ARG CA 294 34.92 41.88 28.53
CA ARG CA 294 33.71 41.80 27.73
C ARG CA 294 32.47 41.50 28.57
N SER CA 295 32.58 40.63 29.56
CA SER CA 295 31.47 40.32 30.46
C SER CA 295 32.04 39.86 31.79
N ARG CA 296 31.54 40.43 32.88
CA ARG CA 296 32.05 40.13 34.21
C ARG CA 296 30.88 39.90 35.17
N GLN CA 297 31.01 38.89 36.03
CA GLN CA 297 30.05 38.60 37.07
C GLN CA 297 30.76 38.53 38.41
N LEU CA 298 30.25 39.22 39.41
CA LEU CA 298 30.88 39.29 40.72
C LEU CA 298 29.82 39.14 41.80
N ASN CA 299 29.94 38.11 42.62
CA ASN CA 299 29.02 37.84 43.71
C ASN CA 299 29.77 37.90 45.03
N ILE CA 300 29.23 38.67 45.98
CA ILE CA 300 29.85 38.87 47.29
C ILE CA 300 28.81 38.62 48.36
N SER CA 301 29.19 37.86 49.40
CA SER CA 301 28.32 37.60 50.53
C SER CA 301 29.14 37.70 51.82
N GLU CA 302 28.47 38.05 52.91
CA GLU CA 302 29.15 38.20 54.19
C GLU CA 302 28.12 38.15 55.32
N GLN CA 303 28.32 37.20 56.24
CA GLN CA 303 27.51 37.10 57.44
C GLN CA 303 28.39 37.35 58.65
N VAL CA 304 27.86 38.11 59.61
CA VAL CA 304 28.59 38.41 60.83
C VAL CA 304 27.74 38.08 62.06
N PRO CA 355 31.85 34.40 65.08
CA PRO CA 355 31.41 33.73 63.86
C PRO CA 355 31.39 34.68 62.65
N ARG CA 356 32.33 34.48 61.73
CA ARG CA 356 32.43 35.32 60.53
C ARG CA 356 32.47 34.42 59.30
N SER CA 357 31.64 34.74 58.32
CA SER CA 357 31.58 34.01 57.07
C SER CA 357 31.76 34.97 55.89
N THR CA 358 32.56 34.56 54.92
CA THR CA 358 32.82 35.37 53.74
C THR CA 358 32.85 34.48 52.51
N GLN CA 359 32.24 34.95 51.43
CA GLN CA 359 32.21 34.21 50.17
C GLN CA 359 32.33 35.20 49.02
N ARG CA 360 33.16 34.86 48.03
CA ARG CA 360 33.40 35.73 46.88
C ARG CA 360 33.54 34.88 45.63
N ASN CA 361 32.70 35.16 44.64
CA ASN CA 361 32.73 34.48 43.35
C ASN CA 361 32.97 35.50 42.25
N GLU CA 362 33.73 35.11 41.22
CA GLU CA 362 34.07 36.02 40.15
C GLU CA 362 34.31 35.25 38.86
N THR CA 363 33.81 35.80 37.75
CA THR CA 363 34.01 35.24 36.42
C THR CA 363 34.32 36.38 35.46
N SER CA 364 35.27 36.16 34.57
CA SER CA 364 35.71 37.21 33.65
C SER CA 364 35.92 36.63 32.26
N ASN CA 365 35.68 37.47 31.25
CA ASN CA 365 35.95 37.15 29.86
C ASN CA 365 36.69 38.33 29.23
N TYR CA 366 37.74 38.03 28.47
CA TYR CA 366 38.67 39.04 28.00
C TYR CA 366 38.70 39.09 26.48
N GLU CA 367 39.13 40.25 25.97
CA GLU CA 367 39.49 40.43 24.57
C GLU CA 367 40.97 40.77 24.49
N VAL CA 368 41.66 40.15 23.54
CA VAL CA 368 43.11 40.21 23.47
C VAL CA 368 43.55 40.74 22.11
N ASP CA 369 44.73 41.37 22.10
CA ASP CA 369 45.35 41.84 20.87
C ASP CA 369 46.31 40.79 20.33
N ARG CA 370 46.25 40.54 19.03
CA ARG CA 370 47.07 39.51 18.41
C ARG CA 370 47.70 40.05 17.13
N THR CA 371 48.85 39.50 16.79
CA THR CA 371 49.60 39.87 15.59
C THR CA 371 50.04 38.62 14.87
N ILE CA 372 49.83 38.60 13.55
CA ILE CA 372 50.17 37.45 12.70
C ILE CA 372 51.04 37.95 11.56
N ARG CA 373 52.17 37.27 11.32
N ARG CA 373 52.17 37.27 11.33
CA ARG CA 373 53.10 37.62 10.27
CA ARG CA 373 53.11 37.62 10.27
C ARG CA 373 53.48 36.38 9.47
C ARG CA 373 53.47 36.38 9.47
N HIS CA 374 53.51 36.53 8.15
CA HIS CA 374 53.90 35.45 7.24
C HIS CA 374 55.06 35.93 6.38
N THR CA 375 56.09 35.10 6.27
CA THR CA 375 57.30 35.49 5.55
C THR CA 375 57.78 34.35 4.67
N LYS CA 376 58.14 34.67 3.44
CA LYS CA 376 58.76 33.74 2.50
C LYS CA 376 60.10 34.32 2.08
N MET CA 377 61.18 33.60 2.39
CA MET CA 377 62.52 34.12 2.19
C MET CA 377 62.92 34.06 0.71
N ASN CA 378 63.98 34.78 0.38
CA ASN CA 378 64.50 34.85 -0.98
C ASN CA 378 65.61 33.83 -1.17
N VAL CA 379 65.70 33.28 -2.37
CA VAL CA 379 66.70 32.28 -2.70
C VAL CA 379 67.88 32.96 -3.38
N GLY CA 380 69.08 32.79 -2.82
CA GLY CA 380 70.26 33.37 -3.41
C GLY CA 380 70.82 34.55 -2.63
N ASP CA 381 70.78 34.49 -1.30
CA ASP CA 381 71.27 35.55 -0.45
C ASP CA 381 72.67 35.23 0.06
N ILE CA 382 73.46 36.29 0.24
CA ILE CA 382 74.83 36.13 0.69
C ILE CA 382 74.86 35.79 2.18
N GLU CA 383 75.75 34.87 2.55
CA GLU CA 383 75.92 34.48 3.94
C GLU CA 383 77.25 34.90 4.55
N ARG CA 384 78.34 34.86 3.78
CA ARG CA 384 79.66 35.21 4.30
C ARG CA 384 80.53 35.69 3.16
N LEU CA 385 81.52 36.52 3.50
CA LEU CA 385 82.45 37.09 2.52
C LEU CA 385 83.87 36.99 3.04
N SER CA 386 84.78 36.65 2.13
CA SER CA 386 86.21 36.62 2.42
C SER CA 386 86.95 37.34 1.30
N VAL CA 387 87.74 38.35 1.65
CA VAL CA 387 88.38 39.21 0.67
C VAL CA 387 89.87 39.26 0.95
N ALA CA 388 90.68 39.10 -0.10
CA ALA CA 388 92.13 39.22 -0.03
C ALA CA 388 92.59 40.28 -1.02
N VAL CA 389 93.42 41.20 -0.56
CA VAL CA 389 93.93 42.30 -1.37
C VAL CA 389 95.45 42.33 -1.27
N VAL CA 390 96.11 42.52 -2.41
CA VAL CA 390 97.56 42.63 -2.47
C VAL CA 390 97.91 43.93 -3.15
N VAL CA 391 98.79 44.72 -2.53
CA VAL CA 391 99.20 46.01 -3.07
C VAL CA 391 100.70 46.02 -3.27
N ASN CA 392 101.15 46.84 -4.22
CA ASN CA 392 102.55 46.92 -4.62
C ASN CA 392 103.29 47.95 -3.79
N TYR CA 393 104.62 47.86 -3.82
CA TYR CA 393 105.47 48.84 -3.15
C TYR CA 393 105.49 50.15 -3.93
N LYS CA 394 105.93 51.21 -3.26
CA LYS CA 394 106.04 52.53 -3.87
C LYS CA 394 107.45 52.68 -4.45
N THR CA 395 107.51 52.91 -5.76
CA THR CA 395 108.79 53.08 -6.46
C THR CA 395 108.99 54.55 -6.82
N LEU CA 396 110.17 55.06 -6.48
CA LEU CA 396 110.50 56.45 -6.77
C LEU CA 396 111.27 56.57 -8.07
N PRO CA 401 111.06 50.82 -4.66
CA PRO CA 401 111.19 49.73 -3.69
C PRO CA 401 111.08 50.22 -2.24
N LEU CA 402 110.09 51.06 -1.97
CA LEU CA 402 109.89 51.61 -0.64
C LEU CA 402 108.52 51.16 -0.11
N PRO CA 403 108.45 50.61 1.10
CA PRO CA 403 107.16 50.19 1.63
C PRO CA 403 106.25 51.37 1.92
N LEU CA 404 104.95 51.13 1.83
CA LEU CA 404 103.96 52.17 2.07
C LEU CA 404 103.84 52.46 3.57
N THR CA 405 103.38 53.67 3.87
CA THR CA 405 103.22 54.09 5.26
C THR CA 405 102.04 53.36 5.90
N ALA CA 406 102.07 53.29 7.23
CA ALA CA 406 101.00 52.61 7.96
C ALA CA 406 99.66 53.32 7.79
N ASP CA 407 99.68 54.65 7.74
CA ASP CA 407 98.45 55.40 7.55
C ASP CA 407 97.83 55.11 6.19
N GLN CA 408 98.67 54.99 5.15
CA GLN CA 408 98.15 54.63 3.83
C GLN CA 408 97.52 53.23 3.85
N MET CA 409 98.15 52.30 4.56
CA MET CA 409 97.58 50.96 4.69
C MET CA 409 96.24 50.99 5.41
N LYS CA 410 96.14 51.79 6.48
CA LYS CA 410 94.88 51.91 7.20
C LYS CA 410 93.78 52.50 6.31
N GLN CA 411 94.13 53.52 5.53
CA GLN CA 411 93.16 54.10 4.61
C GLN CA 411 92.72 53.09 3.56
N ILE CA 412 93.66 52.30 3.04
CA ILE CA 412 93.32 51.29 2.04
C ILE CA 412 92.38 50.24 2.65
N GLU CA 413 92.67 49.80 3.88
CA GLU CA 413 91.80 48.83 4.54
C GLU CA 413 90.40 49.41 4.76
N ASP CA 414 90.32 50.67 5.17
CA ASP CA 414 89.02 51.30 5.37
C ASP CA 414 88.24 51.38 4.06
N LEU CA 415 88.91 51.76 2.97
CA LEU CA 415 88.23 51.86 1.68
C LEU CA 415 87.76 50.49 1.20
N THR CA 416 88.58 49.46 1.39
CA THR CA 416 88.17 48.11 1.01
C THR CA 416 87.00 47.64 1.85
N ARG CA 417 87.01 47.96 3.16
CA ARG CA 417 85.90 47.60 4.03
C ARG CA 417 84.61 48.26 3.58
N GLU CA 418 84.69 49.54 3.18
CA GLU CA 418 83.52 50.22 2.64
C GLU CA 418 83.05 49.59 1.33
N ALA CA 419 83.99 49.26 0.44
CA ALA CA 419 83.62 48.77 -0.88
C ALA CA 419 82.99 47.38 -0.82
N MET CA 420 83.48 46.52 0.08
CA MET CA 420 83.02 45.13 0.12
C MET CA 420 81.75 44.95 0.96
N GLY CA 421 81.24 46.01 1.59
CA GLY CA 421 80.04 45.89 2.39
C GLY CA 421 80.21 45.01 3.61
N PHE CA 422 81.29 45.24 4.35
CA PHE CA 422 81.62 44.42 5.52
C PHE CA 422 80.49 44.46 6.55
N SER CA 423 80.14 43.29 7.08
CA SER CA 423 79.16 43.14 8.14
C SER CA 423 79.71 42.20 9.19
N ASP CA 424 79.87 42.69 10.41
CA ASP CA 424 80.43 41.86 11.48
C ASP CA 424 79.48 40.73 11.86
N LYS CA 425 78.17 40.99 11.83
CA LYS CA 425 77.20 39.95 12.14
C LYS CA 425 77.24 38.81 11.13
N ARG CA 426 77.61 39.11 9.88
CA ARG CA 426 77.69 38.11 8.83
C ARG CA 426 79.00 37.34 8.85
N GLY CA 427 79.93 37.71 9.74
CA GLY CA 427 81.22 37.03 9.82
C GLY CA 427 82.11 37.24 8.62
N ASP CA 428 82.12 38.43 8.04
CA ASP CA 428 83.00 38.72 6.92
C ASP CA 428 84.45 38.84 7.39
N THR CA 429 85.38 38.58 6.48
CA THR CA 429 86.80 38.60 6.79
C THR CA 429 87.57 39.24 5.66
N LEU CA 430 88.50 40.14 6.00
CA LEU CA 430 89.30 40.88 5.03
C LEU CA 430 90.77 40.79 5.42
N ASN CA 431 91.63 40.64 4.41
CA ASN CA 431 93.08 40.63 4.64
C ASN CA 431 93.76 41.39 3.51
N VAL CA 432 94.64 42.32 3.89
CA VAL CA 432 95.37 43.16 2.94
C VAL CA 432 96.86 42.98 3.20
N VAL CA 433 97.62 42.74 2.13
CA VAL CA 433 99.05 42.49 2.21
C VAL CA 433 99.78 43.41 1.25
N ASN CA 434 100.86 44.04 1.72
CA ASN CA 434 101.70 44.90 0.90
C ASN CA 434 103.03 44.19 0.65
N SER CA 435 103.35 43.98 -0.62
CA SER CA 435 104.55 43.25 -1.00
C SER CA 435 104.96 43.68 -2.41
N PRO CA 436 106.26 43.75 -2.69
CA PRO CA 436 106.70 44.13 -4.04
C PRO CA 436 106.21 43.13 -5.08
N PHE CA 437 105.85 43.66 -6.25
CA PHE CA 437 105.36 42.82 -7.34
C PHE CA 437 106.53 42.15 -8.07
N SER CA 438 106.23 41.02 -8.70
CA SER CA 438 107.23 40.28 -9.45
C SER CA 438 107.02 40.43 -10.96
N ASP DA 229 75.00 7.99 -14.70
CA ASP DA 229 74.16 9.11 -15.08
C ASP DA 229 74.31 10.26 -14.07
N LEU DA 230 73.65 10.11 -12.92
CA LEU DA 230 73.75 11.13 -11.88
C LEU DA 230 75.15 11.20 -11.29
N ASN DA 231 75.82 10.04 -11.17
CA ASN DA 231 77.15 10.02 -10.57
C ASN DA 231 78.15 10.83 -11.39
N ASP DA 232 78.07 10.71 -12.72
CA ASP DA 232 78.96 11.50 -13.57
C ASP DA 232 78.69 13.00 -13.42
N ALA DA 233 77.42 13.38 -13.29
CA ALA DA 233 77.09 14.78 -13.07
C ALA DA 233 77.65 15.28 -11.74
N GLN DA 234 77.53 14.48 -10.69
CA GLN DA 234 78.13 14.86 -9.42
C GLN DA 234 79.64 15.01 -9.56
N LEU DA 235 80.28 14.09 -10.28
CA LEU DA 235 81.72 14.15 -10.46
C LEU DA 235 82.14 15.41 -11.20
N LYS DA 236 81.45 15.76 -12.29
CA LYS DA 236 81.92 16.93 -13.03
C LYS DA 236 81.59 18.23 -12.30
N PHE DA 237 80.48 18.25 -11.54
CA PHE DA 237 80.22 19.44 -10.72
C PHE DA 237 81.30 19.62 -9.66
N ALA DA 238 81.70 18.53 -9.01
CA ALA DA 238 82.80 18.62 -8.05
C ALA DA 238 84.08 19.08 -8.74
N ASN DA 239 84.34 18.59 -9.95
CA ASN DA 239 85.53 18.99 -10.68
C ASN DA 239 85.51 20.49 -11.00
N ASP DA 240 84.36 21.02 -11.41
CA ASP DA 240 84.26 22.46 -11.68
C ASP DA 240 84.45 23.29 -10.41
N VAL DA 241 83.88 22.84 -9.28
CA VAL DA 241 84.10 23.58 -8.03
C VAL DA 241 85.58 23.61 -7.67
N GLU DA 242 86.24 22.44 -7.77
CA GLU DA 242 87.66 22.37 -7.45
C GLU DA 242 88.48 23.23 -8.39
N SER DA 243 88.14 23.22 -9.67
CA SER DA 243 88.88 24.04 -10.65
C SER DA 243 88.69 25.52 -10.37
N ARG DA 244 87.48 25.94 -9.98
CA ARG DA 244 87.25 27.33 -9.64
C ARG DA 244 88.10 27.75 -8.44
N ILE DA 245 88.13 26.91 -7.40
CA ILE DA 245 88.93 27.25 -6.23
C ILE DA 245 90.41 27.30 -6.58
N GLN DA 246 90.88 26.34 -7.38
CA GLN DA 246 92.28 26.32 -7.79
C GLN DA 246 92.63 27.56 -8.61
N ARG DA 247 91.75 27.97 -9.52
CA ARG DA 247 92.00 29.16 -10.32
C ARG DA 247 92.06 30.40 -9.46
N ARG DA 248 91.15 30.52 -8.49
CA ARG DA 248 91.19 31.66 -7.58
C ARG DA 248 92.50 31.70 -6.80
N ILE DA 249 92.94 30.55 -6.27
CA ILE DA 249 94.17 30.51 -5.49
C ILE DA 249 95.37 30.87 -6.36
N GLU DA 250 95.44 30.32 -7.57
CA GLU DA 250 96.55 30.62 -8.47
C GLU DA 250 96.57 32.10 -8.85
N ALA DA 251 95.39 32.68 -9.12
CA ALA DA 251 95.33 34.09 -9.49
C ALA DA 251 95.77 34.98 -8.34
N ILE DA 252 95.34 34.66 -7.11
CA ILE DA 252 95.72 35.52 -5.99
C ILE DA 252 97.19 35.37 -5.64
N LEU DA 253 97.76 34.17 -5.77
CA LEU DA 253 99.15 33.94 -5.38
C LEU DA 253 100.15 34.22 -6.49
N SER DA 254 99.70 34.38 -7.74
CA SER DA 254 100.64 34.58 -8.85
C SER DA 254 101.46 35.86 -8.74
N PRO DA 255 100.90 37.04 -8.48
CA PRO DA 255 101.70 38.28 -8.57
C PRO DA 255 102.91 38.31 -7.65
N ILE DA 256 102.84 37.71 -6.47
CA ILE DA 256 103.90 37.87 -5.47
C ILE DA 256 105.06 36.91 -5.77
N VAL DA 257 104.80 35.61 -5.71
CA VAL DA 257 105.88 34.63 -5.81
C VAL DA 257 106.42 34.55 -7.24
N GLY DA 258 105.56 34.74 -8.22
CA GLY DA 258 105.96 34.65 -9.61
C GLY DA 258 104.87 34.02 -10.46
N ASN DA 259 105.07 34.12 -11.77
CA ASN DA 259 104.05 33.63 -12.70
C ASN DA 259 103.88 32.12 -12.61
N GLY DA 260 104.99 31.38 -12.52
CA GLY DA 260 104.91 29.93 -12.52
C GLY DA 260 105.70 29.28 -11.40
N ASN DA 261 105.76 29.92 -10.23
CA ASN DA 261 106.48 29.39 -9.08
C ASN DA 261 105.53 28.93 -7.98
N VAL DA 262 104.32 28.50 -8.34
CA VAL DA 262 103.33 28.07 -7.36
C VAL DA 262 102.39 27.08 -8.02
N HIS DA 263 102.01 26.06 -7.26
CA HIS DA 263 101.01 25.08 -7.69
C HIS DA 263 100.10 24.75 -6.52
N ALA DA 264 98.86 24.40 -6.82
CA ALA DA 264 97.87 24.08 -5.79
C ALA DA 264 96.94 22.99 -6.29
N GLN DA 265 96.40 22.23 -5.34
CA GLN DA 265 95.41 21.20 -5.62
C GLN DA 265 94.33 21.25 -4.56
N VAL DA 266 93.08 21.09 -4.98
CA VAL DA 266 91.92 21.23 -4.10
C VAL DA 266 91.04 19.99 -4.26
N THR DA 267 90.61 19.42 -3.13
CA THR DA 267 89.64 18.34 -3.10
C THR DA 267 88.49 18.74 -2.21
N ALA DA 268 87.27 18.41 -2.64
CA ALA DA 268 86.06 18.85 -1.96
C ALA DA 268 85.10 17.69 -1.76
N GLN DA 269 84.32 17.76 -0.69
CA GLN DA 269 83.25 16.83 -0.41
C GLN DA 269 81.91 17.56 -0.49
N LEU DA 270 80.93 16.92 -1.12
CA LEU DA 270 79.64 17.53 -1.38
C LEU DA 270 78.52 16.67 -0.82
N ASP DA 271 77.44 17.33 -0.40
CA ASP DA 271 76.27 16.66 0.14
C ASP DA 271 75.20 16.57 -0.94
N PHE DA 272 74.80 15.36 -1.30
CA PHE DA 272 73.83 15.13 -2.36
C PHE DA 272 72.53 14.49 -1.84
N ALA DA 273 72.30 14.55 -0.53
CA ALA DA 273 71.10 13.99 0.06
C ALA DA 273 69.96 14.99 0.04
N ASN DA 274 68.74 14.46 0.14
CA ASN DA 274 67.53 15.28 0.18
C ASN DA 274 67.03 15.34 1.61
N LYS DA 275 66.86 16.57 2.13
CA LYS DA 275 66.46 16.77 3.51
C LYS DA 275 65.30 17.77 3.57
N GLU DA 276 64.43 17.57 4.56
CA GLU DA 276 63.34 18.48 4.86
C GLU DA 276 63.25 18.64 6.37
N GLN DA 277 62.73 19.79 6.80
CA GLN DA 277 62.65 20.06 8.24
C GLN DA 277 61.44 20.92 8.53
N THR DA 278 60.77 20.62 9.64
CA THR DA 278 59.66 21.39 10.15
C THR DA 278 59.84 21.60 11.65
N GLU DA 279 59.79 22.86 12.08
CA GLU DA 279 60.03 23.21 13.47
C GLU DA 279 58.84 24.00 14.02
N GLU DA 280 58.39 23.61 15.21
CA GLU DA 280 57.32 24.31 15.92
C GLU DA 280 57.83 24.69 17.31
N HIS DA 281 57.60 25.95 17.70
N HIS DA 281 57.60 25.94 17.70
CA HIS DA 281 58.08 26.44 18.98
CA HIS DA 281 58.09 26.45 18.97
C HIS DA 281 56.99 27.25 19.66
C HIS DA 281 57.00 27.27 19.66
N TYR DA 282 57.00 27.22 20.99
CA TYR DA 282 56.03 27.95 21.80
C TYR DA 282 56.75 28.77 22.85
N SER DA 283 56.16 29.91 23.21
CA SER DA 283 56.71 30.79 24.24
C SER DA 283 56.19 30.40 25.61
N PRO DA 284 57.05 30.18 26.60
CA PRO DA 284 56.58 29.81 27.93
C PRO DA 284 55.79 30.93 28.58
N ASN DA 285 54.79 30.54 29.38
CA ASN DA 285 53.93 31.48 30.10
C ASN DA 285 53.86 31.14 31.58
N GLY DA 286 54.99 30.71 32.15
CA GLY DA 286 55.02 30.35 33.56
C GLY DA 286 54.93 31.54 34.49
N ASP DA 287 55.27 32.73 34.01
CA ASP DA 287 55.20 33.94 34.81
C ASP DA 287 53.87 34.65 34.56
N ALA DA 288 53.20 35.05 35.64
CA ALA DA 288 51.91 35.71 35.52
C ALA DA 288 52.02 37.08 34.87
N SER DA 289 53.20 37.71 34.91
CA SER DA 289 53.36 39.03 34.31
C SER DA 289 53.46 38.96 32.78
N LYS DA 290 53.62 37.77 32.21
CA LYS DA 290 53.74 37.61 30.78
C LYS DA 290 52.66 36.71 30.18
N ALA DA 291 51.75 36.20 30.99
CA ALA DA 291 50.70 35.31 30.49
C ALA DA 291 49.57 36.12 29.84
N THR DA 292 48.82 35.45 28.99
CA THR DA 292 47.66 36.04 28.31
C THR DA 292 46.44 35.18 28.59
N LEU DA 293 45.51 35.71 29.38
CA LEU DA 293 44.32 34.97 29.78
C LEU DA 293 43.17 35.26 28.83
N ARG DA 294 42.25 34.30 28.73
CA ARG DA 294 41.04 34.45 27.95
C ARG DA 294 39.78 34.37 28.80
N SER DA 295 39.74 33.47 29.78
CA SER DA 295 38.59 33.36 30.68
C SER DA 295 39.08 32.77 32.00
N ARG DA 296 38.70 33.41 33.10
CA ARG DA 296 39.16 33.01 34.42
C ARG DA 296 37.98 32.99 35.39
N GLN DA 297 37.94 31.94 36.23
CA GLN DA 297 36.94 31.82 37.28
C GLN DA 297 37.65 31.59 38.61
N LEU DA 298 37.27 32.35 39.63
CA LEU DA 298 37.92 32.28 40.93
C LEU DA 298 36.86 32.31 42.02
N ASN DA 299 36.80 31.25 42.83
CA ASN DA 299 35.85 31.14 43.92
C ASN DA 299 36.62 31.05 45.23
N ILE DA 300 36.24 31.88 46.20
CA ILE DA 300 36.90 31.93 47.50
C ILE DA 300 35.83 31.86 48.59
N SER DA 301 36.09 31.03 49.61
CA SER DA 301 35.20 30.91 50.75
C SER DA 301 36.03 30.84 52.03
N GLU DA 302 35.44 31.28 53.13
CA GLU DA 302 36.14 31.29 54.41
C GLU DA 302 35.14 31.40 55.54
N GLN DA 303 35.17 30.42 56.45
CA GLN DA 303 34.37 30.45 57.66
C GLN DA 303 35.29 30.52 58.86
N VAL DA 304 34.91 31.34 59.84
CA VAL DA 304 35.70 31.49 61.06
C VAL DA 304 34.82 31.28 62.29
N PRO DA 355 38.22 26.87 65.20
CA PRO DA 355 37.64 26.32 63.97
C PRO DA 355 37.79 27.26 62.78
N ARG DA 356 38.67 26.92 61.85
CA ARG DA 356 38.90 27.74 60.66
C ARG DA 356 38.77 26.87 59.42
N SER DA 357 38.00 27.36 58.45
CA SER DA 357 37.79 26.67 57.19
C SER DA 357 38.13 27.61 56.03
N THR DA 358 38.84 27.07 55.03
CA THR DA 358 39.23 27.84 53.87
C THR DA 358 39.10 26.98 52.63
N GLN DA 359 38.57 27.57 51.56
CA GLN DA 359 38.39 26.87 50.28
C GLN DA 359 38.68 27.85 49.15
N ARG DA 360 39.43 27.38 48.14
CA ARG DA 360 39.80 28.21 47.01
C ARG DA 360 39.78 27.38 45.74
N ASN DA 361 38.99 27.82 44.76
CA ASN DA 361 38.89 27.17 43.46
C ASN DA 361 39.30 28.14 42.37
N GLU DA 362 39.96 27.63 41.34
CA GLU DA 362 40.46 28.49 40.27
C GLU DA 362 40.54 27.71 38.97
N THR DA 363 40.14 28.36 37.87
CA THR DA 363 40.22 27.80 36.53
C THR DA 363 40.71 28.88 35.58
N SER DA 364 41.61 28.50 34.68
CA SER DA 364 42.22 29.46 33.77
C SER DA 364 42.31 28.88 32.37
N ASN DA 365 42.22 29.78 31.38
CA ASN DA 365 42.41 29.44 29.98
C ASN DA 365 43.36 30.47 29.36
N TYR DA 366 44.32 29.99 28.58
CA TYR DA 366 45.41 30.83 28.12
C TYR DA 366 45.45 30.90 26.59
N GLU DA 367 46.07 31.96 26.10
CA GLU DA 367 46.44 32.11 24.69
C GLU DA 367 47.96 32.17 24.60
N VAL DA 368 48.51 31.45 23.63
CA VAL DA 368 49.96 31.26 23.55
C VAL DA 368 50.48 31.71 22.20
N ASP DA 369 51.74 32.11 22.17
CA ASP DA 369 52.42 32.49 20.95
C ASP DA 369 53.18 31.29 20.38
N ARG DA 370 53.05 31.07 19.08
CA ARG DA 370 53.67 29.93 18.43
C ARG DA 370 54.37 30.37 17.15
N THR DA 371 55.41 29.61 16.79
CA THR DA 371 56.19 29.87 15.59
C THR DA 371 56.40 28.56 14.83
N ILE DA 372 56.17 28.60 13.52
CA ILE DA 372 56.29 27.43 12.64
C ILE DA 372 57.23 27.78 11.50
N ARG DA 373 58.21 26.91 11.25
N ARG DA 373 58.21 26.91 11.26
CA ARG DA 373 59.18 27.11 10.19
CA ARG DA 373 59.19 27.10 10.19
C ARG DA 373 59.32 25.83 9.36
C ARG DA 373 59.30 25.83 9.36
N HIS DA 374 59.36 25.99 8.05
CA HIS DA 374 59.53 24.88 7.11
C HIS DA 374 60.76 25.16 6.25
N THR DA 375 61.62 24.16 6.11
CA THR DA 375 62.88 24.32 5.39
C THR DA 375 63.12 23.13 4.48
N LYS DA 376 63.53 23.41 3.25
CA LYS DA 376 63.96 22.39 2.29
C LYS DA 376 65.38 22.72 1.86
N MET DA 377 66.31 21.81 2.14
CA MET DA 377 67.73 22.09 1.94
C MET DA 377 68.08 21.97 0.45
N ASN DA 378 69.26 22.51 0.12
CA ASN DA 378 69.77 22.50 -1.25
C ASN DA 378 70.69 21.30 -1.47
N VAL DA 379 70.64 20.76 -2.67
CA VAL DA 379 71.45 19.59 -3.03
C VAL DA 379 72.72 20.06 -3.71
N GLY DA 380 73.87 19.67 -3.17
CA GLY DA 380 75.15 20.04 -3.77
C GLY DA 380 75.92 21.08 -2.98
N ASP DA 381 75.87 21.00 -1.65
CA ASP DA 381 76.55 21.95 -0.79
C ASP DA 381 77.88 21.37 -0.31
N ILE DA 382 78.85 22.25 -0.11
CA ILE DA 382 80.18 21.84 0.31
C ILE DA 382 80.16 21.48 1.80
N GLU DA 383 80.87 20.41 2.15
CA GLU DA 383 80.98 19.96 3.53
C GLU DA 383 82.37 20.13 4.13
N ARG DA 384 83.43 19.90 3.34
CA ARG DA 384 84.79 19.99 3.85
C ARG DA 384 85.73 20.33 2.71
N LEU DA 385 86.85 20.95 3.05
CA LEU DA 385 87.86 21.36 2.07
C LEU DA 385 89.24 21.00 2.56
N SER DA 386 90.07 20.51 1.64
CA SER DA 386 91.48 20.21 1.91
C SER DA 386 92.32 20.81 0.79
N VAL DA 387 93.29 21.65 1.15
CA VAL DA 387 94.07 22.39 0.17
C VAL DA 387 95.55 22.17 0.44
N ALA DA 388 96.30 21.88 -0.62
CA ALA DA 388 97.74 21.73 -0.57
C ALA DA 388 98.37 22.71 -1.56
N VAL DA 389 99.37 23.45 -1.09
CA VAL DA 389 100.06 24.46 -1.88
C VAL DA 389 101.56 24.20 -1.80
N VAL DA 390 102.23 24.29 -2.95
CA VAL DA 390 103.68 24.13 -3.03
C VAL DA 390 104.26 25.37 -3.70
N VAL DA 391 105.27 25.97 -3.07
CA VAL DA 391 105.91 27.17 -3.59
C VAL DA 391 107.39 26.90 -3.82
N ASN DA 392 107.96 27.64 -4.76
CA ASN DA 392 109.34 27.48 -5.18
C ASN DA 392 110.28 28.35 -4.34
N TYR DA 393 111.56 28.01 -4.38
CA TYR DA 393 112.57 28.81 -3.71
C TYR DA 393 112.84 30.11 -4.47
N LYS DA 394 113.47 31.06 -3.79
CA LYS DA 394 113.82 32.35 -4.38
C LYS DA 394 115.21 32.25 -4.98
N THR DA 395 115.32 32.48 -6.28
CA THR DA 395 116.58 32.43 -7.00
C THR DA 395 117.06 33.83 -7.33
N LEU DA 396 118.31 34.12 -7.00
CA LEU DA 396 118.89 35.43 -7.27
C LEU DA 396 119.66 35.43 -8.58
N PRO DA 401 118.43 29.76 -5.26
CA PRO DA 401 118.36 28.65 -4.31
C PRO DA 401 118.37 29.12 -2.85
N LEU DA 402 117.55 30.13 -2.55
CA LEU DA 402 117.46 30.68 -1.21
C LEU DA 402 116.04 30.49 -0.67
N PRO DA 403 115.88 29.94 0.53
CA PRO DA 403 114.54 29.75 1.07
C PRO DA 403 113.86 31.07 1.39
N LEU DA 404 112.54 31.06 1.31
CA LEU DA 404 111.75 32.26 1.58
C LEU DA 404 111.70 32.55 3.08
N THR DA 405 111.48 33.82 3.41
CA THR DA 405 111.41 34.23 4.81
C THR DA 405 110.12 33.72 5.45
N ALA DA 406 110.14 33.62 6.78
CA ALA DA 406 108.98 33.13 7.51
C ALA DA 406 107.80 34.08 7.37
N ASP DA 407 108.06 35.39 7.34
CA ASP DA 407 106.98 36.36 7.17
C ASP DA 407 106.31 36.20 5.82
N GLN DA 408 107.09 35.95 4.76
CA GLN DA 408 106.51 35.71 3.45
C GLN DA 408 105.64 34.46 3.46
N MET DA 409 106.09 33.40 4.14
CA MET DA 409 105.29 32.20 4.26
C MET DA 409 103.98 32.46 5.00
N LYS DA 410 104.04 33.24 6.08
CA LYS DA 410 102.83 33.58 6.82
C LYS DA 410 101.86 34.37 5.95
N GLN DA 411 102.37 35.33 5.18
CA GLN DA 411 101.52 36.09 4.28
C GLN DA 411 100.89 35.20 3.22
N ILE DA 412 101.66 34.26 2.68
CA ILE DA 412 101.14 33.33 1.67
C ILE DA 412 100.03 32.47 2.27
N GLU DA 413 100.25 31.97 3.49
CA GLU DA 413 99.21 31.17 4.14
C GLU DA 413 97.96 31.98 4.39
N ASP DA 414 98.11 33.23 4.82
CA ASP DA 414 96.93 34.08 5.05
C ASP DA 414 96.18 34.34 3.75
N LEU DA 415 96.90 34.61 2.66
CA LEU DA 415 96.24 34.84 1.38
C LEU DA 415 95.53 33.59 0.89
N THR DA 416 96.14 32.42 1.05
CA THR DA 416 95.48 31.18 0.65
C THR DA 416 94.25 30.91 1.50
N ARG DA 417 94.33 31.20 2.81
CA ARG DA 417 93.19 31.03 3.70
C ARG DA 417 92.04 31.94 3.27
N GLU DA 418 92.34 33.17 2.88
CA GLU DA 418 91.31 34.07 2.37
C GLU DA 418 90.73 33.56 1.06
N ALA DA 419 91.58 33.08 0.15
CA ALA DA 419 91.11 32.69 -1.17
C ALA DA 419 90.24 31.43 -1.12
N MET DA 420 90.58 30.48 -0.24
CA MET DA 420 89.86 29.22 -0.22
C MET DA 420 88.60 29.25 0.63
N GLY DA 421 88.29 30.37 1.29
CA GLY DA 421 87.09 30.45 2.10
C GLY DA 421 87.12 29.54 3.31
N PHE DA 422 88.23 29.55 4.04
CA PHE DA 422 88.40 28.68 5.19
C PHE DA 422 87.32 28.89 6.23
N SER DA 423 86.77 27.79 6.75
CA SER DA 423 85.78 27.81 7.82
C SER DA 423 86.16 26.76 8.85
N ASP DA 424 86.42 27.20 10.07
CA ASP DA 424 86.83 26.26 11.12
C ASP DA 424 85.70 25.32 11.49
N LYS DA 425 84.45 25.81 11.48
CA LYS DA 425 83.31 24.97 11.79
C LYS DA 425 83.13 23.86 10.76
N ARG DA 426 83.53 24.10 9.52
CA ARG DA 426 83.42 23.12 8.45
C ARG DA 426 84.58 22.13 8.44
N GLY DA 427 85.57 22.30 9.32
CA GLY DA 427 86.70 21.40 9.38
C GLY DA 427 87.62 21.45 8.17
N ASP DA 428 87.84 22.64 7.61
CA ASP DA 428 88.74 22.79 6.49
C ASP DA 428 90.19 22.63 6.94
N THR DA 429 91.04 22.22 6.00
CA THR DA 429 92.44 21.97 6.31
C THR DA 429 93.31 22.48 5.17
N LEU DA 430 94.40 23.19 5.52
CA LEU DA 430 95.30 23.79 4.55
C LEU DA 430 96.74 23.43 4.92
N ASN DA 431 97.55 23.15 3.90
CA ASN DA 431 98.97 22.87 4.11
C ASN DA 431 99.77 23.51 2.98
N VAL DA 432 100.81 24.26 3.36
CA VAL DA 432 101.68 24.96 2.42
C VAL DA 432 103.11 24.50 2.66
N VAL DA 433 103.81 24.16 1.57
CA VAL DA 433 105.17 23.64 1.63
C VAL DA 433 106.05 24.44 0.67
N ASN DA 434 107.22 24.85 1.15
CA ASN DA 434 108.20 25.56 0.33
C ASN DA 434 109.36 24.61 0.05
N SER DA 435 109.64 24.38 -1.23
CA SER DA 435 110.68 23.44 -1.64
C SER DA 435 111.14 23.82 -3.04
N PRO DA 436 112.43 23.65 -3.34
CA PRO DA 436 112.92 23.97 -4.69
C PRO DA 436 112.26 23.10 -5.74
N PHE DA 437 111.99 23.70 -6.89
CA PHE DA 437 111.34 22.98 -7.99
C PHE DA 437 112.35 22.13 -8.75
N SER DA 438 111.85 21.07 -9.39
CA SER DA 438 112.69 20.18 -10.16
C SER DA 438 112.50 20.39 -11.66
N ASP EA 229 75.06 -5.59 -15.51
CA ASP EA 229 74.44 -4.32 -15.86
C ASP EA 229 74.80 -3.24 -14.84
N LEU EA 230 74.14 -3.29 -13.68
CA LEU EA 230 74.42 -2.31 -12.62
C LEU EA 230 75.82 -2.51 -12.05
N ASN EA 231 76.26 -3.77 -11.96
CA ASN EA 231 77.57 -4.06 -11.38
C ASN EA 231 78.69 -3.43 -12.20
N ASP EA 232 78.59 -3.51 -13.53
CA ASP EA 232 79.60 -2.87 -14.37
C ASP EA 232 79.61 -1.37 -14.19
N ALA EA 233 78.43 -0.76 -14.04
CA ALA EA 233 78.36 0.68 -13.80
C ALA EA 233 79.02 1.05 -12.47
N GLN EA 234 78.77 0.26 -11.42
CA GLN EA 234 79.45 0.51 -10.16
C GLN EA 234 80.95 0.38 -10.32
N LEU EA 235 81.40 -0.64 -11.06
CA LEU EA 235 82.83 -0.84 -11.26
C LEU EA 235 83.47 0.35 -11.98
N LYS EA 236 82.84 0.84 -13.06
CA LYS EA 236 83.51 1.91 -13.79
C LYS EA 236 83.42 3.23 -13.03
N PHE EA 237 82.36 3.45 -12.26
CA PHE EA 237 82.31 4.64 -11.42
C PHE EA 237 83.42 4.61 -10.37
N ALA EA 238 83.63 3.44 -9.74
CA ALA EA 238 84.74 3.33 -8.80
C ALA EA 238 86.08 3.55 -9.49
N ASN EA 239 86.22 3.05 -10.71
CA ASN EA 239 87.46 3.25 -11.45
C ASN EA 239 87.71 4.72 -11.74
N ASP EA 240 86.66 5.46 -12.14
CA ASP EA 240 86.83 6.89 -12.38
C ASP EA 240 87.19 7.64 -11.10
N VAL EA 241 86.56 7.30 -9.97
CA VAL EA 241 86.91 7.96 -8.72
C VAL EA 241 88.37 7.70 -8.37
N GLU EA 242 88.81 6.45 -8.49
CA GLU EA 242 90.20 6.11 -8.19
C GLU EA 242 91.15 6.83 -9.13
N SER EA 243 90.80 6.91 -10.41
CA SER EA 243 91.66 7.59 -11.38
C SER EA 243 91.75 9.07 -11.08
N ARG EA 244 90.65 9.70 -10.67
CA ARG EA 244 90.68 11.11 -10.30
C ARG EA 244 91.60 11.34 -9.11
N ILE EA 245 91.49 10.50 -8.08
CA ILE EA 245 92.35 10.66 -6.91
C ILE EA 245 93.81 10.44 -7.28
N GLN EA 246 94.09 9.43 -8.10
CA GLN EA 246 95.46 9.16 -8.53
C GLN EA 246 96.03 10.33 -9.34
N ARG EA 247 95.22 10.91 -10.23
CA ARG EA 247 95.68 12.04 -11.01
C ARG EA 247 95.98 13.24 -10.13
N ARG EA 248 95.11 13.50 -9.15
CA ARG EA 248 95.38 14.61 -8.22
C ARG EA 248 96.67 14.39 -7.46
N ILE EA 249 96.89 13.17 -6.96
CA ILE EA 249 98.11 12.89 -6.19
C ILE EA 249 99.34 13.05 -7.07
N GLU EA 250 99.29 12.51 -8.29
CA GLU EA 250 100.43 12.62 -9.20
C GLU EA 250 100.72 14.07 -9.56
N ALA EA 251 99.67 14.86 -9.80
CA ALA EA 251 99.85 16.26 -10.15
C ALA EA 251 100.46 17.04 -8.99
N ILE EA 252 100.01 16.78 -7.76
CA ILE EA 252 100.53 17.55 -6.63
C ILE EA 252 101.96 17.12 -6.31
N LEU EA 253 102.29 15.84 -6.46
CA LEU EA 253 103.62 15.35 -6.09
C LEU EA 253 104.66 15.47 -7.21
N SER EA 254 104.23 15.73 -8.45
CA SER EA 254 105.18 15.77 -9.57
C SER EA 254 106.22 16.87 -9.45
N PRO EA 255 105.88 18.13 -9.16
CA PRO EA 255 106.89 19.20 -9.25
C PRO EA 255 108.10 19.00 -8.34
N ILE EA 256 107.93 18.40 -7.16
CA ILE EA 256 109.02 18.35 -6.18
C ILE EA 256 109.97 17.21 -6.51
N VAL EA 257 109.47 15.96 -6.47
CA VAL EA 257 110.36 14.81 -6.60
C VAL EA 257 110.86 14.66 -8.03
N GLY EA 258 110.05 15.03 -8.99
CA GLY EA 258 110.42 14.87 -10.39
C GLY EA 258 109.22 14.48 -11.23
N ASN EA 259 109.42 14.56 -12.55
CA ASN EA 259 108.32 14.29 -13.48
C ASN EA 259 107.88 12.82 -13.40
N GLY EA 260 108.83 11.90 -13.34
CA GLY EA 260 108.49 10.49 -13.36
C GLY EA 260 109.16 9.68 -12.26
N ASN EA 261 109.34 10.27 -11.08
CA ASN EA 261 109.96 9.61 -9.95
C ASN EA 261 108.96 9.30 -8.84
N VAL EA 262 107.69 9.11 -9.20
CA VAL EA 262 106.66 8.85 -8.21
C VAL EA 262 105.53 8.07 -8.87
N HIS EA 263 104.97 7.12 -8.12
CA HIS EA 263 103.82 6.35 -8.55
C HIS EA 263 102.88 6.17 -7.38
N ALA EA 264 101.59 6.05 -7.67
CA ALA EA 264 100.57 5.90 -6.64
C ALA EA 264 99.45 5.01 -7.14
N GLN EA 265 98.78 4.35 -6.20
CA GLN EA 265 97.62 3.52 -6.48
C GLN EA 265 96.57 3.75 -5.41
N VAL EA 266 95.31 3.82 -5.82
CA VAL EA 266 94.20 4.15 -4.92
C VAL EA 266 93.11 3.11 -5.08
N THR EA 267 92.61 2.61 -3.96
CA THR EA 267 91.46 1.71 -3.93
C THR EA 267 90.39 2.31 -3.02
N ALA EA 268 89.13 2.21 -3.44
CA ALA EA 268 88.03 2.85 -2.73
C ALA EA 268 86.87 1.88 -2.54
N GLN EA 269 86.13 2.08 -1.46
CA GLN EA 269 84.91 1.34 -1.18
C GLN EA 269 83.73 2.32 -1.24
N LEU EA 270 82.65 1.87 -1.87
CA LEU EA 270 81.48 2.72 -2.10
C LEU EA 270 80.23 2.07 -1.54
N ASP EA 271 79.30 2.90 -1.09
CA ASP EA 271 78.02 2.45 -0.55
C ASP EA 271 76.96 2.58 -1.62
N PHE EA 272 76.33 1.46 -2.00
CA PHE EA 272 75.32 1.43 -3.04
C PHE EA 272 73.94 1.03 -2.52
N ALA EA 273 73.73 1.12 -1.20
CA ALA EA 273 72.46 0.76 -0.61
C ALA EA 273 71.51 1.96 -0.60
N ASN EA 274 70.22 1.67 -0.49
CA ASN EA 274 69.18 2.68 -0.42
C ASN EA 274 68.71 2.82 1.01
N LYS EA 275 68.78 4.04 1.55
CA LYS EA 275 68.43 4.29 2.95
C LYS EA 275 67.49 5.48 3.03
N GLU EA 276 66.59 5.42 4.03
CA GLU EA 276 65.69 6.52 4.35
C GLU EA 276 65.64 6.66 5.87
N GLN EA 277 65.36 7.88 6.32
CA GLN EA 277 65.34 8.13 7.77
C GLN EA 277 64.30 9.19 8.09
N THR EA 278 63.61 9.00 9.20
CA THR EA 278 62.65 9.96 9.74
C THR EA 278 62.88 10.10 11.23
N GLU EA 279 63.07 11.34 11.69
CA GLU EA 279 63.38 11.62 13.08
C GLU EA 279 62.36 12.60 13.65
N GLU EA 280 61.86 12.29 14.84
CA GLU EA 280 60.95 13.16 15.58
C GLU EA 280 61.53 13.41 16.96
N HIS EA 281 61.54 14.68 17.38
N HIS EA 281 61.53 14.67 17.38
CA HIS EA 281 62.11 15.06 18.66
CA HIS EA 281 62.12 15.07 18.65
C HIS EA 281 61.20 16.04 19.36
C HIS EA 281 61.21 16.05 19.37
N TYR EA 282 61.21 15.98 20.70
CA TYR EA 282 60.40 16.86 21.53
C TYR EA 282 61.28 17.52 22.59
N SER EA 283 60.89 18.74 22.97
CA SER EA 283 61.60 19.49 24.00
C SER EA 283 61.03 19.19 25.37
N PRO EA 284 61.86 18.79 26.35
CA PRO EA 284 61.33 18.49 27.68
C PRO EA 284 60.77 19.72 28.36
N ASN EA 285 59.72 19.51 29.16
CA ASN EA 285 59.06 20.58 29.90
C ASN EA 285 58.94 20.22 31.38
N GLY EA 286 59.98 19.58 31.93
CA GLY EA 286 59.95 19.20 33.33
C GLY EA 286 60.09 20.38 34.29
N ASP EA 287 60.64 21.49 33.82
CA ASP EA 287 60.80 22.68 34.64
C ASP EA 287 59.63 23.62 34.42
N ALA EA 288 59.04 24.12 35.51
CA ALA EA 288 57.90 25.01 35.41
C ALA EA 288 58.25 26.35 34.78
N SER EA 289 59.52 26.75 34.82
CA SER EA 289 59.92 28.03 34.24
C SER EA 289 59.99 27.97 32.71
N LYS EA 290 59.93 26.77 32.12
CA LYS EA 290 60.00 26.61 30.68
C LYS EA 290 58.77 25.95 30.09
N ALA EA 291 57.77 25.59 30.89
CA ALA EA 291 56.58 24.93 30.39
C ALA EA 291 55.62 25.94 29.77
N THR EA 292 54.74 25.43 28.92
CA THR EA 292 53.71 26.23 28.26
C THR EA 292 52.36 25.60 28.55
N LEU EA 293 51.55 26.27 29.36
CA LEU EA 293 50.25 25.76 29.77
C LEU EA 293 49.15 26.28 28.83
N ARG EA 294 48.08 25.50 28.73
CA ARG EA 294 46.91 25.89 27.96
C ARG EA 294 45.65 26.03 28.83
N SER EA 295 45.46 25.14 29.79
CA SER EA 295 44.33 25.21 30.71
C SER EA 295 44.71 24.53 32.01
N ARG EA 296 44.47 25.20 33.13
CA ARG EA 296 44.86 24.70 34.44
C ARG EA 296 43.70 24.88 35.42
N GLN EA 297 43.48 23.84 36.24
CA GLN EA 297 42.49 23.88 37.30
C GLN EA 297 43.15 23.51 38.62
N LEU EA 298 42.93 24.31 39.65
CA LEU EA 298 43.57 24.10 40.95
C LEU EA 298 42.54 24.30 42.05
N ASN EA 299 42.30 23.26 42.84
CA ASN EA 299 41.36 23.30 43.95
C ASN EA 299 42.10 23.04 45.25
N ILE EA 300 41.90 23.92 46.24
CA ILE EA 300 42.56 23.82 47.53
C ILE EA 300 41.51 23.93 48.63
N SER EA 301 41.61 23.05 49.63
CA SER EA 301 40.73 23.08 50.78
C SER EA 301 41.55 22.82 52.04
N GLU EA 302 41.07 23.36 53.16
CA GLU EA 302 41.77 23.22 54.43
C GLU EA 302 40.81 23.49 55.58
N GLN EA 303 40.67 22.51 56.47
CA GLN EA 303 39.89 22.65 57.69
C GLN EA 303 40.82 22.53 58.88
N VAL EA 304 40.61 23.39 59.88
CA VAL EA 304 41.42 23.37 61.09
C VAL EA 304 40.53 23.32 62.32
N PRO EA 355 43.10 18.30 65.13
CA PRO EA 355 42.42 17.88 63.90
C PRO EA 355 42.72 18.81 62.72
N ARG EA 356 43.51 18.33 61.77
CA ARG EA 356 43.90 19.11 60.59
C ARG EA 356 43.59 18.31 59.34
N SER EA 357 42.91 18.95 58.39
CA SER EA 357 42.58 18.33 57.12
C SER EA 357 43.07 19.20 55.97
N THR EA 358 43.65 18.57 54.95
CA THR EA 358 44.17 19.27 53.80
C THR EA 358 43.87 18.47 52.54
N GLN EA 359 43.44 19.17 51.49
CA GLN EA 359 43.13 18.54 50.21
C GLN EA 359 43.58 19.45 49.09
N ARG EA 360 44.22 18.88 48.06
CA ARG EA 360 44.73 19.64 46.94
C ARG EA 360 44.54 18.85 45.66
N ASN EA 361 43.84 19.45 44.69
CA ASN EA 361 43.60 18.85 43.39
C ASN EA 361 44.18 19.76 42.31
N GLU EA 362 44.72 19.15 41.26
CA GLU EA 362 45.36 19.91 40.20
C GLU EA 362 45.28 19.16 38.88
N THR EA 363 45.00 19.89 37.80
CA THR EA 363 44.96 19.35 36.45
C THR EA 363 45.64 20.33 35.52
N SER EA 364 46.45 19.81 34.59
CA SER EA 364 47.22 20.67 33.70
C SER EA 364 47.18 20.11 32.28
N ASN EA 365 47.25 21.02 31.30
CA ASN EA 365 47.36 20.68 29.90
C ASN EA 365 48.46 21.53 29.28
N TYR EA 366 49.33 20.89 28.49
CA TYR EA 366 50.55 21.52 28.02
C TYR EA 366 50.57 21.62 26.50
N GLU EA 367 51.38 22.56 26.01
CA GLU EA 367 51.76 22.66 24.61
C GLU EA 367 53.26 22.44 24.50
N VAL EA 368 53.66 21.65 23.51
CA VAL EA 368 55.04 21.19 23.40
C VAL EA 368 55.63 21.57 22.05
N ASP EA 369 56.95 21.73 22.02
CA ASP EA 369 57.66 22.00 20.79
C ASP EA 369 58.19 20.69 20.20
N ARG EA 370 58.01 20.52 18.89
CA ARG EA 370 58.41 19.29 18.22
C ARG EA 370 59.16 19.62 16.94
N THR EA 371 60.04 18.69 16.55
CA THR EA 371 60.84 18.83 15.34
C THR EA 371 60.80 17.52 14.57
N ILE EA 372 60.57 17.62 13.26
CA ILE EA 372 60.47 16.47 12.36
C ILE EA 372 61.45 16.66 11.22
N ARG EA 373 62.25 15.63 10.93
N ARG EA 373 62.25 15.63 10.94
CA ARG EA 373 63.23 15.66 9.87
CA ARG EA 373 63.24 15.66 9.87
C ARG EA 373 63.12 14.40 9.02
C ARG EA 373 63.11 14.40 9.02
N HIS EA 374 63.19 14.57 7.71
CA HIS EA 374 63.15 13.47 6.75
C HIS EA 374 64.38 13.52 5.88
N THR EA 375 65.06 12.39 5.71
CA THR EA 375 66.32 12.34 4.98
C THR EA 375 66.33 11.14 4.05
N LYS EA 376 66.76 11.36 2.82
CA LYS EA 376 67.00 10.29 1.84
C LYS EA 376 68.45 10.36 1.40
N MET EA 377 69.20 9.30 1.65
CA MET EA 377 70.64 9.31 1.43
C MET EA 377 70.95 9.16 -0.06
N ASN EA 378 72.20 9.48 -0.40
CA ASN EA 378 72.69 9.41 -1.77
C ASN EA 378 73.37 8.06 -2.02
N VAL EA 379 73.22 7.56 -3.23
CA VAL EA 379 73.80 6.27 -3.62
C VAL EA 379 75.12 6.51 -4.31
N GLY EA 380 76.19 5.91 -3.79
CA GLY EA 380 77.51 6.04 -4.39
C GLY EA 380 78.46 6.91 -3.60
N ASP EA 381 78.41 6.81 -2.27
CA ASP EA 381 79.26 7.61 -1.41
C ASP EA 381 80.47 6.79 -0.94
N ILE EA 382 81.59 7.48 -0.75
CA ILE EA 382 82.83 6.82 -0.35
C ILE EA 382 82.75 6.45 1.13
N GLU EA 383 83.26 5.26 1.46
CA GLU EA 383 83.30 4.78 2.83
C GLU EA 383 84.70 4.67 3.41
N ARG EA 384 85.69 4.27 2.61
CA ARG EA 384 87.04 4.10 3.10
C ARG EA 384 88.02 4.28 1.96
N LEU EA 385 89.25 4.68 2.29
CA LEU EA 385 90.29 4.92 1.30
C LEU EA 385 91.60 4.30 1.77
N SER EA 386 92.32 3.69 0.84
CA SER EA 386 93.64 3.13 1.08
C SER EA 386 94.56 3.58 -0.03
N VAL EA 387 95.67 4.23 0.33
CA VAL EA 387 96.58 4.84 -0.65
C VAL EA 387 97.99 4.33 -0.41
N ALA EA 388 98.67 3.93 -1.49
CA ALA EA 388 100.06 3.52 -1.45
C ALA EA 388 100.85 4.39 -2.43
N VAL EA 389 101.97 4.92 -1.96
CA VAL EA 389 102.82 5.81 -2.75
C VAL EA 389 104.25 5.28 -2.69
N VAL EA 390 104.92 5.25 -3.84
CA VAL EA 390 106.31 4.84 -3.94
C VAL EA 390 107.10 5.96 -4.60
N VAL EA 391 108.21 6.35 -3.98
CA VAL EA 391 109.05 7.44 -4.49
C VAL EA 391 110.46 6.91 -4.74
N ASN EA 392 111.15 7.55 -5.67
CA ASN EA 392 112.47 7.13 -6.11
C ASN EA 392 113.55 7.82 -5.27
N TYR EA 393 114.76 7.25 -5.34
CA TYR EA 393 115.91 7.83 -4.67
C TYR EA 393 116.39 9.07 -5.41
N LYS EA 394 117.19 9.87 -4.72
CA LYS EA 394 117.76 11.09 -5.30
C LYS EA 394 119.12 10.75 -5.91
N THR EA 395 119.25 10.99 -7.21
CA THR EA 395 120.47 10.70 -7.95
C THR EA 395 121.20 12.01 -8.27
N LEU EA 396 122.48 12.05 -7.95
CA LEU EA 396 123.30 13.25 -8.20
C LEU EA 396 124.04 13.13 -9.52
N PRO EA 401 121.82 7.71 -6.27
CA PRO EA 401 121.55 6.63 -5.34
C PRO EA 401 121.66 7.06 -3.87
N LEU EA 402 121.05 8.19 -3.55
CA LEU EA 402 121.07 8.73 -2.20
C LEU EA 402 119.65 8.79 -1.65
N PRO EA 403 119.40 8.26 -0.45
CA PRO EA 403 118.05 8.30 0.10
C PRO EA 403 117.63 9.72 0.45
N LEU EA 404 116.33 9.97 0.39
CA LEU EA 404 115.78 11.28 0.69
C LEU EA 404 115.79 11.55 2.20
N THR EA 405 115.81 12.83 2.55
CA THR EA 405 115.83 13.23 3.95
C THR EA 405 114.48 12.95 4.60
N ALA EA 406 114.50 12.82 5.93
CA ALA EA 406 113.27 12.54 6.67
C ALA EA 406 112.28 13.69 6.55
N ASP EA 407 112.78 14.93 6.54
CA ASP EA 407 111.89 16.08 6.40
C ASP EA 407 111.19 16.08 5.05
N GLN EA 408 111.90 15.71 3.99
CA GLN EA 408 111.27 15.59 2.68
C GLN EA 408 110.19 14.53 2.68
N MET EA 409 110.45 13.39 3.34
CA MET EA 409 109.43 12.35 3.44
C MET EA 409 108.21 12.84 4.21
N LYS EA 410 108.42 13.58 5.30
CA LYS EA 410 107.30 14.11 6.05
C LYS EA 410 106.48 15.08 5.21
N GLN EA 411 107.15 15.95 4.45
CA GLN EA 411 106.44 16.88 3.58
C GLN EA 411 105.65 16.12 2.50
N ILE EA 412 106.23 15.07 1.94
CA ILE EA 412 105.54 14.28 0.93
C ILE EA 412 104.30 13.61 1.53
N GLU EA 413 104.43 13.05 2.74
CA GLU EA 413 103.27 12.45 3.39
C GLU EA 413 102.19 13.47 3.67
N ASP EA 414 102.58 14.67 4.11
CA ASP EA 414 101.58 15.72 4.37
C ASP EA 414 100.86 16.13 3.08
N LEU EA 415 101.61 16.27 1.99
CA LEU EA 415 101.00 16.65 0.72
C LEU EA 415 100.05 15.57 0.22
N THR EA 416 100.46 14.30 0.35
CA THR EA 416 99.57 13.20 -0.06
C THR EA 416 98.32 13.15 0.80
N ARG EA 417 98.47 13.39 2.12
CA ARG EA 417 97.32 13.42 3.01
C ARG EA 417 96.35 14.53 2.61
N GLU EA 418 96.88 15.69 2.25
CA GLU EA 418 96.02 16.78 1.76
C GLU EA 418 95.34 16.41 0.45
N ALA EA 419 96.08 15.79 -0.48
CA ALA EA 419 95.53 15.52 -1.80
C ALA EA 419 94.45 14.44 -1.76
N MET EA 420 94.61 13.44 -0.90
CA MET EA 420 93.69 12.31 -0.89
C MET EA 420 92.46 12.56 -0.02
N GLY EA 421 92.37 13.70 0.66
CA GLY EA 421 91.21 14.00 1.49
C GLY EA 421 91.08 13.08 2.68
N PHE EA 422 92.19 12.87 3.40
CA PHE EA 422 92.20 11.95 4.53
C PHE EA 422 91.17 12.35 5.59
N SER EA 423 90.45 11.36 6.10
CA SER EA 423 89.49 11.55 7.18
C SER EA 423 89.68 10.43 8.18
N ASP EA 424 90.03 10.79 9.41
CA ASP EA 424 90.27 9.78 10.44
C ASP EA 424 88.98 9.04 10.82
N LYS EA 425 87.85 9.75 10.83
CA LYS EA 425 86.58 9.12 11.14
C LYS EA 425 86.19 8.09 10.10
N ARG EA 426 86.61 8.28 8.85
CA ARG EA 426 86.32 7.35 7.77
C ARG EA 426 87.28 6.16 7.72
N GLY EA 427 88.28 6.14 8.60
CA GLY EA 427 89.23 5.04 8.63
C GLY EA 427 90.13 4.95 7.41
N ASP EA 428 90.57 6.09 6.87
CA ASP EA 428 91.47 6.08 5.73
C ASP EA 428 92.86 5.65 6.16
N THR EA 429 93.63 5.11 5.21
CA THR EA 429 94.96 4.62 5.50
C THR EA 429 95.90 4.97 4.35
N LEU EA 430 97.08 5.46 4.70
CA LEU EA 430 98.08 5.90 3.73
C LEU EA 430 99.44 5.29 4.08
N ASN EA 431 100.17 4.87 3.04
CA ASN EA 431 101.51 4.34 3.23
C ASN EA 431 102.41 4.84 2.10
N VAL EA 432 103.57 5.39 2.48
CA VAL EA 432 104.55 5.93 1.53
C VAL EA 432 105.87 5.22 1.75
N VAL EA 433 106.49 4.76 0.65
CA VAL EA 433 107.73 4.01 0.69
C VAL EA 433 108.73 4.65 -0.27
N ASN EA 434 109.96 4.83 0.19
CA ASN EA 434 111.05 5.36 -0.62
C ASN EA 434 112.02 4.22 -0.93
N SER EA 435 112.23 3.97 -2.22
CA SER EA 435 113.08 2.86 -2.65
C SER EA 435 113.59 3.18 -4.05
N PRO EA 436 114.82 2.77 -4.37
CA PRO EA 436 115.35 3.03 -5.73
C PRO EA 436 114.53 2.30 -6.78
N PHE EA 437 114.36 2.96 -7.92
CA PHE EA 437 113.58 2.41 -9.02
C PHE EA 437 114.42 1.39 -9.80
N SER EA 438 113.73 0.46 -10.45
CA SER EA 438 114.38 -0.56 -11.25
C SER EA 438 114.21 -0.29 -12.75
N ASP FA 229 72.62 -18.93 -16.52
CA ASP FA 229 72.24 -17.56 -16.85
C ASP FA 229 72.80 -16.59 -15.81
N LEU FA 230 72.15 -16.53 -14.65
CA LEU FA 230 72.62 -15.64 -13.58
C LEU FA 230 73.97 -16.11 -13.02
N ASN FA 231 74.18 -17.43 -12.96
CA ASN FA 231 75.41 -17.96 -12.40
C ASN FA 231 76.62 -17.53 -13.22
N ASP FA 232 76.50 -17.55 -14.55
CA ASP FA 232 77.60 -17.11 -15.40
C ASP FA 232 77.88 -15.63 -15.20
N ALA FA 233 76.84 -14.82 -15.02
CA ALA FA 233 77.04 -13.40 -14.76
C ALA FA 233 77.76 -13.19 -13.44
N GLN FA 234 77.38 -13.92 -12.40
CA GLN FA 234 78.10 -13.83 -11.14
C GLN FA 234 79.56 -14.22 -11.31
N LEU FA 235 79.80 -15.30 -12.08
CA LEU FA 235 81.17 -15.75 -12.30
C LEU FA 235 82.01 -14.69 -13.01
N LYS FA 236 81.48 -14.07 -14.07
CA LYS FA 236 82.32 -13.13 -14.79
C LYS FA 236 82.48 -11.84 -14.02
N PHE FA 237 81.47 -11.43 -13.23
CA PHE FA 237 81.66 -10.27 -12.37
C PHE FA 237 82.75 -10.51 -11.33
N ALA FA 238 82.76 -11.71 -10.73
CA ALA FA 238 83.83 -12.05 -9.80
C ALA FA 238 85.18 -12.06 -10.50
N ASN FA 239 85.22 -12.56 -11.73
CA ASN FA 239 86.47 -12.58 -12.49
C ASN FA 239 86.98 -11.17 -12.76
N ASP FA 240 86.09 -10.25 -13.13
CA ASP FA 240 86.51 -8.86 -13.35
C ASP FA 240 87.01 -8.21 -12.07
N VAL FA 241 86.34 -8.46 -10.94
CA VAL FA 241 86.81 -7.89 -9.67
C VAL FA 241 88.21 -8.41 -9.35
N GLU FA 242 88.40 -9.73 -9.50
CA GLU FA 242 89.71 -10.31 -9.22
C GLU FA 242 90.77 -9.78 -10.15
N SER FA 243 90.44 -9.62 -11.43
CA SER FA 243 91.40 -9.08 -12.40
C SER FA 243 91.76 -7.64 -12.08
N ARG FA 244 90.79 -6.83 -11.65
CA ARG FA 244 91.08 -5.46 -11.26
C ARG FA 244 92.04 -5.42 -10.07
N ILE FA 245 91.79 -6.25 -9.06
CA ILE FA 245 92.67 -6.27 -7.89
C ILE FA 245 94.07 -6.73 -8.29
N GLN FA 246 94.15 -7.77 -9.13
CA GLN FA 246 95.44 -8.27 -9.57
C GLN FA 246 96.20 -7.22 -10.37
N ARG FA 247 95.51 -6.49 -11.24
CA ARG FA 247 96.16 -5.44 -12.02
C ARG FA 247 96.68 -4.32 -11.12
N ARG FA 248 95.88 -3.94 -10.12
CA ARG FA 248 96.35 -2.91 -9.18
C ARG FA 248 97.60 -3.38 -8.43
N ILE FA 249 97.60 -4.62 -7.96
CA ILE FA 249 98.74 -5.14 -7.21
C ILE FA 249 99.98 -5.19 -8.10
N GLU FA 250 99.82 -5.69 -9.33
CA GLU FA 250 100.96 -5.77 -10.25
C GLU FA 250 101.50 -4.39 -10.59
N ALA FA 251 100.61 -3.42 -10.81
CA ALA FA 251 101.05 -2.07 -11.14
C ALA FA 251 101.80 -1.44 -9.97
N ILE FA 252 101.31 -1.63 -8.74
CA ILE FA 252 101.98 -1.00 -7.61
C ILE FA 252 103.31 -1.68 -7.31
N LEU FA 253 103.41 -3.00 -7.49
CA LEU FA 253 104.62 -3.71 -7.14
C LEU FA 253 105.64 -3.78 -8.27
N SER FA 254 105.26 -3.42 -9.50
CA SER FA 254 106.18 -3.54 -10.63
C SER FA 254 107.42 -2.65 -10.51
N PRO FA 255 107.32 -1.35 -10.20
CA PRO FA 255 108.52 -0.48 -10.28
C PRO FA 255 109.67 -0.92 -9.39
N ILE FA 256 109.40 -1.50 -8.22
CA ILE FA 256 110.47 -1.76 -7.26
C ILE FA 256 111.20 -3.05 -7.61
N VAL FA 257 110.49 -4.18 -7.58
CA VAL FA 257 111.14 -5.48 -7.74
C VAL FA 257 111.60 -5.69 -9.18
N GLY FA 258 110.85 -5.17 -10.13
CA GLY FA 258 111.17 -5.36 -11.53
C GLY FA 258 109.92 -5.52 -12.37
N ASN FA 259 110.11 -5.45 -13.68
CA ASN FA 259 108.98 -5.51 -14.60
C ASN FA 259 108.28 -6.86 -14.54
N GLY FA 260 109.03 -7.95 -14.51
CA GLY FA 260 108.45 -9.27 -14.54
C GLY FA 260 108.96 -10.21 -13.47
N ASN FA 261 109.26 -9.67 -12.28
CA ASN FA 261 109.77 -10.46 -11.17
C ASN FA 261 108.74 -10.59 -10.05
N VAL FA 262 107.45 -10.54 -10.39
CA VAL FA 262 106.40 -10.62 -9.40
C VAL FA 262 105.14 -11.18 -10.06
N HIS FA 263 104.43 -12.03 -9.32
CA HIS FA 263 103.14 -12.57 -9.74
C HIS FA 263 102.20 -12.59 -8.56
N ALA FA 264 100.90 -12.46 -8.84
CA ALA FA 264 99.88 -12.44 -7.80
C ALA FA 264 98.62 -13.11 -8.30
N GLN FA 265 97.85 -13.65 -7.36
CA GLN FA 265 96.55 -14.26 -7.64
C GLN FA 265 95.57 -13.86 -6.55
N VAL FA 266 94.35 -13.54 -6.94
CA VAL FA 266 93.33 -13.03 -6.03
C VAL FA 266 92.06 -13.86 -6.19
N THR FA 267 91.48 -14.29 -5.07
CA THR FA 267 90.19 -14.95 -5.04
C THR FA 267 89.25 -14.19 -4.11
N ALA FA 268 88.00 -14.04 -4.51
CA ALA FA 268 87.04 -13.22 -3.78
C ALA FA 268 85.73 -13.97 -3.59
N GLN FA 269 85.05 -13.66 -2.50
CA GLN FA 269 83.72 -14.16 -2.22
C GLN FA 269 82.73 -13.00 -2.25
N LEU FA 270 81.58 -13.22 -2.87
CA LEU FA 270 80.59 -12.17 -3.07
C LEU FA 270 79.24 -12.59 -2.51
N ASP FA 271 78.48 -11.61 -2.03
CA ASP FA 271 77.14 -11.83 -1.48
C ASP FA 271 76.11 -11.49 -2.54
N PHE FA 272 75.29 -12.47 -2.92
CA PHE FA 272 74.29 -12.29 -3.96
C PHE FA 272 72.86 -12.44 -3.42
N ALA FA 273 72.69 -12.35 -2.10
CA ALA FA 273 71.36 -12.48 -1.50
C ALA FA 273 70.66 -11.12 -1.46
N ASN FA 274 69.34 -11.18 -1.34
CA ASN FA 274 68.50 -9.98 -1.24
C ASN FA 274 68.07 -9.79 0.20
N LYS FA 275 68.37 -8.62 0.76
CA LYS FA 275 68.09 -8.32 2.16
C LYS FA 275 67.38 -6.99 2.28
N GLU FA 276 66.49 -6.90 3.28
CA GLU FA 276 65.81 -5.66 3.63
C GLU FA 276 65.81 -5.54 5.15
N GLN FA 277 65.75 -4.29 5.63
CA GLN FA 277 65.80 -4.07 7.08
C GLN FA 277 64.97 -2.84 7.43
N THR FA 278 64.26 -2.93 8.55
CA THR FA 278 63.50 -1.82 9.11
C THR FA 278 63.77 -1.75 10.61
N GLU FA 279 64.19 -0.57 11.08
CA GLU FA 279 64.56 -0.37 12.47
C GLU FA 279 63.74 0.77 13.07
N GLU FA 280 63.20 0.53 14.26
CA GLU FA 280 62.47 1.54 15.02
C GLU FA 280 63.10 1.65 16.40
N HIS FA 281 63.34 2.89 16.84
N HIS FA 281 63.34 2.89 16.84
CA HIS FA 281 63.99 3.14 18.12
CA HIS FA 281 64.00 3.15 18.11
C HIS FA 281 63.27 4.26 18.85
C HIS FA 281 63.29 4.26 18.85
N TYR FA 282 63.29 4.18 20.18
CA TYR FA 282 62.66 5.17 21.04
C TYR FA 282 63.65 5.65 22.09
N SER FA 283 63.50 6.91 22.49
CA SER FA 283 64.35 7.49 23.53
C SER FA 283 63.75 7.27 24.90
N PRO FA 284 64.50 6.72 25.86
CA PRO FA 284 63.93 6.49 27.19
C PRO FA 284 63.61 7.80 27.90
N ASN FA 285 62.56 7.77 28.72
CA ASN FA 285 62.11 8.92 29.48
C ASN FA 285 61.94 8.57 30.95
N GLY FA 286 62.84 7.74 31.48
CA GLY FA 286 62.76 7.35 32.88
C GLY FA 286 63.13 8.46 33.85
N ASP FA 287 63.86 9.46 33.39
CA ASP FA 287 64.25 10.59 34.23
C ASP FA 287 63.26 11.74 34.04
N ALA FA 288 62.79 12.31 35.14
CA ALA FA 288 61.82 13.39 35.07
C ALA FA 288 62.40 14.66 34.46
N SER FA 289 63.73 14.82 34.48
CA SER FA 289 64.35 16.01 33.92
C SER FA 289 64.40 15.97 32.39
N LYS FA 290 64.11 14.82 31.78
CA LYS FA 290 64.14 14.67 30.34
C LYS FA 290 62.80 14.25 29.75
N ALA FA 291 61.77 14.07 30.56
CA ALA FA 291 60.48 13.64 30.07
C ALA FA 291 59.71 14.83 29.48
N THR FA 292 58.74 14.50 28.63
CA THR FA 292 57.87 15.48 27.99
C THR FA 292 56.42 15.11 28.28
N LEU FA 293 55.76 15.91 29.12
CA LEU FA 293 54.40 15.64 29.53
C LEU FA 293 53.40 16.36 28.62
N ARG FA 294 52.20 15.79 28.52
CA ARG FA 294 51.11 16.40 27.77
C ARG FA 294 49.91 16.74 28.65
N SER FA 295 49.56 15.89 29.61
CA SER FA 295 48.48 16.16 30.54
C SER FA 295 48.74 15.40 31.83
N ARG FA 296 48.63 16.08 32.95
CA ARG FA 296 48.93 15.49 34.25
C ARG FA 296 47.84 15.86 35.25
N GLN FA 297 47.44 14.87 36.06
CA GLN FA 297 46.48 15.08 37.14
C GLN FA 297 47.08 14.55 38.44
N LEU FA 298 47.02 15.37 39.49
CA LEU FA 298 47.62 15.03 40.77
C LEU FA 298 46.65 15.39 41.89
N ASN FA 299 46.24 14.40 42.67
CA ASN FA 299 45.32 14.59 43.78
C ASN FA 299 46.02 14.18 45.07
N ILE FA 300 46.00 15.06 46.07
CA ILE FA 300 46.64 14.82 47.35
C ILE FA 300 45.64 15.10 48.47
N SER FA 301 45.58 14.20 49.46
CA SER FA 301 44.73 14.36 50.62
C SER FA 301 45.51 13.95 51.87
N GLU FA 302 45.14 14.55 53.00
CA GLU FA 302 45.81 14.25 54.26
C GLU FA 302 44.94 14.67 55.42
N GLN FA 303 44.63 13.71 56.30
CA GLN FA 303 43.90 13.99 57.53
C GLN FA 303 44.80 13.68 58.71
N VAL FA 304 44.76 14.54 59.72
CA VAL FA 304 45.57 14.35 60.92
C VAL FA 304 44.69 14.43 62.16
N PRO FA 355 46.33 8.98 64.86
CA PRO FA 355 45.58 8.73 63.63
C PRO FA 355 46.02 9.60 62.47
N ARG FA 356 46.71 9.00 61.50
CA ARG FA 356 47.22 9.72 60.33
C ARG FA 356 46.76 9.00 59.07
N SER FA 357 46.20 9.77 58.14
CA SER FA 357 45.74 9.24 56.86
C SER FA 357 46.38 10.04 55.72
N THR FA 358 46.82 9.33 54.69
CA THR FA 358 47.45 9.95 53.53
C THR FA 358 46.99 9.23 52.27
N GLN FA 359 46.69 10.02 51.24
CA GLN FA 359 46.26 9.48 49.95
C GLN FA 359 46.86 10.31 48.83
N ARG FA 360 47.37 9.65 47.80
CA ARG FA 360 48.00 10.33 46.67
C ARG FA 360 47.67 9.61 45.39
N ASN FA 361 47.07 10.34 44.44
CA ASN FA 361 46.72 9.81 43.13
C ASN FA 361 47.44 10.61 42.06
N GLU FA 362 47.85 9.94 40.99
CA GLU FA 362 48.62 10.60 39.94
C GLU FA 362 48.38 9.88 38.61
N THR FA 363 48.23 10.68 37.54
CA THR FA 363 48.08 10.18 36.18
C THR FA 363 48.92 11.04 35.25
N SER FA 364 49.61 10.40 34.31
CA SER FA 364 50.51 11.11 33.42
C SER FA 364 50.36 10.59 32.00
N ASN FA 365 50.59 11.49 31.03
CA ASN FA 365 50.62 11.16 29.62
C ASN FA 365 51.85 11.80 29.00
N TYR FA 366 52.58 11.03 28.19
CA TYR FA 366 53.89 11.45 27.72
C TYR FA 366 53.92 11.56 26.20
N GLU FA 367 54.88 12.34 25.72
CA GLU FA 367 55.26 12.40 24.31
C GLU FA 367 56.69 11.91 24.17
N VAL FA 368 56.94 11.07 23.17
CA VAL FA 368 58.21 10.37 23.04
C VAL FA 368 58.83 10.66 21.69
N ASP FA 369 60.16 10.58 21.64
CA ASP FA 369 60.91 10.73 20.41
C ASP FA 369 61.18 9.37 19.79
N ARG FA 370 60.96 9.26 18.48
CA ARG FA 370 61.12 7.99 17.79
C ARG FA 370 61.92 8.19 16.50
N THR FA 371 62.60 7.13 16.09
CA THR FA 371 63.41 7.13 14.88
C THR FA 371 63.11 5.87 14.08
N ILE FA 372 62.90 6.04 12.77
CA ILE FA 372 62.58 4.94 11.86
C ILE FA 372 63.56 4.96 10.71
N ARG FA 373 64.16 3.81 10.40
N ARG FA 373 64.16 3.81 10.41
CA ARG FA 373 65.12 3.68 9.32
CA ARG FA 373 65.12 3.68 9.32
C ARG FA 373 64.78 2.48 8.45
C ARG FA 373 64.76 2.47 8.45
N HIS FA 374 64.86 2.66 7.14
CA HIS FA 374 64.60 1.60 6.17
C HIS FA 374 65.82 1.44 5.29
N THR FA 375 66.28 0.20 5.09
CA THR FA 375 67.49 -0.07 4.34
C THR FA 375 67.28 -1.24 3.40
N LYS FA 376 67.74 -1.08 2.16
CA LYS FA 376 67.77 -2.15 1.16
C LYS FA 376 69.20 -2.33 0.71
N MET FA 377 69.74 -3.52 0.94
CA MET FA 377 71.15 -3.77 0.70
C MET FA 377 71.43 -3.94 -0.80
N ASN FA 378 72.71 -3.86 -1.15
CA ASN FA 378 73.17 -4.00 -2.53
C ASN FA 378 73.59 -5.44 -2.81
N VAL FA 379 73.33 -5.89 -4.02
CA VAL FA 379 73.66 -7.25 -4.44
C VAL FA 379 75.01 -7.25 -5.14
N GLY FA 380 75.95 -8.04 -4.64
CA GLY FA 380 77.26 -8.14 -5.26
C GLY FA 380 78.36 -7.48 -4.47
N ASP FA 381 78.31 -7.58 -3.14
CA ASP FA 381 79.30 -6.97 -2.27
C ASP FA 381 80.34 -8.01 -1.84
N ILE FA 382 81.57 -7.53 -1.65
CA ILE FA 382 82.67 -8.40 -1.27
C ILE FA 382 82.54 -8.79 0.20
N GLU FA 383 82.83 -10.05 0.50
CA GLU FA 383 82.79 -10.57 1.87
C GLU FA 383 84.15 -10.93 2.43
N ARG FA 384 85.05 -11.49 1.61
CA ARG FA 384 86.36 -11.91 2.09
C ARG FA 384 87.34 -11.89 0.93
N LEU FA 385 88.61 -11.73 1.25
CA LEU FA 385 89.68 -11.67 0.26
C LEU FA 385 90.85 -12.52 0.70
N SER FA 386 91.44 -13.25 -0.25
CA SER FA 386 92.65 -14.04 -0.03
C SER FA 386 93.62 -13.74 -1.15
N VAL FA 387 94.84 -13.32 -0.80
CA VAL FA 387 95.83 -12.86 -1.78
C VAL FA 387 97.13 -13.62 -1.56
N ALA FA 388 97.70 -14.12 -2.65
CA ALA FA 388 99.00 -14.78 -2.64
C ALA FA 388 99.93 -14.07 -3.61
N VAL FA 389 101.13 -13.74 -3.16
CA VAL FA 389 102.12 -13.03 -3.94
C VAL FA 389 103.43 -13.80 -3.91
N VAL FA 390 104.07 -13.92 -5.07
CA VAL FA 390 105.37 -14.59 -5.19
C VAL FA 390 106.34 -13.62 -5.84
N VAL FA 391 107.51 -13.45 -5.22
CA VAL FA 391 108.52 -12.53 -5.73
C VAL FA 391 109.81 -13.30 -6.00
N ASN FA 392 110.59 -12.78 -6.94
CA ASN FA 392 111.82 -13.41 -7.40
C ASN FA 392 113.02 -12.97 -6.56
N TYR FA 393 114.09 -13.74 -6.65
CA TYR FA 393 115.35 -13.39 -5.98
C TYR FA 393 116.03 -12.24 -6.72
N LYS FA 394 116.97 -11.62 -6.02
CA LYS FA 394 117.75 -10.51 -6.59
C LYS FA 394 119.01 -11.08 -7.23
N THR FA 395 119.17 -10.85 -8.53
CA THR FA 395 120.33 -11.33 -9.28
C THR FA 395 121.27 -10.17 -9.59
N LEU FA 396 122.54 -10.37 -9.28
CA LEU FA 396 123.55 -9.35 -9.53
C LEU FA 396 124.25 -9.57 -10.86
N PRO FA 401 121.12 -14.54 -7.67
CA PRO FA 401 120.66 -15.59 -6.74
C PRO FA 401 120.86 -15.21 -5.28
N LEU FA 402 120.47 -13.98 -4.93
CA LEU FA 402 120.60 -13.48 -3.57
C LEU FA 402 119.22 -13.17 -3.00
N PRO FA 403 118.89 -13.68 -1.81
CA PRO FA 403 117.57 -13.39 -1.24
C PRO FA 403 117.43 -11.93 -0.86
N LEU FA 404 116.19 -11.45 -0.90
CA LEU FA 404 115.90 -10.06 -0.58
C LEU FA 404 115.97 -9.83 0.93
N THR FA 405 116.22 -8.58 1.30
CA THR FA 405 116.33 -8.22 2.71
C THR FA 405 114.96 -8.26 3.37
N ALA FA 406 114.96 -8.41 4.70
CA ALA FA 406 113.71 -8.47 5.45
C ALA FA 406 112.95 -7.16 5.37
N ASP FA 407 113.67 -6.03 5.37
CA ASP FA 407 113.00 -4.73 5.26
C ASP FA 407 112.29 -4.59 3.91
N GLN FA 408 112.92 -5.06 2.84
CA GLN FA 408 112.26 -5.03 1.53
C GLN FA 408 111.00 -5.89 1.53
N MET FA 409 111.06 -7.05 2.17
CA MET FA 409 109.87 -7.91 2.27
C MET FA 409 108.77 -7.21 3.06
N LYS FA 410 109.12 -6.54 4.16
CA LYS FA 410 108.12 -5.83 4.93
C LYS FA 410 107.48 -4.70 4.12
N GLN FA 411 108.30 -3.96 3.36
CA GLN FA 411 107.76 -2.91 2.51
C GLN FA 411 106.83 -3.48 1.44
N ILE FA 412 107.21 -4.62 0.85
CA ILE FA 412 106.38 -5.25 -0.17
C ILE FA 412 105.04 -5.69 0.44
N GLU FA 413 105.08 -6.28 1.64
CA GLU FA 413 103.84 -6.68 2.30
C GLU FA 413 102.95 -5.48 2.60
N ASP FA 414 103.56 -4.38 3.06
CA ASP FA 414 102.78 -3.17 3.35
C ASP FA 414 102.13 -2.62 2.07
N LEU FA 415 102.89 -2.59 0.98
CA LEU FA 415 102.34 -2.08 -0.28
C LEU FA 415 101.21 -2.98 -0.79
N THR FA 416 101.37 -4.29 -0.68
CA THR FA 416 100.31 -5.21 -1.09
C THR FA 416 99.07 -5.04 -0.21
N ARG FA 417 99.27 -4.85 1.10
CA ARG FA 417 98.16 -4.62 2.01
C ARG FA 417 97.41 -3.36 1.64
N GLU FA 418 98.13 -2.30 1.28
CA GLU FA 418 97.48 -1.07 0.82
C GLU FA 418 96.73 -1.29 -0.48
N ALA FA 419 97.34 -2.01 -1.43
CA ALA FA 419 96.74 -2.16 -2.75
C ALA FA 419 95.48 -3.02 -2.71
N MET FA 420 95.46 -4.05 -1.87
CA MET FA 420 94.35 -4.99 -1.86
C MET FA 420 93.19 -4.54 -0.97
N GLY FA 421 93.32 -3.40 -0.28
CA GLY FA 421 92.25 -2.92 0.57
C GLY FA 421 91.96 -3.82 1.74
N PHE FA 422 93.01 -4.24 2.45
CA PHE FA 422 92.88 -5.17 3.57
C PHE FA 422 91.95 -4.61 4.64
N SER FA 423 91.06 -5.46 5.15
CA SER FA 423 90.16 -5.12 6.24
C SER FA 423 90.15 -6.27 7.23
N ASP FA 424 90.57 -6.00 8.46
CA ASP FA 424 90.63 -7.07 9.47
C ASP FA 424 89.24 -7.54 9.85
N LYS FA 425 88.25 -6.64 9.88
CA LYS FA 425 86.89 -7.03 10.20
C LYS FA 425 86.31 -7.96 9.15
N ARG FA 426 86.75 -7.83 7.90
CA ARG FA 426 86.28 -8.68 6.81
C ARG FA 426 87.00 -10.02 6.73
N GLY FA 427 87.99 -10.24 7.59
CA GLY FA 427 88.74 -11.49 7.60
C GLY FA 427 89.58 -11.72 6.36
N ASP FA 428 90.21 -10.67 5.84
CA ASP FA 428 91.09 -10.83 4.69
C ASP FA 428 92.39 -11.51 5.09
N THR FA 429 93.03 -12.16 4.13
CA THR FA 429 94.26 -12.90 4.38
C THR FA 429 95.23 -12.70 3.24
N LEU FA 430 96.49 -12.44 3.58
CA LEU FA 430 97.54 -12.17 2.60
C LEU FA 430 98.76 -13.03 2.92
N ASN FA 431 99.40 -13.56 1.87
CA ASN FA 431 100.62 -14.33 2.03
C ASN FA 431 101.59 -13.98 0.90
N VAL FA 432 102.83 -13.66 1.28
CA VAL FA 432 103.88 -13.29 0.33
C VAL FA 432 105.06 -14.24 0.52
N VAL FA 433 105.57 -14.77 -0.60
CA VAL FA 433 106.65 -15.74 -0.59
C VAL FA 433 107.74 -15.28 -1.55
N ASN FA 434 108.99 -15.34 -1.10
CA ASN FA 434 110.14 -15.00 -1.92
C ASN FA 434 110.89 -16.28 -2.26
N SER FA 435 111.04 -16.56 -3.55
CA SER FA 435 111.66 -17.79 -4.01
C SER FA 435 112.22 -17.55 -5.42
N PRO FA 436 113.35 -18.17 -5.75
CA PRO FA 436 113.90 -17.99 -7.11
C PRO FA 436 112.95 -18.53 -8.17
N PHE FA 437 112.89 -17.83 -9.30
CA PHE FA 437 112.02 -18.23 -10.39
C PHE FA 437 112.65 -19.36 -11.20
N SER FA 438 111.80 -20.13 -11.85
CA SER FA 438 112.24 -21.25 -12.68
C SER FA 438 112.11 -20.92 -14.17
N ASP GA 229 67.78 -31.59 -17.71
CA ASP GA 229 67.65 -30.16 -18.01
C ASP GA 229 68.39 -29.33 -16.97
N LEU GA 230 67.78 -29.16 -15.80
CA LEU GA 230 68.41 -28.41 -14.72
C LEU GA 230 69.65 -29.12 -14.19
N ASN GA 231 69.62 -30.45 -14.15
CA ASN GA 231 70.74 -31.21 -13.61
C ASN GA 231 72.00 -30.99 -14.44
N ASP GA 232 71.86 -30.98 -15.77
CA ASP GA 232 73.01 -30.73 -16.63
C ASP GA 232 73.57 -29.32 -16.41
N ALA GA 233 72.68 -28.34 -16.20
CA ALA GA 233 73.14 -26.98 -15.92
C ALA GA 233 73.91 -26.93 -14.60
N GLN GA 234 73.41 -27.60 -13.57
CA GLN GA 234 74.14 -27.66 -12.32
C GLN GA 234 75.51 -28.31 -12.52
N LEU GA 235 75.55 -29.40 -13.30
CA LEU GA 235 76.81 -30.10 -13.55
C LEU GA 235 77.81 -29.19 -14.26
N LYS GA 236 77.39 -28.47 -15.30
CA LYS GA 236 78.39 -27.69 -16.02
C LYS GA 236 78.79 -26.45 -15.22
N PHE GA 237 77.88 -25.89 -14.41
CA PHE GA 237 78.29 -24.80 -13.54
C PHE GA 237 79.32 -25.26 -12.52
N ALA GA 238 79.12 -26.44 -11.93
CA ALA GA 238 80.12 -26.99 -11.02
C ALA GA 238 81.44 -27.22 -11.74
N ASN GA 239 81.37 -27.71 -12.98
CA ASN GA 239 82.59 -27.94 -13.75
C ASN GA 239 83.34 -26.64 -14.01
N ASP GA 240 82.64 -25.56 -14.35
CA ASP GA 240 83.31 -24.28 -14.56
C ASP GA 240 83.92 -23.75 -13.27
N VAL GA 241 83.23 -23.89 -12.14
CA VAL GA 241 83.81 -23.44 -10.87
C VAL GA 241 85.09 -24.22 -10.57
N GLU GA 242 85.05 -25.54 -10.74
CA GLU GA 242 86.22 -26.37 -10.49
C GLU GA 242 87.36 -26.02 -11.43
N SER GA 243 87.04 -25.76 -12.70
CA SER GA 243 88.07 -25.40 -13.67
C SER GA 243 88.70 -24.05 -13.34
N ARG GA 244 87.89 -23.09 -12.88
CA ARG GA 244 88.44 -21.80 -12.47
C ARG GA 244 89.40 -21.96 -11.30
N ILE GA 245 89.01 -22.76 -10.29
CA ILE GA 245 89.88 -22.95 -9.14
C ILE GA 245 91.17 -23.65 -9.56
N GLN GA 246 91.05 -24.68 -10.42
CA GLN GA 246 92.23 -25.40 -10.89
C GLN GA 246 93.16 -24.48 -11.67
N ARG GA 247 92.60 -23.63 -12.53
CA ARG GA 247 93.43 -22.70 -13.29
C ARG GA 247 94.15 -21.72 -12.39
N ARG GA 248 93.45 -21.20 -11.37
CA ARG GA 248 94.11 -20.31 -10.42
C ARG GA 248 95.26 -21.00 -9.70
N ILE GA 249 95.03 -22.22 -9.24
CA ILE GA 249 96.07 -22.96 -8.52
C ILE GA 249 97.27 -23.23 -9.42
N GLU GA 250 97.01 -23.65 -10.66
CA GLU GA 250 98.09 -23.93 -11.59
C GLU GA 250 98.88 -22.67 -11.92
N ALA GA 251 98.18 -21.55 -12.11
CA ALA GA 251 98.86 -20.30 -12.42
C ALA GA 251 99.72 -19.83 -11.26
N ILE GA 252 99.22 -19.95 -10.02
CA ILE GA 252 100.01 -19.47 -8.89
C ILE GA 252 101.19 -20.39 -8.62
N LEU GA 253 101.04 -21.70 -8.82
CA LEU GA 253 102.11 -22.64 -8.50
C LEU GA 253 103.10 -22.87 -9.64
N SER GA 254 102.77 -22.42 -10.86
CA SER GA 254 103.65 -22.69 -12.00
C SER GA 254 105.03 -22.03 -11.88
N PRO GA 255 105.16 -20.75 -11.55
CA PRO GA 255 106.50 -20.11 -11.63
C PRO GA 255 107.57 -20.76 -10.76
N ILE GA 256 107.20 -21.30 -9.60
CA ILE GA 256 108.22 -21.78 -8.65
C ILE GA 256 108.69 -23.18 -9.04
N VAL GA 257 107.78 -24.16 -9.02
CA VAL GA 257 108.19 -25.55 -9.20
C VAL GA 257 108.59 -25.81 -10.65
N GLY GA 258 107.94 -25.15 -11.59
CA GLY GA 258 108.21 -25.37 -12.99
C GLY GA 258 106.94 -25.28 -13.81
N ASN GA 259 107.13 -25.22 -15.13
CA ASN GA 259 106.00 -25.06 -16.04
C ASN GA 259 105.06 -26.26 -15.99
N GLY GA 260 105.61 -27.47 -15.99
CA GLY GA 260 104.79 -28.66 -16.03
C GLY GA 260 105.13 -29.70 -14.98
N ASN GA 261 105.54 -29.25 -13.79
CA ASN GA 261 105.90 -30.13 -12.69
C ASN GA 261 104.87 -30.09 -11.56
N VAL GA 262 103.61 -29.81 -11.89
CA VAL GA 262 102.57 -29.71 -10.88
C VAL GA 262 101.22 -30.02 -11.53
N HIS GA 263 100.38 -30.73 -10.80
CA HIS GA 263 99.01 -31.03 -11.22
C HIS GA 263 98.09 -30.89 -10.03
N ALA GA 264 96.83 -30.52 -10.29
CA ALA GA 264 95.85 -30.34 -9.23
C ALA GA 264 94.47 -30.75 -9.73
N GLN GA 265 93.63 -31.16 -8.78
CA GLN GA 265 92.24 -31.51 -9.06
C GLN GA 265 91.37 -30.96 -7.95
N VAL GA 266 90.21 -30.42 -8.32
CA VAL GA 266 89.31 -29.75 -7.39
C VAL GA 266 87.92 -30.33 -7.54
N THR GA 267 87.28 -30.65 -6.42
CA THR GA 267 85.88 -31.07 -6.39
C THR GA 267 85.12 -30.17 -5.43
N ALA GA 268 83.90 -29.80 -5.82
CA ALA GA 268 83.12 -28.83 -5.07
C ALA GA 268 81.69 -29.32 -4.87
N GLN GA 269 81.09 -28.91 -3.77
CA GLN GA 269 79.69 -29.17 -3.48
C GLN GA 269 78.93 -27.85 -3.48
N LEU GA 270 77.75 -27.83 -4.08
CA LEU GA 270 76.98 -26.62 -4.26
C LEU GA 270 75.58 -26.80 -3.68
N ASP GA 271 75.00 -25.71 -3.19
CA ASP GA 271 73.67 -25.70 -2.62
C ASP GA 271 72.70 -25.14 -3.66
N PHE GA 272 71.71 -25.96 -4.05
CA PHE GA 272 70.74 -25.58 -5.07
C PHE GA 272 69.32 -25.48 -4.52
N ALA GA 273 69.18 -25.38 -3.20
CA ALA GA 273 67.87 -25.28 -2.57
C ALA GA 273 67.41 -23.81 -2.51
N ASN GA 274 66.11 -23.63 -2.37
CA ASN GA 274 65.51 -22.30 -2.25
C ASN GA 274 65.14 -22.06 -0.79
N LYS GA 275 65.65 -20.97 -0.22
CA LYS GA 275 65.44 -20.65 1.19
C LYS GA 275 64.98 -19.21 1.33
N GLU GA 276 64.14 -18.98 2.35
CA GLU GA 276 63.70 -17.65 2.73
C GLU GA 276 63.73 -17.55 4.25
N GLN GA 277 63.91 -16.33 4.75
CA GLN GA 277 64.00 -16.14 6.20
C GLN GA 277 63.43 -14.79 6.58
N THR GA 278 62.73 -14.77 7.70
CA THR GA 278 62.19 -13.54 8.29
C THR GA 278 62.47 -13.55 9.78
N GLU GA 279 63.10 -12.47 10.27
CA GLU GA 279 63.51 -12.37 11.66
C GLU GA 279 62.93 -11.12 12.28
N GLU GA 280 62.37 -11.28 13.48
CA GLU GA 280 61.84 -10.16 14.26
C GLU GA 280 62.49 -10.18 15.64
N HIS GA 281 62.96 -9.03 16.09
N HIS GA 281 62.95 -9.02 16.09
CA HIS GA 281 63.66 -8.91 17.37
CA HIS GA 281 63.67 -8.91 17.36
C HIS GA 281 63.16 -7.70 18.12
C HIS GA 281 63.17 -7.69 18.12
N TYR GA 282 63.17 -7.80 19.45
CA TYR GA 282 62.75 -6.73 20.33
C TYR GA 282 63.81 -6.46 21.38
N SER GA 283 63.91 -5.20 21.81
CA SER GA 283 64.86 -4.79 22.84
C SER GA 283 64.23 -4.92 24.22
N PRO GA 284 64.88 -5.62 25.16
CA PRO GA 284 64.29 -5.76 26.49
C PRO GA 284 64.23 -4.44 27.22
N ASN GA 285 63.19 -4.29 28.05
CA ASN GA 285 62.97 -3.08 28.84
C ASN GA 285 62.75 -3.42 30.31
N GLY GA 286 63.49 -4.41 30.81
CA GLY GA 286 63.35 -4.81 32.20
C GLY GA 286 63.92 -3.81 33.19
N ASP GA 287 64.83 -2.94 32.74
CA ASP GA 287 65.41 -1.92 33.58
C ASP GA 287 64.66 -0.61 33.42
N ALA GA 288 64.31 0.02 34.55
CA ALA GA 288 63.56 1.27 34.50
C ALA GA 288 64.35 2.42 33.90
N SER GA 289 65.69 2.33 33.91
CA SER GA 289 66.51 3.40 33.36
C SER GA 289 66.53 3.38 31.83
N LYS GA 290 66.04 2.31 31.21
CA LYS GA 290 66.03 2.19 29.76
C LYS GA 290 64.62 2.02 29.18
N ALA GA 291 63.59 2.02 30.01
CA ALA GA 291 62.23 1.85 29.52
C ALA GA 291 61.68 3.16 28.96
N THR GA 292 60.66 3.03 28.11
CA THR GA 292 59.98 4.17 27.51
C THR GA 292 58.49 4.06 27.81
N LEU GA 293 58.00 4.96 28.66
CA LEU GA 293 56.61 4.93 29.09
C LEU GA 293 55.75 5.83 28.20
N ARG GA 294 54.47 5.49 28.11
CA ARG GA 294 53.50 6.30 27.38
C ARG GA 294 52.40 6.85 28.28
N SER GA 295 51.91 6.05 29.23
CA SER GA 295 50.91 6.51 30.18
C SER GA 295 51.03 5.68 31.45
N ARG GA 296 51.07 6.35 32.59
CA ARG GA 296 51.26 5.70 33.88
C ARG GA 296 50.27 6.24 34.90
N GLN GA 297 49.70 5.33 35.70
CA GLN GA 297 48.80 5.68 36.78
C GLN GA 297 49.31 5.04 38.07
N LEU GA 298 49.41 5.83 39.13
CA LEU GA 298 49.95 5.36 40.40
C LEU GA 298 49.07 5.88 41.54
N ASN GA 299 48.49 4.96 42.30
CA ASN GA 299 47.64 5.30 43.44
C ASN GA 299 48.27 4.75 44.71
N ILE GA 300 48.40 5.60 45.72
CA ILE GA 300 49.01 5.23 46.99
C ILE GA 300 48.09 5.66 48.12
N SER GA 301 47.89 4.78 49.10
CA SER GA 301 47.08 5.07 50.27
C SER GA 301 47.77 4.49 51.51
N GLU GA 302 47.53 5.13 52.65
CA GLU GA 302 48.16 4.70 53.90
C GLU GA 302 47.38 5.25 55.08
N GLN GA 303 46.92 4.35 55.95
CA GLN GA 303 46.26 4.73 57.19
C GLN GA 303 47.10 4.24 58.35
N VAL GA 304 47.22 5.08 59.38
CA VAL GA 304 48.00 4.73 60.56
C VAL GA 304 47.16 4.94 61.82
N PRO GA 355 47.79 -0.75 64.41
CA PRO GA 355 46.99 -0.85 63.19
C PRO GA 355 47.59 -0.05 62.03
N ARG GA 356 48.14 -0.75 61.04
CA ARG GA 356 48.76 -0.11 59.88
C ARG GA 356 48.17 -0.71 58.61
N SER GA 357 47.75 0.15 57.70
CA SER GA 357 47.19 -0.25 56.42
C SER GA 357 47.94 0.43 55.28
N THR GA 358 48.25 -0.33 54.24
CA THR GA 358 48.97 0.18 53.09
C THR GA 358 48.38 -0.41 51.82
N GLN GA 359 48.21 0.43 50.80
CA GLN GA 359 47.68 0.01 49.51
C GLN GA 359 48.42 0.74 48.40
N ARG GA 360 48.78 0.00 47.34
CA ARG GA 360 49.52 0.57 46.23
C ARG GA 360 49.04 -0.06 44.93
N ASN GA 361 48.59 0.79 44.00
CA ASN GA 361 48.13 0.36 42.69
C ASN GA 361 48.97 1.04 41.62
N GLU GA 362 49.25 0.32 40.54
CA GLU GA 362 50.10 0.85 39.49
C GLU GA 362 49.73 0.21 38.15
N THR GA 363 49.72 1.04 37.10
CA THR GA 363 49.48 0.59 35.73
C THR GA 363 50.45 1.31 34.81
N SER GA 364 50.99 0.57 33.85
CA SER GA 364 52.01 1.11 32.96
C SER GA 364 51.75 0.66 31.53
N ASN GA 365 52.12 1.52 30.58
CA ASN GA 365 52.08 1.21 29.16
C ASN GA 365 53.42 1.63 28.54
N TYR GA 366 53.98 0.75 27.70
CA TYR GA 366 55.34 0.92 27.22
C TYR GA 366 55.37 1.06 25.70
N GLU GA 367 56.45 1.66 25.22
CA GLU GA 367 56.82 1.68 23.81
C GLU GA 367 58.14 0.93 23.65
N VAL GA 368 58.22 0.09 22.63
CA VAL GA 368 59.34 -0.83 22.47
C VAL GA 368 60.00 -0.64 21.12
N ASP GA 369 61.28 -0.96 21.05
CA ASP GA 369 62.04 -0.93 19.81
C ASP GA 369 62.04 -2.31 19.17
N ARG GA 370 61.80 -2.35 17.87
CA ARG GA 370 61.71 -3.62 17.15
C ARG GA 370 62.52 -3.54 15.86
N THR GA 371 62.99 -4.70 15.42
CA THR GA 371 63.79 -4.82 14.19
C THR GA 371 63.25 -5.99 13.38
N ILE GA 372 63.06 -5.77 12.08
CA ILE GA 372 62.54 -6.78 11.16
C ILE GA 372 63.50 -6.91 9.99
N ARG GA 373 63.86 -8.15 9.66
N ARG GA 373 63.87 -8.15 9.67
CA ARG GA 373 64.78 -8.44 8.57
CA ARG GA 373 64.78 -8.44 8.57
C ARG GA 373 64.20 -9.54 7.68
C ARG GA 373 64.20 -9.54 7.68
N HIS GA 374 64.31 -9.36 6.38
CA HIS GA 374 63.86 -10.34 5.39
C HIS GA 374 65.02 -10.70 4.49
N THR GA 375 65.23 -11.99 4.27
CA THR GA 375 66.38 -12.47 3.50
C THR GA 375 65.95 -13.56 2.54
N LYS GA 376 66.42 -13.46 1.30
CA LYS GA 376 66.23 -14.50 0.29
C LYS GA 376 67.62 -14.94 -0.19
N MET GA 377 67.93 -16.21 0.02
CA MET GA 377 69.27 -16.72 -0.25
C MET GA 377 69.49 -16.91 -1.75
N ASN GA 378 70.76 -17.05 -2.11
CA ASN GA 378 71.17 -17.25 -3.50
C ASN GA 378 71.33 -18.73 -3.80
N VAL GA 379 70.98 -19.12 -5.02
CA VAL GA 379 71.04 -20.50 -5.46
C VAL GA 379 72.37 -20.72 -6.18
N GLY GA 380 73.16 -21.69 -5.71
CA GLY GA 380 74.41 -22.02 -6.35
C GLY GA 380 75.64 -21.58 -5.56
N ASP GA 381 75.57 -21.70 -4.23
CA ASP GA 381 76.67 -21.29 -3.37
C ASP GA 381 77.50 -22.50 -2.96
N ILE GA 382 78.81 -22.27 -2.78
CA ILE GA 382 79.72 -23.34 -2.43
C ILE GA 382 79.54 -23.72 -0.96
N GLU GA 383 79.59 -25.02 -0.68
CA GLU GA 383 79.48 -25.54 0.67
C GLU GA 383 80.76 -26.15 1.22
N ARG GA 384 81.53 -26.85 0.38
CA ARG GA 384 82.74 -27.53 0.83
C ARG GA 384 83.69 -27.66 -0.34
N LEU GA 385 84.99 -27.73 -0.03
CA LEU GA 385 86.04 -27.86 -1.04
C LEU GA 385 87.04 -28.92 -0.62
N SER GA 386 87.47 -29.71 -1.59
CA SER GA 386 88.51 -30.73 -1.40
C SER GA 386 89.52 -30.59 -2.53
N VAL GA 387 90.79 -30.40 -2.18
CA VAL GA 387 91.84 -30.11 -3.17
C VAL GA 387 92.98 -31.10 -2.97
N ALA GA 388 93.44 -31.68 -4.08
CA ALA GA 388 94.60 -32.57 -4.10
C ALA GA 388 95.63 -32.01 -5.07
N VAL GA 389 96.88 -31.92 -4.62
CA VAL GA 389 97.98 -31.38 -5.41
C VAL GA 389 99.12 -32.39 -5.41
N VAL GA 390 99.72 -32.60 -6.57
CA VAL GA 390 100.87 -33.49 -6.72
C VAL GA 390 102.00 -32.70 -7.37
N VAL GA 391 103.19 -32.76 -6.76
CA VAL GA 391 104.35 -32.03 -7.27
C VAL GA 391 105.46 -33.02 -7.57
N ASN GA 392 106.33 -32.63 -8.51
CA ASN GA 392 107.41 -33.49 -8.99
C ASN GA 392 108.68 -33.27 -8.16
N TYR GA 393 109.59 -34.23 -8.28
CA TYR GA 393 110.89 -34.12 -7.62
C TYR GA 393 111.77 -33.11 -8.35
N LYS GA 394 112.83 -32.67 -7.65
CA LYS GA 394 113.78 -31.72 -8.22
C LYS GA 394 114.91 -32.50 -8.87
N THR GA 395 115.09 -32.28 -10.17
CA THR GA 395 116.13 -32.95 -10.94
C THR GA 395 117.27 -31.99 -11.25
N LEU GA 396 118.49 -32.41 -10.96
CA LEU GA 396 119.67 -31.58 -11.21
C LEU GA 396 120.30 -31.91 -12.55
N PRO GA 401 116.34 -36.28 -9.40
CA PRO GA 401 115.72 -37.25 -8.48
C PRO GA 401 115.99 -36.92 -7.01
N LEU GA 402 115.83 -35.66 -6.64
CA LEU GA 402 116.06 -35.22 -5.27
C LEU GA 402 114.77 -34.67 -4.68
N PRO GA 403 114.37 -35.12 -3.50
CA PRO GA 403 113.13 -34.61 -2.90
C PRO GA 403 113.25 -33.15 -2.50
N LEU GA 404 112.12 -32.46 -2.53
CA LEU GA 404 112.09 -31.04 -2.17
C LEU GA 404 112.22 -30.86 -0.66
N THR GA 405 112.71 -29.68 -0.27
CA THR GA 405 112.89 -29.37 1.14
C THR GA 405 111.53 -29.17 1.81
N ALA GA 406 111.53 -29.35 3.14
CA ALA GA 406 110.29 -29.18 3.90
C ALA GA 406 109.78 -27.75 3.85
N ASP GA 407 110.69 -26.78 3.86
CA ASP GA 407 110.27 -25.37 3.78
C ASP GA 407 109.59 -25.09 2.45
N GLN GA 408 110.11 -25.64 1.35
CA GLN GA 408 109.46 -25.48 0.06
C GLN GA 408 108.07 -26.09 0.06
N MET GA 409 107.91 -27.26 0.68
CA MET GA 409 106.59 -27.87 0.78
C MET GA 409 105.63 -27.00 1.59
N LYS GA 410 106.13 -26.43 2.70
CA LYS GA 410 105.27 -25.56 3.50
C LYS GA 410 104.85 -24.32 2.71
N GLN GA 411 105.77 -23.73 1.95
CA GLN GA 411 105.43 -22.58 1.13
C GLN GA 411 104.40 -22.96 0.06
N ILE GA 412 104.56 -24.14 -0.55
CA ILE GA 412 103.61 -24.59 -1.57
C ILE GA 412 102.23 -24.78 -0.95
N GLU GA 413 102.17 -25.39 0.23
CA GLU GA 413 100.89 -25.57 0.90
C GLU GA 413 100.24 -24.23 1.24
N ASP GA 414 101.04 -23.27 1.71
CA ASP GA 414 100.49 -21.95 2.02
C ASP GA 414 99.95 -21.27 0.76
N LEU GA 415 100.69 -21.35 -0.34
CA LEU GA 415 100.23 -20.74 -1.58
C LEU GA 415 98.95 -21.39 -2.09
N THR GA 416 98.87 -22.72 -2.00
CA THR GA 416 97.65 -23.42 -2.42
C THR GA 416 96.47 -23.04 -1.52
N ARG GA 417 96.72 -22.92 -0.21
CA ARG GA 417 95.68 -22.50 0.72
C ARG GA 417 95.16 -21.11 0.37
N GLU GA 418 96.07 -20.20 0.03
CA GLU GA 418 95.64 -18.87 -0.40
C GLU GA 418 94.85 -18.92 -1.70
N ALA GA 419 95.31 -19.73 -2.67
CA ALA GA 419 94.69 -19.74 -3.98
C ALA GA 419 93.29 -20.36 -3.94
N MET GA 420 93.09 -21.39 -3.12
CA MET GA 420 91.83 -22.10 -3.11
C MET GA 420 90.78 -21.46 -2.20
N GLY GA 421 91.11 -20.38 -1.49
CA GLY GA 421 90.16 -19.73 -0.63
C GLY GA 421 89.71 -20.58 0.54
N PHE GA 422 90.69 -21.20 1.23
CA PHE GA 422 90.39 -22.10 2.33
C PHE GA 422 89.59 -21.40 3.43
N SER GA 423 88.57 -22.08 3.93
CA SER GA 423 87.75 -21.60 5.04
C SER GA 423 87.54 -22.75 6.01
N ASP GA 424 88.02 -22.59 7.24
CA ASP GA 424 87.90 -23.66 8.23
C ASP GA 424 86.44 -23.89 8.62
N LYS GA 425 85.64 -22.82 8.68
CA LYS GA 425 84.23 -22.96 9.01
C LYS GA 425 83.48 -23.74 7.95
N ARG GA 426 83.93 -23.67 6.70
CA ARG GA 426 83.30 -24.41 5.60
C ARG GA 426 83.77 -25.85 5.50
N GLY GA 427 84.71 -26.27 6.34
CA GLY GA 427 85.20 -27.63 6.31
C GLY GA 427 85.99 -28.00 5.06
N ASP GA 428 86.79 -27.06 4.55
CA ASP GA 428 87.62 -27.35 3.39
C ASP GA 428 88.77 -28.27 3.77
N THR GA 429 89.27 -29.01 2.78
CA THR GA 429 90.34 -29.97 3.01
C THR GA 429 91.33 -29.93 1.86
N LEU GA 430 92.62 -29.91 2.19
CA LEU GA 430 93.70 -29.83 1.20
C LEU GA 430 94.73 -30.90 1.49
N ASN GA 431 95.26 -31.50 0.43
CA ASN GA 431 96.32 -32.50 0.56
C ASN GA 431 97.33 -32.31 -0.57
N VAL GA 432 98.61 -32.23 -0.21
CA VAL GA 432 99.70 -32.04 -1.17
C VAL GA 432 100.69 -33.19 -1.01
N VAL GA 433 101.07 -33.79 -2.14
CA VAL GA 433 101.97 -34.94 -2.16
C VAL GA 433 103.10 -34.67 -3.12
N ASN GA 434 104.34 -34.96 -2.69
CA ASN GA 434 105.52 -34.82 -3.52
C ASN GA 434 106.02 -36.23 -3.89
N SER GA 435 106.10 -36.49 -5.19
CA SER GA 435 106.49 -37.80 -5.67
C SER GA 435 107.06 -37.65 -7.08
N PRO GA 436 108.06 -38.46 -7.44
CA PRO GA 436 108.62 -38.35 -8.80
C PRO GA 436 107.58 -38.70 -9.85
N PHE GA 437 107.64 -37.98 -10.97
CA PHE GA 437 106.70 -38.19 -12.06
C PHE GA 437 107.10 -39.40 -12.89
N SER GA 438 106.11 -40.00 -13.55
CA SER GA 438 106.34 -41.16 -14.40
C SER GA 438 106.26 -40.79 -15.88
N ASP HA 229 60.69 -43.12 -19.04
CA ASP HA 229 60.83 -41.69 -19.31
C ASP HA 229 61.72 -41.01 -18.27
N LEU HA 230 61.16 -40.77 -17.09
CA LEU HA 230 61.92 -40.16 -16.01
C LEU HA 230 63.01 -41.09 -15.50
N ASN HA 231 62.74 -42.40 -15.48
CA ASN HA 231 63.71 -43.36 -14.97
C ASN HA 231 64.98 -43.36 -15.81
N ASP HA 232 64.84 -43.30 -17.14
CA ASP HA 232 66.00 -43.24 -18.01
C ASP HA 232 66.82 -41.97 -17.77
N ALA HA 233 66.13 -40.85 -17.54
CA ALA HA 233 66.83 -39.61 -17.24
C ALA HA 233 67.60 -39.71 -15.93
N GLN HA 234 67.00 -40.30 -14.90
CA GLN HA 234 67.72 -40.52 -13.67
C GLN HA 234 68.94 -41.41 -13.89
N LEU HA 235 68.77 -42.47 -14.69
CA LEU HA 235 69.88 -43.37 -14.96
C LEU HA 235 71.03 -42.65 -15.67
N LYS HA 236 70.74 -41.85 -16.69
CA LYS HA 236 71.86 -41.25 -17.41
C LYS HA 236 72.49 -40.13 -16.60
N PHE HA 237 71.71 -39.42 -15.78
CA PHE HA 237 72.31 -38.43 -14.89
C PHE HA 237 73.25 -39.10 -13.89
N ALA HA 238 72.83 -40.23 -13.32
CA ALA HA 238 73.73 -40.97 -12.43
C ALA HA 238 74.98 -41.43 -13.17
N ASN HA 239 74.81 -41.87 -14.42
CA ASN HA 239 75.96 -42.31 -15.21
C ASN HA 239 76.94 -41.17 -15.45
N ASP HA 240 76.43 -39.97 -15.77
CA ASP HA 240 77.32 -38.83 -15.96
C ASP HA 240 78.04 -38.44 -14.68
N VAL HA 241 77.35 -38.47 -13.54
CA VAL HA 241 78.01 -38.16 -12.27
C VAL HA 241 79.13 -39.16 -12.00
N GLU HA 242 78.84 -40.44 -12.19
CA GLU HA 242 79.84 -41.48 -11.96
C GLU HA 242 81.02 -41.32 -12.91
N SER HA 243 80.75 -41.00 -14.18
CA SER HA 243 81.81 -40.82 -15.16
C SER HA 243 82.68 -39.62 -14.81
N ARG HA 244 82.07 -38.53 -14.32
CA ARG HA 244 82.85 -37.37 -13.90
C ARG HA 244 83.77 -37.72 -12.74
N ILE HA 245 83.26 -38.43 -11.75
CA ILE HA 245 84.09 -38.81 -10.61
C ILE HA 245 85.21 -39.74 -11.06
N GLN HA 246 84.91 -40.70 -11.92
CA GLN HA 246 85.92 -41.62 -12.42
C GLN HA 246 87.01 -40.87 -13.20
N ARG HA 247 86.61 -39.92 -14.04
CA ARG HA 247 87.58 -39.14 -14.80
C ARG HA 247 88.47 -38.32 -13.89
N ARG HA 248 87.89 -37.71 -12.86
CA ARG HA 248 88.71 -36.96 -11.90
C ARG HA 248 89.72 -37.86 -11.20
N ILE HA 249 89.27 -39.04 -10.76
CA ILE HA 249 90.17 -39.96 -10.06
C ILE HA 249 91.29 -40.43 -10.98
N GLU HA 250 90.94 -40.79 -12.22
CA GLU HA 250 91.96 -41.24 -13.18
C GLU HA 250 92.96 -40.13 -13.49
N ALA HA 251 92.47 -38.90 -13.66
CA ALA HA 251 93.36 -37.78 -13.96
C ALA HA 251 94.31 -37.50 -12.80
N ILE HA 252 93.80 -37.56 -11.56
CA ILE HA 252 94.68 -37.24 -10.43
C ILE HA 252 95.68 -38.38 -10.19
N LEU HA 253 95.28 -39.63 -10.41
CA LEU HA 253 96.17 -40.76 -10.11
C LEU HA 253 97.08 -41.13 -11.27
N SER HA 254 96.84 -40.63 -12.48
CA SER HA 254 97.64 -41.01 -13.64
C SER HA 254 99.11 -40.63 -13.52
N PRO HA 255 99.49 -39.40 -13.17
CA PRO HA 255 100.91 -39.02 -13.27
C PRO HA 255 101.85 -39.87 -12.42
N ILE HA 256 101.40 -40.35 -11.26
CA ILE HA 256 102.32 -41.02 -10.33
C ILE HA 256 102.53 -42.48 -10.74
N VAL HA 257 101.47 -43.27 -10.72
CA VAL HA 257 101.61 -44.71 -10.94
C VAL HA 257 101.93 -45.01 -12.40
N GLY HA 258 101.41 -44.23 -13.31
CA GLY HA 258 101.62 -44.47 -14.73
C GLY HA 258 100.38 -44.14 -15.53
N ASN HA 259 100.57 -44.10 -16.85
CA ASN HA 259 99.48 -43.71 -17.74
C ASN HA 259 98.33 -44.72 -17.70
N GLY HA 260 98.66 -46.01 -17.72
CA GLY HA 260 97.62 -47.03 -17.77
C GLY HA 260 97.79 -48.14 -16.74
N ASN HA 261 98.28 -47.78 -15.54
CA ASN HA 261 98.49 -48.74 -14.47
C ASN HA 261 97.48 -48.53 -13.33
N VAL HA 262 96.30 -48.02 -13.63
CA VAL HA 262 95.31 -47.75 -12.61
C VAL HA 262 93.92 -47.80 -13.25
N HIS HA 263 92.95 -48.35 -12.52
CA HIS HA 263 91.56 -48.38 -12.92
C HIS HA 263 90.69 -48.10 -11.72
N ALA HA 264 89.52 -47.51 -11.96
CA ALA HA 264 88.60 -47.16 -10.88
C ALA HA 264 87.17 -47.31 -11.37
N GLN HA 265 86.27 -47.58 -10.42
CA GLN HA 265 84.84 -47.67 -10.69
C GLN HA 265 84.08 -46.98 -9.56
N VAL HA 266 83.05 -46.24 -9.91
CA VAL HA 266 82.29 -45.43 -8.95
C VAL HA 266 80.82 -45.74 -9.10
N THR HA 267 80.14 -45.96 -7.98
CA THR HA 267 78.69 -46.12 -7.94
C THR HA 267 78.11 -45.11 -6.95
N ALA HA 268 76.99 -44.51 -7.32
CA ALA HA 268 76.40 -43.43 -6.54
C ALA HA 268 74.91 -43.66 -6.34
N GLN HA 269 74.40 -43.16 -5.22
CA GLN HA 269 72.98 -43.16 -4.91
C GLN HA 269 72.48 -41.72 -4.88
N LEU HA 270 71.32 -41.49 -5.48
CA LEU HA 270 70.76 -40.15 -5.63
C LEU HA 270 69.36 -40.09 -5.03
N ASP HA 271 69.02 -38.91 -4.51
CA ASP HA 271 67.70 -38.67 -3.93
C ASP HA 271 66.84 -37.93 -4.95
N PHE HA 272 65.72 -38.54 -5.34
CA PHE HA 272 64.82 -37.98 -6.34
C PHE HA 272 63.45 -37.63 -5.77
N ALA HA 273 63.34 -37.53 -4.45
CA ALA HA 273 62.07 -37.18 -3.80
C ALA HA 273 61.90 -35.68 -3.71
N ASN HA 274 60.65 -35.26 -3.56
CA ASN HA 274 60.30 -33.85 -3.40
C ASN HA 274 60.00 -33.57 -1.94
N LYS HA 275 60.71 -32.60 -1.36
CA LYS HA 275 60.56 -32.28 0.05
C LYS HA 275 60.39 -30.78 0.23
N GLU HA 276 59.61 -30.41 1.26
CA GLU HA 276 59.43 -29.03 1.67
C GLU HA 276 59.49 -28.97 3.18
N GLN HA 277 59.89 -27.81 3.70
CA GLN HA 277 60.03 -27.66 5.15
C GLN HA 277 59.72 -26.23 5.56
N THR HA 278 59.04 -26.10 6.69
CA THR HA 278 58.74 -24.81 7.31
C THR HA 278 59.04 -24.90 8.80
N GLU HA 279 59.86 -23.97 9.29
CA GLU HA 279 60.28 -23.97 10.67
C GLU HA 279 59.95 -22.63 11.33
N GLU HA 280 59.38 -22.70 12.53
CA GLU HA 280 59.07 -21.53 13.34
C GLU HA 280 59.72 -21.69 14.70
N HIS HA 281 60.40 -20.65 15.17
N HIS HA 281 60.39 -20.64 15.17
CA HIS HA 281 61.12 -20.69 16.44
CA HIS HA 281 61.12 -20.69 16.43
C HIS HA 281 60.86 -19.41 17.21
C HIS HA 281 60.87 -19.41 17.22
N TYR HA 282 60.86 -19.54 18.54
CA TYR HA 282 60.65 -18.42 19.45
C TYR HA 282 61.76 -18.37 20.48
N SER HA 283 62.08 -17.16 20.93
CA SER HA 283 63.10 -16.96 21.96
C SER HA 283 62.47 -17.00 23.34
N PRO HA 284 62.99 -17.81 24.26
CA PRO HA 284 62.40 -17.88 25.60
C PRO HA 284 62.59 -16.56 26.35
N ASN HA 285 61.61 -16.25 27.20
CA ASN HA 285 61.61 -15.03 28.00
C ASN HA 285 61.35 -15.35 29.47
N GLY HA 286 61.90 -16.47 29.95
CA GLY HA 286 61.70 -16.85 31.33
C GLY HA 286 62.46 -15.99 32.33
N ASP HA 287 63.50 -15.29 31.88
CA ASP HA 287 64.27 -14.41 32.73
C ASP HA 287 63.76 -12.98 32.60
N ALA HA 288 63.55 -12.32 33.74
CA ALA HA 288 63.04 -10.96 33.73
C ALA HA 288 64.03 -9.97 33.13
N SER HA 289 65.32 -10.28 33.13
CA SER HA 289 66.32 -9.38 32.58
C SER HA 289 66.33 -9.38 31.05
N LYS HA 290 65.64 -10.33 30.42
CA LYS HA 290 65.59 -10.42 28.97
C LYS HA 290 64.18 -10.32 28.40
N ALA HA 291 63.16 -10.15 29.24
CA ALA HA 291 61.80 -10.06 28.77
C ALA HA 291 61.49 -8.67 28.23
N THR HA 292 60.46 -8.58 27.40
CA THR HA 292 59.99 -7.33 26.82
C THR HA 292 58.51 -7.18 27.14
N LEU HA 293 58.19 -6.22 28.01
CA LEU HA 293 56.83 -6.01 28.46
C LEU HA 293 56.15 -4.94 27.59
N ARG HA 294 54.82 -5.04 27.51
CA ARG HA 294 54.01 -4.05 26.81
C ARG HA 294 53.04 -3.33 27.73
N SER HA 295 52.42 -4.04 28.67
CA SER HA 295 51.52 -3.42 29.64
C SER HA 295 51.50 -4.28 30.90
N ARG HA 296 51.67 -3.65 32.05
CA ARG HA 296 51.76 -4.34 33.32
C ARG HA 296 50.88 -3.66 34.36
N GLN HA 297 50.17 -4.45 35.15
CA GLN HA 297 49.36 -3.97 36.26
C GLN HA 297 49.75 -4.71 37.53
N LEU HA 298 50.01 -3.97 38.60
CA LEU HA 298 50.47 -4.55 39.85
C LEU HA 298 49.71 -3.89 41.01
N ASN HA 299 48.98 -4.71 41.77
CA ASN HA 299 48.22 -4.24 42.92
C ASN HA 299 48.73 -4.92 44.17
N ILE HA 300 49.04 -4.12 45.20
CA ILE HA 300 49.58 -4.62 46.46
C ILE HA 300 48.76 -4.04 47.60
N SER HA 301 48.40 -4.90 48.57
CA SER HA 301 47.69 -4.48 49.75
C SER HA 301 48.28 -5.19 50.97
N GLU HA 302 48.16 -4.55 52.13
CA GLU HA 302 48.72 -5.11 53.36
C GLU HA 302 48.05 -4.44 54.56
N GLN HA 303 47.44 -5.26 55.42
CA GLN HA 303 46.88 -4.79 56.67
C GLN HA 303 47.63 -5.45 57.82
N VAL HA 304 47.92 -4.67 58.86
CA VAL HA 304 48.62 -5.17 60.03
C VAL HA 304 47.85 -4.83 61.30
N PRO HA 355 47.46 -10.58 63.79
CA PRO HA 355 46.64 -10.52 62.58
C PRO HA 355 47.36 -9.83 61.42
N ARG HA 356 47.77 -10.60 60.42
CA ARG HA 356 48.48 -10.06 59.26
C ARG HA 356 47.78 -10.51 57.99
N SER HA 357 47.51 -9.57 57.10
CA SER HA 357 46.89 -9.85 55.82
C SER HA 357 47.74 -9.29 54.68
N THR HA 358 47.88 -10.09 53.62
CA THR HA 358 48.68 -9.69 52.47
C THR HA 358 47.98 -10.14 51.20
N GLN HA 359 47.95 -9.27 50.20
CA GLN HA 359 47.34 -9.57 48.91
C GLN HA 359 48.18 -8.96 47.80
N ARG HA 360 48.40 -9.72 46.73
CA ARG HA 360 49.23 -9.29 45.61
C ARG HA 360 48.62 -9.78 44.31
N ASN HA 361 48.33 -8.86 43.40
CA ASN HA 361 47.79 -9.18 42.09
C ASN HA 361 48.73 -8.65 41.02
N GLU HA 362 48.86 -9.39 39.92
CA GLU HA 362 49.79 -9.00 38.87
C GLU HA 362 49.30 -9.54 37.53
N THR HA 363 49.42 -8.70 36.49
CA THR HA 363 49.08 -9.07 35.12
C THR HA 363 50.16 -8.54 34.19
N SER HA 364 50.56 -9.34 33.22
CA SER HA 364 51.64 -8.97 32.32
C SER HA 364 51.29 -9.36 30.89
N ASN HA 365 51.80 -8.56 29.95
CA ASN HA 365 51.70 -8.83 28.52
C ASN HA 365 53.08 -8.65 27.89
N TYR HA 366 53.46 -9.59 27.03
CA TYR HA 366 54.82 -9.67 26.54
C TYR HA 366 54.87 -9.51 25.02
N GLU HA 367 56.04 -9.11 24.54
CA GLU HA 367 56.39 -9.15 23.12
C GLU HA 367 57.55 -10.11 22.93
N VAL HA 368 57.46 -10.94 21.90
CA VAL HA 368 58.40 -12.05 21.72
C VAL HA 368 59.06 -11.95 20.36
N ASP HA 369 60.27 -12.50 20.27
CA ASP HA 369 61.01 -12.58 19.02
C ASP HA 369 60.75 -13.93 18.36
N ARG HA 370 60.49 -13.91 17.06
CA ARG HA 370 60.17 -15.12 16.32
C ARG HA 370 60.96 -15.17 15.02
N THR HA 371 61.22 -16.39 14.56
CA THR HA 371 61.95 -16.64 13.32
C THR HA 371 61.21 -17.68 12.50
N ILE HA 372 61.05 -17.40 11.21
CA ILE HA 372 60.34 -18.27 10.28
C ILE HA 372 61.26 -18.57 9.09
N ARG HA 373 61.39 -19.85 8.74
N ARG HA 373 61.39 -19.85 8.75
CA ARG HA 373 62.22 -20.27 7.63
CA ARG HA 373 62.23 -20.28 7.63
C ARG HA 373 61.45 -21.23 6.74
C ARG HA 373 61.44 -21.24 6.74
N HIS HA 374 61.57 -21.06 5.43
CA HIS HA 374 60.94 -21.91 4.44
C HIS HA 374 62.01 -22.46 3.52
N THR HA 375 61.99 -23.78 3.28
CA THR HA 375 63.02 -24.43 2.48
C THR HA 375 62.38 -25.42 1.51
N LYS HA 376 62.85 -25.39 0.27
CA LYS HA 376 62.47 -26.35 -0.76
C LYS HA 376 63.73 -27.03 -1.26
N MET HA 377 63.82 -28.35 -1.08
CA MET HA 377 65.04 -29.08 -1.36
C MET HA 377 65.22 -29.28 -2.87
N ASN HA 378 66.43 -29.64 -3.25
CA ASN HA 378 66.79 -29.89 -4.65
C ASN HA 378 66.66 -31.37 -4.98
N VAL HA 379 66.24 -31.66 -6.20
CA VAL HA 379 66.05 -33.03 -6.66
C VAL HA 379 67.30 -33.48 -7.40
N GLY HA 380 67.89 -34.58 -6.95
CA GLY HA 380 69.07 -35.12 -7.61
C GLY HA 380 70.36 -34.92 -6.83
N ASP HA 381 70.29 -35.06 -5.51
CA ASP HA 381 71.45 -34.87 -4.65
C ASP HA 381 72.05 -36.22 -4.27
N ILE HA 382 73.38 -36.24 -4.10
CA ILE HA 382 74.09 -37.46 -3.78
C ILE HA 382 73.85 -37.83 -2.31
N GLU HA 383 73.67 -39.12 -2.06
CA GLU HA 383 73.47 -39.63 -0.71
C GLU HA 383 74.63 -40.48 -0.19
N ARG HA 384 75.24 -41.29 -1.05
CA ARG HA 384 76.32 -42.18 -0.62
C ARG HA 384 77.22 -42.46 -1.81
N LEU HA 385 78.48 -42.78 -1.51
CA LEU HA 385 79.48 -43.07 -2.54
C LEU HA 385 80.28 -44.31 -2.15
N SER HA 386 80.55 -45.16 -3.14
CA SER HA 386 81.39 -46.34 -2.97
C SER HA 386 82.39 -46.37 -4.11
N VAL HA 387 83.68 -46.42 -3.78
CA VAL HA 387 84.75 -46.32 -4.77
C VAL HA 387 85.70 -47.50 -4.61
N ALA HA 388 86.04 -48.13 -5.73
CA ALA HA 388 87.01 -49.21 -5.78
C ALA HA 388 88.12 -48.85 -6.75
N VAL HA 389 89.37 -48.99 -6.32
CA VAL HA 389 90.54 -48.65 -7.11
C VAL HA 389 91.48 -49.84 -7.13
N VAL HA 390 92.02 -50.14 -8.31
CA VAL HA 390 92.99 -51.22 -8.49
C VAL HA 390 94.23 -50.64 -9.14
N VAL HA 391 95.40 -50.93 -8.55
CA VAL HA 391 96.66 -50.41 -9.06
C VAL HA 391 97.58 -51.59 -9.39
N ASN HA 392 98.48 -51.35 -10.33
CA ASN HA 392 99.39 -52.37 -10.84
C ASN HA 392 100.68 -52.41 -10.02
N TYR HA 393 101.41 -53.51 -10.17
CA TYR HA 393 102.71 -53.65 -9.52
C TYR HA 393 103.76 -52.81 -10.24
N LYS HA 394 104.87 -52.58 -9.56
CA LYS HA 394 105.99 -51.82 -10.12
C LYS HA 394 106.95 -52.78 -10.80
N THR HA 395 107.16 -52.57 -12.10
CA THR HA 395 108.04 -53.41 -12.89
C THR HA 395 109.33 -52.66 -13.20
N LEU HA 396 110.47 -53.31 -12.93
CA LEU HA 396 111.77 -52.71 -13.18
C LEU HA 396 112.31 -53.12 -14.53
N PRO HA 401 107.66 -56.75 -11.40
CA PRO HA 401 106.87 -57.59 -10.49
C PRO HA 401 107.22 -57.36 -9.02
N LEU HA 402 107.29 -56.09 -8.62
CA LEU HA 402 107.61 -55.71 -7.26
C LEU HA 402 106.45 -54.96 -6.64
N PRO HA 403 105.98 -55.36 -5.46
CA PRO HA 403 104.86 -54.63 -4.84
C PRO HA 403 105.26 -53.23 -4.42
N LEU HA 404 104.27 -52.34 -4.42
CA LEU HA 404 104.49 -50.95 -4.04
C LEU HA 404 104.68 -50.82 -2.53
N THR HA 405 105.37 -49.75 -2.13
CA THR HA 405 105.62 -49.50 -0.72
C THR HA 405 104.34 -49.07 -0.02
N ALA HA 406 104.31 -49.26 1.30
CA ALA HA 406 103.13 -48.90 2.08
C ALA HA 406 102.89 -47.40 2.06
N ASP HA 407 103.96 -46.60 2.07
CA ASP HA 407 103.81 -45.15 2.02
C ASP HA 407 103.18 -44.71 0.70
N GLN HA 408 103.58 -45.34 -0.41
CA GLN HA 408 102.96 -45.04 -1.69
C GLN HA 408 101.47 -45.38 -1.69
N MET HA 409 101.11 -46.51 -1.08
CA MET HA 409 99.71 -46.87 -0.97
C MET HA 409 98.93 -45.87 -0.13
N LYS HA 410 99.53 -45.40 0.97
CA LYS HA 410 98.86 -44.40 1.80
C LYS HA 410 98.66 -43.10 1.03
N GLN HA 411 99.67 -42.68 0.27
CA GLN HA 411 99.54 -41.47 -0.53
C GLN HA 411 98.45 -41.63 -1.59
N ILE HA 412 98.38 -42.81 -2.22
CA ILE HA 412 97.35 -43.06 -3.24
C ILE HA 412 95.96 -43.01 -2.60
N GLU HA 413 95.81 -43.62 -1.43
CA GLU HA 413 94.51 -43.57 -0.74
C GLU HA 413 94.13 -42.15 -0.38
N ASP HA 414 95.10 -41.35 0.09
CA ASP HA 414 94.80 -39.96 0.43
C ASP HA 414 94.38 -39.17 -0.81
N LEU HA 415 95.08 -39.36 -1.92
CA LEU HA 415 94.73 -38.66 -3.15
C LEU HA 415 93.35 -39.06 -3.65
N THR HA 416 93.03 -40.36 -3.58
CA THR HA 416 91.70 -40.80 -3.99
C THR HA 416 90.62 -40.23 -3.08
N ARG HA 417 90.90 -40.19 -1.76
CA ARG HA 417 89.96 -39.60 -0.82
C ARG HA 417 89.70 -38.14 -1.13
N GLU HA 418 90.75 -37.41 -1.48
CA GLU HA 418 90.58 -36.01 -1.88
C GLU HA 418 89.78 -35.89 -3.17
N ALA HA 419 90.07 -36.76 -4.16
CA ALA HA 419 89.44 -36.63 -5.46
C ALA HA 419 87.96 -36.98 -5.41
N MET HA 420 87.58 -37.97 -4.60
CA MET HA 420 86.20 -38.44 -4.59
C MET HA 420 85.30 -37.63 -3.66
N GLY HA 421 85.83 -36.65 -2.94
CA GLY HA 421 85.02 -35.84 -2.05
C GLY HA 421 84.45 -36.63 -0.89
N PHE HA 422 85.29 -37.42 -0.23
CA PHE HA 422 84.85 -38.27 0.87
C PHE HA 422 84.20 -37.45 1.99
N SER HA 423 83.07 -37.95 2.49
CA SER HA 423 82.38 -37.34 3.62
C SER HA 423 81.97 -38.46 4.57
N ASP HA 424 82.47 -38.41 5.80
CA ASP HA 424 82.16 -39.44 6.77
C ASP HA 424 80.70 -39.42 7.18
N LYS HA 425 80.11 -38.22 7.27
CA LYS HA 425 78.70 -38.11 7.61
C LYS HA 425 77.80 -38.73 6.55
N ARG HA 426 78.24 -38.72 5.29
CA ARG HA 426 77.49 -39.30 4.19
C ARG HA 426 77.68 -40.80 4.06
N GLY HA 427 78.54 -41.39 4.88
CA GLY HA 427 78.77 -42.83 4.83
C GLY HA 427 79.47 -43.31 3.56
N ASP HA 428 80.42 -42.53 3.05
CA ASP HA 428 81.17 -42.95 1.88
C ASP HA 428 82.14 -44.07 2.23
N THR HA 429 82.49 -44.87 1.23
CA THR HA 429 83.37 -46.01 1.43
C THR HA 429 84.33 -46.13 0.26
N LEU HA 430 85.61 -46.35 0.57
CA LEU HA 430 86.67 -46.45 -0.42
C LEU HA 430 87.51 -47.69 -0.16
N ASN HA 431 87.89 -48.37 -1.24
CA ASN HA 431 88.76 -49.55 -1.13
C ASN HA 431 89.77 -49.53 -2.28
N VAL HA 432 91.05 -49.69 -1.93
CA VAL HA 432 92.15 -49.68 -2.90
C VAL HA 432 92.91 -51.00 -2.77
N VAL HA 433 93.17 -51.64 -3.91
CA VAL HA 433 93.83 -52.93 -3.96
C VAL HA 433 95.00 -52.85 -4.94
N ASN HA 434 96.16 -53.37 -4.52
CA ASN HA 434 97.35 -53.45 -5.37
C ASN HA 434 97.57 -54.89 -5.76
N SER HA 435 97.59 -55.16 -7.07
CA SER HA 435 97.73 -56.51 -7.58
C SER HA 435 98.31 -56.44 -8.99
N PRO HA 436 99.14 -57.40 -9.37
CA PRO HA 436 99.69 -57.39 -10.74
C PRO HA 436 98.60 -57.51 -11.78
N PHE HA 437 98.77 -56.79 -12.89
CA PHE HA 437 97.81 -56.82 -13.97
C PHE HA 437 97.97 -58.07 -14.83
N SER HA 438 96.88 -58.46 -15.48
CA SER HA 438 96.89 -59.63 -16.35
C SER HA 438 96.86 -59.23 -17.82
#